data_6KS6
#
_entry.id   6KS6
#
_cell.length_a   1.00
_cell.length_b   1.00
_cell.length_c   1.00
_cell.angle_alpha   90.00
_cell.angle_beta   90.00
_cell.angle_gamma   90.00
#
_symmetry.space_group_name_H-M   'P 1'
#
loop_
_entity.id
_entity.type
_entity.pdbx_description
1 polymer 'T-complex protein 1 subunit alpha'
2 polymer 'T-complex protein 1 subunit beta'
3 polymer 'T-complex protein 1 subunit delta'
4 polymer 'T-complex protein 1 subunit epsilon'
5 polymer 'fusion protein of T-complex protein 1 subunit gamma,rep-His-CBP and T-complex protein 1 subunit gamma'
6 polymer 'T-complex protein 1 subunit eta'
7 polymer 'T-complex protein 1 subunit theta'
8 polymer 'T-complex protein 1 subunit zeta'
9 non-polymer "ADENOSINE-5'-DIPHOSPHATE"
10 non-polymer 'MAGNESIUM ION'
11 non-polymer 'ALUMINUM FLUORIDE'
12 water water
#
loop_
_entity_poly.entity_id
_entity_poly.type
_entity_poly.pdbx_seq_one_letter_code
_entity_poly.pdbx_strand_id
1 'polypeptide(L)'
;MSQLFNNSRSDTLFLGGEKISGDDIRNQNVLATMAVANVVKSSLGPVGLDKMLVDDIGDFTVTNDGATILSLLDVQHPAG
KILVELAQQQDREIGDGTTSVVIIASELLKRANELVKNKIHPTTIITGFRVALREAIRFINEVLSTSVDTLGKETLINIA
KTSMSSKIIGADSDFFSNMVVDALLAVKTQNSKGEIKYPVKAVNVLKAHGKSATESLLVPGYALNCTVASQAMPKRIAGG
NVKIACLDLNLQKARMAMGVQINIDDPEQLEQIRKREAGIVLERVKKIIDAGAQVVLTTKGIDDLCLKEFVEAKIMGVRR
CKKEDLRRIARATGATLVSSMSNLEGEETFESSYLGLCDEVVQAKFSDDECILIKGTSKHSSSSIILRGANDYSLDEMER
SLHDSLSVVKRTLESGNVVPGGGCVEAALNIYLDNFATTVGSREQLAIAEFAAALLIIPKTLAVNAAKDSSELVAKLRSY
HAASQMAKPEDVKRRSYRNYGLDLIRGKIVDEIHAGVLEPTISKVKSLKSALEACVAILRIDTMITVDPEPPKEDPHDH
;
a,A
2 'polypeptide(L)'
;MSVQIFGDQVTEERAENARLSAFVGAIAVGDLVKSTLGPKGMDKLLQSASSNTCMVTNDGATILKSIPLDNPAAKVLVNI
SKVQDDEVGDGTTSVTVLSAELLREAEKLIDQSKIHPQTIIEGYRLASAAALDALTKAAVDNSHDKTMFREDLIHIAKTT
LSSKILSQDKDHFAELATNAILRLKGSTNLEHIQIIKILGGKLSDSFLDEGFILAKKFGNNQPKRIENAKILIANTTLDT
DKVKIFGTKFKVDSTAKLAQLEKAEREKMKNKIAKISKFGINTFINRQLIYDYPEQLFTDLGINSIEHADFEGVERLALV
TGGEVVSTFDEPSKCKLGECDVIEEIMLGEQPFLKFSGCKAGEACTIVLRGATDQTLDEAERSLHDALSVLSQTTKETRT
VLGGGCAEMVMSKAVDTEAQNIDGKKSLAVEAFARALRQLPTILADNAGFDSSELVSKLRSSIYNGISTSGLDLNNGTIA
DMRQLGIVESYKLKRAVVSSASEAAEVLLRVDNIIRARPRTANRQHM
;
b,B
3 'polypeptide(L)'
;MSAKVPSNATFKNKEKPQEVRKANIIAARSVADAIRTSLGPKGMDKMIKTSRGEIIISNDGHTILKQMAILHPVARMLVE
VSAAQDSEAGDGTTSVVILTGALLGAAERLLNKGIHPTIIADSFQSAAKRSVDILLEMCHKVSLSDREQLVRAASTSLSS
KIVSQYSSFLAPLAVDSVLKISDENSKNVDLNDIRLVKKVGGTIDDTEMIDGVVLTQTAIKSAGGPTRKEKAKIGLIQFQ
ISPPKPDTENNIIVNDYRQMDKILKEERAYLLNICKKIKKAKCNVLLIQKSILRDAVNDLALHFLSKLNIMVVKDIEREE
IEFLSKGLGCKPIADIELFTEDRLGSADLVEEIDSDGSKIVRVTGIRNNNARPTVSVVIRGANNMIIDETERSLHDALCV
IRCLVKERGLIAGGGAPEIEISRRLSKEARSMEGVQAFIWQEFASALEVIPTTLAENAGLNSIKVVTELRSKHENGELND
GISVRRSGTTNTYEEHILQPVLVSTSAITLASECVKSILRIDDIAFSR
;
d,D
4 'polypeptide(L)'
;MAARPQQPPMEMPDLSNAIVAQDEMGRPFIIVKDQGNKKRQHGLEAKKSHILAARSVASIIKTSLGPRGLDKILISPDGE
ITITNDGATILSQMELDNEIAKLLVQLSKSQDDEIGDGTTGVVVLASALLDQALELIQKGIHPIKIANGFDEAAKLAISK
LEETCDDISASNDELFRDFLLRAAKTSLGSKIVSKDHDRFAEMAVEAVINVMDKDRKDVDFDLIKMQGRVGGSISDSKLI
NGVILDKDFSHPQMPKCVLPKEGSDGVKLAILTCPFEPPKPKTKHKLDISSVEEYQKLQTYEQDKFKEMIDDVKKAGADV
VICQWGFDDEANHLLLQNDLPAVRWVGGQELEHIAISTNGRIVPRFQDLSKDKLGTCSRIYEQEFGTTKDRMLIIEQSKE
TKTVTCFVRGSNKMIVDEAERALHDSLCVVRNLVKDSRVVYGGGAAEVTMSLAVSEEADKQRGIDQYAFRGFAQALDTIP
MTLAENSGLDPIGTLSTLKSKQLKEKISNIGVDCLGYGSNDMKELFVVDPFIGKKQQILLATQLCRMILKIDNVIISGKD
EY
;
e,E
5 'polypeptide(L)'
;MQAPVVFMNASQERTTGRQAQISNITAAKAVADVIRTCLGPKAMLKMLLDPMGGLVLTNDGHAILREIDVAHPAAKSMLE
LSRTQDEEVGDGTTTVIILAGEILAQCAPYLIEKNIHPVIIIQALKKALTDALEVIKQVSKPVDVENDAAMKKLIQASIG
TKYVIHWSEKMCELALDAVKTVRKDLGQTVEGEPNFEIDIKRYVRVEKIPGGDVLDSRVLKGVLLNKDVVHPKMSRHIEN
PRVVLLDCPLEYKKGESQTNIEIEKEEDWNRILQIEEEQVQLMCEQILAVRPTLVITEKGVSDLAQHYLLKGGCSVLRRV
KKSDNNRIARVTGATIVNRVEDLKESDVGTNCGLFKVEMIGDEYFSFLDNCKEPLEGSGSGWSHPQFEKGSGKRRWKKNF
IAVSAANRFKKISSSGALGSGHHHHHHHHGSGLQKACTIMLRGGSKDILNEIDRNLQDAMAVARNVMLSPSLSPGGGATE
MAVSVKLAEKAKQLEGIQQWPYQAVADAMECIPRTLIQNAGGDPIRLLSQLRAKHAQGNFTTGIDGDKGKIVDMVSYGIW
EPEVIKQQSVKTAIESACLLLRVDDIVSGVRKQE
;
g,G
6 'polypeptide(L)'
;MNFGSQTPTIVVLKEGTDASQGKGQIISNINACVAVQEALKPTLGPLGSDILIVTSNQKTTISNDGATILKLLDVVHPAA
KTLVDISRAQDAEVGDGTTSVTILAGELMKEAKPFLEEGISSHLIMKGYRKAVSLAVEKINELAVDITSEKSSGRELLER
CARTAMSSKLIHNNADFFVKMCVDAVLSLDRNDLDDKLIGIKKIPGGAMEESLFINGVAFKKTFSYAGFEQQPKKFNNPK
ILSLNVELELKAEKDNAEVRVEHVEDYQAIVDAEWQLIFEKLRQVEETGANIVLSKLPIGDLATQFFADRNIFCAGRVSA
DDMNRVIQAVGGSIQSTTSDIKPEHLGTCALFEEMQIGSERYNLFQGCPQAKTCTLLLRGGAEQVIAEVERSLHDAIMIV
KRALQNKLIVAGGGATEMEVSKCLRDYSKTIAGKQQMIINAFAKALEVIPRQLCENAGFDAIEILNKLRLAHSKGEKWYG
VVFETENIGDNFAKFVWEPALVKINALNSATEATNLILSVDETITNKGSESANAGMMPPQGAGRGRGMPM
;
h,H
7 'polypeptide(L)'
;MSLRLPQNPNAGLFKQGYNSYSNADGQIIKSIAAIRELHQMCLTSMGPCGRNKIIVNHLGKIIITNDAATMLRELDIVHP
AVKVLVMATEQQKIDMGDGTNLVMILAGELLNVSEKLISMGLSAVEIIQGYNMARKFTLKELDEMVVGEITDKNDKNELL
KMIKPVISSKKYGSEDILSELVSEAVSHVLPVAQQAGEIPYFNVDSIRVVKIMGGSLSNSTVIKGMVFNREPEGHVKSLS
EDKKHKVAVFTCPLDIANTETKGTVLLHNAQEMLDFSKGEEKQIDAMMKEIADMGVECIVAGAGVGELALHYLNRYGILV
LKVPSKFELRRLCRVCGATPLPRLGAPTPEELGLVETVKTMEIGGDRVTVFKQEQGEISRTSTIILRGATQNNLDDIERA
IDDGVAAVKGLMKPSGGKLLPGAGATEIELISRITKYGERTPGLLQLAIKQFAVAFEVVPRTLAETAGLDVNEVLPNLYA
AHNVTEPGAVKTDHLYKGVDIDGESDEGVKDIREENIYDMLATKKFAINVATEAATTVLSIDQIIMAKKAGGPRAPQGPR
PGNWDQED
;
q,Q
8 'polypeptide(L)'
;MSLQLLNPKAESLRRDAALKVNVTSAEGLQSVLETNLGPKGTLKMLVDGAGNIKLTKDGKVLLTEMQIQSPTAVLIARAA
AAQDEITGDGTTTVVCLVGELLRQAHRFIQEGVHPRIITDGFEIARKESMKFLDEFKISKTNLSNDREFLLQVARSSLLT
KVDADLTEVLTPIVTDAVLSVYDAQADNLDLHMVEIMQMQHLSPKDTTFIKGLVLDHGGRHPDMPTRVKNAYVLILNVSL
EYEKTEVNSGFFYSSADQRDKLAASERKFVDAKLKKIIDLKNEVCGMDPDKGFVIINQKGIDPMSLDVFAKHNILALRRA
KRRNMERLQLVTGGEAQNSVEDLSPQILGFSGLVYQETIGEEKFTYVTENTDPKSCTILIKGSTHYALAQTKDAVRDGLR
AVANVLKDKNIIPGAGAFYIALSRYLRSANMNKLGAKGKTKTGIEAFAEALLVIPKTLVKNSGFDPLDVLAMVEDELDDA
QDSDETRYVGVDLNIGDSCDPTIEGIWDSYRVLRNAITGATGIASNLLLCDELLRAGRSTLKETPQ
;
z,Z
#
# COMPACT_ATOMS: atom_id res chain seq x y z
N GLN A 3 -32.22 3.33 -18.48
CA GLN A 3 -31.98 4.39 -19.45
C GLN A 3 -31.92 5.75 -18.76
N LEU A 4 -31.31 6.72 -19.45
CA LEU A 4 -31.14 8.09 -18.96
C LEU A 4 -30.36 8.03 -17.65
N PHE A 5 -30.79 8.71 -16.60
CA PHE A 5 -30.08 8.72 -15.33
C PHE A 5 -30.76 7.80 -14.32
N ASN A 6 -29.96 7.18 -13.47
CA ASN A 6 -30.49 6.25 -12.47
C ASN A 6 -31.38 6.97 -11.47
N ASN A 7 -32.44 6.29 -11.03
CA ASN A 7 -33.37 6.85 -10.08
C ASN A 7 -32.76 6.89 -8.68
N SER A 8 -33.34 7.73 -7.82
CA SER A 8 -32.91 7.79 -6.43
C SER A 8 -33.20 6.47 -5.74
N ARG A 9 -32.45 6.20 -4.67
CA ARG A 9 -32.49 4.92 -3.98
C ARG A 9 -33.35 5.03 -2.73
N SER A 10 -34.53 4.43 -2.78
CA SER A 10 -35.43 4.27 -1.63
C SER A 10 -35.57 5.53 -0.79
N ASP A 11 -36.21 6.56 -1.34
CA ASP A 11 -36.52 7.76 -0.57
C ASP A 11 -37.78 7.50 0.25
N THR A 12 -37.65 7.55 1.57
CA THR A 12 -38.73 7.30 2.53
C THR A 12 -39.26 5.87 2.43
N LEU A 13 -38.77 5.11 1.44
CA LEU A 13 -39.22 3.74 1.24
C LEU A 13 -38.51 2.76 2.18
N PHE A 14 -37.25 3.03 2.51
CA PHE A 14 -36.47 2.25 3.48
C PHE A 14 -36.38 0.77 3.09
N LEU A 15 -35.90 0.53 1.87
CA LEU A 15 -35.57 -0.81 1.42
C LEU A 15 -34.06 -0.97 1.29
N GLY A 16 -33.59 -2.20 1.53
CA GLY A 16 -32.18 -2.50 1.40
C GLY A 16 -31.71 -2.76 -0.01
N GLY A 17 -32.63 -3.11 -0.92
CA GLY A 17 -32.32 -3.35 -2.30
C GLY A 17 -32.67 -2.18 -3.19
N GLU A 18 -32.74 -2.45 -4.49
CA GLU A 18 -33.06 -1.44 -5.49
C GLU A 18 -34.48 -1.67 -6.00
N LYS A 19 -35.29 -0.61 -6.00
CA LYS A 19 -36.67 -0.67 -6.47
C LYS A 19 -36.90 0.49 -7.44
N ILE A 20 -37.23 0.15 -8.68
CA ILE A 20 -37.50 1.14 -9.73
C ILE A 20 -38.95 0.98 -10.15
N SER A 21 -39.63 2.11 -10.34
CA SER A 21 -41.04 2.13 -10.70
C SER A 21 -41.26 3.02 -11.91
N GLY A 22 -42.44 2.90 -12.50
CA GLY A 22 -42.79 3.67 -13.68
C GLY A 22 -42.51 2.90 -14.96
N ASP A 23 -42.33 3.66 -16.04
CA ASP A 23 -42.09 3.08 -17.35
C ASP A 23 -40.68 2.54 -17.52
N ASP A 24 -39.79 2.77 -16.56
CA ASP A 24 -38.42 2.28 -16.68
C ASP A 24 -38.35 0.77 -16.59
N ILE A 25 -39.31 0.14 -15.90
CA ILE A 25 -39.31 -1.33 -15.79
C ILE A 25 -39.71 -1.95 -17.12
N ARG A 26 -40.80 -1.47 -17.71
CA ARG A 26 -41.24 -2.03 -18.99
C ARG A 26 -40.27 -1.72 -20.11
N ASN A 27 -39.51 -0.63 -20.00
CA ASN A 27 -38.49 -0.33 -21.00
C ASN A 27 -37.31 -1.29 -20.89
N GLN A 28 -36.90 -1.62 -19.66
CA GLN A 28 -35.82 -2.58 -19.49
C GLN A 28 -36.28 -4.00 -19.76
N ASN A 29 -37.57 -4.28 -19.61
CA ASN A 29 -38.08 -5.61 -19.92
C ASN A 29 -38.08 -5.86 -21.42
N VAL A 30 -38.36 -4.83 -22.22
CA VAL A 30 -38.28 -4.97 -23.67
C VAL A 30 -36.83 -5.16 -24.10
N LEU A 31 -35.91 -4.37 -23.52
CA LEU A 31 -34.50 -4.51 -23.86
C LEU A 31 -33.96 -5.88 -23.44
N ALA A 32 -34.57 -6.51 -22.44
CA ALA A 32 -34.15 -7.86 -22.06
C ALA A 32 -34.52 -8.87 -23.13
N THR A 33 -35.72 -8.74 -23.70
CA THR A 33 -36.13 -9.65 -24.76
C THR A 33 -35.51 -9.28 -26.10
N MET A 34 -35.19 -8.01 -26.32
CA MET A 34 -34.54 -7.61 -27.56
C MET A 34 -33.06 -7.98 -27.59
N ALA A 35 -32.40 -8.02 -26.43
CA ALA A 35 -30.99 -8.40 -26.39
C ALA A 35 -30.83 -9.89 -26.70
N VAL A 36 -31.76 -10.72 -26.21
CA VAL A 36 -31.69 -12.16 -26.50
C VAL A 36 -32.29 -12.52 -27.84
N ALA A 37 -33.04 -11.61 -28.46
CA ALA A 37 -33.65 -11.90 -29.76
C ALA A 37 -32.63 -11.75 -30.89
N ASN A 38 -31.80 -10.71 -30.84
CA ASN A 38 -30.85 -10.43 -31.91
C ASN A 38 -29.96 -11.62 -32.23
N VAL A 39 -29.78 -12.54 -31.28
CA VAL A 39 -29.09 -13.79 -31.57
C VAL A 39 -29.99 -14.71 -32.38
N VAL A 40 -31.15 -15.07 -31.81
CA VAL A 40 -32.07 -16.00 -32.45
C VAL A 40 -32.55 -15.49 -33.81
N LYS A 41 -32.58 -14.16 -34.00
CA LYS A 41 -33.08 -13.59 -35.25
C LYS A 41 -32.29 -14.09 -36.45
N SER A 42 -30.97 -13.87 -36.44
CA SER A 42 -30.15 -14.19 -37.60
C SER A 42 -30.02 -15.68 -37.86
N SER A 43 -30.46 -16.52 -36.93
CA SER A 43 -30.40 -17.97 -37.09
C SER A 43 -31.69 -18.56 -37.65
N LEU A 44 -32.68 -17.74 -37.97
CA LEU A 44 -33.96 -18.21 -38.47
C LEU A 44 -33.93 -18.39 -39.98
N GLY A 45 -34.46 -19.51 -40.45
CA GLY A 45 -34.61 -19.77 -41.86
C GLY A 45 -33.44 -20.52 -42.46
N PRO A 46 -33.64 -21.09 -43.65
CA PRO A 46 -32.53 -21.79 -44.33
C PRO A 46 -31.33 -20.92 -44.60
N VAL A 47 -31.54 -19.60 -44.74
CA VAL A 47 -30.43 -18.67 -44.96
C VAL A 47 -29.74 -18.26 -43.68
N GLY A 48 -30.21 -18.74 -42.53
CA GLY A 48 -29.57 -18.42 -41.28
C GLY A 48 -28.17 -19.01 -41.18
N LEU A 49 -27.39 -18.46 -40.27
CA LEU A 49 -26.00 -18.86 -40.09
C LEU A 49 -25.76 -19.32 -38.65
N ASP A 50 -24.90 -20.32 -38.50
CA ASP A 50 -24.59 -20.86 -37.19
C ASP A 50 -23.79 -19.84 -36.36
N LYS A 51 -23.80 -20.04 -35.05
CA LYS A 51 -23.05 -19.20 -34.13
C LYS A 51 -22.16 -20.06 -33.25
N MET A 52 -21.08 -19.47 -32.77
CA MET A 52 -20.06 -20.18 -31.99
C MET A 52 -19.99 -19.57 -30.60
N LEU A 53 -20.19 -20.40 -29.58
CA LEU A 53 -20.11 -19.99 -28.19
C LEU A 53 -18.85 -20.56 -27.54
N VAL A 54 -18.17 -19.75 -26.75
CA VAL A 54 -16.88 -20.11 -26.17
C VAL A 54 -17.00 -20.10 -24.66
N ASP A 55 -16.43 -21.13 -24.02
CA ASP A 55 -16.46 -21.28 -22.57
C ASP A 55 -15.25 -20.66 -21.88
N ASP A 56 -14.37 -19.99 -22.64
CA ASP A 56 -13.14 -19.38 -22.13
C ASP A 56 -12.12 -20.43 -21.68
N ILE A 57 -12.52 -21.70 -21.69
CA ILE A 57 -11.60 -22.78 -21.33
C ILE A 57 -10.89 -23.37 -22.54
N GLY A 58 -11.13 -22.83 -23.73
CA GLY A 58 -10.52 -23.33 -24.95
C GLY A 58 -11.47 -24.10 -25.85
N ASP A 59 -12.66 -24.44 -25.37
CA ASP A 59 -13.63 -25.20 -26.15
C ASP A 59 -14.70 -24.28 -26.71
N PHE A 60 -15.13 -24.57 -27.94
CA PHE A 60 -16.16 -23.80 -28.61
C PHE A 60 -17.37 -24.68 -28.88
N THR A 61 -18.53 -24.05 -28.99
CA THR A 61 -19.80 -24.74 -29.22
C THR A 61 -20.54 -24.08 -30.36
N VAL A 62 -20.81 -24.83 -31.42
CA VAL A 62 -21.55 -24.35 -32.58
C VAL A 62 -22.99 -24.83 -32.44
N THR A 63 -23.91 -23.89 -32.24
CA THR A 63 -25.32 -24.20 -32.05
C THR A 63 -26.16 -23.24 -32.87
N ASN A 64 -26.99 -23.79 -33.77
CA ASN A 64 -27.83 -22.94 -34.62
C ASN A 64 -29.07 -22.46 -33.88
N ASP A 65 -29.79 -23.37 -33.24
CA ASP A 65 -31.06 -23.02 -32.61
C ASP A 65 -30.84 -22.34 -31.26
N GLY A 66 -31.81 -21.51 -30.87
CA GLY A 66 -31.74 -20.76 -29.64
C GLY A 66 -32.03 -21.52 -28.38
N ALA A 67 -32.30 -22.83 -28.47
CA ALA A 67 -32.55 -23.62 -27.27
C ALA A 67 -31.29 -23.78 -26.44
N THR A 68 -30.20 -24.24 -27.05
CA THR A 68 -28.95 -24.39 -26.34
C THR A 68 -28.20 -23.07 -26.19
N ILE A 69 -28.37 -22.15 -27.14
CA ILE A 69 -27.72 -20.85 -27.06
C ILE A 69 -28.15 -20.11 -25.79
N LEU A 70 -29.45 -19.97 -25.59
CA LEU A 70 -29.96 -19.34 -24.39
C LEU A 70 -29.66 -20.17 -23.14
N SER A 71 -29.49 -21.48 -23.29
CA SER A 71 -29.14 -22.32 -22.15
C SER A 71 -27.70 -22.07 -21.71
N LEU A 72 -26.79 -21.90 -22.66
CA LEU A 72 -25.38 -21.68 -22.33
C LEU A 72 -25.16 -20.25 -21.86
N LEU A 73 -25.72 -19.27 -22.57
CA LEU A 73 -25.55 -17.88 -22.20
C LEU A 73 -26.25 -17.59 -20.88
N ASP A 74 -25.51 -17.00 -19.94
CA ASP A 74 -26.04 -16.69 -18.62
C ASP A 74 -26.72 -15.32 -18.67
N VAL A 75 -28.01 -15.29 -18.36
CA VAL A 75 -28.80 -14.06 -18.34
C VAL A 75 -29.35 -13.89 -16.94
N GLN A 76 -28.89 -12.84 -16.25
CA GLN A 76 -29.30 -12.56 -14.88
C GLN A 76 -30.52 -11.65 -14.81
N HIS A 77 -31.03 -11.17 -15.93
CA HIS A 77 -32.21 -10.31 -15.89
C HIS A 77 -33.44 -11.15 -15.57
N PRO A 78 -34.30 -10.71 -14.65
CA PRO A 78 -35.45 -11.55 -14.27
C PRO A 78 -36.39 -11.85 -15.43
N ALA A 79 -36.73 -10.85 -16.25
CA ALA A 79 -37.59 -11.08 -17.40
C ALA A 79 -36.85 -11.74 -18.56
N GLY A 80 -35.52 -11.64 -18.59
CA GLY A 80 -34.76 -12.30 -19.64
C GLY A 80 -34.74 -13.81 -19.50
N LYS A 81 -34.88 -14.31 -18.27
CA LYS A 81 -34.92 -15.75 -18.03
C LYS A 81 -36.21 -16.40 -18.53
N ILE A 82 -37.23 -15.60 -18.86
CA ILE A 82 -38.49 -16.17 -19.34
C ILE A 82 -38.30 -16.80 -20.72
N LEU A 83 -37.66 -16.06 -21.64
CA LEU A 83 -37.40 -16.62 -22.97
C LEU A 83 -36.34 -17.71 -22.92
N VAL A 84 -35.44 -17.66 -21.93
CA VAL A 84 -34.47 -18.73 -21.76
C VAL A 84 -35.19 -20.03 -21.37
N GLU A 85 -36.12 -19.95 -20.42
CA GLU A 85 -36.92 -21.11 -20.06
C GLU A 85 -37.93 -21.45 -21.14
N LEU A 86 -38.32 -20.48 -21.97
CA LEU A 86 -39.27 -20.76 -23.05
C LEU A 86 -38.59 -21.54 -24.18
N ALA A 87 -37.33 -21.19 -24.49
CA ALA A 87 -36.59 -21.95 -25.50
C ALA A 87 -36.29 -23.36 -25.02
N GLN A 88 -35.98 -23.51 -23.72
CA GLN A 88 -35.80 -24.84 -23.16
C GLN A 88 -37.11 -25.60 -23.09
N GLN A 89 -38.24 -24.88 -23.00
CA GLN A 89 -39.54 -25.54 -22.95
C GLN A 89 -39.92 -26.11 -24.32
N GLN A 90 -39.74 -25.30 -25.38
CA GLN A 90 -40.18 -25.69 -26.71
C GLN A 90 -39.61 -27.05 -27.13
N ASP A 91 -38.44 -27.42 -26.61
CA ASP A 91 -37.89 -28.74 -26.89
C ASP A 91 -38.70 -29.84 -26.23
N ARG A 92 -39.34 -29.54 -25.09
CA ARG A 92 -40.05 -30.59 -24.34
C ARG A 92 -41.35 -30.99 -25.04
N GLU A 93 -42.19 -30.02 -25.40
CA GLU A 93 -43.47 -30.38 -26.00
C GLU A 93 -43.33 -30.80 -27.46
N ILE A 94 -43.05 -29.84 -28.34
CA ILE A 94 -42.96 -30.15 -29.77
C ILE A 94 -41.59 -30.72 -30.11
N GLY A 95 -40.53 -30.13 -29.58
CA GLY A 95 -39.17 -30.51 -29.92
C GLY A 95 -38.52 -29.64 -30.99
N ASP A 96 -39.33 -28.91 -31.76
CA ASP A 96 -38.84 -28.02 -32.79
C ASP A 96 -39.58 -26.70 -32.70
N GLY A 97 -38.97 -25.65 -33.23
CA GLY A 97 -39.54 -24.31 -33.17
C GLY A 97 -38.96 -23.41 -32.11
N THR A 98 -37.84 -23.78 -31.50
CA THR A 98 -37.23 -22.93 -30.47
C THR A 98 -36.80 -21.58 -31.05
N THR A 99 -36.51 -21.53 -32.35
CA THR A 99 -36.11 -20.28 -32.98
C THR A 99 -37.30 -19.37 -33.23
N SER A 100 -38.43 -19.93 -33.67
CA SER A 100 -39.59 -19.11 -33.97
C SER A 100 -40.34 -18.65 -32.73
N VAL A 101 -40.31 -19.44 -31.65
CA VAL A 101 -41.08 -19.09 -30.46
C VAL A 101 -40.45 -17.90 -29.74
N VAL A 102 -39.12 -17.75 -29.83
CA VAL A 102 -38.46 -16.65 -29.15
C VAL A 102 -38.63 -15.36 -29.93
N ILE A 103 -38.58 -15.42 -31.26
CA ILE A 103 -38.70 -14.22 -32.07
C ILE A 103 -40.12 -13.67 -31.99
N ILE A 104 -41.12 -14.54 -32.01
CA ILE A 104 -42.51 -14.09 -31.92
C ILE A 104 -42.79 -13.48 -30.56
N ALA A 105 -42.36 -14.16 -29.48
CA ALA A 105 -42.61 -13.67 -28.14
C ALA A 105 -41.88 -12.34 -27.89
N SER A 106 -40.70 -12.17 -28.50
CA SER A 106 -40.00 -10.90 -28.35
C SER A 106 -40.66 -9.79 -29.15
N GLU A 107 -41.30 -10.13 -30.27
CA GLU A 107 -41.97 -9.12 -31.07
C GLU A 107 -43.32 -8.73 -30.47
N LEU A 108 -44.01 -9.66 -29.81
CA LEU A 108 -45.26 -9.33 -29.15
C LEU A 108 -45.04 -8.29 -28.04
N LEU A 109 -43.90 -8.38 -27.35
CA LEU A 109 -43.57 -7.39 -26.33
C LEU A 109 -43.04 -6.10 -26.95
N LYS A 110 -42.34 -6.19 -28.08
CA LYS A 110 -41.77 -5.01 -28.71
C LYS A 110 -42.86 -4.05 -29.17
N ARG A 111 -43.83 -4.56 -29.93
CA ARG A 111 -44.92 -3.72 -30.41
C ARG A 111 -45.86 -3.29 -29.30
N ALA A 112 -45.93 -4.06 -28.20
CA ALA A 112 -46.74 -3.67 -27.06
C ALA A 112 -46.11 -2.57 -26.24
N ASN A 113 -44.82 -2.26 -26.47
CA ASN A 113 -44.19 -1.16 -25.75
C ASN A 113 -44.73 0.19 -26.19
N GLU A 114 -45.13 0.31 -27.46
CA GLU A 114 -45.79 1.52 -27.92
C GLU A 114 -47.28 1.56 -27.56
N LEU A 115 -47.87 0.39 -27.26
CA LEU A 115 -49.28 0.35 -26.89
C LEU A 115 -49.51 0.86 -25.47
N VAL A 116 -48.55 0.66 -24.57
CA VAL A 116 -48.68 1.19 -23.21
C VAL A 116 -48.44 2.69 -23.17
N LYS A 117 -47.68 3.24 -24.12
CA LYS A 117 -47.54 4.69 -24.22
C LYS A 117 -48.84 5.36 -24.57
N ASN A 118 -49.77 4.64 -25.19
CA ASN A 118 -51.10 5.13 -25.49
C ASN A 118 -51.96 5.22 -24.23
N LYS A 119 -51.45 4.76 -23.09
CA LYS A 119 -52.11 4.65 -21.78
C LYS A 119 -53.02 3.42 -21.75
N ILE A 120 -53.14 2.67 -22.86
CA ILE A 120 -53.94 1.45 -22.86
C ILE A 120 -53.46 0.52 -21.76
N HIS A 121 -54.40 0.03 -20.96
CA HIS A 121 -54.05 -0.86 -19.86
C HIS A 121 -53.70 -2.24 -20.42
N PRO A 122 -52.73 -2.93 -19.80
CA PRO A 122 -52.35 -4.25 -20.32
C PRO A 122 -53.50 -5.24 -20.44
N THR A 123 -54.50 -5.17 -19.55
CA THR A 123 -55.65 -6.07 -19.68
C THR A 123 -56.36 -5.89 -21.01
N THR A 124 -56.40 -4.66 -21.52
CA THR A 124 -56.92 -4.45 -22.87
C THR A 124 -55.95 -4.98 -23.92
N ILE A 125 -54.64 -4.86 -23.65
CA ILE A 125 -53.64 -5.40 -24.57
C ILE A 125 -53.65 -6.93 -24.53
N ILE A 126 -53.75 -7.50 -23.33
CA ILE A 126 -53.78 -8.96 -23.20
C ILE A 126 -55.04 -9.53 -23.84
N THR A 127 -56.19 -8.90 -23.60
CA THR A 127 -57.43 -9.37 -24.19
C THR A 127 -57.38 -9.27 -25.72
N GLY A 128 -56.78 -8.20 -26.24
CA GLY A 128 -56.66 -8.07 -27.68
C GLY A 128 -55.80 -9.16 -28.31
N PHE A 129 -54.78 -9.63 -27.58
CA PHE A 129 -53.96 -10.72 -28.08
C PHE A 129 -54.64 -12.07 -27.91
N ARG A 130 -55.45 -12.23 -26.86
CA ARG A 130 -56.11 -13.51 -26.62
C ARG A 130 -57.30 -13.72 -27.54
N VAL A 131 -58.11 -12.68 -27.75
CA VAL A 131 -59.24 -12.79 -28.67
C VAL A 131 -58.74 -13.03 -30.09
N ALA A 132 -57.63 -12.39 -30.46
CA ALA A 132 -57.04 -12.63 -31.78
C ALA A 132 -56.43 -14.02 -31.86
N LEU A 133 -55.98 -14.57 -30.74
CA LEU A 133 -55.40 -15.91 -30.74
C LEU A 133 -56.48 -16.98 -30.85
N ARG A 134 -57.62 -16.78 -30.19
CA ARG A 134 -58.71 -17.75 -30.27
C ARG A 134 -59.20 -17.88 -31.71
N GLU A 135 -59.26 -16.77 -32.44
CA GLU A 135 -59.63 -16.81 -33.86
C GLU A 135 -58.48 -17.29 -34.73
N ALA A 136 -57.23 -17.16 -34.27
CA ALA A 136 -56.09 -17.62 -35.05
C ALA A 136 -55.96 -19.14 -35.02
N ILE A 137 -56.17 -19.75 -33.85
CA ILE A 137 -56.10 -21.21 -33.75
C ILE A 137 -57.21 -21.86 -34.57
N ARG A 138 -58.40 -21.25 -34.56
CA ARG A 138 -59.49 -21.78 -35.37
C ARG A 138 -59.24 -21.59 -36.86
N PHE A 139 -58.57 -20.51 -37.24
CA PHE A 139 -58.25 -20.29 -38.65
C PHE A 139 -57.21 -21.28 -39.16
N ILE A 140 -56.26 -21.68 -38.30
CA ILE A 140 -55.26 -22.65 -38.70
C ILE A 140 -55.90 -24.01 -38.96
N ASN A 141 -56.88 -24.38 -38.14
CA ASN A 141 -57.57 -25.65 -38.34
C ASN A 141 -58.43 -25.65 -39.60
N GLU A 142 -58.84 -24.49 -40.09
CA GLU A 142 -59.61 -24.42 -41.32
C GLU A 142 -58.71 -24.52 -42.56
N VAL A 143 -57.48 -24.03 -42.48
CA VAL A 143 -56.60 -23.99 -43.65
C VAL A 143 -55.66 -25.19 -43.72
N LEU A 144 -55.77 -26.15 -42.80
CA LEU A 144 -54.89 -27.30 -42.82
C LEU A 144 -55.19 -28.19 -44.03
N SER A 145 -54.20 -28.99 -44.40
CA SER A 145 -54.30 -29.92 -45.52
C SER A 145 -54.17 -31.35 -45.01
N THR A 146 -54.91 -32.25 -45.66
CA THR A 146 -54.87 -33.65 -45.27
C THR A 146 -53.55 -34.31 -45.71
N SER A 147 -53.21 -35.41 -45.04
CA SER A 147 -51.99 -36.14 -45.35
C SER A 147 -52.13 -37.06 -46.55
N VAL A 148 -53.35 -37.25 -47.06
CA VAL A 148 -53.59 -38.10 -48.22
C VAL A 148 -52.79 -37.59 -49.41
N ASP A 149 -53.13 -36.40 -49.91
CA ASP A 149 -52.46 -35.75 -51.04
C ASP A 149 -52.57 -36.67 -52.25
N THR A 150 -51.47 -37.08 -52.88
CA THR A 150 -51.52 -37.92 -54.06
C THR A 150 -51.58 -39.38 -53.65
N LEU A 151 -51.43 -40.29 -54.62
CA LEU A 151 -51.44 -41.72 -54.38
C LEU A 151 -50.37 -42.11 -53.38
N GLY A 152 -49.11 -41.94 -53.76
CA GLY A 152 -48.02 -42.22 -52.85
C GLY A 152 -47.97 -41.27 -51.67
N LYS A 153 -47.09 -41.58 -50.72
CA LYS A 153 -46.94 -40.77 -49.53
C LYS A 153 -46.58 -39.33 -49.88
N GLU A 154 -45.35 -39.12 -50.36
CA GLU A 154 -44.88 -37.79 -50.76
C GLU A 154 -45.05 -36.76 -49.64
N THR A 155 -44.95 -37.21 -48.39
CA THR A 155 -45.09 -36.32 -47.25
C THR A 155 -43.89 -36.43 -46.31
N LEU A 156 -43.70 -37.60 -45.71
CA LEU A 156 -42.65 -37.78 -44.71
C LEU A 156 -41.27 -37.42 -45.25
N ILE A 157 -41.06 -37.62 -46.55
CA ILE A 157 -39.80 -37.19 -47.15
C ILE A 157 -39.70 -35.67 -47.13
N ASN A 158 -40.79 -34.97 -47.41
CA ASN A 158 -40.80 -33.52 -47.39
C ASN A 158 -40.91 -32.95 -45.98
N ILE A 159 -41.43 -33.73 -45.02
CA ILE A 159 -41.50 -33.28 -43.64
C ILE A 159 -40.10 -33.09 -43.07
N ALA A 160 -39.21 -34.04 -43.33
CA ALA A 160 -37.86 -33.95 -42.81
C ALA A 160 -37.06 -32.84 -43.47
N LYS A 161 -37.31 -32.56 -44.75
CA LYS A 161 -36.56 -31.52 -45.45
C LYS A 161 -36.79 -30.15 -44.84
N THR A 162 -37.97 -29.92 -44.24
CA THR A 162 -38.22 -28.65 -43.57
C THR A 162 -37.39 -28.52 -42.31
N SER A 163 -37.27 -29.60 -41.54
CA SER A 163 -36.47 -29.56 -40.31
C SER A 163 -34.98 -29.52 -40.61
N MET A 164 -34.55 -30.10 -41.74
CA MET A 164 -33.14 -30.07 -42.10
C MET A 164 -32.67 -28.69 -42.53
N SER A 165 -33.60 -27.77 -42.82
CA SER A 165 -33.25 -26.42 -43.17
C SER A 165 -32.62 -25.71 -41.97
N SER A 166 -31.89 -24.62 -42.27
CA SER A 166 -31.14 -23.81 -41.31
C SER A 166 -29.93 -24.54 -40.75
N LYS A 167 -29.70 -25.79 -41.15
CA LYS A 167 -28.61 -26.61 -40.65
C LYS A 167 -27.59 -26.86 -41.75
N ILE A 168 -26.35 -27.12 -41.34
CA ILE A 168 -25.26 -27.37 -42.27
C ILE A 168 -25.55 -28.56 -43.19
N ILE A 169 -26.38 -29.50 -42.74
CA ILE A 169 -26.71 -30.69 -43.52
C ILE A 169 -27.91 -30.41 -44.41
N GLY A 170 -28.38 -29.16 -44.42
CA GLY A 170 -29.53 -28.81 -45.23
C GLY A 170 -29.33 -29.06 -46.71
N ALA A 171 -28.10 -28.92 -47.20
CA ALA A 171 -27.83 -29.22 -48.60
C ALA A 171 -27.91 -30.72 -48.87
N ASP A 172 -27.63 -31.54 -47.86
CA ASP A 172 -27.71 -32.99 -47.96
C ASP A 172 -29.06 -33.54 -47.52
N SER A 173 -30.03 -32.66 -47.25
CA SER A 173 -31.34 -33.08 -46.75
C SER A 173 -31.99 -34.14 -47.63
N ASP A 174 -31.67 -34.16 -48.92
CA ASP A 174 -32.24 -35.18 -49.80
C ASP A 174 -31.77 -36.57 -49.40
N PHE A 175 -30.53 -36.70 -48.90
CA PHE A 175 -30.04 -38.00 -48.48
C PHE A 175 -30.55 -38.37 -47.08
N PHE A 176 -30.58 -37.40 -46.16
CA PHE A 176 -31.02 -37.67 -44.80
C PHE A 176 -32.53 -37.76 -44.68
N SER A 177 -33.29 -37.46 -45.74
CA SER A 177 -34.74 -37.54 -45.66
C SER A 177 -35.21 -38.97 -45.51
N ASN A 178 -34.61 -39.89 -46.27
CA ASN A 178 -35.01 -41.30 -46.22
C ASN A 178 -34.50 -42.00 -44.96
N MET A 179 -33.47 -41.48 -44.31
CA MET A 179 -32.94 -42.12 -43.10
C MET A 179 -33.82 -41.83 -41.89
N VAL A 180 -34.32 -40.61 -41.77
CA VAL A 180 -35.14 -40.25 -40.61
C VAL A 180 -36.48 -40.95 -40.69
N VAL A 181 -37.07 -41.06 -41.88
CA VAL A 181 -38.37 -41.71 -42.03
C VAL A 181 -38.27 -43.20 -41.72
N ASP A 182 -37.25 -43.87 -42.25
CA ASP A 182 -37.09 -45.30 -42.01
C ASP A 182 -36.65 -45.61 -40.58
N ALA A 183 -36.07 -44.64 -39.88
CA ALA A 183 -35.63 -44.89 -38.51
C ALA A 183 -36.80 -44.84 -37.52
N LEU A 184 -37.74 -43.92 -37.73
CA LEU A 184 -38.85 -43.79 -36.80
C LEU A 184 -39.87 -44.89 -36.99
N LEU A 185 -40.09 -45.34 -38.22
CA LEU A 185 -41.05 -46.40 -38.48
C LEU A 185 -40.60 -47.74 -37.91
N ALA A 186 -39.30 -47.95 -37.73
CA ALA A 186 -38.81 -49.20 -37.17
C ALA A 186 -38.95 -49.24 -35.65
N VAL A 187 -38.82 -48.09 -34.97
CA VAL A 187 -38.85 -48.05 -33.52
C VAL A 187 -40.25 -47.83 -32.96
N LYS A 188 -41.28 -47.79 -33.82
CA LYS A 188 -42.63 -47.56 -33.34
C LYS A 188 -43.09 -48.68 -32.42
N THR A 189 -43.96 -48.33 -31.48
CA THR A 189 -44.52 -49.27 -30.52
C THR A 189 -46.03 -49.13 -30.49
N GLN A 190 -46.68 -49.90 -29.60
CA GLN A 190 -48.12 -49.89 -29.49
C GLN A 190 -48.50 -49.86 -28.00
N ASN A 191 -49.49 -49.03 -27.68
CA ASN A 191 -49.98 -48.91 -26.31
C ASN A 191 -51.40 -48.37 -26.37
N SER A 192 -52.04 -48.25 -25.19
CA SER A 192 -53.39 -47.71 -25.07
C SER A 192 -54.38 -48.45 -25.96
N LYS A 193 -54.13 -49.75 -26.18
CA LYS A 193 -55.00 -50.61 -26.99
C LYS A 193 -55.19 -50.04 -28.39
N GLY A 194 -54.10 -50.08 -29.15
CA GLY A 194 -54.10 -49.68 -30.55
C GLY A 194 -53.43 -48.36 -30.86
N GLU A 195 -53.14 -47.54 -29.85
CA GLU A 195 -52.51 -46.25 -30.10
C GLU A 195 -51.01 -46.45 -30.31
N ILE A 196 -50.51 -45.95 -31.44
CA ILE A 196 -49.11 -46.10 -31.80
C ILE A 196 -48.31 -44.96 -31.17
N LYS A 197 -47.23 -45.31 -30.50
CA LYS A 197 -46.34 -44.34 -29.86
C LYS A 197 -44.97 -44.38 -30.52
N TYR A 198 -44.26 -43.26 -30.42
CA TYR A 198 -42.97 -43.06 -31.08
C TYR A 198 -41.93 -42.69 -30.04
N PRO A 199 -41.18 -43.66 -29.51
CA PRO A 199 -40.20 -43.35 -28.46
C PRO A 199 -38.97 -42.62 -29.00
N VAL A 200 -39.07 -41.30 -29.13
CA VAL A 200 -37.94 -40.50 -29.59
C VAL A 200 -36.75 -40.72 -28.64
N LYS A 201 -35.55 -40.66 -29.22
CA LYS A 201 -34.23 -40.90 -28.62
C LYS A 201 -33.89 -42.38 -28.60
N ALA A 202 -34.80 -43.27 -29.01
CA ALA A 202 -34.46 -44.69 -29.10
C ALA A 202 -33.45 -44.98 -30.21
N VAL A 203 -33.34 -44.10 -31.20
CA VAL A 203 -32.38 -44.27 -32.28
C VAL A 203 -31.02 -43.80 -31.78
N ASN A 204 -30.04 -44.69 -31.82
CA ASN A 204 -28.70 -44.35 -31.34
C ASN A 204 -28.00 -43.44 -32.33
N VAL A 205 -27.39 -42.37 -31.83
CA VAL A 205 -26.63 -41.42 -32.64
C VAL A 205 -25.17 -41.60 -32.29
N LEU A 206 -24.38 -42.10 -33.23
CA LEU A 206 -22.98 -42.39 -33.02
C LEU A 206 -22.12 -41.36 -33.73
N LYS A 207 -20.98 -41.04 -33.12
CA LYS A 207 -20.04 -40.06 -33.65
C LYS A 207 -18.83 -40.78 -34.24
N ALA A 208 -18.64 -40.64 -35.55
CA ALA A 208 -17.52 -41.25 -36.26
C ALA A 208 -16.81 -40.20 -37.09
N HIS A 209 -15.53 -40.43 -37.34
CA HIS A 209 -14.70 -39.52 -38.13
C HIS A 209 -14.29 -40.18 -39.43
N GLY A 210 -14.15 -39.37 -40.47
CA GLY A 210 -13.75 -39.83 -41.78
C GLY A 210 -14.92 -39.91 -42.74
N LYS A 211 -14.58 -40.18 -44.01
CA LYS A 211 -15.54 -40.32 -45.11
C LYS A 211 -16.31 -39.00 -45.22
N SER A 212 -17.64 -39.03 -45.30
CA SER A 212 -18.41 -37.80 -45.43
C SER A 212 -19.81 -38.05 -44.91
N ALA A 213 -20.54 -36.96 -44.65
CA ALA A 213 -21.90 -37.07 -44.16
C ALA A 213 -22.83 -37.71 -45.18
N THR A 214 -22.49 -37.60 -46.47
CA THR A 214 -23.32 -38.21 -47.50
C THR A 214 -23.18 -39.73 -47.54
N GLU A 215 -22.09 -40.27 -47.01
CA GLU A 215 -21.87 -41.71 -47.00
C GLU A 215 -22.33 -42.38 -45.71
N SER A 216 -22.95 -41.64 -44.80
CA SER A 216 -23.45 -42.22 -43.56
C SER A 216 -24.49 -43.30 -43.86
N LEU A 217 -24.27 -44.49 -43.31
CA LEU A 217 -25.13 -45.63 -43.57
C LEU A 217 -26.12 -45.82 -42.43
N LEU A 218 -27.38 -46.07 -42.79
CA LEU A 218 -28.42 -46.34 -41.81
C LEU A 218 -28.32 -47.79 -41.36
N VAL A 219 -28.14 -48.01 -40.06
CA VAL A 219 -27.98 -49.35 -39.50
C VAL A 219 -29.34 -49.99 -39.34
N PRO A 220 -29.61 -51.11 -40.03
CA PRO A 220 -30.89 -51.80 -39.85
C PRO A 220 -30.96 -52.53 -38.52
N GLY A 221 -30.93 -51.79 -37.43
CA GLY A 221 -30.92 -52.37 -36.10
C GLY A 221 -30.24 -51.44 -35.12
N TYR A 222 -30.13 -51.92 -33.88
CA TYR A 222 -29.53 -51.15 -32.81
C TYR A 222 -28.02 -51.29 -32.82
N ALA A 223 -27.33 -50.20 -32.52
CA ALA A 223 -25.87 -50.18 -32.44
C ALA A 223 -25.47 -49.72 -31.04
N LEU A 224 -24.80 -50.60 -30.30
CA LEU A 224 -24.39 -50.32 -28.93
C LEU A 224 -22.99 -49.73 -28.92
N ASN A 225 -22.81 -48.63 -28.19
CA ASN A 225 -21.52 -47.97 -28.07
C ASN A 225 -20.85 -48.48 -26.80
N CYS A 226 -19.75 -49.23 -26.98
CA CYS A 226 -19.01 -49.84 -25.89
C CYS A 226 -17.81 -50.56 -26.50
N THR A 227 -16.96 -51.08 -25.62
CA THR A 227 -15.76 -51.81 -26.02
C THR A 227 -15.87 -53.27 -25.58
N VAL A 228 -15.18 -54.14 -26.32
CA VAL A 228 -15.20 -55.57 -26.01
C VAL A 228 -14.46 -55.81 -24.71
N ALA A 229 -14.99 -56.73 -23.89
CA ALA A 229 -14.38 -57.07 -22.62
C ALA A 229 -12.96 -57.57 -22.78
N SER A 230 -12.80 -58.74 -23.41
CA SER A 230 -11.49 -59.34 -23.64
C SER A 230 -11.21 -59.43 -25.13
N GLN A 231 -9.94 -59.25 -25.48
CA GLN A 231 -9.54 -59.32 -26.89
C GLN A 231 -9.51 -60.74 -27.43
N ALA A 232 -9.49 -61.75 -26.56
CA ALA A 232 -9.49 -63.14 -27.00
C ALA A 232 -10.86 -63.60 -27.48
N MET A 233 -11.91 -62.82 -27.25
CA MET A 233 -13.23 -63.18 -27.71
C MET A 233 -13.34 -63.03 -29.23
N PRO A 234 -14.20 -63.80 -29.87
CA PRO A 234 -14.38 -63.63 -31.32
C PRO A 234 -14.99 -62.28 -31.65
N LYS A 235 -14.41 -61.62 -32.65
CA LYS A 235 -14.83 -60.26 -32.98
C LYS A 235 -16.14 -60.22 -33.75
N ARG A 236 -16.46 -61.27 -34.50
CA ARG A 236 -17.67 -61.33 -35.30
C ARG A 236 -18.38 -62.64 -35.04
N ILE A 237 -19.71 -62.57 -34.83
CA ILE A 237 -20.54 -63.75 -34.59
C ILE A 237 -21.54 -63.84 -35.73
N ALA A 238 -21.56 -64.98 -36.40
CA ALA A 238 -22.44 -65.23 -37.54
C ALA A 238 -23.45 -66.31 -37.18
N GLY A 239 -24.30 -66.64 -38.15
CA GLY A 239 -25.33 -67.64 -37.95
C GLY A 239 -26.61 -67.05 -37.41
N GLY A 240 -27.72 -67.71 -37.74
CA GLY A 240 -29.01 -67.25 -37.31
C GLY A 240 -29.32 -67.60 -35.87
N ASN A 241 -30.29 -66.89 -35.30
CA ASN A 241 -30.77 -67.09 -33.93
C ASN A 241 -29.62 -66.94 -32.93
N VAL A 242 -29.15 -65.70 -32.82
CA VAL A 242 -28.08 -65.35 -31.90
C VAL A 242 -28.71 -64.97 -30.56
N LYS A 243 -28.37 -65.73 -29.51
CA LYS A 243 -28.94 -65.49 -28.19
C LYS A 243 -28.17 -64.39 -27.47
N ILE A 244 -28.90 -63.43 -26.90
CA ILE A 244 -28.32 -62.29 -26.20
C ILE A 244 -28.85 -62.28 -24.78
N ALA A 245 -27.96 -62.14 -23.81
CA ALA A 245 -28.31 -62.12 -22.39
C ALA A 245 -28.09 -60.72 -21.85
N CYS A 246 -29.13 -60.13 -21.28
CA CYS A 246 -29.05 -58.81 -20.65
C CYS A 246 -29.23 -58.97 -19.15
N LEU A 247 -28.16 -58.74 -18.40
CA LEU A 247 -28.14 -58.92 -16.95
C LEU A 247 -27.75 -57.63 -16.27
N ASP A 248 -28.52 -57.23 -15.26
CA ASP A 248 -28.21 -56.06 -14.44
C ASP A 248 -27.45 -56.43 -13.17
N LEU A 249 -27.09 -57.70 -13.00
CA LEU A 249 -26.44 -58.16 -11.79
C LEU A 249 -24.91 -58.09 -11.94
N ASN A 250 -24.24 -57.76 -10.85
CA ASN A 250 -22.79 -57.65 -10.87
C ASN A 250 -22.14 -59.02 -11.08
N LEU A 251 -21.28 -59.11 -12.08
CA LEU A 251 -20.49 -60.32 -12.30
C LEU A 251 -19.15 -60.30 -11.58
N GLN A 252 -18.78 -59.16 -10.99
CA GLN A 252 -17.56 -59.08 -10.20
C GLN A 252 -17.77 -59.66 -8.82
N LYS A 253 -16.68 -60.13 -8.21
CA LYS A 253 -16.75 -60.66 -6.86
C LYS A 253 -17.00 -59.53 -5.87
N ALA A 254 -18.00 -59.71 -5.02
CA ALA A 254 -18.41 -58.70 -4.06
C ALA A 254 -18.28 -59.24 -2.64
N ARG A 255 -18.19 -58.31 -1.69
CA ARG A 255 -18.08 -58.68 -0.29
C ARG A 255 -19.37 -59.34 0.20
N MET A 256 -19.24 -60.14 1.25
CA MET A 256 -20.39 -60.85 1.80
C MET A 256 -21.32 -59.87 2.50
N ALA A 257 -22.59 -59.86 2.08
CA ALA A 257 -23.63 -58.97 2.62
C ALA A 257 -23.13 -57.53 2.48
N MET A 258 -23.25 -56.69 3.50
CA MET A 258 -22.77 -55.31 3.41
C MET A 258 -21.88 -54.96 4.59
N GLY A 259 -22.46 -54.88 5.79
CA GLY A 259 -21.74 -54.49 6.98
C GLY A 259 -21.44 -55.60 7.97
N VAL A 260 -21.59 -56.87 7.59
CA VAL A 260 -21.34 -57.97 8.51
C VAL A 260 -19.85 -58.19 8.67
N GLN A 261 -19.47 -59.16 9.49
CA GLN A 261 -18.07 -59.48 9.73
C GLN A 261 -17.90 -61.00 9.71
N ILE A 262 -16.85 -61.47 9.05
CA ILE A 262 -16.58 -62.90 8.93
C ILE A 262 -15.59 -63.28 10.03
N ASN A 263 -16.05 -64.13 10.95
CA ASN A 263 -15.23 -64.62 12.05
C ASN A 263 -15.06 -66.13 11.89
N ILE A 264 -13.82 -66.59 11.82
CA ILE A 264 -13.51 -68.00 11.60
C ILE A 264 -12.69 -68.51 12.77
N ASP A 265 -13.13 -69.61 13.36
CA ASP A 265 -12.41 -70.24 14.47
C ASP A 265 -11.48 -71.33 13.97
N ASP A 266 -12.02 -72.39 13.40
CA ASP A 266 -11.21 -73.47 12.86
C ASP A 266 -10.41 -72.97 11.66
N PRO A 267 -9.07 -72.97 11.72
CA PRO A 267 -8.29 -72.47 10.57
C PRO A 267 -8.42 -73.32 9.33
N GLU A 268 -8.83 -74.59 9.46
CA GLU A 268 -9.00 -75.45 8.29
C GLU A 268 -10.11 -74.95 7.37
N GLN A 269 -11.05 -74.19 7.90
CA GLN A 269 -12.15 -73.64 7.11
C GLN A 269 -11.84 -72.25 6.56
N LEU A 270 -10.65 -71.71 6.83
CA LEU A 270 -10.30 -70.38 6.31
C LEU A 270 -10.23 -70.38 4.79
N GLU A 271 -9.68 -71.44 4.20
CA GLU A 271 -9.57 -71.49 2.74
C GLU A 271 -10.90 -71.89 2.10
N GLN A 272 -11.62 -72.85 2.69
CA GLN A 272 -12.85 -73.34 2.08
C GLN A 272 -13.93 -72.28 2.03
N ILE A 273 -14.00 -71.39 3.03
CA ILE A 273 -14.99 -70.34 3.02
C ILE A 273 -14.69 -69.32 1.93
N ARG A 274 -13.40 -69.01 1.73
CA ARG A 274 -13.03 -68.03 0.69
C ARG A 274 -13.23 -68.60 -0.70
N LYS A 275 -13.02 -69.91 -0.89
CA LYS A 275 -13.24 -70.51 -2.20
C LYS A 275 -14.71 -70.50 -2.59
N ARG A 276 -15.61 -70.51 -1.61
CA ARG A 276 -17.04 -70.49 -1.93
C ARG A 276 -17.49 -69.12 -2.41
N GLU A 277 -16.86 -68.05 -1.91
CA GLU A 277 -17.22 -66.71 -2.34
C GLU A 277 -16.96 -66.52 -3.83
N ALA A 278 -15.86 -67.08 -4.34
CA ALA A 278 -15.57 -67.00 -5.77
C ALA A 278 -16.33 -68.03 -6.58
N GLY A 279 -16.84 -69.09 -5.94
CA GLY A 279 -17.59 -70.10 -6.67
C GLY A 279 -19.04 -69.74 -6.91
N ILE A 280 -19.64 -68.97 -6.01
CA ILE A 280 -21.04 -68.57 -6.18
C ILE A 280 -21.19 -67.67 -7.40
N VAL A 281 -20.19 -66.83 -7.68
CA VAL A 281 -20.28 -65.92 -8.83
C VAL A 281 -20.31 -66.71 -10.13
N LEU A 282 -19.47 -67.75 -10.23
CA LEU A 282 -19.41 -68.54 -11.45
C LEU A 282 -20.60 -69.49 -11.62
N GLU A 283 -21.45 -69.63 -10.60
CA GLU A 283 -22.64 -70.45 -10.76
C GLU A 283 -23.64 -69.83 -11.71
N ARG A 284 -23.75 -68.50 -11.72
CA ARG A 284 -24.64 -67.83 -12.65
C ARG A 284 -24.09 -67.86 -14.07
N VAL A 285 -22.77 -67.95 -14.21
CA VAL A 285 -22.16 -68.02 -15.54
C VAL A 285 -22.35 -69.42 -16.14
N LYS A 286 -22.31 -70.45 -15.29
CA LYS A 286 -22.49 -71.81 -15.78
C LYS A 286 -23.88 -72.02 -16.38
N LYS A 287 -24.90 -71.36 -15.82
CA LYS A 287 -26.24 -71.48 -16.39
C LYS A 287 -26.36 -70.72 -17.70
N ILE A 288 -25.54 -69.69 -17.90
CA ILE A 288 -25.57 -68.94 -19.15
C ILE A 288 -24.86 -69.71 -20.26
N ILE A 289 -23.75 -70.36 -19.94
CA ILE A 289 -23.01 -71.12 -20.95
C ILE A 289 -23.83 -72.31 -21.42
N ASP A 290 -24.48 -73.01 -20.49
CA ASP A 290 -25.30 -74.15 -20.87
C ASP A 290 -26.56 -73.75 -21.64
N ALA A 291 -26.98 -72.49 -21.51
CA ALA A 291 -28.15 -72.01 -22.24
C ALA A 291 -27.84 -71.65 -23.68
N GLY A 292 -26.56 -71.49 -24.03
CA GLY A 292 -26.20 -71.17 -25.39
C GLY A 292 -26.25 -69.70 -25.73
N ALA A 293 -26.05 -68.82 -24.76
CA ALA A 293 -26.08 -67.39 -25.01
C ALA A 293 -24.78 -66.96 -25.69
N GLN A 294 -24.91 -66.35 -26.86
CA GLN A 294 -23.72 -65.92 -27.61
C GLN A 294 -23.17 -64.61 -27.07
N VAL A 295 -24.03 -63.67 -26.73
CA VAL A 295 -23.62 -62.35 -26.25
C VAL A 295 -24.21 -62.13 -24.87
N VAL A 296 -23.37 -61.72 -23.92
CA VAL A 296 -23.78 -61.44 -22.55
C VAL A 296 -23.60 -59.96 -22.30
N LEU A 297 -24.70 -59.24 -22.12
CA LEU A 297 -24.68 -57.81 -21.85
C LEU A 297 -24.87 -57.57 -20.35
N THR A 298 -23.91 -56.88 -19.74
CA THR A 298 -23.92 -56.62 -18.31
C THR A 298 -23.86 -55.12 -18.07
N THR A 299 -24.71 -54.63 -17.16
CA THR A 299 -24.74 -53.21 -16.85
C THR A 299 -23.43 -52.76 -16.21
N LYS A 300 -22.96 -53.49 -15.21
CA LYS A 300 -21.73 -53.15 -14.50
C LYS A 300 -20.54 -53.87 -15.13
N GLY A 301 -19.39 -53.79 -14.48
CA GLY A 301 -18.19 -54.41 -14.99
C GLY A 301 -18.22 -55.93 -14.87
N ILE A 302 -17.16 -56.55 -15.40
CA ILE A 302 -17.02 -58.00 -15.41
C ILE A 302 -15.64 -58.34 -14.88
N ASP A 303 -15.58 -59.14 -13.83
CA ASP A 303 -14.31 -59.54 -13.25
C ASP A 303 -13.63 -60.59 -14.14
N ASP A 304 -12.31 -60.74 -13.96
CA ASP A 304 -11.53 -61.68 -14.76
C ASP A 304 -11.98 -63.13 -14.56
N LEU A 305 -12.66 -63.43 -13.45
CA LEU A 305 -13.14 -64.80 -13.24
C LEU A 305 -14.19 -65.18 -14.30
N CYS A 306 -15.01 -64.22 -14.71
CA CYS A 306 -16.04 -64.47 -15.71
C CYS A 306 -15.54 -64.35 -17.14
N LEU A 307 -14.35 -63.78 -17.34
CA LEU A 307 -13.83 -63.61 -18.69
C LEU A 307 -13.24 -64.89 -19.25
N LYS A 308 -12.68 -65.75 -18.40
CA LYS A 308 -12.09 -66.99 -18.88
C LYS A 308 -13.15 -67.98 -19.34
N GLU A 309 -14.36 -67.91 -18.78
CA GLU A 309 -15.42 -68.82 -19.18
C GLU A 309 -16.06 -68.38 -20.50
N PHE A 310 -16.02 -67.09 -20.82
CA PHE A 310 -16.59 -66.62 -22.07
C PHE A 310 -15.68 -66.89 -23.26
N VAL A 311 -14.37 -66.87 -23.06
CA VAL A 311 -13.43 -67.14 -24.15
C VAL A 311 -13.44 -68.62 -24.51
N GLU A 312 -13.47 -69.49 -23.50
CA GLU A 312 -13.48 -70.93 -23.76
C GLU A 312 -14.78 -71.36 -24.43
N ALA A 313 -15.90 -70.73 -24.07
CA ALA A 313 -17.19 -71.06 -24.66
C ALA A 313 -17.51 -70.20 -25.88
N LYS A 314 -16.58 -69.35 -26.31
CA LYS A 314 -16.77 -68.47 -27.47
C LYS A 314 -18.00 -67.57 -27.28
N ILE A 315 -18.04 -66.90 -26.14
CA ILE A 315 -19.13 -65.99 -25.79
C ILE A 315 -18.56 -64.58 -25.70
N MET A 316 -19.31 -63.61 -26.23
CA MET A 316 -18.90 -62.21 -26.24
C MET A 316 -19.47 -61.54 -25.00
N GLY A 317 -18.58 -61.17 -24.06
CA GLY A 317 -18.99 -60.41 -22.90
C GLY A 317 -18.88 -58.92 -23.15
N VAL A 318 -19.76 -58.16 -22.50
CA VAL A 318 -19.79 -56.71 -22.60
C VAL A 318 -20.08 -56.14 -21.21
N ARG A 319 -19.29 -55.15 -20.81
CA ARG A 319 -19.40 -54.54 -19.48
C ARG A 319 -19.61 -53.04 -19.60
N ARG A 320 -20.03 -52.44 -18.49
CA ARG A 320 -20.25 -50.99 -18.40
C ARG A 320 -21.29 -50.52 -19.43
N CYS A 321 -22.46 -51.18 -19.40
CA CYS A 321 -23.56 -50.83 -20.29
C CYS A 321 -24.49 -49.84 -19.60
N LYS A 322 -25.01 -48.90 -20.39
CA LYS A 322 -25.97 -47.93 -19.87
C LYS A 322 -27.30 -48.62 -19.58
N LYS A 323 -27.95 -48.19 -18.50
CA LYS A 323 -29.23 -48.81 -18.12
C LYS A 323 -30.31 -48.55 -19.16
N GLU A 324 -30.32 -47.36 -19.74
CA GLU A 324 -31.32 -47.04 -20.75
C GLU A 324 -31.02 -47.70 -22.09
N ASP A 325 -29.78 -48.12 -22.33
CA ASP A 325 -29.43 -48.77 -23.59
C ASP A 325 -29.88 -50.22 -23.61
N LEU A 326 -29.77 -50.92 -22.47
CA LEU A 326 -30.14 -52.33 -22.43
C LEU A 326 -31.65 -52.54 -22.47
N ARG A 327 -32.44 -51.55 -22.04
CA ARG A 327 -33.88 -51.70 -22.09
C ARG A 327 -34.38 -51.72 -23.54
N ARG A 328 -33.73 -50.95 -24.42
CA ARG A 328 -34.09 -50.98 -25.82
C ARG A 328 -33.58 -52.24 -26.52
N ILE A 329 -32.50 -52.83 -26.02
CA ILE A 329 -31.99 -54.08 -26.60
C ILE A 329 -32.92 -55.23 -26.25
N ALA A 330 -33.49 -55.21 -25.04
CA ALA A 330 -34.34 -56.31 -24.60
C ALA A 330 -35.60 -56.39 -25.45
N ARG A 331 -36.25 -55.25 -25.69
CA ARG A 331 -37.49 -55.27 -26.46
C ARG A 331 -37.21 -55.58 -27.93
N ALA A 332 -36.14 -55.01 -28.49
CA ALA A 332 -35.83 -55.23 -29.90
C ALA A 332 -35.48 -56.69 -30.17
N THR A 333 -34.50 -57.23 -29.43
CA THR A 333 -34.08 -58.61 -29.62
C THR A 333 -35.07 -59.62 -29.05
N GLY A 334 -36.01 -59.18 -28.21
CA GLY A 334 -36.96 -60.08 -27.60
C GLY A 334 -36.56 -60.61 -26.24
N ALA A 335 -35.37 -60.28 -25.75
CA ALA A 335 -34.93 -60.74 -24.45
C ALA A 335 -35.67 -60.02 -23.33
N THR A 336 -35.67 -60.63 -22.16
CA THR A 336 -36.27 -60.05 -20.96
C THR A 336 -35.17 -59.58 -20.03
N LEU A 337 -35.27 -58.34 -19.55
CA LEU A 337 -34.26 -57.79 -18.66
C LEU A 337 -34.24 -58.57 -17.35
N VAL A 338 -33.06 -59.05 -16.97
CA VAL A 338 -32.89 -59.86 -15.78
C VAL A 338 -32.03 -59.08 -14.79
N SER A 339 -32.64 -58.65 -13.69
CA SER A 339 -31.88 -58.02 -12.62
C SER A 339 -31.20 -59.06 -11.74
N SER A 340 -31.83 -60.21 -11.54
CA SER A 340 -31.26 -61.29 -10.76
C SER A 340 -31.91 -62.59 -11.19
N MET A 341 -31.24 -63.70 -10.89
CA MET A 341 -31.72 -65.03 -11.26
C MET A 341 -32.51 -65.60 -10.09
N SER A 342 -33.82 -65.76 -10.28
CA SER A 342 -34.73 -66.27 -9.25
C SER A 342 -36.12 -66.33 -9.87
N ASN A 343 -37.03 -66.99 -9.16
CA ASN A 343 -38.42 -67.12 -9.58
C ASN A 343 -39.29 -67.26 -8.33
N LEU A 344 -40.56 -67.58 -8.55
CA LEU A 344 -41.48 -67.74 -7.42
C LEU A 344 -41.08 -68.89 -6.52
N GLU A 345 -40.55 -69.96 -7.10
CA GLU A 345 -40.08 -71.09 -6.30
C GLU A 345 -38.77 -70.75 -5.62
N GLY A 346 -38.47 -71.52 -4.56
CA GLY A 346 -37.24 -71.30 -3.81
C GLY A 346 -35.98 -71.65 -4.58
N GLU A 347 -36.09 -72.47 -5.62
CA GLU A 347 -34.93 -72.86 -6.40
C GLU A 347 -34.49 -71.70 -7.30
N GLU A 348 -33.22 -71.75 -7.70
CA GLU A 348 -32.62 -70.74 -8.56
C GLU A 348 -32.16 -71.40 -9.85
N THR A 349 -32.67 -70.93 -10.98
CA THR A 349 -32.29 -71.48 -12.28
C THR A 349 -32.51 -70.41 -13.35
N PHE A 350 -31.88 -70.62 -14.50
CA PHE A 350 -31.98 -69.72 -15.63
C PHE A 350 -32.84 -70.36 -16.71
N GLU A 351 -33.80 -69.60 -17.23
CA GLU A 351 -34.69 -70.06 -18.28
C GLU A 351 -34.27 -69.50 -19.63
N SER A 352 -34.39 -70.32 -20.67
CA SER A 352 -33.99 -69.90 -22.01
C SER A 352 -34.91 -68.86 -22.63
N SER A 353 -36.09 -68.63 -22.03
CA SER A 353 -37.01 -67.63 -22.58
C SER A 353 -36.49 -66.22 -22.40
N TYR A 354 -35.59 -65.99 -21.45
CA TYR A 354 -35.03 -64.66 -21.21
C TYR A 354 -34.01 -64.25 -22.26
N LEU A 355 -33.64 -65.14 -23.17
CA LEU A 355 -32.65 -64.84 -24.20
C LEU A 355 -33.34 -64.34 -25.46
N GLY A 356 -32.74 -63.34 -26.10
CA GLY A 356 -33.27 -62.78 -27.32
C GLY A 356 -32.74 -63.49 -28.55
N LEU A 357 -33.17 -62.99 -29.72
CA LEU A 357 -32.76 -63.55 -31.00
C LEU A 357 -32.58 -62.44 -32.01
N CYS A 358 -31.54 -62.56 -32.83
CA CYS A 358 -31.29 -61.63 -33.91
C CYS A 358 -30.56 -62.36 -35.04
N ASP A 359 -30.33 -61.64 -36.14
CA ASP A 359 -29.68 -62.26 -37.29
C ASP A 359 -28.16 -62.34 -37.12
N GLU A 360 -27.54 -61.23 -36.71
CA GLU A 360 -26.08 -61.18 -36.64
C GLU A 360 -25.67 -60.17 -35.58
N VAL A 361 -24.54 -60.45 -34.93
CA VAL A 361 -23.92 -59.54 -33.96
C VAL A 361 -22.47 -59.34 -34.38
N VAL A 362 -22.12 -58.11 -34.73
CA VAL A 362 -20.77 -57.78 -35.18
C VAL A 362 -20.36 -56.45 -34.54
N GLN A 363 -19.07 -56.35 -34.21
CA GLN A 363 -18.51 -55.16 -33.60
C GLN A 363 -17.69 -54.41 -34.65
N ALA A 364 -18.10 -53.17 -34.93
CA ALA A 364 -17.42 -52.33 -35.92
C ALA A 364 -16.58 -51.27 -35.22
N LYS A 365 -15.42 -50.99 -35.79
CA LYS A 365 -14.48 -50.01 -35.24
C LYS A 365 -14.12 -49.01 -36.34
N PHE A 366 -14.52 -47.76 -36.15
CA PHE A 366 -14.21 -46.69 -37.10
C PHE A 366 -13.78 -45.46 -36.33
N SER A 367 -12.54 -45.01 -36.57
CA SER A 367 -12.01 -43.78 -35.99
C SER A 367 -12.08 -43.80 -34.47
N ASP A 368 -11.49 -44.85 -33.88
CA ASP A 368 -11.35 -45.00 -32.43
C ASP A 368 -12.70 -45.28 -31.78
N ASP A 369 -13.77 -45.24 -32.56
CA ASP A 369 -15.11 -45.52 -32.05
C ASP A 369 -15.44 -46.98 -32.30
N GLU A 370 -15.56 -47.75 -31.21
CA GLU A 370 -15.92 -49.16 -31.27
C GLU A 370 -17.39 -49.31 -30.92
N CYS A 371 -18.15 -49.96 -31.81
CA CYS A 371 -19.58 -50.15 -31.60
C CYS A 371 -19.98 -51.52 -32.10
N ILE A 372 -20.86 -52.17 -31.34
CA ILE A 372 -21.38 -53.49 -31.70
C ILE A 372 -22.67 -53.28 -32.50
N LEU A 373 -22.70 -53.82 -33.72
CA LEU A 373 -23.85 -53.67 -34.60
C LEU A 373 -24.77 -54.88 -34.44
N ILE A 374 -25.96 -54.65 -33.91
CA ILE A 374 -26.97 -55.68 -33.75
C ILE A 374 -28.02 -55.46 -34.82
N LYS A 375 -28.09 -56.36 -35.80
CA LYS A 375 -28.99 -56.22 -36.93
C LYS A 375 -29.90 -57.45 -37.04
N GLY A 376 -31.06 -57.24 -37.66
CA GLY A 376 -31.98 -58.32 -37.92
C GLY A 376 -32.70 -58.84 -36.69
N THR A 377 -33.25 -57.93 -35.89
CA THR A 377 -34.03 -58.32 -34.73
C THR A 377 -35.39 -58.86 -35.18
N SER A 378 -35.71 -60.09 -34.76
CA SER A 378 -36.92 -60.74 -35.24
C SER A 378 -38.17 -60.21 -34.55
N LYS A 379 -38.12 -60.07 -33.22
CA LYS A 379 -39.31 -59.69 -32.46
C LYS A 379 -39.74 -58.26 -32.79
N HIS A 380 -38.83 -57.31 -32.61
CA HIS A 380 -39.14 -55.89 -32.86
C HIS A 380 -37.95 -55.24 -33.54
N SER A 381 -38.21 -54.56 -34.65
CA SER A 381 -37.15 -53.89 -35.39
C SER A 381 -36.66 -52.66 -34.66
N SER A 382 -35.44 -52.24 -35.00
CA SER A 382 -34.83 -51.04 -34.43
C SER A 382 -33.99 -50.37 -35.51
N SER A 383 -33.37 -49.25 -35.16
CA SER A 383 -32.55 -48.51 -36.12
C SER A 383 -31.50 -47.70 -35.37
N SER A 384 -30.43 -47.37 -36.09
CA SER A 384 -29.36 -46.55 -35.55
C SER A 384 -28.72 -45.77 -36.69
N ILE A 385 -28.21 -44.59 -36.38
CA ILE A 385 -27.61 -43.69 -37.34
C ILE A 385 -26.18 -43.38 -36.90
N ILE A 386 -25.23 -43.60 -37.80
CA ILE A 386 -23.82 -43.32 -37.55
C ILE A 386 -23.46 -42.07 -38.33
N LEU A 387 -23.20 -40.97 -37.62
CA LEU A 387 -22.86 -39.70 -38.24
C LEU A 387 -21.35 -39.61 -38.46
N ARG A 388 -20.96 -39.03 -39.60
CA ARG A 388 -19.56 -38.82 -39.93
C ARG A 388 -19.36 -37.36 -40.29
N GLY A 389 -18.33 -36.75 -39.71
CA GLY A 389 -18.09 -35.34 -39.92
C GLY A 389 -16.65 -34.97 -39.63
N ALA A 390 -16.39 -33.66 -39.64
CA ALA A 390 -15.06 -33.12 -39.40
C ALA A 390 -14.52 -33.55 -38.05
N ASN A 391 -15.15 -33.10 -36.96
CA ASN A 391 -14.68 -33.39 -35.61
C ASN A 391 -15.90 -33.68 -34.73
N ASP A 392 -15.65 -33.84 -33.43
CA ASP A 392 -16.74 -34.10 -32.49
C ASP A 392 -17.69 -32.91 -32.40
N TYR A 393 -17.14 -31.70 -32.37
CA TYR A 393 -18.00 -30.52 -32.29
C TYR A 393 -18.77 -30.29 -33.58
N SER A 394 -18.21 -30.71 -34.72
CA SER A 394 -18.97 -30.66 -35.96
C SER A 394 -20.12 -31.65 -35.96
N LEU A 395 -19.95 -32.78 -35.27
CA LEU A 395 -21.01 -33.75 -35.12
C LEU A 395 -21.99 -33.39 -34.00
N ASP A 396 -21.61 -32.47 -33.12
CA ASP A 396 -22.52 -32.04 -32.06
C ASP A 396 -23.73 -31.32 -32.65
N GLU A 397 -23.52 -30.51 -33.68
CA GLU A 397 -24.65 -29.86 -34.34
C GLU A 397 -25.44 -30.85 -35.18
N MET A 398 -24.75 -31.83 -35.79
CA MET A 398 -25.45 -32.85 -36.56
C MET A 398 -26.25 -33.78 -35.65
N GLU A 399 -25.83 -33.93 -34.38
CA GLU A 399 -26.59 -34.75 -33.45
C GLU A 399 -27.91 -34.09 -33.09
N ARG A 400 -27.90 -32.78 -32.85
CA ARG A 400 -29.13 -32.07 -32.56
C ARG A 400 -29.94 -31.75 -33.81
N SER A 401 -29.32 -31.78 -34.99
CA SER A 401 -30.06 -31.56 -36.22
C SER A 401 -30.99 -32.73 -36.52
N LEU A 402 -30.50 -33.96 -36.37
CA LEU A 402 -31.33 -35.14 -36.54
C LEU A 402 -32.29 -35.34 -35.39
N HIS A 403 -31.96 -34.85 -34.20
CA HIS A 403 -32.87 -34.98 -33.06
C HIS A 403 -34.13 -34.14 -33.25
N ASP A 404 -33.98 -32.96 -33.86
CA ASP A 404 -35.15 -32.12 -34.13
C ASP A 404 -35.99 -32.69 -35.27
N SER A 405 -35.36 -33.43 -36.20
CA SER A 405 -36.10 -34.01 -37.30
C SER A 405 -36.96 -35.17 -36.84
N LEU A 406 -36.56 -35.88 -35.78
CA LEU A 406 -37.36 -36.98 -35.28
C LEU A 406 -38.64 -36.49 -34.61
N SER A 407 -38.60 -35.29 -34.01
CA SER A 407 -39.78 -34.75 -33.35
C SER A 407 -40.79 -34.18 -34.34
N VAL A 408 -40.32 -33.70 -35.49
CA VAL A 408 -41.23 -33.13 -36.48
C VAL A 408 -42.00 -34.23 -37.19
N VAL A 409 -41.33 -35.34 -37.52
CA VAL A 409 -42.01 -36.44 -38.19
C VAL A 409 -42.99 -37.12 -37.24
N LYS A 410 -42.69 -37.11 -35.95
CA LYS A 410 -43.61 -37.73 -34.98
C LYS A 410 -44.95 -37.01 -34.95
N ARG A 411 -44.94 -35.68 -35.11
CA ARG A 411 -46.19 -34.93 -35.04
C ARG A 411 -47.04 -35.14 -36.30
N THR A 412 -46.41 -35.45 -37.43
CA THR A 412 -47.16 -35.64 -38.67
C THR A 412 -47.83 -37.01 -38.72
N LEU A 413 -47.22 -38.03 -38.11
CA LEU A 413 -47.81 -39.36 -38.10
C LEU A 413 -48.94 -39.47 -37.08
N GLU A 414 -48.78 -38.86 -35.91
CA GLU A 414 -49.85 -38.86 -34.93
C GLU A 414 -51.04 -38.04 -35.41
N SER A 415 -50.78 -36.83 -35.89
CA SER A 415 -51.82 -35.96 -36.46
C SER A 415 -51.43 -35.67 -37.91
N GLY A 416 -52.23 -36.19 -38.85
CA GLY A 416 -51.95 -36.01 -40.26
C GLY A 416 -52.15 -34.61 -40.78
N ASN A 417 -52.54 -33.67 -39.94
CA ASN A 417 -52.79 -32.29 -40.37
C ASN A 417 -51.46 -31.52 -40.36
N VAL A 418 -51.10 -30.97 -41.52
CA VAL A 418 -49.85 -30.22 -41.67
C VAL A 418 -50.17 -28.87 -42.32
N VAL A 419 -49.26 -27.92 -42.10
CA VAL A 419 -49.38 -26.59 -42.68
C VAL A 419 -48.10 -26.27 -43.44
N PRO A 420 -48.15 -25.50 -44.52
CA PRO A 420 -46.92 -25.19 -45.26
C PRO A 420 -46.07 -24.19 -44.52
N GLY A 421 -44.75 -24.30 -44.74
CA GLY A 421 -43.78 -23.42 -44.13
C GLY A 421 -43.40 -22.26 -45.04
N GLY A 422 -42.41 -21.49 -44.58
CA GLY A 422 -41.95 -20.34 -45.34
C GLY A 422 -42.75 -19.08 -45.13
N GLY A 423 -43.39 -18.94 -43.96
CA GLY A 423 -44.19 -17.78 -43.69
C GLY A 423 -45.62 -17.84 -44.16
N CYS A 424 -46.17 -19.05 -44.38
CA CYS A 424 -47.55 -19.16 -44.83
C CYS A 424 -48.53 -18.90 -43.70
N VAL A 425 -48.29 -19.48 -42.53
CA VAL A 425 -49.22 -19.31 -41.41
C VAL A 425 -49.15 -17.89 -40.86
N GLU A 426 -47.95 -17.34 -40.74
CA GLU A 426 -47.80 -16.01 -40.16
C GLU A 426 -48.42 -14.95 -41.06
N ALA A 427 -48.32 -15.11 -42.38
CA ALA A 427 -48.90 -14.14 -43.29
C ALA A 427 -50.41 -14.30 -43.44
N ALA A 428 -50.91 -15.54 -43.35
CA ALA A 428 -52.34 -15.76 -43.50
C ALA A 428 -53.13 -15.24 -42.30
N LEU A 429 -52.53 -15.26 -41.11
CA LEU A 429 -53.22 -14.76 -39.93
C LEU A 429 -53.35 -13.24 -39.94
N ASN A 430 -52.54 -12.54 -40.73
CA ASN A 430 -52.63 -11.09 -40.77
C ASN A 430 -53.91 -10.63 -41.44
N ILE A 431 -54.18 -11.14 -42.65
CA ILE A 431 -55.38 -10.74 -43.38
C ILE A 431 -56.65 -11.17 -42.65
N TYR A 432 -56.61 -12.31 -41.97
CA TYR A 432 -57.80 -12.78 -41.26
C TYR A 432 -58.12 -11.90 -40.06
N LEU A 433 -57.09 -11.37 -39.39
CA LEU A 433 -57.30 -10.53 -38.22
C LEU A 433 -57.50 -9.06 -38.54
N ASP A 434 -57.27 -8.65 -39.80
CA ASP A 434 -57.50 -7.26 -40.17
C ASP A 434 -58.99 -6.94 -40.19
N ASN A 435 -59.79 -7.80 -40.83
CA ASN A 435 -61.23 -7.60 -40.87
C ASN A 435 -61.91 -7.95 -39.55
N PHE A 436 -61.28 -8.80 -38.73
CA PHE A 436 -61.86 -9.17 -37.45
C PHE A 436 -61.74 -8.05 -36.42
N ALA A 437 -60.67 -7.25 -36.50
CA ALA A 437 -60.50 -6.16 -35.54
C ALA A 437 -61.49 -5.04 -35.77
N THR A 438 -61.90 -4.82 -37.03
CA THR A 438 -62.85 -3.76 -37.33
C THR A 438 -64.23 -4.04 -36.75
N THR A 439 -64.57 -5.29 -36.49
CA THR A 439 -65.88 -5.63 -35.94
C THR A 439 -65.97 -5.27 -34.46
N VAL A 440 -64.95 -5.64 -33.69
CA VAL A 440 -64.96 -5.33 -32.25
C VAL A 440 -64.82 -3.82 -32.04
N GLY A 441 -63.79 -3.22 -32.61
CA GLY A 441 -63.59 -1.79 -32.46
C GLY A 441 -63.18 -1.42 -31.04
N SER A 442 -63.57 -0.21 -30.64
CA SER A 442 -63.27 0.36 -29.31
C SER A 442 -61.75 0.37 -29.14
N ARG A 443 -61.24 -0.01 -27.97
CA ARG A 443 -59.80 0.00 -27.72
C ARG A 443 -59.13 -1.32 -28.08
N GLU A 444 -59.90 -2.36 -28.39
CA GLU A 444 -59.34 -3.66 -28.74
C GLU A 444 -59.03 -3.79 -30.23
N GLN A 445 -59.40 -2.80 -31.05
CA GLN A 445 -59.10 -2.87 -32.47
C GLN A 445 -57.61 -2.66 -32.72
N LEU A 446 -56.97 -1.78 -31.94
CA LEU A 446 -55.54 -1.54 -32.12
C LEU A 446 -54.71 -2.69 -31.57
N ALA A 447 -55.19 -3.37 -30.52
CA ALA A 447 -54.44 -4.49 -29.95
C ALA A 447 -54.43 -5.67 -30.91
N ILE A 448 -55.55 -5.93 -31.59
CA ILE A 448 -55.60 -7.03 -32.54
C ILE A 448 -54.79 -6.70 -33.79
N ALA A 449 -54.81 -5.42 -34.20
CA ALA A 449 -54.05 -5.02 -35.38
C ALA A 449 -52.56 -5.15 -35.15
N GLU A 450 -52.08 -4.83 -33.94
CA GLU A 450 -50.67 -5.00 -33.64
C GLU A 450 -50.28 -6.46 -33.46
N PHE A 451 -51.23 -7.33 -33.10
CA PHE A 451 -50.93 -8.74 -32.99
C PHE A 451 -50.71 -9.37 -34.36
N ALA A 452 -51.50 -8.94 -35.36
CA ALA A 452 -51.30 -9.44 -36.72
C ALA A 452 -50.01 -8.92 -37.33
N ALA A 453 -49.62 -7.68 -37.01
CA ALA A 453 -48.37 -7.13 -37.50
C ALA A 453 -47.16 -7.71 -36.77
N ALA A 454 -47.35 -8.22 -35.54
CA ALA A 454 -46.24 -8.81 -34.81
C ALA A 454 -45.84 -10.16 -35.40
N LEU A 455 -46.79 -10.87 -36.01
CA LEU A 455 -46.47 -12.15 -36.64
C LEU A 455 -45.72 -11.98 -37.95
N LEU A 456 -45.62 -10.75 -38.48
CA LEU A 456 -44.89 -10.49 -39.71
C LEU A 456 -43.38 -10.57 -39.53
N ILE A 457 -42.90 -10.71 -38.29
CA ILE A 457 -41.45 -10.73 -38.08
C ILE A 457 -40.84 -12.01 -38.62
N ILE A 458 -41.59 -13.11 -38.63
CA ILE A 458 -41.08 -14.39 -39.12
C ILE A 458 -40.85 -14.35 -40.63
N PRO A 459 -41.82 -13.94 -41.46
CA PRO A 459 -41.54 -13.91 -42.90
C PRO A 459 -40.55 -12.81 -43.30
N LYS A 460 -40.48 -11.72 -42.55
CA LYS A 460 -39.53 -10.67 -42.87
C LYS A 460 -38.10 -11.04 -42.48
N THR A 461 -37.94 -11.84 -41.41
CA THR A 461 -36.60 -12.28 -41.02
C THR A 461 -35.97 -13.17 -42.09
N LEU A 462 -36.80 -13.90 -42.84
CA LEU A 462 -36.28 -14.76 -43.90
C LEU A 462 -35.55 -13.96 -44.97
N ALA A 463 -36.12 -12.81 -45.35
CA ALA A 463 -35.53 -12.01 -46.42
C ALA A 463 -34.34 -11.18 -45.93
N VAL A 464 -34.34 -10.79 -44.65
CA VAL A 464 -33.24 -9.99 -44.13
C VAL A 464 -31.97 -10.82 -44.05
N ASN A 465 -32.07 -12.05 -43.56
CA ASN A 465 -30.90 -12.93 -43.46
C ASN A 465 -30.43 -13.44 -44.81
N ALA A 466 -31.23 -13.26 -45.86
CA ALA A 466 -30.86 -13.70 -47.21
C ALA A 466 -30.15 -12.62 -48.02
N ALA A 467 -29.90 -11.45 -47.43
CA ALA A 467 -29.22 -10.35 -48.10
C ALA A 467 -29.93 -9.93 -49.39
N LYS A 468 -31.27 -9.92 -49.34
CA LYS A 468 -32.09 -9.54 -50.46
C LYS A 468 -33.05 -8.43 -50.03
N ASP A 469 -33.89 -7.99 -50.96
CA ASP A 469 -34.86 -6.94 -50.67
C ASP A 469 -36.06 -7.56 -49.98
N SER A 470 -36.35 -7.11 -48.75
CA SER A 470 -37.44 -7.68 -47.97
C SER A 470 -38.80 -7.14 -48.41
N SER A 471 -38.86 -5.88 -48.84
CA SER A 471 -40.15 -5.27 -49.15
C SER A 471 -40.80 -5.94 -50.35
N GLU A 472 -40.06 -6.10 -51.44
CA GLU A 472 -40.63 -6.70 -52.65
C GLU A 472 -41.10 -8.13 -52.39
N LEU A 473 -40.47 -8.83 -51.46
CA LEU A 473 -40.91 -10.18 -51.13
C LEU A 473 -42.14 -10.17 -50.24
N VAL A 474 -42.21 -9.24 -49.29
CA VAL A 474 -43.35 -9.17 -48.39
C VAL A 474 -44.55 -8.51 -49.07
N ALA A 475 -44.30 -7.47 -49.88
CA ALA A 475 -45.39 -6.80 -50.57
C ALA A 475 -46.09 -7.74 -51.55
N LYS A 476 -45.32 -8.53 -52.28
CA LYS A 476 -45.93 -9.53 -53.16
C LYS A 476 -46.53 -10.68 -52.36
N LEU A 477 -46.01 -10.93 -51.16
CA LEU A 477 -46.59 -11.98 -50.31
C LEU A 477 -48.00 -11.61 -49.87
N ARG A 478 -48.20 -10.38 -49.43
CA ARG A 478 -49.53 -9.95 -48.99
C ARG A 478 -50.52 -9.94 -50.14
N SER A 479 -50.06 -9.75 -51.37
CA SER A 479 -50.97 -9.69 -52.51
C SER A 479 -51.73 -10.99 -52.68
N TYR A 480 -51.11 -12.12 -52.38
CA TYR A 480 -51.80 -13.40 -52.49
C TYR A 480 -52.70 -13.65 -51.28
N HIS A 481 -52.26 -13.24 -50.09
CA HIS A 481 -53.06 -13.49 -48.88
C HIS A 481 -54.21 -12.51 -48.75
N ALA A 482 -53.99 -11.25 -49.12
CA ALA A 482 -55.09 -10.28 -49.09
C ALA A 482 -56.17 -10.63 -50.09
N ALA A 483 -55.79 -11.19 -51.24
CA ALA A 483 -56.75 -11.66 -52.22
C ALA A 483 -57.28 -13.06 -51.90
N SER A 484 -56.71 -13.75 -50.92
CA SER A 484 -57.19 -15.08 -50.57
C SER A 484 -58.48 -15.01 -49.74
N GLN A 485 -58.58 -14.01 -48.85
CA GLN A 485 -59.81 -13.84 -48.08
C GLN A 485 -60.96 -13.40 -48.98
N MET A 486 -60.67 -12.56 -49.97
CA MET A 486 -61.65 -12.11 -50.94
C MET A 486 -61.72 -13.00 -52.17
N ALA A 487 -60.99 -14.12 -52.18
CA ALA A 487 -60.98 -15.00 -53.34
C ALA A 487 -62.37 -15.53 -53.67
N LYS A 488 -63.22 -15.70 -52.65
CA LYS A 488 -64.66 -16.02 -52.65
C LYS A 488 -64.90 -17.41 -53.24
N PRO A 489 -66.02 -18.05 -52.90
CA PRO A 489 -66.28 -19.40 -53.42
C PRO A 489 -66.47 -19.45 -54.92
N GLU A 490 -66.68 -20.64 -55.46
CA GLU A 490 -66.85 -20.82 -56.90
C GLU A 490 -68.26 -20.43 -57.34
N LYS A 493 -60.50 -26.04 -58.85
CA LYS A 493 -60.88 -25.33 -57.62
C LYS A 493 -60.80 -23.82 -57.81
N ARG A 494 -59.80 -23.39 -58.61
CA ARG A 494 -59.62 -22.04 -59.15
C ARG A 494 -59.44 -20.98 -58.05
N ARG A 495 -59.67 -21.35 -56.79
CA ARG A 495 -59.43 -20.45 -55.68
C ARG A 495 -57.97 -20.02 -55.60
N SER A 496 -57.09 -20.99 -55.30
CA SER A 496 -55.67 -20.75 -55.11
C SER A 496 -55.42 -19.65 -54.08
N TYR A 497 -54.43 -18.79 -54.35
CA TYR A 497 -54.07 -17.62 -53.54
C TYR A 497 -53.56 -17.99 -52.15
N ARG A 498 -53.59 -19.26 -51.77
CA ARG A 498 -53.18 -19.70 -50.44
C ARG A 498 -52.09 -20.75 -50.55
N ASN A 499 -51.42 -20.99 -49.42
CA ASN A 499 -50.31 -21.95 -49.32
C ASN A 499 -49.13 -21.50 -50.18
N TYR A 500 -48.90 -20.19 -50.23
CA TYR A 500 -47.76 -19.61 -50.92
C TYR A 500 -46.79 -19.00 -49.92
N GLY A 501 -45.50 -19.11 -50.22
CA GLY A 501 -44.47 -18.64 -49.32
C GLY A 501 -43.25 -18.18 -50.07
N LEU A 502 -42.29 -17.66 -49.32
CA LEU A 502 -41.08 -17.08 -49.90
C LEU A 502 -40.06 -18.18 -50.21
N ASP A 503 -39.48 -18.12 -51.40
CA ASP A 503 -38.34 -18.96 -51.77
C ASP A 503 -37.09 -18.09 -51.70
N LEU A 504 -36.24 -18.37 -50.72
CA LEU A 504 -35.10 -17.50 -50.45
C LEU A 504 -33.97 -17.72 -51.44
N ILE A 505 -33.85 -18.93 -52.00
CA ILE A 505 -32.78 -19.21 -52.95
C ILE A 505 -33.03 -18.50 -54.27
N ARG A 506 -34.21 -18.70 -54.85
CA ARG A 506 -34.55 -18.12 -56.15
C ARG A 506 -35.18 -16.74 -56.05
N GLY A 507 -35.57 -16.30 -54.86
CA GLY A 507 -36.18 -14.99 -54.70
C GLY A 507 -37.53 -14.84 -55.38
N LYS A 508 -38.35 -15.88 -55.33
CA LYS A 508 -39.66 -15.86 -55.96
C LYS A 508 -40.70 -16.43 -55.01
N ILE A 509 -41.97 -16.24 -55.35
CA ILE A 509 -43.09 -16.75 -54.58
C ILE A 509 -43.66 -17.96 -55.33
N VAL A 510 -43.52 -19.14 -54.74
CA VAL A 510 -43.97 -20.38 -55.34
C VAL A 510 -44.80 -21.16 -54.32
N ASP A 511 -45.51 -22.16 -54.82
CA ASP A 511 -46.34 -22.99 -53.96
C ASP A 511 -45.45 -23.88 -53.09
N GLU A 512 -45.72 -23.88 -51.78
CA GLU A 512 -44.94 -24.68 -50.85
C GLU A 512 -45.27 -26.17 -50.91
N ILE A 513 -46.45 -26.52 -51.46
CA ILE A 513 -46.79 -27.93 -51.61
C ILE A 513 -45.91 -28.60 -52.65
N HIS A 514 -45.76 -27.95 -53.81
CA HIS A 514 -44.88 -28.47 -54.84
C HIS A 514 -43.41 -28.30 -54.48
N ALA A 515 -43.08 -27.33 -53.62
CA ALA A 515 -41.70 -27.14 -53.21
C ALA A 515 -41.24 -28.15 -52.18
N GLY A 516 -42.17 -28.87 -51.55
CA GLY A 516 -41.80 -29.88 -50.58
C GLY A 516 -41.49 -29.35 -49.19
N VAL A 517 -42.15 -28.28 -48.78
CA VAL A 517 -41.95 -27.67 -47.47
C VAL A 517 -43.28 -27.75 -46.72
N LEU A 518 -43.31 -28.55 -45.66
CA LEU A 518 -44.50 -28.69 -44.83
C LEU A 518 -44.10 -28.71 -43.36
N GLU A 519 -45.02 -28.28 -42.50
CA GLU A 519 -44.79 -28.20 -41.07
C GLU A 519 -46.03 -28.70 -40.34
N PRO A 520 -45.87 -29.41 -39.23
CA PRO A 520 -47.04 -29.91 -38.49
C PRO A 520 -47.94 -28.77 -38.02
N THR A 521 -49.24 -29.04 -38.00
CA THR A 521 -50.21 -28.05 -37.56
C THR A 521 -50.11 -27.82 -36.05
N ILE A 522 -49.86 -28.88 -35.28
CA ILE A 522 -49.75 -28.76 -33.84
C ILE A 522 -48.55 -27.90 -33.45
N SER A 523 -47.55 -27.79 -34.32
CA SER A 523 -46.41 -26.94 -34.02
C SER A 523 -46.79 -25.46 -33.97
N LYS A 524 -47.80 -25.06 -34.75
CA LYS A 524 -48.27 -23.68 -34.73
C LYS A 524 -49.15 -23.39 -33.51
N VAL A 525 -49.90 -24.39 -33.04
CA VAL A 525 -50.80 -24.17 -31.91
C VAL A 525 -50.01 -24.01 -30.63
N LYS A 526 -49.03 -24.90 -30.40
CA LYS A 526 -48.24 -24.84 -29.17
C LYS A 526 -47.26 -23.67 -29.16
N SER A 527 -46.84 -23.19 -30.33
CA SER A 527 -45.89 -22.07 -30.37
C SER A 527 -46.57 -20.75 -30.05
N LEU A 528 -47.76 -20.50 -30.62
CA LEU A 528 -48.45 -19.24 -30.36
C LEU A 528 -48.94 -19.14 -28.93
N LYS A 529 -49.33 -20.27 -28.33
CA LYS A 529 -49.80 -20.24 -26.95
C LYS A 529 -48.64 -20.06 -25.97
N SER A 530 -47.49 -20.69 -26.26
CA SER A 530 -46.34 -20.54 -25.38
C SER A 530 -45.68 -19.19 -25.52
N ALA A 531 -45.68 -18.62 -26.73
CA ALA A 531 -45.07 -17.30 -26.93
C ALA A 531 -45.92 -16.20 -26.33
N LEU A 532 -47.23 -16.41 -26.22
CA LEU A 532 -48.10 -15.39 -25.64
C LEU A 532 -47.94 -15.34 -24.12
N GLU A 533 -47.87 -16.50 -23.47
CA GLU A 533 -47.73 -16.52 -22.02
C GLU A 533 -46.44 -15.85 -21.57
N ALA A 534 -45.40 -15.88 -22.41
CA ALA A 534 -44.17 -15.16 -22.08
C ALA A 534 -44.37 -13.65 -22.16
N CYS A 535 -45.18 -13.19 -23.11
CA CYS A 535 -45.45 -11.75 -23.24
C CYS A 535 -46.45 -11.26 -22.21
N VAL A 536 -47.44 -12.08 -21.86
CA VAL A 536 -48.44 -11.67 -20.88
C VAL A 536 -47.80 -11.46 -19.51
N ALA A 537 -46.89 -12.34 -19.11
CA ALA A 537 -46.25 -12.21 -17.81
C ALA A 537 -45.39 -10.96 -17.72
N ILE A 538 -44.81 -10.52 -18.84
CA ILE A 538 -43.95 -9.35 -18.82
C ILE A 538 -44.77 -8.06 -18.80
N LEU A 539 -45.85 -8.01 -19.59
CA LEU A 539 -46.69 -6.81 -19.64
C LEU A 539 -47.39 -6.54 -18.32
N ARG A 540 -47.45 -7.51 -17.42
CA ARG A 540 -48.15 -7.36 -16.16
C ARG A 540 -47.24 -6.93 -15.01
N ILE A 541 -45.95 -6.72 -15.28
CA ILE A 541 -45.00 -6.37 -14.23
C ILE A 541 -44.88 -4.85 -14.20
N ASP A 542 -45.40 -4.22 -13.15
CA ASP A 542 -45.27 -2.78 -12.99
C ASP A 542 -43.93 -2.38 -12.38
N THR A 543 -43.47 -3.13 -11.38
CA THR A 543 -42.29 -2.75 -10.61
C THR A 543 -41.42 -3.98 -10.39
N MET A 544 -40.11 -3.81 -10.62
CA MET A 544 -39.13 -4.86 -10.36
C MET A 544 -38.36 -4.53 -9.10
N ILE A 545 -38.29 -5.49 -8.18
CA ILE A 545 -37.60 -5.34 -6.91
C ILE A 545 -36.45 -6.34 -6.85
N THR A 546 -35.23 -5.84 -6.74
CA THR A 546 -34.03 -6.68 -6.69
C THR A 546 -33.40 -6.54 -5.32
N VAL A 547 -33.36 -7.64 -4.58
CA VAL A 547 -32.79 -7.68 -3.24
C VAL A 547 -31.35 -8.15 -3.33
N ASP A 548 -30.43 -7.41 -2.74
CA ASP A 548 -29.03 -7.77 -2.76
C ASP A 548 -28.79 -9.02 -1.91
N PRO A 549 -27.86 -9.89 -2.32
CA PRO A 549 -27.61 -11.10 -1.55
C PRO A 549 -26.90 -10.79 -0.23
N GLU A 550 -27.17 -11.64 0.76
CA GLU A 550 -26.59 -11.47 2.09
C GLU A 550 -25.34 -12.33 2.25
N MET B 1 28.91 -0.29 26.70
CA MET B 1 28.84 -1.02 27.96
C MET B 1 27.51 -0.79 28.66
N SER B 2 26.60 -0.08 27.98
CA SER B 2 25.28 0.24 28.52
C SER B 2 24.26 -0.72 27.93
N GLN B 3 23.55 -1.43 28.80
CA GLN B 3 22.52 -2.38 28.39
C GLN B 3 21.19 -2.01 29.05
N LEU B 4 20.12 -2.55 28.50
CA LEU B 4 18.74 -2.37 28.95
C LEU B 4 18.23 -0.95 28.77
N PHE B 5 19.06 -0.03 28.29
CA PHE B 5 18.69 1.38 28.09
C PHE B 5 18.28 1.95 29.45
N ASN B 6 17.18 2.69 29.54
CA ASN B 6 16.75 3.25 30.82
C ASN B 6 15.22 3.33 30.83
N ASN B 7 14.64 3.12 32.00
CA ASN B 7 13.19 3.16 32.14
C ASN B 7 12.71 4.60 32.22
N SER B 8 11.83 4.98 31.30
CA SER B 8 11.29 6.34 31.28
C SER B 8 10.25 6.50 32.39
N ARG B 9 10.47 7.48 33.26
CA ARG B 9 9.56 7.72 34.37
C ARG B 9 8.51 8.76 33.96
N SER B 10 7.25 8.48 34.29
CA SER B 10 6.17 9.39 33.93
C SER B 10 6.10 10.58 34.87
N ASP B 11 6.58 10.44 36.11
CA ASP B 11 6.59 11.56 37.04
C ASP B 11 7.63 12.60 36.66
N THR B 12 8.62 12.25 35.84
CA THR B 12 9.65 13.15 35.38
C THR B 12 9.46 13.37 33.88
N LEU B 13 9.03 14.56 33.49
CA LEU B 13 8.70 14.87 32.10
C LEU B 13 9.43 16.13 31.66
N PHE B 14 10.06 16.07 30.49
CA PHE B 14 10.70 17.22 29.88
C PHE B 14 10.53 17.15 28.38
N LEU B 15 10.34 18.29 27.75
CA LEU B 15 10.19 18.34 26.30
C LEU B 15 11.49 17.95 25.62
N GLY B 16 11.37 17.20 24.52
CA GLY B 16 12.53 16.71 23.82
C GLY B 16 12.92 15.31 24.24
N GLY B 17 14.18 14.97 23.98
CA GLY B 17 14.69 13.66 24.33
C GLY B 17 14.69 13.42 25.82
N GLU B 18 14.83 12.14 26.18
CA GLU B 18 14.81 11.74 27.58
C GLU B 18 16.07 12.20 28.30
N LYS B 19 15.98 12.30 29.62
CA LYS B 19 17.10 12.74 30.45
C LYS B 19 17.69 11.52 31.16
N ILE B 20 18.98 11.29 30.95
CA ILE B 20 19.71 10.18 31.56
C ILE B 20 20.64 10.74 32.62
N SER B 21 20.62 10.14 33.80
CA SER B 21 21.41 10.59 34.93
C SER B 21 22.09 9.40 35.59
N GLY B 22 23.04 9.70 36.48
CA GLY B 22 23.77 8.68 37.18
C GLY B 22 25.08 8.30 36.49
N ASP B 23 25.52 7.08 36.77
CA ASP B 23 26.77 6.58 36.21
C ASP B 23 26.68 6.28 34.71
N ASP B 24 25.47 6.30 34.14
CA ASP B 24 25.33 5.99 32.72
C ASP B 24 25.95 7.08 31.85
N ILE B 25 25.93 8.34 32.30
CA ILE B 25 26.51 9.42 31.51
C ILE B 25 28.03 9.29 31.46
N ARG B 26 28.66 9.05 32.61
CA ARG B 26 30.11 8.91 32.64
C ARG B 26 30.56 7.63 31.94
N ASN B 27 29.70 6.62 31.89
CA ASN B 27 30.03 5.41 31.14
C ASN B 27 29.94 5.67 29.63
N GLN B 28 28.99 6.49 29.22
CA GLN B 28 28.89 6.85 27.79
C GLN B 28 29.94 7.88 27.40
N ASN B 29 30.38 8.72 28.35
CA ASN B 29 31.44 9.67 28.04
C ASN B 29 32.76 8.96 27.76
N VAL B 30 33.09 7.94 28.55
CA VAL B 30 34.30 7.16 28.30
C VAL B 30 34.13 6.30 27.06
N LEU B 31 32.93 5.76 26.85
CA LEU B 31 32.68 4.97 25.64
C LEU B 31 32.81 5.83 24.39
N ALA B 32 32.33 7.08 24.44
CA ALA B 32 32.54 8.01 23.34
C ALA B 32 33.99 8.51 23.28
N THR B 33 34.69 8.50 24.42
CA THR B 33 36.09 8.91 24.41
C THR B 33 36.97 7.83 23.80
N MET B 34 36.75 6.57 24.16
CA MET B 34 37.53 5.47 23.59
C MET B 34 37.25 5.26 22.12
N ALA B 35 36.12 5.78 21.61
CA ALA B 35 35.81 5.64 20.19
C ALA B 35 36.75 6.50 19.35
N VAL B 36 36.92 7.77 19.73
CA VAL B 36 37.85 8.64 19.01
C VAL B 36 39.30 8.41 19.43
N ALA B 37 39.52 7.75 20.57
CA ALA B 37 40.88 7.49 21.01
C ALA B 37 41.53 6.34 20.24
N ASN B 38 40.77 5.26 20.02
CA ASN B 38 41.31 4.10 19.31
C ASN B 38 41.67 4.41 17.87
N VAL B 39 41.18 5.53 17.33
CA VAL B 39 41.50 5.90 15.96
C VAL B 39 42.92 6.46 15.87
N VAL B 40 43.34 7.23 16.88
CA VAL B 40 44.65 7.87 16.85
C VAL B 40 45.72 7.05 17.58
N LYS B 41 45.36 5.91 18.16
CA LYS B 41 46.37 5.08 18.83
C LYS B 41 47.27 4.40 17.83
N SER B 42 46.71 3.89 16.73
CA SER B 42 47.51 3.21 15.71
C SER B 42 48.31 4.16 14.84
N SER B 43 48.01 5.46 14.88
CA SER B 43 48.71 6.45 14.07
C SER B 43 49.83 7.15 14.84
N LEU B 44 50.08 6.78 16.08
CA LEU B 44 51.06 7.46 16.91
C LEU B 44 52.42 6.77 16.80
N GLY B 45 53.47 7.55 16.62
CA GLY B 45 54.82 7.05 16.62
C GLY B 45 55.31 6.67 15.23
N PRO B 46 56.64 6.64 15.06
CA PRO B 46 57.20 6.25 13.76
C PRO B 46 56.75 4.87 13.29
N VAL B 47 56.47 3.96 14.23
CA VAL B 47 55.93 2.65 13.87
C VAL B 47 54.42 2.67 13.68
N GLY B 48 53.77 3.83 13.89
CA GLY B 48 52.34 3.91 13.71
C GLY B 48 51.93 3.97 12.26
N LEU B 49 50.65 3.72 12.02
CA LEU B 49 50.08 3.68 10.69
C LEU B 49 48.80 4.53 10.65
N ASP B 50 48.66 5.33 9.60
CA ASP B 50 47.53 6.22 9.48
C ASP B 50 46.30 5.47 8.96
N LYS B 51 45.20 6.21 8.81
CA LYS B 51 43.94 5.63 8.37
C LYS B 51 43.39 6.40 7.18
N MET B 52 42.43 5.80 6.50
CA MET B 52 41.82 6.37 5.31
C MET B 52 40.34 6.63 5.57
N LEU B 53 39.84 7.74 5.02
CA LEU B 53 38.45 8.15 5.21
C LEU B 53 37.85 8.48 3.85
N VAL B 54 36.73 7.85 3.53
CA VAL B 54 36.04 8.06 2.25
C VAL B 54 35.05 9.20 2.40
N ASP B 55 35.02 10.08 1.39
CA ASP B 55 34.16 11.26 1.40
C ASP B 55 32.80 11.01 0.77
N ASP B 56 32.49 9.77 0.39
CA ASP B 56 31.26 9.29 -0.21
C ASP B 56 31.17 9.69 -1.69
N ILE B 57 31.99 10.64 -2.16
CA ILE B 57 32.02 10.99 -3.58
C ILE B 57 33.07 10.20 -4.34
N GLY B 58 33.77 9.27 -3.69
CA GLY B 58 34.85 8.53 -4.29
C GLY B 58 36.24 9.02 -3.90
N ASP B 59 36.35 10.28 -3.48
CA ASP B 59 37.61 10.81 -3.01
C ASP B 59 37.86 10.39 -1.57
N PHE B 60 39.13 10.22 -1.22
CA PHE B 60 39.54 9.86 0.12
C PHE B 60 40.62 10.81 0.61
N THR B 61 41.05 10.63 1.86
CA THR B 61 42.10 11.44 2.45
C THR B 61 43.03 10.54 3.25
N VAL B 62 44.32 10.61 2.96
CA VAL B 62 45.34 9.85 3.67
C VAL B 62 46.22 10.85 4.40
N THR B 63 46.14 10.87 5.73
CA THR B 63 46.96 11.75 6.54
C THR B 63 47.21 11.10 7.89
N ASN B 64 48.41 11.33 8.43
CA ASN B 64 48.77 10.84 9.75
C ASN B 64 48.39 11.80 10.87
N ASP B 65 48.05 13.05 10.52
CA ASP B 65 47.73 14.04 11.54
C ASP B 65 46.40 13.70 12.20
N GLY B 66 46.39 13.66 13.54
CA GLY B 66 45.17 13.39 14.27
C GLY B 66 44.16 14.51 14.20
N ALA B 67 44.60 15.74 13.90
CA ALA B 67 43.67 16.86 13.80
C ALA B 67 42.78 16.73 12.58
N THR B 68 43.36 16.41 11.43
CA THR B 68 42.57 16.26 10.21
C THR B 68 41.64 15.05 10.31
N ILE B 69 42.10 13.97 10.95
CA ILE B 69 41.26 12.79 11.09
C ILE B 69 40.03 13.10 11.95
N LEU B 70 40.25 13.77 13.08
CA LEU B 70 39.13 14.13 13.94
C LEU B 70 38.28 15.24 13.33
N SER B 71 38.87 16.10 12.51
CA SER B 71 38.10 17.15 11.86
C SER B 71 37.13 16.57 10.85
N LEU B 72 37.53 15.51 10.15
CA LEU B 72 36.65 14.84 9.21
C LEU B 72 35.58 14.00 9.89
N LEU B 73 35.70 13.74 11.19
CA LEU B 73 34.72 12.97 11.94
C LEU B 73 33.80 13.95 12.66
N ASP B 74 32.52 13.95 12.29
CA ASP B 74 31.52 14.78 12.94
C ASP B 74 30.86 13.96 14.03
N VAL B 75 31.10 14.33 15.28
CA VAL B 75 30.64 13.57 16.43
C VAL B 75 29.31 14.15 16.91
N GLN B 76 28.28 13.31 16.94
CA GLN B 76 26.98 13.74 17.45
C GLN B 76 26.92 13.72 18.98
N HIS B 77 27.85 13.05 19.64
CA HIS B 77 27.87 13.02 21.09
C HIS B 77 28.35 14.36 21.63
N PRO B 78 27.65 14.96 22.59
CA PRO B 78 28.03 16.30 23.06
C PRO B 78 29.43 16.36 23.65
N ALA B 79 29.81 15.40 24.49
CA ALA B 79 31.14 15.41 25.08
C ALA B 79 32.21 14.99 24.08
N GLY B 80 31.83 14.32 22.98
CA GLY B 80 32.80 13.93 21.98
C GLY B 80 33.34 15.08 21.16
N LYS B 81 32.60 16.19 21.08
CA LYS B 81 33.07 17.35 20.34
C LYS B 81 34.23 18.05 21.03
N ILE B 82 34.44 17.80 22.32
CA ILE B 82 35.52 18.45 23.04
C ILE B 82 36.87 17.94 22.56
N LEU B 83 37.01 16.62 22.42
CA LEU B 83 38.25 16.05 21.93
C LEU B 83 38.48 16.37 20.46
N VAL B 84 37.40 16.54 19.69
CA VAL B 84 37.53 16.91 18.28
C VAL B 84 38.07 18.34 18.16
N GLU B 85 37.49 19.27 18.93
CA GLU B 85 37.98 20.64 18.93
C GLU B 85 39.29 20.78 19.69
N LEU B 86 39.68 19.78 20.48
CA LEU B 86 40.96 19.83 21.16
C LEU B 86 42.11 19.66 20.17
N ALA B 87 41.92 18.81 19.16
CA ALA B 87 42.95 18.62 18.15
C ALA B 87 43.07 19.85 17.26
N GLN B 88 41.94 20.48 16.93
CA GLN B 88 41.99 21.71 16.14
C GLN B 88 42.61 22.85 16.92
N GLN B 89 42.52 22.81 18.25
CA GLN B 89 43.19 23.80 19.09
C GLN B 89 44.67 23.50 19.24
N GLN B 90 45.05 22.22 19.19
CA GLN B 90 46.44 21.85 19.42
C GLN B 90 47.33 22.27 18.27
N ASP B 91 46.95 21.93 17.03
CA ASP B 91 47.77 22.27 15.88
C ASP B 91 47.72 23.75 15.54
N ARG B 92 46.67 24.45 15.96
CA ARG B 92 46.57 25.88 15.67
C ARG B 92 47.53 26.68 16.53
N GLU B 93 47.68 26.30 17.80
CA GLU B 93 48.54 27.05 18.73
C GLU B 93 49.98 26.55 18.64
N ILE B 94 50.25 25.35 19.17
CA ILE B 94 51.60 24.83 19.19
C ILE B 94 51.99 24.26 17.82
N GLY B 95 51.11 23.46 17.23
CA GLY B 95 51.40 22.81 15.97
C GLY B 95 51.95 21.41 16.09
N ASP B 96 52.15 20.90 17.29
CA ASP B 96 52.67 19.56 17.51
C ASP B 96 51.90 18.93 18.66
N GLY B 97 52.19 17.66 18.95
CA GLY B 97 51.51 16.96 20.03
C GLY B 97 50.01 16.81 19.82
N THR B 98 49.56 16.74 18.58
CA THR B 98 48.13 16.63 18.32
C THR B 98 47.60 15.25 18.66
N THR B 99 48.32 14.20 18.21
CA THR B 99 47.89 12.84 18.52
C THR B 99 48.07 12.52 20.01
N SER B 100 49.10 13.10 20.64
CA SER B 100 49.37 12.78 22.03
C SER B 100 48.32 13.37 22.97
N VAL B 101 47.92 14.62 22.72
CA VAL B 101 46.98 15.28 23.63
C VAL B 101 45.62 14.58 23.60
N VAL B 102 45.28 13.93 22.48
CA VAL B 102 44.02 13.20 22.42
C VAL B 102 44.13 11.89 23.20
N ILE B 103 45.29 11.25 23.16
CA ILE B 103 45.48 9.98 23.87
C ILE B 103 45.68 10.23 25.36
N ILE B 104 46.39 11.31 25.72
CA ILE B 104 46.58 11.65 27.13
C ILE B 104 45.25 11.97 27.78
N ALA B 105 44.46 12.85 27.14
CA ALA B 105 43.15 13.21 27.68
C ALA B 105 42.18 12.03 27.70
N SER B 106 42.40 11.03 26.86
CA SER B 106 41.53 9.86 26.87
C SER B 106 41.81 8.98 28.08
N GLU B 107 43.08 8.79 28.42
CA GLU B 107 43.42 7.98 29.59
C GLU B 107 43.06 8.70 30.88
N LEU B 108 43.10 10.03 30.89
CA LEU B 108 42.68 10.79 32.06
C LEU B 108 41.20 10.56 32.36
N LEU B 109 40.39 10.43 31.32
CA LEU B 109 38.96 10.17 31.52
C LEU B 109 38.69 8.73 31.90
N LYS B 110 39.49 7.79 31.38
CA LYS B 110 39.26 6.38 31.69
C LYS B 110 39.62 6.06 33.14
N ARG B 111 40.73 6.63 33.63
CA ARG B 111 41.15 6.36 35.00
C ARG B 111 40.30 7.13 36.01
N ALA B 112 39.92 8.36 35.68
CA ALA B 112 39.10 9.15 36.61
C ALA B 112 37.72 8.56 36.76
N ASN B 113 37.14 8.03 35.68
CA ASN B 113 35.83 7.40 35.76
C ASN B 113 35.87 6.17 36.66
N GLU B 114 36.98 5.43 36.64
CA GLU B 114 37.13 4.30 37.55
C GLU B 114 37.31 4.78 38.99
N LEU B 115 37.81 6.01 39.17
CA LEU B 115 37.94 6.55 40.52
C LEU B 115 36.61 7.08 41.05
N VAL B 116 35.73 7.57 40.18
CA VAL B 116 34.43 8.04 40.63
C VAL B 116 33.63 6.89 41.24
N LYS B 117 33.75 5.69 40.65
CA LYS B 117 33.11 4.53 41.23
C LYS B 117 33.77 4.10 42.54
N ASN B 118 35.00 4.55 42.79
CA ASN B 118 35.68 4.31 44.06
C ASN B 118 35.13 5.15 45.20
N LYS B 119 34.19 6.05 44.90
CA LYS B 119 33.45 6.94 45.82
C LYS B 119 34.21 8.22 46.14
N ILE B 120 35.45 8.38 45.68
CA ILE B 120 36.13 9.65 45.83
C ILE B 120 35.46 10.69 44.95
N HIS B 121 35.33 11.91 45.45
CA HIS B 121 34.55 12.92 44.77
C HIS B 121 35.33 13.46 43.56
N PRO B 122 34.64 13.78 42.45
CA PRO B 122 35.37 14.27 41.26
C PRO B 122 36.18 15.53 41.51
N THR B 123 35.68 16.45 42.33
CA THR B 123 36.45 17.66 42.63
C THR B 123 37.75 17.31 43.35
N THR B 124 37.71 16.30 44.21
CA THR B 124 38.95 15.80 44.81
C THR B 124 39.85 15.16 43.76
N ILE B 125 39.25 14.47 42.79
CA ILE B 125 40.01 13.92 41.68
C ILE B 125 40.60 15.04 40.83
N ILE B 126 39.82 16.10 40.58
CA ILE B 126 40.32 17.24 39.82
C ILE B 126 41.40 17.98 40.60
N THR B 127 41.22 18.10 41.91
CA THR B 127 42.24 18.73 42.75
C THR B 127 43.55 17.95 42.68
N GLY B 128 43.47 16.62 42.67
CA GLY B 128 44.67 15.81 42.56
C GLY B 128 45.38 15.97 41.23
N PHE B 129 44.62 16.20 40.15
CA PHE B 129 45.24 16.40 38.84
C PHE B 129 45.91 17.77 38.75
N ARG B 130 45.29 18.79 39.34
CA ARG B 130 45.83 20.14 39.23
C ARG B 130 47.05 20.34 40.12
N VAL B 131 47.06 19.73 41.31
CA VAL B 131 48.23 19.83 42.17
C VAL B 131 49.40 19.04 41.59
N ALA B 132 49.12 17.88 41.01
CA ALA B 132 50.18 17.10 40.37
C ALA B 132 50.69 17.77 39.11
N LEU B 133 49.83 18.51 38.40
CA LEU B 133 50.26 19.20 37.20
C LEU B 133 51.15 20.39 37.53
N ARG B 134 50.88 21.08 38.64
CA ARG B 134 51.70 22.21 39.04
C ARG B 134 53.13 21.78 39.33
N GLU B 135 53.30 20.63 39.98
CA GLU B 135 54.65 20.11 40.24
C GLU B 135 55.26 19.46 39.01
N ALA B 136 54.43 18.94 38.10
CA ALA B 136 54.95 18.34 36.88
C ALA B 136 55.56 19.40 35.97
N ILE B 137 54.98 20.60 35.94
CA ILE B 137 55.54 21.68 35.14
C ILE B 137 56.88 22.12 35.72
N ARG B 138 57.00 22.13 37.05
CA ARG B 138 58.27 22.48 37.67
C ARG B 138 59.36 21.45 37.35
N PHE B 139 58.97 20.19 37.16
CA PHE B 139 59.95 19.17 36.78
C PHE B 139 60.37 19.33 35.33
N ILE B 140 59.47 19.84 34.48
CA ILE B 140 59.83 20.08 33.08
C ILE B 140 60.90 21.16 32.98
N ASN B 141 60.82 22.18 33.84
CA ASN B 141 61.82 23.23 33.86
C ASN B 141 63.17 22.73 34.35
N GLU B 142 63.20 21.66 35.15
CA GLU B 142 64.46 21.12 35.65
C GLU B 142 65.18 20.28 34.59
N VAL B 143 64.42 19.63 33.70
CA VAL B 143 65.02 18.78 32.67
C VAL B 143 65.33 19.53 31.39
N LEU B 144 65.12 20.85 31.36
CA LEU B 144 65.42 21.63 30.17
C LEU B 144 66.89 21.56 29.83
N SER B 145 67.20 21.56 28.54
CA SER B 145 68.57 21.50 28.04
C SER B 145 68.76 22.59 27.00
N THR B 146 69.65 23.54 27.28
CA THR B 146 69.96 24.61 26.35
C THR B 146 71.03 24.14 25.37
N SER B 147 70.82 24.43 24.09
CA SER B 147 71.77 24.00 23.07
C SER B 147 73.11 24.71 23.26
N VAL B 148 74.18 23.91 23.35
CA VAL B 148 75.53 24.42 23.56
C VAL B 148 76.51 23.45 22.92
N ASP B 149 77.62 24.00 22.41
CA ASP B 149 78.68 23.21 21.78
C ASP B 149 78.13 22.39 20.61
N THR B 150 77.24 22.99 19.83
CA THR B 150 76.66 22.35 18.66
C THR B 150 77.24 22.97 17.39
N LEU B 151 77.42 22.14 16.37
CA LEU B 151 78.05 22.55 15.12
C LEU B 151 76.98 22.93 14.12
N GLY B 152 76.92 24.22 13.79
CA GLY B 152 76.02 24.68 12.73
C GLY B 152 74.56 24.54 13.10
N LYS B 153 73.77 24.08 12.12
CA LYS B 153 72.33 23.97 12.26
C LYS B 153 71.89 22.60 12.78
N GLU B 154 72.84 21.75 13.16
CA GLU B 154 72.52 20.39 13.60
C GLU B 154 71.48 20.37 14.71
N THR B 155 71.42 21.44 15.53
CA THR B 155 70.40 21.52 16.56
C THR B 155 69.00 21.53 15.97
N LEU B 156 68.77 22.38 14.96
CA LEU B 156 67.46 22.44 14.34
C LEU B 156 67.22 21.29 13.38
N ILE B 157 68.29 20.71 12.83
CA ILE B 157 68.14 19.59 11.90
C ILE B 157 67.65 18.35 12.65
N ASN B 158 68.21 18.07 13.82
CA ASN B 158 67.81 16.88 14.57
C ASN B 158 66.41 17.03 15.14
N ILE B 159 66.00 18.25 15.50
CA ILE B 159 64.66 18.45 16.04
C ILE B 159 63.61 18.35 14.94
N ALA B 160 63.93 18.84 13.75
CA ALA B 160 62.98 18.78 12.64
C ALA B 160 62.70 17.35 12.20
N LYS B 161 63.68 16.45 12.37
CA LYS B 161 63.48 15.05 11.98
C LYS B 161 62.50 14.34 12.89
N THR B 162 62.26 14.85 14.10
CA THR B 162 61.30 14.21 15.00
C THR B 162 59.88 14.36 14.48
N SER B 163 59.52 15.57 14.04
CA SER B 163 58.17 15.78 13.50
C SER B 163 57.99 15.07 12.17
N MET B 164 59.07 14.90 11.40
CA MET B 164 58.98 14.21 10.13
C MET B 164 58.71 12.72 10.30
N SER B 165 59.07 12.15 11.45
CA SER B 165 58.80 10.75 11.72
C SER B 165 57.29 10.52 11.85
N SER B 166 56.90 9.25 11.70
CA SER B 166 55.51 8.78 11.71
C SER B 166 54.74 9.18 10.47
N LYS B 167 55.34 9.94 9.56
CA LYS B 167 54.69 10.42 8.35
C LYS B 167 55.47 9.95 7.13
N ILE B 168 54.83 10.06 5.97
CA ILE B 168 55.40 9.56 4.72
C ILE B 168 56.77 10.16 4.42
N ILE B 169 57.05 11.36 4.96
CA ILE B 169 58.35 11.99 4.74
C ILE B 169 59.40 11.52 5.73
N GLY B 170 59.06 10.58 6.62
CA GLY B 170 60.03 10.13 7.60
C GLY B 170 61.22 9.41 6.99
N ALA B 171 60.97 8.64 5.92
CA ALA B 171 62.07 7.96 5.25
C ALA B 171 62.97 8.95 4.50
N ASP B 172 62.39 10.03 3.98
CA ASP B 172 63.12 11.07 3.30
C ASP B 172 63.53 12.21 4.22
N SER B 173 63.29 12.07 5.53
CA SER B 173 63.56 13.14 6.48
C SER B 173 65.02 13.60 6.47
N ASP B 174 65.94 12.76 5.99
CA ASP B 174 67.34 13.18 5.91
C ASP B 174 67.52 14.30 4.90
N PHE B 175 66.86 14.20 3.74
CA PHE B 175 66.97 15.24 2.72
C PHE B 175 66.09 16.44 3.05
N PHE B 176 64.90 16.19 3.59
CA PHE B 176 63.96 17.27 3.88
C PHE B 176 64.36 18.09 5.10
N SER B 177 65.34 17.64 5.89
CA SER B 177 65.71 18.37 7.09
C SER B 177 66.34 19.72 6.76
N ASN B 178 67.19 19.77 5.73
CA ASN B 178 67.84 21.02 5.35
C ASN B 178 66.90 21.99 4.66
N MET B 179 65.80 21.48 4.10
CA MET B 179 64.85 22.36 3.41
C MET B 179 63.96 23.11 4.39
N VAL B 180 63.58 22.47 5.49
CA VAL B 180 62.69 23.10 6.45
C VAL B 180 63.44 24.13 7.29
N VAL B 181 64.68 23.82 7.68
CA VAL B 181 65.46 24.75 8.50
C VAL B 181 65.77 26.02 7.72
N ASP B 182 66.18 25.86 6.45
CA ASP B 182 66.50 27.01 5.62
C ASP B 182 65.27 27.79 5.17
N ALA B 183 64.07 27.20 5.29
CA ALA B 183 62.86 27.88 4.86
C ALA B 183 62.41 28.93 5.88
N LEU B 184 62.46 28.60 7.16
CA LEU B 184 62.01 29.53 8.19
C LEU B 184 63.05 30.59 8.52
N LEU B 185 64.33 30.35 8.21
CA LEU B 185 65.36 31.36 8.44
C LEU B 185 65.37 32.43 7.37
N ALA B 186 64.86 32.13 6.17
CA ALA B 186 64.81 33.13 5.11
C ALA B 186 63.66 34.11 5.29
N VAL B 187 62.58 33.68 5.95
CA VAL B 187 61.41 34.52 6.15
C VAL B 187 61.56 35.30 7.45
N LYS B 188 62.74 35.19 8.07
CA LYS B 188 62.99 35.87 9.33
C LYS B 188 62.76 37.37 9.21
N THR B 189 61.95 37.92 10.12
CA THR B 189 61.63 39.34 10.15
C THR B 189 61.83 39.85 11.57
N GLN B 190 61.50 41.13 11.77
CA GLN B 190 61.66 41.79 13.06
C GLN B 190 60.39 42.54 13.41
N ASN B 191 59.95 42.41 14.65
CA ASN B 191 58.75 43.10 15.13
C ASN B 191 58.90 43.30 16.63
N SER B 192 57.92 44.00 17.22
CA SER B 192 57.87 44.27 18.66
C SER B 192 59.17 44.92 19.16
N LYS B 193 59.82 45.69 18.29
CA LYS B 193 61.05 46.41 18.60
C LYS B 193 62.13 45.45 19.10
N GLY B 194 62.59 44.61 18.18
CA GLY B 194 63.69 43.70 18.43
C GLY B 194 63.31 42.25 18.56
N GLU B 195 62.03 41.93 18.72
CA GLU B 195 61.61 40.54 18.86
C GLU B 195 61.56 39.86 17.49
N ILE B 196 62.09 38.64 17.44
CA ILE B 196 62.14 37.87 16.20
C ILE B 196 60.92 36.97 16.12
N LYS B 197 60.18 37.08 15.03
CA LYS B 197 59.00 36.27 14.79
C LYS B 197 59.05 35.72 13.36
N TYR B 198 58.30 34.64 13.14
CA TYR B 198 58.25 34.02 11.84
C TYR B 198 56.81 33.91 11.35
N PRO B 199 56.56 34.15 10.07
CA PRO B 199 55.21 33.95 9.53
C PRO B 199 54.87 32.48 9.37
N VAL B 200 53.57 32.19 9.46
CA VAL B 200 53.05 30.85 9.27
C VAL B 200 52.51 30.75 7.85
N LYS B 201 52.80 29.64 7.18
CA LYS B 201 52.40 29.33 5.80
C LYS B 201 53.13 30.19 4.77
N ALA B 202 54.01 31.11 5.21
CA ALA B 202 54.72 31.97 4.28
C ALA B 202 55.45 31.19 3.20
N VAL B 203 55.91 29.97 3.51
CA VAL B 203 56.57 29.13 2.52
C VAL B 203 55.51 28.50 1.63
N ASN B 204 55.59 28.77 0.32
CA ASN B 204 54.59 28.27 -0.60
C ASN B 204 54.79 26.77 -0.82
N VAL B 205 53.69 26.04 -0.85
CA VAL B 205 53.69 24.59 -1.09
C VAL B 205 53.03 24.34 -2.43
N LEU B 206 53.81 23.92 -3.41
CA LEU B 206 53.32 23.61 -4.74
C LEU B 206 53.28 22.09 -4.93
N LYS B 207 52.23 21.61 -5.57
CA LYS B 207 52.01 20.18 -5.77
C LYS B 207 52.20 19.84 -7.24
N ALA B 208 53.30 19.15 -7.54
CA ALA B 208 53.56 18.60 -8.86
C ALA B 208 54.02 17.17 -8.69
N HIS B 209 53.25 16.22 -9.19
CA HIS B 209 53.54 14.81 -9.01
C HIS B 209 54.42 14.32 -10.15
N GLY B 210 55.60 13.82 -9.82
CA GLY B 210 56.52 13.32 -10.81
C GLY B 210 57.91 13.15 -10.21
N LYS B 211 58.74 12.41 -10.94
CA LYS B 211 60.12 12.11 -10.53
C LYS B 211 60.06 11.43 -9.16
N SER B 212 60.77 11.93 -8.15
CA SER B 212 60.75 11.35 -6.82
C SER B 212 60.68 12.47 -5.79
N ALA B 213 60.38 12.09 -4.54
CA ALA B 213 60.28 13.07 -3.48
C ALA B 213 61.65 13.57 -3.04
N THR B 214 62.69 12.75 -3.21
CA THR B 214 64.03 13.16 -2.82
C THR B 214 64.62 14.19 -3.77
N GLU B 215 64.05 14.36 -4.95
CA GLU B 215 64.53 15.32 -5.94
C GLU B 215 63.84 16.67 -5.83
N SER B 216 62.97 16.85 -4.84
CA SER B 216 62.27 18.13 -4.67
C SER B 216 63.28 19.26 -4.50
N LEU B 217 63.12 20.29 -5.32
CA LEU B 217 64.05 21.42 -5.33
C LEU B 217 63.60 22.49 -4.35
N LEU B 218 64.57 23.09 -3.67
CA LEU B 218 64.32 24.19 -2.75
C LEU B 218 64.68 25.50 -3.46
N VAL B 219 63.67 26.29 -3.75
CA VAL B 219 63.88 27.54 -4.51
C VAL B 219 64.36 28.62 -3.55
N PRO B 220 65.49 29.27 -3.83
CA PRO B 220 65.94 30.38 -2.98
C PRO B 220 65.11 31.63 -3.19
N GLY B 221 63.82 31.55 -2.90
CA GLY B 221 62.91 32.65 -3.12
C GLY B 221 61.48 32.17 -3.17
N TYR B 222 60.57 33.14 -3.26
CA TYR B 222 59.16 32.83 -3.27
C TYR B 222 58.73 32.32 -4.64
N ALA B 223 57.74 31.43 -4.65
CA ALA B 223 57.14 30.90 -5.86
C ALA B 223 55.64 31.09 -5.80
N LEU B 224 55.06 31.61 -6.88
CA LEU B 224 53.64 31.87 -6.97
C LEU B 224 53.00 30.96 -8.01
N ASN B 225 51.84 30.41 -7.67
CA ASN B 225 51.11 29.53 -8.59
C ASN B 225 50.10 30.38 -9.34
N CYS B 226 50.34 30.58 -10.64
CA CYS B 226 49.42 31.30 -11.49
C CYS B 226 49.73 30.96 -12.94
N THR B 227 48.76 31.23 -13.82
CA THR B 227 48.92 31.05 -15.25
C THR B 227 49.07 32.41 -15.92
N VAL B 228 49.92 32.47 -16.95
CA VAL B 228 50.16 33.72 -17.64
C VAL B 228 48.91 34.15 -18.40
N ALA B 229 48.69 35.47 -18.46
CA ALA B 229 47.49 35.98 -19.12
C ALA B 229 47.56 35.76 -20.64
N SER B 230 48.65 36.18 -21.26
CA SER B 230 48.85 36.03 -22.69
C SER B 230 50.04 35.13 -22.95
N GLN B 231 49.86 34.15 -23.84
CA GLN B 231 50.93 33.21 -24.15
C GLN B 231 52.03 33.84 -25.00
N ALA B 232 51.84 35.05 -25.52
CA ALA B 232 52.87 35.74 -26.28
C ALA B 232 53.87 36.47 -25.40
N MET B 233 53.69 36.44 -24.08
CA MET B 233 54.59 37.10 -23.16
C MET B 233 55.80 36.21 -22.87
N PRO B 234 56.97 36.81 -22.64
CA PRO B 234 58.16 36.01 -22.34
C PRO B 234 58.05 35.35 -20.97
N LYS B 235 58.42 34.07 -20.92
CA LYS B 235 58.37 33.30 -19.68
C LYS B 235 59.66 33.39 -18.88
N ARG B 236 60.68 34.07 -19.38
CA ARG B 236 61.95 34.22 -18.69
C ARG B 236 62.43 35.65 -18.85
N ILE B 237 62.84 36.26 -17.75
CA ILE B 237 63.34 37.63 -17.73
C ILE B 237 64.85 37.58 -17.51
N ALA B 238 65.62 38.08 -18.48
CA ALA B 238 67.07 38.08 -18.40
C ALA B 238 67.57 39.39 -17.84
N GLY B 239 68.61 39.33 -17.02
CA GLY B 239 69.19 40.50 -16.42
C GLY B 239 68.76 40.68 -14.98
N GLY B 240 69.61 41.35 -14.21
CA GLY B 240 69.33 41.60 -12.81
C GLY B 240 68.47 42.83 -12.59
N ASN B 241 68.13 43.05 -11.32
CA ASN B 241 67.31 44.19 -10.90
C ASN B 241 65.97 44.21 -11.64
N VAL B 242 65.28 43.07 -11.60
CA VAL B 242 63.98 42.95 -12.25
C VAL B 242 62.93 43.67 -11.40
N LYS B 243 62.16 44.55 -12.03
CA LYS B 243 61.16 45.35 -11.33
C LYS B 243 59.83 44.62 -11.32
N ILE B 244 59.28 44.41 -10.13
CA ILE B 244 57.99 43.75 -9.94
C ILE B 244 56.99 44.77 -9.41
N ALA B 245 55.82 44.84 -10.03
CA ALA B 245 54.77 45.77 -9.66
C ALA B 245 53.61 44.99 -9.05
N CYS B 246 53.40 45.16 -7.75
CA CYS B 246 52.27 44.54 -7.06
C CYS B 246 51.10 45.52 -7.03
N LEU B 247 50.00 45.14 -7.68
CA LEU B 247 48.85 46.04 -7.84
C LEU B 247 47.57 45.29 -7.51
N ASP B 248 46.65 45.98 -6.85
CA ASP B 248 45.30 45.48 -6.62
C ASP B 248 44.31 46.00 -7.65
N LEU B 249 44.76 46.79 -8.62
CA LEU B 249 43.90 47.40 -9.61
C LEU B 249 43.86 46.53 -10.87
N ASN B 250 42.66 46.07 -11.22
CA ASN B 250 42.49 45.33 -12.47
C ASN B 250 42.45 46.29 -13.65
N LEU B 251 42.88 45.79 -14.81
CA LEU B 251 42.81 46.53 -16.05
C LEU B 251 41.73 45.87 -16.91
N GLN B 252 40.58 46.53 -17.02
CA GLN B 252 39.42 45.98 -17.69
C GLN B 252 38.53 47.12 -18.14
N LYS B 253 37.62 46.81 -19.06
CA LYS B 253 36.52 47.72 -19.35
C LYS B 253 35.56 47.71 -18.17
N ALA B 254 35.31 48.89 -17.59
CA ALA B 254 34.57 49.00 -16.35
C ALA B 254 33.36 49.90 -16.52
N ARG B 255 32.28 49.56 -15.81
CA ARG B 255 31.09 50.38 -15.81
C ARG B 255 31.24 51.53 -14.82
N MET B 256 30.68 52.69 -15.16
CA MET B 256 30.69 53.81 -14.26
C MET B 256 29.77 53.54 -13.08
N ALA B 257 29.98 54.30 -12.00
CA ALA B 257 29.26 54.06 -10.74
C ALA B 257 27.75 53.99 -10.97
N MET B 258 27.11 53.05 -10.28
CA MET B 258 25.69 52.77 -10.48
C MET B 258 24.81 53.98 -10.19
N GLY B 259 25.29 54.95 -9.43
CA GLY B 259 24.54 56.15 -9.18
C GLY B 259 24.58 57.18 -10.29
N VAL B 260 25.06 56.80 -11.48
CA VAL B 260 25.21 57.70 -12.61
C VAL B 260 24.38 57.15 -13.76
N GLN B 261 23.59 58.03 -14.38
CA GLN B 261 22.79 57.69 -15.55
C GLN B 261 23.11 58.68 -16.66
N ILE B 262 23.67 58.18 -17.76
CA ILE B 262 24.12 59.03 -18.86
C ILE B 262 22.93 59.34 -19.76
N ASN B 263 22.66 60.64 -19.95
CA ASN B 263 21.63 61.11 -20.87
C ASN B 263 22.24 62.15 -21.79
N ILE B 264 22.24 61.86 -23.09
CA ILE B 264 22.87 62.72 -24.08
C ILE B 264 21.81 63.16 -25.09
N ASP B 265 21.83 64.44 -25.43
CA ASP B 265 20.90 65.00 -26.42
C ASP B 265 21.50 65.06 -27.82
N ASP B 266 22.75 64.66 -28.01
CA ASP B 266 23.38 64.71 -29.31
C ASP B 266 23.97 63.35 -29.67
N PRO B 267 23.81 62.90 -30.92
CA PRO B 267 24.48 61.66 -31.33
C PRO B 267 26.00 61.81 -31.46
N GLU B 268 26.51 63.04 -31.60
CA GLU B 268 27.94 63.23 -31.80
C GLU B 268 28.76 62.90 -30.56
N GLN B 269 28.14 62.85 -29.38
CA GLN B 269 28.86 62.57 -28.15
C GLN B 269 29.06 61.08 -27.89
N LEU B 270 28.48 60.22 -28.72
CA LEU B 270 28.62 58.77 -28.51
C LEU B 270 30.01 58.27 -28.85
N GLU B 271 30.76 58.98 -29.69
CA GLU B 271 32.09 58.53 -30.07
C GLU B 271 33.11 58.81 -28.98
N GLN B 272 33.05 59.99 -28.36
CA GLN B 272 34.04 60.35 -27.35
C GLN B 272 33.76 59.68 -26.00
N ILE B 273 32.49 59.51 -25.64
CA ILE B 273 32.17 58.89 -24.36
C ILE B 273 32.56 57.41 -24.36
N ARG B 274 32.26 56.70 -25.44
CA ARG B 274 32.63 55.29 -25.53
C ARG B 274 34.14 55.12 -25.59
N LYS B 275 34.86 56.05 -26.23
CA LYS B 275 36.31 55.95 -26.29
C LYS B 275 36.95 56.33 -24.96
N ARG B 276 36.34 57.24 -24.20
CA ARG B 276 36.93 57.65 -22.94
C ARG B 276 36.81 56.56 -21.88
N GLU B 277 35.81 55.69 -21.99
CA GLU B 277 35.66 54.59 -21.03
C GLU B 277 36.91 53.71 -21.02
N ALA B 278 37.44 53.40 -22.20
CA ALA B 278 38.70 52.67 -22.28
C ALA B 278 39.91 53.56 -22.10
N GLY B 279 39.75 54.88 -22.29
CA GLY B 279 40.90 55.78 -22.17
C GLY B 279 41.27 56.11 -20.75
N ILE B 280 40.31 56.03 -19.82
CA ILE B 280 40.63 56.29 -18.42
C ILE B 280 41.58 55.24 -17.88
N VAL B 281 41.38 53.98 -18.28
CA VAL B 281 42.27 52.90 -17.85
C VAL B 281 43.66 53.06 -18.47
N LEU B 282 43.74 53.66 -19.65
CA LEU B 282 45.02 53.83 -20.33
C LEU B 282 45.96 54.74 -19.55
N GLU B 283 45.41 55.72 -18.82
CA GLU B 283 46.27 56.64 -18.08
C GLU B 283 46.99 55.94 -16.94
N ARG B 284 46.39 54.90 -16.37
CA ARG B 284 47.03 54.19 -15.27
C ARG B 284 48.11 53.23 -15.77
N VAL B 285 47.86 52.55 -16.89
CA VAL B 285 48.82 51.58 -17.40
C VAL B 285 49.98 52.26 -18.12
N LYS B 286 49.76 53.45 -18.67
CA LYS B 286 50.82 54.12 -19.42
C LYS B 286 51.96 54.57 -18.52
N LYS B 287 51.65 55.12 -17.35
CA LYS B 287 52.68 55.55 -16.42
C LYS B 287 53.44 54.37 -15.83
N ILE B 288 52.84 53.19 -15.77
CA ILE B 288 53.52 52.02 -15.24
C ILE B 288 54.49 51.45 -16.27
N ILE B 289 54.08 51.44 -17.54
CA ILE B 289 54.96 50.91 -18.58
C ILE B 289 56.18 51.81 -18.77
N ASP B 290 55.99 53.12 -18.68
CA ASP B 290 57.09 54.06 -18.85
C ASP B 290 58.12 53.96 -17.73
N ALA B 291 57.75 53.38 -16.58
CA ALA B 291 58.68 53.22 -15.48
C ALA B 291 59.63 52.05 -15.65
N GLY B 292 59.40 51.19 -16.64
CA GLY B 292 60.28 50.06 -16.88
C GLY B 292 60.01 48.83 -16.04
N ALA B 293 58.75 48.64 -15.62
CA ALA B 293 58.41 47.46 -14.83
C ALA B 293 58.39 46.22 -15.72
N GLN B 294 59.18 45.22 -15.34
CA GLN B 294 59.25 44.00 -16.13
C GLN B 294 58.06 43.07 -15.86
N VAL B 295 57.68 42.92 -14.59
CA VAL B 295 56.60 42.05 -14.18
C VAL B 295 55.57 42.87 -13.43
N VAL B 296 54.30 42.71 -13.80
CA VAL B 296 53.20 43.44 -13.19
C VAL B 296 52.25 42.41 -12.58
N LEU B 297 52.16 42.40 -11.25
CA LEU B 297 51.24 41.53 -10.54
C LEU B 297 49.91 42.25 -10.31
N THR B 298 48.81 41.51 -10.48
CA THR B 298 47.48 42.08 -10.34
C THR B 298 46.59 41.11 -9.59
N THR B 299 45.81 41.64 -8.65
CA THR B 299 44.94 40.82 -7.81
C THR B 299 43.71 40.33 -8.56
N LYS B 300 43.24 41.09 -9.56
CA LYS B 300 42.01 40.79 -10.27
C LYS B 300 42.29 40.58 -11.76
N GLY B 301 41.33 39.96 -12.44
CA GLY B 301 41.54 39.62 -13.83
C GLY B 301 41.75 40.85 -14.71
N ILE B 302 42.47 40.65 -15.80
CA ILE B 302 42.79 41.71 -16.75
C ILE B 302 42.27 41.31 -18.12
N ASP B 303 41.43 42.15 -18.71
CA ASP B 303 40.92 41.90 -20.05
C ASP B 303 42.02 42.05 -21.08
N ASP B 304 41.78 41.47 -22.27
CA ASP B 304 42.74 41.52 -23.36
C ASP B 304 42.97 42.93 -23.90
N LEU B 305 42.17 43.91 -23.46
CA LEU B 305 42.33 45.27 -23.95
C LEU B 305 43.69 45.85 -23.54
N CYS B 306 44.05 45.69 -22.27
CA CYS B 306 45.31 46.21 -21.77
C CYS B 306 46.47 45.23 -21.88
N LEU B 307 46.20 43.97 -22.28
CA LEU B 307 47.27 43.00 -22.47
C LEU B 307 48.01 43.20 -23.78
N LYS B 308 47.53 44.08 -24.66
CA LYS B 308 48.24 44.34 -25.91
C LYS B 308 49.50 45.15 -25.66
N GLU B 309 49.42 46.18 -24.82
CA GLU B 309 50.60 47.00 -24.53
C GLU B 309 51.67 46.23 -23.77
N PHE B 310 51.30 45.16 -23.06
CA PHE B 310 52.29 44.36 -22.35
C PHE B 310 53.14 43.54 -23.31
N VAL B 311 52.58 43.16 -24.46
CA VAL B 311 53.34 42.38 -25.43
C VAL B 311 54.32 43.26 -26.19
N GLU B 312 53.89 44.46 -26.58
CA GLU B 312 54.78 45.36 -27.30
C GLU B 312 55.92 45.86 -26.41
N ALA B 313 55.63 46.10 -25.14
CA ALA B 313 56.63 46.54 -24.18
C ALA B 313 57.39 45.39 -23.53
N LYS B 314 57.09 44.16 -23.91
CA LYS B 314 57.75 42.96 -23.35
C LYS B 314 57.56 42.89 -21.83
N ILE B 315 56.35 43.19 -21.38
CA ILE B 315 55.99 43.15 -19.96
C ILE B 315 55.11 41.93 -19.73
N MET B 316 55.42 41.16 -18.69
CA MET B 316 54.70 39.94 -18.37
C MET B 316 53.49 40.27 -17.51
N GLY B 317 52.29 39.90 -18.00
CA GLY B 317 51.08 40.17 -17.28
C GLY B 317 50.67 39.04 -16.36
N VAL B 318 49.91 39.39 -15.31
CA VAL B 318 49.47 38.44 -14.29
C VAL B 318 48.00 38.68 -14.02
N ARG B 319 47.29 37.62 -13.64
CA ARG B 319 45.86 37.66 -13.36
C ARG B 319 45.61 37.14 -11.94
N ARG B 320 44.34 36.89 -11.62
CA ARG B 320 43.88 36.72 -10.25
C ARG B 320 44.75 35.74 -9.47
N CYS B 321 45.17 36.19 -8.28
CA CYS B 321 45.95 35.38 -7.35
C CYS B 321 45.45 35.64 -5.94
N LYS B 322 45.90 34.81 -5.01
CA LYS B 322 45.52 34.97 -3.61
C LYS B 322 46.04 36.31 -3.08
N LYS B 323 45.20 36.98 -2.30
CA LYS B 323 45.57 38.30 -1.78
C LYS B 323 46.71 38.21 -0.79
N GLU B 324 46.73 37.16 0.04
CA GLU B 324 47.80 37.01 1.01
C GLU B 324 49.12 36.62 0.37
N ASP B 325 49.09 36.12 -0.87
CA ASP B 325 50.33 35.74 -1.54
C ASP B 325 51.07 36.95 -2.10
N LEU B 326 50.34 37.97 -2.56
CA LEU B 326 50.97 39.15 -3.13
C LEU B 326 51.58 40.07 -2.08
N ARG B 327 51.22 39.90 -0.80
CA ARG B 327 51.79 40.75 0.24
C ARG B 327 53.26 40.43 0.48
N ARG B 328 53.60 39.14 0.56
CA ARG B 328 54.97 38.74 0.81
C ARG B 328 55.88 38.93 -0.40
N ILE B 329 55.31 39.08 -1.59
CA ILE B 329 56.13 39.36 -2.77
C ILE B 329 56.65 40.80 -2.72
N ALA B 330 55.75 41.74 -2.41
CA ALA B 330 56.15 43.14 -2.35
C ALA B 330 57.11 43.39 -1.19
N ARG B 331 56.90 42.71 -0.05
CA ARG B 331 57.78 42.89 1.09
C ARG B 331 59.17 42.31 0.81
N ALA B 332 59.22 41.19 0.09
CA ALA B 332 60.52 40.57 -0.20
C ALA B 332 61.30 41.36 -1.25
N THR B 333 60.61 41.82 -2.30
CA THR B 333 61.26 42.55 -3.38
C THR B 333 61.38 44.04 -3.10
N GLY B 334 60.72 44.56 -2.07
CA GLY B 334 60.77 45.97 -1.74
C GLY B 334 59.62 46.79 -2.27
N ALA B 335 58.71 46.18 -3.04
CA ALA B 335 57.56 46.91 -3.56
C ALA B 335 56.56 47.22 -2.46
N THR B 336 55.70 48.19 -2.73
CA THR B 336 54.64 48.58 -1.81
C THR B 336 53.30 48.22 -2.43
N LEU B 337 52.52 47.39 -1.72
CA LEU B 337 51.22 46.97 -2.22
C LEU B 337 50.27 48.17 -2.26
N VAL B 338 49.62 48.37 -3.41
CA VAL B 338 48.74 49.50 -3.63
C VAL B 338 47.33 48.97 -3.78
N SER B 339 46.47 49.25 -2.81
CA SER B 339 45.08 48.85 -2.91
C SER B 339 44.33 49.70 -3.93
N SER B 340 44.52 51.01 -3.89
CA SER B 340 43.98 51.92 -4.89
C SER B 340 45.04 52.95 -5.22
N MET B 341 45.21 53.23 -6.51
CA MET B 341 46.28 54.11 -6.97
C MET B 341 45.87 55.56 -6.75
N SER B 342 46.62 56.26 -5.91
CA SER B 342 46.34 57.66 -5.61
C SER B 342 47.60 58.32 -5.07
N ASN B 343 47.60 59.64 -5.09
CA ASN B 343 48.68 60.44 -4.53
C ASN B 343 48.10 61.46 -3.57
N LEU B 344 48.97 62.03 -2.74
CA LEU B 344 48.53 63.09 -1.83
C LEU B 344 47.96 64.27 -2.60
N GLU B 345 48.59 64.62 -3.73
CA GLU B 345 48.06 65.65 -4.60
C GLU B 345 46.86 65.12 -5.38
N GLY B 346 46.04 66.03 -5.88
CA GLY B 346 44.84 65.67 -6.60
C GLY B 346 45.08 65.17 -8.01
N GLU B 347 46.34 64.96 -8.38
CA GLU B 347 46.71 64.48 -9.71
C GLU B 347 47.32 63.10 -9.61
N GLU B 348 46.98 62.24 -10.57
CA GLU B 348 47.50 60.88 -10.58
C GLU B 348 48.98 60.87 -10.95
N THR B 349 49.74 60.02 -10.27
CA THR B 349 51.17 59.88 -10.55
C THR B 349 51.63 58.50 -10.08
N PHE B 350 52.78 58.09 -10.58
CA PHE B 350 53.37 56.80 -10.23
C PHE B 350 54.82 57.03 -9.84
N GLU B 351 55.19 56.51 -8.67
CA GLU B 351 56.55 56.63 -8.15
C GLU B 351 57.31 55.33 -8.33
N SER B 352 58.61 55.44 -8.59
CA SER B 352 59.45 54.27 -8.78
C SER B 352 59.67 53.48 -7.49
N SER B 353 59.33 54.05 -6.33
CA SER B 353 59.48 53.34 -5.08
C SER B 353 58.48 52.21 -4.90
N TYR B 354 57.43 52.17 -5.71
CA TYR B 354 56.43 51.10 -5.63
C TYR B 354 56.84 49.85 -6.40
N LEU B 355 57.99 49.85 -7.06
CA LEU B 355 58.46 48.73 -7.83
C LEU B 355 59.45 47.90 -7.01
N GLY B 356 59.32 46.58 -7.11
CA GLY B 356 60.20 45.68 -6.38
C GLY B 356 61.52 45.46 -7.10
N LEU B 357 62.39 44.71 -6.44
CA LEU B 357 63.71 44.38 -6.98
C LEU B 357 64.04 42.93 -6.67
N CYS B 358 64.58 42.24 -7.66
CA CYS B 358 65.02 40.86 -7.50
C CYS B 358 66.07 40.55 -8.56
N ASP B 359 66.61 39.34 -8.51
CA ASP B 359 67.62 38.94 -9.49
C ASP B 359 66.99 38.59 -10.83
N GLU B 360 65.95 37.75 -10.81
CA GLU B 360 65.28 37.34 -12.04
C GLU B 360 63.88 36.85 -11.70
N VAL B 361 63.02 36.84 -12.72
CA VAL B 361 61.68 36.29 -12.62
C VAL B 361 61.50 35.32 -13.78
N VAL B 362 61.34 34.03 -13.46
CA VAL B 362 61.22 32.98 -14.47
C VAL B 362 59.96 32.17 -14.20
N GLN B 363 59.41 31.59 -15.27
CA GLN B 363 58.25 30.71 -15.19
C GLN B 363 58.70 29.30 -15.58
N ALA B 364 58.71 28.40 -14.62
CA ALA B 364 59.10 27.01 -14.86
C ALA B 364 57.85 26.13 -14.92
N LYS B 365 57.88 25.14 -15.80
CA LYS B 365 56.75 24.22 -16.00
C LYS B 365 57.07 22.91 -15.30
N PHE B 366 56.35 22.63 -14.22
CA PHE B 366 56.46 21.35 -13.51
C PHE B 366 55.31 20.47 -13.95
N SER B 367 55.64 19.38 -14.64
CA SER B 367 54.66 18.46 -15.26
C SER B 367 53.84 19.31 -16.23
N ASP B 368 52.51 19.31 -16.14
CA ASP B 368 51.68 20.14 -16.99
C ASP B 368 51.30 21.46 -16.34
N ASP B 369 51.76 21.72 -15.13
CA ASP B 369 51.46 22.95 -14.41
C ASP B 369 52.61 23.93 -14.57
N GLU B 370 52.28 25.22 -14.71
CA GLU B 370 53.25 26.28 -14.89
C GLU B 370 53.17 27.24 -13.71
N CYS B 371 54.32 27.51 -13.10
CA CYS B 371 54.40 28.41 -11.96
C CYS B 371 55.58 29.35 -12.16
N ILE B 372 55.51 30.51 -11.48
CA ILE B 372 56.54 31.53 -11.56
C ILE B 372 57.51 31.35 -10.39
N LEU B 373 58.80 31.33 -10.70
CA LEU B 373 59.85 31.21 -9.70
C LEU B 373 60.58 32.54 -9.58
N ILE B 374 60.46 33.18 -8.43
CA ILE B 374 61.12 34.45 -8.15
C ILE B 374 62.29 34.16 -7.22
N LYS B 375 63.51 34.34 -7.73
CA LYS B 375 64.72 34.05 -6.99
C LYS B 375 65.53 35.32 -6.77
N GLY B 376 66.32 35.32 -5.70
CA GLY B 376 67.21 36.43 -5.41
C GLY B 376 66.50 37.73 -5.09
N THR B 377 65.61 37.70 -4.10
CA THR B 377 64.92 38.91 -3.68
C THR B 377 65.89 39.90 -3.04
N SER B 378 65.51 41.17 -3.06
CA SER B 378 66.41 42.25 -2.61
C SER B 378 66.17 42.61 -1.15
N LYS B 379 65.00 43.17 -0.85
CA LYS B 379 64.73 43.70 0.49
C LYS B 379 64.78 42.59 1.54
N HIS B 380 63.95 41.56 1.37
CA HIS B 380 63.89 40.45 2.31
C HIS B 380 63.94 39.13 1.55
N SER B 381 64.63 38.15 2.11
CA SER B 381 64.72 36.84 1.50
C SER B 381 63.40 36.08 1.69
N SER B 382 63.20 35.08 0.84
CA SER B 382 62.02 34.23 0.92
C SER B 382 62.41 32.82 0.49
N SER B 383 61.44 31.91 0.53
CA SER B 383 61.69 30.52 0.16
C SER B 383 60.37 29.87 -0.23
N SER B 384 60.50 28.75 -0.95
CA SER B 384 59.34 27.96 -1.37
C SER B 384 59.77 26.52 -1.52
N ILE B 385 58.81 25.61 -1.35
CA ILE B 385 59.05 24.17 -1.44
C ILE B 385 58.03 23.57 -2.39
N ILE B 386 58.51 22.89 -3.42
CA ILE B 386 57.67 22.19 -4.38
C ILE B 386 57.72 20.71 -4.05
N LEU B 387 56.61 20.16 -3.57
CA LEU B 387 56.54 18.77 -3.17
C LEU B 387 56.23 17.89 -4.37
N ARG B 388 56.94 16.77 -4.48
CA ARG B 388 56.77 15.82 -5.56
C ARG B 388 56.46 14.44 -4.99
N GLY B 389 55.53 13.74 -5.62
CA GLY B 389 55.11 12.43 -5.16
C GLY B 389 54.56 11.61 -6.30
N ALA B 390 54.10 10.41 -5.98
CA ALA B 390 53.55 9.51 -6.99
C ALA B 390 52.15 9.96 -7.44
N ASN B 391 51.32 10.36 -6.50
CA ASN B 391 49.96 10.79 -6.79
C ASN B 391 49.62 12.02 -5.96
N ASP B 392 48.51 12.67 -6.33
CA ASP B 392 48.08 13.87 -5.62
C ASP B 392 47.65 13.59 -4.18
N TYR B 393 47.24 12.36 -3.87
CA TYR B 393 46.86 12.04 -2.50
C TYR B 393 48.07 11.98 -1.58
N SER B 394 49.23 11.57 -2.10
CA SER B 394 50.45 11.62 -1.30
C SER B 394 50.91 13.05 -1.10
N LEU B 395 50.68 13.92 -2.09
CA LEU B 395 51.05 15.32 -1.94
C LEU B 395 50.17 16.02 -0.91
N ASP B 396 48.92 15.59 -0.76
CA ASP B 396 48.06 16.14 0.28
C ASP B 396 48.56 15.78 1.67
N GLU B 397 49.16 14.60 1.82
CA GLU B 397 49.74 14.20 3.10
C GLU B 397 51.06 14.91 3.34
N MET B 398 51.85 15.14 2.29
CA MET B 398 53.14 15.79 2.46
C MET B 398 52.98 17.27 2.81
N GLU B 399 51.85 17.88 2.43
CA GLU B 399 51.60 19.27 2.82
C GLU B 399 51.40 19.37 4.32
N ARG B 400 50.52 18.55 4.88
CA ARG B 400 50.34 18.53 6.34
C ARG B 400 51.59 18.00 7.03
N SER B 401 52.37 17.15 6.35
CA SER B 401 53.63 16.70 6.91
C SER B 401 54.65 17.83 6.94
N LEU B 402 54.65 18.69 5.92
CA LEU B 402 55.54 19.83 5.88
C LEU B 402 55.06 20.95 6.78
N HIS B 403 53.74 21.15 6.88
CA HIS B 403 53.21 22.22 7.72
C HIS B 403 53.45 21.94 9.19
N ASP B 404 53.39 20.67 9.60
CA ASP B 404 53.67 20.32 10.98
C ASP B 404 55.15 20.46 11.32
N SER B 405 56.03 20.25 10.34
CA SER B 405 57.46 20.41 10.58
C SER B 405 57.83 21.89 10.71
N LEU B 406 57.08 22.77 10.06
CA LEU B 406 57.36 24.20 10.18
C LEU B 406 56.95 24.74 11.54
N SER B 407 55.94 24.15 12.16
CA SER B 407 55.48 24.61 13.47
C SER B 407 56.41 24.16 14.59
N VAL B 408 57.06 23.00 14.43
CA VAL B 408 57.98 22.53 15.46
C VAL B 408 59.25 23.34 15.46
N VAL B 409 59.79 23.64 14.26
CA VAL B 409 61.00 24.46 14.18
C VAL B 409 60.71 25.90 14.58
N LYS B 410 59.48 26.37 14.32
CA LYS B 410 59.11 27.73 14.72
C LYS B 410 59.18 27.89 16.23
N ARG B 411 58.64 26.93 16.98
CA ARG B 411 58.70 26.98 18.43
C ARG B 411 60.07 26.65 18.98
N THR B 412 60.98 26.15 18.15
CA THR B 412 62.33 25.82 18.62
C THR B 412 63.18 27.07 18.79
N LEU B 413 63.14 27.99 17.82
CA LEU B 413 63.93 29.20 17.90
C LEU B 413 63.33 30.25 18.82
N GLU B 414 62.08 30.08 19.25
CA GLU B 414 61.48 31.03 20.19
C GLU B 414 61.97 30.76 21.62
N SER B 415 62.19 29.50 21.97
CA SER B 415 62.69 29.12 23.28
C SER B 415 63.85 28.16 23.09
N GLY B 416 65.04 28.56 23.52
CA GLY B 416 66.23 27.73 23.32
C GLY B 416 66.23 26.44 24.10
N ASN B 417 65.42 26.34 25.14
CA ASN B 417 65.37 25.13 25.96
C ASN B 417 64.54 24.07 25.26
N VAL B 418 65.08 22.85 25.19
CA VAL B 418 64.40 21.72 24.56
C VAL B 418 64.45 20.53 25.51
N VAL B 419 63.56 19.58 25.27
CA VAL B 419 63.47 18.37 26.10
C VAL B 419 63.59 17.15 25.19
N PRO B 420 64.14 16.04 25.68
CA PRO B 420 64.23 14.84 24.84
C PRO B 420 62.86 14.19 24.64
N GLY B 421 62.64 13.69 23.42
CA GLY B 421 61.40 13.04 23.08
C GLY B 421 61.50 11.53 23.12
N GLY B 422 60.50 10.88 22.52
CA GLY B 422 60.45 9.43 22.49
C GLY B 422 60.06 8.80 23.81
N GLY B 423 59.02 9.35 24.44
CA GLY B 423 58.53 8.79 25.68
C GLY B 423 59.44 8.98 26.87
N CYS B 424 60.42 9.88 26.77
CA CYS B 424 61.33 10.11 27.90
C CYS B 424 60.69 10.99 28.97
N VAL B 425 59.93 12.01 28.55
CA VAL B 425 59.30 12.90 29.51
C VAL B 425 58.13 12.20 30.21
N GLU B 426 57.33 11.44 29.45
CA GLU B 426 56.21 10.72 30.04
C GLU B 426 56.69 9.67 31.03
N ALA B 427 57.85 9.07 30.80
CA ALA B 427 58.41 8.13 31.75
C ALA B 427 59.06 8.82 32.94
N ALA B 428 59.56 10.04 32.74
CA ALA B 428 60.17 10.79 33.83
C ALA B 428 59.12 11.41 34.74
N LEU B 429 58.00 11.85 34.18
CA LEU B 429 56.91 12.41 34.98
C LEU B 429 56.20 11.35 35.80
N ASN B 430 56.34 10.07 35.44
CA ASN B 430 55.68 9.01 36.20
C ASN B 430 56.33 8.84 37.57
N ILE B 431 57.65 8.66 37.61
CA ILE B 431 58.32 8.41 38.87
C ILE B 431 58.34 9.67 39.74
N TYR B 432 58.46 10.85 39.11
CA TYR B 432 58.46 12.09 39.86
C TYR B 432 57.16 12.28 40.62
N LEU B 433 56.04 11.83 40.05
CA LEU B 433 54.74 11.92 40.72
C LEU B 433 54.47 10.71 41.62
N ASP B 434 55.27 9.65 41.51
CA ASP B 434 55.11 8.51 42.42
C ASP B 434 55.61 8.86 43.82
N ASN B 435 56.81 9.45 43.90
CA ASN B 435 57.29 9.94 45.19
C ASN B 435 56.48 11.13 45.67
N PHE B 436 55.89 11.88 44.75
CA PHE B 436 54.99 12.96 45.12
C PHE B 436 53.71 12.40 45.72
N ALA B 437 53.02 13.26 46.50
CA ALA B 437 51.77 12.93 47.16
C ALA B 437 51.95 11.92 48.29
N THR B 438 53.17 11.40 48.44
CA THR B 438 53.45 10.52 49.57
C THR B 438 53.53 11.31 50.87
N THR B 439 53.93 12.57 50.80
CA THR B 439 53.98 13.42 52.00
C THR B 439 52.58 13.86 52.41
N VAL B 440 51.78 14.32 51.45
CA VAL B 440 50.41 14.72 51.75
C VAL B 440 49.55 13.51 52.07
N GLY B 441 49.54 12.53 51.16
CA GLY B 441 48.79 11.31 51.42
C GLY B 441 47.30 11.56 51.55
N SER B 442 46.71 11.00 52.59
CA SER B 442 45.28 11.12 52.90
C SER B 442 44.49 10.62 51.69
N ARG B 443 43.40 11.29 51.30
CA ARG B 443 42.57 10.83 50.20
C ARG B 443 43.15 11.20 48.85
N GLU B 444 43.82 12.35 48.76
CA GLU B 444 44.31 12.84 47.47
C GLU B 444 45.46 12.03 46.91
N GLN B 445 46.03 11.09 47.69
CA GLN B 445 47.15 10.29 47.19
C GLN B 445 46.70 9.34 46.08
N LEU B 446 45.46 8.85 46.13
CA LEU B 446 44.99 7.92 45.12
C LEU B 446 44.74 8.61 43.79
N ALA B 447 44.18 9.82 43.82
CA ALA B 447 43.90 10.54 42.58
C ALA B 447 45.19 10.99 41.89
N ILE B 448 46.23 11.31 42.67
CA ILE B 448 47.50 11.74 42.07
C ILE B 448 48.27 10.54 41.54
N ALA B 449 48.19 9.40 42.22
CA ALA B 449 48.88 8.20 41.75
C ALA B 449 48.33 7.72 40.42
N GLU B 450 47.03 7.91 40.18
CA GLU B 450 46.46 7.53 38.90
C GLU B 450 46.83 8.51 37.80
N PHE B 451 47.10 9.77 38.15
CA PHE B 451 47.52 10.74 37.16
C PHE B 451 48.93 10.44 36.65
N ALA B 452 49.77 9.85 37.50
CA ALA B 452 51.12 9.47 37.06
C ALA B 452 51.06 8.30 36.08
N ALA B 453 50.24 7.29 36.38
CA ALA B 453 50.09 6.16 35.48
C ALA B 453 49.31 6.51 34.23
N ALA B 454 48.58 7.64 34.24
CA ALA B 454 47.83 8.05 33.06
C ALA B 454 48.77 8.52 31.95
N LEU B 455 49.92 9.09 32.29
CA LEU B 455 50.90 9.50 31.29
C LEU B 455 51.65 8.32 30.68
N LEU B 456 51.51 7.12 31.25
CA LEU B 456 52.17 5.94 30.70
C LEU B 456 51.51 5.40 29.45
N ILE B 457 50.36 5.97 29.04
CA ILE B 457 49.69 5.46 27.85
C ILE B 457 50.47 5.81 26.59
N ILE B 458 51.21 6.92 26.60
CA ILE B 458 51.99 7.34 25.44
C ILE B 458 53.15 6.38 25.19
N PRO B 459 54.02 6.08 26.17
CA PRO B 459 55.12 5.15 25.86
C PRO B 459 54.66 3.72 25.62
N LYS B 460 53.53 3.30 26.21
CA LYS B 460 53.04 1.94 25.98
C LYS B 460 52.39 1.79 24.62
N THR B 461 51.72 2.82 24.12
CA THR B 461 51.10 2.75 22.80
C THR B 461 52.16 2.67 21.70
N LEU B 462 53.31 3.30 21.91
CA LEU B 462 54.36 3.30 20.88
C LEU B 462 54.90 1.88 20.66
N ALA B 463 55.01 1.10 21.73
CA ALA B 463 55.53 -0.25 21.61
C ALA B 463 54.53 -1.25 21.03
N VAL B 464 53.23 -0.93 21.09
CA VAL B 464 52.23 -1.84 20.54
C VAL B 464 52.23 -1.79 19.01
N ASN B 465 52.35 -0.59 18.44
CA ASN B 465 52.35 -0.44 16.99
C ASN B 465 53.62 -0.96 16.34
N ALA B 466 54.65 -1.30 17.12
CA ALA B 466 55.89 -1.81 16.58
C ALA B 466 55.94 -3.33 16.53
N ALA B 467 54.86 -4.01 16.93
CA ALA B 467 54.79 -5.47 16.95
C ALA B 467 55.90 -6.08 17.81
N LYS B 468 56.30 -5.38 18.86
CA LYS B 468 57.34 -5.81 19.78
C LYS B 468 56.74 -6.05 21.16
N ASP B 469 57.60 -6.37 22.11
CA ASP B 469 57.19 -6.61 23.49
C ASP B 469 57.20 -5.29 24.24
N SER B 470 56.03 -4.86 24.72
CA SER B 470 55.93 -3.59 25.43
C SER B 470 56.40 -3.73 26.88
N SER B 471 56.07 -4.85 27.53
CA SER B 471 56.44 -5.03 28.93
C SER B 471 57.95 -5.05 29.11
N GLU B 472 58.70 -5.42 28.07
CA GLU B 472 60.16 -5.41 28.18
C GLU B 472 60.70 -3.98 28.13
N LEU B 473 60.11 -3.13 27.29
CA LEU B 473 60.58 -1.75 27.18
C LEU B 473 60.07 -0.88 28.33
N VAL B 474 58.83 -1.11 28.77
CA VAL B 474 58.26 -0.30 29.85
C VAL B 474 58.97 -0.60 31.17
N ALA B 475 59.30 -1.87 31.41
CA ALA B 475 60.02 -2.22 32.63
C ALA B 475 61.41 -1.58 32.67
N LYS B 476 62.03 -1.37 31.50
CA LYS B 476 63.31 -0.71 31.47
C LYS B 476 63.18 0.79 31.71
N LEU B 477 62.16 1.41 31.13
CA LEU B 477 61.93 2.85 31.35
C LEU B 477 61.68 3.14 32.82
N ARG B 478 61.05 2.21 33.54
CA ARG B 478 60.87 2.37 34.98
C ARG B 478 62.13 2.05 35.77
N SER B 479 63.03 1.25 35.20
CA SER B 479 64.24 0.86 35.93
C SER B 479 65.28 1.98 35.95
N TYR B 480 65.52 2.62 34.80
CA TYR B 480 66.55 3.66 34.74
C TYR B 480 66.08 4.96 35.37
N HIS B 481 64.79 5.27 35.27
CA HIS B 481 64.30 6.56 35.74
C HIS B 481 64.11 6.58 37.25
N ALA B 482 63.67 5.47 37.84
CA ALA B 482 63.27 5.48 39.25
C ALA B 482 64.47 5.64 40.18
N ALA B 483 65.53 4.86 39.94
CA ALA B 483 66.66 4.85 40.88
C ALA B 483 67.46 6.14 40.86
N SER B 484 67.35 6.93 39.80
CA SER B 484 68.17 8.13 39.63
C SER B 484 67.49 9.41 40.10
N GLN B 485 66.26 9.33 40.61
CA GLN B 485 65.56 10.54 41.02
C GLN B 485 66.09 11.14 42.31
N MET B 486 66.73 10.33 43.17
CA MET B 486 67.23 10.78 44.45
C MET B 486 68.67 11.27 44.40
N ALA B 487 69.26 11.35 43.21
CA ALA B 487 70.69 11.64 43.08
C ALA B 487 71.04 13.03 43.61
N LYS B 488 72.24 13.13 44.20
CA LYS B 488 72.85 14.33 44.74
C LYS B 488 73.84 14.91 43.75
N PRO B 489 73.79 16.22 43.44
CA PRO B 489 74.56 16.73 42.28
C PRO B 489 76.05 16.80 42.49
N GLU B 490 76.66 15.70 42.96
CA GLU B 490 78.10 15.50 42.85
C GLU B 490 78.38 14.00 43.01
N ASP B 491 79.56 13.59 42.54
CA ASP B 491 80.08 12.23 42.31
C ASP B 491 79.65 11.71 40.94
N VAL B 492 78.90 12.50 40.18
CA VAL B 492 78.41 12.22 38.82
C VAL B 492 77.75 10.85 38.75
N LYS B 493 77.97 10.12 37.65
CA LYS B 493 77.20 8.93 37.33
C LYS B 493 75.71 9.27 37.42
N ARG B 494 74.90 8.37 37.98
CA ARG B 494 73.55 8.72 38.41
C ARG B 494 72.71 9.30 37.27
N ARG B 495 72.39 10.59 37.39
CA ARG B 495 71.47 11.28 36.48
C ARG B 495 71.90 11.21 35.02
N SER B 496 73.10 10.73 34.72
CA SER B 496 73.48 10.45 33.34
C SER B 496 72.52 9.46 32.68
N TYR B 497 71.83 8.64 33.47
CA TYR B 497 70.75 7.78 32.99
C TYR B 497 69.47 8.62 32.89
N ARG B 498 68.33 7.94 32.76
CA ARG B 498 66.97 8.49 32.90
C ARG B 498 66.65 9.55 31.86
N ASN B 499 67.65 9.97 31.08
CA ASN B 499 67.46 11.00 30.07
C ASN B 499 67.15 10.43 28.70
N TYR B 500 67.04 9.11 28.57
CA TYR B 500 66.87 8.48 27.28
C TYR B 500 66.12 7.16 27.44
N GLY B 501 65.57 6.69 26.34
CA GLY B 501 64.93 5.38 26.32
C GLY B 501 63.87 5.33 25.24
N LEU B 502 63.30 4.13 25.08
CA LEU B 502 62.18 3.87 24.18
C LEU B 502 62.53 4.25 22.73
N ASP B 503 63.40 3.43 22.15
CA ASP B 503 63.73 3.51 20.73
C ASP B 503 62.93 2.43 20.00
N LEU B 504 62.01 2.84 19.15
CA LEU B 504 61.09 1.90 18.52
C LEU B 504 61.74 1.14 17.36
N ILE B 505 62.74 1.73 16.71
CA ILE B 505 63.33 1.10 15.52
C ILE B 505 64.12 -0.14 15.92
N ARG B 506 65.08 0.02 16.83
CA ARG B 506 65.93 -1.09 17.26
C ARG B 506 65.40 -1.83 18.48
N GLY B 507 64.35 -1.32 19.13
CA GLY B 507 63.80 -1.99 20.30
C GLY B 507 64.73 -2.03 21.49
N LYS B 508 65.71 -1.13 21.55
CA LYS B 508 66.68 -1.08 22.63
C LYS B 508 66.68 0.31 23.24
N ILE B 509 67.27 0.42 24.43
CA ILE B 509 67.37 1.69 25.13
C ILE B 509 68.67 2.36 24.73
N VAL B 510 68.56 3.48 24.01
CA VAL B 510 69.72 4.20 23.50
C VAL B 510 69.56 5.68 23.85
N ASP B 511 70.69 6.39 23.80
CA ASP B 511 70.69 7.80 24.16
C ASP B 511 69.99 8.62 23.08
N GLU B 512 69.03 9.46 23.50
CA GLU B 512 68.32 10.32 22.56
C GLU B 512 69.18 11.46 22.05
N ILE B 513 70.23 11.84 22.79
CA ILE B 513 71.11 12.91 22.33
C ILE B 513 71.92 12.46 21.12
N HIS B 514 72.50 11.26 21.20
CA HIS B 514 73.23 10.73 20.05
C HIS B 514 72.29 10.31 18.93
N ALA B 515 71.05 9.94 19.27
CA ALA B 515 70.08 9.56 18.25
C ALA B 515 69.60 10.78 17.48
N GLY B 516 69.37 11.90 18.17
CA GLY B 516 68.94 13.13 17.55
C GLY B 516 67.48 13.47 17.75
N VAL B 517 66.69 12.58 18.34
CA VAL B 517 65.27 12.83 18.54
C VAL B 517 65.10 13.79 19.70
N LEU B 518 64.47 14.93 19.43
CA LEU B 518 64.23 15.97 20.44
C LEU B 518 62.88 16.61 20.17
N GLU B 519 62.35 17.26 21.21
CA GLU B 519 61.07 17.95 21.11
C GLU B 519 61.17 19.30 21.82
N PRO B 520 60.56 20.35 21.27
CA PRO B 520 60.57 21.64 21.95
C PRO B 520 59.79 21.58 23.27
N THR B 521 60.23 22.41 24.21
CA THR B 521 59.54 22.48 25.50
C THR B 521 58.16 23.12 25.40
N ILE B 522 57.90 23.86 24.32
CA ILE B 522 56.58 24.47 24.15
C ILE B 522 55.54 23.41 23.82
N SER B 523 55.93 22.37 23.09
CA SER B 523 54.98 21.31 22.74
C SER B 523 54.55 20.51 23.96
N LYS B 524 55.44 20.34 24.94
CA LYS B 524 55.09 19.60 26.15
C LYS B 524 54.13 20.40 27.02
N VAL B 525 54.47 21.67 27.29
CA VAL B 525 53.57 22.52 28.06
C VAL B 525 52.34 22.86 27.21
N LYS B 526 51.26 23.25 27.90
CA LYS B 526 49.99 23.63 27.29
C LYS B 526 49.30 22.43 26.65
N SER B 527 50.01 21.31 26.51
CA SER B 527 49.37 20.07 26.05
C SER B 527 48.64 19.39 27.20
N LEU B 528 49.25 19.36 28.39
CA LEU B 528 48.57 18.81 29.56
C LEU B 528 47.54 19.78 30.12
N LYS B 529 47.76 21.09 29.95
CA LYS B 529 46.77 22.06 30.39
C LYS B 529 45.50 21.96 29.55
N SER B 530 45.65 21.84 28.23
CA SER B 530 44.47 21.67 27.38
C SER B 530 43.82 20.31 27.58
N ALA B 531 44.63 19.27 27.85
CA ALA B 531 44.05 17.97 28.14
C ALA B 531 43.37 17.93 29.51
N LEU B 532 43.84 18.76 30.44
CA LEU B 532 43.18 18.83 31.75
C LEU B 532 41.81 19.48 31.64
N GLU B 533 41.72 20.62 30.94
CA GLU B 533 40.43 21.28 30.77
C GLU B 533 39.44 20.41 30.02
N ALA B 534 39.92 19.58 29.09
CA ALA B 534 39.04 18.63 28.43
C ALA B 534 38.63 17.50 29.37
N CYS B 535 39.49 17.15 30.33
CA CYS B 535 39.15 16.12 31.30
C CYS B 535 38.25 16.66 32.40
N VAL B 536 38.50 17.91 32.84
CA VAL B 536 37.68 18.49 33.90
C VAL B 536 36.26 18.75 33.42
N ALA B 537 36.13 19.25 32.18
CA ALA B 537 34.80 19.58 31.67
C ALA B 537 33.93 18.35 31.53
N ILE B 538 34.51 17.23 31.11
CA ILE B 538 33.73 16.01 30.92
C ILE B 538 33.47 15.32 32.25
N LEU B 539 34.44 15.34 33.16
CA LEU B 539 34.29 14.65 34.44
C LEU B 539 33.21 15.30 35.31
N ARG B 540 33.07 16.63 35.23
CA ARG B 540 32.12 17.34 36.07
C ARG B 540 30.67 17.12 35.66
N ILE B 541 30.42 16.44 34.55
CA ILE B 541 29.07 16.32 34.01
C ILE B 541 28.41 15.08 34.61
N ASP B 542 27.43 15.29 35.47
CA ASP B 542 26.66 14.17 36.03
C ASP B 542 25.56 13.72 35.10
N THR B 543 24.84 14.67 34.50
CA THR B 543 23.63 14.39 33.73
C THR B 543 23.70 15.07 32.38
N MET B 544 23.36 14.33 31.32
CA MET B 544 23.26 14.86 29.97
C MET B 544 21.79 15.01 29.60
N ILE B 545 21.43 16.18 29.07
CA ILE B 545 20.06 16.50 28.70
C ILE B 545 20.03 16.81 27.21
N THR B 546 19.23 16.05 26.47
CA THR B 546 19.10 16.20 25.03
C THR B 546 17.69 16.68 24.69
N VAL B 547 17.62 17.73 23.88
CA VAL B 547 16.35 18.31 23.43
C VAL B 547 16.14 17.96 21.97
N ASP B 548 14.96 17.46 21.64
CA ASP B 548 14.67 17.09 20.27
C ASP B 548 14.60 18.34 19.39
N PRO B 549 15.11 18.27 18.16
CA PRO B 549 15.08 19.45 17.29
C PRO B 549 13.69 19.76 16.81
N GLU B 550 13.45 21.05 16.54
CA GLU B 550 12.14 21.51 16.07
C GLU B 550 12.08 21.50 14.55
N VAL C 3 2.25 8.37 37.39
CA VAL C 3 2.41 6.93 37.23
C VAL C 3 1.06 6.27 36.99
N GLN C 4 0.95 5.55 35.88
CA GLN C 4 -0.27 4.82 35.53
C GLN C 4 -0.03 3.34 35.85
N ILE C 5 -0.66 2.87 36.93
CA ILE C 5 -0.50 1.48 37.34
C ILE C 5 -1.45 0.57 36.57
N PHE C 6 -2.66 1.06 36.27
CA PHE C 6 -3.69 0.21 35.70
C PHE C 6 -3.30 -0.34 34.33
N GLY C 7 -3.02 0.54 33.39
CA GLY C 7 -2.56 0.12 32.09
C GLY C 7 -3.06 1.07 31.01
N ASP C 8 -2.96 0.60 29.77
CA ASP C 8 -3.40 1.36 28.61
C ASP C 8 -4.89 1.09 28.35
N GLN C 9 -5.59 2.14 27.91
CA GLN C 9 -7.03 2.05 27.59
C GLN C 9 -7.84 1.62 28.81
N VAL C 10 -7.56 2.27 29.94
CA VAL C 10 -8.29 2.03 31.18
C VAL C 10 -8.96 3.33 31.58
N THR C 11 -10.29 3.37 31.54
CA THR C 11 -11.04 4.55 31.88
C THR C 11 -11.42 4.52 33.35
N GLU C 12 -11.05 5.58 34.07
CA GLU C 12 -11.35 5.67 35.50
C GLU C 12 -11.76 7.10 35.84
N GLU C 13 -12.75 7.21 36.73
CA GLU C 13 -13.25 8.50 37.20
C GLU C 13 -13.22 8.50 38.72
N ARG C 14 -12.89 9.64 39.31
CA ARG C 14 -12.72 9.75 40.75
C ARG C 14 -13.50 10.95 41.29
N ALA C 15 -14.05 10.77 42.49
CA ALA C 15 -14.69 11.85 43.27
C ALA C 15 -15.85 12.43 42.46
N GLU C 16 -15.86 13.74 42.18
CA GLU C 16 -17.00 14.34 41.48
C GLU C 16 -17.09 13.83 40.05
N ASN C 17 -16.01 13.27 39.51
CA ASN C 17 -16.08 12.64 38.20
C ASN C 17 -16.68 11.25 38.29
N ALA C 18 -16.35 10.51 39.35
CA ALA C 18 -16.91 9.17 39.52
C ALA C 18 -18.42 9.22 39.71
N ARG C 19 -18.89 9.96 40.70
CA ARG C 19 -20.31 10.28 40.85
C ARG C 19 -20.66 11.29 39.76
N LEU C 20 -21.96 11.46 39.51
CA LEU C 20 -22.51 12.23 38.39
C LEU C 20 -22.38 11.43 37.10
N SER C 21 -21.55 10.39 37.12
CA SER C 21 -21.65 9.36 36.08
C SER C 21 -22.77 8.39 36.42
N ALA C 22 -23.02 8.17 37.72
CA ALA C 22 -24.13 7.34 38.14
C ALA C 22 -25.44 8.11 38.09
N PHE C 23 -25.39 9.42 38.33
CA PHE C 23 -26.62 10.22 38.33
C PHE C 23 -27.13 10.43 36.91
N VAL C 24 -26.24 10.77 35.97
CA VAL C 24 -26.65 10.92 34.57
C VAL C 24 -27.11 9.58 34.03
N GLY C 25 -26.49 8.49 34.49
CA GLY C 25 -26.92 7.17 34.05
C GLY C 25 -28.34 6.84 34.47
N ALA C 26 -28.71 7.21 35.70
CA ALA C 26 -30.07 6.97 36.16
C ALA C 26 -31.07 7.89 35.47
N ILE C 27 -30.64 9.10 35.11
CA ILE C 27 -31.53 10.01 34.40
C ILE C 27 -31.79 9.51 32.98
N ALA C 28 -30.74 9.06 32.29
CA ALA C 28 -30.92 8.53 30.95
C ALA C 28 -31.77 7.27 30.94
N VAL C 29 -31.58 6.41 31.95
CA VAL C 29 -32.40 5.20 32.05
C VAL C 29 -33.81 5.54 32.52
N GLY C 30 -33.94 6.47 33.46
CA GLY C 30 -35.25 6.83 33.97
C GLY C 30 -36.12 7.53 32.96
N ASP C 31 -35.52 8.31 32.05
CA ASP C 31 -36.30 9.02 31.06
C ASP C 31 -36.85 8.10 29.98
N LEU C 32 -36.21 6.95 29.77
CA LEU C 32 -36.71 6.00 28.77
C LEU C 32 -38.03 5.39 29.21
N VAL C 33 -38.13 5.00 30.49
CA VAL C 33 -39.36 4.41 31.01
C VAL C 33 -40.29 5.44 31.64
N LYS C 34 -39.92 6.72 31.60
CA LYS C 34 -40.78 7.75 32.18
C LYS C 34 -42.06 7.91 31.37
N SER C 35 -41.97 7.81 30.05
CA SER C 35 -43.14 7.95 29.19
C SER C 35 -44.02 6.71 29.17
N THR C 36 -43.55 5.60 29.74
CA THR C 36 -44.32 4.36 29.77
C THR C 36 -45.10 4.18 31.06
N LEU C 37 -45.03 5.14 31.98
CA LEU C 37 -45.68 5.02 33.28
C LEU C 37 -47.11 5.53 33.20
N GLY C 38 -48.06 4.69 33.61
CA GLY C 38 -49.45 5.07 33.67
C GLY C 38 -50.28 4.46 32.55
N PRO C 39 -51.60 4.54 32.68
CA PRO C 39 -52.47 4.02 31.61
C PRO C 39 -52.41 4.81 30.33
N LYS C 40 -52.04 6.09 30.40
CA LYS C 40 -51.89 6.92 29.20
C LYS C 40 -50.48 6.88 28.63
N GLY C 41 -49.60 6.05 29.19
CA GLY C 41 -48.24 5.99 28.72
C GLY C 41 -48.14 5.51 27.28
N MET C 42 -47.00 5.82 26.67
CA MET C 42 -46.74 5.50 25.28
C MET C 42 -45.81 4.29 25.18
N ASP C 43 -46.11 3.41 24.24
CA ASP C 43 -45.29 2.22 24.03
C ASP C 43 -43.99 2.60 23.32
N LYS C 44 -42.94 1.83 23.60
CA LYS C 44 -41.62 2.05 23.01
C LYS C 44 -41.29 0.90 22.08
N LEU C 45 -40.79 1.23 20.89
CA LEU C 45 -40.39 0.24 19.90
C LEU C 45 -38.88 0.02 19.99
N LEU C 46 -38.48 -1.25 20.01
CA LEU C 46 -37.08 -1.63 20.11
C LEU C 46 -36.68 -2.38 18.85
N GLN C 47 -35.70 -1.84 18.13
CA GLN C 47 -35.19 -2.45 16.90
C GLN C 47 -33.82 -3.04 17.17
N SER C 48 -33.66 -4.33 16.87
CA SER C 48 -32.39 -5.01 17.07
C SER C 48 -31.40 -4.61 15.99
N ALA C 49 -30.12 -4.62 16.34
CA ALA C 49 -29.07 -4.31 15.39
C ALA C 49 -28.85 -5.43 14.38
N SER C 50 -29.35 -6.62 14.66
CA SER C 50 -29.20 -7.76 13.76
C SER C 50 -30.56 -8.43 13.57
N SER C 51 -30.67 -9.17 12.46
CA SER C 51 -31.86 -9.96 12.12
C SER C 51 -33.08 -9.09 11.81
N ASN C 52 -32.97 -7.79 12.05
CA ASN C 52 -34.04 -6.83 11.77
C ASN C 52 -35.34 -7.23 12.47
N THR C 53 -35.25 -7.45 13.77
CA THR C 53 -36.39 -7.84 14.59
C THR C 53 -36.83 -6.66 15.46
N CYS C 54 -38.11 -6.32 15.38
CA CYS C 54 -38.68 -5.23 16.15
C CYS C 54 -39.64 -5.77 17.21
N MET C 55 -39.69 -5.08 18.34
CA MET C 55 -40.54 -5.50 19.45
C MET C 55 -41.20 -4.27 20.06
N VAL C 56 -42.52 -4.33 20.22
CA VAL C 56 -43.31 -3.28 20.86
C VAL C 56 -43.66 -3.77 22.26
N THR C 57 -43.14 -3.08 23.28
CA THR C 57 -43.38 -3.48 24.66
C THR C 57 -43.52 -2.26 25.55
N ASN C 58 -44.46 -2.34 26.49
CA ASN C 58 -44.67 -1.30 27.49
C ASN C 58 -43.97 -1.60 28.80
N ASP C 59 -43.33 -2.76 28.93
CA ASP C 59 -42.69 -3.15 30.18
C ASP C 59 -41.32 -2.50 30.29
N GLY C 60 -41.06 -1.89 31.45
CA GLY C 60 -39.76 -1.26 31.68
C GLY C 60 -38.63 -2.24 31.83
N ALA C 61 -38.93 -3.49 32.21
CA ALA C 61 -37.88 -4.49 32.35
C ALA C 61 -37.41 -5.02 31.00
N THR C 62 -38.33 -5.28 30.08
CA THR C 62 -37.97 -5.79 28.76
C THR C 62 -37.29 -4.72 27.91
N ILE C 63 -37.52 -3.45 28.20
CA ILE C 63 -36.85 -2.39 27.44
C ILE C 63 -35.39 -2.29 27.84
N LEU C 64 -35.09 -2.41 29.13
CA LEU C 64 -33.72 -2.24 29.59
C LEU C 64 -32.86 -3.45 29.26
N LYS C 65 -33.46 -4.63 29.11
CA LYS C 65 -32.70 -5.83 28.78
C LYS C 65 -32.27 -5.83 27.32
N SER C 66 -33.10 -5.29 26.42
CA SER C 66 -32.78 -5.30 25.00
C SER C 66 -31.77 -4.21 24.64
N ILE C 67 -31.92 -3.02 25.21
CA ILE C 67 -31.05 -1.90 24.90
C ILE C 67 -29.68 -2.13 25.53
N PRO C 68 -28.61 -2.17 24.74
CA PRO C 68 -27.27 -2.33 25.32
C PRO C 68 -26.86 -1.07 26.08
N LEU C 69 -26.30 -1.27 27.28
CA LEU C 69 -25.88 -0.16 28.13
C LEU C 69 -24.50 -0.49 28.69
N ASP C 70 -23.52 0.36 28.38
CA ASP C 70 -22.16 0.19 28.89
C ASP C 70 -21.91 0.95 30.17
N ASN C 71 -22.89 1.72 30.66
CA ASN C 71 -22.73 2.45 31.90
C ASN C 71 -22.89 1.49 33.08
N PRO C 72 -21.89 1.38 33.96
CA PRO C 72 -22.05 0.48 35.12
C PRO C 72 -23.23 0.81 36.00
N ALA C 73 -23.59 2.09 36.12
CA ALA C 73 -24.74 2.46 36.92
C ALA C 73 -26.05 2.18 36.21
N ALA C 74 -26.03 2.13 34.87
CA ALA C 74 -27.24 1.79 34.13
C ALA C 74 -27.66 0.36 34.38
N LYS C 75 -26.70 -0.55 34.48
CA LYS C 75 -27.01 -1.95 34.78
C LYS C 75 -27.58 -2.14 36.17
N VAL C 76 -27.35 -1.17 37.07
CA VAL C 76 -27.96 -1.24 38.40
C VAL C 76 -29.48 -1.11 38.28
N LEU C 77 -29.95 -0.19 37.45
CA LEU C 77 -31.38 -0.04 37.22
C LEU C 77 -31.95 -1.12 36.32
N VAL C 78 -31.10 -1.80 35.55
CA VAL C 78 -31.57 -2.91 34.72
C VAL C 78 -31.78 -4.15 35.57
N ASN C 79 -30.89 -4.41 36.53
CA ASN C 79 -31.01 -5.61 37.35
C ASN C 79 -32.21 -5.52 38.29
N ILE C 80 -32.45 -4.35 38.87
CA ILE C 80 -33.61 -4.20 39.76
C ILE C 80 -34.91 -4.33 38.98
N SER C 81 -34.89 -3.99 37.69
CA SER C 81 -36.06 -4.21 36.84
C SER C 81 -36.28 -5.70 36.58
N LYS C 82 -35.19 -6.47 36.52
CA LYS C 82 -35.33 -7.92 36.36
C LYS C 82 -35.75 -8.58 37.66
N VAL C 83 -35.18 -8.13 38.79
CA VAL C 83 -35.57 -8.70 40.09
C VAL C 83 -37.04 -8.39 40.38
N GLN C 84 -37.47 -7.16 40.09
CA GLN C 84 -38.88 -6.83 40.23
C GLN C 84 -39.74 -7.65 39.29
N ASP C 85 -39.21 -7.99 38.11
CA ASP C 85 -39.94 -8.85 37.19
C ASP C 85 -39.91 -10.30 37.62
N ASP C 86 -38.82 -10.72 38.28
CA ASP C 86 -38.71 -12.12 38.70
C ASP C 86 -39.61 -12.41 39.90
N GLU C 87 -39.57 -11.55 40.91
CA GLU C 87 -40.32 -11.80 42.13
C GLU C 87 -41.80 -11.50 41.97
N VAL C 88 -42.13 -10.46 41.19
CA VAL C 88 -43.52 -10.06 41.02
C VAL C 88 -43.89 -10.15 39.54
N GLY C 89 -43.25 -9.33 38.71
CA GLY C 89 -43.55 -9.26 37.29
C GLY C 89 -44.24 -7.98 36.88
N ASP C 90 -44.76 -7.20 37.83
CA ASP C 90 -45.39 -5.93 37.55
C ASP C 90 -44.71 -4.84 38.37
N GLY C 91 -44.81 -3.60 37.88
CA GLY C 91 -44.18 -2.48 38.55
C GLY C 91 -42.72 -2.29 38.24
N THR C 92 -42.19 -2.98 37.23
CA THR C 92 -40.78 -2.82 36.88
C THR C 92 -40.48 -1.41 36.38
N THR C 93 -41.47 -0.76 35.76
CA THR C 93 -41.27 0.62 35.33
C THR C 93 -41.25 1.58 36.51
N SER C 94 -42.13 1.36 37.50
CA SER C 94 -42.17 2.23 38.66
C SER C 94 -40.92 2.11 39.51
N VAL C 95 -40.29 0.94 39.54
CA VAL C 95 -39.06 0.77 40.31
C VAL C 95 -37.92 1.55 39.68
N THR C 96 -37.81 1.49 38.34
CA THR C 96 -36.75 2.21 37.66
C THR C 96 -36.92 3.72 37.80
N VAL C 97 -38.17 4.19 37.77
CA VAL C 97 -38.42 5.63 37.90
C VAL C 97 -38.18 6.08 39.34
N LEU C 98 -38.73 5.34 40.31
CA LEU C 98 -38.60 5.74 41.71
C LEU C 98 -37.14 5.68 42.16
N SER C 99 -36.39 4.68 41.71
CA SER C 99 -34.98 4.60 42.06
C SER C 99 -34.18 5.73 41.40
N ALA C 100 -34.65 6.22 40.24
CA ALA C 100 -33.96 7.32 39.59
C ALA C 100 -34.32 8.66 40.25
N GLU C 101 -35.55 8.80 40.73
CA GLU C 101 -35.94 10.04 41.39
C GLU C 101 -35.26 10.21 42.74
N LEU C 102 -34.88 9.10 43.39
CA LEU C 102 -34.12 9.19 44.63
C LEU C 102 -32.75 9.81 44.40
N LEU C 103 -32.14 9.50 43.25
CA LEU C 103 -30.84 10.09 42.91
C LEU C 103 -30.97 11.51 42.41
N ARG C 104 -32.06 11.84 41.72
CA ARG C 104 -32.27 13.20 41.27
C ARG C 104 -32.46 14.15 42.46
N GLU C 105 -33.16 13.70 43.49
CA GLU C 105 -33.30 14.51 44.70
C GLU C 105 -32.00 14.56 45.49
N ALA C 106 -31.29 13.42 45.56
CA ALA C 106 -30.02 13.39 46.27
C ALA C 106 -28.91 14.13 45.52
N GLU C 107 -29.09 14.37 44.21
CA GLU C 107 -28.11 15.13 43.46
C GLU C 107 -28.05 16.58 43.93
N LYS C 108 -29.21 17.17 44.26
CA LYS C 108 -29.25 18.52 44.78
C LYS C 108 -28.94 18.58 46.27
N LEU C 109 -29.06 17.46 46.98
CA LEU C 109 -28.71 17.44 48.40
C LEU C 109 -27.21 17.62 48.60
N ILE C 110 -26.41 16.88 47.84
CA ILE C 110 -24.96 17.04 47.94
C ILE C 110 -24.52 18.36 47.33
N ASP C 111 -25.26 18.87 46.35
CA ASP C 111 -24.85 20.10 45.66
C ASP C 111 -25.29 21.33 46.43
N GLN C 112 -26.60 21.53 46.56
CA GLN C 112 -27.11 22.76 47.17
C GLN C 112 -26.87 22.77 48.68
N SER C 113 -27.25 21.70 49.37
CA SER C 113 -27.19 21.65 50.82
C SER C 113 -25.87 21.13 51.36
N LYS C 114 -25.01 20.58 50.52
CA LYS C 114 -23.69 20.07 50.91
C LYS C 114 -23.83 19.04 52.04
N ILE C 115 -24.41 17.89 51.68
CA ILE C 115 -24.61 16.78 52.61
C ILE C 115 -23.77 15.61 52.16
N HIS C 116 -23.12 14.95 53.11
CA HIS C 116 -22.30 13.78 52.80
C HIS C 116 -23.19 12.66 52.27
N PRO C 117 -22.70 11.89 51.29
CA PRO C 117 -23.55 10.83 50.71
C PRO C 117 -24.01 9.79 51.72
N GLN C 118 -23.15 9.41 52.66
CA GLN C 118 -23.55 8.44 53.68
C GLN C 118 -24.62 9.00 54.60
N THR C 119 -24.62 10.32 54.83
CA THR C 119 -25.66 10.93 55.63
C THR C 119 -27.02 10.81 54.95
N ILE C 120 -27.05 10.93 53.61
CA ILE C 120 -28.30 10.76 52.87
C ILE C 120 -28.80 9.33 53.01
N ILE C 121 -27.89 8.35 53.08
CA ILE C 121 -28.30 6.96 53.25
C ILE C 121 -29.02 6.77 54.57
N GLU C 122 -28.52 7.41 55.63
CA GLU C 122 -29.20 7.35 56.92
C GLU C 122 -30.56 8.02 56.89
N GLY C 123 -30.79 8.95 55.96
CA GLY C 123 -32.09 9.57 55.84
C GLY C 123 -33.12 8.65 55.21
N TYR C 124 -32.69 7.84 54.23
CA TYR C 124 -33.62 6.90 53.61
C TYR C 124 -33.95 5.74 54.52
N ARG C 125 -33.04 5.37 55.43
CA ARG C 125 -33.30 4.27 56.34
C ARG C 125 -34.43 4.61 57.32
N LEU C 126 -34.44 5.84 57.83
CA LEU C 126 -35.52 6.25 58.72
C LEU C 126 -36.79 6.60 57.96
N ALA C 127 -36.66 7.02 56.70
CA ALA C 127 -37.83 7.36 55.90
C ALA C 127 -38.54 6.12 55.37
N SER C 128 -37.77 5.11 54.93
CA SER C 128 -38.38 3.89 54.42
C SER C 128 -39.01 3.08 55.54
N ALA C 129 -38.49 3.19 56.77
CA ALA C 129 -39.09 2.47 57.89
C ALA C 129 -40.47 3.02 58.22
N ALA C 130 -40.64 4.34 58.15
CA ALA C 130 -41.93 4.95 58.40
C ALA C 130 -42.88 4.82 57.21
N ALA C 131 -42.35 4.67 55.99
CA ALA C 131 -43.21 4.53 54.82
C ALA C 131 -43.83 3.13 54.76
N LEU C 132 -43.08 2.10 55.15
CA LEU C 132 -43.63 0.75 55.14
C LEU C 132 -44.65 0.54 56.25
N ASP C 133 -44.50 1.26 57.36
CA ASP C 133 -45.46 1.14 58.45
C ASP C 133 -46.79 1.79 58.09
N ALA C 134 -46.74 2.93 57.39
CA ALA C 134 -47.97 3.59 56.96
C ALA C 134 -48.65 2.83 55.84
N LEU C 135 -47.88 2.15 54.99
CA LEU C 135 -48.47 1.36 53.92
C LEU C 135 -49.08 0.07 54.44
N THR C 136 -48.49 -0.51 55.48
CA THR C 136 -49.03 -1.75 56.04
C THR C 136 -50.36 -1.49 56.75
N LYS C 137 -50.45 -0.40 57.51
CA LYS C 137 -51.69 -0.07 58.20
C LYS C 137 -52.82 0.30 57.24
N ALA C 138 -52.49 0.77 56.04
CA ALA C 138 -53.49 1.12 55.05
C ALA C 138 -54.01 -0.09 54.29
N ALA C 139 -53.42 -1.26 54.47
CA ALA C 139 -53.86 -2.46 53.77
C ALA C 139 -55.16 -2.99 54.37
N VAL C 140 -55.92 -3.69 53.54
CA VAL C 140 -57.20 -4.26 53.93
C VAL C 140 -57.10 -5.77 53.78
N ASP C 141 -57.57 -6.50 54.80
CA ASP C 141 -57.52 -7.95 54.76
C ASP C 141 -58.47 -8.50 53.69
N ASN C 142 -58.05 -9.59 53.05
CA ASN C 142 -58.81 -10.20 51.96
C ASN C 142 -58.82 -11.70 52.17
N SER C 143 -59.66 -12.38 51.39
CA SER C 143 -59.91 -13.81 51.32
C SER C 143 -60.79 -14.30 52.47
N HIS C 144 -61.17 -13.44 53.42
CA HIS C 144 -62.10 -13.85 54.46
C HIS C 144 -63.48 -14.14 53.89
N ASP C 145 -63.82 -13.52 52.75
CA ASP C 145 -65.08 -13.76 52.05
C ASP C 145 -64.76 -14.10 50.61
N LYS C 146 -65.33 -15.22 50.12
CA LYS C 146 -65.08 -15.64 48.74
C LYS C 146 -65.67 -14.66 47.73
N THR C 147 -66.69 -13.90 48.11
CA THR C 147 -67.27 -12.91 47.19
C THR C 147 -66.35 -11.69 47.05
N MET C 148 -65.84 -11.18 48.17
CA MET C 148 -64.95 -10.03 48.11
C MET C 148 -63.58 -10.41 47.56
N PHE C 149 -63.17 -11.66 47.74
CA PHE C 149 -61.87 -12.10 47.21
C PHE C 149 -61.89 -12.14 45.68
N ARG C 150 -63.01 -12.55 45.09
CA ARG C 150 -63.09 -12.60 43.64
C ARG C 150 -63.24 -11.21 43.03
N GLU C 151 -63.95 -10.32 43.73
CA GLU C 151 -64.12 -8.97 43.21
C GLU C 151 -62.82 -8.17 43.26
N ASP C 152 -62.00 -8.39 44.29
CA ASP C 152 -60.72 -7.68 44.38
C ASP C 152 -59.77 -8.11 43.28
N LEU C 153 -59.84 -9.36 42.82
CA LEU C 153 -59.00 -9.80 41.73
C LEU C 153 -59.39 -9.15 40.41
N ILE C 154 -60.66 -8.79 40.25
CA ILE C 154 -61.09 -8.11 39.03
C ILE C 154 -60.55 -6.69 39.01
N HIS C 155 -60.51 -6.03 40.16
CA HIS C 155 -59.98 -4.67 40.21
C HIS C 155 -58.48 -4.63 39.98
N ILE C 156 -57.77 -5.69 40.34
CA ILE C 156 -56.33 -5.72 40.13
C ILE C 156 -56.01 -5.88 38.64
N ALA C 157 -56.77 -6.73 37.94
CA ALA C 157 -56.53 -6.94 36.52
C ALA C 157 -56.81 -5.68 35.70
N LYS C 158 -57.79 -4.87 36.12
CA LYS C 158 -58.09 -3.65 35.39
C LYS C 158 -57.00 -2.60 35.59
N THR C 159 -56.31 -2.63 36.74
CA THR C 159 -55.26 -1.65 36.99
C THR C 159 -53.98 -2.01 36.24
N THR C 160 -53.61 -3.29 36.22
CA THR C 160 -52.39 -3.70 35.54
C THR C 160 -52.53 -3.55 34.03
N LEU C 161 -53.66 -3.97 33.46
CA LEU C 161 -53.87 -3.87 32.02
C LEU C 161 -54.16 -2.45 31.56
N SER C 162 -54.30 -1.50 32.48
CA SER C 162 -54.59 -0.13 32.08
C SER C 162 -53.43 0.48 31.30
N SER C 163 -52.20 0.16 31.69
CA SER C 163 -51.03 0.64 30.96
C SER C 163 -50.77 -0.15 29.68
N LYS C 164 -51.22 -1.39 29.62
CA LYS C 164 -51.02 -2.23 28.45
C LYS C 164 -51.93 -1.79 27.30
N ILE C 165 -51.57 -2.22 26.09
CA ILE C 165 -52.37 -1.95 24.90
C ILE C 165 -53.75 -2.59 25.03
N LEU C 166 -53.93 -3.51 25.98
CA LEU C 166 -55.21 -4.15 26.27
C LEU C 166 -56.19 -3.21 26.97
N SER C 167 -55.77 -1.98 27.30
CA SER C 167 -56.58 -1.09 28.12
C SER C 167 -57.97 -0.84 27.55
N GLN C 168 -58.13 -0.92 26.23
CA GLN C 168 -59.45 -0.73 25.65
C GLN C 168 -60.35 -1.92 25.94
N ASP C 169 -59.84 -3.13 25.76
CA ASP C 169 -60.62 -4.35 25.96
C ASP C 169 -60.45 -4.97 27.34
N LYS C 170 -59.72 -4.30 28.26
CA LYS C 170 -59.45 -4.87 29.56
C LYS C 170 -60.71 -5.09 30.38
N ASP C 171 -61.82 -4.42 30.03
CA ASP C 171 -63.07 -4.65 30.76
C ASP C 171 -63.54 -6.10 30.60
N HIS C 172 -63.46 -6.63 29.38
CA HIS C 172 -63.78 -8.03 29.14
C HIS C 172 -62.65 -8.96 29.57
N PHE C 173 -61.42 -8.47 29.62
CA PHE C 173 -60.27 -9.29 30.00
C PHE C 173 -60.12 -9.44 31.51
N ALA C 174 -60.84 -8.63 32.30
CA ALA C 174 -60.78 -8.78 33.75
C ALA C 174 -61.33 -10.13 34.19
N GLU C 175 -62.37 -10.61 33.52
CA GLU C 175 -62.91 -11.93 33.79
C GLU C 175 -62.04 -13.02 33.20
N LEU C 176 -61.32 -12.73 32.11
CA LEU C 176 -60.45 -13.72 31.49
C LEU C 176 -59.31 -14.12 32.41
N ALA C 177 -58.64 -13.13 33.01
CA ALA C 177 -57.51 -13.41 33.88
C ALA C 177 -57.92 -13.83 35.28
N THR C 178 -59.14 -13.52 35.70
CA THR C 178 -59.58 -13.86 37.06
C THR C 178 -59.91 -15.34 37.19
N ASN C 179 -60.68 -15.88 36.24
CA ASN C 179 -61.11 -17.27 36.32
C ASN C 179 -59.96 -18.25 36.19
N ALA C 180 -58.85 -17.82 35.57
CA ALA C 180 -57.69 -18.71 35.45
C ALA C 180 -57.01 -18.94 36.81
N ILE C 181 -57.06 -17.95 37.69
CA ILE C 181 -56.43 -18.09 39.00
C ILE C 181 -57.32 -18.90 39.95
N LEU C 182 -58.63 -18.69 39.89
CA LEU C 182 -59.53 -19.43 40.77
C LEU C 182 -59.52 -20.92 40.49
N ARG C 183 -59.29 -21.31 39.23
CA ARG C 183 -59.25 -22.72 38.87
C ARG C 183 -57.94 -23.39 39.26
N LEU C 184 -56.96 -22.63 39.74
CA LEU C 184 -55.69 -23.22 40.17
C LEU C 184 -55.78 -23.92 41.52
N LYS C 185 -56.85 -23.66 42.28
CA LYS C 185 -57.09 -24.31 43.57
C LYS C 185 -55.94 -24.04 44.55
N GLY C 186 -55.45 -22.81 44.56
CA GLY C 186 -54.43 -22.39 45.49
C GLY C 186 -53.01 -22.59 45.03
N SER C 187 -52.76 -23.48 44.08
CA SER C 187 -51.42 -23.71 43.57
C SER C 187 -51.04 -22.57 42.63
N THR C 188 -49.89 -21.94 42.89
CA THR C 188 -49.43 -20.80 42.11
C THR C 188 -48.36 -21.26 41.13
N ASN C 189 -48.72 -21.33 39.85
CA ASN C 189 -47.76 -21.56 38.79
C ASN C 189 -48.33 -21.01 37.50
N LEU C 190 -47.44 -20.50 36.64
CA LEU C 190 -47.83 -20.09 35.30
C LEU C 190 -47.53 -21.15 34.24
N GLU C 191 -46.93 -22.28 34.63
CA GLU C 191 -46.77 -23.39 33.70
C GLU C 191 -48.11 -24.01 33.33
N HIS C 192 -49.12 -23.86 34.18
CA HIS C 192 -50.44 -24.45 33.95
C HIS C 192 -51.32 -23.59 33.06
N ILE C 193 -50.85 -22.41 32.66
CA ILE C 193 -51.62 -21.49 31.83
C ILE C 193 -50.95 -21.41 30.47
N GLN C 194 -51.67 -21.79 29.43
CA GLN C 194 -51.16 -21.76 28.06
C GLN C 194 -51.66 -20.52 27.33
N ILE C 195 -50.79 -19.94 26.51
CA ILE C 195 -51.11 -18.76 25.72
C ILE C 195 -50.80 -19.08 24.26
N ILE C 196 -51.81 -18.98 23.40
CA ILE C 196 -51.68 -19.30 21.99
C ILE C 196 -51.92 -18.04 21.18
N LYS C 197 -51.02 -17.74 20.25
CA LYS C 197 -51.14 -16.57 19.40
C LYS C 197 -51.86 -16.94 18.10
N ILE C 198 -52.82 -16.11 17.70
CA ILE C 198 -53.60 -16.34 16.49
C ILE C 198 -53.72 -15.02 15.73
N LEU C 199 -53.47 -15.07 14.43
CA LEU C 199 -53.62 -13.90 13.57
C LEU C 199 -55.06 -13.81 13.07
N GLY C 200 -55.55 -12.57 12.99
CA GLY C 200 -56.89 -12.33 12.52
C GLY C 200 -57.83 -11.91 13.66
N GLY C 201 -58.96 -11.33 13.27
CA GLY C 201 -59.95 -10.90 14.23
C GLY C 201 -59.53 -9.61 14.93
N LYS C 202 -60.10 -9.41 16.12
CA LYS C 202 -59.82 -8.26 16.95
C LYS C 202 -59.42 -8.72 18.35
N LEU C 203 -58.86 -7.79 19.13
CA LEU C 203 -58.34 -8.15 20.44
C LEU C 203 -59.42 -8.66 21.37
N SER C 204 -60.62 -8.07 21.31
CA SER C 204 -61.71 -8.49 22.19
C SER C 204 -62.28 -9.85 21.83
N ASP C 205 -61.90 -10.42 20.68
CA ASP C 205 -62.36 -11.75 20.32
C ASP C 205 -61.72 -12.84 21.17
N SER C 206 -60.74 -12.51 22.00
CA SER C 206 -60.13 -13.50 22.88
C SER C 206 -61.15 -14.01 23.88
N PHE C 207 -61.30 -15.32 23.96
CA PHE C 207 -62.28 -15.96 24.83
C PHE C 207 -61.57 -16.92 25.79
N LEU C 208 -62.26 -17.22 26.89
CA LEU C 208 -61.73 -18.15 27.88
C LEU C 208 -62.02 -19.58 27.45
N ASP C 209 -61.06 -20.47 27.70
CA ASP C 209 -61.16 -21.86 27.29
C ASP C 209 -61.74 -22.70 28.42
N GLU C 210 -62.90 -23.29 28.19
CA GLU C 210 -63.45 -24.27 29.12
C GLU C 210 -62.77 -25.61 28.88
N GLY C 211 -62.12 -26.14 29.90
CA GLY C 211 -61.29 -27.31 29.73
C GLY C 211 -59.87 -26.93 29.35
N PHE C 212 -59.19 -27.81 28.59
CA PHE C 212 -57.81 -27.57 28.20
C PHE C 212 -57.68 -27.76 26.70
N ILE C 213 -57.12 -26.76 26.03
CA ILE C 213 -56.93 -26.76 24.58
C ILE C 213 -55.44 -26.74 24.28
N LEU C 214 -55.00 -27.72 23.49
CA LEU C 214 -53.60 -27.83 23.09
C LEU C 214 -53.56 -28.28 21.63
N ALA C 215 -52.69 -27.65 20.84
CA ALA C 215 -52.64 -27.93 19.41
C ALA C 215 -51.88 -29.23 19.16
N LYS C 216 -52.58 -30.21 18.59
CA LYS C 216 -52.01 -31.52 18.28
C LYS C 216 -52.68 -32.03 17.00
N LYS C 217 -52.43 -33.29 16.66
CA LYS C 217 -53.02 -33.91 15.49
C LYS C 217 -53.36 -35.36 15.79
N PHE C 218 -54.51 -35.81 15.30
CA PHE C 218 -54.91 -37.20 15.44
C PHE C 218 -54.12 -38.10 14.50
N GLY C 219 -54.13 -39.38 14.81
CA GLY C 219 -53.53 -40.38 13.93
C GLY C 219 -54.19 -40.41 12.57
N ASN C 220 -53.51 -41.11 11.64
CA ASN C 220 -53.97 -41.15 10.26
C ASN C 220 -55.32 -41.83 10.14
N ASN C 221 -55.47 -43.01 10.76
CA ASN C 221 -56.72 -43.75 10.70
C ASN C 221 -57.64 -43.48 11.88
N GLN C 222 -57.27 -42.57 12.77
CA GLN C 222 -58.07 -42.37 13.97
C GLN C 222 -59.13 -41.29 13.74
N PRO C 223 -60.34 -41.50 14.23
CA PRO C 223 -61.41 -40.51 14.05
C PRO C 223 -61.18 -39.29 14.93
N LYS C 224 -61.83 -38.19 14.55
CA LYS C 224 -61.62 -36.92 15.24
C LYS C 224 -62.42 -36.84 16.54
N ARG C 225 -63.68 -37.28 16.53
CA ARG C 225 -64.57 -37.11 17.66
C ARG C 225 -64.86 -38.45 18.31
N ILE C 226 -64.59 -38.54 19.62
CA ILE C 226 -64.88 -39.72 20.43
C ILE C 226 -65.66 -39.26 21.66
N GLU C 227 -66.75 -39.96 21.95
CA GLU C 227 -67.60 -39.62 23.09
C GLU C 227 -67.14 -40.37 24.33
N ASN C 228 -66.95 -39.63 25.43
CA ASN C 228 -66.54 -40.19 26.71
C ASN C 228 -65.23 -40.96 26.59
N ALA C 229 -64.22 -40.30 26.03
CA ALA C 229 -62.92 -40.91 25.84
C ALA C 229 -62.09 -40.86 27.12
N LYS C 230 -61.30 -41.91 27.32
CA LYS C 230 -60.40 -41.98 28.47
C LYS C 230 -59.02 -41.48 28.05
N ILE C 231 -58.45 -40.58 28.86
CA ILE C 231 -57.20 -39.91 28.54
C ILE C 231 -56.09 -40.45 29.44
N LEU C 232 -54.98 -40.83 28.84
CA LEU C 232 -53.80 -41.31 29.56
C LEU C 232 -52.56 -40.67 28.98
N ILE C 233 -51.60 -40.34 29.84
CA ILE C 233 -50.31 -39.79 29.44
C ILE C 233 -49.23 -40.79 29.83
N ALA C 234 -48.35 -41.10 28.88
CA ALA C 234 -47.28 -42.07 29.09
C ALA C 234 -45.93 -41.37 29.02
N ASN C 235 -45.10 -41.57 30.05
CA ASN C 235 -43.76 -41.01 30.04
C ASN C 235 -42.88 -41.75 29.04
N THR C 236 -42.95 -43.07 29.05
CA THR C 236 -42.15 -43.87 28.12
C THR C 236 -42.61 -43.66 26.68
N THR C 237 -41.67 -43.76 25.76
CA THR C 237 -41.90 -43.55 24.34
C THR C 237 -41.89 -44.89 23.62
N LEU C 238 -42.69 -44.99 22.55
CA LEU C 238 -42.71 -46.19 21.74
C LEU C 238 -41.67 -46.02 20.63
N ASP C 239 -40.58 -46.77 20.75
CA ASP C 239 -39.43 -46.65 19.87
C ASP C 239 -38.63 -47.94 19.96
N THR C 240 -37.69 -48.10 19.03
CA THR C 240 -36.83 -49.27 19.10
C THR C 240 -35.91 -49.13 20.31
N ASP C 241 -36.02 -50.09 21.23
CA ASP C 241 -35.33 -50.07 22.51
C ASP C 241 -34.04 -50.89 22.51
N LYS C 242 -33.60 -51.36 21.33
CA LYS C 242 -32.61 -52.45 21.23
C LYS C 242 -33.28 -53.66 21.88
N VAL C 243 -32.74 -54.25 22.93
CA VAL C 243 -33.48 -55.28 23.65
C VAL C 243 -33.96 -54.71 24.98
N LYS C 244 -33.05 -54.60 25.94
CA LYS C 244 -33.40 -54.09 27.26
C LYS C 244 -32.41 -53.03 27.75
N ILE C 245 -31.16 -53.46 27.98
CA ILE C 245 -30.17 -52.68 28.71
C ILE C 245 -29.32 -51.86 27.75
N PHE C 246 -29.68 -51.84 26.47
CA PHE C 246 -28.83 -51.35 25.38
C PHE C 246 -27.55 -52.20 25.43
N GLY C 247 -26.38 -51.62 25.18
CA GLY C 247 -25.10 -52.27 25.37
C GLY C 247 -24.98 -53.67 24.78
N THR C 248 -25.66 -53.92 23.66
CA THR C 248 -25.70 -55.28 23.13
C THR C 248 -25.88 -55.24 21.61
N LYS C 249 -25.56 -56.37 20.98
CA LYS C 249 -25.83 -56.58 19.57
C LYS C 249 -26.03 -58.07 19.35
N PHE C 250 -26.78 -58.39 18.30
CA PHE C 250 -27.16 -59.78 18.07
C PHE C 250 -26.06 -60.54 17.34
N LYS C 251 -25.80 -61.76 17.80
CA LYS C 251 -24.86 -62.67 17.15
C LYS C 251 -25.67 -63.71 16.38
N VAL C 252 -25.62 -63.63 15.05
CA VAL C 252 -26.43 -64.46 14.18
C VAL C 252 -25.51 -65.44 13.48
N ASP C 253 -25.64 -66.73 13.82
CA ASP C 253 -24.88 -67.76 13.13
C ASP C 253 -25.50 -68.12 11.79
N SER C 254 -26.83 -68.21 11.74
CA SER C 254 -27.54 -68.52 10.51
C SER C 254 -28.76 -67.60 10.41
N THR C 255 -29.06 -67.16 9.19
CA THR C 255 -30.17 -66.24 8.95
C THR C 255 -31.53 -66.87 9.22
N ALA C 256 -31.60 -68.18 9.43
CA ALA C 256 -32.87 -68.81 9.75
C ALA C 256 -33.44 -68.28 11.05
N LYS C 257 -32.58 -68.01 12.03
CA LYS C 257 -33.00 -67.40 13.29
C LYS C 257 -33.06 -65.89 13.22
N LEU C 258 -32.51 -65.27 12.18
CA LEU C 258 -32.54 -63.82 12.04
C LEU C 258 -33.93 -63.34 11.62
N ALA C 259 -34.63 -64.11 10.80
CA ALA C 259 -35.98 -63.73 10.39
C ALA C 259 -36.93 -63.73 11.57
N GLN C 260 -36.86 -64.76 12.42
CA GLN C 260 -37.67 -64.79 13.63
C GLN C 260 -37.15 -63.84 14.69
N LEU C 261 -35.92 -63.35 14.54
CA LEU C 261 -35.37 -62.40 15.51
C LEU C 261 -36.02 -61.03 15.37
N GLU C 262 -36.13 -60.53 14.13
CA GLU C 262 -36.79 -59.27 13.89
C GLU C 262 -38.28 -59.36 14.20
N LYS C 263 -38.89 -60.52 13.98
CA LYS C 263 -40.30 -60.72 14.33
C LYS C 263 -40.50 -60.67 15.83
N ALA C 264 -39.51 -61.09 16.62
CA ALA C 264 -39.62 -61.03 18.07
C ALA C 264 -39.66 -59.59 18.56
N GLU C 265 -38.95 -58.68 17.89
CA GLU C 265 -39.02 -57.27 18.26
C GLU C 265 -40.36 -56.66 17.93
N ARG C 266 -41.02 -57.17 16.88
CA ARG C 266 -42.36 -56.69 16.55
C ARG C 266 -43.39 -57.14 17.59
N GLU C 267 -43.17 -58.30 18.21
CA GLU C 267 -44.10 -58.80 19.22
C GLU C 267 -43.88 -58.17 20.59
N LYS C 268 -42.73 -57.53 20.82
CA LYS C 268 -42.49 -56.89 22.10
C LYS C 268 -43.34 -55.63 22.25
N MET C 269 -43.33 -54.76 21.23
CA MET C 269 -44.19 -53.59 21.26
C MET C 269 -45.66 -53.96 21.14
N LYS C 270 -45.95 -55.11 20.51
CA LYS C 270 -47.34 -55.56 20.43
C LYS C 270 -47.85 -56.00 21.80
N ASN C 271 -46.99 -56.61 22.61
CA ASN C 271 -47.41 -57.01 23.96
C ASN C 271 -47.49 -55.81 24.89
N LYS C 272 -46.73 -54.75 24.61
CA LYS C 272 -46.81 -53.54 25.42
C LYS C 272 -48.14 -52.82 25.20
N ILE C 273 -48.62 -52.78 23.96
CA ILE C 273 -49.91 -52.19 23.68
C ILE C 273 -51.03 -53.05 24.26
N ALA C 274 -50.83 -54.37 24.32
CA ALA C 274 -51.83 -55.25 24.91
C ALA C 274 -52.02 -54.94 26.40
N LYS C 275 -50.94 -54.57 27.08
CA LYS C 275 -51.06 -54.15 28.47
C LYS C 275 -51.73 -52.79 28.59
N ILE C 276 -51.55 -51.93 27.58
CA ILE C 276 -52.22 -50.63 27.58
C ILE C 276 -53.70 -50.80 27.29
N SER C 277 -54.05 -51.75 26.42
CA SER C 277 -55.45 -51.99 26.07
C SER C 277 -56.25 -52.55 27.25
N LYS C 278 -55.59 -53.06 28.28
CA LYS C 278 -56.29 -53.56 29.46
C LYS C 278 -56.98 -52.45 30.23
N PHE C 279 -56.57 -51.20 30.03
CA PHE C 279 -57.20 -50.07 30.70
C PHE C 279 -58.54 -49.69 30.08
N GLY C 280 -58.76 -50.00 28.81
CA GLY C 280 -59.97 -49.61 28.13
C GLY C 280 -60.01 -48.14 27.78
N ILE C 281 -58.89 -47.56 27.36
CA ILE C 281 -58.79 -46.14 27.06
C ILE C 281 -59.15 -45.92 25.60
N ASN C 282 -59.86 -44.82 25.33
CA ASN C 282 -60.15 -44.40 23.97
C ASN C 282 -59.12 -43.41 23.42
N THR C 283 -58.20 -42.93 24.25
CA THR C 283 -57.24 -41.92 23.83
C THR C 283 -55.90 -42.18 24.52
N PHE C 284 -54.81 -42.01 23.77
CA PHE C 284 -53.47 -42.20 24.27
C PHE C 284 -52.62 -40.99 23.90
N ILE C 285 -51.76 -40.57 24.83
CA ILE C 285 -50.88 -39.42 24.64
C ILE C 285 -49.45 -39.83 24.98
N ASN C 286 -48.52 -39.55 24.07
CA ASN C 286 -47.12 -39.86 24.25
C ASN C 286 -46.30 -38.57 24.26
N ARG C 287 -45.16 -38.61 24.95
CA ARG C 287 -44.30 -37.44 25.06
C ARG C 287 -43.47 -37.21 23.80
N GLN C 288 -43.18 -38.26 23.03
CA GLN C 288 -42.30 -38.18 21.89
C GLN C 288 -42.95 -38.85 20.68
N LEU C 289 -42.32 -38.64 19.53
CA LEU C 289 -42.83 -39.15 18.26
C LEU C 289 -43.08 -40.66 18.33
N ILE C 290 -44.21 -41.08 17.76
CA ILE C 290 -44.61 -42.48 17.73
C ILE C 290 -44.39 -43.01 16.32
N TYR C 291 -43.77 -44.18 16.22
CA TYR C 291 -43.55 -44.80 14.92
C TYR C 291 -44.86 -45.35 14.35
N ASP C 292 -44.85 -45.58 13.04
CA ASP C 292 -46.06 -46.02 12.35
C ASP C 292 -46.49 -47.43 12.77
N TYR C 293 -45.54 -48.27 13.21
CA TYR C 293 -45.89 -49.64 13.57
C TYR C 293 -46.82 -49.70 14.78
N PRO C 294 -46.50 -49.09 15.94
CA PRO C 294 -47.46 -49.12 17.05
C PRO C 294 -48.72 -48.30 16.81
N GLU C 295 -48.70 -47.39 15.83
CA GLU C 295 -49.88 -46.57 15.57
C GLU C 295 -51.02 -47.40 15.00
N GLN C 296 -50.71 -48.40 14.18
CA GLN C 296 -51.75 -49.23 13.59
C GLN C 296 -52.46 -50.10 14.61
N LEU C 297 -51.82 -50.39 15.74
CA LEU C 297 -52.48 -51.17 16.79
C LEU C 297 -53.56 -50.36 17.50
N PHE C 298 -53.48 -49.02 17.44
CA PHE C 298 -54.50 -48.18 18.06
C PHE C 298 -55.77 -48.08 17.25
N THR C 299 -55.70 -48.34 15.94
CA THR C 299 -56.89 -48.21 15.09
C THR C 299 -57.87 -49.35 15.36
N ASP C 300 -57.35 -50.59 15.43
CA ASP C 300 -58.24 -51.73 15.67
C ASP C 300 -58.82 -51.71 17.08
N LEU C 301 -58.13 -51.08 18.02
CA LEU C 301 -58.60 -51.00 19.40
C LEU C 301 -59.39 -49.72 19.68
N GLY C 302 -59.52 -48.83 18.70
CA GLY C 302 -60.24 -47.59 18.89
C GLY C 302 -59.60 -46.68 19.92
N ILE C 303 -58.32 -46.38 19.74
CA ILE C 303 -57.55 -45.57 20.68
C ILE C 303 -56.96 -44.39 19.94
N ASN C 304 -57.24 -43.18 20.42
CA ASN C 304 -56.65 -41.99 19.84
C ASN C 304 -55.17 -41.90 20.23
N SER C 305 -54.40 -41.20 19.41
CA SER C 305 -52.96 -41.07 19.61
C SER C 305 -52.55 -39.61 19.50
N ILE C 306 -51.77 -39.15 20.49
CA ILE C 306 -51.20 -37.82 20.49
C ILE C 306 -49.70 -37.95 20.78
N GLU C 307 -48.88 -37.36 19.91
CA GLU C 307 -47.44 -37.53 19.97
C GLU C 307 -46.76 -36.16 19.96
N HIS C 308 -45.47 -36.16 20.27
CA HIS C 308 -44.65 -34.94 20.32
C HIS C 308 -45.23 -33.95 21.33
N ALA C 309 -45.44 -34.41 22.55
CA ALA C 309 -45.93 -33.58 23.63
C ALA C 309 -44.78 -32.89 24.34
N ASP C 310 -44.88 -31.58 24.50
CA ASP C 310 -43.84 -30.81 25.16
C ASP C 310 -43.79 -31.16 26.65
N PHE C 311 -42.65 -30.87 27.27
CA PHE C 311 -42.49 -31.13 28.71
C PHE C 311 -43.55 -30.40 29.53
N GLU C 312 -43.91 -29.18 29.11
CA GLU C 312 -44.95 -28.44 29.81
C GLU C 312 -46.34 -29.02 29.51
N GLY C 313 -46.54 -29.55 28.30
CA GLY C 313 -47.83 -30.09 27.94
C GLY C 313 -48.18 -31.39 28.65
N VAL C 314 -47.19 -32.05 29.25
CA VAL C 314 -47.46 -33.30 29.97
C VAL C 314 -48.18 -33.00 31.27
N GLU C 315 -47.70 -32.01 32.02
CA GLU C 315 -48.32 -31.67 33.30
C GLU C 315 -49.60 -30.87 33.12
N ARG C 316 -49.68 -30.05 32.08
CA ARG C 316 -50.90 -29.28 31.84
C ARG C 316 -52.08 -30.20 31.54
N LEU C 317 -51.85 -31.25 30.76
CA LEU C 317 -52.93 -32.17 30.40
C LEU C 317 -53.26 -33.14 31.52
N ALA C 318 -52.27 -33.56 32.30
CA ALA C 318 -52.52 -34.55 33.35
C ALA C 318 -53.36 -33.97 34.47
N LEU C 319 -53.21 -32.68 34.77
CA LEU C 319 -53.96 -32.08 35.87
C LEU C 319 -55.41 -31.78 35.49
N VAL C 320 -55.66 -31.41 34.23
CA VAL C 320 -57.02 -31.13 33.79
C VAL C 320 -57.84 -32.41 33.79
N THR C 321 -57.27 -33.52 33.31
CA THR C 321 -57.98 -34.79 33.29
C THR C 321 -58.06 -35.45 34.66
N GLY C 322 -57.14 -35.12 35.57
CA GLY C 322 -57.12 -35.69 36.89
C GLY C 322 -56.23 -36.91 37.03
N GLY C 323 -55.88 -37.57 35.93
CA GLY C 323 -55.02 -38.73 35.99
C GLY C 323 -53.56 -38.36 36.16
N GLU C 324 -52.72 -39.39 36.22
CA GLU C 324 -51.28 -39.22 36.39
C GLU C 324 -50.55 -39.96 35.28
N VAL C 325 -49.28 -39.60 35.09
CA VAL C 325 -48.48 -40.18 34.02
C VAL C 325 -48.16 -41.63 34.36
N VAL C 326 -48.42 -42.52 33.40
CA VAL C 326 -48.20 -43.96 33.58
C VAL C 326 -46.95 -44.37 32.82
N SER C 327 -46.11 -45.17 33.47
CA SER C 327 -44.85 -45.62 32.88
C SER C 327 -44.85 -47.13 32.62
N THR C 328 -44.94 -47.95 33.68
CA THR C 328 -44.78 -49.39 33.52
C THR C 328 -46.03 -50.05 32.95
N PHE C 329 -47.22 -49.53 33.23
CA PHE C 329 -48.51 -50.04 32.79
C PHE C 329 -48.87 -51.38 33.44
N ASP C 330 -48.00 -51.93 34.28
CA ASP C 330 -48.18 -53.30 34.78
C ASP C 330 -49.48 -53.44 35.57
N GLU C 331 -49.66 -52.64 36.61
CA GLU C 331 -50.79 -52.80 37.52
C GLU C 331 -51.96 -51.95 37.06
N PRO C 332 -53.08 -52.54 36.65
CA PRO C 332 -54.21 -51.73 36.19
C PRO C 332 -54.91 -50.93 37.29
N SER C 333 -54.87 -51.42 38.53
CA SER C 333 -55.63 -50.75 39.60
C SER C 333 -55.08 -49.37 39.89
N LYS C 334 -53.75 -49.22 39.91
CA LYS C 334 -53.14 -47.93 40.14
C LYS C 334 -53.37 -47.00 38.94
N CYS C 335 -53.16 -45.70 39.18
CA CYS C 335 -53.26 -44.67 38.15
C CYS C 335 -54.66 -44.61 37.55
N LYS C 336 -55.66 -44.45 38.43
CA LYS C 336 -57.02 -44.23 37.98
C LYS C 336 -57.09 -43.01 37.06
N LEU C 337 -57.85 -43.14 35.98
CA LEU C 337 -57.86 -42.17 34.90
C LEU C 337 -59.15 -41.36 34.91
N GLY C 338 -59.03 -40.09 34.49
CA GLY C 338 -60.18 -39.22 34.38
C GLY C 338 -60.99 -39.47 33.12
N GLU C 339 -61.86 -38.52 32.82
CA GLU C 339 -62.75 -38.63 31.66
C GLU C 339 -62.99 -37.25 31.08
N CYS C 340 -63.06 -37.18 29.75
CA CYS C 340 -63.34 -35.95 29.03
C CYS C 340 -64.63 -36.11 28.23
N ASP C 341 -65.47 -35.08 28.27
CA ASP C 341 -66.77 -35.16 27.60
C ASP C 341 -66.61 -35.10 26.08
N VAL C 342 -65.92 -34.08 25.58
CA VAL C 342 -65.81 -33.83 24.14
C VAL C 342 -64.33 -33.72 23.79
N ILE C 343 -63.83 -34.67 23.00
CA ILE C 343 -62.47 -34.62 22.48
C ILE C 343 -62.42 -34.06 21.06
N GLU C 344 -63.57 -33.66 20.51
CA GLU C 344 -63.63 -33.20 19.12
C GLU C 344 -62.72 -31.99 18.91
N GLU C 345 -61.96 -32.02 17.82
CA GLU C 345 -61.01 -30.96 17.50
C GLU C 345 -61.69 -29.84 16.72
N ILE C 346 -61.29 -28.61 17.02
CA ILE C 346 -61.80 -27.44 16.31
C ILE C 346 -60.66 -26.82 15.52
N MET C 347 -60.93 -25.72 14.82
CA MET C 347 -59.91 -25.03 14.04
C MET C 347 -60.04 -23.53 14.26
N LEU C 348 -58.96 -22.89 14.68
CA LEU C 348 -58.88 -21.45 14.81
C LEU C 348 -57.81 -20.95 13.85
N GLY C 349 -58.23 -20.22 12.82
CA GLY C 349 -57.32 -19.81 11.78
C GLY C 349 -57.01 -20.94 10.82
N GLU C 350 -55.76 -21.03 10.37
CA GLU C 350 -55.33 -22.09 9.46
C GLU C 350 -54.72 -23.28 10.18
N GLN C 351 -54.60 -23.22 11.51
CA GLN C 351 -54.04 -24.32 12.29
C GLN C 351 -55.10 -24.91 13.20
N PRO C 352 -55.48 -26.17 13.01
CA PRO C 352 -56.51 -26.75 13.88
C PRO C 352 -55.99 -26.98 15.28
N PHE C 353 -56.85 -26.69 16.26
CA PHE C 353 -56.51 -26.81 17.68
C PHE C 353 -57.40 -27.86 18.33
N LEU C 354 -56.78 -28.78 19.05
CA LEU C 354 -57.52 -29.83 19.75
C LEU C 354 -58.17 -29.26 21.00
N LYS C 355 -59.48 -29.40 21.12
CA LYS C 355 -60.26 -28.80 22.19
C LYS C 355 -60.85 -29.89 23.08
N PHE C 356 -60.75 -29.67 24.40
CA PHE C 356 -61.35 -30.55 25.39
C PHE C 356 -62.41 -29.78 26.17
N SER C 357 -63.40 -30.51 26.66
CA SER C 357 -64.50 -29.90 27.41
C SER C 357 -65.04 -30.90 28.42
N GLY C 358 -65.51 -30.37 29.55
CA GLY C 358 -66.12 -31.19 30.57
C GLY C 358 -65.16 -32.14 31.27
N CYS C 359 -64.05 -31.61 31.78
CA CYS C 359 -63.08 -32.42 32.49
C CYS C 359 -63.37 -32.38 33.99
N LYS C 360 -62.58 -33.14 34.75
CA LYS C 360 -62.80 -33.22 36.20
C LYS C 360 -62.20 -32.03 36.94
N ALA C 361 -60.99 -31.60 36.56
CA ALA C 361 -60.29 -30.55 37.27
C ALA C 361 -59.87 -29.45 36.31
N GLY C 362 -59.90 -28.22 36.81
CA GLY C 362 -59.47 -27.06 36.05
C GLY C 362 -58.10 -26.55 36.47
N GLU C 363 -57.30 -27.41 37.08
CA GLU C 363 -56.03 -26.99 37.66
C GLU C 363 -55.09 -26.37 36.64
N ALA C 364 -55.27 -26.65 35.35
CA ALA C 364 -54.50 -26.01 34.30
C ALA C 364 -55.45 -25.28 33.35
N CYS C 365 -54.94 -24.21 32.73
CA CYS C 365 -55.76 -23.33 31.91
C CYS C 365 -55.06 -23.08 30.58
N THR C 366 -55.84 -22.56 29.63
CA THR C 366 -55.33 -22.17 28.32
C THR C 366 -56.02 -20.88 27.89
N ILE C 367 -55.25 -19.92 27.41
CA ILE C 367 -55.76 -18.63 26.98
C ILE C 367 -55.54 -18.48 25.48
N VAL C 368 -56.61 -18.18 24.76
CA VAL C 368 -56.56 -17.95 23.31
C VAL C 368 -56.54 -16.45 23.07
N LEU C 369 -55.56 -15.98 22.29
CA LEU C 369 -55.43 -14.57 21.96
C LEU C 369 -55.44 -14.40 20.45
N ARG C 370 -56.14 -13.35 19.99
CA ARG C 370 -56.23 -13.04 18.58
C ARG C 370 -55.79 -11.59 18.37
N GLY C 371 -54.97 -11.36 17.35
CA GLY C 371 -54.47 -10.04 17.06
C GLY C 371 -54.21 -9.85 15.59
N ALA C 372 -54.02 -8.58 15.20
CA ALA C 372 -53.77 -8.26 13.80
C ALA C 372 -52.34 -8.59 13.40
N THR C 373 -51.37 -8.23 14.23
CA THR C 373 -49.97 -8.47 13.94
C THR C 373 -49.32 -9.19 15.11
N ASP C 374 -48.14 -9.77 14.86
CA ASP C 374 -47.39 -10.42 15.93
C ASP C 374 -46.87 -9.42 16.95
N GLN C 375 -46.69 -8.16 16.57
CA GLN C 375 -46.28 -7.15 17.55
C GLN C 375 -47.33 -6.98 18.63
N THR C 376 -48.60 -7.10 18.28
CA THR C 376 -49.66 -7.06 19.28
C THR C 376 -49.74 -8.38 20.05
N LEU C 377 -49.54 -9.50 19.36
CA LEU C 377 -49.57 -10.80 20.02
C LEU C 377 -48.40 -10.97 20.98
N ASP C 378 -47.24 -10.42 20.63
CA ASP C 378 -46.10 -10.47 21.54
C ASP C 378 -46.38 -9.68 22.81
N GLU C 379 -47.07 -8.54 22.67
CA GLU C 379 -47.44 -7.75 23.84
C GLU C 379 -48.64 -8.34 24.56
N ALA C 380 -49.57 -8.95 23.83
CA ALA C 380 -50.74 -9.55 24.47
C ALA C 380 -50.35 -10.69 25.41
N GLU C 381 -49.31 -11.45 25.06
CA GLU C 381 -48.83 -12.49 25.96
C GLU C 381 -48.16 -11.90 27.18
N ARG C 382 -47.34 -10.87 26.98
CA ARG C 382 -46.65 -10.23 28.10
C ARG C 382 -47.58 -9.34 28.92
N SER C 383 -48.71 -8.92 28.34
CA SER C 383 -49.68 -8.14 29.10
C SER C 383 -50.40 -9.03 30.12
N LEU C 384 -50.83 -10.21 29.69
CA LEU C 384 -51.48 -11.14 30.61
C LEU C 384 -50.48 -11.80 31.55
N HIS C 385 -49.24 -11.99 31.09
CA HIS C 385 -48.22 -12.59 31.95
C HIS C 385 -47.94 -11.72 33.16
N ASP C 386 -48.00 -10.40 33.01
CA ASP C 386 -47.85 -9.51 34.15
C ASP C 386 -49.11 -9.43 34.99
N ALA C 387 -50.28 -9.60 34.37
CA ALA C 387 -51.54 -9.57 35.11
C ALA C 387 -51.76 -10.87 35.86
N LEU C 388 -51.50 -12.01 35.21
CA LEU C 388 -51.65 -13.29 35.89
C LEU C 388 -50.63 -13.50 36.98
N SER C 389 -49.48 -12.82 36.92
CA SER C 389 -48.46 -12.98 37.96
C SER C 389 -48.90 -12.33 39.26
N VAL C 390 -49.50 -11.14 39.19
CA VAL C 390 -49.97 -10.46 40.40
C VAL C 390 -51.19 -11.17 40.97
N LEU C 391 -52.11 -11.61 40.10
CA LEU C 391 -53.29 -12.32 40.57
C LEU C 391 -52.91 -13.67 41.19
N SER C 392 -51.83 -14.28 40.73
CA SER C 392 -51.36 -15.53 41.33
C SER C 392 -50.70 -15.29 42.67
N GLN C 393 -49.91 -14.21 42.78
CA GLN C 393 -49.32 -13.85 44.06
C GLN C 393 -50.35 -13.33 45.06
N THR C 394 -51.51 -12.87 44.56
CA THR C 394 -52.56 -12.40 45.47
C THR C 394 -53.23 -13.56 46.20
N THR C 395 -53.18 -14.75 45.62
CA THR C 395 -53.75 -15.92 46.30
C THR C 395 -53.01 -16.22 47.59
N LYS C 396 -51.67 -16.24 47.54
CA LYS C 396 -50.88 -16.50 48.73
C LYS C 396 -50.75 -15.26 49.62
N GLU C 397 -50.72 -14.07 49.02
CA GLU C 397 -50.60 -12.81 49.76
C GLU C 397 -51.91 -12.04 49.60
N THR C 398 -52.69 -11.97 50.67
CA THR C 398 -54.02 -11.38 50.62
C THR C 398 -54.04 -9.89 50.93
N ARG C 399 -52.93 -9.32 51.40
CA ARG C 399 -52.91 -7.90 51.73
C ARG C 399 -52.87 -7.06 50.45
N THR C 400 -53.81 -6.12 50.34
CA THR C 400 -53.92 -5.25 49.19
C THR C 400 -54.09 -3.81 49.64
N VAL C 401 -53.69 -2.87 48.78
CA VAL C 401 -53.76 -1.45 49.06
C VAL C 401 -54.37 -0.73 47.86
N LEU C 402 -54.74 0.53 48.07
CA LEU C 402 -55.31 1.34 47.01
C LEU C 402 -54.21 1.90 46.12
N GLY C 403 -54.41 1.82 44.82
CA GLY C 403 -53.49 2.34 43.83
C GLY C 403 -53.94 3.67 43.27
N GLY C 404 -53.58 3.92 42.02
CA GLY C 404 -53.95 5.16 41.36
C GLY C 404 -53.25 6.39 41.91
N GLY C 405 -51.98 6.27 42.26
CA GLY C 405 -51.23 7.37 42.84
C GLY C 405 -51.52 7.65 44.31
N CYS C 406 -52.47 6.92 44.92
CA CYS C 406 -52.80 7.16 46.32
C CYS C 406 -51.78 6.52 47.25
N ALA C 407 -51.26 5.34 46.89
CA ALA C 407 -50.34 4.64 47.78
C ALA C 407 -49.05 5.41 47.97
N GLU C 408 -48.54 6.04 46.90
CA GLU C 408 -47.31 6.81 47.01
C GLU C 408 -47.50 8.05 47.88
N MET C 409 -48.71 8.63 47.86
CA MET C 409 -48.96 9.83 48.64
C MET C 409 -49.18 9.53 50.12
N VAL C 410 -49.79 8.38 50.43
CA VAL C 410 -50.01 8.01 51.82
C VAL C 410 -48.69 7.71 52.52
N MET C 411 -47.77 7.04 51.81
CA MET C 411 -46.46 6.75 52.38
C MET C 411 -45.66 8.01 52.61
N SER C 412 -45.85 9.03 51.76
CA SER C 412 -45.13 10.29 51.93
C SER C 412 -45.67 11.13 53.06
N LYS C 413 -46.89 10.84 53.54
CA LYS C 413 -47.45 11.59 54.66
C LYS C 413 -46.73 11.26 55.96
N ALA C 414 -46.43 9.99 56.19
CA ALA C 414 -45.72 9.59 57.39
C ALA C 414 -44.25 9.99 57.37
N VAL C 415 -43.68 10.21 56.18
CA VAL C 415 -42.30 10.64 56.09
C VAL C 415 -42.13 12.07 56.57
N ASP C 416 -43.02 12.96 56.14
CA ASP C 416 -42.96 14.35 56.59
C ASP C 416 -43.32 14.51 58.06
N THR C 417 -44.06 13.56 58.63
CA THR C 417 -44.41 13.65 60.04
C THR C 417 -43.20 13.38 60.92
N GLU C 418 -42.42 12.35 60.61
CA GLU C 418 -41.23 12.01 61.38
C GLU C 418 -40.03 12.86 61.01
N ALA C 419 -40.10 13.64 59.93
CA ALA C 419 -38.95 14.45 59.54
C ALA C 419 -38.78 15.65 60.46
N GLN C 420 -39.85 16.11 61.10
CA GLN C 420 -39.76 17.25 61.99
C GLN C 420 -39.05 16.92 63.30
N ASN C 421 -39.07 15.65 63.71
CA ASN C 421 -38.45 15.22 64.96
C ASN C 421 -37.02 14.74 64.78
N ILE C 422 -36.47 14.81 63.56
CA ILE C 422 -35.11 14.36 63.28
C ILE C 422 -34.22 15.59 63.18
N ASP C 423 -33.34 15.76 64.18
CA ASP C 423 -32.40 16.86 64.17
C ASP C 423 -31.19 16.53 63.29
N GLY C 424 -30.54 17.58 62.78
CA GLY C 424 -29.35 17.43 61.98
C GLY C 424 -29.62 17.64 60.50
N LYS C 425 -28.55 17.49 59.72
CA LYS C 425 -28.62 17.67 58.27
C LYS C 425 -29.26 16.48 57.57
N LYS C 426 -29.42 15.33 58.25
CA LYS C 426 -30.05 14.17 57.63
C LYS C 426 -31.56 14.34 57.48
N SER C 427 -32.15 15.37 58.10
CA SER C 427 -33.57 15.59 57.94
C SER C 427 -33.91 16.06 56.52
N LEU C 428 -32.97 16.73 55.85
CA LEU C 428 -33.20 17.14 54.47
C LEU C 428 -33.27 15.94 53.54
N ALA C 429 -32.50 14.88 53.82
CA ALA C 429 -32.58 13.67 53.02
C ALA C 429 -33.88 12.92 53.27
N VAL C 430 -34.46 13.07 54.46
CA VAL C 430 -35.75 12.43 54.74
C VAL C 430 -36.86 13.10 53.93
N GLU C 431 -36.87 14.44 53.89
CA GLU C 431 -37.86 15.14 53.10
C GLU C 431 -37.67 14.91 51.61
N ALA C 432 -36.44 14.60 51.18
CA ALA C 432 -36.21 14.30 49.78
C ALA C 432 -36.84 12.97 49.38
N PHE C 433 -36.92 12.02 50.32
CA PHE C 433 -37.59 10.76 50.02
C PHE C 433 -39.09 10.95 49.86
N ALA C 434 -39.68 11.91 50.58
CA ALA C 434 -41.11 12.16 50.45
C ALA C 434 -41.43 12.82 49.11
N ARG C 435 -40.60 13.77 48.68
CA ARG C 435 -40.82 14.39 47.39
C ARG C 435 -40.56 13.42 46.23
N ALA C 436 -39.69 12.43 46.45
CA ALA C 436 -39.45 11.43 45.44
C ALA C 436 -40.66 10.50 45.26
N LEU C 437 -41.40 10.25 46.34
CA LEU C 437 -42.62 9.45 46.22
C LEU C 437 -43.70 10.20 45.48
N ARG C 438 -43.66 11.54 45.49
CA ARG C 438 -44.64 12.35 44.77
C ARG C 438 -44.32 12.47 43.28
N GLN C 439 -43.16 11.98 42.84
CA GLN C 439 -42.82 12.05 41.43
C GLN C 439 -43.58 11.00 40.62
N LEU C 440 -43.94 9.88 41.23
CA LEU C 440 -44.70 8.86 40.51
C LEU C 440 -46.10 9.35 40.15
N PRO C 441 -46.91 9.90 41.07
CA PRO C 441 -48.20 10.47 40.64
C PRO C 441 -48.05 11.71 39.78
N THR C 442 -46.92 12.40 39.85
CA THR C 442 -46.71 13.57 38.99
C THR C 442 -46.56 13.16 37.53
N ILE C 443 -45.85 12.07 37.26
CA ILE C 443 -45.69 11.60 35.90
C ILE C 443 -47.01 11.05 35.36
N LEU C 444 -47.87 10.53 36.24
CA LEU C 444 -49.17 10.04 35.81
C LEU C 444 -50.00 11.14 35.16
N ALA C 445 -49.88 12.36 35.68
CA ALA C 445 -50.60 13.49 35.09
C ALA C 445 -49.92 14.02 33.84
N ASP C 446 -48.59 13.91 33.77
CA ASP C 446 -47.88 14.42 32.59
C ASP C 446 -48.16 13.58 31.36
N ASN C 447 -48.21 12.25 31.52
CA ASN C 447 -48.48 11.38 30.39
C ASN C 447 -49.94 11.43 29.95
N ALA C 448 -50.83 11.94 30.80
CA ALA C 448 -52.24 12.04 30.48
C ALA C 448 -52.61 13.38 29.86
N GLY C 449 -51.68 14.32 29.76
CA GLY C 449 -51.97 15.61 29.17
C GLY C 449 -52.59 16.60 30.12
N PHE C 450 -52.51 16.37 31.43
CA PHE C 450 -53.08 17.26 32.43
C PHE C 450 -51.96 17.91 33.24
N ASP C 451 -52.24 19.11 33.75
CA ASP C 451 -51.26 19.82 34.56
C ASP C 451 -50.98 19.05 35.84
N SER C 452 -49.70 18.77 36.10
CA SER C 452 -49.33 18.01 37.29
C SER C 452 -49.31 18.87 38.54
N SER C 453 -49.02 20.17 38.40
CA SER C 453 -48.96 21.03 39.57
C SER C 453 -50.34 21.21 40.21
N GLU C 454 -51.41 21.18 39.42
CA GLU C 454 -52.75 21.35 39.96
C GLU C 454 -53.27 20.06 40.60
N LEU C 455 -53.01 18.92 39.97
CA LEU C 455 -53.56 17.66 40.46
C LEU C 455 -52.84 17.18 41.72
N VAL C 456 -51.50 17.32 41.75
CA VAL C 456 -50.75 16.85 42.91
C VAL C 456 -51.00 17.74 44.11
N SER C 457 -51.12 19.05 43.90
CA SER C 457 -51.36 19.96 45.01
C SER C 457 -52.72 19.71 45.66
N LYS C 458 -53.74 19.44 44.84
CA LYS C 458 -55.06 19.15 45.38
C LYS C 458 -55.11 17.79 46.07
N LEU C 459 -54.32 16.83 45.59
CA LEU C 459 -54.29 15.51 46.22
C LEU C 459 -53.44 15.53 47.49
N ARG C 460 -52.36 16.32 47.51
CA ARG C 460 -51.50 16.36 48.68
C ARG C 460 -52.20 17.01 49.86
N SER C 461 -52.91 18.11 49.63
CA SER C 461 -53.59 18.81 50.71
C SER C 461 -54.85 18.09 51.17
N SER C 462 -55.42 17.23 50.33
CA SER C 462 -56.64 16.51 50.70
C SER C 462 -56.35 15.37 51.67
N ILE C 463 -55.17 14.75 51.58
CA ILE C 463 -54.85 13.64 52.45
C ILE C 463 -54.47 14.13 53.84
N TYR C 464 -53.79 15.28 53.93
CA TYR C 464 -53.46 15.85 55.23
C TYR C 464 -54.70 16.24 56.03
N ASN C 465 -55.84 16.41 55.36
CA ASN C 465 -57.10 16.71 56.04
C ASN C 465 -57.69 15.51 56.75
N GLY C 466 -57.13 14.32 56.57
CA GLY C 466 -57.61 13.11 57.20
C GLY C 466 -58.29 12.13 56.27
N ILE C 467 -58.53 12.50 55.02
CA ILE C 467 -59.17 11.61 54.06
C ILE C 467 -58.07 10.91 53.27
N SER C 468 -57.95 9.60 53.47
CA SER C 468 -56.94 8.79 52.79
C SER C 468 -57.46 8.10 51.55
N THR C 469 -58.74 8.28 51.22
CA THR C 469 -59.35 7.62 50.07
C THR C 469 -59.25 8.44 48.78
N SER C 470 -58.69 9.64 48.85
CA SER C 470 -58.58 10.48 47.66
C SER C 470 -57.50 9.96 46.73
N GLY C 471 -57.68 10.19 45.44
CA GLY C 471 -56.73 9.74 44.45
C GLY C 471 -56.85 10.56 43.17
N LEU C 472 -56.08 10.14 42.16
CA LEU C 472 -56.04 10.81 40.88
C LEU C 472 -56.97 10.11 39.90
N ASP C 473 -57.80 10.88 39.22
CA ASP C 473 -58.69 10.39 38.17
C ASP C 473 -58.23 11.01 36.85
N LEU C 474 -57.67 10.19 35.97
CA LEU C 474 -57.13 10.68 34.71
C LEU C 474 -58.19 10.84 33.63
N ASN C 475 -59.38 10.24 33.81
CA ASN C 475 -60.43 10.38 32.81
C ASN C 475 -61.07 11.77 32.87
N ASN C 476 -61.46 12.20 34.07
CA ASN C 476 -62.06 13.51 34.26
C ASN C 476 -61.04 14.59 34.61
N GLY C 477 -59.79 14.21 34.89
CA GLY C 477 -58.77 15.18 35.25
C GLY C 477 -59.04 15.88 36.55
N THR C 478 -59.41 15.12 37.58
CA THR C 478 -59.73 15.69 38.88
C THR C 478 -59.46 14.65 39.96
N ILE C 479 -59.78 15.00 41.20
CA ILE C 479 -59.58 14.11 42.34
C ILE C 479 -60.84 13.30 42.55
N ALA C 480 -60.70 11.97 42.61
CA ALA C 480 -61.82 11.07 42.79
C ALA C 480 -61.43 10.00 43.82
N ASP C 481 -62.45 9.29 44.28
CA ASP C 481 -62.24 8.23 45.27
C ASP C 481 -61.78 6.95 44.58
N MET C 482 -60.79 6.29 45.18
CA MET C 482 -60.29 5.03 44.65
C MET C 482 -61.21 3.85 44.95
N ARG C 483 -62.02 3.94 46.01
CA ARG C 483 -62.96 2.88 46.31
C ARG C 483 -64.10 2.83 45.29
N GLN C 484 -64.51 3.98 44.77
CA GLN C 484 -65.57 4.01 43.77
C GLN C 484 -65.07 3.61 42.39
N LEU C 485 -63.86 4.04 42.03
CA LEU C 485 -63.31 3.70 40.72
C LEU C 485 -62.85 2.26 40.64
N GLY C 486 -62.63 1.60 41.78
CA GLY C 486 -62.22 0.21 41.77
C GLY C 486 -60.77 -0.02 41.43
N ILE C 487 -59.86 0.78 41.98
CA ILE C 487 -58.43 0.63 41.75
C ILE C 487 -57.83 0.02 43.01
N VAL C 488 -57.39 -1.22 42.92
CA VAL C 488 -56.82 -1.96 44.05
C VAL C 488 -55.56 -2.66 43.58
N GLU C 489 -54.50 -2.54 44.37
CA GLU C 489 -53.23 -3.19 44.09
C GLU C 489 -52.78 -3.98 45.31
N SER C 490 -52.00 -5.03 45.08
CA SER C 490 -51.55 -5.88 46.17
C SER C 490 -50.47 -5.20 46.98
N TYR C 491 -50.41 -5.54 48.28
CA TYR C 491 -49.40 -4.97 49.16
C TYR C 491 -48.00 -5.47 48.79
N LYS C 492 -47.89 -6.70 48.30
CA LYS C 492 -46.59 -7.21 47.87
C LYS C 492 -46.05 -6.43 46.68
N LEU C 493 -46.94 -5.89 45.85
CA LEU C 493 -46.51 -5.10 44.70
C LEU C 493 -45.88 -3.80 45.14
N LYS C 494 -46.57 -3.02 45.99
CA LYS C 494 -46.06 -1.73 46.40
C LYS C 494 -44.87 -1.87 47.35
N ARG C 495 -44.83 -2.93 48.14
CA ARG C 495 -43.69 -3.13 49.05
C ARG C 495 -42.43 -3.45 48.27
N ALA C 496 -42.55 -4.19 47.16
CA ALA C 496 -41.38 -4.52 46.37
C ALA C 496 -40.85 -3.32 45.61
N VAL C 497 -41.72 -2.35 45.31
CA VAL C 497 -41.26 -1.16 44.58
C VAL C 497 -40.48 -0.24 45.51
N VAL C 498 -40.97 -0.03 46.72
CA VAL C 498 -40.29 0.87 47.65
C VAL C 498 -38.99 0.25 48.15
N SER C 499 -38.99 -1.06 48.39
CA SER C 499 -37.79 -1.71 48.91
C SER C 499 -36.69 -1.79 47.86
N SER C 500 -37.05 -2.14 46.62
CA SER C 500 -36.03 -2.29 45.59
C SER C 500 -35.45 -0.94 45.16
N ALA C 501 -36.29 0.09 45.11
CA ALA C 501 -35.81 1.40 44.68
C ALA C 501 -34.94 2.06 45.74
N SER C 502 -35.29 1.88 47.03
CA SER C 502 -34.51 2.47 48.10
C SER C 502 -33.14 1.82 48.22
N GLU C 503 -33.05 0.51 47.97
CA GLU C 503 -31.78 -0.19 48.04
C GLU C 503 -30.91 0.06 46.82
N ALA C 504 -31.53 0.25 45.65
CA ALA C 504 -30.76 0.50 44.44
C ALA C 504 -30.10 1.88 44.48
N ALA C 505 -30.81 2.88 45.01
CA ALA C 505 -30.23 4.22 45.13
C ALA C 505 -29.13 4.25 46.18
N GLU C 506 -29.20 3.38 47.18
CA GLU C 506 -28.16 3.33 48.20
C GLU C 506 -26.84 2.83 47.63
N VAL C 507 -26.89 1.97 46.62
CA VAL C 507 -25.68 1.40 46.05
C VAL C 507 -24.90 2.46 45.28
N LEU C 508 -25.59 3.23 44.44
CA LEU C 508 -24.91 4.21 43.60
C LEU C 508 -24.40 5.41 44.38
N LEU C 509 -25.01 5.72 45.52
CA LEU C 509 -24.49 6.79 46.37
C LEU C 509 -23.22 6.39 47.11
N ARG C 510 -22.89 5.10 47.14
CA ARG C 510 -21.70 4.61 47.81
C ARG C 510 -20.50 4.48 46.89
N VAL C 511 -20.61 4.92 45.65
CA VAL C 511 -19.54 4.75 44.65
C VAL C 511 -18.79 6.07 44.53
N ASP C 512 -17.57 6.10 45.06
CA ASP C 512 -16.67 7.24 44.89
C ASP C 512 -15.62 7.02 43.80
N ASN C 513 -15.58 5.84 43.18
CA ASN C 513 -14.63 5.57 42.12
C ASN C 513 -15.19 4.49 41.21
N ILE C 514 -14.86 4.57 39.92
CA ILE C 514 -15.28 3.60 38.92
C ILE C 514 -14.04 3.22 38.11
N ILE C 515 -13.69 1.94 38.12
CA ILE C 515 -12.54 1.42 37.39
C ILE C 515 -13.04 0.51 36.29
N ARG C 516 -12.86 0.94 35.05
CA ARG C 516 -13.30 0.18 33.88
C ARG C 516 -12.11 -0.54 33.27
N ALA C 517 -12.15 -1.88 33.30
CA ALA C 517 -11.09 -2.67 32.69
C ALA C 517 -11.21 -2.64 31.17
N ARG C 518 -10.11 -2.97 30.50
CA ARG C 518 -10.10 -3.00 29.05
C ARG C 518 -11.04 -4.08 28.53
N PRO C 519 -12.00 -3.74 27.67
CA PRO C 519 -12.91 -4.75 27.16
C PRO C 519 -12.18 -5.81 26.34
N ARG C 520 -12.73 -7.03 26.36
CA ARG C 520 -12.15 -8.14 25.63
C ARG C 520 -12.43 -8.01 24.14
N VAL D 3 -36.68 12.43 3.68
CA VAL D 3 -36.03 13.46 2.88
C VAL D 3 -35.17 14.36 3.75
N GLN D 4 -33.87 14.37 3.48
CA GLN D 4 -32.92 15.20 4.22
C GLN D 4 -32.57 16.41 3.38
N ILE D 5 -33.02 17.59 3.81
CA ILE D 5 -32.74 18.81 3.06
C ILE D 5 -31.33 19.31 3.34
N PHE D 6 -30.78 19.00 4.51
CA PHE D 6 -29.45 19.46 4.87
C PHE D 6 -28.37 18.60 4.22
N GLY D 7 -27.20 19.20 4.02
CA GLY D 7 -26.09 18.50 3.43
C GLY D 7 -25.47 17.49 4.38
N ASP D 8 -24.36 16.93 3.93
CA ASP D 8 -23.65 15.93 4.72
C ASP D 8 -22.89 16.58 5.87
N GLN D 9 -22.75 15.84 6.96
CA GLN D 9 -22.04 16.29 8.16
C GLN D 9 -22.65 17.57 8.71
N VAL D 10 -23.97 17.56 8.87
CA VAL D 10 -24.71 18.69 9.45
C VAL D 10 -25.42 18.17 10.68
N THR D 11 -25.01 18.65 11.85
CA THR D 11 -25.56 18.23 13.13
C THR D 11 -26.66 19.20 13.55
N GLU D 12 -27.83 18.64 13.87
CA GLU D 12 -28.96 19.45 14.31
C GLU D 12 -29.77 18.66 15.33
N GLU D 13 -30.28 19.36 16.34
CA GLU D 13 -31.14 18.75 17.36
C GLU D 13 -32.42 19.57 17.44
N ARG D 14 -33.52 18.97 17.00
CA ARG D 14 -34.83 19.63 16.97
C ARG D 14 -35.69 19.30 18.19
N ALA D 15 -35.14 18.61 19.18
CA ALA D 15 -35.94 17.96 20.21
C ALA D 15 -35.21 18.08 21.55
N GLU D 16 -35.67 17.29 22.52
CA GLU D 16 -35.19 17.38 23.90
C GLU D 16 -33.67 17.45 23.98
N ASN D 17 -32.97 16.72 23.10
CA ASN D 17 -31.52 16.77 23.10
C ASN D 17 -30.98 18.19 22.95
N ALA D 18 -31.72 19.07 22.27
CA ALA D 18 -31.28 20.45 22.12
C ALA D 18 -31.45 21.23 23.43
N ARG D 19 -32.62 21.11 24.05
CA ARG D 19 -32.84 21.81 25.32
C ARG D 19 -31.96 21.26 26.42
N LEU D 20 -31.61 19.97 26.35
CA LEU D 20 -30.70 19.39 27.34
C LEU D 20 -29.28 19.87 27.13
N SER D 21 -28.81 19.91 25.88
CA SER D 21 -27.44 20.34 25.60
C SER D 21 -27.25 21.82 25.87
N ALA D 22 -28.30 22.63 25.73
CA ALA D 22 -28.18 24.06 25.98
C ALA D 22 -28.04 24.37 27.46
N PHE D 23 -28.80 23.67 28.31
CA PHE D 23 -28.72 23.91 29.73
C PHE D 23 -27.47 23.27 30.34
N VAL D 24 -27.16 22.04 29.97
CA VAL D 24 -25.97 21.39 30.50
C VAL D 24 -24.70 22.09 30.01
N GLY D 25 -24.73 22.63 28.79
CA GLY D 25 -23.58 23.36 28.29
C GLY D 25 -23.23 24.56 29.13
N ALA D 26 -24.23 25.21 29.74
CA ALA D 26 -23.97 26.32 30.64
C ALA D 26 -23.59 25.85 32.04
N ILE D 27 -23.89 24.60 32.38
CA ILE D 27 -23.50 24.08 33.70
C ILE D 27 -21.99 23.92 33.79
N ALA D 28 -21.37 23.35 32.75
CA ALA D 28 -19.92 23.19 32.75
C ALA D 28 -19.22 24.54 32.74
N VAL D 29 -19.83 25.55 32.13
CA VAL D 29 -19.24 26.89 32.15
C VAL D 29 -19.40 27.53 33.52
N GLY D 30 -20.58 27.35 34.13
CA GLY D 30 -20.79 27.92 35.46
C GLY D 30 -19.97 27.22 36.53
N ASP D 31 -19.83 25.90 36.42
CA ASP D 31 -19.04 25.15 37.40
C ASP D 31 -17.55 25.43 37.28
N LEU D 32 -17.08 25.88 36.11
CA LEU D 32 -15.67 26.18 35.95
C LEU D 32 -15.29 27.45 36.70
N VAL D 33 -16.13 28.49 36.61
CA VAL D 33 -15.85 29.75 37.30
C VAL D 33 -16.52 29.82 38.67
N LYS D 34 -17.19 28.75 39.10
CA LYS D 34 -17.85 28.76 40.41
C LYS D 34 -16.84 28.86 41.54
N SER D 35 -15.77 28.08 41.48
CA SER D 35 -14.76 28.07 42.54
C SER D 35 -13.88 29.31 42.52
N THR D 36 -13.99 30.17 41.51
CA THR D 36 -13.21 31.39 41.44
C THR D 36 -13.94 32.59 42.03
N LEU D 37 -15.14 32.40 42.57
CA LEU D 37 -15.91 33.49 43.13
C LEU D 37 -15.61 33.63 44.62
N GLY D 38 -15.24 34.84 45.04
CA GLY D 38 -14.97 35.13 46.43
C GLY D 38 -13.49 35.28 46.71
N PRO D 39 -13.17 35.88 47.85
CA PRO D 39 -11.76 36.04 48.23
C PRO D 39 -11.08 34.72 48.57
N LYS D 40 -11.83 33.67 48.90
CA LYS D 40 -11.28 32.36 49.19
C LYS D 40 -11.18 31.49 47.94
N GLY D 41 -11.52 32.01 46.78
CA GLY D 41 -11.46 31.22 45.56
C GLY D 41 -10.04 30.90 45.15
N MET D 42 -9.92 29.92 44.27
CA MET D 42 -8.63 29.45 43.78
C MET D 42 -8.45 29.80 42.31
N ASP D 43 -7.20 30.05 41.94
CA ASP D 43 -6.87 30.39 40.56
C ASP D 43 -6.97 29.17 39.65
N LYS D 44 -7.09 29.43 38.37
CA LYS D 44 -7.17 28.39 37.36
C LYS D 44 -5.94 28.41 36.46
N LEU D 45 -5.61 27.24 35.91
CA LEU D 45 -4.45 27.07 35.06
C LEU D 45 -4.88 26.85 33.62
N LEU D 46 -4.20 27.51 32.68
CA LEU D 46 -4.52 27.43 31.27
C LEU D 46 -3.35 26.80 30.54
N GLN D 47 -3.60 25.70 29.83
CA GLN D 47 -2.59 25.01 29.04
C GLN D 47 -2.72 25.44 27.59
N SER D 48 -1.72 26.14 27.09
CA SER D 48 -1.73 26.62 25.71
C SER D 48 -1.41 25.49 24.75
N ALA D 49 -2.08 25.50 23.60
CA ALA D 49 -1.86 24.49 22.58
C ALA D 49 -0.58 24.73 21.78
N SER D 50 0.03 25.90 21.90
CA SER D 50 1.25 26.22 21.17
C SER D 50 2.20 27.00 22.08
N SER D 51 3.50 26.81 21.85
CA SER D 51 4.58 27.50 22.54
C SER D 51 4.66 27.12 24.01
N ASN D 52 3.69 26.35 24.51
CA ASN D 52 3.67 25.89 25.90
C ASN D 52 3.78 27.05 26.88
N THR D 53 2.90 28.03 26.70
CA THR D 53 2.87 29.21 27.55
C THR D 53 1.72 29.08 28.55
N CYS D 54 2.06 28.91 29.82
CA CYS D 54 1.07 28.76 30.87
C CYS D 54 0.59 30.13 31.34
N MET D 55 -0.71 30.24 31.62
CA MET D 55 -1.32 31.48 32.07
C MET D 55 -2.24 31.17 33.25
N VAL D 56 -2.00 31.83 34.38
CA VAL D 56 -2.79 31.63 35.59
C VAL D 56 -3.51 32.94 35.90
N THR D 57 -4.84 32.92 35.83
CA THR D 57 -5.63 34.11 36.09
C THR D 57 -6.91 33.73 36.83
N ASN D 58 -7.29 34.57 37.80
CA ASN D 58 -8.54 34.38 38.52
C ASN D 58 -9.74 34.95 37.77
N ASP D 59 -9.51 35.86 36.83
CA ASP D 59 -10.59 36.49 36.10
C ASP D 59 -11.27 35.50 35.17
N GLY D 60 -12.61 35.52 35.16
CA GLY D 60 -13.36 34.62 34.32
C GLY D 60 -13.41 35.00 32.85
N ALA D 61 -13.08 36.26 32.53
CA ALA D 61 -13.12 36.69 31.14
C ALA D 61 -12.00 36.04 30.33
N THR D 62 -10.79 35.97 30.91
CA THR D 62 -9.68 35.35 30.19
C THR D 62 -9.83 33.84 30.13
N ILE D 63 -10.37 33.23 31.19
CA ILE D 63 -10.51 31.77 31.22
C ILE D 63 -11.48 31.30 30.15
N LEU D 64 -12.61 32.00 29.98
CA LEU D 64 -13.60 31.58 29.00
C LEU D 64 -13.15 31.84 27.58
N LYS D 65 -12.41 32.93 27.35
CA LYS D 65 -11.96 33.24 25.99
C LYS D 65 -10.77 32.38 25.57
N SER D 66 -9.93 31.97 26.51
CA SER D 66 -8.77 31.15 26.16
C SER D 66 -9.17 29.70 25.89
N ILE D 67 -10.05 29.14 26.73
CA ILE D 67 -10.49 27.76 26.57
C ILE D 67 -11.43 27.67 25.37
N PRO D 68 -11.13 26.81 24.39
CA PRO D 68 -12.03 26.69 23.23
C PRO D 68 -13.34 26.03 23.62
N LEU D 69 -14.44 26.61 23.16
CA LEU D 69 -15.78 26.09 23.44
C LEU D 69 -16.57 26.07 22.14
N ASP D 70 -16.97 24.87 21.71
CA ASP D 70 -17.75 24.71 20.49
C ASP D 70 -19.25 24.76 20.73
N ASN D 71 -19.69 24.78 21.98
CA ASN D 71 -21.11 24.81 22.28
C ASN D 71 -21.63 26.24 22.17
N PRO D 72 -22.65 26.49 21.33
CA PRO D 72 -23.21 27.85 21.26
C PRO D 72 -23.76 28.34 22.59
N ALA D 73 -24.28 27.43 23.42
CA ALA D 73 -24.74 27.82 24.75
C ALA D 73 -23.60 28.33 25.61
N ALA D 74 -22.39 27.82 25.38
CA ALA D 74 -21.21 28.31 26.09
C ALA D 74 -20.72 29.64 25.53
N LYS D 75 -20.83 29.85 24.22
CA LYS D 75 -20.37 31.09 23.61
C LYS D 75 -21.19 32.28 24.09
N VAL D 76 -22.45 32.06 24.47
CA VAL D 76 -23.27 33.15 24.98
C VAL D 76 -22.72 33.66 26.31
N LEU D 77 -22.28 32.74 27.18
CA LEU D 77 -21.69 33.14 28.45
C LEU D 77 -20.27 33.67 28.31
N VAL D 78 -19.60 33.38 27.20
CA VAL D 78 -18.28 33.94 26.96
C VAL D 78 -18.37 35.37 26.47
N ASN D 79 -19.36 35.66 25.61
CA ASN D 79 -19.49 37.01 25.07
C ASN D 79 -19.91 38.01 26.15
N ILE D 80 -20.81 37.60 27.05
CA ILE D 80 -21.23 38.50 28.11
C ILE D 80 -20.10 38.77 29.10
N SER D 81 -19.12 37.86 29.19
CA SER D 81 -17.95 38.11 30.03
C SER D 81 -16.99 39.09 29.37
N LYS D 82 -16.85 39.03 28.05
CA LYS D 82 -16.02 40.01 27.34
C LYS D 82 -16.61 41.40 27.38
N VAL D 83 -17.94 41.50 27.32
CA VAL D 83 -18.60 42.79 27.42
C VAL D 83 -18.46 43.35 28.83
N GLN D 84 -18.61 42.49 29.85
CA GLN D 84 -18.48 42.93 31.23
C GLN D 84 -17.06 43.41 31.52
N ASP D 85 -16.05 42.82 30.87
CA ASP D 85 -14.68 43.26 31.05
C ASP D 85 -14.42 44.58 30.33
N ASP D 86 -14.99 44.73 29.12
CA ASP D 86 -14.76 45.94 28.34
C ASP D 86 -15.60 47.12 28.79
N GLU D 87 -16.74 46.88 29.43
CA GLU D 87 -17.63 47.98 29.86
C GLU D 87 -17.25 48.48 31.24
N VAL D 88 -17.57 47.70 32.29
CA VAL D 88 -17.26 48.12 33.64
C VAL D 88 -15.80 47.84 33.99
N GLY D 89 -15.30 46.68 33.59
CA GLY D 89 -13.94 46.27 33.90
C GLY D 89 -13.82 45.28 35.04
N ASP D 90 -14.93 44.85 35.62
CA ASP D 90 -14.91 43.90 36.72
C ASP D 90 -16.25 43.19 36.76
N GLY D 91 -16.27 42.05 37.44
CA GLY D 91 -17.49 41.28 37.59
C GLY D 91 -17.76 40.29 36.48
N THR D 92 -16.75 39.89 35.72
CA THR D 92 -16.96 38.95 34.63
C THR D 92 -17.36 37.57 35.14
N THR D 93 -16.83 37.16 36.29
CA THR D 93 -17.20 35.85 36.85
C THR D 93 -18.60 35.89 37.44
N SER D 94 -18.96 37.00 38.10
CA SER D 94 -20.28 37.10 38.73
C SER D 94 -21.39 37.07 37.68
N VAL D 95 -21.16 37.64 36.50
CA VAL D 95 -22.16 37.61 35.45
C VAL D 95 -22.33 36.19 34.91
N THR D 96 -21.21 35.48 34.72
CA THR D 96 -21.29 34.11 34.20
C THR D 96 -21.98 33.18 35.20
N VAL D 97 -21.70 33.36 36.49
CA VAL D 97 -22.31 32.49 37.50
C VAL D 97 -23.79 32.80 37.65
N LEU D 98 -24.14 34.10 37.72
CA LEU D 98 -25.53 34.48 37.92
C LEU D 98 -26.38 34.12 36.70
N SER D 99 -25.85 34.29 35.50
CA SER D 99 -26.60 33.92 34.30
C SER D 99 -26.74 32.42 34.18
N ALA D 100 -25.79 31.65 34.73
CA ALA D 100 -25.90 30.20 34.69
C ALA D 100 -26.93 29.69 35.69
N GLU D 101 -27.02 30.32 36.86
CA GLU D 101 -27.99 29.91 37.86
C GLU D 101 -29.42 30.23 37.41
N LEU D 102 -29.59 31.25 36.58
CA LEU D 102 -30.91 31.53 36.02
C LEU D 102 -31.38 30.40 35.11
N LEU D 103 -30.45 29.74 34.43
CA LEU D 103 -30.80 28.57 33.62
C LEU D 103 -30.99 27.32 34.46
N ARG D 104 -30.34 27.25 35.63
CA ARG D 104 -30.55 26.13 36.52
C ARG D 104 -31.96 26.12 37.09
N GLU D 105 -32.47 27.29 37.50
CA GLU D 105 -33.82 27.36 38.01
C GLU D 105 -34.85 27.27 36.89
N ALA D 106 -34.46 27.65 35.66
CA ALA D 106 -35.36 27.54 34.53
C ALA D 106 -35.42 26.12 33.97
N GLU D 107 -34.42 25.29 34.26
CA GLU D 107 -34.45 23.92 33.78
C GLU D 107 -35.47 23.08 34.53
N LYS D 108 -35.59 23.29 35.84
CA LYS D 108 -36.55 22.52 36.63
C LYS D 108 -37.98 22.98 36.41
N LEU D 109 -38.19 24.21 35.96
CA LEU D 109 -39.54 24.68 35.71
C LEU D 109 -40.11 24.09 34.41
N ILE D 110 -39.27 23.91 33.40
CA ILE D 110 -39.73 23.32 32.14
C ILE D 110 -39.90 21.81 32.31
N ASP D 111 -38.96 21.16 32.99
CA ASP D 111 -39.01 19.71 33.16
C ASP D 111 -40.06 19.32 34.21
N GLN D 112 -39.83 19.73 35.46
CA GLN D 112 -40.72 19.33 36.54
C GLN D 112 -42.02 20.13 36.51
N SER D 113 -41.93 21.44 36.70
CA SER D 113 -43.12 22.28 36.82
C SER D 113 -43.86 22.46 35.50
N LYS D 114 -43.27 22.07 34.37
CA LYS D 114 -43.90 22.16 33.05
C LYS D 114 -44.32 23.61 32.74
N ILE D 115 -43.35 24.52 32.85
CA ILE D 115 -43.59 25.94 32.62
C ILE D 115 -43.17 26.30 31.20
N HIS D 116 -43.94 27.17 30.57
CA HIS D 116 -43.62 27.61 29.22
C HIS D 116 -42.31 28.39 29.23
N PRO D 117 -41.46 28.23 28.20
CA PRO D 117 -40.18 28.95 28.19
C PRO D 117 -40.33 30.46 28.23
N GLN D 118 -41.25 31.01 27.43
CA GLN D 118 -41.48 32.46 27.44
C GLN D 118 -42.04 32.92 28.78
N THR D 119 -42.79 32.05 29.46
CA THR D 119 -43.31 32.39 30.78
C THR D 119 -42.18 32.62 31.77
N ILE D 120 -41.14 31.78 31.72
CA ILE D 120 -39.96 31.99 32.55
C ILE D 120 -39.27 33.29 32.15
N ILE D 121 -39.24 33.59 30.85
CA ILE D 121 -38.63 34.83 30.37
C ILE D 121 -39.45 36.03 30.83
N GLU D 122 -40.78 35.96 30.67
CA GLU D 122 -41.64 37.03 31.14
C GLU D 122 -41.66 37.12 32.67
N GLY D 123 -41.28 36.04 33.36
CA GLY D 123 -41.18 36.12 34.81
C GLY D 123 -39.98 36.91 35.27
N TYR D 124 -38.86 36.78 34.56
CA TYR D 124 -37.67 37.56 34.90
C TYR D 124 -37.81 39.03 34.55
N ARG D 125 -38.74 39.36 33.65
CA ARG D 125 -38.93 40.76 33.28
C ARG D 125 -39.46 41.57 34.45
N LEU D 126 -40.53 41.08 35.10
CA LEU D 126 -41.07 41.75 36.27
C LEU D 126 -40.22 41.52 37.51
N ALA D 127 -39.39 40.47 37.53
CA ALA D 127 -38.52 40.22 38.66
C ALA D 127 -37.29 41.13 38.63
N SER D 128 -36.75 41.38 37.44
CA SER D 128 -35.60 42.27 37.31
C SER D 128 -35.96 43.72 37.57
N ALA D 129 -37.22 44.10 37.34
CA ALA D 129 -37.63 45.48 37.61
C ALA D 129 -37.61 45.77 39.10
N ALA D 130 -37.99 44.79 39.92
CA ALA D 130 -37.93 44.98 41.37
C ALA D 130 -36.51 44.84 41.91
N ALA D 131 -35.65 44.10 41.21
CA ALA D 131 -34.26 43.96 41.65
C ALA D 131 -33.48 45.24 41.40
N LEU D 132 -33.73 45.91 40.28
CA LEU D 132 -33.05 47.15 39.99
C LEU D 132 -33.57 48.30 40.84
N ASP D 133 -34.86 48.29 41.17
CA ASP D 133 -35.41 49.34 42.02
C ASP D 133 -34.98 49.16 43.47
N ALA D 134 -34.65 47.92 43.88
CA ALA D 134 -34.18 47.70 45.24
C ALA D 134 -32.79 48.26 45.45
N LEU D 135 -31.94 48.25 44.42
CA LEU D 135 -30.60 48.81 44.52
C LEU D 135 -30.61 50.33 44.50
N THR D 136 -31.63 50.95 43.92
CA THR D 136 -31.68 52.41 43.87
C THR D 136 -31.92 53.00 45.26
N LYS D 137 -32.86 52.43 46.01
CA LYS D 137 -33.13 52.92 47.36
C LYS D 137 -32.01 52.59 48.33
N ALA D 138 -31.18 51.60 48.02
CA ALA D 138 -30.07 51.22 48.88
C ALA D 138 -28.76 51.91 48.50
N ALA D 139 -28.77 52.77 47.48
CA ALA D 139 -27.58 53.47 47.05
C ALA D 139 -27.40 54.76 47.84
N VAL D 140 -26.16 55.03 48.25
CA VAL D 140 -25.82 56.22 49.01
C VAL D 140 -24.78 57.01 48.22
N ASP D 141 -25.01 58.31 48.06
CA ASP D 141 -24.11 59.18 47.32
C ASP D 141 -23.29 59.98 48.32
N ASN D 142 -22.00 59.66 48.41
CA ASN D 142 -21.08 60.35 49.31
C ASN D 142 -20.28 61.44 48.61
N SER D 143 -20.54 61.70 47.33
CA SER D 143 -19.78 62.69 46.57
C SER D 143 -19.94 64.10 47.11
N HIS D 144 -20.91 64.35 47.99
CA HIS D 144 -21.06 65.68 48.58
C HIS D 144 -19.88 66.06 49.46
N ASP D 145 -19.11 65.09 49.95
CA ASP D 145 -17.94 65.34 50.76
C ASP D 145 -16.74 64.67 50.11
N LYS D 146 -15.67 65.44 49.89
CA LYS D 146 -14.47 64.88 49.29
C LYS D 146 -13.75 63.92 50.22
N THR D 147 -13.92 64.09 51.53
CA THR D 147 -13.29 63.18 52.48
C THR D 147 -13.98 61.83 52.50
N MET D 148 -15.32 61.83 52.52
CA MET D 148 -16.06 60.57 52.51
C MET D 148 -15.98 59.87 51.17
N PHE D 149 -15.83 60.63 50.08
CA PHE D 149 -15.73 60.02 48.76
C PHE D 149 -14.37 59.35 48.57
N ARG D 150 -13.30 59.99 49.07
CA ARG D 150 -11.97 59.40 48.96
C ARG D 150 -11.85 58.14 49.82
N GLU D 151 -12.51 58.12 50.98
CA GLU D 151 -12.46 56.94 51.84
C GLU D 151 -13.20 55.78 51.20
N ASP D 152 -14.31 56.05 50.50
CA ASP D 152 -15.06 54.98 49.84
C ASP D 152 -14.25 54.36 48.70
N LEU D 153 -13.36 55.13 48.08
CA LEU D 153 -12.52 54.58 47.02
C LEU D 153 -11.56 53.54 47.55
N ILE D 154 -11.21 53.63 48.84
CA ILE D 154 -10.31 52.64 49.44
C ILE D 154 -11.05 51.36 49.74
N HIS D 155 -12.29 51.46 50.25
CA HIS D 155 -13.06 50.26 50.58
C HIS D 155 -13.46 49.49 49.33
N ILE D 156 -13.70 50.18 48.22
CA ILE D 156 -14.04 49.50 46.98
C ILE D 156 -12.84 48.73 46.45
N ALA D 157 -11.64 49.30 46.57
CA ALA D 157 -10.44 48.62 46.12
C ALA D 157 -10.13 47.38 46.94
N LYS D 158 -10.46 47.41 48.24
CA LYS D 158 -10.22 46.25 49.08
C LYS D 158 -11.11 45.07 48.70
N THR D 159 -12.30 45.35 48.17
CA THR D 159 -13.20 44.28 47.78
C THR D 159 -12.77 43.64 46.46
N THR D 160 -12.34 44.46 45.49
CA THR D 160 -11.91 43.91 44.21
C THR D 160 -10.60 43.15 44.34
N LEU D 161 -9.64 43.70 45.10
CA LEU D 161 -8.35 43.04 45.27
C LEU D 161 -8.43 41.81 46.17
N SER D 162 -9.56 41.57 46.83
CA SER D 162 -9.68 40.44 47.73
C SER D 162 -9.83 39.12 46.98
N SER D 163 -10.50 39.14 45.82
CA SER D 163 -10.70 37.91 45.05
C SER D 163 -9.44 37.45 44.34
N LYS D 164 -8.45 38.33 44.20
CA LYS D 164 -7.21 38.02 43.51
C LYS D 164 -6.14 37.58 44.51
N ILE D 165 -4.91 37.39 44.03
CA ILE D 165 -3.81 36.98 44.88
C ILE D 165 -3.32 38.10 45.80
N LEU D 166 -3.83 39.32 45.62
CA LEU D 166 -3.38 40.48 46.38
C LEU D 166 -4.14 40.66 47.69
N SER D 167 -5.04 39.73 48.04
CA SER D 167 -5.88 39.88 49.22
C SER D 167 -5.07 40.03 50.51
N GLN D 168 -3.83 39.53 50.53
CA GLN D 168 -3.01 39.67 51.73
C GLN D 168 -2.45 41.09 51.84
N ASP D 169 -1.91 41.61 50.76
CA ASP D 169 -1.30 42.94 50.74
C ASP D 169 -2.25 44.03 50.25
N LYS D 170 -3.53 43.69 50.03
CA LYS D 170 -4.48 44.66 49.50
C LYS D 170 -4.61 45.91 50.37
N ASP D 171 -4.30 45.80 51.66
CA ASP D 171 -4.35 46.98 52.53
C ASP D 171 -3.31 48.01 52.11
N HIS D 172 -2.13 47.54 51.69
CA HIS D 172 -1.09 48.45 51.21
C HIS D 172 -1.35 48.92 49.78
N PHE D 173 -2.03 48.09 48.98
CA PHE D 173 -2.32 48.43 47.59
C PHE D 173 -3.63 49.18 47.42
N ALA D 174 -4.44 49.30 48.47
CA ALA D 174 -5.69 50.06 48.36
C ALA D 174 -5.40 51.56 48.23
N GLU D 175 -4.37 52.05 48.92
CA GLU D 175 -4.02 53.46 48.82
C GLU D 175 -3.33 53.77 47.50
N LEU D 176 -2.58 52.81 46.95
CA LEU D 176 -1.91 53.03 45.67
C LEU D 176 -2.91 53.13 44.54
N ALA D 177 -3.96 52.30 44.57
CA ALA D 177 -4.99 52.36 43.55
C ALA D 177 -5.94 53.54 43.76
N THR D 178 -6.14 53.96 45.00
CA THR D 178 -6.99 55.11 45.26
C THR D 178 -6.32 56.41 44.84
N ASN D 179 -5.04 56.58 45.17
CA ASN D 179 -4.33 57.79 44.78
C ASN D 179 -4.16 57.89 43.27
N ALA D 180 -4.01 56.75 42.59
CA ALA D 180 -3.85 56.77 41.14
C ALA D 180 -5.09 57.31 40.44
N ILE D 181 -6.27 57.06 41.00
CA ILE D 181 -7.51 57.59 40.43
C ILE D 181 -7.66 59.06 40.77
N LEU D 182 -7.25 59.46 41.99
CA LEU D 182 -7.27 60.88 42.34
C LEU D 182 -6.35 61.69 41.46
N ARG D 183 -5.26 61.09 40.99
CA ARG D 183 -4.35 61.78 40.07
C ARG D 183 -5.02 62.05 38.72
N LEU D 184 -5.90 61.14 38.28
CA LEU D 184 -6.59 61.33 37.01
C LEU D 184 -7.58 62.48 37.06
N LYS D 185 -8.04 62.87 38.25
CA LYS D 185 -8.97 63.98 38.43
C LYS D 185 -10.27 63.75 37.64
N GLY D 186 -10.85 62.57 37.82
CA GLY D 186 -12.09 62.22 37.17
C GLY D 186 -11.95 61.58 35.80
N SER D 187 -10.73 61.40 35.31
CA SER D 187 -10.53 60.78 34.00
C SER D 187 -10.77 59.28 34.08
N THR D 188 -11.60 58.77 33.18
CA THR D 188 -11.92 57.35 33.14
C THR D 188 -11.01 56.57 32.20
N ASN D 189 -10.03 57.21 31.58
CA ASN D 189 -9.13 56.55 30.65
C ASN D 189 -8.01 55.88 31.43
N LEU D 190 -7.87 54.57 31.28
CA LEU D 190 -6.82 53.81 31.95
C LEU D 190 -5.55 53.68 31.12
N GLU D 191 -5.56 54.15 29.88
CA GLU D 191 -4.36 54.12 29.05
C GLU D 191 -3.36 55.20 29.42
N HIS D 192 -3.71 56.12 30.31
CA HIS D 192 -2.80 57.15 30.78
C HIS D 192 -1.93 56.70 31.94
N ILE D 193 -2.23 55.55 32.54
CA ILE D 193 -1.45 55.02 33.66
C ILE D 193 -0.59 53.87 33.13
N GLN D 194 0.72 53.96 33.35
CA GLN D 194 1.65 52.95 32.89
C GLN D 194 1.92 51.95 34.00
N ILE D 195 1.98 50.67 33.64
CA ILE D 195 2.26 49.58 34.57
C ILE D 195 3.54 48.90 34.13
N ILE D 196 4.58 49.02 34.95
CA ILE D 196 5.88 48.40 34.69
C ILE D 196 6.04 47.22 35.64
N LYS D 197 6.17 46.03 35.08
CA LYS D 197 6.27 44.80 35.86
C LYS D 197 7.74 44.44 36.02
N ILE D 198 8.18 44.29 37.27
CA ILE D 198 9.56 43.94 37.58
C ILE D 198 9.57 42.61 38.30
N LEU D 199 10.45 41.70 37.88
CA LEU D 199 10.52 40.36 38.43
C LEU D 199 11.51 40.34 39.58
N GLY D 200 11.11 39.72 40.69
CA GLY D 200 11.95 39.61 41.86
C GLY D 200 11.51 40.53 42.98
N GLY D 201 12.00 40.23 44.18
CA GLY D 201 11.69 41.03 45.34
C GLY D 201 10.37 40.64 45.99
N LYS D 202 10.06 41.34 47.09
CA LYS D 202 8.82 41.09 47.81
C LYS D 202 7.63 41.63 47.02
N LEU D 203 6.49 40.95 47.20
CA LEU D 203 5.27 41.40 46.52
C LEU D 203 4.75 42.70 47.10
N SER D 204 5.07 42.99 48.36
CA SER D 204 4.61 44.21 49.02
C SER D 204 5.49 45.41 48.70
N ASP D 205 6.53 45.25 47.89
CA ASP D 205 7.42 46.35 47.55
C ASP D 205 6.88 47.22 46.41
N SER D 206 5.72 46.89 45.87
CA SER D 206 5.13 47.71 44.81
C SER D 206 4.79 49.10 45.34
N PHE D 207 5.21 50.12 44.60
CA PHE D 207 5.04 51.51 45.00
C PHE D 207 4.52 52.31 43.82
N LEU D 208 4.07 53.54 44.11
CA LEU D 208 3.60 54.47 43.09
C LEU D 208 4.36 55.78 43.27
N ASP D 209 5.24 56.10 42.33
CA ASP D 209 5.96 57.36 42.33
C ASP D 209 5.11 58.47 41.75
N GLU D 210 5.42 59.70 42.14
CA GLU D 210 4.82 60.89 41.54
C GLU D 210 5.74 61.35 40.41
N GLY D 211 5.30 61.16 39.18
CA GLY D 211 6.12 61.47 38.02
C GLY D 211 5.79 60.51 36.89
N PHE D 212 6.74 60.38 35.96
CA PHE D 212 6.63 59.45 34.85
C PHE D 212 7.90 58.63 34.78
N ILE D 213 7.78 57.32 34.97
CA ILE D 213 8.91 56.41 34.92
C ILE D 213 8.98 55.84 33.51
N LEU D 214 10.04 56.18 32.78
CA LEU D 214 10.24 55.76 31.41
C LEU D 214 11.31 54.69 31.34
N ALA D 215 11.02 53.61 30.61
CA ALA D 215 11.99 52.54 30.46
C ALA D 215 13.15 52.92 29.55
N LYS D 216 12.96 53.91 28.69
CA LYS D 216 14.01 54.34 27.78
C LYS D 216 15.05 55.19 28.51
N LYS D 217 16.24 55.22 27.96
CA LYS D 217 17.38 55.93 28.54
C LYS D 217 17.94 56.93 27.54
N PHE D 218 18.76 57.85 28.06
CA PHE D 218 19.41 58.84 27.21
C PHE D 218 20.34 58.14 26.22
N GLY D 219 20.49 58.75 25.05
CA GLY D 219 21.15 58.07 23.95
C GLY D 219 22.62 57.76 24.13
N ASN D 220 23.46 58.77 24.30
CA ASN D 220 24.89 58.49 24.48
C ASN D 220 25.52 59.25 25.65
N ASN D 221 25.72 60.56 25.47
CA ASN D 221 26.50 61.36 26.39
C ASN D 221 25.67 62.16 27.38
N GLN D 222 24.35 62.05 27.33
CA GLN D 222 23.52 62.87 28.21
C GLN D 222 23.65 62.39 29.65
N PRO D 223 23.85 63.30 30.62
CA PRO D 223 24.00 62.88 32.01
C PRO D 223 22.75 62.20 32.54
N LYS D 224 22.95 61.35 33.55
CA LYS D 224 21.83 60.60 34.11
C LYS D 224 20.93 61.51 34.95
N ARG D 225 21.51 62.28 35.86
CA ARG D 225 20.76 63.15 36.76
C ARG D 225 20.99 64.60 36.40
N ILE D 226 19.90 65.36 36.28
CA ILE D 226 19.97 66.79 35.99
C ILE D 226 18.78 67.46 36.67
N GLU D 227 19.00 68.67 37.17
CA GLU D 227 17.98 69.43 37.87
C GLU D 227 17.55 70.64 37.05
N ASN D 228 16.27 70.99 37.19
CA ASN D 228 15.65 72.13 36.49
C ASN D 228 15.82 71.98 34.98
N ALA D 229 15.11 70.97 34.46
CA ALA D 229 15.15 70.64 33.03
C ALA D 229 13.77 70.83 32.43
N LYS D 230 13.69 71.59 31.33
CA LYS D 230 12.44 71.80 30.62
C LYS D 230 12.28 70.70 29.58
N ILE D 231 11.18 69.96 29.68
CA ILE D 231 10.94 68.80 28.81
C ILE D 231 10.12 69.24 27.61
N LEU D 232 10.58 68.86 26.42
CA LEU D 232 9.89 69.16 25.17
C LEU D 232 9.60 67.87 24.42
N ILE D 233 8.46 67.81 23.76
CA ILE D 233 8.02 66.63 23.03
C ILE D 233 7.76 67.02 21.58
N ALA D 234 8.37 66.28 20.65
CA ALA D 234 8.19 66.49 19.22
C ALA D 234 7.86 65.15 18.58
N ASN D 235 6.76 65.11 17.82
CA ASN D 235 6.31 63.86 17.23
C ASN D 235 7.05 63.52 15.93
N THR D 236 7.30 64.51 15.09
CA THR D 236 7.55 64.27 13.67
C THR D 236 9.03 64.35 13.30
N THR D 237 9.43 63.46 12.38
CA THR D 237 10.66 63.53 11.57
C THR D 237 11.92 63.92 12.34
N LEU D 238 12.60 64.97 11.89
CA LEU D 238 13.88 65.36 12.49
C LEU D 238 14.90 64.23 12.52
N ASP D 239 14.85 63.37 11.50
CA ASP D 239 15.96 62.45 11.21
C ASP D 239 15.99 62.19 9.71
N THR D 240 17.07 62.64 9.05
CA THR D 240 17.27 62.46 7.61
C THR D 240 16.01 62.83 6.82
N ASP D 241 15.56 64.06 7.04
CA ASP D 241 14.26 64.50 6.54
C ASP D 241 14.12 64.24 5.05
N LYS D 242 13.02 63.59 4.68
CA LYS D 242 12.68 63.27 3.30
C LYS D 242 11.83 64.36 2.64
N VAL D 243 11.64 65.49 3.33
CA VAL D 243 10.70 66.53 2.94
C VAL D 243 9.32 65.88 2.96
N LYS D 244 8.58 65.95 1.85
CA LYS D 244 7.25 65.36 1.82
C LYS D 244 7.04 64.50 0.58
N ILE D 245 7.00 65.13 -0.59
CA ILE D 245 6.71 64.41 -1.82
C ILE D 245 7.85 63.46 -2.16
N PHE D 246 7.51 62.32 -2.76
CA PHE D 246 8.48 61.30 -3.11
C PHE D 246 9.04 61.48 -4.52
N GLY D 247 8.62 62.52 -5.24
CA GLY D 247 9.07 62.72 -6.60
C GLY D 247 10.23 63.69 -6.73
N THR D 248 10.97 63.91 -5.64
CA THR D 248 12.12 64.79 -5.64
C THR D 248 13.39 63.99 -5.86
N LYS D 249 14.28 64.52 -6.70
CA LYS D 249 15.54 63.88 -7.03
C LYS D 249 16.60 64.96 -7.20
N PHE D 250 17.86 64.52 -7.21
CA PHE D 250 19.01 65.41 -7.38
C PHE D 250 19.64 65.15 -8.74
N LYS D 251 19.58 66.14 -9.63
CA LYS D 251 20.23 66.07 -10.93
C LYS D 251 21.61 66.70 -10.79
N VAL D 252 22.66 65.90 -10.93
CA VAL D 252 24.02 66.30 -10.63
C VAL D 252 24.86 66.17 -11.88
N ASP D 253 25.51 67.27 -12.28
CA ASP D 253 26.42 67.22 -13.41
C ASP D 253 27.78 66.65 -13.02
N SER D 254 28.30 67.04 -11.86
CA SER D 254 29.58 66.55 -11.37
C SER D 254 29.51 66.41 -9.86
N THR D 255 30.23 65.41 -9.34
CA THR D 255 30.18 65.09 -7.92
C THR D 255 30.61 66.26 -7.03
N ALA D 256 31.29 67.26 -7.59
CA ALA D 256 31.62 68.45 -6.82
C ALA D 256 30.36 69.15 -6.34
N LYS D 257 29.32 69.20 -7.18
CA LYS D 257 28.04 69.75 -6.77
C LYS D 257 27.22 68.80 -5.91
N LEU D 258 27.46 67.50 -6.04
CA LEU D 258 26.72 66.53 -5.22
C LEU D 258 27.09 66.63 -3.76
N ALA D 259 28.36 66.93 -3.45
CA ALA D 259 28.76 67.08 -2.06
C ALA D 259 28.11 68.30 -1.42
N GLN D 260 27.82 69.33 -2.21
CA GLN D 260 27.15 70.52 -1.68
C GLN D 260 25.66 70.26 -1.45
N LEU D 261 25.06 69.33 -2.20
CA LEU D 261 23.65 69.02 -2.01
C LEU D 261 23.43 68.21 -0.74
N GLU D 262 24.30 67.24 -0.48
CA GLU D 262 24.20 66.47 0.76
C GLU D 262 24.55 67.32 1.97
N LYS D 263 25.50 68.26 1.81
CA LYS D 263 25.83 69.17 2.90
C LYS D 263 24.66 70.08 3.23
N ALA D 264 23.84 70.42 2.23
CA ALA D 264 22.65 71.24 2.49
C ALA D 264 21.63 70.47 3.33
N GLU D 265 21.63 69.14 3.24
CA GLU D 265 20.74 68.35 4.09
C GLU D 265 21.18 68.42 5.55
N ARG D 266 22.48 68.47 5.80
CA ARG D 266 22.97 68.66 7.16
C ARG D 266 22.71 70.08 7.66
N GLU D 267 22.71 71.05 6.76
CA GLU D 267 22.37 72.42 7.15
C GLU D 267 20.91 72.54 7.55
N LYS D 268 20.03 71.75 6.92
CA LYS D 268 18.63 71.73 7.33
C LYS D 268 18.47 71.14 8.73
N MET D 269 19.30 70.14 9.06
CA MET D 269 19.26 69.55 10.39
C MET D 269 19.81 70.51 11.43
N LYS D 270 20.89 71.23 11.10
CA LYS D 270 21.48 72.17 12.04
C LYS D 270 20.58 73.36 12.28
N ASN D 271 19.88 73.82 11.25
CA ASN D 271 18.99 74.96 11.40
C ASN D 271 17.76 74.61 12.22
N LYS D 272 17.31 73.35 12.17
CA LYS D 272 16.13 72.95 12.94
C LYS D 272 16.47 72.76 14.41
N ILE D 273 17.66 72.21 14.71
CA ILE D 273 18.08 72.07 16.10
C ILE D 273 18.40 73.43 16.70
N ALA D 274 18.89 74.37 15.89
CA ALA D 274 19.18 75.71 16.39
C ALA D 274 17.91 76.41 16.85
N LYS D 275 16.77 76.14 16.20
CA LYS D 275 15.50 76.71 16.64
C LYS D 275 15.00 76.08 17.92
N ILE D 276 15.42 74.86 18.24
CA ILE D 276 15.03 74.23 19.49
C ILE D 276 15.72 74.88 20.67
N SER D 277 16.98 75.31 20.48
CA SER D 277 17.72 75.96 21.54
C SER D 277 17.14 77.32 21.93
N LYS D 278 16.29 77.89 21.07
CA LYS D 278 15.67 79.17 21.40
C LYS D 278 14.66 79.07 22.52
N PHE D 279 14.19 77.85 22.84
CA PHE D 279 13.24 77.67 23.92
C PHE D 279 13.89 77.75 25.29
N GLY D 280 15.18 77.44 25.38
CA GLY D 280 15.85 77.39 26.66
C GLY D 280 15.57 76.13 27.44
N ILE D 281 15.44 74.99 26.76
CA ILE D 281 15.11 73.73 27.38
C ILE D 281 16.39 72.94 27.63
N ASN D 282 16.42 72.21 28.75
CA ASN D 282 17.53 71.33 29.06
C ASN D 282 17.29 69.89 28.60
N THR D 283 16.09 69.57 28.12
CA THR D 283 15.75 68.22 27.73
C THR D 283 14.85 68.25 26.50
N PHE D 284 15.14 67.37 25.54
CA PHE D 284 14.33 67.21 24.34
C PHE D 284 13.98 65.74 24.16
N ILE D 285 12.75 65.47 23.74
CA ILE D 285 12.25 64.11 23.59
C ILE D 285 11.57 63.98 22.23
N ASN D 286 11.95 62.96 21.47
CA ASN D 286 11.37 62.65 20.18
C ASN D 286 10.84 61.23 20.19
N ARG D 287 9.58 61.06 19.79
CA ARG D 287 9.01 59.71 19.71
C ARG D 287 9.65 58.91 18.59
N GLN D 288 10.10 59.57 17.54
CA GLN D 288 10.88 58.91 16.50
C GLN D 288 12.33 58.79 16.92
N LEU D 289 12.97 57.69 16.51
CA LEU D 289 14.37 57.48 16.86
C LEU D 289 15.26 58.53 16.21
N ILE D 290 16.33 58.89 16.93
CA ILE D 290 17.22 59.97 16.52
C ILE D 290 18.56 59.35 16.11
N TYR D 291 19.08 59.79 14.97
CA TYR D 291 20.34 59.28 14.46
C TYR D 291 21.51 59.90 15.21
N ASP D 292 22.73 59.60 14.77
CA ASP D 292 23.93 60.08 15.47
C ASP D 292 24.22 61.54 15.17
N TYR D 293 23.98 61.97 13.93
CA TYR D 293 24.30 63.36 13.57
C TYR D 293 23.44 64.37 14.33
N PRO D 294 22.10 64.27 14.34
CA PRO D 294 21.32 65.26 15.11
C PRO D 294 21.50 65.15 16.60
N GLU D 295 21.91 63.99 17.12
CA GLU D 295 22.10 63.83 18.55
C GLU D 295 23.33 64.60 19.04
N GLN D 296 24.39 64.65 18.22
CA GLN D 296 25.59 65.36 18.61
C GLN D 296 25.39 66.87 18.67
N LEU D 297 24.37 67.40 17.99
CA LEU D 297 24.10 68.83 18.06
C LEU D 297 23.57 69.26 19.42
N PHE D 298 22.99 68.34 20.19
CA PHE D 298 22.51 68.65 21.52
C PHE D 298 23.61 68.68 22.57
N THR D 299 24.83 68.23 22.22
CA THR D 299 25.91 68.20 23.19
C THR D 299 26.39 69.60 23.52
N ASP D 300 26.68 70.41 22.49
CA ASP D 300 27.14 71.77 22.73
C ASP D 300 26.04 72.66 23.30
N LEU D 301 24.78 72.31 23.10
CA LEU D 301 23.66 73.08 23.62
C LEU D 301 23.24 72.65 25.02
N GLY D 302 23.78 71.55 25.53
CA GLY D 302 23.40 71.07 26.85
C GLY D 302 21.98 70.59 26.95
N ILE D 303 21.43 70.03 25.87
CA ILE D 303 20.05 69.58 25.82
C ILE D 303 20.03 68.07 25.80
N ASN D 304 19.17 67.46 26.61
CA ASN D 304 19.04 66.02 26.65
C ASN D 304 18.27 65.52 25.43
N SER D 305 18.50 64.25 25.09
CA SER D 305 17.87 63.63 23.93
C SER D 305 17.37 62.24 24.30
N ILE D 306 16.15 61.93 23.87
CA ILE D 306 15.52 60.63 24.11
C ILE D 306 14.89 60.17 22.80
N GLU D 307 15.10 58.90 22.46
CA GLU D 307 14.66 58.35 21.20
C GLU D 307 13.78 57.13 21.41
N HIS D 308 13.06 56.76 20.35
CA HIS D 308 12.24 55.55 20.33
C HIS D 308 11.19 55.54 21.45
N ALA D 309 10.41 56.61 21.50
CA ALA D 309 9.29 56.72 22.44
C ALA D 309 8.00 56.31 21.73
N ASP D 310 7.23 55.45 22.38
CA ASP D 310 5.99 54.96 21.79
C ASP D 310 4.91 56.04 21.88
N PHE D 311 4.03 56.07 20.87
CA PHE D 311 3.04 57.12 20.80
C PHE D 311 2.04 57.05 21.94
N GLU D 312 1.74 55.85 22.44
CA GLU D 312 0.87 55.72 23.61
C GLU D 312 1.56 56.19 24.88
N GLY D 313 2.88 56.26 24.89
CA GLY D 313 3.61 56.79 26.02
C GLY D 313 3.79 58.30 25.92
N VAL D 314 3.67 58.84 24.70
CA VAL D 314 3.75 60.28 24.52
C VAL D 314 2.57 60.98 25.18
N GLU D 315 1.36 60.44 24.99
CA GLU D 315 0.20 61.00 25.67
C GLU D 315 0.32 60.85 27.19
N ARG D 316 0.90 59.74 27.64
CA ARG D 316 1.16 59.56 29.06
C ARG D 316 2.21 60.54 29.55
N LEU D 317 3.23 60.80 28.74
CA LEU D 317 4.29 61.72 29.14
C LEU D 317 3.82 63.17 29.11
N ALA D 318 2.96 63.51 28.14
CA ALA D 318 2.49 64.89 28.03
C ALA D 318 1.62 65.29 29.21
N LEU D 319 0.89 64.34 29.79
CA LEU D 319 0.03 64.65 30.92
C LEU D 319 0.79 64.72 32.24
N VAL D 320 1.97 64.10 32.33
CA VAL D 320 2.75 64.17 33.55
C VAL D 320 3.48 65.50 33.64
N THR D 321 4.09 65.94 32.54
CA THR D 321 4.83 67.20 32.53
C THR D 321 3.92 68.41 32.38
N GLY D 322 2.66 68.22 32.03
CA GLY D 322 1.76 69.34 31.81
C GLY D 322 2.11 70.20 30.63
N GLY D 323 2.97 69.72 29.74
CA GLY D 323 3.41 70.47 28.58
C GLY D 323 2.48 70.29 27.39
N GLU D 324 3.05 70.57 26.22
CA GLU D 324 2.30 70.50 24.96
C GLU D 324 3.21 69.95 23.88
N VAL D 325 2.67 69.07 23.05
CA VAL D 325 3.45 68.52 21.93
C VAL D 325 3.72 69.64 20.93
N VAL D 326 4.98 69.79 20.56
CA VAL D 326 5.43 70.93 19.77
C VAL D 326 6.08 70.43 18.49
N SER D 327 5.51 70.81 17.35
CA SER D 327 6.17 70.73 16.05
C SER D 327 6.12 72.11 15.42
N THR D 328 6.72 72.24 14.25
CA THR D 328 6.84 73.53 13.55
C THR D 328 7.38 74.61 14.51
N PHE D 329 8.66 74.46 14.83
CA PHE D 329 9.32 75.24 15.87
C PHE D 329 9.50 76.70 15.51
N ASP D 330 9.11 77.12 14.30
CA ASP D 330 9.33 78.50 13.88
C ASP D 330 8.71 79.50 14.84
N GLU D 331 7.55 79.18 15.41
CA GLU D 331 6.87 80.09 16.32
C GLU D 331 7.02 79.62 17.76
N PRO D 332 7.86 80.27 18.58
CA PRO D 332 7.97 79.86 19.99
C PRO D 332 6.76 80.26 20.84
N SER D 333 6.00 81.27 20.42
CA SER D 333 4.97 81.83 21.31
C SER D 333 3.83 80.87 21.54
N LYS D 334 3.24 80.33 20.46
CA LYS D 334 2.08 79.47 20.58
C LYS D 334 2.42 78.08 21.13
N CYS D 335 3.70 77.78 21.33
CA CYS D 335 4.13 76.47 21.79
C CYS D 335 4.40 76.49 23.29
N LYS D 336 4.04 75.40 23.96
CA LYS D 336 4.20 75.27 25.39
C LYS D 336 5.10 74.08 25.71
N LEU D 337 5.90 74.24 26.78
CA LEU D 337 6.84 73.22 27.20
C LEU D 337 6.49 72.74 28.61
N GLY D 338 6.94 71.53 28.93
CA GLY D 338 6.72 70.97 30.24
C GLY D 338 7.83 71.30 31.23
N GLU D 339 7.50 71.24 32.51
CA GLU D 339 8.43 71.57 33.58
C GLU D 339 8.59 70.37 34.51
N CYS D 340 9.83 70.14 34.93
CA CYS D 340 10.15 69.05 35.86
C CYS D 340 11.23 69.52 36.81
N ASP D 341 11.09 69.16 38.09
CA ASP D 341 12.04 69.60 39.10
C ASP D 341 13.39 68.91 38.92
N VAL D 342 13.38 67.58 38.86
CA VAL D 342 14.62 66.81 38.76
C VAL D 342 14.36 65.58 37.90
N ILE D 343 15.35 65.20 37.10
CA ILE D 343 15.28 64.03 36.24
C ILE D 343 16.51 63.17 36.52
N GLU D 344 16.30 61.95 37.01
CA GLU D 344 17.37 61.04 37.35
C GLU D 344 17.13 59.69 36.69
N GLU D 345 18.20 59.07 36.20
CA GLU D 345 18.13 57.74 35.61
C GLU D 345 18.49 56.72 36.69
N ILE D 346 17.51 55.91 37.08
CA ILE D 346 17.71 54.89 38.11
C ILE D 346 17.78 53.52 37.45
N MET D 347 17.92 52.47 38.26
CA MET D 347 17.94 51.11 37.75
C MET D 347 17.12 50.22 38.67
N LEU D 348 16.11 49.56 38.11
CA LEU D 348 15.33 48.56 38.81
C LEU D 348 15.58 47.21 38.14
N GLY D 349 16.28 46.32 38.84
CA GLY D 349 16.68 45.07 38.25
C GLY D 349 17.85 45.23 37.30
N GLU D 350 17.84 44.46 36.20
CA GLU D 350 18.91 44.54 35.21
C GLU D 350 18.76 45.71 34.27
N GLN D 351 17.54 46.22 34.06
CA GLN D 351 17.29 47.26 33.09
C GLN D 351 17.22 48.61 33.77
N PRO D 352 18.07 49.58 33.41
CA PRO D 352 17.96 50.92 34.00
C PRO D 352 16.74 51.66 33.48
N PHE D 353 16.17 52.49 34.35
CA PHE D 353 14.95 53.23 34.05
C PHE D 353 15.19 54.73 34.19
N LEU D 354 14.28 55.51 33.61
CA LEU D 354 14.32 56.96 33.68
C LEU D 354 13.19 57.43 34.59
N LYS D 355 13.56 57.97 35.75
CA LYS D 355 12.60 58.39 36.76
C LYS D 355 12.43 59.90 36.76
N PHE D 356 11.19 60.35 36.85
CA PHE D 356 10.86 61.76 36.95
C PHE D 356 10.31 62.06 38.35
N SER D 357 10.59 63.26 38.83
CA SER D 357 10.14 63.69 40.15
C SER D 357 9.87 65.18 40.15
N GLY D 358 8.88 65.59 40.94
CA GLY D 358 8.55 66.99 41.04
C GLY D 358 7.86 67.57 39.82
N CYS D 359 7.01 66.78 39.16
CA CYS D 359 6.31 67.26 37.97
C CYS D 359 5.15 68.16 38.36
N LYS D 360 4.84 69.10 37.47
CA LYS D 360 3.78 70.07 37.76
C LYS D 360 2.40 69.42 37.73
N ALA D 361 2.09 68.70 36.66
CA ALA D 361 0.78 68.09 36.49
C ALA D 361 0.79 66.65 36.98
N GLY D 362 -0.31 66.26 37.62
CA GLY D 362 -0.49 64.91 38.11
C GLY D 362 -1.47 64.06 37.35
N GLU D 363 -1.89 64.48 36.15
CA GLU D 363 -2.94 63.77 35.42
C GLU D 363 -2.55 62.38 34.96
N ALA D 364 -1.29 61.99 35.10
CA ALA D 364 -0.85 60.65 34.73
C ALA D 364 0.27 60.21 35.65
N CYS D 365 0.43 58.90 35.80
CA CYS D 365 1.43 58.34 36.68
C CYS D 365 1.89 56.99 36.11
N THR D 366 2.81 56.34 36.82
CA THR D 366 3.35 55.06 36.41
C THR D 366 3.45 54.14 37.62
N ILE D 367 2.90 52.93 37.49
CA ILE D 367 2.86 51.96 38.57
C ILE D 367 3.96 50.92 38.33
N VAL D 368 4.73 50.63 39.38
CA VAL D 368 5.79 49.62 39.34
C VAL D 368 5.39 48.47 40.23
N LEU D 369 5.49 47.25 39.71
CA LEU D 369 5.09 46.05 40.43
C LEU D 369 6.28 45.13 40.62
N ARG D 370 6.23 44.34 41.70
CA ARG D 370 7.25 43.36 42.02
C ARG D 370 6.58 42.01 42.25
N GLY D 371 7.22 40.95 41.76
CA GLY D 371 6.66 39.62 41.88
C GLY D 371 7.73 38.55 41.82
N ALA D 372 7.40 37.39 42.37
CA ALA D 372 8.34 36.27 42.39
C ALA D 372 8.41 35.57 41.04
N THR D 373 7.28 35.46 40.35
CA THR D 373 7.23 34.83 39.03
C THR D 373 6.49 35.74 38.06
N ASP D 374 6.68 35.49 36.76
CA ASP D 374 5.97 36.25 35.75
C ASP D 374 4.47 35.96 35.76
N GLN D 375 4.07 34.78 36.26
CA GLN D 375 2.64 34.48 36.39
C GLN D 375 2.01 35.38 37.45
N THR D 376 2.73 35.67 38.53
CA THR D 376 2.23 36.60 39.53
C THR D 376 2.27 38.04 39.01
N LEU D 377 3.21 38.35 38.11
CA LEU D 377 3.25 39.68 37.52
C LEU D 377 2.07 39.89 36.57
N ASP D 378 1.79 38.91 35.72
CA ASP D 378 0.62 38.99 34.84
C ASP D 378 -0.67 39.02 35.65
N GLU D 379 -0.68 38.42 36.83
CA GLU D 379 -1.86 38.46 37.68
C GLU D 379 -1.96 39.79 38.42
N ALA D 380 -0.81 40.36 38.82
CA ALA D 380 -0.84 41.63 39.53
C ALA D 380 -1.30 42.77 38.63
N GLU D 381 -0.97 42.71 37.33
CA GLU D 381 -1.43 43.74 36.41
C GLU D 381 -2.92 43.63 36.13
N ARG D 382 -3.42 42.39 35.97
CA ARG D 382 -4.84 42.21 35.74
C ARG D 382 -5.65 42.45 37.01
N SER D 383 -5.06 42.23 38.18
CA SER D 383 -5.77 42.50 39.42
C SER D 383 -5.98 44.00 39.63
N LEU D 384 -4.96 44.80 39.28
CA LEU D 384 -5.10 46.26 39.38
C LEU D 384 -5.93 46.82 38.23
N HIS D 385 -5.91 46.16 37.06
CA HIS D 385 -6.72 46.63 35.94
C HIS D 385 -8.20 46.53 36.25
N ASP D 386 -8.60 45.53 37.05
CA ASP D 386 -10.00 45.42 37.44
C ASP D 386 -10.35 46.39 38.56
N ALA D 387 -9.38 46.71 39.43
CA ALA D 387 -9.65 47.63 40.53
C ALA D 387 -9.64 49.08 40.05
N LEU D 388 -8.71 49.44 39.17
CA LEU D 388 -8.65 50.81 38.66
C LEU D 388 -9.80 51.12 37.71
N SER D 389 -10.44 50.09 37.13
CA SER D 389 -11.55 50.34 36.23
C SER D 389 -12.83 50.69 37.00
N VAL D 390 -13.06 50.04 38.14
CA VAL D 390 -14.23 50.35 38.95
C VAL D 390 -14.08 51.73 39.58
N LEU D 391 -12.89 52.04 40.10
CA LEU D 391 -12.67 53.34 40.72
C LEU D 391 -12.71 54.48 39.70
N SER D 392 -12.38 54.18 38.44
CA SER D 392 -12.47 55.19 37.40
C SER D 392 -13.93 55.51 37.07
N GLN D 393 -14.77 54.48 37.01
CA GLN D 393 -16.21 54.71 36.79
C GLN D 393 -16.90 55.26 38.03
N THR D 394 -16.27 55.13 39.21
CA THR D 394 -16.85 55.69 40.41
C THR D 394 -16.82 57.22 40.40
N THR D 395 -15.78 57.81 39.82
CA THR D 395 -15.72 59.26 39.71
C THR D 395 -16.85 59.81 38.85
N LYS D 396 -17.29 59.04 37.86
CA LYS D 396 -18.44 59.44 37.04
C LYS D 396 -19.74 59.23 37.80
N GLU D 397 -20.08 57.97 38.11
CA GLU D 397 -21.26 57.63 38.88
C GLU D 397 -20.80 57.28 40.30
N THR D 398 -21.15 58.13 41.26
CA THR D 398 -20.62 58.03 42.62
C THR D 398 -21.48 57.17 43.53
N ARG D 399 -22.56 56.58 43.03
CA ARG D 399 -23.40 55.73 43.87
C ARG D 399 -22.68 54.42 44.18
N THR D 400 -22.83 53.95 45.42
CA THR D 400 -22.19 52.73 45.88
C THR D 400 -23.20 51.83 46.58
N VAL D 401 -22.94 50.53 46.54
CA VAL D 401 -23.80 49.52 47.17
C VAL D 401 -22.93 48.55 47.94
N LEU D 402 -23.37 48.19 49.15
CA LEU D 402 -22.61 47.26 49.97
C LEU D 402 -22.52 45.89 49.31
N GLY D 403 -21.37 45.25 49.47
CA GLY D 403 -21.13 43.92 48.97
C GLY D 403 -21.19 42.87 50.07
N GLY D 404 -20.46 41.78 49.86
CA GLY D 404 -20.40 40.72 50.85
C GLY D 404 -21.70 39.95 51.02
N GLY D 405 -22.38 39.64 49.92
CA GLY D 405 -23.63 38.92 49.97
C GLY D 405 -24.84 39.75 50.34
N CYS D 406 -24.64 41.02 50.71
CA CYS D 406 -25.77 41.87 51.10
C CYS D 406 -26.58 42.31 49.89
N ALA D 407 -25.91 42.79 48.84
CA ALA D 407 -26.62 43.33 47.68
C ALA D 407 -27.47 42.26 46.99
N GLU D 408 -27.01 41.01 47.00
CA GLU D 408 -27.75 39.96 46.33
C GLU D 408 -29.01 39.59 47.09
N MET D 409 -28.95 39.61 48.43
CA MET D 409 -30.11 39.23 49.23
C MET D 409 -31.13 40.35 49.34
N VAL D 410 -30.70 41.61 49.27
CA VAL D 410 -31.64 42.72 49.33
C VAL D 410 -32.51 42.74 48.08
N MET D 411 -31.94 42.41 46.92
CA MET D 411 -32.74 42.35 45.69
C MET D 411 -33.77 41.24 45.76
N SER D 412 -33.42 40.11 46.37
CA SER D 412 -34.37 39.00 46.50
C SER D 412 -35.54 39.35 47.43
N LYS D 413 -35.38 40.36 48.28
CA LYS D 413 -36.48 40.76 49.15
C LYS D 413 -37.62 41.39 48.35
N ALA D 414 -37.29 42.21 47.36
CA ALA D 414 -38.30 42.84 46.52
C ALA D 414 -38.87 41.89 45.47
N VAL D 415 -38.14 40.82 45.14
CA VAL D 415 -38.64 39.86 44.15
C VAL D 415 -39.76 39.02 44.74
N ASP D 416 -39.60 38.58 45.99
CA ASP D 416 -40.63 37.78 46.64
C ASP D 416 -41.91 38.57 46.88
N THR D 417 -41.83 39.90 46.98
CA THR D 417 -43.02 40.70 47.19
C THR D 417 -43.86 40.77 45.91
N GLU D 418 -43.21 40.97 44.76
CA GLU D 418 -43.93 41.07 43.49
C GLU D 418 -44.48 39.73 43.03
N ALA D 419 -43.99 38.62 43.57
CA ALA D 419 -44.45 37.31 43.14
C ALA D 419 -45.88 37.01 43.59
N GLN D 420 -46.37 37.70 44.62
CA GLN D 420 -47.71 37.43 45.12
C GLN D 420 -48.77 38.09 44.25
N ASN D 421 -48.50 39.30 43.75
CA ASN D 421 -49.48 40.03 42.95
C ASN D 421 -49.59 39.52 41.52
N ILE D 422 -48.58 38.82 41.02
CA ILE D 422 -48.61 38.33 39.65
C ILE D 422 -49.53 37.13 39.53
N ASP D 423 -49.49 36.23 40.50
CA ASP D 423 -50.26 34.97 40.53
C ASP D 423 -49.90 34.21 39.25
N GLY D 424 -50.86 33.57 38.58
CA GLY D 424 -50.58 32.81 37.38
C GLY D 424 -49.58 31.69 37.64
N LYS D 425 -48.93 31.26 36.55
CA LYS D 425 -47.82 30.33 36.64
C LYS D 425 -46.47 31.04 36.66
N LYS D 426 -46.45 32.37 36.55
CA LYS D 426 -45.22 33.13 36.62
C LYS D 426 -44.66 33.22 38.03
N SER D 427 -45.46 32.90 39.04
CA SER D 427 -44.97 32.95 40.42
C SER D 427 -43.81 31.97 40.62
N LEU D 428 -43.86 30.82 39.95
CA LEU D 428 -42.74 29.89 40.02
C LEU D 428 -41.52 30.44 39.29
N ALA D 429 -41.72 31.25 38.25
CA ALA D 429 -40.60 31.84 37.53
C ALA D 429 -40.04 33.04 38.27
N VAL D 430 -40.89 33.82 38.94
CA VAL D 430 -40.41 34.97 39.70
C VAL D 430 -39.66 34.51 40.94
N GLU D 431 -40.22 33.53 41.67
CA GLU D 431 -39.51 32.98 42.82
C GLU D 431 -38.24 32.25 42.43
N ALA D 432 -38.16 31.75 41.20
CA ALA D 432 -36.92 31.15 40.73
C ALA D 432 -35.81 32.17 40.58
N PHE D 433 -36.17 33.41 40.24
CA PHE D 433 -35.17 34.48 40.17
C PHE D 433 -34.64 34.85 41.55
N ALA D 434 -35.48 34.72 42.59
CA ALA D 434 -35.02 35.00 43.94
C ALA D 434 -34.08 33.91 44.45
N ARG D 435 -34.39 32.65 44.15
CA ARG D 435 -33.50 31.56 44.54
C ARG D 435 -32.21 31.60 43.75
N ALA D 436 -32.23 32.13 42.54
CA ALA D 436 -30.99 32.30 41.77
C ALA D 436 -30.10 33.36 42.41
N LEU D 437 -30.69 34.36 43.06
CA LEU D 437 -29.90 35.35 43.77
C LEU D 437 -29.32 34.80 45.06
N ARG D 438 -29.84 33.69 45.57
CA ARG D 438 -29.27 33.05 46.74
C ARG D 438 -27.95 32.37 46.45
N GLN D 439 -27.69 32.02 45.19
CA GLN D 439 -26.50 31.24 44.85
C GLN D 439 -25.23 32.06 44.99
N LEU D 440 -25.28 33.35 44.70
CA LEU D 440 -24.08 34.18 44.77
C LEU D 440 -23.51 34.28 46.19
N PRO D 441 -24.29 34.59 47.23
CA PRO D 441 -23.74 34.50 48.59
C PRO D 441 -23.49 33.08 49.05
N THR D 442 -24.19 32.10 48.47
CA THR D 442 -23.99 30.71 48.86
C THR D 442 -22.63 30.19 48.41
N ILE D 443 -22.24 30.50 47.16
CA ILE D 443 -20.95 30.06 46.65
C ILE D 443 -19.82 30.73 47.42
N LEU D 444 -20.04 31.94 47.94
CA LEU D 444 -19.04 32.59 48.77
C LEU D 444 -18.71 31.74 49.99
N ALA D 445 -19.71 31.11 50.59
CA ALA D 445 -19.49 30.22 51.73
C ALA D 445 -18.98 28.85 51.32
N ASP D 446 -19.22 28.43 50.07
CA ASP D 446 -18.76 27.11 49.63
C ASP D 446 -17.26 27.11 49.42
N ASN D 447 -16.71 28.19 48.86
CA ASN D 447 -15.27 28.27 48.63
C ASN D 447 -14.49 28.41 49.93
N ALA D 448 -15.13 28.87 51.01
CA ALA D 448 -14.49 29.02 52.30
C ALA D 448 -14.70 27.81 53.21
N GLY D 449 -15.41 26.79 52.73
CA GLY D 449 -15.66 25.62 53.55
C GLY D 449 -16.71 25.79 54.60
N PHE D 450 -17.73 26.61 54.35
CA PHE D 450 -18.79 26.87 55.30
C PHE D 450 -20.06 26.12 54.88
N ASP D 451 -21.12 26.31 55.67
CA ASP D 451 -22.40 25.68 55.37
C ASP D 451 -23.18 26.50 54.37
N SER D 452 -23.82 25.82 53.43
CA SER D 452 -24.57 26.47 52.36
C SER D 452 -26.05 26.63 52.68
N SER D 453 -26.50 26.23 53.87
CA SER D 453 -27.90 26.30 54.23
C SER D 453 -28.13 27.15 55.48
N GLU D 454 -27.63 26.72 56.65
CA GLU D 454 -27.88 27.46 57.87
C GLU D 454 -27.22 28.83 57.85
N LEU D 455 -26.03 28.93 57.26
CA LEU D 455 -25.36 30.23 57.20
C LEU D 455 -26.09 31.19 56.28
N VAL D 456 -26.67 30.68 55.19
CA VAL D 456 -27.45 31.52 54.29
C VAL D 456 -28.77 31.92 54.94
N SER D 457 -29.36 31.01 55.73
CA SER D 457 -30.62 31.31 56.38
C SER D 457 -30.47 32.40 57.44
N LYS D 458 -29.30 32.48 58.08
CA LYS D 458 -29.08 33.53 59.07
C LYS D 458 -29.03 34.91 58.40
N LEU D 459 -28.42 34.99 57.21
CA LEU D 459 -28.38 36.26 56.50
C LEU D 459 -29.76 36.62 55.93
N ARG D 460 -30.56 35.63 55.56
CA ARG D 460 -31.88 35.91 55.00
C ARG D 460 -32.86 36.35 56.07
N SER D 461 -32.82 35.71 57.24
CA SER D 461 -33.75 36.05 58.31
C SER D 461 -33.40 37.38 58.98
N SER D 462 -32.16 37.84 58.85
CA SER D 462 -31.78 39.11 59.47
C SER D 462 -32.27 40.31 58.69
N ILE D 463 -32.43 40.17 57.37
CA ILE D 463 -32.88 41.29 56.56
C ILE D 463 -34.40 41.50 56.70
N TYR D 464 -35.16 40.41 56.82
CA TYR D 464 -36.60 40.51 56.97
C TYR D 464 -37.03 41.05 58.33
N ASN D 465 -36.09 41.21 59.26
CA ASN D 465 -36.39 41.78 60.57
C ASN D 465 -36.24 43.29 60.60
N GLY D 466 -35.91 43.92 59.48
CA GLY D 466 -35.77 45.36 59.41
C GLY D 466 -34.36 45.88 59.39
N ILE D 467 -33.36 45.01 59.29
CA ILE D 467 -31.95 45.41 59.25
C ILE D 467 -31.44 45.17 57.84
N SER D 468 -31.17 46.25 57.11
CA SER D 468 -30.66 46.16 55.75
C SER D 468 -29.13 46.19 55.68
N THR D 469 -28.46 46.45 56.80
CA THR D 469 -27.01 46.56 56.82
C THR D 469 -26.31 45.23 57.12
N SER D 470 -27.07 44.15 57.32
CA SER D 470 -26.47 42.87 57.61
C SER D 470 -25.78 42.31 56.37
N GLY D 471 -24.72 41.52 56.60
CA GLY D 471 -23.96 40.95 55.52
C GLY D 471 -23.28 39.66 55.97
N LEU D 472 -22.54 39.06 55.05
CA LEU D 472 -21.84 37.81 55.29
C LEU D 472 -20.36 38.09 55.55
N ASP D 473 -19.82 37.46 56.60
CA ASP D 473 -18.42 37.58 56.97
C ASP D 473 -17.75 36.23 56.75
N LEU D 474 -16.86 36.16 55.75
CA LEU D 474 -16.18 34.91 55.44
C LEU D 474 -15.00 34.64 56.36
N ASN D 475 -14.48 35.67 57.03
CA ASN D 475 -13.34 35.46 57.93
C ASN D 475 -13.76 34.71 59.20
N ASN D 476 -14.80 35.20 59.87
CA ASN D 476 -15.29 34.57 61.09
C ASN D 476 -16.39 33.56 60.84
N GLY D 477 -16.91 33.47 59.62
CA GLY D 477 -17.96 32.53 59.32
C GLY D 477 -19.28 32.81 60.02
N THR D 478 -19.67 34.08 60.11
CA THR D 478 -20.90 34.47 60.79
C THR D 478 -21.44 35.72 60.10
N ILE D 479 -22.52 36.27 60.66
CA ILE D 479 -23.15 37.47 60.15
C ILE D 479 -22.52 38.69 60.81
N ALA D 480 -22.03 39.62 60.00
CA ALA D 480 -21.40 40.84 60.48
C ALA D 480 -21.93 42.04 59.71
N ASP D 481 -21.65 43.23 60.24
CA ASP D 481 -22.09 44.47 59.62
C ASP D 481 -21.12 44.87 58.52
N MET D 482 -21.66 45.21 57.34
CA MET D 482 -20.83 45.58 56.21
C MET D 482 -20.31 47.01 56.30
N ARG D 483 -21.00 47.89 57.03
CA ARG D 483 -20.53 49.26 57.17
C ARG D 483 -19.24 49.33 57.99
N GLN D 484 -19.12 48.47 59.00
CA GLN D 484 -17.92 48.47 59.82
C GLN D 484 -16.75 47.77 59.14
N LEU D 485 -17.03 46.67 58.43
CA LEU D 485 -15.97 45.94 57.76
C LEU D 485 -15.45 46.67 56.53
N GLY D 486 -16.22 47.61 55.99
CA GLY D 486 -15.79 48.36 54.82
C GLY D 486 -15.88 47.59 53.52
N ILE D 487 -16.94 46.82 53.33
CA ILE D 487 -17.15 46.05 52.10
C ILE D 487 -18.23 46.76 51.29
N VAL D 488 -17.83 47.36 50.17
CA VAL D 488 -18.74 48.11 49.33
C VAL D 488 -18.25 48.05 47.90
N GLU D 489 -19.18 48.07 46.94
CA GLU D 489 -18.87 48.07 45.53
C GLU D 489 -19.66 49.17 44.83
N SER D 490 -19.27 49.48 43.60
CA SER D 490 -19.91 50.53 42.85
C SER D 490 -21.31 50.12 42.42
N TYR D 491 -22.20 51.11 42.29
CA TYR D 491 -23.57 50.83 41.88
C TYR D 491 -23.64 50.41 40.41
N LYS D 492 -22.72 50.92 39.58
CA LYS D 492 -22.69 50.52 38.18
C LYS D 492 -22.34 49.04 38.04
N LEU D 493 -21.51 48.51 38.94
CA LEU D 493 -21.19 47.09 38.90
C LEU D 493 -22.38 46.24 39.30
N LYS D 494 -23.19 46.73 40.25
CA LYS D 494 -24.36 45.97 40.69
C LYS D 494 -25.40 45.87 39.58
N ARG D 495 -25.67 46.97 38.88
CA ARG D 495 -26.64 46.95 37.80
C ARG D 495 -26.14 46.17 36.60
N ALA D 496 -24.82 46.21 36.34
CA ALA D 496 -24.27 45.53 35.18
C ALA D 496 -24.39 44.01 35.31
N VAL D 497 -24.18 43.48 36.51
CA VAL D 497 -24.26 42.04 36.71
C VAL D 497 -25.70 41.56 36.57
N VAL D 498 -26.65 42.32 37.12
CA VAL D 498 -28.05 41.91 37.06
C VAL D 498 -28.59 42.06 35.64
N SER D 499 -28.23 43.14 34.95
CA SER D 499 -28.75 43.38 33.61
C SER D 499 -28.16 42.40 32.61
N SER D 500 -26.85 42.15 32.69
CA SER D 500 -26.20 41.26 31.73
C SER D 500 -26.67 39.81 31.91
N ALA D 501 -26.86 39.39 33.16
CA ALA D 501 -27.30 38.01 33.40
C ALA D 501 -28.76 37.81 33.01
N SER D 502 -29.60 38.82 33.23
CA SER D 502 -31.01 38.71 32.86
C SER D 502 -31.17 38.68 31.35
N GLU D 503 -30.37 39.46 30.63
CA GLU D 503 -30.46 39.46 29.17
C GLU D 503 -29.85 38.19 28.58
N ALA D 504 -28.76 37.69 29.18
CA ALA D 504 -28.15 36.47 28.68
C ALA D 504 -29.02 35.25 28.95
N ALA D 505 -29.77 35.26 30.05
CA ALA D 505 -30.69 34.16 30.33
C ALA D 505 -31.83 34.10 29.32
N GLU D 506 -32.27 35.25 28.82
CA GLU D 506 -33.33 35.30 27.83
C GLU D 506 -32.87 34.82 26.46
N VAL D 507 -31.57 34.59 26.28
CA VAL D 507 -31.06 34.14 24.98
C VAL D 507 -31.28 32.65 24.80
N LEU D 508 -30.65 31.83 25.65
CA LEU D 508 -30.70 30.39 25.47
C LEU D 508 -32.09 29.82 25.72
N LEU D 509 -32.90 30.48 26.54
CA LEU D 509 -34.26 30.02 26.76
C LEU D 509 -35.16 30.18 25.53
N ARG D 510 -34.73 30.96 24.55
CA ARG D 510 -35.50 31.15 23.33
C ARG D 510 -35.08 30.20 22.20
N VAL D 511 -34.13 29.30 22.46
CA VAL D 511 -33.61 28.43 21.40
C VAL D 511 -34.23 27.05 21.56
N ASP D 512 -35.15 26.72 20.66
CA ASP D 512 -35.67 25.36 20.58
C ASP D 512 -34.78 24.46 19.73
N ASN D 513 -34.14 25.01 18.69
CA ASN D 513 -33.40 24.24 17.71
C ASN D 513 -32.00 24.80 17.55
N ILE D 514 -31.02 23.89 17.49
CA ILE D 514 -29.62 24.25 17.29
C ILE D 514 -29.16 23.62 16.00
N ILE D 515 -28.69 24.44 15.06
CA ILE D 515 -28.23 24.00 13.75
C ILE D 515 -26.73 24.23 13.66
N ARG D 516 -26.00 23.18 13.31
CA ARG D 516 -24.54 23.24 13.20
C ARG D 516 -24.15 22.94 11.76
N ALA D 517 -23.61 23.95 11.07
CA ALA D 517 -23.12 23.76 9.72
C ALA D 517 -21.80 23.00 9.73
N ARG D 518 -21.47 22.43 8.57
CA ARG D 518 -20.23 21.70 8.42
C ARG D 518 -19.04 22.64 8.64
N PRO D 519 -18.09 22.27 9.50
CA PRO D 519 -16.95 23.16 9.77
C PRO D 519 -16.13 23.42 8.51
N ARG D 520 -15.42 24.54 8.53
CA ARG D 520 -14.59 24.94 7.40
C ARG D 520 -13.11 24.95 7.78
N VAL E 5 -54.90 32.55 29.70
CA VAL E 5 -55.08 31.69 28.53
C VAL E 5 -53.72 31.14 28.04
N PRO E 6 -52.69 32.00 27.89
CA PRO E 6 -51.34 31.47 27.73
C PRO E 6 -50.65 31.43 29.08
N SER E 7 -49.41 30.96 29.07
CA SER E 7 -48.52 30.96 30.23
C SER E 7 -49.02 30.07 31.37
N ASN E 8 -50.24 29.54 31.28
CA ASN E 8 -50.87 28.76 32.33
C ASN E 8 -51.04 27.32 31.86
N ALA E 9 -51.69 26.53 32.68
CA ALA E 9 -51.94 25.10 32.44
C ALA E 9 -50.56 24.43 32.32
N THR E 10 -50.26 23.75 31.23
CA THR E 10 -48.99 23.05 31.07
C THR E 10 -48.39 23.35 29.71
N PHE E 11 -47.10 23.08 29.57
CA PHE E 11 -46.37 23.23 28.32
C PHE E 11 -45.83 21.88 27.90
N LYS E 12 -45.99 21.56 26.62
CA LYS E 12 -45.59 20.25 26.12
C LYS E 12 -44.07 20.16 26.02
N ASN E 13 -43.54 19.03 26.47
CA ASN E 13 -42.12 18.73 26.46
C ASN E 13 -41.87 17.46 25.67
N LYS E 14 -40.59 17.23 25.35
CA LYS E 14 -40.13 16.11 24.52
C LYS E 14 -41.03 15.91 23.31
N GLU E 15 -40.92 16.82 22.35
CA GLU E 15 -41.75 16.80 21.14
C GLU E 15 -41.25 15.82 20.08
N LYS E 16 -40.15 15.12 20.35
CA LYS E 16 -39.67 14.13 19.39
C LYS E 16 -40.69 13.03 19.09
N PRO E 17 -41.41 12.47 20.06
CA PRO E 17 -42.48 11.51 19.71
C PRO E 17 -43.49 12.05 18.71
N GLN E 18 -43.74 13.35 18.69
CA GLN E 18 -44.60 13.93 17.67
C GLN E 18 -43.99 13.76 16.28
N GLU E 19 -42.67 13.89 16.18
CA GLU E 19 -41.99 13.66 14.91
C GLU E 19 -41.81 12.18 14.62
N VAL E 20 -41.65 11.35 15.66
CA VAL E 20 -41.51 9.92 15.45
C VAL E 20 -42.79 9.34 14.86
N ARG E 21 -43.95 9.77 15.36
CA ARG E 21 -45.21 9.32 14.81
C ARG E 21 -45.40 9.79 13.37
N LYS E 22 -44.90 10.98 13.03
CA LYS E 22 -44.96 11.43 11.65
C LYS E 22 -44.02 10.62 10.75
N ALA E 23 -42.83 10.29 11.25
CA ALA E 23 -41.90 9.49 10.47
C ALA E 23 -42.41 8.07 10.27
N ASN E 24 -43.22 7.56 11.20
CA ASN E 24 -43.77 6.22 11.04
C ASN E 24 -44.95 6.21 10.07
N ILE E 25 -45.74 7.29 10.02
CA ILE E 25 -46.86 7.35 9.09
C ILE E 25 -46.36 7.56 7.67
N ILE E 26 -45.39 8.47 7.49
CA ILE E 26 -44.88 8.74 6.15
C ILE E 26 -44.20 7.51 5.58
N ALA E 27 -43.46 6.78 6.41
CA ALA E 27 -42.79 5.56 5.94
C ALA E 27 -43.79 4.45 5.65
N ALA E 28 -44.90 4.41 6.38
CA ALA E 28 -45.91 3.38 6.13
C ALA E 28 -46.75 3.69 4.90
N ARG E 29 -47.03 4.98 4.66
CA ARG E 29 -47.79 5.36 3.46
C ARG E 29 -46.95 5.18 2.21
N SER E 30 -45.63 5.28 2.32
CA SER E 30 -44.78 5.06 1.15
C SER E 30 -44.81 3.60 0.71
N VAL E 31 -44.96 2.67 1.65
CA VAL E 31 -45.10 1.26 1.29
C VAL E 31 -46.47 1.00 0.69
N ALA E 32 -47.50 1.67 1.19
CA ALA E 32 -48.85 1.48 0.68
C ALA E 32 -49.02 2.06 -0.72
N ASP E 33 -48.11 2.92 -1.17
CA ASP E 33 -48.22 3.49 -2.50
C ASP E 33 -47.79 2.50 -3.58
N ALA E 34 -46.80 1.66 -3.30
CA ALA E 34 -46.36 0.68 -4.28
C ALA E 34 -47.39 -0.43 -4.47
N ILE E 35 -48.04 -0.85 -3.38
CA ILE E 35 -49.06 -1.88 -3.47
C ILE E 35 -50.38 -1.31 -3.98
N ARG E 36 -50.56 0.01 -3.93
CA ARG E 36 -51.82 0.60 -4.38
C ARG E 36 -52.06 0.39 -5.86
N THR E 37 -50.99 0.34 -6.67
CA THR E 37 -51.14 0.14 -8.11
C THR E 37 -51.62 -1.26 -8.46
N SER E 38 -51.59 -2.19 -7.52
CA SER E 38 -52.05 -3.56 -7.77
C SER E 38 -53.49 -3.78 -7.36
N LEU E 39 -54.20 -2.75 -6.90
CA LEU E 39 -55.56 -2.90 -6.45
C LEU E 39 -56.53 -2.94 -7.62
N GLY E 40 -57.52 -3.83 -7.53
CA GLY E 40 -58.56 -3.93 -8.54
C GLY E 40 -58.14 -4.75 -9.73
N PRO E 41 -59.10 -5.06 -10.61
CA PRO E 41 -58.77 -5.84 -11.81
C PRO E 41 -57.75 -5.16 -12.71
N LYS E 42 -57.59 -3.85 -12.63
CA LYS E 42 -56.60 -3.13 -13.41
C LYS E 42 -55.22 -3.13 -12.75
N GLY E 43 -55.06 -3.78 -11.61
CA GLY E 43 -53.78 -3.85 -10.97
C GLY E 43 -52.77 -4.66 -11.76
N MET E 44 -51.50 -4.45 -11.46
CA MET E 44 -50.40 -5.12 -12.13
C MET E 44 -49.62 -5.98 -11.13
N ASP E 45 -48.95 -7.00 -11.66
CA ASP E 45 -48.15 -7.88 -10.83
C ASP E 45 -46.85 -7.20 -10.43
N LYS E 46 -46.30 -7.64 -9.30
CA LYS E 46 -45.05 -7.10 -8.76
C LYS E 46 -44.01 -8.21 -8.75
N MET E 47 -42.95 -8.04 -9.55
CA MET E 47 -41.89 -9.03 -9.64
C MET E 47 -40.78 -8.68 -8.66
N ILE E 48 -40.42 -9.64 -7.81
CA ILE E 48 -39.43 -9.44 -6.76
C ILE E 48 -38.37 -10.52 -6.87
N LYS E 49 -37.11 -10.11 -6.88
CA LYS E 49 -35.97 -11.03 -6.92
C LYS E 49 -35.38 -11.14 -5.52
N THR E 50 -35.37 -12.35 -4.98
CA THR E 50 -34.89 -12.58 -3.62
C THR E 50 -33.36 -12.54 -3.59
N SER E 51 -32.81 -12.73 -2.39
CA SER E 51 -31.35 -12.71 -2.22
C SER E 51 -30.71 -14.03 -2.64
N ARG E 52 -31.45 -15.13 -2.56
CA ARG E 52 -30.93 -16.44 -2.93
C ARG E 52 -31.02 -16.72 -4.42
N GLY E 53 -31.59 -15.81 -5.20
CA GLY E 53 -31.73 -15.99 -6.63
C GLY E 53 -33.13 -16.35 -7.09
N GLU E 54 -34.01 -16.74 -6.17
CA GLU E 54 -35.38 -17.09 -6.55
C GLU E 54 -36.16 -15.83 -6.89
N ILE E 55 -36.89 -15.88 -8.00
CA ILE E 55 -37.67 -14.75 -8.49
C ILE E 55 -39.15 -15.13 -8.42
N ILE E 56 -39.93 -14.30 -7.74
CA ILE E 56 -41.34 -14.59 -7.49
C ILE E 56 -42.16 -13.42 -8.04
N ILE E 57 -43.10 -13.73 -8.94
CA ILE E 57 -44.05 -12.76 -9.46
C ILE E 57 -45.39 -13.07 -8.80
N SER E 58 -45.85 -12.17 -7.94
CA SER E 58 -47.05 -12.40 -7.15
C SER E 58 -47.97 -11.19 -7.20
N ASN E 59 -49.24 -11.44 -7.48
CA ASN E 59 -50.24 -10.38 -7.40
C ASN E 59 -50.68 -10.15 -5.95
N ASP E 60 -50.73 -11.22 -5.16
CA ASP E 60 -51.16 -11.11 -3.77
C ASP E 60 -50.21 -10.19 -2.99
N GLY E 61 -50.81 -9.23 -2.28
CA GLY E 61 -50.02 -8.27 -1.52
C GLY E 61 -49.27 -8.86 -0.35
N HIS E 62 -49.70 -10.02 0.14
CA HIS E 62 -49.00 -10.66 1.25
C HIS E 62 -47.63 -11.15 0.84
N THR E 63 -47.56 -11.86 -0.30
CA THR E 63 -46.27 -12.34 -0.79
C THR E 63 -45.37 -11.18 -1.22
N ILE E 64 -45.97 -10.10 -1.76
CA ILE E 64 -45.19 -8.93 -2.15
C ILE E 64 -44.49 -8.34 -0.94
N LEU E 65 -45.20 -8.20 0.17
CA LEU E 65 -44.60 -7.63 1.38
C LEU E 65 -43.72 -8.63 2.11
N LYS E 66 -44.01 -9.92 1.99
CA LYS E 66 -43.21 -10.93 2.71
C LYS E 66 -41.85 -11.13 2.03
N GLN E 67 -41.85 -11.26 0.70
CA GLN E 67 -40.61 -11.48 -0.02
C GLN E 67 -39.73 -10.22 -0.08
N MET E 68 -40.32 -9.05 0.17
CA MET E 68 -39.57 -7.79 0.15
C MET E 68 -39.11 -7.47 1.56
N ALA E 69 -37.81 -7.21 1.69
CA ALA E 69 -37.20 -6.90 2.98
C ALA E 69 -37.22 -5.39 3.20
N ILE E 70 -37.95 -4.95 4.21
CA ILE E 70 -38.09 -3.53 4.53
C ILE E 70 -37.17 -3.19 5.70
N LEU E 71 -36.40 -2.12 5.56
CA LEU E 71 -35.50 -1.70 6.62
C LEU E 71 -36.20 -0.91 7.73
N HIS E 72 -37.39 -0.37 7.46
CA HIS E 72 -38.06 0.46 8.44
C HIS E 72 -38.79 -0.42 9.46
N PRO E 73 -38.63 -0.16 10.77
CA PRO E 73 -39.26 -1.05 11.76
C PRO E 73 -40.79 -1.08 11.68
N VAL E 74 -41.43 0.07 11.55
CA VAL E 74 -42.89 0.12 11.56
C VAL E 74 -43.46 -0.33 10.21
N ALA E 75 -42.77 -0.03 9.11
CA ALA E 75 -43.27 -0.41 7.80
C ALA E 75 -43.36 -1.93 7.62
N ARG E 76 -42.59 -2.70 8.40
CA ARG E 76 -42.68 -4.15 8.36
C ARG E 76 -43.93 -4.67 9.06
N MET E 77 -44.61 -3.85 9.86
CA MET E 77 -45.84 -4.31 10.50
C MET E 77 -46.95 -4.54 9.49
N LEU E 78 -46.89 -3.86 8.33
CA LEU E 78 -47.86 -4.09 7.28
C LEU E 78 -47.73 -5.49 6.68
N VAL E 79 -46.57 -6.12 6.81
CA VAL E 79 -46.41 -7.49 6.32
C VAL E 79 -47.29 -8.44 7.12
N GLU E 80 -47.34 -8.27 8.43
CA GLU E 80 -48.16 -9.11 9.29
C GLU E 80 -49.64 -8.74 9.24
N VAL E 81 -49.99 -7.57 8.72
CA VAL E 81 -51.39 -7.21 8.54
C VAL E 81 -52.02 -8.09 7.46
N SER E 82 -51.32 -8.27 6.34
CA SER E 82 -51.80 -9.17 5.29
C SER E 82 -51.76 -10.63 5.74
N ALA E 83 -50.94 -10.95 6.74
CA ALA E 83 -50.92 -12.31 7.27
C ALA E 83 -52.21 -12.64 8.00
N ALA E 84 -52.72 -11.69 8.79
CA ALA E 84 -54.00 -11.90 9.47
C ALA E 84 -55.15 -11.92 8.48
N GLN E 85 -55.04 -11.17 7.39
CA GLN E 85 -56.08 -11.18 6.36
C GLN E 85 -56.07 -12.48 5.58
N ASP E 86 -54.87 -13.02 5.32
CA ASP E 86 -54.76 -14.27 4.57
C ASP E 86 -55.07 -15.49 5.43
N SER E 87 -54.81 -15.40 6.74
CA SER E 87 -55.03 -16.55 7.61
C SER E 87 -56.50 -16.75 7.94
N GLU E 88 -57.23 -15.65 8.17
CA GLU E 88 -58.64 -15.75 8.54
C GLU E 88 -59.53 -15.82 7.31
N ALA E 89 -59.67 -14.69 6.61
CA ALA E 89 -60.53 -14.66 5.43
C ALA E 89 -59.83 -15.23 4.20
N GLY E 90 -58.55 -14.90 4.01
CA GLY E 90 -57.80 -15.35 2.85
C GLY E 90 -57.92 -14.46 1.63
N ASP E 91 -58.80 -13.46 1.66
CA ASP E 91 -58.98 -12.55 0.54
C ASP E 91 -58.96 -11.12 1.05
N GLY E 92 -58.48 -10.21 0.21
CA GLY E 92 -58.40 -8.81 0.57
C GLY E 92 -57.10 -8.39 1.23
N THR E 93 -56.02 -9.13 1.01
CA THR E 93 -54.74 -8.77 1.62
C THR E 93 -54.18 -7.48 1.04
N THR E 94 -54.52 -7.17 -0.22
CA THR E 94 -54.05 -5.92 -0.82
C THR E 94 -54.87 -4.73 -0.33
N SER E 95 -56.18 -4.92 -0.14
CA SER E 95 -57.03 -3.82 0.27
C SER E 95 -56.79 -3.43 1.73
N VAL E 96 -56.51 -4.42 2.58
CA VAL E 96 -56.32 -4.12 4.00
C VAL E 96 -55.05 -3.32 4.23
N VAL E 97 -54.05 -3.47 3.36
CA VAL E 97 -52.84 -2.67 3.47
C VAL E 97 -53.11 -1.24 3.03
N ILE E 98 -53.94 -1.06 1.99
CA ILE E 98 -54.27 0.28 1.52
C ILE E 98 -55.16 0.99 2.53
N LEU E 99 -56.11 0.27 3.13
CA LEU E 99 -56.96 0.88 4.15
C LEU E 99 -56.17 1.28 5.38
N THR E 100 -55.13 0.51 5.73
CA THR E 100 -54.30 0.86 6.88
C THR E 100 -53.50 2.13 6.59
N GLY E 101 -52.91 2.22 5.39
CA GLY E 101 -52.18 3.42 5.01
C GLY E 101 -53.07 4.63 4.81
N ALA E 102 -54.34 4.42 4.49
CA ALA E 102 -55.26 5.54 4.34
C ALA E 102 -55.68 6.12 5.68
N LEU E 103 -55.89 5.26 6.68
CA LEU E 103 -56.23 5.75 8.01
C LEU E 103 -55.07 6.49 8.65
N LEU E 104 -53.83 6.09 8.35
CA LEU E 104 -52.67 6.81 8.86
C LEU E 104 -52.56 8.18 8.22
N GLY E 105 -52.92 8.30 6.95
CA GLY E 105 -52.90 9.60 6.30
C GLY E 105 -53.98 10.53 6.82
N ALA E 106 -55.14 9.97 7.16
CA ALA E 106 -56.21 10.78 7.73
C ALA E 106 -55.89 11.18 9.16
N ALA E 107 -55.25 10.29 9.92
CA ALA E 107 -54.85 10.59 11.28
C ALA E 107 -53.58 11.43 11.35
N GLU E 108 -52.85 11.58 10.23
CA GLU E 108 -51.64 12.40 10.25
C GLU E 108 -51.98 13.87 10.42
N ARG E 109 -53.02 14.35 9.74
CA ARG E 109 -53.44 15.73 9.91
C ARG E 109 -54.11 15.98 11.26
N LEU E 110 -54.57 14.92 11.93
CA LEU E 110 -55.20 15.07 13.23
C LEU E 110 -54.19 15.29 14.35
N LEU E 111 -52.93 14.95 14.13
CA LEU E 111 -51.92 15.13 15.17
C LEU E 111 -51.58 16.60 15.36
N ASN E 112 -51.49 17.36 14.27
CA ASN E 112 -51.17 18.78 14.34
C ASN E 112 -52.35 19.62 14.81
N LYS E 113 -53.54 19.05 14.93
CA LYS E 113 -54.73 19.77 15.34
C LYS E 113 -54.99 19.69 16.84
N GLY E 114 -54.12 19.04 17.61
CA GLY E 114 -54.24 19.01 19.05
C GLY E 114 -55.02 17.85 19.62
N ILE E 115 -55.18 16.76 18.88
CA ILE E 115 -55.92 15.59 19.35
C ILE E 115 -54.92 14.56 19.84
N HIS E 116 -55.20 13.99 21.01
CA HIS E 116 -54.29 13.02 21.59
C HIS E 116 -54.31 11.72 20.78
N PRO E 117 -53.17 11.04 20.63
CA PRO E 117 -53.16 9.81 19.82
C PRO E 117 -54.13 8.74 20.29
N THR E 118 -54.27 8.57 21.61
CA THR E 118 -55.21 7.58 22.11
C THR E 118 -56.65 7.93 21.76
N ILE E 119 -56.97 9.23 21.69
CA ILE E 119 -58.29 9.63 21.25
C ILE E 119 -58.50 9.27 19.79
N ILE E 120 -57.44 9.38 18.97
CA ILE E 120 -57.52 8.98 17.58
C ILE E 120 -57.66 7.46 17.48
N ALA E 121 -56.92 6.72 18.30
CA ALA E 121 -57.00 5.27 18.26
C ALA E 121 -58.34 4.76 18.76
N ASP E 122 -58.87 5.36 19.83
CA ASP E 122 -60.17 4.96 20.34
C ASP E 122 -61.31 5.35 19.40
N SER E 123 -61.10 6.37 18.57
CA SER E 123 -62.13 6.78 17.62
C SER E 123 -62.21 5.82 16.43
N PHE E 124 -61.07 5.26 16.01
CA PHE E 124 -61.10 4.30 14.91
C PHE E 124 -61.71 2.96 15.34
N GLN E 125 -61.43 2.53 16.57
CA GLN E 125 -62.00 1.28 17.06
C GLN E 125 -63.51 1.40 17.22
N SER E 126 -63.99 2.58 17.65
CA SER E 126 -65.43 2.79 17.76
C SER E 126 -66.08 2.89 16.38
N ALA E 127 -65.38 3.46 15.40
CA ALA E 127 -65.91 3.56 14.06
C ALA E 127 -65.82 2.23 13.30
N ALA E 128 -64.82 1.42 13.60
CA ALA E 128 -64.70 0.12 12.95
C ALA E 128 -65.78 -0.83 13.45
N LYS E 129 -66.10 -0.79 14.73
CA LYS E 129 -67.17 -1.63 15.27
C LYS E 129 -68.53 -1.23 14.69
N ARG E 130 -68.74 0.07 14.49
CA ARG E 130 -69.98 0.51 13.85
C ARG E 130 -70.02 0.12 12.38
N SER E 131 -68.85 0.08 11.72
CA SER E 131 -68.81 -0.32 10.31
C SER E 131 -69.14 -1.79 10.11
N VAL E 132 -68.99 -2.61 11.16
CA VAL E 132 -69.33 -4.02 11.04
C VAL E 132 -70.85 -4.19 10.89
N ASP E 133 -71.62 -3.51 11.73
CA ASP E 133 -73.07 -3.57 11.64
C ASP E 133 -73.60 -2.98 10.35
N ILE E 134 -72.83 -2.11 9.69
CA ILE E 134 -73.26 -1.56 8.41
C ILE E 134 -73.30 -2.65 7.35
N LEU E 135 -72.31 -3.55 7.35
CA LEU E 135 -72.24 -4.62 6.37
C LEU E 135 -73.16 -5.79 6.71
N LEU E 136 -73.62 -5.89 7.96
CA LEU E 136 -74.49 -6.99 8.34
C LEU E 136 -75.89 -6.84 7.78
N GLU E 137 -76.36 -5.60 7.62
CA GLU E 137 -77.68 -5.37 7.06
C GLU E 137 -77.70 -5.51 5.55
N MET E 138 -76.60 -5.13 4.88
CA MET E 138 -76.57 -5.14 3.42
C MET E 138 -76.33 -6.53 2.85
N CYS E 139 -75.63 -7.40 3.59
CA CYS E 139 -75.35 -8.74 3.08
C CYS E 139 -76.61 -9.59 3.05
N HIS E 140 -76.64 -10.53 2.12
CA HIS E 140 -77.79 -11.42 1.93
C HIS E 140 -77.32 -12.86 2.11
N LYS E 141 -78.10 -13.62 2.88
CA LYS E 141 -77.78 -15.03 3.09
C LYS E 141 -78.07 -15.84 1.83
N VAL E 142 -77.31 -16.91 1.63
CA VAL E 142 -77.42 -17.74 0.44
C VAL E 142 -77.68 -19.19 0.86
N SER E 143 -78.16 -19.96 -0.10
CA SER E 143 -78.42 -21.38 0.12
C SER E 143 -77.12 -22.15 0.31
N LEU E 144 -77.25 -23.35 0.88
CA LEU E 144 -76.10 -24.20 1.14
C LEU E 144 -75.24 -24.39 -0.12
N SER E 145 -75.87 -24.82 -1.21
CA SER E 145 -75.18 -25.02 -2.48
C SER E 145 -75.96 -24.29 -3.57
N ASP E 146 -75.36 -23.26 -4.15
CA ASP E 146 -75.97 -22.51 -5.24
C ASP E 146 -74.90 -22.26 -6.30
N ARG E 147 -75.16 -22.73 -7.52
CA ARG E 147 -74.18 -22.58 -8.59
C ARG E 147 -74.10 -21.14 -9.08
N GLU E 148 -75.15 -20.36 -8.89
CA GLU E 148 -75.15 -18.98 -9.39
C GLU E 148 -74.36 -18.05 -8.47
N GLN E 149 -74.54 -18.19 -7.15
CA GLN E 149 -73.89 -17.27 -6.22
C GLN E 149 -72.42 -17.63 -6.00
N LEU E 150 -72.09 -18.92 -5.99
CA LEU E 150 -70.73 -19.33 -5.67
C LEU E 150 -69.78 -19.11 -6.85
N VAL E 151 -70.23 -19.42 -8.07
CA VAL E 151 -69.35 -19.30 -9.23
C VAL E 151 -69.08 -17.82 -9.55
N ARG E 152 -70.12 -16.99 -9.50
CA ARG E 152 -69.93 -15.57 -9.80
C ARG E 152 -69.08 -14.89 -8.74
N ALA E 153 -69.15 -15.35 -7.49
CA ALA E 153 -68.31 -14.78 -6.44
C ALA E 153 -66.87 -15.28 -6.52
N ALA E 154 -66.66 -16.49 -7.04
CA ALA E 154 -65.30 -17.01 -7.17
C ALA E 154 -64.57 -16.34 -8.32
N SER E 155 -65.25 -16.12 -9.45
CA SER E 155 -64.63 -15.44 -10.58
C SER E 155 -64.38 -13.97 -10.28
N THR E 156 -65.25 -13.34 -9.48
CA THR E 156 -65.03 -11.94 -9.12
C THR E 156 -63.87 -11.80 -8.15
N SER E 157 -63.73 -12.73 -7.21
CA SER E 157 -62.63 -12.68 -6.26
C SER E 157 -61.27 -12.83 -6.94
N LEU E 158 -61.22 -13.45 -8.12
CA LEU E 158 -59.97 -13.55 -8.84
C LEU E 158 -59.48 -12.17 -9.27
N SER E 159 -60.36 -11.38 -9.87
CA SER E 159 -60.05 -9.99 -10.24
C SER E 159 -58.82 -9.92 -11.14
N SER E 160 -57.75 -9.31 -10.64
CA SER E 160 -56.57 -9.04 -11.45
C SER E 160 -55.63 -10.23 -11.59
N LYS E 161 -55.96 -11.39 -11.02
CA LYS E 161 -55.10 -12.56 -11.17
C LYS E 161 -55.01 -12.96 -12.64
N ILE E 162 -53.88 -13.58 -12.99
CA ILE E 162 -53.64 -14.00 -14.36
C ILE E 162 -54.65 -15.05 -14.80
N VAL E 163 -55.33 -15.70 -13.86
CA VAL E 163 -56.30 -16.73 -14.19
C VAL E 163 -57.68 -16.15 -14.49
N SER E 164 -57.83 -14.83 -14.47
CA SER E 164 -59.13 -14.22 -14.77
C SER E 164 -59.60 -14.57 -16.17
N GLN E 165 -58.68 -14.62 -17.13
CA GLN E 165 -59.05 -15.04 -18.48
C GLN E 165 -59.31 -16.54 -18.55
N TYR E 166 -58.67 -17.30 -17.66
CA TYR E 166 -58.90 -18.74 -17.55
C TYR E 166 -60.01 -19.08 -16.57
N SER E 167 -60.67 -18.08 -16.00
CA SER E 167 -61.69 -18.29 -14.97
C SER E 167 -62.93 -19.01 -15.48
N SER E 168 -63.05 -19.25 -16.79
CA SER E 168 -64.24 -19.91 -17.32
C SER E 168 -64.42 -21.29 -16.70
N PHE E 169 -63.42 -22.16 -16.84
CA PHE E 169 -63.47 -23.48 -16.22
C PHE E 169 -62.91 -23.51 -14.81
N LEU E 170 -62.17 -22.47 -14.40
CA LEU E 170 -61.60 -22.46 -13.06
C LEU E 170 -62.60 -22.05 -11.99
N ALA E 171 -63.62 -21.25 -12.36
CA ALA E 171 -64.60 -20.84 -11.36
C ALA E 171 -65.44 -22.01 -10.85
N PRO E 172 -65.97 -22.90 -11.70
CA PRO E 172 -66.61 -24.10 -11.16
C PRO E 172 -65.64 -25.05 -10.47
N LEU E 173 -64.34 -24.93 -10.74
CA LEU E 173 -63.36 -25.82 -10.12
C LEU E 173 -63.25 -25.56 -8.62
N ALA E 174 -63.14 -24.29 -8.23
CA ALA E 174 -63.02 -23.95 -6.82
C ALA E 174 -64.34 -24.14 -6.09
N VAL E 175 -65.47 -23.97 -6.79
CA VAL E 175 -66.77 -24.16 -6.15
C VAL E 175 -67.01 -25.63 -5.85
N ASP E 176 -66.83 -26.50 -6.85
CA ASP E 176 -67.05 -27.93 -6.66
C ASP E 176 -66.08 -28.55 -5.67
N SER E 177 -64.93 -27.91 -5.44
CA SER E 177 -63.98 -28.43 -4.47
C SER E 177 -64.51 -28.28 -3.04
N VAL E 178 -65.15 -27.15 -2.75
CA VAL E 178 -65.67 -26.91 -1.41
C VAL E 178 -67.00 -27.64 -1.20
N LEU E 179 -67.81 -27.77 -2.25
CA LEU E 179 -69.12 -28.41 -2.11
C LEU E 179 -69.01 -29.87 -1.70
N LYS E 180 -67.86 -30.51 -1.92
CA LYS E 180 -67.69 -31.90 -1.51
C LYS E 180 -67.67 -32.05 0.01
N ILE E 181 -67.35 -30.99 0.74
CA ILE E 181 -67.37 -30.99 2.20
C ILE E 181 -68.46 -30.02 2.63
N SER E 182 -69.53 -30.54 3.20
CA SER E 182 -70.68 -29.75 3.61
C SER E 182 -70.99 -30.00 5.08
N ASP E 183 -71.24 -28.92 5.81
CA ASP E 183 -71.58 -29.01 7.23
C ASP E 183 -72.51 -27.86 7.58
N GLU E 184 -73.41 -28.12 8.53
CA GLU E 184 -74.33 -27.09 8.99
C GLU E 184 -73.74 -26.21 10.07
N ASN E 185 -72.62 -26.62 10.68
CA ASN E 185 -71.99 -25.86 11.75
C ASN E 185 -71.06 -24.78 11.25
N SER E 186 -70.89 -24.65 9.93
CA SER E 186 -70.05 -23.61 9.33
C SER E 186 -68.60 -23.71 9.82
N LYS E 187 -68.04 -24.92 9.74
CA LYS E 187 -66.65 -25.12 10.09
C LYS E 187 -65.73 -24.44 9.09
N ASN E 188 -64.48 -24.24 9.51
CA ASN E 188 -63.51 -23.52 8.71
C ASN E 188 -63.18 -24.19 7.38
N VAL E 189 -63.63 -25.44 7.17
CA VAL E 189 -63.43 -26.16 5.91
C VAL E 189 -61.93 -26.25 5.63
N ASP E 190 -61.24 -27.12 6.37
CA ASP E 190 -59.81 -27.32 6.21
C ASP E 190 -59.46 -27.59 4.75
N LEU E 191 -58.43 -26.91 4.26
CA LEU E 191 -57.99 -27.04 2.88
C LEU E 191 -56.97 -28.15 2.68
N ASN E 192 -56.64 -28.90 3.73
CA ASN E 192 -55.71 -30.01 3.58
C ASN E 192 -56.28 -31.11 2.67
N ASP E 193 -57.60 -31.25 2.63
CA ASP E 193 -58.22 -32.21 1.73
C ASP E 193 -58.13 -31.77 0.27
N ILE E 194 -57.99 -30.47 0.02
CA ILE E 194 -57.83 -29.96 -1.34
C ILE E 194 -56.34 -29.83 -1.61
N ARG E 195 -55.83 -30.65 -2.52
CA ARG E 195 -54.41 -30.67 -2.85
C ARG E 195 -54.21 -30.12 -4.26
N LEU E 196 -53.40 -29.08 -4.37
CA LEU E 196 -53.04 -28.47 -5.65
C LEU E 196 -51.61 -28.87 -5.97
N VAL E 197 -51.44 -29.72 -6.97
CA VAL E 197 -50.13 -30.26 -7.35
C VAL E 197 -49.62 -29.48 -8.55
N LYS E 198 -48.36 -29.06 -8.48
CA LYS E 198 -47.74 -28.25 -9.53
C LYS E 198 -46.87 -29.13 -10.40
N LYS E 199 -47.03 -29.00 -11.72
CA LYS E 199 -46.24 -29.72 -12.70
C LYS E 199 -45.68 -28.72 -13.72
N VAL E 200 -44.39 -28.84 -14.00
CA VAL E 200 -43.72 -27.94 -14.94
C VAL E 200 -44.05 -28.36 -16.36
N GLY E 201 -44.46 -27.40 -17.18
CA GLY E 201 -44.77 -27.66 -18.57
C GLY E 201 -46.28 -27.63 -18.82
N GLY E 202 -46.62 -27.51 -20.10
CA GLY E 202 -48.01 -27.48 -20.51
C GLY E 202 -48.60 -26.08 -20.45
N THR E 203 -49.92 -26.03 -20.49
CA THR E 203 -50.67 -24.78 -20.43
C THR E 203 -51.70 -24.86 -19.31
N ILE E 204 -52.13 -23.68 -18.85
CA ILE E 204 -53.12 -23.62 -17.79
C ILE E 204 -54.48 -24.14 -18.25
N ASP E 205 -54.76 -24.08 -19.55
CA ASP E 205 -56.03 -24.58 -20.07
C ASP E 205 -56.18 -26.08 -19.82
N ASP E 206 -55.07 -26.80 -19.70
CA ASP E 206 -55.12 -28.23 -19.44
C ASP E 206 -55.44 -28.57 -17.98
N THR E 207 -55.48 -27.58 -17.10
CA THR E 207 -55.78 -27.83 -15.70
C THR E 207 -57.22 -28.28 -15.53
N GLU E 208 -57.41 -29.42 -14.85
CA GLU E 208 -58.73 -29.96 -14.62
C GLU E 208 -58.71 -30.80 -13.35
N MET E 209 -59.90 -31.01 -12.78
CA MET E 209 -60.01 -31.80 -11.57
C MET E 209 -59.83 -33.28 -11.88
N ILE E 210 -59.04 -33.95 -11.06
CA ILE E 210 -58.80 -35.39 -11.20
C ILE E 210 -59.82 -36.13 -10.34
N ASP E 211 -60.37 -37.21 -10.90
CA ASP E 211 -61.39 -37.98 -10.20
C ASP E 211 -60.84 -38.79 -9.03
N GLY E 212 -59.52 -38.82 -8.84
CA GLY E 212 -58.92 -39.60 -7.78
C GLY E 212 -57.61 -39.00 -7.34
N VAL E 213 -56.95 -39.69 -6.41
CA VAL E 213 -55.69 -39.21 -5.85
C VAL E 213 -54.60 -39.27 -6.90
N VAL E 214 -53.81 -38.21 -7.00
CA VAL E 214 -52.68 -38.12 -7.91
C VAL E 214 -51.40 -38.26 -7.11
N LEU E 215 -50.40 -38.90 -7.71
CA LEU E 215 -49.10 -39.12 -7.08
C LEU E 215 -48.08 -38.19 -7.72
N THR E 216 -47.38 -37.42 -6.90
CA THR E 216 -46.38 -36.49 -7.42
C THR E 216 -45.15 -37.23 -7.93
N GLN E 217 -44.61 -38.15 -7.13
CA GLN E 217 -43.44 -38.91 -7.54
C GLN E 217 -43.82 -39.95 -8.59
N THR E 218 -42.83 -40.36 -9.38
CA THR E 218 -43.05 -41.33 -10.44
C THR E 218 -42.75 -42.74 -9.93
N ALA E 219 -42.90 -43.72 -10.81
CA ALA E 219 -42.64 -45.10 -10.47
C ALA E 219 -41.13 -45.36 -10.36
N ILE E 220 -40.78 -46.43 -9.67
CA ILE E 220 -39.38 -46.81 -9.52
C ILE E 220 -38.76 -47.11 -10.88
N LYS E 221 -39.45 -47.91 -11.69
CA LYS E 221 -39.11 -48.25 -13.07
C LYS E 221 -37.85 -49.08 -13.20
N SER E 222 -37.15 -49.37 -12.10
CA SER E 222 -35.98 -50.24 -12.18
C SER E 222 -36.35 -51.59 -12.78
N ALA E 223 -37.31 -52.29 -12.17
CA ALA E 223 -37.89 -53.46 -12.80
C ALA E 223 -38.85 -53.07 -13.92
N GLY E 224 -39.78 -52.16 -13.62
CA GLY E 224 -40.67 -51.63 -14.64
C GLY E 224 -41.45 -52.68 -15.40
N GLY E 225 -41.86 -53.75 -14.73
CA GLY E 225 -42.56 -54.82 -15.39
C GLY E 225 -43.93 -54.44 -15.91
N PRO E 226 -44.83 -54.01 -15.02
CA PRO E 226 -46.14 -53.54 -15.49
C PRO E 226 -46.03 -52.18 -16.17
N THR E 227 -46.64 -52.07 -17.36
CA THR E 227 -46.77 -50.78 -18.00
C THR E 227 -47.98 -50.01 -17.48
N ARG E 228 -49.11 -50.70 -17.32
CA ARG E 228 -50.38 -50.07 -16.96
C ARG E 228 -51.18 -51.06 -16.15
N LYS E 229 -51.92 -50.56 -15.16
CA LYS E 229 -52.69 -51.40 -14.25
C LYS E 229 -54.16 -51.05 -14.33
N GLU E 230 -55.01 -52.07 -14.47
CA GLU E 230 -56.45 -51.90 -14.52
C GLU E 230 -57.09 -52.74 -13.43
N LYS E 231 -58.00 -52.13 -12.67
CA LYS E 231 -58.71 -52.78 -11.56
C LYS E 231 -57.71 -53.36 -10.55
N ALA E 232 -56.99 -52.44 -9.90
CA ALA E 232 -55.96 -52.78 -8.95
C ALA E 232 -56.31 -52.25 -7.57
N LYS E 233 -55.79 -52.92 -6.54
CA LYS E 233 -55.98 -52.51 -5.16
C LYS E 233 -54.70 -51.82 -4.68
N ILE E 234 -54.80 -50.54 -4.38
CA ILE E 234 -53.64 -49.76 -3.99
C ILE E 234 -53.30 -50.06 -2.53
N GLY E 235 -52.08 -50.51 -2.28
CA GLY E 235 -51.61 -50.79 -0.94
C GLY E 235 -50.79 -49.64 -0.36
N LEU E 236 -50.63 -49.67 0.95
CA LEU E 236 -49.84 -48.67 1.66
C LEU E 236 -48.87 -49.40 2.59
N ILE E 237 -47.58 -49.20 2.37
CA ILE E 237 -46.53 -49.88 3.14
C ILE E 237 -45.80 -48.82 3.95
N GLN E 238 -45.97 -48.88 5.28
CA GLN E 238 -45.24 -48.00 6.19
C GLN E 238 -43.94 -48.61 6.68
N PHE E 239 -43.69 -49.88 6.40
CA PHE E 239 -42.46 -50.55 6.79
C PHE E 239 -41.47 -50.54 5.62
N GLN E 240 -40.35 -51.23 5.79
CA GLN E 240 -39.31 -51.31 4.78
C GLN E 240 -39.24 -52.71 4.20
N ILE E 241 -39.01 -52.80 2.89
CA ILE E 241 -38.85 -54.08 2.20
C ILE E 241 -37.38 -54.26 1.90
N SER E 242 -36.75 -55.22 2.58
CA SER E 242 -35.32 -55.45 2.46
C SER E 242 -34.99 -56.82 3.06
N PRO E 243 -33.73 -57.28 3.00
CA PRO E 243 -33.37 -58.47 3.75
C PRO E 243 -33.48 -58.21 5.24
N PRO E 244 -33.76 -59.25 6.04
CA PRO E 244 -34.04 -59.02 7.46
C PRO E 244 -32.86 -58.40 8.17
N LYS E 245 -33.11 -57.27 8.84
CA LYS E 245 -32.14 -56.61 9.70
C LYS E 245 -32.91 -55.99 10.85
N PRO E 246 -32.37 -55.99 12.06
CA PRO E 246 -32.94 -55.18 13.13
C PRO E 246 -32.71 -53.71 12.87
N ASP E 247 -33.49 -52.87 13.56
CA ASP E 247 -33.29 -51.43 13.48
C ASP E 247 -32.04 -50.99 14.22
N THR E 248 -31.35 -51.90 14.89
CA THR E 248 -30.13 -51.63 15.63
C THR E 248 -29.01 -52.52 15.11
N GLU E 249 -27.78 -52.17 15.47
CA GLU E 249 -26.61 -52.87 14.97
C GLU E 249 -26.68 -54.37 15.27
N ASN E 250 -26.34 -55.17 14.26
CA ASN E 250 -26.36 -56.62 14.35
C ASN E 250 -25.07 -57.18 13.76
N ASN E 251 -24.83 -58.46 14.01
CA ASN E 251 -23.65 -59.15 13.50
C ASN E 251 -24.04 -60.52 12.99
N ILE E 252 -23.45 -60.92 11.87
CA ILE E 252 -23.67 -62.23 11.28
C ILE E 252 -22.31 -62.88 11.09
N ILE E 253 -22.07 -63.99 11.80
CA ILE E 253 -20.79 -64.70 11.77
C ILE E 253 -20.98 -65.99 10.99
N VAL E 254 -20.07 -66.24 10.05
CA VAL E 254 -20.12 -67.42 9.19
C VAL E 254 -18.94 -68.31 9.55
N ASN E 255 -19.21 -69.45 10.17
CA ASN E 255 -18.18 -70.39 10.57
C ASN E 255 -17.97 -71.53 9.58
N ASP E 256 -18.78 -71.60 8.52
CA ASP E 256 -18.68 -72.70 7.57
C ASP E 256 -19.09 -72.19 6.19
N TYR E 257 -18.42 -72.71 5.15
CA TYR E 257 -18.74 -72.30 3.79
C TYR E 257 -20.14 -72.74 3.36
N ARG E 258 -20.68 -73.80 3.97
CA ARG E 258 -22.03 -74.23 3.66
C ARG E 258 -23.08 -73.30 4.25
N GLN E 259 -22.71 -72.45 5.21
CA GLN E 259 -23.66 -71.54 5.81
C GLN E 259 -24.02 -70.40 4.85
N MET E 260 -23.08 -69.97 4.02
CA MET E 260 -23.36 -68.88 3.08
C MET E 260 -24.38 -69.30 2.03
N ASP E 261 -24.46 -70.60 1.71
CA ASP E 261 -25.47 -71.07 0.78
C ASP E 261 -26.87 -70.92 1.33
N LYS E 262 -27.04 -71.09 2.64
CA LYS E 262 -28.35 -70.89 3.26
C LYS E 262 -28.66 -69.42 3.46
N ILE E 263 -27.65 -68.58 3.61
CA ILE E 263 -27.87 -67.15 3.82
C ILE E 263 -28.47 -66.51 2.58
N LEU E 264 -27.86 -66.76 1.41
CA LEU E 264 -28.35 -66.16 0.19
C LEU E 264 -29.75 -66.64 -0.18
N LYS E 265 -30.09 -67.87 0.20
CA LYS E 265 -31.42 -68.39 -0.10
C LYS E 265 -32.46 -67.85 0.88
N GLU E 266 -32.11 -67.71 2.15
CA GLU E 266 -33.07 -67.24 3.15
C GLU E 266 -33.28 -65.74 3.10
N GLU E 267 -32.27 -64.97 2.68
CA GLU E 267 -32.48 -63.54 2.48
C GLU E 267 -33.46 -63.27 1.36
N ARG E 268 -33.41 -64.09 0.29
CA ARG E 268 -34.40 -64.00 -0.77
C ARG E 268 -35.72 -64.65 -0.41
N ALA E 269 -35.71 -65.61 0.53
CA ALA E 269 -36.96 -66.24 0.96
C ALA E 269 -37.80 -65.28 1.79
N TYR E 270 -37.16 -64.38 2.54
CA TYR E 270 -37.92 -63.39 3.31
C TYR E 270 -38.65 -62.42 2.38
N LEU E 271 -37.95 -61.93 1.35
CA LEU E 271 -38.58 -61.09 0.35
C LEU E 271 -39.61 -61.85 -0.48
N LEU E 272 -39.45 -63.18 -0.58
CA LEU E 272 -40.42 -63.99 -1.30
C LEU E 272 -41.70 -64.20 -0.49
N ASN E 273 -41.56 -64.42 0.82
CA ASN E 273 -42.74 -64.61 1.66
C ASN E 273 -43.57 -63.34 1.76
N ILE E 274 -42.95 -62.18 1.64
CA ILE E 274 -43.71 -60.93 1.63
C ILE E 274 -44.56 -60.84 0.37
N CYS E 275 -44.01 -61.26 -0.77
CA CYS E 275 -44.77 -61.23 -2.01
C CYS E 275 -45.88 -62.26 -2.04
N LYS E 276 -45.77 -63.33 -1.24
CA LYS E 276 -46.82 -64.35 -1.21
C LYS E 276 -48.09 -63.80 -0.57
N LYS E 277 -47.95 -63.11 0.56
CA LYS E 277 -49.13 -62.54 1.23
C LYS E 277 -49.75 -61.42 0.40
N ILE E 278 -48.94 -60.71 -0.39
CA ILE E 278 -49.50 -59.65 -1.24
C ILE E 278 -50.27 -60.26 -2.40
N LYS E 279 -49.77 -61.37 -2.96
CA LYS E 279 -50.46 -62.01 -4.07
C LYS E 279 -51.79 -62.64 -3.62
N LYS E 280 -51.84 -63.13 -2.38
CA LYS E 280 -53.08 -63.74 -1.89
C LYS E 280 -54.19 -62.70 -1.73
N ALA E 281 -53.84 -61.46 -1.43
CA ALA E 281 -54.82 -60.38 -1.30
C ALA E 281 -55.04 -59.64 -2.61
N LYS E 282 -54.34 -60.01 -3.68
CA LYS E 282 -54.49 -59.38 -4.99
C LYS E 282 -54.25 -57.88 -4.93
N CYS E 283 -53.10 -57.50 -4.37
CA CYS E 283 -52.70 -56.10 -4.27
C CYS E 283 -51.67 -55.83 -5.36
N ASN E 284 -52.08 -55.08 -6.39
CA ASN E 284 -51.22 -54.80 -7.53
C ASN E 284 -50.46 -53.48 -7.42
N VAL E 285 -50.77 -52.65 -6.43
CA VAL E 285 -50.15 -51.34 -6.27
C VAL E 285 -49.67 -51.19 -4.84
N LEU E 286 -48.41 -50.78 -4.66
CA LEU E 286 -47.83 -50.60 -3.35
C LEU E 286 -47.22 -49.20 -3.25
N LEU E 287 -47.32 -48.60 -2.07
CA LEU E 287 -46.75 -47.28 -1.80
C LEU E 287 -45.91 -47.37 -0.54
N ILE E 288 -44.65 -46.95 -0.63
CA ILE E 288 -43.68 -47.12 0.43
C ILE E 288 -43.14 -45.75 0.84
N GLN E 289 -42.94 -45.57 2.14
CA GLN E 289 -42.36 -44.34 2.67
C GLN E 289 -40.90 -44.21 2.26
N LYS E 290 -40.38 -42.98 2.37
CA LYS E 290 -39.00 -42.71 2.02
C LYS E 290 -38.03 -43.64 2.74
N SER E 291 -38.12 -43.69 4.07
CA SER E 291 -37.29 -44.56 4.91
C SER E 291 -35.80 -44.30 4.67
N ILE E 292 -35.36 -43.13 5.16
CA ILE E 292 -33.97 -42.75 4.99
C ILE E 292 -33.04 -43.59 5.87
N LEU E 293 -33.56 -44.19 6.94
CA LEU E 293 -32.71 -44.98 7.83
C LEU E 293 -32.42 -46.36 7.24
N ARG E 294 -33.45 -47.04 6.76
CA ARG E 294 -33.31 -48.39 6.21
C ARG E 294 -33.80 -48.40 4.76
N ASP E 295 -33.07 -49.12 3.91
CA ASP E 295 -33.39 -49.16 2.48
C ASP E 295 -34.81 -49.66 2.27
N ALA E 296 -35.61 -48.87 1.54
CA ALA E 296 -37.00 -49.23 1.31
C ALA E 296 -37.16 -50.27 0.22
N VAL E 297 -36.30 -50.27 -0.79
CA VAL E 297 -36.39 -51.20 -1.91
C VAL E 297 -35.06 -51.89 -2.09
N ASN E 298 -35.09 -52.99 -2.85
CA ASN E 298 -33.89 -53.77 -3.13
C ASN E 298 -34.01 -54.36 -4.52
N ASP E 299 -32.87 -54.61 -5.16
CA ASP E 299 -32.87 -55.23 -6.48
C ASP E 299 -33.49 -56.61 -6.46
N LEU E 300 -33.32 -57.35 -5.36
CA LEU E 300 -33.94 -58.66 -5.24
C LEU E 300 -35.44 -58.54 -4.98
N ALA E 301 -35.86 -57.45 -4.32
CA ALA E 301 -37.28 -57.26 -4.03
C ALA E 301 -38.04 -56.76 -5.25
N LEU E 302 -37.42 -55.88 -6.05
CA LEU E 302 -38.08 -55.39 -7.25
C LEU E 302 -38.22 -56.47 -8.30
N HIS E 303 -37.31 -57.45 -8.31
CA HIS E 303 -37.43 -58.56 -9.25
C HIS E 303 -38.57 -59.50 -8.88
N PHE E 304 -38.81 -59.68 -7.57
CA PHE E 304 -39.92 -60.51 -7.14
C PHE E 304 -41.25 -59.85 -7.46
N LEU E 305 -41.34 -58.52 -7.32
CA LEU E 305 -42.56 -57.79 -7.62
C LEU E 305 -42.78 -57.63 -9.11
N SER E 306 -41.73 -57.78 -9.92
CA SER E 306 -41.90 -57.67 -11.37
C SER E 306 -42.57 -58.92 -11.95
N LYS E 307 -42.36 -60.08 -11.32
CA LYS E 307 -43.02 -61.29 -11.78
C LYS E 307 -44.53 -61.22 -11.57
N LEU E 308 -44.96 -60.60 -10.48
CA LEU E 308 -46.38 -60.43 -10.18
C LEU E 308 -46.97 -59.16 -10.78
N ASN E 309 -46.16 -58.37 -11.49
CA ASN E 309 -46.61 -57.13 -12.13
C ASN E 309 -47.24 -56.17 -11.10
N ILE E 310 -46.50 -55.90 -10.03
CA ILE E 310 -46.94 -55.02 -8.96
C ILE E 310 -46.20 -53.70 -9.10
N MET E 311 -46.96 -52.62 -9.27
CA MET E 311 -46.37 -51.29 -9.39
C MET E 311 -46.11 -50.70 -8.01
N VAL E 312 -44.91 -50.17 -7.80
CA VAL E 312 -44.49 -49.63 -6.52
C VAL E 312 -43.94 -48.23 -6.73
N VAL E 313 -44.39 -47.29 -5.91
CA VAL E 313 -43.91 -45.91 -5.93
C VAL E 313 -43.37 -45.57 -4.56
N LYS E 314 -42.14 -45.09 -4.50
CA LYS E 314 -41.45 -44.78 -3.26
C LYS E 314 -41.20 -43.27 -3.17
N ASP E 315 -40.49 -42.88 -2.10
CA ASP E 315 -40.14 -41.48 -1.85
C ASP E 315 -41.38 -40.61 -1.70
N ILE E 316 -42.32 -41.08 -0.88
CA ILE E 316 -43.57 -40.38 -0.61
C ILE E 316 -43.45 -39.64 0.71
N GLU E 317 -43.95 -38.41 0.74
CA GLU E 317 -43.91 -37.62 1.96
C GLU E 317 -44.70 -38.30 3.08
N ARG E 318 -44.24 -38.09 4.31
CA ARG E 318 -44.91 -38.70 5.47
C ARG E 318 -46.20 -37.99 5.82
N GLU E 319 -46.26 -36.67 5.64
CA GLU E 319 -47.47 -35.90 5.96
C GLU E 319 -48.58 -36.08 4.94
N GLU E 320 -48.32 -36.74 3.82
CA GLU E 320 -49.30 -36.95 2.77
C GLU E 320 -50.12 -38.22 2.96
N ILE E 321 -49.90 -38.96 4.05
CA ILE E 321 -50.65 -40.20 4.27
C ILE E 321 -52.12 -39.90 4.50
N GLU E 322 -52.42 -38.81 5.22
CA GLU E 322 -53.82 -38.44 5.44
C GLU E 322 -54.54 -38.16 4.12
N PHE E 323 -53.83 -37.63 3.13
CA PHE E 323 -54.42 -37.43 1.82
C PHE E 323 -54.50 -38.73 1.03
N LEU E 324 -53.55 -39.64 1.25
CA LEU E 324 -53.57 -40.93 0.56
C LEU E 324 -54.57 -41.89 1.21
N SER E 325 -54.69 -41.86 2.54
CA SER E 325 -55.57 -42.79 3.23
C SER E 325 -57.04 -42.41 3.06
N LYS E 326 -57.37 -41.13 3.20
CA LYS E 326 -58.76 -40.70 3.07
C LYS E 326 -59.17 -40.61 1.61
N GLY E 327 -58.26 -40.20 0.72
CA GLY E 327 -58.61 -40.07 -0.68
C GLY E 327 -58.82 -41.42 -1.36
N LEU E 328 -57.86 -42.33 -1.20
CA LEU E 328 -57.97 -43.64 -1.81
C LEU E 328 -58.78 -44.62 -0.97
N GLY E 329 -59.07 -44.28 0.28
CA GLY E 329 -59.82 -45.19 1.14
C GLY E 329 -59.05 -46.45 1.49
N CYS E 330 -57.76 -46.33 1.78
CA CYS E 330 -56.90 -47.46 2.07
C CYS E 330 -56.26 -47.27 3.43
N LYS E 331 -56.37 -48.29 4.28
CA LYS E 331 -55.73 -48.24 5.59
C LYS E 331 -54.26 -48.62 5.46
N PRO E 332 -53.34 -47.79 5.96
CA PRO E 332 -51.92 -48.12 5.85
C PRO E 332 -51.58 -49.41 6.58
N ILE E 333 -50.64 -50.15 6.01
CA ILE E 333 -50.20 -51.44 6.55
C ILE E 333 -48.76 -51.28 7.01
N ALA E 334 -48.55 -51.30 8.32
CA ALA E 334 -47.22 -51.16 8.91
C ALA E 334 -46.58 -52.50 9.27
N ASP E 335 -47.29 -53.62 9.07
CA ASP E 335 -46.76 -54.92 9.46
C ASP E 335 -47.24 -55.95 8.46
N ILE E 336 -46.35 -56.89 8.13
CA ILE E 336 -46.69 -57.93 7.16
C ILE E 336 -47.78 -58.85 7.71
N GLU E 337 -47.88 -58.97 9.03
CA GLU E 337 -48.93 -59.78 9.64
C GLU E 337 -50.28 -59.08 9.62
N LEU E 338 -50.30 -57.76 9.75
CA LEU E 338 -51.55 -57.00 9.71
C LEU E 338 -52.06 -56.79 8.30
N PHE E 339 -51.30 -57.17 7.27
CA PHE E 339 -51.74 -56.99 5.90
C PHE E 339 -52.88 -57.95 5.58
N THR E 340 -53.99 -57.41 5.10
CA THR E 340 -55.17 -58.20 4.78
C THR E 340 -55.91 -57.52 3.63
N GLU E 341 -57.01 -58.16 3.20
CA GLU E 341 -57.80 -57.62 2.10
C GLU E 341 -58.70 -56.48 2.54
N ASP E 342 -59.14 -56.49 3.80
CA ASP E 342 -60.05 -55.45 4.27
C ASP E 342 -59.39 -54.07 4.31
N ARG E 343 -58.09 -54.02 4.61
CA ARG E 343 -57.39 -52.75 4.64
C ARG E 343 -57.11 -52.20 3.24
N LEU E 344 -57.19 -53.05 2.21
CA LEU E 344 -56.96 -52.61 0.85
C LEU E 344 -58.23 -51.98 0.27
N GLY E 345 -58.04 -50.96 -0.56
CA GLY E 345 -59.14 -50.29 -1.22
C GLY E 345 -59.39 -50.82 -2.61
N SER E 346 -59.89 -49.95 -3.49
CA SER E 346 -60.16 -50.32 -4.87
C SER E 346 -59.89 -49.13 -5.77
N ALA E 347 -59.31 -49.40 -6.94
CA ALA E 347 -59.03 -48.36 -7.92
C ALA E 347 -59.27 -48.93 -9.31
N ASP E 348 -59.94 -48.14 -10.16
CA ASP E 348 -60.24 -48.59 -11.51
C ASP E 348 -58.99 -48.62 -12.37
N LEU E 349 -58.26 -47.51 -12.45
CA LEU E 349 -57.12 -47.40 -13.35
C LEU E 349 -55.98 -46.69 -12.61
N VAL E 350 -54.83 -47.35 -12.57
CA VAL E 350 -53.60 -46.76 -12.04
C VAL E 350 -52.57 -46.79 -13.17
N GLU E 351 -52.20 -45.62 -13.67
CA GLU E 351 -51.29 -45.51 -14.80
C GLU E 351 -50.39 -44.30 -14.63
N GLU E 352 -49.32 -44.27 -15.42
CA GLU E 352 -48.40 -43.14 -15.49
C GLU E 352 -48.37 -42.65 -16.93
N ILE E 353 -48.85 -41.43 -17.16
CA ILE E 353 -48.96 -40.85 -18.49
C ILE E 353 -47.82 -39.86 -18.67
N ASP E 354 -46.96 -40.11 -19.65
CA ASP E 354 -45.88 -39.20 -20.00
C ASP E 354 -46.35 -38.31 -21.15
N SER E 355 -46.52 -37.02 -20.87
CA SER E 355 -47.01 -36.07 -21.84
C SER E 355 -46.04 -34.90 -21.91
N ASP E 356 -45.39 -34.73 -23.06
CA ASP E 356 -44.48 -33.60 -23.31
C ASP E 356 -43.37 -33.54 -22.27
N GLY E 357 -42.83 -34.72 -21.92
CA GLY E 357 -41.76 -34.81 -20.95
C GLY E 357 -42.18 -34.77 -19.50
N SER E 358 -43.43 -34.41 -19.21
CA SER E 358 -43.92 -34.34 -17.83
C SER E 358 -44.59 -35.67 -17.50
N LYS E 359 -44.01 -36.41 -16.54
CA LYS E 359 -44.52 -37.70 -16.13
C LYS E 359 -45.32 -37.54 -14.85
N ILE E 360 -46.50 -38.15 -14.81
CA ILE E 360 -47.41 -38.02 -13.69
C ILE E 360 -48.17 -39.32 -13.51
N VAL E 361 -48.42 -39.70 -12.26
CA VAL E 361 -49.14 -40.92 -11.92
C VAL E 361 -50.50 -40.51 -11.37
N ARG E 362 -51.57 -40.95 -12.05
CA ARG E 362 -52.93 -40.61 -11.67
C ARG E 362 -53.75 -41.86 -11.42
N VAL E 363 -54.74 -41.73 -10.53
CA VAL E 363 -55.66 -42.81 -10.21
C VAL E 363 -57.08 -42.32 -10.51
N THR E 364 -57.86 -43.16 -11.19
CA THR E 364 -59.21 -42.80 -11.63
C THR E 364 -60.23 -43.59 -10.81
N GLY E 365 -60.96 -42.89 -9.97
CA GLY E 365 -62.09 -43.47 -9.25
C GLY E 365 -61.69 -44.13 -7.95
N ILE E 366 -62.62 -44.10 -6.98
CA ILE E 366 -62.46 -44.76 -5.70
C ILE E 366 -63.76 -45.46 -5.36
N ARG E 367 -63.71 -46.78 -5.18
CA ARG E 367 -64.89 -47.57 -4.87
C ARG E 367 -65.18 -47.68 -3.38
N ASN E 368 -64.25 -47.25 -2.52
CA ASN E 368 -64.50 -47.25 -1.09
C ASN E 368 -65.74 -46.43 -0.74
N ASN E 369 -65.69 -45.13 -1.04
CA ASN E 369 -66.76 -44.18 -0.71
C ASN E 369 -66.98 -44.11 0.80
N ASN E 370 -65.98 -43.55 1.48
CA ASN E 370 -66.01 -43.37 2.92
C ASN E 370 -66.82 -42.12 3.26
N ALA E 371 -66.72 -41.67 4.52
CA ALA E 371 -67.54 -40.56 5.00
C ALA E 371 -67.37 -39.31 4.16
N ARG E 372 -66.13 -38.82 4.05
CA ARG E 372 -65.88 -37.60 3.30
C ARG E 372 -64.78 -37.82 2.26
N PRO E 373 -64.94 -37.27 1.06
CA PRO E 373 -63.91 -37.43 0.02
C PRO E 373 -62.84 -36.36 0.07
N THR E 374 -61.92 -36.38 -0.90
CA THR E 374 -60.87 -35.38 -1.01
C THR E 374 -60.89 -34.79 -2.42
N VAL E 375 -60.21 -33.66 -2.58
CA VAL E 375 -60.13 -32.95 -3.85
C VAL E 375 -58.69 -33.03 -4.35
N SER E 376 -58.55 -33.35 -5.63
CA SER E 376 -57.23 -33.47 -6.27
C SER E 376 -57.27 -32.72 -7.59
N VAL E 377 -56.41 -31.71 -7.73
CA VAL E 377 -56.33 -30.89 -8.94
C VAL E 377 -54.86 -30.77 -9.33
N VAL E 378 -54.57 -31.05 -10.60
CA VAL E 378 -53.22 -30.93 -11.14
C VAL E 378 -53.10 -29.61 -11.88
N ILE E 379 -52.09 -28.82 -11.53
CA ILE E 379 -51.87 -27.50 -12.11
C ILE E 379 -50.78 -27.58 -13.16
N ARG E 380 -51.06 -27.05 -14.34
CA ARG E 380 -50.11 -26.98 -15.44
C ARG E 380 -49.88 -25.53 -15.85
N GLY E 381 -48.70 -25.26 -16.37
CA GLY E 381 -48.37 -23.92 -16.82
C GLY E 381 -47.08 -23.90 -17.60
N ALA E 382 -46.94 -22.88 -18.44
CA ALA E 382 -45.75 -22.75 -19.28
C ALA E 382 -44.54 -22.35 -18.45
N ASN E 383 -44.66 -21.27 -17.69
CA ASN E 383 -43.56 -20.75 -16.88
C ASN E 383 -43.71 -21.22 -15.44
N ASN E 384 -42.59 -21.62 -14.84
CA ASN E 384 -42.61 -22.07 -13.45
C ASN E 384 -43.01 -20.94 -12.50
N MET E 385 -42.75 -19.69 -12.90
CA MET E 385 -43.17 -18.56 -12.08
C MET E 385 -44.68 -18.40 -12.09
N ILE E 386 -45.32 -18.67 -13.23
CA ILE E 386 -46.77 -18.60 -13.31
C ILE E 386 -47.40 -19.80 -12.60
N ILE E 387 -46.74 -20.95 -12.63
CA ILE E 387 -47.26 -22.14 -11.96
C ILE E 387 -47.37 -21.90 -10.46
N ASP E 388 -46.32 -21.30 -9.87
CA ASP E 388 -46.39 -20.97 -8.45
C ASP E 388 -47.45 -19.90 -8.17
N GLU E 389 -47.69 -19.01 -9.13
CA GLU E 389 -48.75 -18.01 -8.97
C GLU E 389 -50.13 -18.59 -9.23
N THR E 390 -50.22 -19.60 -10.10
CA THR E 390 -51.52 -20.21 -10.40
C THR E 390 -52.12 -20.87 -9.16
N GLU E 391 -51.29 -21.56 -8.37
CA GLU E 391 -51.78 -22.16 -7.14
C GLU E 391 -52.21 -21.09 -6.14
N ARG E 392 -51.45 -20.00 -6.04
CA ARG E 392 -51.84 -18.90 -5.16
C ARG E 392 -53.04 -18.13 -5.70
N SER E 393 -53.20 -18.10 -7.03
CA SER E 393 -54.38 -17.48 -7.60
C SER E 393 -55.63 -18.33 -7.33
N LEU E 394 -55.51 -19.65 -7.45
CA LEU E 394 -56.62 -20.53 -7.10
C LEU E 394 -56.82 -20.63 -5.60
N HIS E 395 -55.81 -20.27 -4.80
CA HIS E 395 -55.97 -20.28 -3.35
C HIS E 395 -56.97 -19.22 -2.90
N ASP E 396 -56.96 -18.05 -3.56
CA ASP E 396 -57.95 -17.03 -3.26
C ASP E 396 -59.34 -17.45 -3.71
N ALA E 397 -59.43 -18.25 -4.77
CA ALA E 397 -60.71 -18.77 -5.21
C ALA E 397 -61.26 -19.82 -4.26
N LEU E 398 -60.40 -20.48 -3.49
CA LEU E 398 -60.86 -21.40 -2.46
C LEU E 398 -61.29 -20.67 -1.19
N CYS E 399 -60.68 -19.52 -0.90
CA CYS E 399 -61.01 -18.77 0.30
C CYS E 399 -62.30 -17.98 0.16
N VAL E 400 -62.62 -17.52 -1.06
CA VAL E 400 -63.86 -16.77 -1.26
C VAL E 400 -65.06 -17.66 -1.03
N ILE E 401 -64.97 -18.93 -1.40
CA ILE E 401 -66.05 -19.87 -1.10
C ILE E 401 -65.98 -20.31 0.36
N ARG E 402 -64.78 -20.37 0.94
CA ARG E 402 -64.64 -20.73 2.34
C ARG E 402 -65.29 -19.71 3.26
N CYS E 403 -65.24 -18.43 2.88
CA CYS E 403 -65.88 -17.40 3.70
C CYS E 403 -67.39 -17.46 3.60
N LEU E 404 -67.92 -17.86 2.44
CA LEU E 404 -69.37 -17.96 2.29
C LEU E 404 -69.92 -19.13 3.09
N VAL E 405 -69.17 -20.23 3.18
CA VAL E 405 -69.55 -21.33 4.04
C VAL E 405 -69.69 -20.87 5.48
N LYS E 406 -68.59 -20.38 6.07
CA LYS E 406 -68.59 -19.97 7.47
C LYS E 406 -69.62 -18.87 7.74
N GLU E 407 -69.76 -17.92 6.81
CA GLU E 407 -70.69 -16.80 6.97
C GLU E 407 -71.48 -16.63 5.68
N ARG E 408 -72.80 -16.75 5.79
CA ARG E 408 -73.68 -16.63 4.63
C ARG E 408 -73.73 -15.21 4.07
N GLY E 409 -73.17 -14.23 4.76
CA GLY E 409 -73.25 -12.85 4.30
C GLY E 409 -72.45 -12.64 3.02
N LEU E 410 -73.10 -12.08 2.01
CA LEU E 410 -72.46 -11.78 0.74
C LEU E 410 -72.86 -10.37 0.31
N ILE E 411 -71.88 -9.48 0.19
CA ILE E 411 -72.15 -8.10 -0.18
C ILE E 411 -71.74 -7.85 -1.62
N ALA E 412 -71.99 -6.63 -2.10
CA ALA E 412 -71.58 -6.24 -3.45
C ALA E 412 -70.10 -5.84 -3.47
N GLY E 413 -69.48 -6.01 -4.63
CA GLY E 413 -68.11 -5.63 -4.84
C GLY E 413 -67.97 -4.40 -5.73
N GLY E 414 -66.74 -4.16 -6.16
CA GLY E 414 -66.45 -3.06 -7.07
C GLY E 414 -66.67 -1.68 -6.48
N GLY E 415 -66.09 -1.43 -5.30
CA GLY E 415 -66.21 -0.13 -4.68
C GLY E 415 -67.56 0.17 -4.07
N ALA E 416 -68.48 -0.79 -4.05
CA ALA E 416 -69.81 -0.54 -3.48
C ALA E 416 -69.78 -0.32 -1.97
N PRO E 417 -69.18 -1.20 -1.16
CA PRO E 417 -69.29 -1.01 0.29
C PRO E 417 -68.52 0.19 0.81
N GLU E 418 -67.45 0.61 0.12
CA GLU E 418 -66.65 1.73 0.62
C GLU E 418 -67.43 3.04 0.58
N ILE E 419 -68.29 3.21 -0.43
CA ILE E 419 -69.10 4.43 -0.51
C ILE E 419 -70.28 4.34 0.45
N GLU E 420 -70.85 3.15 0.64
CA GLU E 420 -71.99 3.01 1.54
C GLU E 420 -71.59 3.26 2.98
N ILE E 421 -70.43 2.76 3.40
CA ILE E 421 -70.00 2.95 4.80
C ILE E 421 -69.66 4.41 5.05
N SER E 422 -68.98 5.06 4.11
CA SER E 422 -68.60 6.45 4.29
C SER E 422 -69.81 7.37 4.30
N ARG E 423 -70.89 6.99 3.62
CA ARG E 423 -72.08 7.82 3.57
C ARG E 423 -72.90 7.71 4.84
N ARG E 424 -73.05 6.49 5.37
CA ARG E 424 -73.85 6.29 6.57
C ARG E 424 -73.17 6.86 7.81
N LEU E 425 -71.84 6.82 7.86
CA LEU E 425 -71.11 7.37 9.00
C LEU E 425 -71.02 8.88 8.96
N SER E 426 -71.21 9.50 7.79
CA SER E 426 -71.17 10.95 7.71
C SER E 426 -72.41 11.59 8.32
N LYS E 427 -73.54 10.88 8.30
CA LYS E 427 -74.77 11.42 8.88
C LYS E 427 -74.76 11.33 10.40
N GLU E 428 -74.18 10.26 10.95
CA GLU E 428 -74.13 10.09 12.40
C GLU E 428 -73.05 10.95 13.05
N ALA E 429 -71.97 11.26 12.32
CA ALA E 429 -70.88 12.03 12.90
C ALA E 429 -71.28 13.49 13.13
N ARG E 430 -72.11 14.05 12.25
CA ARG E 430 -72.46 15.47 12.37
C ARG E 430 -73.32 15.74 13.59
N SER E 431 -73.98 14.73 14.16
CA SER E 431 -74.84 14.91 15.31
C SER E 431 -74.15 14.60 16.64
N MET E 432 -72.88 14.18 16.60
CA MET E 432 -72.19 13.80 17.84
C MET E 432 -71.73 15.01 18.63
N GLU E 433 -71.27 16.07 17.95
CA GLU E 433 -70.80 17.31 18.58
C GLU E 433 -69.66 17.02 19.56
N GLY E 434 -68.51 16.70 18.97
CA GLY E 434 -67.31 16.47 19.74
C GLY E 434 -66.11 16.33 18.83
N VAL E 435 -64.93 16.30 19.47
CA VAL E 435 -63.69 16.12 18.72
C VAL E 435 -63.61 14.70 18.16
N GLN E 436 -64.30 13.75 18.78
CA GLN E 436 -64.39 12.41 18.22
C GLN E 436 -65.20 12.40 16.93
N ALA E 437 -66.17 13.31 16.82
CA ALA E 437 -66.96 13.41 15.59
C ALA E 437 -66.11 13.97 14.45
N PHE E 438 -65.21 14.89 14.76
CA PHE E 438 -64.33 15.44 13.72
C PHE E 438 -63.35 14.38 13.21
N ILE E 439 -63.02 13.40 14.04
CA ILE E 439 -62.15 12.32 13.59
C ILE E 439 -62.91 11.38 12.66
N TRP E 440 -64.19 11.15 12.95
CA TRP E 440 -65.01 10.28 12.10
C TRP E 440 -65.20 10.86 10.70
N GLN E 441 -65.11 12.18 10.54
CA GLN E 441 -65.18 12.77 9.21
C GLN E 441 -64.00 12.35 8.35
N GLU E 442 -62.82 12.24 8.97
CA GLU E 442 -61.64 11.74 8.25
C GLU E 442 -61.66 10.23 8.08
N PHE E 443 -62.39 9.52 8.94
CA PHE E 443 -62.50 8.07 8.80
C PHE E 443 -63.32 7.69 7.57
N ALA E 444 -64.36 8.47 7.27
CA ALA E 444 -65.17 8.19 6.09
C ALA E 444 -64.44 8.56 4.81
N SER E 445 -63.69 9.67 4.82
CA SER E 445 -62.92 10.07 3.66
C SER E 445 -61.73 9.16 3.40
N ALA E 446 -61.25 8.46 4.43
CA ALA E 446 -60.12 7.55 4.24
C ALA E 446 -60.54 6.30 3.48
N LEU E 447 -61.80 5.89 3.59
CA LEU E 447 -62.29 4.72 2.87
C LEU E 447 -62.52 4.98 1.40
N GLU E 448 -62.50 6.24 0.96
CA GLU E 448 -62.68 6.59 -0.44
C GLU E 448 -61.47 6.25 -1.30
N VAL E 449 -60.37 5.80 -0.70
CA VAL E 449 -59.17 5.50 -1.49
C VAL E 449 -59.37 4.27 -2.36
N ILE E 450 -60.22 3.33 -1.94
CA ILE E 450 -60.46 2.11 -2.69
C ILE E 450 -61.18 2.42 -4.00
N PRO E 451 -62.31 3.15 -4.00
CA PRO E 451 -62.91 3.51 -5.30
C PRO E 451 -62.08 4.50 -6.10
N THR E 452 -61.29 5.33 -5.43
CA THR E 452 -60.40 6.24 -6.14
C THR E 452 -59.32 5.50 -6.88
N THR E 453 -58.75 4.46 -6.25
CA THR E 453 -57.71 3.68 -6.91
C THR E 453 -58.25 2.90 -8.11
N LEU E 454 -59.50 2.43 -8.02
CA LEU E 454 -60.09 1.71 -9.15
C LEU E 454 -60.19 2.58 -10.39
N ALA E 455 -60.43 3.89 -10.21
CA ALA E 455 -60.51 4.78 -11.35
C ALA E 455 -59.11 5.15 -11.87
N GLU E 456 -58.14 5.31 -10.97
CA GLU E 456 -56.79 5.68 -11.40
C GLU E 456 -56.12 4.55 -12.16
N ASN E 457 -56.29 3.30 -11.71
CA ASN E 457 -55.71 2.18 -12.41
C ASN E 457 -56.40 1.89 -13.74
N ALA E 458 -57.65 2.32 -13.90
CA ALA E 458 -58.39 2.13 -15.14
C ALA E 458 -58.29 3.33 -16.07
N GLY E 459 -57.60 4.40 -15.66
CA GLY E 459 -57.46 5.58 -16.48
C GLY E 459 -58.57 6.60 -16.35
N LEU E 460 -59.69 6.24 -15.74
CA LEU E 460 -60.81 7.16 -15.60
C LEU E 460 -60.50 8.20 -14.52
N ASN E 461 -61.20 9.33 -14.62
CA ASN E 461 -61.05 10.38 -13.62
C ASN E 461 -61.75 9.97 -12.34
N SER E 462 -61.06 10.12 -11.21
CA SER E 462 -61.63 9.69 -9.93
C SER E 462 -62.76 10.60 -9.49
N ILE E 463 -62.57 11.91 -9.61
CA ILE E 463 -63.60 12.85 -9.14
C ILE E 463 -64.86 12.72 -9.97
N LYS E 464 -64.73 12.55 -11.29
CA LYS E 464 -65.91 12.39 -12.13
C LYS E 464 -66.70 11.14 -11.75
N VAL E 465 -66.02 10.09 -11.31
CA VAL E 465 -66.72 8.90 -10.84
C VAL E 465 -67.34 9.13 -9.47
N VAL E 466 -66.54 9.67 -8.53
CA VAL E 466 -67.04 9.89 -7.17
C VAL E 466 -68.20 10.86 -7.16
N THR E 467 -68.17 11.86 -8.06
CA THR E 467 -69.32 12.75 -8.20
C THR E 467 -70.57 11.97 -8.58
N GLU E 468 -70.42 10.97 -9.45
CA GLU E 468 -71.54 10.11 -9.78
C GLU E 468 -71.80 9.08 -8.68
N LEU E 469 -70.78 8.71 -7.91
CA LEU E 469 -70.98 7.76 -6.82
C LEU E 469 -71.81 8.38 -5.70
N ARG E 470 -71.52 9.63 -5.34
CA ARG E 470 -72.24 10.27 -4.25
C ARG E 470 -73.71 10.48 -4.59
N SER E 471 -74.01 10.77 -5.86
CA SER E 471 -75.39 11.03 -6.25
C SER E 471 -76.20 9.73 -6.34
N LYS E 472 -75.59 8.67 -6.86
CA LYS E 472 -76.33 7.42 -7.04
C LYS E 472 -76.47 6.65 -5.73
N HIS E 473 -75.45 6.71 -4.86
CA HIS E 473 -75.51 6.00 -3.59
C HIS E 473 -76.43 6.67 -2.57
N GLU E 474 -76.91 7.88 -2.85
CA GLU E 474 -77.84 8.53 -1.93
C GLU E 474 -79.22 7.89 -2.00
N ASN E 475 -79.75 7.73 -3.21
CA ASN E 475 -81.05 7.09 -3.38
C ASN E 475 -80.94 5.57 -3.26
N GLY E 476 -79.96 4.97 -3.95
CA GLY E 476 -79.78 3.54 -3.86
C GLY E 476 -79.17 3.14 -2.53
N GLU E 477 -79.73 2.08 -1.93
CA GLU E 477 -79.25 1.61 -0.64
C GLU E 477 -77.98 0.78 -0.75
N LEU E 478 -77.72 0.16 -1.91
CA LEU E 478 -76.58 -0.73 -2.10
C LEU E 478 -76.51 -1.22 -3.55
N ASN E 479 -75.45 -1.96 -3.86
CA ASN E 479 -75.12 -2.54 -5.17
C ASN E 479 -74.57 -1.51 -6.15
N ASP E 480 -74.57 -0.22 -5.81
CA ASP E 480 -74.00 0.80 -6.69
C ASP E 480 -72.48 0.83 -6.51
N GLY E 481 -71.75 0.63 -7.60
CA GLY E 481 -70.31 0.59 -7.52
C GLY E 481 -69.67 0.82 -8.87
N ILE E 482 -68.35 0.63 -8.91
CA ILE E 482 -67.54 0.86 -10.10
C ILE E 482 -67.36 -0.45 -10.84
N SER E 483 -67.60 -0.43 -12.14
CA SER E 483 -67.41 -1.60 -13.00
C SER E 483 -66.26 -1.33 -13.96
N VAL E 484 -65.27 -2.23 -13.96
CA VAL E 484 -64.10 -2.03 -14.80
C VAL E 484 -64.35 -2.39 -16.25
N ARG E 485 -65.34 -3.24 -16.53
CA ARG E 485 -65.61 -3.63 -17.91
C ARG E 485 -66.33 -2.52 -18.67
N ARG E 486 -67.36 -1.93 -18.07
CA ARG E 486 -68.10 -0.85 -18.71
C ARG E 486 -67.44 0.52 -18.54
N SER E 487 -66.45 0.64 -17.66
CA SER E 487 -65.73 1.89 -17.43
C SER E 487 -66.70 3.01 -17.02
N GLY E 488 -67.26 2.84 -15.83
CA GLY E 488 -68.20 3.82 -15.32
C GLY E 488 -68.88 3.30 -14.07
N THR E 489 -70.04 3.88 -13.77
CA THR E 489 -70.83 3.53 -12.59
C THR E 489 -72.10 2.83 -13.03
N THR E 490 -72.34 1.65 -12.47
CA THR E 490 -73.53 0.87 -12.79
C THR E 490 -73.83 -0.07 -11.63
N ASN E 491 -74.87 -0.89 -11.80
CA ASN E 491 -75.27 -1.83 -10.77
C ASN E 491 -74.30 -3.02 -10.77
N THR E 492 -73.70 -3.28 -9.61
CA THR E 492 -72.77 -4.41 -9.50
C THR E 492 -73.50 -5.74 -9.37
N TYR E 493 -74.73 -5.73 -8.85
CA TYR E 493 -75.48 -6.97 -8.74
C TYR E 493 -75.90 -7.50 -10.11
N GLU E 494 -76.31 -6.60 -11.01
CA GLU E 494 -76.64 -7.02 -12.36
C GLU E 494 -75.41 -7.48 -13.12
N GLU E 495 -74.24 -6.97 -12.76
CA GLU E 495 -72.97 -7.39 -13.34
C GLU E 495 -72.37 -8.61 -12.63
N HIS E 496 -73.06 -9.15 -11.63
CA HIS E 496 -72.68 -10.32 -10.86
C HIS E 496 -71.47 -10.09 -9.95
N ILE E 497 -70.86 -8.90 -9.99
CA ILE E 497 -69.72 -8.61 -9.13
C ILE E 497 -70.16 -8.70 -7.67
N LEU E 498 -69.47 -9.55 -6.89
CA LEU E 498 -69.83 -9.79 -5.51
C LEU E 498 -68.58 -10.16 -4.72
N GLN E 499 -68.62 -9.89 -3.43
CA GLN E 499 -67.54 -10.25 -2.52
C GLN E 499 -68.12 -10.63 -1.18
N PRO E 500 -67.50 -11.54 -0.45
CA PRO E 500 -68.03 -11.93 0.87
C PRO E 500 -67.96 -10.77 1.86
N VAL E 501 -68.77 -10.90 2.91
CA VAL E 501 -68.78 -9.87 3.95
C VAL E 501 -67.55 -9.99 4.85
N LEU E 502 -67.01 -11.20 5.00
CA LEU E 502 -65.84 -11.38 5.85
C LEU E 502 -64.59 -10.72 5.26
N VAL E 503 -64.55 -10.51 3.95
CA VAL E 503 -63.40 -9.87 3.34
C VAL E 503 -63.38 -8.38 3.69
N SER E 504 -64.53 -7.73 3.59
CA SER E 504 -64.61 -6.30 3.91
C SER E 504 -64.64 -6.04 5.41
N THR E 505 -65.24 -6.95 6.18
CA THR E 505 -65.31 -6.77 7.64
C THR E 505 -63.92 -6.90 8.26
N SER E 506 -63.17 -7.92 7.87
CA SER E 506 -61.82 -8.09 8.40
C SER E 506 -60.88 -7.01 7.92
N ALA E 507 -61.13 -6.45 6.72
CA ALA E 507 -60.28 -5.39 6.22
C ALA E 507 -60.40 -4.12 7.05
N ILE E 508 -61.60 -3.84 7.56
CA ILE E 508 -61.79 -2.66 8.40
C ILE E 508 -61.29 -2.93 9.82
N THR E 509 -61.47 -4.15 10.32
CA THR E 509 -61.06 -4.48 11.67
C THR E 509 -59.54 -4.53 11.80
N LEU E 510 -58.88 -5.22 10.87
CA LEU E 510 -57.42 -5.34 10.94
C LEU E 510 -56.74 -4.01 10.68
N ALA E 511 -57.36 -3.12 9.89
CA ALA E 511 -56.76 -1.82 9.64
C ALA E 511 -56.86 -0.91 10.86
N SER E 512 -57.97 -0.98 11.58
CA SER E 512 -58.12 -0.14 12.78
C SER E 512 -57.22 -0.61 13.91
N GLU E 513 -56.96 -1.92 14.00
CA GLU E 513 -56.08 -2.43 15.05
C GLU E 513 -54.61 -2.13 14.76
N CYS E 514 -54.25 -2.00 13.47
CA CYS E 514 -52.86 -1.70 13.13
C CYS E 514 -52.55 -0.23 13.37
N VAL E 515 -53.49 0.67 13.07
CA VAL E 515 -53.27 2.09 13.30
C VAL E 515 -53.13 2.37 14.80
N LYS E 516 -53.90 1.65 15.62
CA LYS E 516 -53.79 1.82 17.06
C LYS E 516 -52.41 1.42 17.57
N SER E 517 -51.82 0.38 16.97
CA SER E 517 -50.50 -0.08 17.40
C SER E 517 -49.39 0.83 16.90
N ILE E 518 -49.58 1.50 15.76
CA ILE E 518 -48.54 2.37 15.23
C ILE E 518 -48.50 3.70 15.97
N LEU E 519 -49.68 4.26 16.29
CA LEU E 519 -49.74 5.55 16.96
C LEU E 519 -49.27 5.51 18.40
N ARG E 520 -49.05 4.32 18.96
CA ARG E 520 -48.57 4.18 20.33
C ARG E 520 -47.05 4.14 20.43
N ILE E 521 -46.34 4.27 19.33
CA ILE E 521 -44.88 4.23 19.33
C ILE E 521 -44.37 5.67 19.44
N ASP E 522 -43.75 5.99 20.57
CA ASP E 522 -43.24 7.34 20.81
C ASP E 522 -41.75 7.49 20.50
N ASP E 523 -41.08 6.41 20.11
CA ASP E 523 -39.64 6.45 19.88
C ASP E 523 -39.20 5.09 19.38
N ILE E 524 -38.01 5.04 18.79
CA ILE E 524 -37.39 3.81 18.29
C ILE E 524 -35.97 3.77 18.82
N ALA E 525 -35.66 2.76 19.64
CA ALA E 525 -34.35 2.62 20.25
C ALA E 525 -33.64 1.39 19.69
N PHE E 526 -32.32 1.51 19.52
CA PHE E 526 -31.53 0.40 19.02
C PHE E 526 -31.26 -0.60 20.14
N SER E 527 -31.51 -1.88 19.85
CA SER E 527 -31.36 -2.94 20.83
C SER E 527 -30.45 -4.02 20.27
N ARG E 528 -30.23 -5.07 21.05
CA ARG E 528 -29.40 -6.18 20.64
C ARG E 528 -30.23 -7.33 20.09
N PRO F 6 -19.64 15.38 62.43
CA PRO F 6 -19.99 14.06 61.89
C PRO F 6 -20.84 14.14 60.62
N SER F 7 -22.12 13.77 60.72
CA SER F 7 -22.99 13.80 59.56
C SER F 7 -23.33 15.23 59.13
N ASN F 8 -23.10 16.21 59.99
CA ASN F 8 -23.42 17.60 59.68
C ASN F 8 -22.28 18.31 58.96
N ALA F 9 -21.16 17.63 58.71
CA ALA F 9 -20.02 18.25 58.05
C ALA F 9 -20.29 18.43 56.57
N THR F 10 -19.57 19.38 55.98
CA THR F 10 -19.70 19.69 54.55
C THR F 10 -18.77 18.79 53.74
N PHE F 11 -19.36 18.08 52.77
CA PHE F 11 -18.59 17.17 51.93
C PHE F 11 -17.82 17.89 50.83
N LYS F 12 -18.27 19.08 50.44
CA LYS F 12 -17.58 19.97 49.49
C LYS F 12 -17.66 19.46 48.06
N ASN F 13 -18.05 18.21 47.88
CA ASN F 13 -18.38 17.62 46.58
C ASN F 13 -17.20 17.48 45.64
N LYS F 14 -16.06 18.10 45.97
CA LYS F 14 -14.90 18.11 45.09
C LYS F 14 -13.67 17.66 45.84
N GLU F 15 -13.15 16.49 45.49
CA GLU F 15 -11.83 16.06 45.90
C GLU F 15 -10.77 16.30 44.83
N LYS F 16 -11.17 16.84 43.68
CA LYS F 16 -10.27 17.14 42.58
C LYS F 16 -9.28 18.25 42.91
N PRO F 17 -9.71 19.37 43.52
CA PRO F 17 -8.75 20.44 43.82
C PRO F 17 -7.54 19.99 44.64
N GLN F 18 -7.75 19.10 45.61
CA GLN F 18 -6.62 18.62 46.41
C GLN F 18 -5.78 17.60 45.65
N GLU F 19 -6.38 16.89 44.68
CA GLU F 19 -5.61 15.94 43.88
C GLU F 19 -4.80 16.63 42.79
N VAL F 20 -5.27 17.77 42.29
CA VAL F 20 -4.52 18.50 41.28
C VAL F 20 -3.25 19.09 41.89
N ARG F 21 -3.34 19.58 43.13
CA ARG F 21 -2.17 20.13 43.79
C ARG F 21 -1.13 19.04 44.08
N LYS F 22 -1.58 17.81 44.34
CA LYS F 22 -0.64 16.71 44.57
C LYS F 22 0.15 16.40 43.31
N ALA F 23 -0.51 16.43 42.16
CA ALA F 23 0.20 16.18 40.90
C ALA F 23 1.14 17.32 40.54
N ASN F 24 0.84 18.53 41.01
CA ASN F 24 1.70 19.68 40.73
C ASN F 24 2.94 19.69 41.61
N ILE F 25 2.83 19.18 42.84
CA ILE F 25 3.97 19.16 43.74
C ILE F 25 4.96 18.08 43.35
N ILE F 26 4.46 16.92 42.89
CA ILE F 26 5.34 15.83 42.49
C ILE F 26 6.22 16.25 41.31
N ALA F 27 5.62 16.87 40.30
CA ALA F 27 6.38 17.29 39.13
C ALA F 27 7.30 18.47 39.46
N ALA F 28 6.93 19.29 40.45
CA ALA F 28 7.77 20.41 40.84
C ALA F 28 8.99 19.96 41.65
N ARG F 29 8.78 19.01 42.56
CA ARG F 29 9.91 18.48 43.34
C ARG F 29 10.84 17.65 42.47
N SER F 30 10.31 17.01 41.43
CA SER F 30 11.17 16.22 40.54
C SER F 30 12.15 17.10 39.77
N VAL F 31 11.76 18.34 39.48
CA VAL F 31 12.67 19.25 38.81
C VAL F 31 13.72 19.80 39.77
N ALA F 32 13.31 20.10 41.01
CA ALA F 32 14.26 20.61 41.99
C ALA F 32 15.24 19.54 42.44
N ASP F 33 14.85 18.27 42.39
CA ASP F 33 15.75 17.19 42.79
C ASP F 33 16.79 16.88 41.72
N ALA F 34 16.59 17.32 40.48
CA ALA F 34 17.58 17.08 39.44
C ALA F 34 18.82 17.93 39.64
N ILE F 35 18.63 19.20 40.02
CA ILE F 35 19.76 20.10 40.28
C ILE F 35 20.28 20.00 41.70
N ARG F 36 19.72 19.10 42.52
CA ARG F 36 20.17 18.95 43.90
C ARG F 36 21.63 18.55 43.95
N THR F 37 22.08 17.70 43.04
CA THR F 37 23.47 17.26 43.02
C THR F 37 24.44 18.33 42.56
N SER F 38 23.94 19.47 42.05
CA SER F 38 24.78 20.55 41.56
C SER F 38 25.04 21.63 42.60
N LEU F 39 24.53 21.48 43.82
CA LEU F 39 24.65 22.50 44.85
C LEU F 39 25.94 22.34 45.64
N GLY F 40 26.63 23.45 45.86
CA GLY F 40 27.82 23.47 46.68
C GLY F 40 29.09 23.27 45.89
N PRO F 41 30.24 23.43 46.54
CA PRO F 41 31.53 23.16 45.87
C PRO F 41 31.67 21.73 45.39
N LYS F 42 30.92 20.79 45.98
CA LYS F 42 30.90 19.41 45.55
C LYS F 42 29.86 19.14 44.47
N GLY F 43 29.17 20.18 44.00
CA GLY F 43 28.18 20.00 42.97
C GLY F 43 28.78 19.55 41.64
N MET F 44 27.93 19.00 40.81
CA MET F 44 28.32 18.47 39.51
C MET F 44 27.71 19.32 38.40
N ASP F 45 28.45 19.48 37.30
CA ASP F 45 27.95 20.25 36.18
C ASP F 45 26.86 19.47 35.45
N LYS F 46 26.03 20.21 34.73
CA LYS F 46 24.93 19.64 33.96
C LYS F 46 25.06 20.07 32.50
N MET F 47 25.21 19.11 31.61
CA MET F 47 25.36 19.36 30.19
C MET F 47 24.01 19.21 29.49
N ILE F 48 23.58 20.25 28.79
CA ILE F 48 22.29 20.28 28.10
C ILE F 48 22.54 20.51 26.62
N LYS F 49 21.94 19.66 25.79
CA LYS F 49 22.05 19.78 24.34
C LYS F 49 20.78 20.44 23.81
N THR F 50 20.91 21.65 23.29
CA THR F 50 19.77 22.38 22.76
C THR F 50 19.24 21.72 21.49
N SER F 51 18.01 22.06 21.14
CA SER F 51 17.41 21.53 19.92
C SER F 51 18.21 21.88 18.68
N ARG F 52 18.91 23.02 18.71
CA ARG F 52 19.76 23.43 17.60
C ARG F 52 21.14 22.80 17.77
N GLY F 53 22.09 23.23 16.94
CA GLY F 53 23.45 22.72 16.99
C GLY F 53 24.30 23.24 18.13
N GLU F 54 23.71 23.98 19.06
CA GLU F 54 24.43 24.54 20.20
C GLU F 54 24.31 23.62 21.40
N ILE F 55 25.41 23.49 22.15
CA ILE F 55 25.45 22.68 23.36
C ILE F 55 26.01 23.54 24.48
N ILE F 56 25.35 23.52 25.64
CA ILE F 56 25.72 24.36 26.77
C ILE F 56 26.00 23.48 27.98
N ILE F 57 27.17 23.66 28.58
CA ILE F 57 27.55 23.00 29.83
C ILE F 57 27.55 24.07 30.91
N SER F 58 26.60 24.00 31.83
CA SER F 58 26.43 25.04 32.83
C SER F 58 26.07 24.42 34.18
N ASN F 59 26.75 24.87 35.23
CA ASN F 59 26.39 24.54 36.60
C ASN F 59 25.37 25.50 37.18
N ASP F 60 25.11 26.62 36.53
CA ASP F 60 24.15 27.59 37.03
C ASP F 60 22.74 27.04 36.89
N GLY F 61 22.01 27.02 38.00
CA GLY F 61 20.66 26.46 37.99
C GLY F 61 19.70 27.21 37.08
N HIS F 62 19.88 28.53 36.97
CA HIS F 62 19.01 29.30 36.08
C HIS F 62 19.27 28.96 34.62
N THR F 63 20.54 28.84 34.22
CA THR F 63 20.86 28.47 32.86
C THR F 63 20.41 27.04 32.57
N ILE F 64 20.48 26.16 33.56
CA ILE F 64 19.99 24.79 33.38
C ILE F 64 18.49 24.79 33.14
N LEU F 65 17.73 25.47 34.00
CA LEU F 65 16.28 25.49 33.87
C LEU F 65 15.83 26.24 32.62
N LYS F 66 16.61 27.22 32.16
CA LYS F 66 16.22 27.99 30.99
C LYS F 66 16.36 27.17 29.71
N GLN F 67 17.48 26.46 29.56
CA GLN F 67 17.70 25.66 28.36
C GLN F 67 17.01 24.30 28.41
N MET F 68 16.42 23.94 29.54
CA MET F 68 15.71 22.66 29.69
C MET F 68 14.21 22.96 29.68
N ALA F 69 13.54 22.52 28.61
CA ALA F 69 12.10 22.75 28.50
C ALA F 69 11.35 21.78 29.39
N ILE F 70 10.27 22.27 29.99
CA ILE F 70 9.46 21.50 30.94
C ILE F 70 8.04 21.47 30.43
N LEU F 71 7.40 20.30 30.53
CA LEU F 71 6.03 20.11 30.06
C LEU F 71 4.99 20.35 31.15
N HIS F 72 5.40 20.62 32.38
CA HIS F 72 4.47 20.83 33.48
C HIS F 72 4.40 22.31 33.83
N PRO F 73 3.20 22.91 33.83
CA PRO F 73 3.13 24.37 34.02
C PRO F 73 3.66 24.86 35.35
N VAL F 74 3.32 24.17 36.45
CA VAL F 74 3.83 24.58 37.75
C VAL F 74 5.34 24.42 37.81
N ALA F 75 5.87 23.36 37.18
CA ALA F 75 7.31 23.19 37.11
C ALA F 75 7.96 24.18 36.16
N ARG F 76 7.21 24.74 35.20
CA ARG F 76 7.74 25.83 34.40
C ARG F 76 8.00 27.08 35.23
N MET F 77 7.22 27.25 36.32
CA MET F 77 7.40 28.43 37.17
C MET F 77 8.72 28.41 37.91
N LEU F 78 9.32 27.23 38.10
CA LEU F 78 10.63 27.17 38.75
C LEU F 78 11.70 27.85 37.91
N VAL F 79 11.50 27.92 36.59
CA VAL F 79 12.43 28.64 35.74
C VAL F 79 12.36 30.13 36.02
N GLU F 80 11.15 30.65 36.24
CA GLU F 80 10.98 32.07 36.54
C GLU F 80 11.43 32.43 37.95
N VAL F 81 11.44 31.46 38.88
CA VAL F 81 11.94 31.72 40.21
C VAL F 81 13.45 31.97 40.18
N SER F 82 14.17 31.19 39.39
CA SER F 82 15.60 31.42 39.24
C SER F 82 15.90 32.74 38.53
N ALA F 83 14.97 33.20 37.68
CA ALA F 83 15.15 34.49 37.02
C ALA F 83 14.94 35.64 37.99
N ALA F 84 14.03 35.47 38.97
CA ALA F 84 13.82 36.51 39.96
C ALA F 84 15.01 36.64 40.90
N GLN F 85 15.69 35.53 41.18
CA GLN F 85 16.86 35.57 42.06
C GLN F 85 18.09 36.11 41.33
N ASP F 86 18.22 35.82 40.03
CA ASP F 86 19.39 36.28 39.27
C ASP F 86 19.26 37.75 38.89
N SER F 87 18.05 38.24 38.66
CA SER F 87 17.89 39.63 38.24
C SER F 87 18.09 40.59 39.40
N GLU F 88 17.46 40.31 40.55
CA GLU F 88 17.57 41.21 41.69
C GLU F 88 18.91 41.09 42.39
N ALA F 89 19.35 39.85 42.66
CA ALA F 89 20.60 39.61 43.36
C ALA F 89 21.66 39.03 42.42
N GLY F 90 21.47 37.81 41.94
CA GLY F 90 22.41 37.16 41.05
C GLY F 90 23.22 36.06 41.69
N ASP F 91 23.13 35.87 43.00
CA ASP F 91 23.87 34.85 43.72
C ASP F 91 22.91 33.93 44.45
N GLY F 92 23.24 32.66 44.51
CA GLY F 92 22.40 31.69 45.19
C GLY F 92 21.08 31.41 44.51
N THR F 93 21.07 31.37 43.18
CA THR F 93 19.84 31.14 42.45
C THR F 93 19.48 29.67 42.34
N THR F 94 20.42 28.76 42.61
CA THR F 94 20.10 27.34 42.66
C THR F 94 19.59 26.90 44.02
N SER F 95 19.77 27.72 45.06
CA SER F 95 19.26 27.38 46.38
C SER F 95 17.77 27.70 46.50
N VAL F 96 17.30 28.75 45.84
CA VAL F 96 15.90 29.12 45.93
C VAL F 96 15.02 28.09 45.22
N VAL F 97 15.55 27.43 44.19
CA VAL F 97 14.78 26.41 43.48
C VAL F 97 14.70 25.14 44.33
N ILE F 98 15.80 24.76 44.97
CA ILE F 98 15.78 23.60 45.84
C ILE F 98 14.93 23.87 47.08
N LEU F 99 15.01 25.09 47.62
CA LEU F 99 14.18 25.43 48.77
C LEU F 99 12.70 25.49 48.42
N THR F 100 12.38 25.91 47.19
CA THR F 100 10.99 25.93 46.77
C THR F 100 10.40 24.53 46.72
N GLY F 101 11.17 23.57 46.22
CA GLY F 101 10.70 22.19 46.21
C GLY F 101 10.60 21.59 47.59
N ALA F 102 11.40 22.08 48.54
CA ALA F 102 11.32 21.59 49.91
C ALA F 102 10.09 22.13 50.63
N LEU F 103 9.72 23.39 50.37
CA LEU F 103 8.51 23.95 50.95
C LEU F 103 7.27 23.27 50.40
N LEU F 104 7.29 22.84 49.14
CA LEU F 104 6.16 22.10 48.59
C LEU F 104 6.07 20.71 49.18
N GLY F 105 7.22 20.09 49.46
CA GLY F 105 7.21 18.78 50.10
C GLY F 105 6.79 18.84 51.55
N ALA F 106 7.18 19.90 52.26
CA ALA F 106 6.76 20.06 53.65
C ALA F 106 5.29 20.40 53.76
N ALA F 107 4.76 21.16 52.80
CA ALA F 107 3.34 21.49 52.78
C ALA F 107 2.49 20.40 52.14
N GLU F 108 3.11 19.38 51.54
CA GLU F 108 2.34 18.30 50.93
C GLU F 108 1.65 17.45 52.00
N ARG F 109 2.35 17.16 53.09
CA ARG F 109 1.75 16.40 54.18
C ARG F 109 0.73 17.22 54.95
N LEU F 110 0.83 18.56 54.90
CA LEU F 110 -0.14 19.41 55.57
C LEU F 110 -1.47 19.47 54.83
N LEU F 111 -1.49 19.14 53.54
CA LEU F 111 -2.74 19.14 52.80
C LEU F 111 -3.64 17.98 53.20
N ASN F 112 -3.03 16.83 53.53
CA ASN F 112 -3.80 15.67 53.98
C ASN F 112 -4.29 15.80 55.41
N LYS F 113 -3.84 16.81 56.14
CA LYS F 113 -4.26 17.03 57.52
C LYS F 113 -5.52 17.88 57.64
N GLY F 114 -6.07 18.34 56.51
CA GLY F 114 -7.28 19.14 56.54
C GLY F 114 -7.07 20.62 56.74
N ILE F 115 -5.91 21.15 56.36
CA ILE F 115 -5.61 22.57 56.49
C ILE F 115 -5.87 23.25 55.16
N HIS F 116 -6.51 24.42 55.21
CA HIS F 116 -6.84 25.13 53.99
C HIS F 116 -5.57 25.65 53.32
N PRO F 117 -5.50 25.63 51.98
CA PRO F 117 -4.27 26.07 51.31
C PRO F 117 -3.87 27.50 51.62
N THR F 118 -4.84 28.41 51.75
CA THR F 118 -4.50 29.79 52.07
C THR F 118 -3.91 29.92 53.47
N ILE F 119 -4.36 29.09 54.42
CA ILE F 119 -3.76 29.09 55.75
C ILE F 119 -2.31 28.65 55.67
N ILE F 120 -2.01 27.68 54.80
CA ILE F 120 -0.62 27.25 54.60
C ILE F 120 0.15 28.33 53.85
N ALA F 121 -0.50 29.00 52.89
CA ALA F 121 0.18 30.02 52.09
C ALA F 121 0.40 31.30 52.88
N ASP F 122 -0.60 31.75 53.64
CA ASP F 122 -0.44 32.99 54.40
C ASP F 122 0.55 32.82 55.54
N SER F 123 0.71 31.61 56.06
CA SER F 123 1.69 31.38 57.12
C SER F 123 3.11 31.45 56.58
N PHE F 124 3.30 31.16 55.30
CA PHE F 124 4.63 31.28 54.70
C PHE F 124 5.02 32.73 54.45
N GLN F 125 4.04 33.61 54.20
CA GLN F 125 4.35 35.02 54.05
C GLN F 125 4.83 35.62 55.36
N SER F 126 4.23 35.21 56.48
CA SER F 126 4.71 35.65 57.78
C SER F 126 6.01 34.97 58.17
N ALA F 127 6.31 33.82 57.58
CA ALA F 127 7.56 33.13 57.87
C ALA F 127 8.74 33.77 57.14
N ALA F 128 8.50 34.33 55.95
CA ALA F 128 9.58 35.01 55.22
C ALA F 128 9.94 36.32 55.91
N LYS F 129 8.96 37.03 56.46
CA LYS F 129 9.25 38.28 57.14
C LYS F 129 10.01 38.04 58.44
N ARG F 130 9.69 36.94 59.14
CA ARG F 130 10.42 36.62 60.37
C ARG F 130 11.85 36.16 60.08
N SER F 131 12.06 35.50 58.95
CA SER F 131 13.41 35.05 58.60
C SER F 131 14.32 36.22 58.27
N VAL F 132 13.76 37.32 57.76
CA VAL F 132 14.58 38.49 57.44
C VAL F 132 15.09 39.15 58.72
N ASP F 133 14.22 39.26 59.74
CA ASP F 133 14.63 39.88 60.99
C ASP F 133 15.70 39.06 61.70
N ILE F 134 15.70 37.74 61.51
CA ILE F 134 16.73 36.91 62.12
C ILE F 134 18.06 37.13 61.41
N LEU F 135 18.05 37.28 60.08
CA LEU F 135 19.27 37.53 59.34
C LEU F 135 19.87 38.90 59.65
N LEU F 136 19.06 39.84 60.11
CA LEU F 136 19.59 41.15 60.48
C LEU F 136 20.46 41.08 61.72
N GLU F 137 20.15 40.15 62.64
CA GLU F 137 20.99 39.98 63.82
C GLU F 137 22.32 39.33 63.44
N MET F 138 22.29 38.33 62.56
CA MET F 138 23.52 37.69 62.09
C MET F 138 24.27 38.54 61.09
N CYS F 139 23.71 39.66 60.64
CA CYS F 139 24.37 40.51 59.66
C CYS F 139 25.57 41.20 60.29
N HIS F 140 26.73 41.05 59.65
CA HIS F 140 27.97 41.69 60.09
C HIS F 140 28.28 42.81 59.11
N LYS F 141 28.20 44.05 59.57
CA LYS F 141 28.46 45.20 58.72
C LYS F 141 29.93 45.24 58.31
N VAL F 142 30.16 45.34 57.00
CA VAL F 142 31.52 45.38 56.45
C VAL F 142 31.76 46.78 55.91
N SER F 143 33.03 47.21 55.98
CA SER F 143 33.42 48.53 55.53
C SER F 143 33.81 48.50 54.06
N LEU F 144 33.41 49.55 53.33
CA LEU F 144 33.76 49.64 51.92
C LEU F 144 35.25 49.93 51.75
N SER F 145 35.75 49.64 50.55
CA SER F 145 37.14 49.78 50.12
C SER F 145 38.07 48.78 50.81
N ASP F 146 37.57 47.98 51.75
CA ASP F 146 38.39 46.97 52.40
C ASP F 146 38.44 45.73 51.52
N ARG F 147 39.65 45.33 51.13
CA ARG F 147 39.84 44.16 50.28
C ARG F 147 39.88 42.85 51.04
N GLU F 148 39.80 42.89 52.37
CA GLU F 148 39.80 41.66 53.15
C GLU F 148 38.44 40.97 53.12
N GLN F 149 37.36 41.74 53.29
CA GLN F 149 36.03 41.16 53.35
C GLN F 149 35.48 40.82 51.97
N LEU F 150 35.73 41.69 50.99
CA LEU F 150 35.11 41.52 49.68
C LEU F 150 35.77 40.42 48.86
N VAL F 151 37.10 40.32 48.91
CA VAL F 151 37.80 39.31 48.14
C VAL F 151 37.49 37.90 48.67
N ARG F 152 37.48 37.75 49.99
CA ARG F 152 37.18 36.44 50.58
C ARG F 152 35.72 36.06 50.39
N ALA F 153 34.83 37.05 50.25
CA ALA F 153 33.42 36.75 50.02
C ALA F 153 33.14 36.36 48.58
N ALA F 154 33.85 36.97 47.63
CA ALA F 154 33.64 36.64 46.22
C ALA F 154 34.18 35.26 45.86
N SER F 155 35.24 34.81 46.55
CA SER F 155 35.80 33.50 46.28
C SER F 155 34.93 32.37 46.83
N THR F 156 33.99 32.70 47.71
CA THR F 156 33.10 31.67 48.26
C THR F 156 32.11 31.18 47.21
N SER F 157 31.48 32.11 46.49
CA SER F 157 30.52 31.74 45.46
C SER F 157 31.18 31.07 44.26
N LEU F 158 32.47 31.28 44.06
CA LEU F 158 33.18 30.67 42.94
C LEU F 158 33.58 29.23 43.21
N SER F 159 33.58 28.80 44.47
CA SER F 159 33.97 27.43 44.79
C SER F 159 32.99 26.40 44.24
N SER F 160 31.75 26.77 44.02
CA SER F 160 30.74 25.87 43.46
C SER F 160 30.75 25.84 41.95
N LYS F 161 31.66 26.56 41.30
CA LYS F 161 31.71 26.68 39.85
C LYS F 161 33.10 26.33 39.35
N ILE F 162 33.21 26.16 38.04
CA ILE F 162 34.50 25.92 37.41
C ILE F 162 35.39 27.15 37.58
N VAL F 163 36.71 26.94 37.42
CA VAL F 163 37.74 27.96 37.50
C VAL F 163 37.99 28.26 38.99
N SER F 164 37.25 27.59 39.86
CA SER F 164 37.41 27.75 41.30
C SER F 164 38.87 27.61 41.74
N GLN F 165 39.63 26.74 41.08
CA GLN F 165 41.05 26.63 41.39
C GLN F 165 41.79 27.90 40.99
N TYR F 166 41.51 28.44 39.81
CA TYR F 166 42.09 29.70 39.37
C TYR F 166 41.43 30.90 40.00
N SER F 167 40.32 30.71 40.74
CA SER F 167 39.58 31.82 41.32
C SER F 167 40.37 32.57 42.39
N SER F 168 41.55 32.08 42.78
CA SER F 168 42.37 32.77 43.76
C SER F 168 42.69 34.19 43.31
N PHE F 169 43.16 34.34 42.07
CA PHE F 169 43.46 35.67 41.54
C PHE F 169 42.31 36.27 40.75
N LEU F 170 41.21 35.53 40.55
CA LEU F 170 40.00 36.14 39.99
C LEU F 170 39.20 36.90 41.04
N ALA F 171 39.34 36.52 42.31
CA ALA F 171 38.59 37.20 43.37
C ALA F 171 38.98 38.67 43.52
N PRO F 172 40.26 39.05 43.58
CA PRO F 172 40.57 40.49 43.64
C PRO F 172 40.24 41.24 42.37
N LEU F 173 40.09 40.55 41.23
CA LEU F 173 39.71 41.23 40.00
C LEU F 173 38.24 41.61 39.99
N ALA F 174 37.37 40.72 40.49
CA ALA F 174 35.95 41.02 40.53
C ALA F 174 35.63 42.10 41.56
N VAL F 175 36.46 42.24 42.59
CA VAL F 175 36.23 43.27 43.60
C VAL F 175 36.62 44.64 43.06
N ASP F 176 37.79 44.74 42.41
CA ASP F 176 38.25 46.01 41.89
C ASP F 176 37.48 46.45 40.65
N SER F 177 36.76 45.54 40.00
CA SER F 177 36.00 45.88 38.80
C SER F 177 34.58 46.33 39.10
N VAL F 178 34.13 46.23 40.35
CA VAL F 178 32.78 46.62 40.75
C VAL F 178 32.80 47.83 41.69
N LEU F 179 33.39 47.68 42.87
CA LEU F 179 33.40 48.77 43.84
C LEU F 179 34.24 49.94 43.35
N LYS F 180 35.39 49.67 42.75
CA LYS F 180 36.30 50.71 42.29
C LYS F 180 35.99 51.20 40.88
N ILE F 181 34.96 50.65 40.23
CA ILE F 181 34.63 51.02 38.86
C ILE F 181 33.19 51.51 38.78
N SER F 182 32.24 50.59 38.97
CA SER F 182 30.82 50.91 38.84
C SER F 182 30.40 52.02 39.79
N ASP F 183 30.36 51.73 41.09
CA ASP F 183 30.01 52.74 42.08
C ASP F 183 30.70 52.39 43.39
N GLU F 184 31.08 53.43 44.12
CA GLU F 184 31.81 53.27 45.38
C GLU F 184 30.92 53.32 46.61
N ASN F 185 29.61 53.53 46.45
CA ASN F 185 28.77 53.73 47.63
C ASN F 185 27.63 52.72 47.74
N SER F 186 26.58 52.89 46.94
CA SER F 186 25.34 52.14 47.16
C SER F 186 24.47 52.25 45.91
N LYS F 187 23.22 51.83 46.04
CA LYS F 187 22.17 51.95 45.02
C LYS F 187 22.54 51.10 43.80
N ASN F 188 22.52 51.65 42.59
CA ASN F 188 22.45 50.83 41.38
C ASN F 188 23.68 49.94 41.23
N VAL F 189 24.87 50.54 41.16
CA VAL F 189 26.11 49.83 40.90
C VAL F 189 25.94 49.02 39.62
N ASP F 190 25.90 49.71 38.48
CA ASP F 190 25.63 49.06 37.21
C ASP F 190 26.76 48.11 36.84
N LEU F 191 26.41 46.86 36.54
CA LEU F 191 27.37 45.88 36.08
C LEU F 191 27.49 45.81 34.56
N ASN F 192 26.65 46.55 33.83
CA ASN F 192 26.80 46.62 32.38
C ASN F 192 28.06 47.37 31.97
N ASP F 193 28.64 48.16 32.89
CA ASP F 193 29.90 48.82 32.63
C ASP F 193 31.01 47.80 32.40
N ILE F 194 31.00 46.71 33.15
CA ILE F 194 32.00 45.66 33.00
C ILE F 194 31.79 44.95 31.67
N ARG F 195 32.85 44.87 30.88
CA ARG F 195 32.82 44.23 29.57
C ARG F 195 33.69 42.97 29.62
N LEU F 196 33.09 41.83 29.28
CA LEU F 196 33.79 40.55 29.27
C LEU F 196 33.88 40.08 27.82
N VAL F 197 35.10 40.07 27.29
CA VAL F 197 35.35 39.70 25.89
C VAL F 197 35.75 38.23 25.84
N LYS F 198 35.17 37.48 24.92
CA LYS F 198 35.42 36.05 24.78
C LYS F 198 36.26 35.81 23.53
N LYS F 199 37.32 35.02 23.70
CA LYS F 199 38.20 34.63 22.59
C LYS F 199 38.40 33.13 22.63
N VAL F 200 38.19 32.47 21.49
CA VAL F 200 38.31 31.02 21.42
C VAL F 200 39.78 30.63 21.52
N GLY F 201 40.04 29.49 22.18
CA GLY F 201 41.38 28.99 22.33
C GLY F 201 42.04 29.47 23.61
N GLY F 202 43.24 28.95 23.85
CA GLY F 202 44.01 29.32 25.02
C GLY F 202 43.61 28.53 26.25
N THR F 203 44.10 29.02 27.39
CA THR F 203 43.85 28.41 28.69
C THR F 203 43.23 29.43 29.63
N ILE F 204 42.64 28.93 30.72
CA ILE F 204 42.01 29.80 31.70
C ILE F 204 43.04 30.64 32.43
N ASP F 205 44.26 30.10 32.61
CA ASP F 205 45.31 30.85 33.30
C ASP F 205 45.69 32.12 32.54
N ASP F 206 45.47 32.15 31.23
CA ASP F 206 45.79 33.33 30.44
C ASP F 206 44.82 34.49 30.67
N THR F 207 43.74 34.28 31.42
CA THR F 207 42.79 35.34 31.69
C THR F 207 43.42 36.39 32.62
N GLU F 208 43.35 37.65 32.20
CA GLU F 208 43.92 38.73 32.97
C GLU F 208 43.12 40.00 32.71
N MET F 209 43.26 40.96 33.62
CA MET F 209 42.56 42.23 33.51
C MET F 209 43.42 43.25 32.77
N ILE F 210 42.79 44.03 31.91
CA ILE F 210 43.46 45.04 31.10
C ILE F 210 43.20 46.41 31.72
N ASP F 211 44.19 47.29 31.66
CA ASP F 211 44.10 48.61 32.25
C ASP F 211 43.40 49.63 31.34
N GLY F 212 42.91 49.19 30.18
CA GLY F 212 42.25 50.09 29.26
C GLY F 212 41.21 49.35 28.45
N VAL F 213 40.56 50.09 27.54
CA VAL F 213 39.47 49.53 26.75
C VAL F 213 40.02 48.52 25.77
N VAL F 214 39.43 47.33 25.76
CA VAL F 214 39.79 46.27 24.82
C VAL F 214 38.82 46.32 23.66
N LEU F 215 39.36 46.37 22.44
CA LEU F 215 38.54 46.46 21.22
C LEU F 215 38.32 45.06 20.68
N THR F 216 37.06 44.62 20.71
CA THR F 216 36.72 43.28 20.20
C THR F 216 36.88 43.23 18.68
N GLN F 217 36.50 44.30 17.99
CA GLN F 217 36.64 44.35 16.54
C GLN F 217 38.12 44.40 16.16
N THR F 218 38.40 44.05 14.90
CA THR F 218 39.75 43.99 14.38
C THR F 218 39.90 44.96 13.22
N ALA F 219 41.15 45.28 12.91
CA ALA F 219 41.44 46.26 11.87
C ALA F 219 41.15 45.67 10.48
N ILE F 220 41.39 46.48 9.45
CA ILE F 220 41.11 46.09 8.08
C ILE F 220 42.31 45.38 7.49
N LYS F 221 43.44 46.09 7.39
CA LYS F 221 44.71 45.62 6.87
C LYS F 221 44.69 45.33 5.37
N SER F 222 43.53 45.46 4.71
CA SER F 222 43.48 45.23 3.27
C SER F 222 44.36 46.20 2.50
N ALA F 223 44.50 47.43 3.00
CA ALA F 223 45.36 48.43 2.37
C ALA F 223 46.75 48.48 2.99
N GLY F 224 47.05 47.60 3.95
CA GLY F 224 48.34 47.58 4.58
C GLY F 224 48.54 48.71 5.59
N GLY F 225 47.55 48.92 6.45
CA GLY F 225 47.62 49.95 7.45
C GLY F 225 48.36 49.48 8.70
N PRO F 226 49.03 50.41 9.37
CA PRO F 226 49.75 50.04 10.60
C PRO F 226 48.82 49.52 11.67
N THR F 227 49.18 48.38 12.26
CA THR F 227 48.38 47.76 13.31
C THR F 227 48.80 48.18 14.71
N ARG F 228 49.90 48.92 14.85
CA ARG F 228 50.40 49.36 16.15
C ARG F 228 50.69 50.84 16.09
N LYS F 229 50.06 51.61 16.96
CA LYS F 229 50.26 53.06 17.04
C LYS F 229 50.60 53.43 18.47
N GLU F 230 51.80 53.97 18.68
CA GLU F 230 52.25 54.40 19.99
C GLU F 230 51.98 55.88 20.18
N LYS F 231 51.36 56.23 21.32
CA LYS F 231 50.99 57.61 21.65
C LYS F 231 50.12 58.21 20.55
N ALA F 232 48.92 57.63 20.42
CA ALA F 232 47.95 58.04 19.41
C ALA F 232 46.65 58.46 20.08
N LYS F 233 45.88 59.27 19.35
CA LYS F 233 44.58 59.75 19.82
C LYS F 233 43.50 58.95 19.12
N ILE F 234 42.75 58.16 19.89
CA ILE F 234 41.71 57.31 19.33
C ILE F 234 40.46 58.14 19.10
N GLY F 235 39.99 58.17 17.86
CA GLY F 235 38.79 58.90 17.51
C GLY F 235 37.58 57.99 17.32
N LEU F 236 36.41 58.62 17.21
CA LEU F 236 35.15 57.92 16.99
C LEU F 236 34.43 58.56 15.81
N ILE F 237 34.08 57.76 14.82
CA ILE F 237 33.43 58.23 13.61
C ILE F 237 32.02 57.64 13.58
N GLN F 238 31.01 58.51 13.75
CA GLN F 238 29.63 58.10 13.61
C GLN F 238 29.10 58.28 12.18
N PHE F 239 29.86 58.95 11.32
CA PHE F 239 29.46 59.12 9.93
C PHE F 239 30.08 58.00 9.08
N GLN F 240 29.95 58.11 7.77
CA GLN F 240 30.45 57.11 6.85
C GLN F 240 31.34 57.77 5.81
N ILE F 241 32.53 57.22 5.60
CA ILE F 241 33.48 57.76 4.64
C ILE F 241 33.26 57.04 3.31
N SER F 242 32.81 57.79 2.30
CA SER F 242 32.43 57.26 1.00
C SER F 242 32.05 58.40 0.08
N PRO F 243 31.92 58.17 -1.23
CA PRO F 243 31.39 59.21 -2.10
C PRO F 243 30.00 59.62 -1.66
N PRO F 244 29.61 60.87 -1.94
CA PRO F 244 28.32 61.35 -1.44
C PRO F 244 27.16 60.51 -1.96
N LYS F 245 26.33 60.05 -1.02
CA LYS F 245 25.15 59.24 -1.34
C LYS F 245 24.00 59.67 -0.42
N PRO F 246 23.29 60.73 -0.77
CA PRO F 246 22.14 61.15 0.04
C PRO F 246 21.08 60.08 0.07
N ASP F 247 20.26 60.10 1.14
CA ASP F 247 19.20 59.12 1.27
C ASP F 247 18.17 59.25 0.15
N THR F 248 17.92 60.49 -0.29
CA THR F 248 17.04 60.70 -1.43
C THR F 248 17.73 60.25 -2.71
N GLU F 249 16.97 59.57 -3.57
CA GLU F 249 17.54 59.05 -4.81
C GLU F 249 18.05 60.19 -5.68
N ASN F 250 19.32 60.08 -6.09
CA ASN F 250 19.98 61.09 -6.91
C ASN F 250 20.33 60.50 -8.27
N ASN F 251 20.43 61.37 -9.27
CA ASN F 251 20.76 60.98 -10.63
C ASN F 251 21.87 61.88 -11.13
N ILE F 252 23.03 61.28 -11.42
CA ILE F 252 24.17 62.01 -11.97
C ILE F 252 24.12 61.85 -13.48
N ILE F 253 23.90 62.95 -14.18
CA ILE F 253 23.81 62.97 -15.64
C ILE F 253 25.07 63.64 -16.19
N VAL F 254 25.77 62.95 -17.07
CA VAL F 254 27.01 63.43 -17.67
C VAL F 254 26.68 63.93 -19.07
N ASN F 255 26.71 65.25 -19.25
CA ASN F 255 26.39 65.83 -20.56
C ASN F 255 27.57 65.77 -21.52
N ASP F 256 28.77 66.09 -21.03
CA ASP F 256 29.96 66.18 -21.87
C ASP F 256 30.96 65.12 -21.46
N TYR F 257 31.69 64.60 -22.45
CA TYR F 257 32.70 63.57 -22.17
C TYR F 257 33.83 64.10 -21.31
N ARG F 258 34.09 65.41 -21.33
CA ARG F 258 35.10 66.00 -20.46
C ARG F 258 34.65 66.08 -19.01
N GLN F 259 33.36 65.90 -18.74
CA GLN F 259 32.88 65.94 -17.36
C GLN F 259 33.24 64.67 -16.60
N MET F 260 33.43 63.55 -17.31
CA MET F 260 33.80 62.31 -16.65
C MET F 260 35.17 62.41 -16.01
N ASP F 261 36.04 63.28 -16.54
CA ASP F 261 37.36 63.46 -15.93
C ASP F 261 37.26 64.22 -14.61
N LYS F 262 36.41 65.23 -14.56
CA LYS F 262 36.26 66.00 -13.33
C LYS F 262 35.54 65.21 -12.24
N ILE F 263 34.67 64.27 -12.63
CA ILE F 263 33.95 63.48 -11.65
C ILE F 263 34.90 62.58 -10.87
N LEU F 264 35.76 61.85 -11.59
CA LEU F 264 36.71 60.96 -10.92
C LEU F 264 37.70 61.73 -10.07
N LYS F 265 37.97 62.98 -10.43
CA LYS F 265 38.88 63.80 -9.62
C LYS F 265 38.20 64.35 -8.37
N GLU F 266 36.91 64.68 -8.46
CA GLU F 266 36.20 65.21 -7.31
C GLU F 266 35.78 64.12 -6.33
N GLU F 267 35.56 62.89 -6.81
CA GLU F 267 35.23 61.80 -5.90
C GLU F 267 36.38 61.49 -4.96
N ARG F 268 37.60 61.44 -5.50
CA ARG F 268 38.77 61.24 -4.65
C ARG F 268 39.12 62.50 -3.86
N ALA F 269 38.75 63.67 -4.38
CA ALA F 269 39.00 64.90 -3.63
C ALA F 269 38.05 65.05 -2.46
N TYR F 270 36.82 64.54 -2.59
CA TYR F 270 35.89 64.57 -1.46
C TYR F 270 36.37 63.67 -0.34
N LEU F 271 36.94 62.52 -0.67
CA LEU F 271 37.49 61.63 0.34
C LEU F 271 38.85 62.09 0.86
N LEU F 272 39.57 62.89 0.07
CA LEU F 272 40.87 63.39 0.51
C LEU F 272 40.72 64.51 1.53
N ASN F 273 39.82 65.45 1.28
CA ASN F 273 39.62 66.56 2.22
C ASN F 273 39.13 66.07 3.57
N ILE F 274 38.40 64.96 3.60
CA ILE F 274 38.00 64.37 4.88
C ILE F 274 39.21 63.84 5.63
N CYS F 275 40.14 63.22 4.92
CA CYS F 275 41.35 62.68 5.54
C CYS F 275 42.37 63.76 5.86
N LYS F 276 42.34 64.88 5.14
CA LYS F 276 43.27 65.98 5.44
C LYS F 276 42.94 66.63 6.78
N LYS F 277 41.65 66.77 7.10
CA LYS F 277 41.26 67.35 8.37
C LYS F 277 41.55 66.43 9.54
N ILE F 278 41.67 65.11 9.29
CA ILE F 278 41.99 64.18 10.36
C ILE F 278 43.46 64.29 10.74
N LYS F 279 44.34 64.49 9.75
CA LYS F 279 45.76 64.62 10.02
C LYS F 279 46.07 65.92 10.76
N LYS F 280 45.25 66.96 10.55
CA LYS F 280 45.49 68.23 11.24
C LYS F 280 45.31 68.09 12.74
N ALA F 281 44.43 67.20 13.18
CA ALA F 281 44.22 66.96 14.60
C ALA F 281 45.11 65.85 15.15
N LYS F 282 45.96 65.26 14.32
CA LYS F 282 46.88 64.19 14.72
C LYS F 282 46.14 63.01 15.35
N CYS F 283 45.12 62.53 14.62
CA CYS F 283 44.34 61.38 15.04
C CYS F 283 44.80 60.16 14.24
N ASN F 284 45.50 59.25 14.91
CA ASN F 284 46.05 58.07 14.26
C ASN F 284 45.15 56.85 14.34
N VAL F 285 44.06 56.90 15.11
CA VAL F 285 43.17 55.75 15.28
C VAL F 285 41.74 56.22 15.05
N LEU F 286 41.04 55.55 14.13
CA LEU F 286 39.66 55.87 13.79
C LEU F 286 38.80 54.64 14.00
N LEU F 287 37.67 54.83 14.70
CA LEU F 287 36.72 53.77 14.96
C LEU F 287 35.40 54.10 14.29
N ILE F 288 34.88 53.17 13.49
CA ILE F 288 33.68 53.38 12.70
C ILE F 288 32.65 52.33 13.09
N GLN F 289 31.43 52.78 13.36
CA GLN F 289 30.34 51.88 13.70
C GLN F 289 29.86 51.12 12.46
N LYS F 290 29.12 50.03 12.70
CA LYS F 290 28.58 49.22 11.62
C LYS F 290 27.75 50.09 10.68
N SER F 291 27.87 49.80 9.38
CA SER F 291 27.28 50.62 8.34
C SER F 291 26.00 50.00 7.80
N ILE F 292 25.04 50.85 7.45
CA ILE F 292 23.81 50.44 6.79
C ILE F 292 23.78 51.14 5.43
N LEU F 293 23.06 50.53 4.49
CA LEU F 293 23.01 51.00 3.10
C LEU F 293 24.45 51.04 2.57
N ARG F 294 24.99 52.19 2.21
CA ARG F 294 26.34 52.25 1.67
C ARG F 294 27.37 51.81 2.70
N ASP F 295 28.53 51.38 2.20
CA ASP F 295 29.58 50.85 3.05
C ASP F 295 30.16 51.93 3.96
N ALA F 296 30.80 51.47 5.05
CA ALA F 296 31.38 52.40 6.02
C ALA F 296 32.54 53.17 5.42
N VAL F 297 33.54 52.45 4.90
CA VAL F 297 34.74 53.06 4.35
C VAL F 297 34.96 52.49 2.95
N ASN F 298 35.13 53.38 1.97
CA ASN F 298 35.40 52.96 0.61
C ASN F 298 36.84 52.49 0.47
N ASP F 299 37.08 51.63 -0.53
CA ASP F 299 38.44 51.16 -0.77
C ASP F 299 39.34 52.26 -1.28
N LEU F 300 38.77 53.29 -1.91
CA LEU F 300 39.58 54.42 -2.36
C LEU F 300 40.10 55.24 -1.19
N ALA F 301 39.32 55.35 -0.11
CA ALA F 301 39.74 56.08 1.07
C ALA F 301 40.73 55.30 1.93
N LEU F 302 40.87 53.99 1.70
CA LEU F 302 41.82 53.20 2.47
C LEU F 302 43.26 53.60 2.14
N HIS F 303 43.53 54.00 0.90
CA HIS F 303 44.87 54.40 0.52
C HIS F 303 45.25 55.75 1.12
N PHE F 304 44.25 56.60 1.40
CA PHE F 304 44.53 57.91 1.98
C PHE F 304 45.03 57.76 3.42
N LEU F 305 44.34 56.97 4.24
CA LEU F 305 44.69 56.82 5.64
C LEU F 305 45.84 55.86 5.86
N SER F 306 46.17 55.02 4.86
CA SER F 306 47.28 54.09 5.00
C SER F 306 48.62 54.79 4.80
N LYS F 307 48.71 55.68 3.81
CA LYS F 307 49.94 56.42 3.59
C LYS F 307 50.25 57.40 4.71
N LEU F 308 49.23 57.83 5.45
CA LEU F 308 49.41 58.74 6.58
C LEU F 308 49.64 58.01 7.90
N ASN F 309 49.70 56.68 7.87
CA ASN F 309 49.93 55.85 9.05
C ASN F 309 48.83 56.11 10.10
N ILE F 310 47.62 55.67 9.73
CA ILE F 310 46.44 55.83 10.57
C ILE F 310 45.71 54.49 10.61
N MET F 311 45.52 53.95 11.82
CA MET F 311 44.81 52.69 11.99
C MET F 311 43.31 52.89 11.86
N VAL F 312 42.67 51.99 11.13
CA VAL F 312 41.24 52.07 10.84
C VAL F 312 40.57 50.78 11.27
N VAL F 313 39.52 50.90 12.07
CA VAL F 313 38.73 49.76 12.51
C VAL F 313 37.26 50.08 12.28
N LYS F 314 36.55 49.17 11.62
CA LYS F 314 35.14 49.39 11.29
C LYS F 314 34.28 48.22 11.78
N ASP F 315 32.99 48.26 11.42
CA ASP F 315 32.04 47.21 11.81
C ASP F 315 31.94 47.07 13.33
N ILE F 316 31.74 48.21 13.99
CA ILE F 316 31.58 48.25 15.44
C ILE F 316 30.11 48.37 15.78
N GLU F 317 29.65 47.55 16.73
CA GLU F 317 28.24 47.53 17.11
C GLU F 317 27.82 48.90 17.63
N ARG F 318 26.60 49.31 17.27
CA ARG F 318 26.08 50.59 17.71
C ARG F 318 25.90 50.65 19.22
N GLU F 319 25.55 49.53 19.84
CA GLU F 319 25.39 49.50 21.30
C GLU F 319 26.71 49.63 22.03
N GLU F 320 27.84 49.43 21.34
CA GLU F 320 29.16 49.57 21.94
C GLU F 320 29.71 50.99 21.87
N ILE F 321 28.98 51.91 21.25
CA ILE F 321 29.45 53.29 21.17
C ILE F 321 29.41 53.95 22.54
N GLU F 322 28.41 53.61 23.35
CA GLU F 322 28.32 54.16 24.70
C GLU F 322 29.49 53.71 25.57
N PHE F 323 29.97 52.47 25.38
CA PHE F 323 31.10 51.99 26.16
C PHE F 323 32.40 52.63 25.70
N LEU F 324 32.56 52.82 24.38
CA LEU F 324 33.79 53.43 23.87
C LEU F 324 33.85 54.91 24.18
N SER F 325 32.68 55.56 24.34
CA SER F 325 32.68 56.99 24.63
C SER F 325 33.15 57.28 26.05
N LYS F 326 32.59 56.57 27.03
CA LYS F 326 32.98 56.78 28.41
C LYS F 326 34.29 56.09 28.76
N GLY F 327 34.63 55.00 28.06
CA GLY F 327 35.85 54.28 28.38
C GLY F 327 37.10 55.06 28.00
N LEU F 328 37.16 55.53 26.75
CA LEU F 328 38.31 56.27 26.26
C LEU F 328 38.15 57.78 26.41
N GLY F 329 37.01 58.25 26.89
CA GLY F 329 36.79 59.68 27.04
C GLY F 329 36.76 60.45 25.75
N CYS F 330 36.49 59.78 24.63
CA CYS F 330 36.47 60.42 23.31
C CYS F 330 35.03 60.73 22.93
N LYS F 331 34.75 62.00 22.66
CA LYS F 331 33.43 62.39 22.20
C LYS F 331 33.26 61.96 20.75
N PRO F 332 32.20 61.22 20.40
CA PRO F 332 32.03 60.76 19.02
C PRO F 332 31.87 61.94 18.07
N ILE F 333 32.38 61.76 16.85
CA ILE F 333 32.37 62.77 15.81
C ILE F 333 31.44 62.28 14.71
N ALA F 334 30.27 62.93 14.58
CA ALA F 334 29.30 62.57 13.57
C ALA F 334 29.38 63.44 12.31
N ASP F 335 30.25 64.44 12.29
CA ASP F 335 30.35 65.34 11.15
C ASP F 335 31.80 65.79 11.00
N ILE F 336 32.24 65.90 9.74
CA ILE F 336 33.62 66.32 9.49
C ILE F 336 33.83 67.77 9.90
N GLU F 337 32.76 68.57 9.92
CA GLU F 337 32.88 69.96 10.36
C GLU F 337 33.00 70.07 11.87
N LEU F 338 32.40 69.14 12.61
CA LEU F 338 32.49 69.14 14.07
C LEU F 338 33.73 68.40 14.57
N PHE F 339 34.56 67.89 13.68
CA PHE F 339 35.77 67.16 14.07
C PHE F 339 36.82 68.15 14.57
N THR F 340 37.29 67.95 15.79
CA THR F 340 38.30 68.81 16.38
C THR F 340 39.18 67.98 17.31
N GLU F 341 40.18 68.64 17.91
CA GLU F 341 41.11 67.95 18.79
C GLU F 341 40.52 67.71 20.18
N ASP F 342 39.67 68.62 20.66
CA ASP F 342 39.12 68.49 22.00
C ASP F 342 38.17 67.31 22.12
N ARG F 343 37.57 66.89 21.01
CA ARG F 343 36.65 65.74 21.00
C ARG F 343 37.36 64.41 20.83
N LEU F 344 38.69 64.42 20.70
CA LEU F 344 39.47 63.20 20.53
C LEU F 344 40.04 62.75 21.86
N GLY F 345 40.08 61.42 22.06
CA GLY F 345 40.63 60.85 23.26
C GLY F 345 42.15 60.81 23.24
N SER F 346 42.70 60.03 24.17
CA SER F 346 44.14 59.88 24.28
C SER F 346 44.46 58.48 24.77
N ALA F 347 45.56 57.93 24.25
CA ALA F 347 46.01 56.60 24.64
C ALA F 347 47.52 56.55 24.59
N ASP F 348 48.12 55.82 25.54
CA ASP F 348 49.58 55.71 25.59
C ASP F 348 50.09 54.77 24.50
N LEU F 349 49.50 53.58 24.38
CA LEU F 349 49.92 52.60 23.39
C LEU F 349 48.70 51.91 22.81
N VAL F 350 48.64 51.84 21.49
CA VAL F 350 47.58 51.12 20.77
C VAL F 350 48.26 50.05 19.93
N GLU F 351 48.02 48.79 20.26
CA GLU F 351 48.66 47.67 19.57
C GLU F 351 47.67 46.53 19.41
N GLU F 352 47.75 45.84 18.28
CA GLU F 352 46.91 44.69 17.99
C GLU F 352 47.74 43.43 18.24
N ILE F 353 47.39 42.68 19.28
CA ILE F 353 48.13 41.48 19.66
C ILE F 353 47.62 40.31 18.83
N ASP F 354 48.53 39.67 18.10
CA ASP F 354 48.22 38.49 17.28
C ASP F 354 48.96 37.31 17.88
N SER F 355 48.21 36.38 18.48
CA SER F 355 48.79 35.20 19.10
C SER F 355 47.86 34.02 18.90
N ASP F 356 48.44 32.86 18.62
CA ASP F 356 47.69 31.61 18.44
C ASP F 356 46.64 31.73 17.33
N GLY F 357 46.97 32.48 16.28
CA GLY F 357 46.06 32.67 15.17
C GLY F 357 44.86 33.54 15.47
N SER F 358 44.89 34.30 16.56
CA SER F 358 43.79 35.17 16.94
C SER F 358 44.32 36.57 17.16
N LYS F 359 43.62 37.57 16.60
CA LYS F 359 44.02 38.96 16.72
C LYS F 359 43.07 39.69 17.67
N ILE F 360 43.64 40.55 18.50
CA ILE F 360 42.87 41.33 19.47
C ILE F 360 43.52 42.70 19.61
N VAL F 361 42.70 43.73 19.74
CA VAL F 361 43.17 45.10 19.87
C VAL F 361 42.98 45.53 21.32
N ARG F 362 44.08 45.93 21.96
CA ARG F 362 44.05 46.36 23.36
C ARG F 362 44.67 47.75 23.47
N VAL F 363 44.13 48.54 24.40
CA VAL F 363 44.59 49.90 24.65
C VAL F 363 45.23 49.94 26.02
N THR F 364 46.46 50.44 26.09
CA THR F 364 47.22 50.51 27.34
C THR F 364 47.21 51.94 27.85
N GLY F 365 46.50 52.18 28.94
CA GLY F 365 46.46 53.49 29.58
C GLY F 365 45.30 54.33 29.10
N ILE F 366 44.79 55.16 30.02
CA ILE F 366 43.69 56.08 29.74
C ILE F 366 44.02 57.40 30.41
N ARG F 367 44.04 58.48 29.63
CA ARG F 367 44.28 59.82 30.15
C ARG F 367 43.17 60.74 29.67
N ASN F 368 42.36 61.22 30.61
CA ASN F 368 41.21 62.09 30.34
C ASN F 368 40.55 62.42 31.66
N ASN F 369 39.55 63.30 31.60
CA ASN F 369 38.70 63.61 32.75
C ASN F 369 37.46 62.73 32.65
N ASN F 370 37.36 61.75 33.55
CA ASN F 370 36.25 60.81 33.53
C ASN F 370 35.82 60.52 34.96
N ALA F 371 34.52 60.65 35.21
CA ALA F 371 33.94 60.31 36.51
C ALA F 371 33.40 58.89 36.56
N ARG F 372 33.44 58.16 35.44
CA ARG F 372 32.92 56.79 35.38
C ARG F 372 33.89 55.95 34.56
N PRO F 373 34.96 55.45 35.17
CA PRO F 373 35.90 54.61 34.44
C PRO F 373 35.29 53.27 34.08
N THR F 374 35.93 52.57 33.15
CA THR F 374 35.47 51.29 32.65
C THR F 374 36.51 50.21 32.95
N VAL F 375 36.17 48.98 32.60
CA VAL F 375 37.07 47.84 32.79
C VAL F 375 36.72 46.78 31.75
N SER F 376 37.74 46.02 31.33
CA SER F 376 37.55 44.96 30.35
C SER F 376 38.44 43.77 30.71
N VAL F 377 37.91 42.57 30.54
CA VAL F 377 38.61 41.34 30.85
C VAL F 377 38.48 40.39 29.67
N VAL F 378 39.59 39.80 29.24
CA VAL F 378 39.60 38.86 28.13
C VAL F 378 39.50 37.45 28.70
N ILE F 379 38.62 36.64 28.11
CA ILE F 379 38.35 35.29 28.58
C ILE F 379 38.80 34.30 27.52
N ARG F 380 39.54 33.28 27.95
CA ARG F 380 40.02 32.21 27.07
C ARG F 380 39.45 30.87 27.56
N GLY F 381 39.81 29.80 26.87
CA GLY F 381 39.35 28.49 27.25
C GLY F 381 39.50 27.51 26.10
N ALA F 382 39.18 26.25 26.41
CA ALA F 382 39.33 25.18 25.43
C ALA F 382 38.30 25.30 24.32
N ASN F 383 37.02 25.38 24.68
CA ASN F 383 35.93 25.45 23.71
C ASN F 383 34.95 26.54 24.14
N ASN F 384 33.92 26.74 23.30
CA ASN F 384 32.91 27.75 23.61
C ASN F 384 32.09 27.37 24.83
N MET F 385 31.96 26.07 25.12
CA MET F 385 31.20 25.64 26.28
C MET F 385 31.90 26.02 27.57
N ILE F 386 33.23 25.94 27.60
CA ILE F 386 33.98 26.33 28.79
C ILE F 386 34.10 27.85 28.89
N ILE F 387 34.28 28.52 27.75
CA ILE F 387 34.43 29.98 27.76
C ILE F 387 33.12 30.64 28.19
N ASP F 388 31.99 30.14 27.68
CA ASP F 388 30.69 30.69 28.08
C ASP F 388 30.42 30.44 29.56
N GLU F 389 30.82 29.26 30.05
CA GLU F 389 30.66 28.98 31.47
C GLU F 389 31.66 29.77 32.32
N THR F 390 32.84 30.05 31.77
CA THR F 390 33.78 30.90 32.49
C THR F 390 33.22 32.30 32.69
N GLU F 391 32.51 32.82 31.67
CA GLU F 391 31.86 34.12 31.82
C GLU F 391 30.68 34.04 32.79
N ARG F 392 29.87 32.99 32.67
CA ARG F 392 28.74 32.82 33.58
C ARG F 392 29.20 32.65 35.02
N SER F 393 30.40 32.09 35.23
CA SER F 393 30.96 32.02 36.57
C SER F 393 31.36 33.40 37.07
N LEU F 394 31.69 34.32 36.16
CA LEU F 394 32.03 35.67 36.56
C LEU F 394 30.80 36.51 36.89
N HIS F 395 29.67 36.25 36.22
CA HIS F 395 28.44 36.98 36.55
C HIS F 395 28.03 36.75 37.99
N ASP F 396 28.09 35.49 38.45
CA ASP F 396 27.77 35.20 39.84
C ASP F 396 28.79 35.82 40.79
N ALA F 397 30.02 36.02 40.34
CA ALA F 397 31.02 36.67 41.19
C ALA F 397 30.83 38.17 41.23
N LEU F 398 30.44 38.79 40.11
CA LEU F 398 30.23 40.23 40.09
C LEU F 398 28.97 40.62 40.87
N CYS F 399 28.00 39.71 40.99
CA CYS F 399 26.79 39.99 41.75
C CYS F 399 27.00 39.90 43.25
N VAL F 400 28.03 39.19 43.71
CA VAL F 400 28.32 39.14 45.14
C VAL F 400 28.74 40.51 45.64
N ILE F 401 29.62 41.19 44.91
CA ILE F 401 30.06 42.51 45.31
C ILE F 401 28.95 43.53 45.12
N ARG F 402 28.09 43.34 44.12
CA ARG F 402 26.99 44.26 43.90
C ARG F 402 26.01 44.24 45.07
N CYS F 403 25.76 43.05 45.64
CA CYS F 403 24.87 42.95 46.79
C CYS F 403 25.50 43.54 48.04
N LEU F 404 26.84 43.51 48.14
CA LEU F 404 27.51 44.07 49.31
C LEU F 404 27.58 45.59 49.25
N VAL F 405 27.78 46.15 48.05
CA VAL F 405 27.85 47.60 47.92
C VAL F 405 26.47 48.22 48.03
N LYS F 406 25.47 47.58 47.42
CA LYS F 406 24.10 48.09 47.50
C LYS F 406 23.56 47.97 48.92
N GLU F 407 23.66 46.78 49.51
CA GLU F 407 23.23 46.53 50.88
C GLU F 407 24.47 46.22 51.72
N ARG F 408 24.82 47.13 52.62
CA ARG F 408 26.00 46.95 53.45
C ARG F 408 25.77 45.86 54.48
N GLY F 409 26.78 45.01 54.66
CA GLY F 409 26.71 43.92 55.61
C GLY F 409 26.56 42.58 54.92
N LEU F 410 26.99 41.53 55.64
CA LEU F 410 26.93 40.18 55.12
C LEU F 410 26.86 39.20 56.29
N ILE F 411 26.42 37.97 55.98
CA ILE F 411 26.34 36.92 56.98
C ILE F 411 27.32 35.81 56.61
N ALA F 412 27.33 34.74 57.39
CA ALA F 412 28.19 33.59 57.14
C ALA F 412 27.38 32.50 56.44
N GLY F 413 27.95 31.93 55.38
CA GLY F 413 27.31 30.90 54.60
C GLY F 413 27.71 29.51 55.05
N GLY F 414 27.65 28.56 54.11
CA GLY F 414 28.02 27.19 54.40
C GLY F 414 27.04 26.44 55.28
N GLY F 415 25.80 26.89 55.38
CA GLY F 415 24.80 26.25 56.20
C GLY F 415 24.47 26.97 57.49
N ALA F 416 25.08 28.12 57.75
CA ALA F 416 24.78 28.83 59.00
C ALA F 416 23.36 29.38 59.05
N PRO F 417 22.87 30.15 58.06
CA PRO F 417 21.53 30.73 58.20
C PRO F 417 20.40 29.71 58.15
N GLU F 418 20.63 28.54 57.54
CA GLU F 418 19.55 27.55 57.45
C GLU F 418 19.27 26.89 58.79
N ILE F 419 20.31 26.54 59.53
CA ILE F 419 20.11 25.86 60.81
C ILE F 419 19.72 26.86 61.89
N GLU F 420 20.28 28.06 61.86
CA GLU F 420 20.00 29.05 62.90
C GLU F 420 18.55 29.50 62.86
N ILE F 421 18.03 29.80 61.67
CA ILE F 421 16.64 30.23 61.55
C ILE F 421 15.70 29.09 61.94
N SER F 422 16.07 27.85 61.61
CA SER F 422 15.24 26.71 61.96
C SER F 422 15.15 26.53 63.47
N ARG F 423 16.25 26.79 64.19
CA ARG F 423 16.24 26.64 65.64
C ARG F 423 15.50 27.79 66.31
N ARG F 424 15.74 29.02 65.86
CA ARG F 424 15.05 30.17 66.46
C ARG F 424 13.55 30.12 66.21
N LEU F 425 13.13 29.52 65.10
CA LEU F 425 11.70 29.42 64.81
C LEU F 425 11.04 28.31 65.62
N SER F 426 11.75 27.20 65.83
CA SER F 426 11.18 26.09 66.57
C SER F 426 10.86 26.47 68.02
N LYS F 427 11.61 27.42 68.59
CA LYS F 427 11.32 27.87 69.94
C LYS F 427 10.08 28.74 69.97
N GLU F 428 9.91 29.61 68.97
CA GLU F 428 8.74 30.48 68.91
C GLU F 428 7.50 29.77 68.40
N ALA F 429 7.67 28.68 67.63
CA ALA F 429 6.52 27.97 67.11
C ALA F 429 5.74 27.25 68.20
N ARG F 430 6.42 26.84 69.27
CA ARG F 430 5.73 26.16 70.36
C ARG F 430 4.90 27.12 71.19
N SER F 431 5.29 28.40 71.24
CA SER F 431 4.53 29.40 72.00
C SER F 431 3.30 29.89 71.27
N MET F 432 3.24 29.73 69.95
CA MET F 432 2.07 30.17 69.19
C MET F 432 0.90 29.21 69.33
N GLU F 433 1.17 27.91 69.46
CA GLU F 433 0.15 26.88 69.56
C GLU F 433 -0.82 26.95 68.39
N GLY F 434 -2.11 26.78 68.67
CA GLY F 434 -3.14 26.80 67.64
C GLY F 434 -2.92 25.72 66.59
N VAL F 435 -3.54 25.93 65.44
CA VAL F 435 -3.37 25.02 64.30
C VAL F 435 -2.22 25.42 63.40
N GLN F 436 -1.65 26.61 63.58
CA GLN F 436 -0.53 27.05 62.76
C GLN F 436 0.80 26.50 63.23
N ALA F 437 0.88 26.03 64.47
CA ALA F 437 2.16 25.53 65.00
C ALA F 437 2.70 24.37 64.18
N PHE F 438 1.83 23.57 63.58
CA PHE F 438 2.30 22.49 62.72
C PHE F 438 2.81 23.03 61.39
N ILE F 439 2.31 24.18 60.95
CA ILE F 439 2.80 24.78 59.71
C ILE F 439 4.14 25.47 59.93
N TRP F 440 4.28 26.18 61.06
CA TRP F 440 5.56 26.82 61.37
C TRP F 440 6.65 25.79 61.62
N GLN F 441 6.29 24.60 62.08
CA GLN F 441 7.29 23.56 62.33
C GLN F 441 7.80 22.98 61.02
N GLU F 442 6.91 22.82 60.03
CA GLU F 442 7.34 22.28 58.74
C GLU F 442 8.19 23.28 57.96
N PHE F 443 8.00 24.58 58.22
CA PHE F 443 8.82 25.58 57.53
C PHE F 443 10.26 25.56 58.04
N ALA F 444 10.46 25.28 59.32
CA ALA F 444 11.82 25.22 59.86
C ALA F 444 12.54 23.97 59.39
N SER F 445 11.82 22.85 59.26
CA SER F 445 12.45 21.63 58.79
C SER F 445 12.75 21.68 57.29
N ALA F 446 12.00 22.50 56.55
CA ALA F 446 12.24 22.63 55.12
C ALA F 446 13.46 23.50 54.80
N LEU F 447 13.85 24.39 55.72
CA LEU F 447 15.03 25.21 55.50
C LEU F 447 16.33 24.43 55.66
N GLU F 448 16.27 23.24 56.26
CA GLU F 448 17.44 22.43 56.53
C GLU F 448 17.86 21.55 55.35
N VAL F 449 17.17 21.65 54.22
CA VAL F 449 17.52 20.83 53.07
C VAL F 449 18.82 21.31 52.44
N ILE F 450 19.15 22.59 52.58
CA ILE F 450 20.36 23.17 51.99
C ILE F 450 21.60 22.59 52.66
N PRO F 451 21.72 22.61 54.00
CA PRO F 451 22.90 21.96 54.61
C PRO F 451 22.89 20.46 54.46
N THR F 452 21.70 19.84 54.38
CA THR F 452 21.63 18.41 54.14
C THR F 452 22.15 18.05 52.74
N THR F 453 21.84 18.90 51.75
CA THR F 453 22.34 18.67 50.40
C THR F 453 23.86 18.80 50.35
N LEU F 454 24.42 19.74 51.11
CA LEU F 454 25.87 19.91 51.12
C LEU F 454 26.58 18.68 51.69
N ALA F 455 25.95 17.99 52.63
CA ALA F 455 26.54 16.79 53.21
C ALA F 455 26.40 15.58 52.30
N GLU F 456 25.32 15.51 51.51
CA GLU F 456 25.12 14.39 50.61
C GLU F 456 26.03 14.49 49.39
N ASN F 457 26.23 15.71 48.87
CA ASN F 457 27.11 15.88 47.71
C ASN F 457 28.57 15.72 48.06
N ALA F 458 28.95 15.91 49.32
CA ALA F 458 30.32 15.76 49.78
C ALA F 458 30.66 14.34 50.21
N GLY F 459 29.70 13.42 50.14
CA GLY F 459 29.92 12.05 50.54
C GLY F 459 29.83 11.79 52.03
N LEU F 460 29.53 12.81 52.84
CA LEU F 460 29.41 12.64 54.27
C LEU F 460 28.03 12.11 54.65
N ASN F 461 27.80 11.94 55.94
CA ASN F 461 26.52 11.46 56.46
C ASN F 461 25.78 12.65 57.06
N SER F 462 24.68 13.05 56.41
CA SER F 462 23.93 14.21 56.87
C SER F 462 23.17 13.95 58.17
N ILE F 463 23.07 12.70 58.60
CA ILE F 463 22.35 12.40 59.84
C ILE F 463 23.16 12.86 61.05
N LYS F 464 24.45 12.48 61.08
CA LYS F 464 25.29 12.84 62.22
C LYS F 464 25.75 14.28 62.18
N VAL F 465 25.94 14.84 60.98
CA VAL F 465 26.44 16.20 60.87
C VAL F 465 25.39 17.21 61.29
N VAL F 466 24.17 17.08 60.75
CA VAL F 466 23.11 18.03 61.08
C VAL F 466 22.69 17.89 62.54
N THR F 467 22.74 16.68 63.09
CA THR F 467 22.39 16.48 64.50
C THR F 467 23.37 17.22 65.41
N GLU F 468 24.66 17.18 65.09
CA GLU F 468 25.65 17.89 65.89
C GLU F 468 25.54 19.41 65.74
N LEU F 469 24.91 19.89 64.67
CA LEU F 469 24.76 21.33 64.49
C LEU F 469 23.83 21.92 65.55
N ARG F 470 22.74 21.22 65.87
CA ARG F 470 21.82 21.72 66.89
C ARG F 470 22.48 21.81 68.26
N SER F 471 23.49 20.99 68.51
CA SER F 471 24.21 21.05 69.79
C SER F 471 25.19 22.22 69.83
N LYS F 472 25.71 22.64 68.68
CA LYS F 472 26.66 23.74 68.65
C LYS F 472 25.95 25.09 68.77
N HIS F 473 24.81 25.25 68.08
CA HIS F 473 24.07 26.51 68.18
C HIS F 473 23.41 26.69 69.54
N GLU F 474 23.13 25.59 70.25
CA GLU F 474 22.57 25.71 71.59
C GLU F 474 23.57 26.27 72.59
N ASN F 475 24.86 26.10 72.33
CA ASN F 475 25.90 26.58 73.23
C ASN F 475 26.25 28.05 72.99
N GLY F 476 25.58 28.72 72.06
CA GLY F 476 25.85 30.11 71.77
C GLY F 476 26.66 30.39 70.52
N GLU F 477 26.86 29.39 69.66
CA GLU F 477 27.61 29.57 68.42
C GLU F 477 26.61 29.89 67.31
N LEU F 478 26.66 31.13 66.81
CA LEU F 478 25.73 31.55 65.77
C LEU F 478 26.14 31.04 64.38
N ASN F 479 27.44 31.08 64.08
CA ASN F 479 27.95 30.71 62.77
C ASN F 479 28.55 29.30 62.85
N ASP F 480 27.89 28.35 62.20
CA ASP F 480 28.38 26.99 62.11
C ASP F 480 27.87 26.38 60.82
N GLY F 481 28.66 25.50 60.23
CA GLY F 481 28.27 24.88 58.98
C GLY F 481 29.20 23.75 58.60
N ILE F 482 29.08 23.34 57.35
CA ILE F 482 29.84 22.22 56.80
C ILE F 482 30.97 22.77 55.95
N SER F 483 32.18 22.27 56.18
CA SER F 483 33.36 22.65 55.41
C SER F 483 33.73 21.50 54.48
N VAL F 484 33.99 21.82 53.21
CA VAL F 484 34.29 20.77 52.24
C VAL F 484 35.71 20.23 52.47
N ARG F 485 36.64 21.06 52.92
CA ARG F 485 37.99 20.59 53.18
C ARG F 485 38.09 19.88 54.52
N ARG F 486 37.43 20.41 55.55
CA ARG F 486 37.49 19.79 56.87
C ARG F 486 36.59 18.56 56.97
N SER F 487 35.54 18.50 56.15
CA SER F 487 34.59 17.38 56.15
C SER F 487 33.99 17.17 57.53
N GLY F 488 33.45 18.24 58.10
CA GLY F 488 32.86 18.16 59.42
C GLY F 488 32.18 19.45 59.80
N THR F 489 31.90 19.57 61.10
CA THR F 489 31.23 20.75 61.65
C THR F 489 32.27 21.70 62.20
N THR F 490 32.28 22.94 61.69
CA THR F 490 33.22 23.95 62.14
C THR F 490 32.62 25.32 61.88
N ASN F 491 33.18 26.32 62.56
CA ASN F 491 32.70 27.68 62.40
C ASN F 491 33.07 28.22 61.02
N THR F 492 32.07 28.68 60.28
CA THR F 492 32.30 29.20 58.94
C THR F 492 32.94 30.58 58.94
N TYR F 493 32.85 31.31 60.05
CA TYR F 493 33.51 32.62 60.12
C TYR F 493 35.03 32.46 60.17
N GLU F 494 35.52 31.49 60.93
CA GLU F 494 36.96 31.22 60.95
C GLU F 494 37.43 30.65 59.63
N GLU F 495 36.58 29.88 58.94
CA GLU F 495 36.90 29.35 57.62
C GLU F 495 36.83 30.40 56.52
N HIS F 496 36.42 31.62 56.83
CA HIS F 496 36.28 32.76 55.94
C HIS F 496 35.10 32.63 54.97
N ILE F 497 34.37 31.52 55.00
CA ILE F 497 33.20 31.36 54.15
C ILE F 497 32.19 32.44 54.51
N LEU F 498 31.77 33.23 53.52
CA LEU F 498 30.86 34.34 53.75
C LEU F 498 29.95 34.49 52.54
N GLN F 499 28.75 35.02 52.77
CA GLN F 499 27.79 35.28 51.71
C GLN F 499 27.02 36.55 52.04
N PRO F 500 26.60 37.30 51.03
CA PRO F 500 25.81 38.51 51.29
C PRO F 500 24.46 38.19 51.92
N VAL F 501 23.86 39.22 52.51
CA VAL F 501 22.56 39.05 53.15
C VAL F 501 21.47 38.87 52.10
N LEU F 502 21.55 39.61 51.00
CA LEU F 502 20.51 39.54 49.97
C LEU F 502 20.46 38.17 49.30
N VAL F 503 21.50 37.35 49.45
CA VAL F 503 21.48 36.02 48.85
C VAL F 503 20.49 35.13 49.58
N SER F 504 20.61 35.04 50.91
CA SER F 504 19.70 34.20 51.69
C SER F 504 18.35 34.87 51.93
N THR F 505 18.33 36.21 52.00
CA THR F 505 17.06 36.90 52.22
C THR F 505 16.11 36.73 51.05
N SER F 506 16.60 36.95 49.84
CA SER F 506 15.75 36.79 48.65
C SER F 506 15.48 35.33 48.33
N ALA F 507 16.34 34.42 48.78
CA ALA F 507 16.11 33.00 48.52
C ALA F 507 14.92 32.48 49.32
N ILE F 508 14.75 32.97 50.55
CA ILE F 508 13.61 32.54 51.36
C ILE F 508 12.33 33.25 50.92
N THR F 509 12.43 34.52 50.54
CA THR F 509 11.25 35.27 50.13
C THR F 509 10.67 34.74 48.84
N LEU F 510 11.53 34.54 47.83
CA LEU F 510 11.04 34.06 46.54
C LEU F 510 10.54 32.63 46.61
N ALA F 511 11.04 31.85 47.57
CA ALA F 511 10.58 30.47 47.73
C ALA F 511 9.21 30.42 48.40
N SER F 512 8.97 31.30 49.39
CA SER F 512 7.68 31.31 50.07
C SER F 512 6.60 31.91 49.19
N GLU F 513 6.93 32.92 48.38
CA GLU F 513 5.93 33.52 47.50
C GLU F 513 5.57 32.60 46.34
N CYS F 514 6.49 31.72 45.94
CA CYS F 514 6.18 30.78 44.86
C CYS F 514 5.19 29.72 45.32
N VAL F 515 5.33 29.23 46.55
CA VAL F 515 4.41 28.23 47.06
C VAL F 515 3.01 28.81 47.22
N LYS F 516 2.90 30.10 47.53
CA LYS F 516 1.59 30.73 47.66
C LYS F 516 0.84 30.71 46.33
N SER F 517 1.55 30.89 45.22
CA SER F 517 0.91 30.87 43.91
C SER F 517 0.61 29.46 43.43
N ILE F 518 1.38 28.47 43.90
CA ILE F 518 1.16 27.10 43.46
C ILE F 518 -0.07 26.50 44.13
N LEU F 519 -0.23 26.73 45.44
CA LEU F 519 -1.35 26.16 46.18
C LEU F 519 -2.70 26.76 45.78
N ARG F 520 -2.72 27.84 45.01
CA ARG F 520 -3.95 28.49 44.59
C ARG F 520 -4.50 27.96 43.28
N ILE F 521 -3.86 26.96 42.68
CA ILE F 521 -4.33 26.38 41.42
C ILE F 521 -5.04 25.07 41.75
N ASP F 522 -6.36 25.07 41.61
CA ASP F 522 -7.19 23.91 41.91
C ASP F 522 -7.57 23.10 40.68
N ASP F 523 -7.19 23.55 39.48
CA ASP F 523 -7.60 22.86 38.26
C ASP F 523 -6.58 23.12 37.16
N ILE F 524 -6.50 22.18 36.23
CA ILE F 524 -5.64 22.29 35.05
C ILE F 524 -6.55 22.24 33.82
N ALA F 525 -6.63 23.33 33.09
CA ALA F 525 -7.49 23.45 31.93
C ALA F 525 -6.67 23.68 30.67
N PHE F 526 -7.22 23.26 29.54
CA PHE F 526 -6.57 23.42 28.24
C PHE F 526 -7.10 24.68 27.56
N SER F 527 -6.18 25.53 27.11
CA SER F 527 -6.51 26.78 26.45
C SER F 527 -5.90 26.80 25.05
N ARG F 528 -6.09 27.93 24.36
CA ARG F 528 -5.57 28.10 23.01
C ARG F 528 -4.35 29.02 23.02
N MET G 25 34.76 -2.50 18.43
CA MET G 25 33.36 -2.74 18.79
C MET G 25 32.42 -2.17 17.73
N GLY G 26 31.51 -3.02 17.25
CA GLY G 26 30.56 -2.61 16.25
C GLY G 26 29.34 -1.92 16.84
N ARG G 27 28.44 -1.49 15.94
CA ARG G 27 27.23 -0.82 16.39
C ARG G 27 26.30 -1.76 17.16
N PRO G 28 25.97 -2.96 16.68
CA PRO G 28 25.07 -3.83 17.46
C PRO G 28 25.69 -4.21 18.80
N PHE G 29 24.91 -4.02 19.86
CA PHE G 29 25.31 -4.39 21.22
C PHE G 29 24.17 -5.22 21.81
N ILE G 30 24.43 -6.51 22.04
CA ILE G 30 23.41 -7.44 22.52
C ILE G 30 24.04 -8.33 23.58
N ILE G 31 23.39 -8.40 24.74
CA ILE G 31 23.76 -9.35 25.80
C ILE G 31 22.53 -10.11 26.22
N VAL G 32 21.55 -9.40 26.80
CA VAL G 32 20.28 -9.99 27.19
C VAL G 32 19.32 -9.90 26.01
N LYS G 33 18.54 -10.97 25.80
CA LYS G 33 17.60 -10.99 24.70
C LYS G 33 16.48 -9.97 24.93
N ASP G 34 16.03 -9.35 23.84
CA ASP G 34 14.94 -8.37 23.87
C ASP G 34 15.29 -7.18 24.78
N GLN G 35 16.26 -6.40 24.32
CA GLN G 35 16.67 -5.20 25.03
C GLN G 35 15.70 -4.03 24.82
N GLY G 36 14.89 -4.08 23.77
CA GLY G 36 13.98 -2.97 23.50
C GLY G 36 12.82 -2.94 24.47
N ASN G 37 12.19 -4.08 24.71
CA ASN G 37 11.04 -4.15 25.61
C ASN G 37 11.44 -4.14 27.08
N LYS G 38 12.68 -4.49 27.40
CA LYS G 38 13.16 -4.52 28.78
C LYS G 38 13.80 -3.17 29.11
N LYS G 39 13.29 -2.52 30.15
CA LYS G 39 13.80 -1.24 30.61
C LYS G 39 14.37 -1.40 32.02
N ARG G 40 15.37 -0.57 32.34
CA ARG G 40 16.08 -0.65 33.60
C ARG G 40 15.82 0.61 34.41
N GLN G 41 15.33 0.43 35.64
CA GLN G 41 15.05 1.53 36.55
C GLN G 41 16.01 1.45 37.73
N HIS G 42 16.67 2.57 38.03
CA HIS G 42 17.73 2.56 39.04
C HIS G 42 17.87 3.97 39.60
N GLY G 43 18.57 4.04 40.74
CA GLY G 43 18.90 5.31 41.34
C GLY G 43 17.92 5.77 42.40
N LEU G 44 18.14 7.00 42.86
CA LEU G 44 17.24 7.61 43.84
C LEU G 44 15.86 7.86 43.24
N GLU G 45 15.80 8.16 41.94
CA GLU G 45 14.52 8.36 41.28
C GLU G 45 13.72 7.06 41.19
N ALA G 46 14.38 5.91 41.28
CA ALA G 46 13.66 4.64 41.29
C ALA G 46 12.84 4.48 42.56
N LYS G 47 13.46 4.74 43.72
CA LYS G 47 12.74 4.66 44.98
C LYS G 47 11.60 5.67 45.03
N LYS G 48 11.79 6.85 44.43
CA LYS G 48 10.75 7.87 44.44
C LYS G 48 9.56 7.47 43.59
N SER G 49 9.77 6.69 42.53
CA SER G 49 8.68 6.32 41.64
C SER G 49 7.82 5.20 42.22
N HIS G 50 8.46 4.19 42.84
CA HIS G 50 7.70 3.06 43.35
C HIS G 50 6.98 3.38 44.66
N ILE G 51 7.51 4.31 45.46
CA ILE G 51 6.86 4.68 46.70
C ILE G 51 5.64 5.56 46.42
N LEU G 52 5.80 6.54 45.54
CA LEU G 52 4.67 7.40 45.18
C LEU G 52 3.61 6.67 44.38
N ALA G 53 3.96 5.55 43.74
CA ALA G 53 2.97 4.77 43.02
C ALA G 53 2.07 3.98 43.96
N ALA G 54 2.66 3.39 45.00
CA ALA G 54 1.87 2.66 45.98
C ALA G 54 0.93 3.55 46.77
N ARG G 55 1.24 4.85 46.86
CA ARG G 55 0.34 5.76 47.56
C ARG G 55 -0.94 5.99 46.77
N SER G 56 -0.87 5.97 45.44
CA SER G 56 -2.07 6.16 44.63
C SER G 56 -3.04 5.00 44.79
N VAL G 57 -2.54 3.80 45.06
CA VAL G 57 -3.42 2.66 45.28
C VAL G 57 -4.14 2.81 46.62
N ALA G 58 -3.41 3.19 47.67
CA ALA G 58 -4.05 3.38 48.97
C ALA G 58 -4.94 4.61 48.98
N SER G 59 -4.64 5.60 48.15
CA SER G 59 -5.48 6.79 48.09
C SER G 59 -6.86 6.49 47.53
N ILE G 60 -6.97 5.45 46.71
CA ILE G 60 -8.28 5.06 46.18
C ILE G 60 -9.13 4.45 47.28
N ILE G 61 -8.56 3.52 48.05
CA ILE G 61 -9.28 2.88 49.14
C ILE G 61 -9.20 3.66 50.44
N LYS G 62 -8.53 4.82 50.44
CA LYS G 62 -8.45 5.63 51.65
C LYS G 62 -9.83 6.10 52.10
N THR G 63 -10.69 6.46 51.14
CA THR G 63 -12.05 6.86 51.45
C THR G 63 -12.96 5.69 51.75
N SER G 64 -12.50 4.45 51.55
CA SER G 64 -13.29 3.26 51.82
C SER G 64 -13.04 2.67 53.20
N LEU G 65 -12.21 3.32 54.02
CA LEU G 65 -11.86 2.80 55.33
C LEU G 65 -12.86 3.29 56.37
N GLY G 66 -13.40 2.35 57.16
CA GLY G 66 -14.32 2.67 58.21
C GLY G 66 -15.77 2.51 57.79
N PRO G 67 -16.70 2.77 58.72
CA PRO G 67 -18.12 2.67 58.37
C PRO G 67 -18.57 3.73 57.38
N ARG G 68 -17.92 4.89 57.38
CA ARG G 68 -18.19 5.92 56.38
C ARG G 68 -17.64 5.58 55.01
N GLY G 69 -16.92 4.47 54.88
CA GLY G 69 -16.30 4.12 53.62
C GLY G 69 -17.31 3.95 52.50
N LEU G 70 -16.79 4.06 51.27
CA LEU G 70 -17.62 4.02 50.07
C LEU G 70 -17.19 2.86 49.18
N ASP G 71 -18.13 2.34 48.40
CA ASP G 71 -17.90 1.17 47.58
C ASP G 71 -17.10 1.53 46.33
N LYS G 72 -16.80 0.51 45.51
CA LYS G 72 -16.07 0.68 44.27
C LYS G 72 -16.68 -0.22 43.22
N ILE G 73 -16.90 0.32 42.02
CA ILE G 73 -17.42 -0.45 40.90
C ILE G 73 -16.27 -1.11 40.17
N LEU G 74 -16.41 -2.42 39.92
CA LEU G 74 -15.40 -3.20 39.22
C LEU G 74 -16.03 -3.82 37.98
N ILE G 75 -15.48 -3.51 36.82
CA ILE G 75 -15.99 -3.99 35.54
C ILE G 75 -15.04 -5.05 35.01
N SER G 76 -15.56 -6.24 34.70
CA SER G 76 -14.76 -7.31 34.13
C SER G 76 -14.74 -7.20 32.60
N PRO G 77 -13.70 -7.73 31.96
CA PRO G 77 -13.65 -7.68 30.48
C PRO G 77 -14.80 -8.39 29.82
N ASP G 78 -15.45 -9.35 30.49
CA ASP G 78 -16.58 -10.06 29.91
C ASP G 78 -17.90 -9.30 30.04
N GLY G 79 -17.91 -8.18 30.75
CA GLY G 79 -19.10 -7.37 30.92
C GLY G 79 -19.73 -7.45 32.29
N GLU G 80 -19.35 -8.43 33.10
CA GLU G 80 -19.91 -8.54 34.44
C GLU G 80 -19.34 -7.46 35.35
N ILE G 81 -20.20 -6.83 36.14
CA ILE G 81 -19.80 -5.75 37.03
C ILE G 81 -19.96 -6.20 38.47
N THR G 82 -19.10 -5.67 39.34
CA THR G 82 -19.11 -6.00 40.76
C THR G 82 -18.84 -4.73 41.56
N ILE G 83 -19.64 -4.50 42.60
CA ILE G 83 -19.53 -3.30 43.42
C ILE G 83 -19.19 -3.73 44.83
N THR G 84 -17.97 -3.40 45.28
CA THR G 84 -17.53 -3.75 46.62
C THR G 84 -16.49 -2.75 47.10
N ASN G 85 -16.49 -2.51 48.41
CA ASN G 85 -15.49 -1.67 49.05
C ASN G 85 -14.35 -2.47 49.68
N ASP G 86 -14.40 -3.79 49.60
CA ASP G 86 -13.38 -4.63 50.24
C ASP G 86 -12.10 -4.58 49.42
N GLY G 87 -11.00 -4.18 50.06
CA GLY G 87 -9.73 -4.04 49.37
C GLY G 87 -9.20 -5.34 48.76
N ALA G 88 -9.64 -6.48 49.27
CA ALA G 88 -9.20 -7.76 48.71
C ALA G 88 -9.80 -7.98 47.32
N THR G 89 -11.10 -7.72 47.16
CA THR G 89 -11.74 -7.90 45.87
C THR G 89 -11.44 -6.76 44.92
N ILE G 90 -11.28 -5.54 45.45
CA ILE G 90 -10.94 -4.39 44.60
C ILE G 90 -9.61 -4.64 43.87
N LEU G 91 -8.58 -5.00 44.63
CA LEU G 91 -7.29 -5.28 44.00
C LEU G 91 -7.34 -6.54 43.16
N SER G 92 -8.23 -7.47 43.48
CA SER G 92 -8.42 -8.66 42.66
C SER G 92 -9.14 -8.30 41.36
N GLN G 93 -9.00 -9.19 40.37
CA GLN G 93 -9.62 -9.09 39.05
C GLN G 93 -9.48 -7.68 38.47
N MET G 94 -8.32 -7.06 38.67
CA MET G 94 -8.06 -5.72 38.17
C MET G 94 -6.79 -5.74 37.34
N GLU G 95 -6.82 -5.03 36.21
CA GLU G 95 -5.66 -4.96 35.32
C GLU G 95 -4.64 -3.99 35.89
N LEU G 96 -3.41 -4.48 36.08
CA LEU G 96 -2.31 -3.68 36.61
C LEU G 96 -1.11 -3.78 35.68
N ASP G 97 -0.17 -2.86 35.87
CA ASP G 97 1.07 -2.84 35.10
C ASP G 97 2.28 -2.86 36.03
N ASN G 98 2.41 -1.83 36.85
CA ASN G 98 3.52 -1.77 37.80
C ASN G 98 3.48 -2.97 38.74
N GLU G 99 4.67 -3.50 39.04
CA GLU G 99 4.78 -4.70 39.87
C GLU G 99 4.72 -4.39 41.37
N ILE G 100 4.86 -3.12 41.76
CA ILE G 100 4.79 -2.79 43.19
C ILE G 100 3.36 -2.88 43.68
N ALA G 101 2.40 -2.35 42.91
CA ALA G 101 1.00 -2.43 43.31
C ALA G 101 0.47 -3.85 43.19
N LYS G 102 1.07 -4.68 42.31
CA LYS G 102 0.69 -6.08 42.25
C LYS G 102 1.08 -6.82 43.53
N LEU G 103 2.13 -6.36 44.21
CA LEU G 103 2.44 -6.91 45.52
C LEU G 103 1.39 -6.51 46.56
N LEU G 104 0.77 -5.34 46.38
CA LEU G 104 -0.33 -4.96 47.25
C LEU G 104 -1.57 -5.81 47.00
N VAL G 105 -1.76 -6.25 45.76
CA VAL G 105 -2.87 -7.15 45.45
C VAL G 105 -2.71 -8.46 46.21
N GLN G 106 -1.49 -9.01 46.21
CA GLN G 106 -1.20 -10.20 47.00
C GLN G 106 -1.17 -9.89 48.49
N LEU G 107 -0.98 -8.63 48.87
CA LEU G 107 -1.01 -8.25 50.28
C LEU G 107 -2.42 -8.36 50.83
N SER G 108 -3.41 -7.81 50.10
CA SER G 108 -4.79 -7.91 50.54
C SER G 108 -5.30 -9.34 50.46
N LYS G 109 -4.79 -10.12 49.50
CA LYS G 109 -5.17 -11.53 49.43
C LYS G 109 -4.62 -12.31 50.62
N SER G 110 -3.45 -11.92 51.13
CA SER G 110 -2.90 -12.57 52.32
C SER G 110 -3.74 -12.25 53.55
N GLN G 111 -4.22 -11.01 53.67
CA GLN G 111 -5.05 -10.63 54.80
C GLN G 111 -6.43 -11.27 54.71
N ASP G 112 -6.93 -11.49 53.50
CA ASP G 112 -8.28 -12.00 53.32
C ASP G 112 -8.36 -13.51 53.53
N ASP G 113 -7.32 -14.26 53.17
CA ASP G 113 -7.40 -15.71 53.24
C ASP G 113 -7.39 -16.21 54.67
N GLU G 114 -6.36 -15.84 55.44
CA GLU G 114 -6.23 -16.36 56.80
C GLU G 114 -7.22 -15.68 57.75
N ILE G 115 -7.16 -14.34 57.83
CA ILE G 115 -7.98 -13.63 58.81
C ILE G 115 -9.39 -13.40 58.27
N GLY G 116 -9.52 -12.99 57.02
CA GLY G 116 -10.81 -12.68 56.45
C GLY G 116 -11.31 -11.27 56.68
N ASP G 117 -10.53 -10.43 57.37
CA ASP G 117 -10.95 -9.07 57.65
C ASP G 117 -9.70 -8.19 57.77
N GLY G 118 -9.89 -6.90 57.48
CA GLY G 118 -8.81 -5.94 57.59
C GLY G 118 -7.97 -5.76 56.35
N THR G 119 -8.50 -6.11 55.17
CA THR G 119 -7.71 -6.01 53.95
C THR G 119 -7.48 -4.56 53.54
N THR G 120 -8.41 -3.67 53.90
CA THR G 120 -8.25 -2.26 53.53
C THR G 120 -7.22 -1.56 54.40
N GLY G 121 -7.23 -1.84 55.71
CA GLY G 121 -6.32 -1.18 56.62
C GLY G 121 -4.87 -1.56 56.45
N VAL G 122 -4.59 -2.72 55.86
CA VAL G 122 -3.21 -3.15 55.67
C VAL G 122 -2.56 -2.38 54.53
N VAL G 123 -3.29 -2.23 53.41
CA VAL G 123 -2.73 -1.51 52.26
C VAL G 123 -2.51 -0.04 52.61
N VAL G 124 -3.43 0.55 53.37
CA VAL G 124 -3.26 1.93 53.81
C VAL G 124 -2.05 2.05 54.74
N LEU G 125 -1.88 1.08 55.64
CA LEU G 125 -0.74 1.10 56.55
C LEU G 125 0.56 0.80 55.80
N ALA G 126 0.52 -0.06 54.80
CA ALA G 126 1.72 -0.37 54.03
C ALA G 126 2.21 0.84 53.24
N SER G 127 1.28 1.60 52.66
CA SER G 127 1.66 2.81 51.94
C SER G 127 2.12 3.91 52.89
N ALA G 128 1.60 3.93 54.12
CA ALA G 128 2.04 4.91 55.10
C ALA G 128 3.48 4.64 55.54
N LEU G 129 3.89 3.36 55.57
CA LEU G 129 5.28 3.06 55.90
C LEU G 129 6.23 3.48 54.80
N LEU G 130 5.77 3.47 53.56
CA LEU G 130 6.62 3.90 52.44
C LEU G 130 6.72 5.42 52.36
N ASP G 131 5.61 6.12 52.65
CA ASP G 131 5.63 7.58 52.60
C ASP G 131 6.53 8.16 53.69
N GLN G 132 6.52 7.55 54.88
CA GLN G 132 7.40 8.01 55.94
C GLN G 132 8.86 7.64 55.67
N ALA G 133 9.09 6.51 54.99
CA ALA G 133 10.44 6.09 54.64
C ALA G 133 10.99 6.85 53.44
N LEU G 134 10.12 7.44 52.62
CA LEU G 134 10.60 8.18 51.45
C LEU G 134 11.40 9.42 51.86
N GLU G 135 10.95 10.11 52.91
CA GLU G 135 11.68 11.27 53.39
C GLU G 135 12.98 10.87 54.08
N LEU G 136 13.04 9.66 54.63
CA LEU G 136 14.25 9.19 55.28
C LEU G 136 15.31 8.72 54.28
N ILE G 137 14.90 8.32 53.08
CA ILE G 137 15.88 7.91 52.07
C ILE G 137 16.67 9.12 51.58
N GLN G 138 16.00 10.26 51.38
CA GLN G 138 16.67 11.46 50.94
C GLN G 138 17.59 12.06 51.99
N LYS G 139 17.48 11.63 53.25
CA LYS G 139 18.35 12.13 54.30
C LYS G 139 19.71 11.43 54.34
N GLY G 140 19.90 10.38 53.54
CA GLY G 140 21.16 9.68 53.49
C GLY G 140 21.21 8.36 54.22
N ILE G 141 20.09 7.88 54.74
CA ILE G 141 20.05 6.61 55.46
C ILE G 141 19.83 5.48 54.46
N HIS G 142 20.53 4.38 54.67
CA HIS G 142 20.40 3.24 53.76
C HIS G 142 18.99 2.66 53.87
N PRO G 143 18.40 2.23 52.75
CA PRO G 143 17.01 1.74 52.81
C PRO G 143 16.82 0.55 53.73
N ILE G 144 17.79 -0.35 53.82
CA ILE G 144 17.67 -1.49 54.72
C ILE G 144 17.73 -1.04 56.18
N LYS G 145 18.60 -0.07 56.48
CA LYS G 145 18.64 0.49 57.83
C LYS G 145 17.32 1.14 58.21
N ILE G 146 16.59 1.68 57.22
CA ILE G 146 15.25 2.17 57.48
C ILE G 146 14.30 1.01 57.77
N ALA G 147 14.41 -0.07 57.00
CA ALA G 147 13.54 -1.22 57.19
C ALA G 147 13.92 -2.04 58.42
N ASN G 148 15.20 -2.01 58.82
CA ASN G 148 15.60 -2.71 60.02
C ASN G 148 14.97 -2.11 61.28
N GLY G 149 14.77 -0.79 61.29
CA GLY G 149 14.11 -0.14 62.41
C GLY G 149 12.62 -0.41 62.47
N PHE G 150 12.01 -0.80 61.34
CA PHE G 150 10.58 -1.10 61.34
C PHE G 150 10.30 -2.45 62.00
N ASP G 151 11.20 -3.42 61.84
CA ASP G 151 10.99 -4.72 62.46
C ASP G 151 11.13 -4.65 63.98
N GLU G 152 12.10 -3.85 64.46
CA GLU G 152 12.27 -3.70 65.89
C GLU G 152 11.16 -2.86 66.51
N ALA G 153 10.62 -1.90 65.76
CA ALA G 153 9.52 -1.08 66.27
C ALA G 153 8.19 -1.82 66.22
N ALA G 154 8.04 -2.79 65.32
CA ALA G 154 6.81 -3.56 65.26
C ALA G 154 6.69 -4.53 66.43
N LYS G 155 7.82 -5.03 66.93
CA LYS G 155 7.78 -5.94 68.08
C LYS G 155 7.42 -5.19 69.36
N LEU G 156 7.83 -3.93 69.48
CA LEU G 156 7.48 -3.15 70.67
C LEU G 156 6.02 -2.74 70.65
N ALA G 157 5.43 -2.59 69.45
CA ALA G 157 4.01 -2.22 69.38
C ALA G 157 3.12 -3.40 69.71
N ILE G 158 3.50 -4.61 69.27
CA ILE G 158 2.70 -5.79 69.57
C ILE G 158 2.80 -6.15 71.05
N SER G 159 3.98 -6.02 71.63
CA SER G 159 4.16 -6.34 73.04
C SER G 159 3.41 -5.36 73.94
N LYS G 160 3.25 -4.11 73.48
CA LYS G 160 2.51 -3.13 74.28
C LYS G 160 1.01 -3.38 74.22
N LEU G 161 0.48 -3.69 73.03
CA LEU G 161 -0.95 -3.96 72.91
C LEU G 161 -1.34 -5.27 73.57
N GLU G 162 -0.42 -6.25 73.59
CA GLU G 162 -0.71 -7.53 74.23
C GLU G 162 -0.85 -7.37 75.74
N GLU G 163 -0.10 -6.46 76.35
CA GLU G 163 -0.19 -6.26 77.79
C GLU G 163 -1.54 -5.70 78.19
N THR G 164 -2.09 -4.79 77.40
CA THR G 164 -3.39 -4.18 77.67
C THR G 164 -4.55 -4.94 77.04
N CYS G 165 -4.28 -6.06 76.37
CA CYS G 165 -5.32 -6.83 75.71
C CYS G 165 -6.11 -7.63 76.74
N ASP G 166 -7.43 -7.44 76.75
CA ASP G 166 -8.29 -8.14 77.69
C ASP G 166 -8.62 -9.55 77.19
N ASP G 167 -8.76 -10.47 78.13
CA ASP G 167 -9.08 -11.86 77.84
C ASP G 167 -10.52 -12.12 78.28
N ILE G 168 -11.39 -12.47 77.32
CA ILE G 168 -12.80 -12.72 77.61
C ILE G 168 -13.09 -14.19 77.87
N SER G 169 -12.09 -15.06 77.85
CA SER G 169 -12.30 -16.49 78.05
C SER G 169 -12.67 -16.82 79.49
N ALA G 170 -12.49 -15.89 80.43
CA ALA G 170 -12.80 -16.16 81.84
C ALA G 170 -14.29 -16.16 82.11
N SER G 171 -15.12 -15.68 81.18
CA SER G 171 -16.55 -15.63 81.38
C SER G 171 -17.18 -16.97 80.96
N ASN G 172 -18.50 -17.06 81.10
CA ASN G 172 -19.23 -18.26 80.74
C ASN G 172 -19.70 -18.16 79.30
N ASP G 173 -20.53 -19.12 78.86
CA ASP G 173 -21.06 -19.11 77.50
C ASP G 173 -22.16 -18.07 77.32
N GLU G 174 -22.77 -17.59 78.39
CA GLU G 174 -23.81 -16.58 78.27
C GLU G 174 -23.22 -15.24 77.87
N LEU G 175 -22.17 -14.79 78.57
CA LEU G 175 -21.52 -13.54 78.21
C LEU G 175 -20.69 -13.68 76.94
N PHE G 176 -20.25 -14.89 76.63
CA PHE G 176 -19.45 -15.10 75.42
C PHE G 176 -20.30 -14.92 74.16
N ARG G 177 -21.60 -15.19 74.24
CA ARG G 177 -22.47 -15.00 73.09
C ARG G 177 -22.60 -13.53 72.74
N ASP G 178 -22.73 -12.66 73.75
CA ASP G 178 -22.79 -11.22 73.49
C ASP G 178 -21.45 -10.66 73.06
N PHE G 179 -20.34 -11.32 73.40
CA PHE G 179 -19.04 -10.85 72.95
C PHE G 179 -18.85 -11.05 71.46
N LEU G 180 -19.43 -12.11 70.90
CA LEU G 180 -19.35 -12.32 69.45
C LEU G 180 -20.20 -11.30 68.70
N LEU G 181 -21.24 -10.78 69.34
CA LEU G 181 -22.07 -9.76 68.70
C LEU G 181 -21.31 -8.45 68.56
N ARG G 182 -20.50 -8.09 69.55
CA ARG G 182 -19.72 -6.87 69.46
C ARG G 182 -18.71 -6.92 68.32
N ALA G 183 -18.17 -8.10 68.04
CA ALA G 183 -17.21 -8.23 66.95
C ALA G 183 -17.89 -8.28 65.58
N ALA G 184 -19.12 -8.78 65.51
CA ALA G 184 -19.82 -8.88 64.23
C ALA G 184 -20.40 -7.53 63.82
N LYS G 185 -20.94 -6.76 64.78
CA LYS G 185 -21.56 -5.49 64.45
C LYS G 185 -20.56 -4.46 63.95
N THR G 186 -19.27 -4.61 64.29
CA THR G 186 -18.26 -3.66 63.85
C THR G 186 -17.91 -3.84 62.37
N SER G 187 -17.71 -5.10 61.95
CA SER G 187 -17.32 -5.35 60.57
C SER G 187 -18.47 -5.15 59.60
N LEU G 188 -19.71 -5.28 60.06
CA LEU G 188 -20.87 -5.13 59.19
C LEU G 188 -21.27 -3.67 58.99
N GLY G 189 -20.63 -2.72 59.68
CA GLY G 189 -21.00 -1.33 59.54
C GLY G 189 -20.43 -0.65 58.31
N SER G 190 -19.43 -1.24 57.69
CA SER G 190 -18.78 -0.65 56.52
C SER G 190 -19.36 -1.17 55.20
N LYS G 191 -20.38 -2.03 55.25
CA LYS G 191 -20.96 -2.63 54.07
C LYS G 191 -22.38 -2.11 53.87
N ILE G 192 -23.04 -2.61 52.82
CA ILE G 192 -24.44 -2.30 52.58
C ILE G 192 -25.32 -2.98 53.62
N VAL G 193 -24.83 -4.05 54.25
CA VAL G 193 -25.57 -4.74 55.30
C VAL G 193 -25.74 -3.88 56.55
N SER G 194 -25.07 -2.74 56.61
CA SER G 194 -25.10 -1.87 57.79
C SER G 194 -26.47 -1.29 58.08
N LYS G 195 -27.46 -1.48 57.20
CA LYS G 195 -28.80 -0.94 57.44
C LYS G 195 -29.35 -1.40 58.78
N ASP G 196 -29.43 -2.71 59.00
CA ASP G 196 -29.72 -3.27 60.32
C ASP G 196 -28.57 -4.20 60.69
N HIS G 197 -27.75 -3.77 61.65
CA HIS G 197 -26.67 -4.62 62.14
C HIS G 197 -27.15 -5.61 63.19
N ASP G 198 -28.22 -5.28 63.92
CA ASP G 198 -28.68 -6.14 65.00
C ASP G 198 -29.29 -7.44 64.49
N ARG G 199 -30.15 -7.34 63.46
CA ARG G 199 -30.88 -8.52 63.01
C ARG G 199 -29.95 -9.52 62.34
N PHE G 200 -28.98 -9.05 61.56
CA PHE G 200 -28.10 -9.94 60.81
C PHE G 200 -26.85 -10.35 61.58
N ALA G 201 -26.61 -9.77 62.77
CA ALA G 201 -25.52 -10.24 63.60
C ALA G 201 -25.83 -11.58 64.23
N GLU G 202 -27.11 -11.86 64.51
CA GLU G 202 -27.49 -13.15 65.06
C GLU G 202 -27.26 -14.27 64.05
N MET G 203 -27.50 -14.00 62.77
CA MET G 203 -27.31 -15.01 61.74
C MET G 203 -25.86 -15.45 61.65
N ALA G 204 -24.92 -14.55 61.89
CA ALA G 204 -23.51 -14.91 61.84
C ALA G 204 -23.07 -15.64 63.09
N VAL G 205 -23.57 -15.23 64.26
CA VAL G 205 -23.14 -15.83 65.52
C VAL G 205 -23.82 -17.18 65.73
N GLU G 206 -25.13 -17.26 65.48
CA GLU G 206 -25.85 -18.50 65.74
C GLU G 206 -25.44 -19.60 64.77
N ALA G 207 -24.99 -19.24 63.57
CA ALA G 207 -24.51 -20.25 62.64
C ALA G 207 -23.20 -20.87 63.12
N VAL G 208 -22.39 -20.10 63.85
CA VAL G 208 -21.12 -20.63 64.36
C VAL G 208 -21.36 -21.46 65.61
N ILE G 209 -22.29 -21.04 66.47
CA ILE G 209 -22.51 -21.72 67.74
C ILE G 209 -22.86 -23.19 67.54
N ASN G 210 -23.55 -23.52 66.43
CA ASN G 210 -23.96 -24.90 66.20
C ASN G 210 -22.76 -25.82 65.98
N VAL G 211 -21.68 -25.32 65.37
CA VAL G 211 -20.51 -26.14 65.09
C VAL G 211 -19.43 -26.01 66.16
N MET G 212 -19.68 -25.25 67.22
CA MET G 212 -18.68 -25.06 68.26
C MET G 212 -18.72 -26.24 69.24
N ASP G 213 -17.53 -26.59 69.75
CA ASP G 213 -17.34 -27.77 70.58
C ASP G 213 -17.67 -27.54 72.05
N LYS G 214 -17.80 -26.27 72.47
CA LYS G 214 -18.08 -25.86 73.85
C LYS G 214 -16.83 -26.01 74.72
N ASP G 215 -15.84 -26.74 74.23
CA ASP G 215 -14.55 -26.86 74.90
C ASP G 215 -13.49 -27.04 73.83
N ARG G 216 -12.32 -26.42 74.03
CA ARG G 216 -11.21 -26.39 73.07
C ARG G 216 -11.75 -26.13 71.66
N LYS G 217 -12.59 -25.10 71.57
CA LYS G 217 -13.48 -24.93 70.43
C LYS G 217 -12.72 -24.60 69.16
N ASP G 218 -13.11 -25.26 68.07
CA ASP G 218 -12.64 -24.96 66.72
C ASP G 218 -13.85 -24.62 65.86
N VAL G 219 -13.66 -23.68 64.93
CA VAL G 219 -14.80 -23.18 64.16
C VAL G 219 -15.21 -24.17 63.08
N ASP G 220 -14.24 -24.76 62.38
CA ASP G 220 -14.50 -25.65 61.24
C ASP G 220 -15.46 -24.98 60.25
N PHE G 221 -14.91 -23.96 59.57
CA PHE G 221 -15.71 -23.17 58.65
C PHE G 221 -16.26 -23.98 57.49
N ASP G 222 -15.69 -25.16 57.22
CA ASP G 222 -16.16 -25.98 56.11
C ASP G 222 -17.61 -26.39 56.32
N LEU G 223 -18.02 -26.63 57.56
CA LEU G 223 -19.40 -27.00 57.84
C LEU G 223 -20.37 -25.85 57.56
N ILE G 224 -19.88 -24.62 57.52
CA ILE G 224 -20.73 -23.45 57.26
C ILE G 224 -20.79 -23.23 55.76
N LYS G 225 -22.01 -23.20 55.21
CA LYS G 225 -22.22 -22.98 53.79
C LYS G 225 -22.98 -21.68 53.59
N MET G 226 -22.79 -21.07 52.42
CA MET G 226 -23.42 -19.82 52.06
C MET G 226 -24.00 -19.95 50.65
N GLN G 227 -25.32 -19.83 50.55
CA GLN G 227 -26.03 -19.93 49.27
C GLN G 227 -26.88 -18.68 49.09
N GLY G 228 -26.52 -17.87 48.10
CA GLY G 228 -27.26 -16.66 47.81
C GLY G 228 -28.37 -16.87 46.79
N ARG G 229 -29.40 -16.02 46.89
CA ARG G 229 -30.51 -16.04 45.95
C ARG G 229 -30.86 -14.60 45.59
N VAL G 230 -31.07 -14.34 44.31
CA VAL G 230 -31.33 -13.00 43.81
C VAL G 230 -32.85 -12.80 43.74
N GLY G 231 -33.37 -11.94 44.59
CA GLY G 231 -34.79 -11.62 44.58
C GLY G 231 -35.25 -11.16 45.95
N GLY G 232 -36.50 -10.71 45.99
CA GLY G 232 -37.10 -10.27 47.23
C GLY G 232 -36.36 -9.08 47.81
N SER G 233 -36.26 -9.05 49.13
CA SER G 233 -35.55 -8.01 49.86
C SER G 233 -34.54 -8.65 50.81
N ILE G 234 -33.60 -7.83 51.26
CA ILE G 234 -32.56 -8.34 52.16
C ILE G 234 -33.13 -8.67 53.53
N SER G 235 -34.23 -8.02 53.91
CA SER G 235 -34.84 -8.28 55.21
C SER G 235 -35.45 -9.68 55.30
N ASP G 236 -35.68 -10.34 54.16
CA ASP G 236 -36.25 -11.68 54.17
C ASP G 236 -35.20 -12.76 54.42
N SER G 237 -33.91 -12.40 54.50
CA SER G 237 -32.87 -13.37 54.74
C SER G 237 -32.98 -13.94 56.15
N LYS G 238 -33.01 -15.27 56.25
CA LYS G 238 -33.15 -15.95 57.52
C LYS G 238 -32.20 -17.13 57.58
N LEU G 239 -31.77 -17.47 58.79
CA LEU G 239 -30.84 -18.58 59.00
C LEU G 239 -31.61 -19.89 59.01
N ILE G 240 -31.24 -20.80 58.11
CA ILE G 240 -31.86 -22.11 57.99
C ILE G 240 -30.80 -23.18 58.16
N ASN G 241 -31.07 -24.16 59.01
CA ASN G 241 -30.15 -25.27 59.26
C ASN G 241 -30.53 -26.41 58.33
N GLY G 242 -29.66 -26.72 57.39
CA GLY G 242 -29.93 -27.76 56.41
C GLY G 242 -29.14 -27.51 55.14
N VAL G 243 -29.65 -28.07 54.05
CA VAL G 243 -28.99 -27.99 52.75
C VAL G 243 -29.95 -27.33 51.76
N ILE G 244 -29.41 -26.41 50.95
CA ILE G 244 -30.17 -25.75 49.90
C ILE G 244 -29.79 -26.38 48.58
N LEU G 245 -30.79 -26.92 47.87
CA LEU G 245 -30.59 -27.52 46.56
C LEU G 245 -31.50 -26.85 45.55
N ASP G 246 -30.94 -26.54 44.38
CA ASP G 246 -31.69 -25.89 43.31
C ASP G 246 -32.30 -26.87 42.33
N LYS G 247 -32.16 -28.18 42.56
CA LYS G 247 -32.67 -29.19 41.64
C LYS G 247 -34.10 -29.55 42.00
N ASP G 248 -34.99 -29.47 41.01
CA ASP G 248 -36.39 -29.82 41.21
C ASP G 248 -36.55 -31.33 41.32
N PHE G 249 -37.71 -31.74 41.85
CA PHE G 249 -38.02 -33.15 41.98
C PHE G 249 -38.11 -33.81 40.62
N SER G 250 -37.91 -35.13 40.59
CA SER G 250 -37.92 -35.86 39.33
C SER G 250 -39.29 -35.86 38.68
N HIS G 251 -40.36 -35.85 39.48
CA HIS G 251 -41.71 -35.84 38.93
C HIS G 251 -42.48 -34.65 39.47
N PRO G 252 -43.27 -33.97 38.64
CA PRO G 252 -43.93 -32.74 39.10
C PRO G 252 -45.08 -32.97 40.08
N GLN G 253 -45.75 -34.11 40.02
CA GLN G 253 -47.01 -34.28 40.74
C GLN G 253 -46.85 -34.74 42.18
N MET G 254 -45.63 -35.06 42.63
CA MET G 254 -45.45 -35.43 44.02
C MET G 254 -45.66 -34.21 44.92
N PRO G 255 -46.08 -34.41 46.17
CA PRO G 255 -46.36 -33.27 47.05
C PRO G 255 -45.11 -32.44 47.31
N LYS G 256 -45.31 -31.13 47.45
CA LYS G 256 -44.20 -30.22 47.65
C LYS G 256 -43.56 -30.41 49.02
N CYS G 257 -44.38 -30.60 50.05
CA CYS G 257 -43.89 -30.74 51.41
C CYS G 257 -43.89 -32.22 51.82
N VAL G 258 -42.89 -32.61 52.59
CA VAL G 258 -42.74 -33.98 53.07
C VAL G 258 -42.72 -33.93 54.60
N LEU G 259 -43.65 -34.64 55.22
CA LEU G 259 -43.78 -34.66 56.67
C LEU G 259 -43.80 -36.10 57.16
N PRO G 260 -43.22 -36.37 58.33
CA PRO G 260 -43.25 -37.73 58.87
C PRO G 260 -44.64 -38.12 59.34
N LYS G 261 -44.84 -39.43 59.49
CA LYS G 261 -46.11 -39.99 59.90
C LYS G 261 -45.95 -40.74 61.21
N GLU G 262 -46.84 -40.48 62.16
CA GLU G 262 -46.86 -41.13 63.48
C GLU G 262 -45.50 -40.90 64.14
N GLY G 263 -44.90 -41.92 64.75
CA GLY G 263 -43.60 -41.79 65.35
C GLY G 263 -42.50 -41.78 64.29
N SER G 264 -41.25 -41.82 64.78
CA SER G 264 -40.06 -41.79 63.94
C SER G 264 -40.08 -40.56 63.03
N ASP G 265 -39.88 -39.40 63.66
CA ASP G 265 -39.93 -38.13 62.97
C ASP G 265 -38.94 -38.04 61.82
N GLY G 266 -37.90 -38.87 61.82
CA GLY G 266 -36.97 -38.88 60.71
C GLY G 266 -37.63 -39.39 59.44
N VAL G 267 -37.30 -38.73 58.32
CA VAL G 267 -37.90 -39.08 57.04
C VAL G 267 -37.19 -40.25 56.36
N LYS G 268 -36.15 -40.80 56.98
CA LYS G 268 -35.37 -41.90 56.41
C LYS G 268 -34.78 -41.51 55.06
N LEU G 269 -34.11 -40.36 55.03
CA LEU G 269 -33.50 -39.88 53.80
C LEU G 269 -32.38 -40.80 53.35
N ALA G 270 -32.44 -41.23 52.10
CA ALA G 270 -31.46 -42.14 51.52
C ALA G 270 -30.65 -41.41 50.45
N ILE G 271 -29.33 -41.51 50.55
CA ILE G 271 -28.42 -40.89 49.59
C ILE G 271 -27.65 -42.02 48.91
N LEU G 272 -27.89 -42.20 47.61
CA LEU G 272 -27.27 -43.28 46.86
C LEU G 272 -26.54 -42.69 45.66
N THR G 273 -25.25 -43.03 45.52
CA THR G 273 -24.47 -42.59 44.38
C THR G 273 -24.81 -43.33 43.10
N CYS G 274 -25.60 -44.40 43.18
CA CYS G 274 -26.00 -45.17 42.00
C CYS G 274 -27.47 -44.92 41.72
N PRO G 275 -27.82 -44.31 40.58
CA PRO G 275 -29.24 -44.10 40.26
C PRO G 275 -29.92 -45.40 39.85
N PHE G 276 -31.16 -45.31 39.37
CA PHE G 276 -31.88 -46.48 38.87
C PHE G 276 -31.63 -46.58 37.37
N GLU G 277 -30.84 -47.57 36.97
CA GLU G 277 -30.46 -47.78 35.58
C GLU G 277 -30.29 -49.27 35.36
N PRO G 278 -30.41 -49.73 34.12
CA PRO G 278 -30.10 -51.13 33.82
C PRO G 278 -28.67 -51.47 34.20
N PRO G 279 -28.46 -52.54 34.95
CA PRO G 279 -27.10 -52.87 35.39
C PRO G 279 -26.18 -53.16 34.20
N LYS G 280 -25.02 -52.51 34.19
CA LYS G 280 -24.03 -52.72 33.15
C LYS G 280 -22.65 -52.57 33.75
N PRO G 281 -21.66 -53.31 33.26
CA PRO G 281 -20.29 -53.12 33.72
C PRO G 281 -19.68 -51.86 33.14
N LYS G 282 -18.70 -51.31 33.87
CA LYS G 282 -18.07 -50.07 33.44
C LYS G 282 -17.22 -50.30 32.19
N THR G 283 -16.56 -51.46 32.10
CA THR G 283 -15.77 -51.77 30.93
C THR G 283 -16.66 -52.05 29.72
N LYS G 284 -16.07 -51.93 28.53
CA LYS G 284 -16.80 -52.21 27.31
C LYS G 284 -17.16 -53.68 27.24
N HIS G 285 -18.45 -53.96 27.00
CA HIS G 285 -18.94 -55.33 27.00
C HIS G 285 -19.86 -55.53 25.80
N LYS G 286 -20.10 -56.80 25.47
CA LYS G 286 -20.98 -57.16 24.37
C LYS G 286 -21.85 -58.34 24.81
N LEU G 287 -23.17 -58.19 24.66
CA LEU G 287 -24.12 -59.22 25.05
C LEU G 287 -24.71 -59.84 23.79
N ASP G 288 -24.43 -61.12 23.57
CA ASP G 288 -24.90 -61.84 22.41
C ASP G 288 -26.15 -62.61 22.77
N ILE G 289 -27.23 -62.38 22.01
CA ILE G 289 -28.53 -63.00 22.25
C ILE G 289 -28.82 -63.95 21.10
N SER G 290 -29.29 -65.16 21.43
CA SER G 290 -29.56 -66.21 20.45
C SER G 290 -31.05 -66.29 20.19
N SER G 291 -31.46 -65.85 18.99
CA SER G 291 -32.83 -65.98 18.50
C SER G 291 -33.88 -65.46 19.47
N VAL G 292 -35.00 -66.18 19.55
CA VAL G 292 -36.13 -65.71 20.36
C VAL G 292 -35.96 -66.07 21.83
N GLU G 293 -35.44 -67.27 22.11
CA GLU G 293 -35.43 -67.79 23.47
C GLU G 293 -34.69 -66.86 24.43
N GLU G 294 -33.43 -66.54 24.12
CA GLU G 294 -32.68 -65.62 24.96
C GLU G 294 -33.21 -64.20 24.90
N TYR G 295 -33.87 -63.83 23.80
CA TYR G 295 -34.43 -62.48 23.69
C TYR G 295 -35.58 -62.27 24.67
N GLN G 296 -36.40 -63.31 24.90
CA GLN G 296 -37.50 -63.20 25.83
C GLN G 296 -37.05 -63.30 27.28
N LYS G 297 -35.94 -64.00 27.54
CA LYS G 297 -35.46 -64.16 28.90
C LYS G 297 -34.94 -62.84 29.46
N LEU G 298 -34.26 -62.05 28.62
CA LEU G 298 -33.73 -60.78 29.08
C LEU G 298 -34.83 -59.75 29.30
N GLN G 299 -35.99 -59.92 28.65
CA GLN G 299 -37.12 -59.03 28.89
C GLN G 299 -37.57 -59.09 30.34
N THR G 300 -37.82 -60.31 30.85
CA THR G 300 -38.21 -60.47 32.24
C THR G 300 -37.08 -60.09 33.19
N TYR G 301 -35.83 -60.16 32.71
CA TYR G 301 -34.68 -59.85 33.56
C TYR G 301 -34.75 -58.41 34.08
N GLU G 302 -34.86 -57.44 33.18
CA GLU G 302 -34.89 -56.05 33.60
C GLU G 302 -36.21 -55.70 34.30
N GLN G 303 -37.32 -56.32 33.89
CA GLN G 303 -38.59 -56.06 34.54
C GLN G 303 -38.57 -56.48 36.01
N ASP G 304 -37.74 -57.45 36.36
CA ASP G 304 -37.56 -57.83 37.75
C ASP G 304 -36.54 -56.95 38.47
N LYS G 305 -35.76 -56.16 37.74
CA LYS G 305 -34.79 -55.27 38.38
C LYS G 305 -35.48 -54.05 38.97
N PHE G 306 -36.43 -53.45 38.25
CA PHE G 306 -37.18 -52.33 38.80
C PHE G 306 -37.97 -52.77 40.03
N LYS G 307 -38.50 -54.00 40.02
CA LYS G 307 -39.19 -54.51 41.20
C LYS G 307 -38.22 -54.81 42.33
N GLU G 308 -36.97 -55.12 42.00
CA GLU G 308 -35.96 -55.36 43.03
C GLU G 308 -35.44 -54.04 43.61
N MET G 309 -35.33 -53.01 42.77
CA MET G 309 -34.86 -51.72 43.26
C MET G 309 -35.89 -51.04 44.15
N ILE G 310 -37.18 -51.23 43.86
CA ILE G 310 -38.22 -50.59 44.66
C ILE G 310 -38.43 -51.32 45.98
N ASP G 311 -38.18 -52.64 46.01
CA ASP G 311 -38.38 -53.38 47.26
C ASP G 311 -37.28 -53.09 48.27
N ASP G 312 -36.08 -52.73 47.80
CA ASP G 312 -35.01 -52.38 48.72
C ASP G 312 -35.31 -51.11 49.49
N VAL G 313 -35.95 -50.13 48.82
CA VAL G 313 -36.31 -48.89 49.49
C VAL G 313 -37.46 -49.13 50.47
N LYS G 314 -38.45 -49.93 50.08
CA LYS G 314 -39.57 -50.21 50.97
C LYS G 314 -39.16 -51.09 52.14
N LYS G 315 -38.13 -51.94 51.96
CA LYS G 315 -37.67 -52.78 53.06
C LYS G 315 -36.98 -51.96 54.13
N ALA G 316 -36.15 -51.00 53.73
CA ALA G 316 -35.46 -50.13 54.68
C ALA G 316 -36.32 -48.96 55.15
N GLY G 317 -37.44 -48.68 54.47
CA GLY G 317 -38.29 -47.60 54.87
C GLY G 317 -37.86 -46.23 54.40
N ALA G 318 -36.96 -46.16 53.41
CA ALA G 318 -36.50 -44.88 52.91
C ALA G 318 -37.61 -44.16 52.16
N ASP G 319 -37.48 -42.84 52.04
CA ASP G 319 -38.48 -42.01 51.38
C ASP G 319 -37.87 -41.24 50.22
N VAL G 320 -37.04 -40.24 50.48
CA VAL G 320 -36.44 -39.42 49.42
C VAL G 320 -35.11 -40.04 49.02
N VAL G 321 -34.91 -40.22 47.71
CA VAL G 321 -33.69 -40.80 47.16
C VAL G 321 -33.08 -39.80 46.20
N ILE G 322 -31.79 -39.51 46.38
CA ILE G 322 -31.06 -38.58 45.54
C ILE G 322 -29.84 -39.28 44.97
N CYS G 323 -29.46 -38.86 43.75
CA CYS G 323 -28.38 -39.52 43.03
C CYS G 323 -27.78 -38.56 42.02
N GLN G 324 -26.60 -38.92 41.52
CA GLN G 324 -25.88 -38.05 40.60
C GLN G 324 -26.56 -37.98 39.23
N TRP G 325 -26.98 -39.12 38.69
CA TRP G 325 -27.55 -39.20 37.36
C TRP G 325 -29.07 -39.35 37.43
N GLY G 326 -29.76 -38.76 36.45
CA GLY G 326 -31.20 -38.78 36.45
C GLY G 326 -31.76 -40.18 36.28
N PHE G 327 -32.94 -40.40 36.85
CA PHE G 327 -33.61 -41.68 36.75
C PHE G 327 -34.16 -41.89 35.35
N ASP G 328 -34.40 -43.16 35.02
CA ASP G 328 -35.03 -43.50 33.75
C ASP G 328 -36.51 -43.12 33.78
N ASP G 329 -37.09 -43.01 32.58
CA ASP G 329 -38.50 -42.65 32.48
C ASP G 329 -39.40 -43.67 33.18
N GLU G 330 -38.99 -44.93 33.22
CA GLU G 330 -39.76 -45.94 33.92
C GLU G 330 -39.55 -45.88 35.43
N ALA G 331 -38.38 -45.38 35.87
CA ALA G 331 -38.09 -45.29 37.30
C ALA G 331 -38.69 -44.04 37.94
N ASN G 332 -39.12 -43.05 37.14
CA ASN G 332 -39.71 -41.85 37.70
C ASN G 332 -41.08 -42.14 38.31
N HIS G 333 -41.97 -42.77 37.54
CA HIS G 333 -43.30 -43.07 38.04
C HIS G 333 -43.32 -44.27 38.98
N LEU G 334 -42.32 -45.15 38.90
CA LEU G 334 -42.25 -46.28 39.82
C LEU G 334 -42.14 -45.81 41.27
N LEU G 335 -41.44 -44.70 41.50
CA LEU G 335 -41.33 -44.14 42.84
C LEU G 335 -42.55 -43.32 43.23
N LEU G 336 -43.39 -42.95 42.25
CA LEU G 336 -44.57 -42.14 42.55
C LEU G 336 -45.70 -42.98 43.12
N GLN G 337 -45.88 -44.21 42.63
CA GLN G 337 -46.96 -45.06 43.10
C GLN G 337 -46.76 -45.47 44.56
N ASN G 338 -45.50 -45.56 45.00
CA ASN G 338 -45.18 -45.94 46.37
C ASN G 338 -45.07 -44.75 47.31
N ASP G 339 -45.38 -43.55 46.82
CA ASP G 339 -45.26 -42.31 47.61
C ASP G 339 -43.83 -42.14 48.10
N LEU G 340 -42.88 -42.18 47.15
CA LEU G 340 -41.45 -42.07 47.44
C LEU G 340 -40.87 -40.94 46.60
N PRO G 341 -40.84 -39.72 47.13
CA PRO G 341 -40.23 -38.60 46.38
C PRO G 341 -38.78 -38.88 46.06
N ALA G 342 -38.29 -38.20 45.02
CA ALA G 342 -36.92 -38.37 44.58
C ALA G 342 -36.43 -37.10 43.91
N VAL G 343 -35.12 -36.90 43.94
CA VAL G 343 -34.45 -35.78 43.30
C VAL G 343 -33.29 -36.32 42.48
N ARG G 344 -33.14 -35.82 41.27
CA ARG G 344 -32.15 -36.32 40.33
C ARG G 344 -31.22 -35.19 39.88
N TRP G 345 -30.09 -35.60 39.30
CA TRP G 345 -29.08 -34.67 38.79
C TRP G 345 -28.53 -33.77 39.90
N VAL G 346 -28.15 -34.41 41.01
CA VAL G 346 -27.54 -33.71 42.15
C VAL G 346 -26.03 -33.85 42.03
N GLY G 347 -25.31 -32.74 42.23
CA GLY G 347 -23.88 -32.78 42.11
C GLY G 347 -23.23 -33.65 43.17
N GLY G 348 -21.99 -34.06 42.88
CA GLY G 348 -21.27 -34.92 43.81
C GLY G 348 -20.94 -34.23 45.11
N GLN G 349 -20.59 -32.94 45.05
CA GLN G 349 -20.28 -32.19 46.27
C GLN G 349 -21.54 -31.94 47.09
N GLU G 350 -22.70 -31.81 46.43
CA GLU G 350 -23.93 -31.58 47.16
C GLU G 350 -24.40 -32.82 47.89
N LEU G 351 -24.04 -34.01 47.40
CA LEU G 351 -24.43 -35.25 48.08
C LEU G 351 -23.75 -35.40 49.42
N GLU G 352 -22.50 -34.93 49.54
CA GLU G 352 -21.75 -35.15 50.77
C GLU G 352 -22.22 -34.22 51.90
N HIS G 353 -22.57 -32.99 51.56
CA HIS G 353 -23.01 -32.03 52.58
C HIS G 353 -24.36 -32.40 53.18
N ILE G 354 -25.16 -33.21 52.47
CA ILE G 354 -26.48 -33.58 53.00
C ILE G 354 -26.36 -34.66 54.06
N ALA G 355 -25.48 -35.66 53.84
CA ALA G 355 -25.36 -36.77 54.77
C ALA G 355 -24.82 -36.35 56.13
N ILE G 356 -24.13 -35.21 56.21
CA ILE G 356 -23.58 -34.76 57.48
C ILE G 356 -24.69 -34.19 58.37
N SER G 357 -25.54 -33.34 57.80
CA SER G 357 -26.61 -32.74 58.58
C SER G 357 -27.66 -33.76 59.00
N THR G 358 -27.80 -34.84 58.23
CA THR G 358 -28.80 -35.87 58.52
C THR G 358 -28.24 -37.03 59.34
N ASN G 359 -26.96 -36.97 59.72
CA ASN G 359 -26.30 -38.02 60.50
C ASN G 359 -26.38 -39.37 59.81
N GLY G 360 -26.47 -39.37 58.48
CA GLY G 360 -26.53 -40.58 57.69
C GLY G 360 -25.24 -40.88 56.95
N ARG G 361 -25.25 -42.03 56.27
CA ARG G 361 -24.13 -42.48 55.48
C ARG G 361 -24.62 -42.75 54.05
N ILE G 362 -23.82 -42.33 53.08
CA ILE G 362 -24.21 -42.50 51.68
C ILE G 362 -24.11 -43.97 51.31
N VAL G 363 -25.18 -44.51 50.74
CA VAL G 363 -25.29 -45.93 50.41
C VAL G 363 -24.60 -46.20 49.08
N PRO G 364 -23.49 -46.94 49.06
CA PRO G 364 -22.77 -47.13 47.78
C PRO G 364 -23.52 -48.00 46.78
N ARG G 365 -24.21 -49.05 47.22
CA ARG G 365 -24.87 -49.97 46.31
C ARG G 365 -26.21 -50.39 46.89
N PHE G 366 -27.06 -50.95 46.02
CA PHE G 366 -28.40 -51.32 46.42
C PHE G 366 -28.40 -52.42 47.48
N GLN G 367 -27.38 -53.28 47.48
CA GLN G 367 -27.32 -54.37 48.44
C GLN G 367 -26.89 -53.90 49.83
N ASP G 368 -26.25 -52.74 49.94
CA ASP G 368 -25.80 -52.22 51.22
C ASP G 368 -26.80 -51.28 51.88
N LEU G 369 -27.98 -51.09 51.27
CA LEU G 369 -28.97 -50.19 51.85
C LEU G 369 -29.51 -50.76 53.15
N SER G 370 -29.48 -49.93 54.20
CA SER G 370 -29.93 -50.35 55.52
C SER G 370 -30.47 -49.14 56.27
N LYS G 371 -31.22 -49.41 57.33
CA LYS G 371 -31.82 -48.35 58.13
C LYS G 371 -30.78 -47.52 58.86
N ASP G 372 -29.58 -48.06 59.10
CA ASP G 372 -28.55 -47.31 59.81
C ASP G 372 -27.93 -46.22 58.95
N LYS G 373 -28.00 -46.36 57.62
CA LYS G 373 -27.45 -45.36 56.71
C LYS G 373 -28.48 -44.32 56.28
N LEU G 374 -29.70 -44.39 56.78
CA LEU G 374 -30.74 -43.45 56.39
C LEU G 374 -30.61 -42.15 57.18
N GLY G 375 -30.95 -41.04 56.51
CA GLY G 375 -30.85 -39.73 57.11
C GLY G 375 -32.08 -39.34 57.90
N THR G 376 -32.01 -38.14 58.48
CA THR G 376 -33.09 -37.61 59.30
C THR G 376 -33.31 -36.14 58.95
N CYS G 377 -34.55 -35.79 58.60
CA CYS G 377 -34.91 -34.43 58.27
C CYS G 377 -36.22 -34.08 58.95
N SER G 378 -36.28 -32.90 59.56
CA SER G 378 -37.50 -32.48 60.24
C SER G 378 -38.60 -32.15 59.25
N ARG G 379 -38.33 -31.27 58.30
CA ARG G 379 -39.31 -30.90 57.29
C ARG G 379 -38.59 -30.56 55.99
N ILE G 380 -39.19 -30.94 54.87
CA ILE G 380 -38.67 -30.63 53.54
C ILE G 380 -39.83 -30.19 52.67
N TYR G 381 -39.77 -28.96 52.16
CA TYR G 381 -40.80 -28.43 51.28
C TYR G 381 -40.15 -27.83 50.04
N GLU G 382 -40.97 -27.61 49.01
CA GLU G 382 -40.51 -27.22 47.69
C GLU G 382 -40.76 -25.72 47.52
N GLN G 383 -39.68 -24.94 47.48
CA GLN G 383 -39.78 -23.49 47.40
C GLN G 383 -39.95 -23.03 45.96
N GLU G 384 -40.72 -21.96 45.79
CA GLU G 384 -40.95 -21.33 44.49
C GLU G 384 -40.74 -19.83 44.62
N PHE G 385 -40.15 -19.23 43.57
CA PHE G 385 -39.79 -17.82 43.59
C PHE G 385 -40.52 -17.09 42.46
N GLY G 386 -41.46 -16.23 42.84
CA GLY G 386 -42.11 -15.32 41.91
C GLY G 386 -42.66 -16.00 40.68
N THR G 387 -42.56 -15.30 39.53
CA THR G 387 -43.03 -15.82 38.26
C THR G 387 -41.99 -16.66 37.54
N THR G 388 -40.72 -16.60 37.95
CA THR G 388 -39.71 -17.44 37.34
C THR G 388 -39.92 -18.90 37.70
N LYS G 389 -39.38 -19.78 36.87
CA LYS G 389 -39.56 -21.21 37.05
C LYS G 389 -38.30 -21.79 37.69
N ASP G 390 -38.39 -22.11 38.97
CA ASP G 390 -37.30 -22.77 39.69
C ASP G 390 -37.89 -23.43 40.93
N ARG G 391 -37.17 -24.42 41.45
CA ARG G 391 -37.58 -25.11 42.67
C ARG G 391 -36.36 -25.29 43.56
N MET G 392 -36.40 -24.72 44.75
CA MET G 392 -35.30 -24.79 45.70
C MET G 392 -35.69 -25.73 46.84
N LEU G 393 -34.81 -26.69 47.14
CA LEU G 393 -35.04 -27.64 48.21
C LEU G 393 -34.52 -27.08 49.53
N ILE G 394 -35.34 -27.15 50.57
CA ILE G 394 -35.01 -26.62 51.89
C ILE G 394 -35.11 -27.76 52.89
N ILE G 395 -33.98 -28.11 53.50
CA ILE G 395 -33.93 -29.12 54.56
C ILE G 395 -33.85 -28.39 55.89
N GLU G 396 -34.67 -28.81 56.85
CA GLU G 396 -34.70 -28.19 58.16
C GLU G 396 -34.49 -29.23 59.25
N GLN G 397 -33.93 -28.78 60.37
CA GLN G 397 -33.67 -29.64 61.52
C GLN G 397 -34.25 -28.97 62.76
N SER G 398 -35.15 -29.69 63.44
CA SER G 398 -35.74 -29.15 64.67
C SER G 398 -34.76 -29.13 65.83
N LYS G 399 -33.62 -29.80 65.72
CA LYS G 399 -32.61 -29.83 66.75
C LYS G 399 -31.27 -29.39 66.17
N GLU G 400 -30.34 -29.06 67.06
CA GLU G 400 -29.02 -28.64 66.64
C GLU G 400 -28.33 -29.75 65.85
N THR G 401 -27.86 -29.41 64.66
CA THR G 401 -27.24 -30.35 63.74
C THR G 401 -25.79 -29.95 63.48
N LYS G 402 -25.13 -30.72 62.62
CA LYS G 402 -23.69 -30.53 62.41
C LYS G 402 -23.37 -29.37 61.49
N THR G 403 -24.25 -29.05 60.53
CA THR G 403 -23.97 -28.02 59.53
C THR G 403 -25.02 -26.93 59.55
N VAL G 404 -24.66 -25.78 59.01
CA VAL G 404 -25.55 -24.65 58.83
C VAL G 404 -25.41 -24.13 57.41
N THR G 405 -26.42 -23.39 56.97
CA THR G 405 -26.44 -22.83 55.62
C THR G 405 -27.00 -21.42 55.66
N CYS G 406 -26.32 -20.49 55.00
CA CYS G 406 -26.73 -19.09 54.97
C CYS G 406 -27.67 -18.85 53.79
N PHE G 407 -28.81 -18.23 54.06
CA PHE G 407 -29.82 -17.90 53.06
C PHE G 407 -29.91 -16.39 52.96
N VAL G 408 -29.49 -15.84 51.82
CA VAL G 408 -29.39 -14.40 51.61
C VAL G 408 -30.25 -14.01 50.42
N ARG G 409 -30.99 -12.92 50.56
CA ARG G 409 -31.82 -12.36 49.50
C ARG G 409 -31.44 -10.90 49.28
N GLY G 410 -31.84 -10.38 48.13
CA GLY G 410 -31.56 -8.99 47.81
C GLY G 410 -32.31 -8.55 46.58
N SER G 411 -32.51 -7.23 46.48
CA SER G 411 -33.24 -6.64 45.36
C SER G 411 -32.38 -6.50 44.11
N ASN G 412 -31.09 -6.78 44.18
CA ASN G 412 -30.20 -6.68 43.05
C ASN G 412 -29.22 -7.85 43.08
N LYS G 413 -28.77 -8.25 41.88
CA LYS G 413 -27.81 -9.36 41.80
C LYS G 413 -26.50 -9.02 42.48
N MET G 414 -26.09 -7.75 42.43
CA MET G 414 -24.85 -7.33 43.09
C MET G 414 -25.05 -7.17 44.60
N ILE G 415 -26.23 -6.74 45.04
CA ILE G 415 -26.49 -6.62 46.47
C ILE G 415 -26.44 -7.99 47.13
N VAL G 416 -26.94 -9.02 46.43
CA VAL G 416 -26.83 -10.38 46.95
C VAL G 416 -25.37 -10.79 47.06
N ASP G 417 -24.59 -10.55 46.00
CA ASP G 417 -23.17 -10.90 46.03
C ASP G 417 -22.41 -10.04 47.03
N GLU G 418 -22.82 -8.79 47.23
CA GLU G 418 -22.17 -7.95 48.23
C GLU G 418 -22.54 -8.40 49.64
N ALA G 419 -23.79 -8.81 49.85
CA ALA G 419 -24.18 -9.35 51.15
C ALA G 419 -23.50 -10.67 51.45
N GLU G 420 -23.09 -11.41 50.42
CA GLU G 420 -22.31 -12.63 50.64
C GLU G 420 -20.93 -12.31 51.20
N ARG G 421 -20.22 -11.38 50.57
CA ARG G 421 -18.91 -10.99 51.06
C ARG G 421 -19.00 -10.25 52.39
N ALA G 422 -20.10 -9.53 52.62
CA ALA G 422 -20.29 -8.88 53.91
C ALA G 422 -20.56 -9.90 55.02
N LEU G 423 -21.36 -10.92 54.73
CA LEU G 423 -21.61 -11.97 55.71
C LEU G 423 -20.40 -12.89 55.86
N HIS G 424 -19.65 -13.10 54.78
CA HIS G 424 -18.45 -13.92 54.86
C HIS G 424 -17.40 -13.27 55.75
N ASP G 425 -17.22 -11.96 55.63
CA ASP G 425 -16.28 -11.25 56.49
C ASP G 425 -16.72 -11.28 57.95
N SER G 426 -18.04 -11.27 58.20
CA SER G 426 -18.54 -11.36 59.56
C SER G 426 -18.25 -12.73 60.17
N LEU G 427 -18.36 -13.80 59.35
CA LEU G 427 -18.04 -15.13 59.84
C LEU G 427 -16.54 -15.28 60.08
N CYS G 428 -15.72 -14.54 59.35
CA CYS G 428 -14.27 -14.60 59.55
C CYS G 428 -13.84 -13.89 60.83
N VAL G 429 -14.63 -12.93 61.31
CA VAL G 429 -14.30 -12.26 62.57
C VAL G 429 -14.71 -13.12 63.76
N VAL G 430 -15.84 -13.83 63.64
CA VAL G 430 -16.31 -14.66 64.74
C VAL G 430 -15.35 -15.84 64.96
N ARG G 431 -14.86 -16.44 63.88
CA ARG G 431 -13.95 -17.58 64.02
C ARG G 431 -12.62 -17.16 64.62
N ASN G 432 -12.22 -15.90 64.48
CA ASN G 432 -10.98 -15.44 65.10
C ASN G 432 -11.10 -15.41 66.62
N LEU G 433 -12.30 -15.17 67.14
CA LEU G 433 -12.52 -15.18 68.58
C LEU G 433 -12.65 -16.59 69.14
N VAL G 434 -12.87 -17.59 68.28
CA VAL G 434 -13.01 -18.96 68.75
C VAL G 434 -11.64 -19.54 69.11
N LYS G 435 -10.65 -19.35 68.24
CA LYS G 435 -9.31 -19.88 68.51
C LYS G 435 -8.59 -19.03 69.55
N ASP G 436 -8.62 -17.71 69.39
CA ASP G 436 -7.98 -16.78 70.31
C ASP G 436 -9.05 -15.85 70.88
N SER G 437 -9.31 -15.98 72.18
CA SER G 437 -10.30 -15.14 72.85
C SER G 437 -9.81 -13.72 73.10
N ARG G 438 -8.52 -13.46 72.90
CA ARG G 438 -7.98 -12.13 73.15
C ARG G 438 -8.47 -11.15 72.08
N VAL G 439 -9.08 -10.06 72.53
CA VAL G 439 -9.65 -9.06 71.63
C VAL G 439 -9.18 -7.68 72.05
N VAL G 440 -9.19 -6.75 71.10
CA VAL G 440 -8.79 -5.37 71.32
C VAL G 440 -9.90 -4.46 70.81
N TYR G 441 -9.83 -3.20 71.24
CA TYR G 441 -10.80 -2.18 70.84
C TYR G 441 -10.25 -1.38 69.68
N GLY G 442 -10.89 -1.48 68.53
CA GLY G 442 -10.48 -0.78 67.33
C GLY G 442 -11.04 0.61 67.24
N GLY G 443 -11.11 1.12 66.01
CA GLY G 443 -11.62 2.44 65.77
C GLY G 443 -10.68 3.54 66.24
N GLY G 444 -9.40 3.42 65.87
CA GLY G 444 -8.40 4.39 66.26
C GLY G 444 -7.82 4.20 67.66
N ALA G 445 -8.39 3.31 68.47
CA ALA G 445 -7.87 3.11 69.81
C ALA G 445 -6.62 2.25 69.83
N ALA G 446 -6.57 1.21 68.98
CA ALA G 446 -5.42 0.32 68.96
C ALA G 446 -4.23 0.93 68.23
N GLU G 447 -4.46 1.72 67.19
CA GLU G 447 -3.36 2.29 66.43
C GLU G 447 -2.62 3.36 67.24
N VAL G 448 -3.36 4.22 67.95
CA VAL G 448 -2.73 5.26 68.74
C VAL G 448 -2.02 4.66 69.95
N THR G 449 -2.58 3.59 70.54
CA THR G 449 -1.93 2.95 71.68
C THR G 449 -0.57 2.37 71.29
N MET G 450 -0.48 1.75 70.12
CA MET G 450 0.79 1.21 69.64
C MET G 450 1.70 2.27 69.05
N SER G 451 1.16 3.42 68.66
CA SER G 451 1.98 4.48 68.08
C SER G 451 2.78 5.21 69.15
N LEU G 452 2.16 5.54 70.28
CA LEU G 452 2.86 6.25 71.34
C LEU G 452 3.88 5.38 72.04
N ALA G 453 3.72 4.05 71.99
CA ALA G 453 4.72 3.16 72.60
C ALA G 453 6.04 3.23 71.87
N VAL G 454 6.03 3.43 70.55
CA VAL G 454 7.27 3.53 69.80
C VAL G 454 7.92 4.90 69.99
N SER G 455 7.11 5.95 70.12
CA SER G 455 7.66 7.29 70.31
C SER G 455 8.35 7.43 71.65
N GLU G 456 7.88 6.72 72.68
CA GLU G 456 8.52 6.79 73.99
C GLU G 456 9.87 6.08 73.99
N GLU G 457 10.01 5.01 73.20
CA GLU G 457 11.27 4.28 73.12
C GLU G 457 12.25 4.91 72.14
N ALA G 458 11.81 5.85 71.30
CA ALA G 458 12.72 6.48 70.35
C ALA G 458 13.60 7.52 71.03
N ASP G 459 13.05 8.26 71.99
CA ASP G 459 13.82 9.29 72.69
C ASP G 459 14.76 8.71 73.73
N LYS G 460 14.49 7.50 74.22
CA LYS G 460 15.35 6.89 75.24
C LYS G 460 16.63 6.34 74.61
N GLN G 461 16.50 5.62 73.50
CA GLN G 461 17.69 5.03 72.86
C GLN G 461 18.47 6.05 72.05
N ARG G 462 17.80 7.00 71.43
CA ARG G 462 18.42 8.03 70.58
C ARG G 462 19.15 7.30 69.46
N GLY G 463 20.39 7.66 69.14
CA GLY G 463 21.12 6.99 68.08
C GLY G 463 20.59 7.33 66.70
N ILE G 464 21.02 6.51 65.73
CA ILE G 464 20.60 6.69 64.35
C ILE G 464 19.27 6.01 64.05
N ASP G 465 18.75 5.20 64.95
CA ASP G 465 17.48 4.50 64.75
C ASP G 465 16.28 5.29 65.26
N GLN G 466 16.49 6.49 65.80
CA GLN G 466 15.37 7.28 66.30
C GLN G 466 14.51 7.81 65.15
N TYR G 467 15.10 7.99 63.97
CA TYR G 467 14.32 8.46 62.82
C TYR G 467 13.47 7.36 62.22
N ALA G 468 13.95 6.11 62.26
CA ALA G 468 13.15 4.99 61.76
C ALA G 468 12.01 4.65 62.71
N PHE G 469 12.17 4.95 64.00
CA PHE G 469 11.10 4.70 64.96
C PHE G 469 10.01 5.76 64.87
N ARG G 470 10.39 7.03 64.71
CA ARG G 470 9.40 8.08 64.57
C ARG G 470 8.62 7.95 63.27
N GLY G 471 9.26 7.48 62.20
CA GLY G 471 8.56 7.25 60.96
C GLY G 471 7.55 6.12 61.05
N PHE G 472 7.83 5.13 61.89
CA PHE G 472 6.87 4.05 62.12
C PHE G 472 5.72 4.48 63.01
N ALA G 473 5.98 5.38 63.97
CA ALA G 473 4.92 5.87 64.83
C ALA G 473 3.99 6.82 64.09
N GLN G 474 4.55 7.68 63.23
CA GLN G 474 3.71 8.58 62.45
C GLN G 474 2.92 7.83 61.38
N ALA G 475 3.42 6.67 60.95
CA ALA G 475 2.67 5.88 59.97
C ALA G 475 1.47 5.20 60.61
N LEU G 476 1.57 4.83 61.88
CA LEU G 476 0.43 4.24 62.58
C LEU G 476 -0.66 5.27 62.82
N ASP G 477 -0.31 6.56 62.89
CA ASP G 477 -1.27 7.62 63.09
C ASP G 477 -2.09 7.93 61.84
N THR G 478 -1.75 7.33 60.69
CA THR G 478 -2.51 7.59 59.48
C THR G 478 -3.87 6.93 59.50
N ILE G 479 -4.00 5.79 60.18
CA ILE G 479 -5.26 5.07 60.27
C ILE G 479 -6.29 5.86 61.07
N PRO G 480 -5.99 6.35 62.28
CA PRO G 480 -7.00 7.14 63.00
C PRO G 480 -7.29 8.48 62.34
N MET G 481 -6.31 9.07 61.63
CA MET G 481 -6.58 10.31 60.92
C MET G 481 -7.43 10.07 59.68
N THR G 482 -7.34 8.87 59.09
CA THR G 482 -8.18 8.55 57.94
C THR G 482 -9.63 8.35 58.38
N LEU G 483 -9.85 7.70 59.52
CA LEU G 483 -11.20 7.49 60.01
C LEU G 483 -11.87 8.82 60.38
N ALA G 484 -11.09 9.78 60.89
CA ALA G 484 -11.65 11.08 61.24
C ALA G 484 -11.87 11.95 60.00
N GLU G 485 -11.05 11.79 58.97
CA GLU G 485 -11.20 12.61 57.77
C GLU G 485 -12.43 12.18 56.97
N ASN G 486 -12.66 10.87 56.84
CA ASN G 486 -13.83 10.39 56.12
C ASN G 486 -15.13 10.66 56.86
N SER G 487 -15.08 10.81 58.18
CA SER G 487 -16.26 11.08 58.99
C SER G 487 -16.54 12.58 59.15
N GLY G 488 -15.68 13.44 58.60
CA GLY G 488 -15.85 14.86 58.71
C GLY G 488 -15.13 15.52 59.86
N LEU G 489 -14.60 14.74 60.81
CA LEU G 489 -13.90 15.30 61.94
C LEU G 489 -12.54 15.85 61.50
N ASP G 490 -11.99 16.75 62.32
CA ASP G 490 -10.70 17.35 62.03
C ASP G 490 -9.60 16.39 62.43
N PRO G 491 -8.75 15.94 61.50
CA PRO G 491 -7.66 15.03 61.90
C PRO G 491 -6.69 15.63 62.89
N ILE G 492 -6.54 16.96 62.90
CA ILE G 492 -5.64 17.60 63.84
C ILE G 492 -6.21 17.57 65.26
N GLY G 493 -7.49 17.94 65.39
CA GLY G 493 -8.11 17.92 66.71
C GLY G 493 -8.37 16.53 67.23
N THR G 494 -8.56 15.56 66.33
CA THR G 494 -8.81 14.19 66.76
C THR G 494 -7.53 13.51 67.23
N LEU G 495 -6.44 13.67 66.48
CA LEU G 495 -5.19 13.03 66.86
C LEU G 495 -4.62 13.61 68.14
N SER G 496 -4.73 14.92 68.32
CA SER G 496 -4.23 15.56 69.54
C SER G 496 -5.08 15.17 70.76
N THR G 497 -6.36 14.89 70.56
CA THR G 497 -7.20 14.48 71.68
C THR G 497 -6.90 13.06 72.11
N LEU G 498 -6.61 12.18 71.15
CA LEU G 498 -6.33 10.78 71.50
C LEU G 498 -5.01 10.66 72.28
N LYS G 499 -3.98 11.40 71.86
CA LYS G 499 -2.70 11.34 72.55
C LYS G 499 -2.78 11.94 73.95
N SER G 500 -3.73 12.84 74.20
CA SER G 500 -3.86 13.42 75.53
C SER G 500 -4.45 12.42 76.51
N LYS G 501 -5.50 11.70 76.10
CA LYS G 501 -6.14 10.74 77.00
C LYS G 501 -5.35 9.44 77.10
N GLN G 502 -4.54 9.12 76.07
CA GLN G 502 -3.76 7.89 76.11
C GLN G 502 -2.52 8.04 76.99
N LEU G 503 -1.88 9.21 76.96
CA LEU G 503 -0.68 9.43 77.76
C LEU G 503 -1.04 9.67 79.22
N LYS G 504 -2.03 10.54 79.47
CA LYS G 504 -2.40 10.87 80.84
C LYS G 504 -3.10 9.68 81.52
N GLU G 505 -4.12 9.14 80.88
CA GLU G 505 -4.88 8.02 81.44
C GLU G 505 -4.41 6.72 80.80
N LYS G 506 -4.27 5.68 81.65
CA LYS G 506 -3.82 4.38 81.17
C LYS G 506 -4.88 3.64 80.37
N ILE G 507 -6.11 4.15 80.30
CA ILE G 507 -7.18 3.49 79.57
C ILE G 507 -6.96 3.70 78.07
N SER G 508 -6.87 2.60 77.34
CA SER G 508 -6.66 2.62 75.89
C SER G 508 -7.95 2.57 75.10
N ASN G 509 -9.10 2.57 75.78
CA ASN G 509 -10.39 2.44 75.09
C ASN G 509 -10.76 3.68 74.28
N ILE G 510 -10.05 4.79 74.44
CA ILE G 510 -10.35 6.01 73.71
C ILE G 510 -9.89 5.85 72.26
N GLY G 511 -10.77 6.13 71.31
CA GLY G 511 -10.46 5.99 69.91
C GLY G 511 -11.31 6.92 69.07
N VAL G 512 -11.10 6.82 67.75
CA VAL G 512 -11.82 7.68 66.81
C VAL G 512 -13.27 7.21 66.73
N ASP G 513 -14.20 8.16 66.77
CA ASP G 513 -15.63 7.89 66.65
C ASP G 513 -16.09 8.42 65.30
N CYS G 514 -16.42 7.50 64.38
CA CYS G 514 -16.85 7.89 63.05
C CYS G 514 -18.32 8.25 62.98
N LEU G 515 -19.14 7.79 63.94
CA LEU G 515 -20.57 8.04 63.91
C LEU G 515 -20.98 9.31 64.65
N GLY G 516 -20.06 9.94 65.38
CA GLY G 516 -20.34 11.22 65.99
C GLY G 516 -21.09 11.17 67.31
N TYR G 517 -20.90 10.13 68.10
CA TYR G 517 -21.50 10.09 69.43
C TYR G 517 -20.78 11.06 70.36
N GLY G 518 -21.46 11.45 71.43
CA GLY G 518 -20.92 12.39 72.39
C GLY G 518 -19.75 11.86 73.21
N SER G 519 -19.43 10.58 73.09
CA SER G 519 -18.34 9.96 73.84
C SER G 519 -17.37 9.28 72.88
N ASN G 520 -16.08 9.42 73.17
CA ASN G 520 -15.05 8.79 72.37
C ASN G 520 -14.67 7.41 72.87
N ASP G 521 -15.35 6.90 73.89
CA ASP G 521 -15.04 5.58 74.42
C ASP G 521 -15.51 4.50 73.47
N MET G 522 -14.59 3.61 73.08
CA MET G 522 -14.94 2.51 72.19
C MET G 522 -15.58 1.34 72.91
N LYS G 523 -15.46 1.29 74.25
CA LYS G 523 -16.07 0.21 75.01
C LYS G 523 -17.57 0.40 75.16
N GLU G 524 -18.02 1.64 75.38
CA GLU G 524 -19.44 1.91 75.52
C GLU G 524 -20.18 1.83 74.19
N LEU G 525 -19.46 1.89 73.07
CA LEU G 525 -20.06 1.82 71.74
C LEU G 525 -20.14 0.39 71.21
N PHE G 526 -19.72 -0.60 72.01
CA PHE G 526 -19.78 -2.01 71.63
C PHE G 526 -18.95 -2.28 70.38
N VAL G 527 -17.77 -1.67 70.30
CA VAL G 527 -16.84 -1.87 69.19
C VAL G 527 -15.71 -2.75 69.70
N VAL G 528 -15.67 -3.99 69.20
CA VAL G 528 -14.67 -4.97 69.60
C VAL G 528 -14.11 -5.63 68.35
N ASP G 529 -12.80 -5.73 68.26
CA ASP G 529 -12.11 -6.33 67.13
C ASP G 529 -11.15 -7.40 67.61
N PRO G 530 -10.95 -8.46 66.82
CA PRO G 530 -10.02 -9.51 67.24
C PRO G 530 -8.57 -9.04 67.22
N PHE G 531 -7.78 -9.60 68.14
CA PHE G 531 -6.37 -9.24 68.22
C PHE G 531 -5.57 -9.83 67.08
N ILE G 532 -5.92 -11.03 66.62
CA ILE G 532 -5.18 -11.67 65.54
C ILE G 532 -5.39 -10.92 64.22
N GLY G 533 -6.50 -10.20 64.09
CA GLY G 533 -6.75 -9.41 62.91
C GLY G 533 -5.95 -8.13 62.87
N LYS G 534 -5.86 -7.46 64.02
CA LYS G 534 -5.10 -6.22 64.10
C LYS G 534 -3.60 -6.47 64.16
N LYS G 535 -3.18 -7.63 64.68
CA LYS G 535 -1.76 -7.94 64.73
C LYS G 535 -1.18 -8.15 63.35
N GLN G 536 -1.92 -8.84 62.47
CA GLN G 536 -1.45 -9.08 61.11
C GLN G 536 -1.43 -7.81 60.27
N GLN G 537 -2.09 -6.73 60.70
CA GLN G 537 -2.05 -5.49 59.94
C GLN G 537 -0.65 -4.89 59.92
N ILE G 538 0.03 -4.89 61.06
CA ILE G 538 1.39 -4.37 61.11
C ILE G 538 2.38 -5.39 60.55
N LEU G 539 2.13 -6.68 60.79
CA LEU G 539 3.04 -7.72 60.35
C LEU G 539 3.11 -7.79 58.82
N LEU G 540 1.95 -7.81 58.16
CA LEU G 540 1.93 -7.92 56.70
C LEU G 540 2.41 -6.63 56.04
N ALA G 541 2.19 -5.48 56.68
CA ALA G 541 2.60 -4.22 56.09
C ALA G 541 4.11 -3.98 56.25
N THR G 542 4.66 -4.37 57.40
CA THR G 542 6.08 -4.13 57.66
C THR G 542 6.95 -5.08 56.83
N GLN G 543 6.53 -6.34 56.71
CA GLN G 543 7.34 -7.31 55.98
C GLN G 543 7.34 -7.03 54.48
N LEU G 544 6.27 -6.40 53.96
CA LEU G 544 6.22 -6.12 52.53
C LEU G 544 7.09 -4.93 52.16
N CYS G 545 7.00 -3.84 52.94
CA CYS G 545 7.79 -2.65 52.62
C CYS G 545 9.28 -2.87 52.81
N ARG G 546 9.68 -3.87 53.60
CA ARG G 546 11.10 -4.16 53.76
C ARG G 546 11.70 -4.66 52.46
N MET G 547 10.95 -5.48 51.72
CA MET G 547 11.44 -5.95 50.42
C MET G 547 11.39 -4.84 49.38
N ILE G 548 10.38 -3.95 49.46
CA ILE G 548 10.27 -2.86 48.50
C ILE G 548 11.47 -1.93 48.60
N LEU G 549 11.91 -1.64 49.83
CA LEU G 549 13.11 -0.81 50.02
C LEU G 549 14.36 -1.52 49.54
N LYS G 550 14.35 -2.85 49.46
CA LYS G 550 15.47 -3.63 48.98
C LYS G 550 15.50 -3.76 47.45
N ILE G 551 14.50 -3.24 46.75
CA ILE G 551 14.43 -3.34 45.30
C ILE G 551 15.13 -2.14 44.69
N ASP G 552 16.20 -2.38 43.94
CA ASP G 552 16.93 -1.32 43.26
C ASP G 552 16.79 -1.46 41.75
N ASN G 553 17.42 -2.46 41.15
CA ASN G 553 17.29 -2.68 39.71
C ASN G 553 15.91 -3.24 39.40
N VAL G 554 15.19 -2.56 38.50
CA VAL G 554 13.85 -2.96 38.09
C VAL G 554 13.89 -3.23 36.58
N ILE G 555 13.68 -4.48 36.19
CA ILE G 555 13.67 -4.88 34.79
C ILE G 555 12.25 -5.26 34.44
N ILE G 556 11.60 -4.47 33.58
CA ILE G 556 10.23 -4.69 33.17
C ILE G 556 10.23 -4.90 31.66
N SER G 557 9.77 -6.07 31.23
CA SER G 557 9.70 -6.41 29.81
C SER G 557 8.33 -6.05 29.26
N GLY G 558 8.31 -5.36 28.13
CA GLY G 558 7.04 -4.97 27.54
C GLY G 558 6.35 -6.16 26.89
N LYS G 559 5.02 -6.19 27.06
CA LYS G 559 4.22 -7.28 26.51
C LYS G 559 3.52 -6.84 25.21
N GLU H 24 -28.82 -2.90 -23.93
CA GLU H 24 -27.53 -2.21 -23.93
C GLU H 24 -26.70 -2.64 -25.14
N MET H 25 -26.91 -3.88 -25.58
CA MET H 25 -26.27 -4.50 -26.74
C MET H 25 -24.77 -4.74 -26.56
N GLY H 26 -24.19 -4.34 -25.42
CA GLY H 26 -22.79 -4.62 -25.15
C GLY H 26 -21.86 -3.43 -25.26
N ARG H 27 -22.36 -2.25 -25.60
CA ARG H 27 -21.53 -1.07 -25.68
C ARG H 27 -21.99 -0.03 -24.67
N PRO H 28 -21.08 0.75 -24.11
CA PRO H 28 -21.48 1.77 -23.13
C PRO H 28 -22.37 2.83 -23.76
N PHE H 29 -23.50 3.10 -23.10
CA PHE H 29 -24.48 4.06 -23.57
C PHE H 29 -24.47 5.25 -22.62
N ILE H 30 -23.92 6.37 -23.08
CA ILE H 30 -23.83 7.59 -22.28
C ILE H 30 -24.35 8.74 -23.13
N ILE H 31 -25.49 9.32 -22.73
CA ILE H 31 -26.01 10.49 -23.42
C ILE H 31 -25.33 11.75 -22.93
N VAL H 32 -25.16 11.88 -21.62
CA VAL H 32 -24.68 13.12 -21.00
C VAL H 32 -23.47 12.79 -20.13
N LYS H 33 -22.50 13.72 -20.13
CA LYS H 33 -21.32 13.57 -19.29
C LYS H 33 -21.72 13.46 -17.83
N ASP H 34 -20.92 12.71 -17.06
CA ASP H 34 -21.22 12.39 -15.67
C ASP H 34 -22.56 11.66 -15.56
N GLN H 35 -22.67 10.57 -16.33
CA GLN H 35 -23.89 9.76 -16.34
C GLN H 35 -24.24 9.26 -14.94
N GLY H 36 -23.38 8.42 -14.38
CA GLY H 36 -23.65 7.84 -13.06
C GLY H 36 -23.68 8.84 -11.93
N ASN H 37 -23.14 10.04 -12.14
CA ASN H 37 -23.12 11.05 -11.08
C ASN H 37 -24.50 11.66 -10.90
N LYS H 38 -25.17 12.01 -11.99
CA LYS H 38 -26.48 12.65 -11.93
C LYS H 38 -27.58 11.61 -11.74
N LYS H 39 -28.62 12.00 -11.01
CA LYS H 39 -29.77 11.15 -10.75
C LYS H 39 -31.02 11.79 -11.31
N ARG H 40 -32.03 10.95 -11.55
CA ARG H 40 -33.29 11.40 -12.15
C ARG H 40 -34.46 10.94 -11.29
N GLN H 41 -35.38 11.85 -11.02
CA GLN H 41 -36.58 11.56 -10.24
C GLN H 41 -37.81 11.86 -11.08
N HIS H 42 -38.80 10.98 -11.02
CA HIS H 42 -40.00 11.12 -11.83
C HIS H 42 -41.15 10.39 -11.15
N GLY H 43 -42.36 10.72 -11.58
CA GLY H 43 -43.53 10.04 -11.08
C GLY H 43 -44.00 10.57 -9.73
N LEU H 44 -44.70 9.71 -8.99
CA LEU H 44 -45.20 10.10 -7.68
C LEU H 44 -44.07 10.28 -6.67
N GLU H 45 -42.98 9.52 -6.82
CA GLU H 45 -41.86 9.63 -5.89
C GLU H 45 -41.19 11.00 -5.99
N ALA H 46 -41.22 11.62 -7.17
CA ALA H 46 -40.65 12.95 -7.32
C ALA H 46 -41.51 14.01 -6.65
N LYS H 47 -42.82 13.82 -6.64
CA LYS H 47 -43.72 14.77 -5.99
C LYS H 47 -43.69 14.60 -4.47
N LYS H 48 -43.58 13.37 -3.99
CA LYS H 48 -43.54 13.13 -2.55
C LYS H 48 -42.28 13.71 -1.92
N SER H 49 -41.15 13.66 -2.65
CA SER H 49 -39.91 14.21 -2.12
C SER H 49 -39.95 15.73 -2.05
N HIS H 50 -40.73 16.36 -2.93
CA HIS H 50 -40.81 17.82 -2.93
C HIS H 50 -41.72 18.33 -1.82
N ILE H 51 -42.80 17.59 -1.52
CA ILE H 51 -43.71 18.01 -0.46
C ILE H 51 -43.06 17.82 0.91
N LEU H 52 -42.38 16.68 1.11
CA LEU H 52 -41.72 16.42 2.38
C LEU H 52 -40.55 17.37 2.60
N ALA H 53 -39.93 17.86 1.51
CA ALA H 53 -38.87 18.85 1.67
C ALA H 53 -39.40 20.17 2.20
N ALA H 54 -40.63 20.54 1.81
CA ALA H 54 -41.24 21.75 2.35
C ALA H 54 -41.79 21.54 3.75
N ARG H 55 -42.24 20.33 4.08
CA ARG H 55 -42.72 20.05 5.42
C ARG H 55 -41.60 20.12 6.44
N SER H 56 -40.39 19.72 6.06
CA SER H 56 -39.25 19.85 6.96
C SER H 56 -38.89 21.31 7.22
N VAL H 57 -39.05 22.16 6.21
CA VAL H 57 -38.78 23.59 6.39
C VAL H 57 -39.93 24.25 7.14
N ALA H 58 -41.17 23.82 6.88
CA ALA H 58 -42.32 24.42 7.53
C ALA H 58 -42.29 24.18 9.04
N SER H 59 -42.14 22.91 9.46
CA SER H 59 -42.13 22.58 10.88
C SER H 59 -41.02 23.31 11.63
N ILE H 60 -39.96 23.72 10.93
CA ILE H 60 -38.94 24.56 11.56
C ILE H 60 -39.45 25.99 11.73
N ILE H 61 -40.11 26.53 10.71
CA ILE H 61 -40.57 27.91 10.76
C ILE H 61 -41.83 28.03 11.62
N LYS H 62 -42.67 26.99 11.66
CA LYS H 62 -43.91 27.07 12.43
C LYS H 62 -43.65 27.22 13.92
N THR H 63 -42.49 26.77 14.40
CA THR H 63 -42.18 26.91 15.81
C THR H 63 -41.82 28.34 16.18
N SER H 64 -41.25 29.10 15.24
CA SER H 64 -40.86 30.47 15.47
C SER H 64 -41.93 31.49 15.06
N LEU H 65 -43.08 31.02 14.57
CA LEU H 65 -44.13 31.93 14.13
C LEU H 65 -44.98 32.36 15.32
N GLY H 66 -45.26 33.67 15.40
CA GLY H 66 -46.06 34.21 16.46
C GLY H 66 -45.23 34.78 17.60
N PRO H 67 -45.85 35.60 18.44
CA PRO H 67 -45.08 36.19 19.57
C PRO H 67 -44.65 35.18 20.60
N ARG H 68 -45.25 34.00 20.62
CA ARG H 68 -44.82 32.93 21.51
C ARG H 68 -43.75 32.04 20.90
N GLY H 69 -43.27 32.35 19.71
CA GLY H 69 -42.27 31.56 19.05
C GLY H 69 -40.93 31.61 19.76
N LEU H 70 -39.99 30.83 19.21
CA LEU H 70 -38.66 30.68 19.80
C LEU H 70 -37.60 30.89 18.73
N ASP H 71 -36.47 31.45 19.16
CA ASP H 71 -35.35 31.71 18.25
C ASP H 71 -34.59 30.41 17.96
N LYS H 72 -33.58 30.50 17.11
CA LYS H 72 -32.80 29.35 16.71
C LYS H 72 -31.35 29.77 16.50
N ILE H 73 -30.42 28.89 16.87
CA ILE H 73 -28.99 29.16 16.75
C ILE H 73 -28.53 28.79 15.34
N LEU H 74 -27.80 29.70 14.71
CA LEU H 74 -27.23 29.49 13.38
C LEU H 74 -25.72 29.46 13.51
N ILE H 75 -25.12 28.29 13.31
CA ILE H 75 -23.67 28.14 13.38
C ILE H 75 -23.09 28.30 11.99
N SER H 76 -22.18 29.26 11.84
CA SER H 76 -21.51 29.49 10.57
C SER H 76 -20.26 28.62 10.47
N PRO H 77 -19.81 28.31 9.24
CA PRO H 77 -18.59 27.51 9.09
C PRO H 77 -17.36 28.15 9.70
N ASP H 78 -17.35 29.47 9.88
CA ASP H 78 -16.22 30.17 10.46
C ASP H 78 -16.25 30.19 11.99
N GLY H 79 -17.31 29.67 12.61
CA GLY H 79 -17.43 29.63 14.04
C GLY H 79 -18.39 30.64 14.63
N GLU H 80 -18.75 31.68 13.87
CA GLU H 80 -19.68 32.68 14.37
C GLU H 80 -21.08 32.09 14.50
N ILE H 81 -21.81 32.54 15.51
CA ILE H 81 -23.15 32.05 15.80
C ILE H 81 -24.15 33.18 15.57
N THR H 82 -25.38 32.79 15.24
CA THR H 82 -26.47 33.73 15.02
C THR H 82 -27.74 33.17 15.62
N ILE H 83 -28.43 33.97 16.44
CA ILE H 83 -29.66 33.55 17.10
C ILE H 83 -30.77 34.47 16.60
N THR H 84 -31.71 33.90 15.84
CA THR H 84 -32.84 34.68 15.32
C THR H 84 -33.99 33.74 15.01
N ASN H 85 -35.20 34.30 15.03
CA ASN H 85 -36.39 33.61 14.55
C ASN H 85 -36.78 34.01 13.14
N ASP H 86 -36.04 34.93 12.52
CA ASP H 86 -36.42 35.46 11.21
C ASP H 86 -36.21 34.39 10.15
N GLY H 87 -37.28 34.09 9.39
CA GLY H 87 -37.20 33.09 8.33
C GLY H 87 -36.24 33.46 7.22
N ALA H 88 -35.99 34.76 7.01
CA ALA H 88 -35.05 35.18 5.98
C ALA H 88 -33.61 34.99 6.43
N THR H 89 -33.32 35.26 7.70
CA THR H 89 -31.96 35.12 8.21
C THR H 89 -31.61 33.66 8.48
N ILE H 90 -32.58 32.88 8.97
CA ILE H 90 -32.32 31.46 9.26
C ILE H 90 -31.99 30.70 7.97
N LEU H 91 -32.78 30.92 6.92
CA LEU H 91 -32.57 30.20 5.67
C LEU H 91 -31.38 30.74 4.89
N SER H 92 -30.98 31.99 5.11
CA SER H 92 -29.86 32.56 4.36
C SER H 92 -28.55 31.87 4.72
N GLN H 93 -28.27 31.71 6.01
CA GLN H 93 -27.06 31.05 6.48
C GLN H 93 -27.23 29.53 6.56
N MET H 94 -28.39 29.01 6.20
CA MET H 94 -28.63 27.57 6.28
C MET H 94 -28.04 26.88 5.06
N GLU H 95 -27.21 25.86 5.31
CA GLU H 95 -26.63 25.06 4.24
C GLU H 95 -27.54 23.88 3.96
N LEU H 96 -28.07 23.82 2.74
CA LEU H 96 -29.04 22.81 2.35
C LEU H 96 -28.48 21.95 1.21
N ASP H 97 -29.28 20.98 0.78
CA ASP H 97 -28.91 20.07 -0.28
C ASP H 97 -30.00 20.04 -1.36
N ASN H 98 -31.20 19.60 -0.98
CA ASN H 98 -32.31 19.56 -1.91
C ASN H 98 -32.61 20.97 -2.42
N GLU H 99 -32.92 21.07 -3.72
CA GLU H 99 -33.17 22.36 -4.34
C GLU H 99 -34.55 22.91 -4.01
N ILE H 100 -35.51 22.05 -3.64
CA ILE H 100 -36.83 22.53 -3.28
C ILE H 100 -36.77 23.33 -1.99
N ALA H 101 -35.97 22.87 -1.02
CA ALA H 101 -35.79 23.64 0.21
C ALA H 101 -34.99 24.92 -0.05
N LYS H 102 -34.17 24.94 -1.09
CA LYS H 102 -33.44 26.15 -1.44
C LYS H 102 -34.34 27.18 -2.09
N LEU H 103 -35.43 26.74 -2.72
CA LEU H 103 -36.40 27.68 -3.28
C LEU H 103 -37.14 28.42 -2.18
N LEU H 104 -37.35 27.78 -1.03
CA LEU H 104 -37.97 28.45 0.10
C LEU H 104 -37.04 29.44 0.76
N VAL H 105 -35.72 29.29 0.55
CA VAL H 105 -34.77 30.26 1.09
C VAL H 105 -34.97 31.63 0.44
N GLN H 106 -35.01 31.66 -0.89
CA GLN H 106 -35.27 32.90 -1.60
C GLN H 106 -36.72 33.36 -1.48
N LEU H 107 -37.62 32.49 -1.00
CA LEU H 107 -38.99 32.92 -0.74
C LEU H 107 -39.03 33.93 0.40
N SER H 108 -38.40 33.60 1.53
CA SER H 108 -38.33 34.55 2.63
C SER H 108 -37.40 35.71 2.30
N LYS H 109 -36.40 35.48 1.45
CA LYS H 109 -35.54 36.58 1.02
C LYS H 109 -36.31 37.57 0.15
N SER H 110 -37.23 37.07 -0.67
CA SER H 110 -38.08 37.97 -1.45
C SER H 110 -39.00 38.79 -0.54
N GLN H 111 -39.39 38.24 0.61
CA GLN H 111 -40.25 38.96 1.53
C GLN H 111 -39.49 40.00 2.34
N ASP H 112 -38.24 39.72 2.70
CA ASP H 112 -37.45 40.65 3.50
C ASP H 112 -36.87 41.79 2.67
N ASP H 113 -36.53 41.54 1.41
CA ASP H 113 -35.87 42.56 0.60
C ASP H 113 -36.84 43.70 0.25
N GLU H 114 -38.06 43.36 -0.17
CA GLU H 114 -39.04 44.37 -0.59
C GLU H 114 -39.83 44.89 0.61
N ILE H 115 -40.72 44.07 1.15
CA ILE H 115 -41.58 44.50 2.24
C ILE H 115 -40.82 44.53 3.56
N GLY H 116 -40.08 43.47 3.86
CA GLY H 116 -39.33 43.38 5.09
C GLY H 116 -40.11 42.88 6.29
N ASP H 117 -41.34 42.39 6.09
CA ASP H 117 -42.16 41.89 7.17
C ASP H 117 -42.91 40.65 6.69
N GLY H 118 -43.12 39.71 7.61
CA GLY H 118 -43.80 38.48 7.28
C GLY H 118 -42.95 37.44 6.59
N THR H 119 -41.67 37.36 6.94
CA THR H 119 -40.79 36.37 6.31
C THR H 119 -41.10 34.96 6.80
N THR H 120 -41.56 34.82 8.04
CA THR H 120 -41.93 33.52 8.57
C THR H 120 -43.31 33.07 8.11
N GLY H 121 -44.15 33.98 7.65
CA GLY H 121 -45.49 33.61 7.23
C GLY H 121 -45.56 33.10 5.80
N VAL H 122 -44.62 33.51 4.95
CA VAL H 122 -44.64 33.06 3.55
C VAL H 122 -44.18 31.62 3.45
N VAL H 123 -43.35 31.16 4.38
CA VAL H 123 -42.89 29.78 4.34
C VAL H 123 -43.98 28.83 4.83
N VAL H 124 -44.69 29.22 5.87
CA VAL H 124 -45.77 28.37 6.40
C VAL H 124 -46.93 28.31 5.42
N LEU H 125 -47.25 29.44 4.78
CA LEU H 125 -48.38 29.47 3.85
C LEU H 125 -48.06 28.73 2.56
N ALA H 126 -46.81 28.81 2.09
CA ALA H 126 -46.44 28.09 0.88
C ALA H 126 -46.46 26.59 1.09
N SER H 127 -45.91 26.11 2.21
CA SER H 127 -45.94 24.69 2.50
C SER H 127 -47.35 24.20 2.77
N ALA H 128 -48.21 25.07 3.30
CA ALA H 128 -49.61 24.68 3.50
C ALA H 128 -50.31 24.47 2.16
N LEU H 129 -49.97 25.26 1.15
CA LEU H 129 -50.50 25.04 -0.18
C LEU H 129 -49.98 23.75 -0.78
N LEU H 130 -48.73 23.38 -0.49
CA LEU H 130 -48.17 22.13 -1.00
C LEU H 130 -48.72 20.92 -0.27
N ASP H 131 -49.05 21.06 1.02
CA ASP H 131 -49.64 19.95 1.76
C ASP H 131 -51.04 19.62 1.26
N GLN H 132 -51.83 20.66 0.95
CA GLN H 132 -53.15 20.43 0.40
C GLN H 132 -53.09 20.00 -1.06
N ALA H 133 -52.01 20.32 -1.76
CA ALA H 133 -51.87 19.89 -3.15
C ALA H 133 -51.47 18.42 -3.25
N LEU H 134 -50.70 17.91 -2.29
CA LEU H 134 -50.31 16.50 -2.32
C LEU H 134 -51.53 15.59 -2.21
N GLU H 135 -52.51 15.99 -1.39
CA GLU H 135 -53.74 15.21 -1.28
C GLU H 135 -54.53 15.24 -2.59
N LEU H 136 -54.47 16.33 -3.33
CA LEU H 136 -55.17 16.42 -4.60
C LEU H 136 -54.46 15.66 -5.71
N ILE H 137 -53.13 15.56 -5.64
CA ILE H 137 -52.39 14.80 -6.65
C ILE H 137 -52.70 13.32 -6.52
N GLN H 138 -52.80 12.81 -5.28
CA GLN H 138 -53.13 11.41 -5.07
C GLN H 138 -54.54 11.07 -5.55
N LYS H 139 -55.41 12.06 -5.67
CA LYS H 139 -56.76 11.84 -6.19
C LYS H 139 -56.84 11.83 -7.70
N GLY H 140 -55.72 12.08 -8.39
CA GLY H 140 -55.70 12.07 -9.84
C GLY H 140 -55.87 13.41 -10.51
N ILE H 141 -55.70 14.51 -9.79
CA ILE H 141 -55.85 15.84 -10.37
C ILE H 141 -54.55 16.25 -11.04
N HIS H 142 -54.64 16.82 -12.23
CA HIS H 142 -53.45 17.28 -12.93
C HIS H 142 -52.84 18.47 -12.19
N PRO H 143 -51.52 18.51 -12.05
CA PRO H 143 -50.89 19.60 -11.28
C PRO H 143 -51.19 20.98 -11.80
N ILE H 144 -51.37 21.15 -13.12
CA ILE H 144 -51.70 22.46 -13.66
C ILE H 144 -53.10 22.88 -13.22
N LYS H 145 -54.03 21.93 -13.15
CA LYS H 145 -55.37 22.26 -12.65
C LYS H 145 -55.34 22.68 -11.20
N ILE H 146 -54.36 22.18 -10.43
CA ILE H 146 -54.20 22.63 -9.05
C ILE H 146 -53.65 24.05 -9.02
N ALA H 147 -52.67 24.33 -9.87
CA ALA H 147 -52.09 25.68 -9.91
C ALA H 147 -53.07 26.69 -10.47
N ASN H 148 -53.93 26.27 -11.40
CA ASN H 148 -54.93 27.19 -11.94
C ASN H 148 -55.97 27.56 -10.90
N GLY H 149 -56.27 26.66 -9.96
CA GLY H 149 -57.23 26.97 -8.91
C GLY H 149 -56.68 27.90 -7.85
N PHE H 150 -55.36 27.82 -7.58
CA PHE H 150 -54.77 28.70 -6.59
C PHE H 150 -54.62 30.12 -7.10
N ASP H 151 -54.41 30.29 -8.40
CA ASP H 151 -54.28 31.63 -8.96
C ASP H 151 -55.60 32.38 -8.93
N GLU H 152 -56.70 31.68 -9.25
CA GLU H 152 -58.01 32.33 -9.21
C GLU H 152 -58.46 32.57 -7.78
N ALA H 153 -58.10 31.68 -6.85
CA ALA H 153 -58.47 31.85 -5.45
C ALA H 153 -57.62 32.92 -4.76
N ALA H 154 -56.44 33.24 -5.29
CA ALA H 154 -55.61 34.26 -4.67
C ALA H 154 -56.18 35.66 -4.92
N LYS H 155 -56.74 35.90 -6.11
CA LYS H 155 -57.32 37.20 -6.40
C LYS H 155 -58.65 37.40 -5.70
N LEU H 156 -59.37 36.31 -5.41
CA LEU H 156 -60.63 36.43 -4.68
C LEU H 156 -60.40 36.76 -3.21
N ALA H 157 -59.29 36.32 -2.65
CA ALA H 157 -58.99 36.63 -1.25
C ALA H 157 -58.46 38.06 -1.10
N ILE H 158 -57.67 38.54 -2.06
CA ILE H 158 -57.14 39.89 -1.97
C ILE H 158 -58.26 40.91 -2.19
N SER H 159 -59.15 40.65 -3.15
CA SER H 159 -60.25 41.57 -3.42
C SER H 159 -61.25 41.60 -2.26
N LYS H 160 -61.35 40.51 -1.50
CA LYS H 160 -62.27 40.49 -0.37
C LYS H 160 -61.73 41.29 0.81
N LEU H 161 -60.43 41.11 1.13
CA LEU H 161 -59.84 41.85 2.24
C LEU H 161 -59.68 43.32 1.91
N GLU H 162 -59.53 43.66 0.63
CA GLU H 162 -59.38 45.06 0.24
C GLU H 162 -60.67 45.84 0.49
N GLU H 163 -61.82 45.20 0.41
CA GLU H 163 -63.08 45.89 0.67
C GLU H 163 -63.35 46.05 2.16
N THR H 164 -62.80 45.16 3.00
CA THR H 164 -63.06 45.21 4.42
C THR H 164 -62.25 46.30 5.13
N CYS H 165 -61.03 46.56 4.67
CA CYS H 165 -60.19 47.55 5.32
C CYS H 165 -60.71 48.96 5.05
N ASP H 166 -60.29 49.88 5.92
CA ASP H 166 -60.70 51.28 5.83
C ASP H 166 -59.49 52.17 5.68
N ASP H 167 -59.72 53.39 5.20
CA ASP H 167 -58.66 54.36 4.94
C ASP H 167 -58.47 55.23 6.18
N ILE H 168 -57.25 55.25 6.71
CA ILE H 168 -56.92 56.06 7.88
C ILE H 168 -56.31 57.40 7.51
N SER H 169 -56.18 57.71 6.22
CA SER H 169 -55.56 58.95 5.79
C SER H 169 -56.40 60.17 6.13
N ALA H 170 -57.69 59.99 6.44
CA ALA H 170 -58.54 61.11 6.80
C ALA H 170 -58.15 61.74 8.14
N SER H 171 -57.45 61.00 8.99
CA SER H 171 -57.02 61.53 10.27
C SER H 171 -55.88 62.53 10.08
N ASN H 172 -55.72 63.39 11.08
CA ASN H 172 -54.67 64.42 11.05
C ASN H 172 -53.33 63.79 11.44
N ASP H 173 -52.30 64.64 11.58
CA ASP H 173 -50.98 64.15 11.94
C ASP H 173 -50.91 63.66 13.38
N GLU H 174 -51.82 64.12 14.23
CA GLU H 174 -51.82 63.67 15.62
C GLU H 174 -52.26 62.22 15.73
N LEU H 175 -53.33 61.85 15.04
CA LEU H 175 -53.79 60.47 15.05
C LEU H 175 -52.96 59.58 14.15
N PHE H 176 -52.34 60.14 13.11
CA PHE H 176 -51.51 59.35 12.21
C PHE H 176 -50.30 58.76 12.93
N ARG H 177 -49.80 59.45 13.95
CA ARG H 177 -48.69 58.90 14.73
C ARG H 177 -49.14 57.71 15.56
N ASP H 178 -50.42 57.68 15.96
CA ASP H 178 -50.92 56.56 16.76
C ASP H 178 -50.94 55.27 15.94
N PHE H 179 -51.36 55.34 14.68
CA PHE H 179 -51.37 54.15 13.84
C PHE H 179 -49.97 53.63 13.60
N LEU H 180 -48.97 54.51 13.58
CA LEU H 180 -47.59 54.06 13.45
C LEU H 180 -47.11 53.36 14.71
N LEU H 181 -47.59 53.80 15.87
CA LEU H 181 -47.24 53.11 17.11
C LEU H 181 -47.94 51.77 17.24
N ARG H 182 -49.09 51.61 16.58
CA ARG H 182 -49.83 50.36 16.67
C ARG H 182 -49.12 49.26 15.90
N ALA H 183 -48.73 49.52 14.66
CA ALA H 183 -48.05 48.50 13.85
C ALA H 183 -46.61 48.30 14.28
N ALA H 184 -46.03 49.23 15.04
CA ALA H 184 -44.65 49.07 15.50
C ALA H 184 -44.56 48.01 16.58
N LYS H 185 -45.44 48.07 17.58
CA LYS H 185 -45.39 47.11 18.68
C LYS H 185 -45.67 45.68 18.22
N THR H 186 -46.37 45.50 17.10
CA THR H 186 -46.65 44.16 16.60
C THR H 186 -45.41 43.53 15.97
N SER H 187 -44.67 44.30 15.16
CA SER H 187 -43.48 43.76 14.52
C SER H 187 -42.35 43.56 15.52
N LEU H 188 -42.34 44.31 16.62
CA LEU H 188 -41.29 44.17 17.62
C LEU H 188 -41.43 42.87 18.43
N GLY H 189 -42.62 42.29 18.47
CA GLY H 189 -42.81 41.04 19.16
C GLY H 189 -42.16 39.88 18.43
N SER H 190 -42.26 38.69 19.06
CA SER H 190 -41.75 37.42 18.56
C SER H 190 -40.24 37.36 18.52
N LYS H 191 -39.53 38.44 18.84
CA LYS H 191 -38.08 38.50 18.75
C LYS H 191 -37.48 38.76 20.12
N ILE H 192 -36.18 38.47 20.23
CA ILE H 192 -35.49 38.62 21.51
C ILE H 192 -35.48 40.10 21.91
N VAL H 193 -35.37 40.34 23.22
CA VAL H 193 -35.42 41.67 23.81
C VAL H 193 -36.74 42.31 23.39
N SER H 194 -37.84 41.63 23.70
CA SER H 194 -39.18 42.13 23.41
C SER H 194 -39.79 42.88 24.60
N LYS H 195 -39.05 43.01 25.71
CA LYS H 195 -39.55 43.73 26.87
C LYS H 195 -39.45 45.24 26.70
N ASP H 196 -38.51 45.69 25.86
CA ASP H 196 -38.29 47.11 25.62
C ASP H 196 -39.08 47.62 24.42
N HIS H 197 -39.95 46.77 23.85
CA HIS H 197 -40.69 47.16 22.65
C HIS H 197 -41.48 48.44 22.83
N ASP H 198 -41.85 48.77 24.07
CA ASP H 198 -42.58 50.01 24.33
C ASP H 198 -41.76 51.23 23.95
N ARG H 199 -40.48 51.25 24.32
CA ARG H 199 -39.61 52.35 23.93
C ARG H 199 -39.12 52.22 22.49
N PHE H 200 -38.94 50.99 22.00
CA PHE H 200 -38.53 50.79 20.61
C PHE H 200 -39.60 51.31 19.65
N ALA H 201 -40.88 51.10 19.99
CA ALA H 201 -41.95 51.58 19.12
C ALA H 201 -41.99 53.10 19.06
N GLU H 202 -41.64 53.77 20.17
CA GLU H 202 -41.62 55.24 20.17
C GLU H 202 -40.44 55.76 19.35
N MET H 203 -39.27 55.12 19.45
CA MET H 203 -38.10 55.60 18.74
C MET H 203 -38.16 55.29 17.25
N ALA H 204 -38.87 54.22 16.87
CA ALA H 204 -38.97 53.86 15.46
C ALA H 204 -39.86 54.83 14.70
N VAL H 205 -40.89 55.38 15.35
CA VAL H 205 -41.81 56.30 14.68
C VAL H 205 -41.19 57.68 14.58
N GLU H 206 -40.49 58.12 15.63
CA GLU H 206 -39.87 59.45 15.61
C GLU H 206 -38.81 59.58 14.53
N ALA H 207 -38.21 58.47 14.09
CA ALA H 207 -37.25 58.55 13.00
C ALA H 207 -37.93 58.93 11.69
N VAL H 208 -39.14 58.43 11.46
CA VAL H 208 -39.88 58.79 10.26
C VAL H 208 -40.52 60.17 10.40
N ILE H 209 -40.87 60.58 11.62
CA ILE H 209 -41.42 61.91 11.82
C ILE H 209 -40.40 62.98 11.44
N ASN H 210 -39.13 62.74 11.76
CA ASN H 210 -38.09 63.70 11.42
C ASN H 210 -37.71 63.63 9.94
N VAL H 211 -37.60 62.42 9.40
CA VAL H 211 -37.20 62.21 8.01
C VAL H 211 -38.43 61.72 7.25
N MET H 212 -38.97 62.57 6.38
CA MET H 212 -40.17 62.27 5.60
C MET H 212 -40.48 63.45 4.70
N ASP H 213 -41.28 63.20 3.67
CA ASP H 213 -41.74 64.24 2.78
C ASP H 213 -42.93 64.97 3.41
N LYS H 214 -43.11 66.24 3.00
CA LYS H 214 -44.19 67.04 3.55
C LYS H 214 -45.57 66.53 3.14
N ASP H 215 -45.65 65.76 2.05
CA ASP H 215 -46.91 65.22 1.58
C ASP H 215 -47.23 63.84 2.15
N ARG H 216 -46.40 63.34 3.07
CA ARG H 216 -46.59 62.03 3.69
C ARG H 216 -46.56 60.92 2.64
N LYS H 217 -45.52 60.94 1.80
CA LYS H 217 -45.39 60.00 0.71
C LYS H 217 -43.91 59.73 0.46
N ASP H 218 -43.62 58.55 -0.09
CA ASP H 218 -42.34 58.16 -0.68
C ASP H 218 -41.14 58.61 0.17
N VAL H 219 -41.22 58.30 1.47
CA VAL H 219 -40.13 58.61 2.38
C VAL H 219 -38.87 57.85 1.97
N ASP H 220 -37.72 58.49 2.13
CA ASP H 220 -36.44 57.89 1.78
C ASP H 220 -35.91 57.10 2.97
N PHE H 221 -35.75 55.79 2.79
CA PHE H 221 -35.27 54.94 3.87
C PHE H 221 -33.76 55.01 4.04
N ASP H 222 -33.03 55.29 2.96
CA ASP H 222 -31.57 55.29 3.02
C ASP H 222 -31.01 56.39 3.92
N LEU H 223 -31.82 57.41 4.24
CA LEU H 223 -31.38 58.47 5.12
C LEU H 223 -31.29 58.03 6.58
N ILE H 224 -31.81 56.86 6.92
CA ILE H 224 -31.74 56.33 8.27
C ILE H 224 -30.70 55.21 8.28
N LYS H 225 -29.68 55.36 9.11
CA LYS H 225 -28.59 54.39 9.22
C LYS H 225 -28.70 53.62 10.51
N MET H 226 -28.31 52.34 10.46
CA MET H 226 -28.34 51.45 11.62
C MET H 226 -26.90 51.23 12.07
N GLN H 227 -26.56 51.77 13.24
CA GLN H 227 -25.21 51.65 13.82
C GLN H 227 -25.33 50.95 15.16
N GLY H 228 -24.79 49.74 15.25
CA GLY H 228 -24.81 48.99 16.48
C GLY H 228 -23.57 49.23 17.34
N ARG H 229 -23.74 49.05 18.65
CA ARG H 229 -22.66 49.21 19.60
C ARG H 229 -22.79 48.15 20.68
N VAL H 230 -21.67 47.50 21.02
CA VAL H 230 -21.66 46.38 21.94
C VAL H 230 -21.21 46.87 23.30
N GLY H 231 -22.12 46.87 24.26
CA GLY H 231 -21.79 47.26 25.62
C GLY H 231 -23.01 47.81 26.33
N GLY H 232 -22.81 48.12 27.61
CA GLY H 232 -23.87 48.71 28.40
C GLY H 232 -25.07 47.80 28.54
N SER H 233 -26.26 48.40 28.54
CA SER H 233 -27.52 47.69 28.66
C SER H 233 -28.49 48.20 27.60
N ILE H 234 -29.58 47.47 27.41
CA ILE H 234 -30.56 47.84 26.39
C ILE H 234 -31.29 49.12 26.75
N SER H 235 -31.34 49.48 28.04
CA SER H 235 -32.02 50.70 28.46
C SER H 235 -31.30 51.96 28.03
N ASP H 236 -30.06 51.87 27.56
CA ASP H 236 -29.29 53.02 27.12
C ASP H 236 -29.54 53.38 25.66
N SER H 237 -30.40 52.63 24.96
CA SER H 237 -30.69 52.92 23.57
C SER H 237 -31.56 54.18 23.47
N LYS H 238 -31.10 55.15 22.68
CA LYS H 238 -31.81 56.40 22.51
C LYS H 238 -31.54 56.94 21.11
N LEU H 239 -32.39 57.87 20.67
CA LEU H 239 -32.26 58.45 19.36
C LEU H 239 -31.25 59.59 19.37
N ILE H 240 -30.34 59.59 18.40
CA ILE H 240 -29.36 60.66 18.21
C ILE H 240 -29.40 61.05 16.74
N ASN H 241 -29.70 62.31 16.46
CA ASN H 241 -29.74 62.82 15.10
C ASN H 241 -28.37 63.39 14.76
N GLY H 242 -27.67 62.76 13.84
CA GLY H 242 -26.33 63.18 13.49
C GLY H 242 -25.54 62.01 12.91
N VAL H 243 -24.22 62.14 13.02
CA VAL H 243 -23.28 61.17 12.46
C VAL H 243 -22.49 60.55 13.60
N ILE H 244 -22.39 59.23 13.59
CA ILE H 244 -21.61 58.47 14.58
C ILE H 244 -20.46 57.81 13.83
N LEU H 245 -19.24 58.23 14.14
CA LEU H 245 -18.03 57.73 13.47
C LEU H 245 -17.19 56.93 14.44
N ASP H 246 -16.44 55.97 13.90
CA ASP H 246 -15.55 55.14 14.70
C ASP H 246 -14.17 55.78 14.90
N LYS H 247 -13.89 56.88 14.22
CA LYS H 247 -12.60 57.55 14.32
C LYS H 247 -12.67 58.68 15.34
N ASP H 248 -11.60 58.87 16.09
CA ASP H 248 -11.52 59.89 17.11
C ASP H 248 -10.79 61.13 16.58
N PHE H 249 -10.66 62.12 17.45
CA PHE H 249 -9.94 63.34 17.08
C PHE H 249 -8.45 63.05 16.97
N SER H 250 -7.85 63.50 15.86
CA SER H 250 -6.41 63.34 15.69
C SER H 250 -5.66 64.23 16.67
N HIS H 251 -4.52 63.71 17.16
CA HIS H 251 -3.69 64.40 18.14
C HIS H 251 -4.54 64.81 19.34
N PRO H 252 -4.93 63.86 20.20
CA PRO H 252 -5.92 64.16 21.23
C PRO H 252 -5.40 65.02 22.37
N GLN H 253 -4.79 66.16 22.04
CA GLN H 253 -4.48 67.19 23.02
C GLN H 253 -5.59 68.24 23.12
N MET H 254 -6.57 68.19 22.24
CA MET H 254 -7.71 69.09 22.16
C MET H 254 -8.85 68.57 23.02
N PRO H 255 -9.77 69.45 23.44
CA PRO H 255 -10.89 68.99 24.26
C PRO H 255 -11.79 68.04 23.48
N LYS H 256 -12.34 67.06 24.19
CA LYS H 256 -13.16 66.03 23.54
C LYS H 256 -14.48 66.61 23.07
N CYS H 257 -15.17 67.35 23.93
CA CYS H 257 -16.46 67.95 23.59
C CYS H 257 -16.23 69.35 23.03
N VAL H 258 -16.63 69.55 21.78
CA VAL H 258 -16.47 70.83 21.09
C VAL H 258 -17.73 71.67 21.32
N LEU H 259 -17.53 72.93 21.69
CA LEU H 259 -18.64 73.83 21.94
C LEU H 259 -18.60 75.00 20.96
N PRO H 260 -19.76 75.51 20.54
CA PRO H 260 -19.78 76.64 19.61
C PRO H 260 -19.41 77.94 20.32
N LYS H 261 -19.11 78.95 19.50
CA LYS H 261 -18.84 80.28 20.01
C LYS H 261 -20.09 80.87 20.64
N GLU H 262 -19.89 81.91 21.46
CA GLU H 262 -20.97 82.55 22.20
C GLU H 262 -22.15 82.87 21.29
N GLY H 263 -22.01 83.87 20.42
CA GLY H 263 -22.89 84.00 19.27
C GLY H 263 -22.35 83.18 18.11
N SER H 264 -23.26 82.52 17.40
CA SER H 264 -22.86 81.77 16.21
C SER H 264 -24.09 81.48 15.36
N ASP H 265 -23.84 81.22 14.08
CA ASP H 265 -24.82 80.54 13.25
C ASP H 265 -24.77 79.03 13.43
N GLY H 266 -23.63 78.51 13.85
CA GLY H 266 -23.47 77.08 14.06
C GLY H 266 -22.02 76.77 14.37
N VAL H 267 -21.70 75.47 14.29
CA VAL H 267 -20.32 75.03 14.53
C VAL H 267 -19.44 75.15 13.29
N LYS H 268 -20.03 75.35 12.11
CA LYS H 268 -19.30 75.47 10.85
C LYS H 268 -18.40 74.27 10.60
N LEU H 269 -19.00 73.09 10.63
CA LEU H 269 -18.27 71.86 10.37
C LEU H 269 -17.75 71.85 8.93
N ALA H 270 -16.49 71.44 8.78
CA ALA H 270 -15.83 71.38 7.48
C ALA H 270 -15.59 69.93 7.09
N ILE H 271 -15.80 69.63 5.81
CA ILE H 271 -15.59 68.30 5.25
C ILE H 271 -14.64 68.42 4.07
N LEU H 272 -13.56 67.64 4.11
CA LEU H 272 -12.54 67.67 3.07
C LEU H 272 -12.16 66.25 2.67
N THR H 273 -12.23 65.97 1.37
CA THR H 273 -11.79 64.69 0.84
C THR H 273 -10.32 64.69 0.46
N CYS H 274 -9.63 65.82 0.62
CA CYS H 274 -8.23 65.95 0.26
C CYS H 274 -7.36 65.96 1.50
N PRO H 275 -6.37 65.08 1.60
CA PRO H 275 -5.44 65.13 2.73
C PRO H 275 -4.62 66.39 2.70
N PHE H 276 -3.96 66.68 3.82
CA PHE H 276 -3.13 67.88 3.93
C PHE H 276 -1.70 67.49 3.52
N GLU H 277 -1.31 67.93 2.34
CA GLU H 277 0.01 67.66 1.79
C GLU H 277 0.39 68.80 0.87
N PRO H 278 1.68 69.02 0.64
CA PRO H 278 2.08 69.95 -0.42
C PRO H 278 1.62 69.45 -1.77
N PRO H 279 1.20 70.34 -2.67
CA PRO H 279 0.63 69.90 -3.94
C PRO H 279 1.60 69.03 -4.74
N LYS H 280 1.11 67.89 -5.20
CA LYS H 280 1.89 66.98 -6.02
C LYS H 280 1.05 66.53 -7.22
N PRO H 281 1.68 66.36 -8.38
CA PRO H 281 0.92 65.89 -9.55
C PRO H 281 0.41 64.47 -9.34
N LYS H 282 -0.78 64.20 -9.87
CA LYS H 282 -1.32 62.84 -9.82
C LYS H 282 -0.43 61.88 -10.61
N THR H 283 0.05 62.32 -11.76
CA THR H 283 1.02 61.54 -12.53
C THR H 283 2.35 61.45 -11.78
N LYS H 284 3.12 60.41 -12.08
CA LYS H 284 4.43 60.28 -11.50
C LYS H 284 5.34 61.39 -12.01
N HIS H 285 5.99 62.11 -11.10
CA HIS H 285 6.78 63.27 -11.44
C HIS H 285 8.20 63.11 -10.91
N LYS H 286 9.11 63.89 -11.49
CA LYS H 286 10.50 63.92 -11.08
C LYS H 286 10.92 65.37 -10.90
N LEU H 287 11.26 65.75 -9.67
CA LEU H 287 11.70 67.09 -9.35
C LEU H 287 13.22 67.05 -9.19
N ASP H 288 13.92 67.69 -10.14
CA ASP H 288 15.38 67.67 -10.18
C ASP H 288 15.92 68.94 -9.55
N ILE H 289 16.74 68.80 -8.53
CA ILE H 289 17.39 69.92 -7.86
C ILE H 289 18.85 69.94 -8.28
N SER H 290 19.22 70.92 -9.10
CA SER H 290 20.56 71.01 -9.66
C SER H 290 21.50 71.91 -8.88
N SER H 291 21.02 72.56 -7.83
CA SER H 291 21.87 73.49 -7.07
C SER H 291 21.33 73.60 -5.66
N VAL H 292 22.19 74.11 -4.76
CA VAL H 292 21.80 74.29 -3.37
C VAL H 292 20.71 75.37 -3.26
N GLU H 293 20.76 76.40 -4.10
CA GLU H 293 19.76 77.45 -4.07
C GLU H 293 18.37 76.91 -4.39
N GLU H 294 18.30 75.94 -5.33
CA GLU H 294 17.02 75.32 -5.65
C GLU H 294 16.53 74.44 -4.51
N TYR H 295 17.45 73.89 -3.72
CA TYR H 295 17.06 73.07 -2.57
C TYR H 295 16.60 73.92 -1.40
N GLN H 296 17.19 75.11 -1.22
CA GLN H 296 16.75 75.99 -0.14
C GLN H 296 15.37 76.57 -0.41
N LYS H 297 15.01 76.77 -1.68
CA LYS H 297 13.68 77.26 -2.00
C LYS H 297 12.61 76.22 -1.71
N LEU H 298 12.96 74.93 -1.81
CA LEU H 298 12.00 73.89 -1.47
C LEU H 298 11.72 73.85 0.04
N GLN H 299 12.70 74.27 0.85
CA GLN H 299 12.48 74.31 2.29
C GLN H 299 11.44 75.35 2.66
N THR H 300 11.54 76.56 2.11
CA THR H 300 10.55 77.59 2.37
C THR H 300 9.22 77.25 1.72
N TYR H 301 9.26 76.71 0.50
CA TYR H 301 8.02 76.31 -0.18
C TYR H 301 7.29 75.22 0.58
N GLU H 302 8.03 74.40 1.36
CA GLU H 302 7.39 73.35 2.13
C GLU H 302 6.55 73.92 3.25
N GLN H 303 7.12 74.79 4.08
CA GLN H 303 6.41 75.32 5.24
C GLN H 303 5.37 76.37 4.86
N ASP H 304 5.47 76.96 3.67
CA ASP H 304 4.48 77.96 3.26
C ASP H 304 3.13 77.33 2.95
N LYS H 305 3.11 76.07 2.52
CA LYS H 305 1.84 75.42 2.18
C LYS H 305 1.09 74.98 3.43
N PHE H 306 1.79 74.43 4.42
CA PHE H 306 1.14 74.05 5.67
C PHE H 306 0.63 75.27 6.42
N LYS H 307 1.29 76.42 6.25
CA LYS H 307 0.79 77.65 6.85
C LYS H 307 -0.39 78.22 6.07
N GLU H 308 -0.44 77.97 4.77
CA GLU H 308 -1.54 78.47 3.95
C GLU H 308 -2.80 77.64 4.11
N MET H 309 -2.64 76.32 4.29
CA MET H 309 -3.81 75.45 4.42
C MET H 309 -4.54 75.67 5.73
N ILE H 310 -3.80 75.98 6.81
CA ILE H 310 -4.45 76.21 8.10
C ILE H 310 -5.07 77.60 8.17
N ASP H 311 -4.62 78.54 7.35
CA ASP H 311 -5.21 79.88 7.36
C ASP H 311 -6.53 79.93 6.60
N ASP H 312 -6.68 79.09 5.57
CA ASP H 312 -7.93 79.08 4.81
C ASP H 312 -9.10 78.57 5.66
N VAL H 313 -8.83 77.69 6.62
CA VAL H 313 -9.88 77.20 7.49
C VAL H 313 -10.25 78.25 8.54
N LYS H 314 -9.24 78.97 9.05
CA LYS H 314 -9.50 79.98 10.07
C LYS H 314 -10.26 81.16 9.50
N LYS H 315 -9.95 81.54 8.26
CA LYS H 315 -10.65 82.66 7.63
C LYS H 315 -12.09 82.31 7.29
N ALA H 316 -12.38 81.02 7.09
CA ALA H 316 -13.74 80.58 6.79
C ALA H 316 -14.58 80.38 8.05
N GLY H 317 -13.98 80.47 9.23
CA GLY H 317 -14.70 80.30 10.48
C GLY H 317 -14.96 78.86 10.87
N ALA H 318 -14.47 77.89 10.10
CA ALA H 318 -14.70 76.49 10.41
C ALA H 318 -13.95 76.09 11.69
N ASP H 319 -14.43 75.01 12.32
CA ASP H 319 -13.84 74.52 13.55
C ASP H 319 -13.33 73.08 13.36
N VAL H 320 -14.23 72.11 13.27
CA VAL H 320 -13.84 70.71 13.11
C VAL H 320 -13.61 70.43 11.63
N VAL H 321 -12.43 69.90 11.31
CA VAL H 321 -12.06 69.56 9.94
C VAL H 321 -12.05 68.05 9.79
N ILE H 322 -12.69 67.54 8.74
CA ILE H 322 -12.78 66.11 8.48
C ILE H 322 -11.99 65.81 7.22
N CYS H 323 -11.03 64.89 7.33
CA CYS H 323 -10.17 64.49 6.22
C CYS H 323 -10.40 63.03 5.90
N GLN H 324 -10.45 62.72 4.60
CA GLN H 324 -10.68 61.34 4.17
C GLN H 324 -9.41 60.50 4.31
N TRP H 325 -8.28 61.02 3.83
CA TRP H 325 -7.01 60.30 3.86
C TRP H 325 -6.14 60.66 5.06
N GLY H 326 -6.62 61.52 5.94
CA GLY H 326 -5.82 61.94 7.07
C GLY H 326 -4.81 63.02 6.69
N PHE H 327 -3.82 63.20 7.55
CA PHE H 327 -2.77 64.18 7.30
C PHE H 327 -1.53 63.81 8.10
N ASP H 328 -0.40 64.37 7.68
CA ASP H 328 0.88 64.11 8.32
C ASP H 328 0.94 64.77 9.69
N ASP H 329 1.88 64.28 10.51
CA ASP H 329 2.04 64.78 11.87
C ASP H 329 2.43 66.24 11.94
N GLU H 330 2.79 66.86 10.80
CA GLU H 330 3.13 68.28 10.80
C GLU H 330 1.95 69.13 11.25
N ALA H 331 0.75 68.77 10.82
CA ALA H 331 -0.45 69.56 11.09
C ALA H 331 -1.10 69.23 12.43
N ASN H 332 -0.52 68.31 13.21
CA ASN H 332 -1.06 68.03 14.53
C ASN H 332 -0.98 69.25 15.44
N HIS H 333 0.22 69.85 15.52
CA HIS H 333 0.38 71.04 16.35
C HIS H 333 -0.14 72.29 15.64
N LEU H 334 -0.15 72.30 14.31
CA LEU H 334 -0.66 73.45 13.57
C LEU H 334 -2.15 73.65 13.83
N LEU H 335 -2.93 72.58 13.71
CA LEU H 335 -4.35 72.67 14.03
C LEU H 335 -4.61 72.79 15.53
N LEU H 336 -3.61 72.46 16.36
CA LEU H 336 -3.75 72.60 17.80
C LEU H 336 -3.60 74.06 18.23
N GLN H 337 -2.78 74.84 17.51
CA GLN H 337 -2.63 76.25 17.86
C GLN H 337 -3.91 77.03 17.57
N ASN H 338 -4.57 76.73 16.46
CA ASN H 338 -5.80 77.41 16.06
C ASN H 338 -7.05 76.79 16.68
N ASP H 339 -6.89 75.76 17.51
CA ASP H 339 -8.01 75.07 18.16
C ASP H 339 -8.98 74.54 17.10
N LEU H 340 -8.44 73.78 16.15
CA LEU H 340 -9.25 73.18 15.10
C LEU H 340 -9.25 71.66 15.24
N PRO H 341 -10.35 71.05 15.67
CA PRO H 341 -10.38 69.58 15.74
C PRO H 341 -10.27 68.95 14.37
N ALA H 342 -9.67 67.76 14.33
CA ALA H 342 -9.44 67.07 13.07
C ALA H 342 -9.53 65.57 13.28
N VAL H 343 -10.02 64.87 12.25
CA VAL H 343 -10.10 63.42 12.24
C VAL H 343 -9.36 62.91 11.01
N ARG H 344 -8.93 61.65 11.07
CA ARG H 344 -8.12 61.05 10.03
C ARG H 344 -8.72 59.72 9.59
N TRP H 345 -8.47 59.37 8.33
CA TRP H 345 -8.86 58.08 7.76
C TRP H 345 -10.36 57.83 7.89
N VAL H 346 -11.15 58.79 7.42
CA VAL H 346 -12.61 58.64 7.38
C VAL H 346 -13.00 58.02 6.05
N GLY H 347 -13.84 57.00 6.10
CA GLY H 347 -14.26 56.31 4.90
C GLY H 347 -15.04 57.20 3.96
N GLY H 348 -15.00 56.85 2.67
CA GLY H 348 -15.72 57.62 1.67
C GLY H 348 -17.22 57.52 1.82
N GLN H 349 -17.73 56.37 2.25
CA GLN H 349 -19.17 56.23 2.46
C GLN H 349 -19.64 57.06 3.65
N GLU H 350 -18.80 57.24 4.66
CA GLU H 350 -19.19 58.04 5.82
C GLU H 350 -19.21 59.53 5.49
N LEU H 351 -18.41 59.96 4.52
CA LEU H 351 -18.40 61.37 4.15
C LEU H 351 -19.75 61.80 3.56
N GLU H 352 -20.38 60.91 2.80
CA GLU H 352 -21.73 61.20 2.33
C GLU H 352 -22.72 61.29 3.48
N HIS H 353 -22.52 60.50 4.53
CA HIS H 353 -23.41 60.54 5.68
C HIS H 353 -23.22 61.81 6.49
N ILE H 354 -22.03 62.42 6.43
CA ILE H 354 -21.77 63.62 7.22
C ILE H 354 -22.42 64.85 6.57
N ALA H 355 -22.29 65.00 5.26
CA ALA H 355 -22.82 66.18 4.59
C ALA H 355 -24.34 66.26 4.61
N ILE H 356 -25.01 65.12 4.81
CA ILE H 356 -26.48 65.13 4.84
C ILE H 356 -26.99 65.65 6.17
N SER H 357 -26.36 65.24 7.28
CA SER H 357 -26.83 65.63 8.59
C SER H 357 -26.65 67.13 8.83
N THR H 358 -25.46 67.65 8.56
CA THR H 358 -25.15 69.05 8.80
C THR H 358 -25.56 69.96 7.64
N ASN H 359 -26.13 69.40 6.58
CA ASN H 359 -26.57 70.16 5.40
C ASN H 359 -25.42 70.95 4.79
N GLY H 360 -24.21 70.40 4.85
CA GLY H 360 -23.03 71.03 4.30
C GLY H 360 -22.71 70.52 2.89
N ARG H 361 -21.60 71.04 2.37
CA ARG H 361 -21.13 70.69 1.04
C ARG H 361 -19.67 70.31 1.11
N ILE H 362 -19.32 69.18 0.48
CA ILE H 362 -17.94 68.70 0.49
C ILE H 362 -17.08 69.65 -0.33
N VAL H 363 -15.97 70.10 0.25
CA VAL H 363 -15.08 71.07 -0.38
C VAL H 363 -13.91 70.30 -0.98
N PRO H 364 -13.74 70.29 -2.30
CA PRO H 364 -12.65 69.50 -2.90
C PRO H 364 -11.26 70.06 -2.64
N ARG H 365 -11.12 71.38 -2.49
CA ARG H 365 -9.80 71.98 -2.31
C ARG H 365 -9.95 73.32 -1.60
N PHE H 366 -8.84 73.79 -1.04
CA PHE H 366 -8.85 75.03 -0.28
C PHE H 366 -9.22 76.23 -1.13
N GLN H 367 -8.92 76.19 -2.43
CA GLN H 367 -9.26 77.31 -3.29
C GLN H 367 -10.77 77.45 -3.46
N ASP H 368 -11.52 76.36 -3.34
CA ASP H 368 -12.97 76.39 -3.40
C ASP H 368 -13.62 76.48 -2.04
N LEU H 369 -12.84 76.59 -0.97
CA LEU H 369 -13.39 76.62 0.38
C LEU H 369 -14.10 77.95 0.63
N SER H 370 -15.36 77.88 1.07
CA SER H 370 -16.16 79.05 1.38
C SER H 370 -16.97 78.78 2.62
N LYS H 371 -17.52 79.86 3.20
CA LYS H 371 -18.32 79.73 4.41
C LYS H 371 -19.70 79.15 4.14
N ASP H 372 -20.17 79.20 2.90
CA ASP H 372 -21.49 78.66 2.57
C ASP H 372 -21.50 77.14 2.46
N LYS H 373 -20.34 76.52 2.24
CA LYS H 373 -20.25 75.07 2.11
C LYS H 373 -20.01 74.37 3.44
N LEU H 374 -19.96 75.10 4.55
CA LEU H 374 -19.72 74.51 5.85
C LEU H 374 -21.02 73.97 6.45
N GLY H 375 -20.92 72.81 7.09
CA GLY H 375 -22.07 72.21 7.73
C GLY H 375 -22.38 72.84 9.08
N THR H 376 -23.59 72.56 9.57
CA THR H 376 -24.06 73.12 10.83
C THR H 376 -24.72 72.01 11.65
N CYS H 377 -24.20 71.77 12.85
CA CYS H 377 -24.80 70.83 13.79
C CYS H 377 -24.75 71.44 15.19
N SER H 378 -25.53 70.85 16.09
CA SER H 378 -25.67 71.42 17.43
C SER H 378 -24.38 71.26 18.24
N ARG H 379 -23.89 70.03 18.37
CA ARG H 379 -22.74 69.77 19.22
C ARG H 379 -21.97 68.57 18.69
N ILE H 380 -20.66 68.59 18.87
CA ILE H 380 -19.77 67.51 18.50
C ILE H 380 -19.03 67.05 19.74
N TYR H 381 -19.17 65.78 20.09
CA TYR H 381 -18.58 65.26 21.31
C TYR H 381 -18.37 63.76 21.16
N GLU H 382 -17.55 63.21 22.05
CA GLU H 382 -17.28 61.77 22.09
C GLU H 382 -17.68 61.21 23.45
N GLN H 383 -17.99 59.92 23.46
CA GLN H 383 -18.39 59.21 24.66
C GLN H 383 -17.29 58.22 25.07
N GLU H 384 -17.17 58.00 26.37
CA GLU H 384 -16.19 57.06 26.89
C GLU H 384 -16.61 55.60 26.71
N PHE H 385 -17.91 55.34 26.59
CA PHE H 385 -18.46 53.98 26.45
C PHE H 385 -17.98 53.14 27.61
N GLY H 386 -17.22 52.08 27.39
CA GLY H 386 -16.78 51.20 28.45
C GLY H 386 -15.44 51.56 29.02
N THR H 387 -14.68 50.55 29.43
CA THR H 387 -13.38 50.76 30.05
C THR H 387 -12.35 51.20 29.01
N THR H 388 -12.02 50.32 28.08
CA THR H 388 -11.10 50.69 27.00
C THR H 388 -11.87 50.82 25.68
N LYS H 389 -12.22 49.68 25.08
CA LYS H 389 -12.97 49.62 23.82
C LYS H 389 -12.30 50.53 22.80
N ASP H 390 -13.05 51.38 22.09
CA ASP H 390 -12.49 52.33 21.14
C ASP H 390 -13.21 53.66 21.30
N ARG H 391 -12.64 54.71 20.72
CA ARG H 391 -13.20 56.04 20.80
C ARG H 391 -14.10 56.30 19.60
N MET H 392 -15.32 56.75 19.86
CA MET H 392 -16.31 57.00 18.81
C MET H 392 -16.83 58.43 18.93
N LEU H 393 -17.03 59.07 17.78
CA LEU H 393 -17.48 60.45 17.72
C LEU H 393 -18.98 60.49 17.50
N ILE H 394 -19.64 61.45 18.15
CA ILE H 394 -21.09 61.59 18.11
C ILE H 394 -21.44 63.02 17.74
N ILE H 395 -22.40 63.18 16.82
CA ILE H 395 -22.86 64.49 16.37
C ILE H 395 -24.35 64.60 16.67
N GLU H 396 -24.75 65.75 17.20
CA GLU H 396 -26.16 66.03 17.48
C GLU H 396 -26.64 67.21 16.64
N GLN H 397 -27.94 67.23 16.38
CA GLN H 397 -28.58 68.29 15.62
C GLN H 397 -29.47 69.12 16.53
N SER H 398 -29.58 70.41 16.20
CA SER H 398 -30.37 71.35 17.00
C SER H 398 -31.82 71.45 16.56
N LYS H 399 -32.19 70.83 15.44
CA LYS H 399 -33.55 70.90 14.94
C LYS H 399 -33.81 69.66 14.09
N GLU H 400 -34.97 69.65 13.42
CA GLU H 400 -35.33 68.52 12.57
C GLU H 400 -34.46 68.53 11.31
N THR H 401 -33.84 67.38 11.04
CA THR H 401 -32.94 67.24 9.90
C THR H 401 -33.33 65.98 9.11
N LYS H 402 -32.57 65.71 8.06
CA LYS H 402 -32.82 64.56 7.19
C LYS H 402 -32.03 63.32 7.59
N THR H 403 -31.28 63.38 8.70
CA THR H 403 -30.46 62.26 9.15
C THR H 403 -30.89 61.82 10.53
N VAL H 404 -31.18 60.53 10.67
CA VAL H 404 -31.50 59.91 11.95
C VAL H 404 -30.69 58.63 12.06
N THR H 405 -29.84 58.55 13.08
CA THR H 405 -28.97 57.39 13.30
C THR H 405 -29.47 56.61 14.51
N CYS H 406 -29.64 55.30 14.35
CA CYS H 406 -30.11 54.46 15.44
C CYS H 406 -28.95 54.04 16.33
N PHE H 407 -29.17 54.12 17.63
CA PHE H 407 -28.16 53.82 18.64
C PHE H 407 -28.67 52.69 19.51
N VAL H 408 -28.02 51.53 19.44
CA VAL H 408 -28.44 50.32 20.14
C VAL H 408 -27.29 49.83 21.01
N ARG H 409 -27.60 49.47 22.26
CA ARG H 409 -26.63 48.91 23.18
C ARG H 409 -27.13 47.56 23.67
N GLY H 410 -26.20 46.75 24.16
CA GLY H 410 -26.54 45.43 24.67
C GLY H 410 -25.37 44.81 25.40
N SER H 411 -25.70 43.89 26.31
CA SER H 411 -24.69 43.21 27.11
C SER H 411 -24.10 41.99 26.41
N ASN H 412 -24.57 41.66 25.21
CA ASN H 412 -24.08 40.51 24.47
C ASN H 412 -23.91 40.90 23.01
N LYS H 413 -22.94 40.28 22.35
CA LYS H 413 -22.74 40.52 20.92
C LYS H 413 -23.93 40.03 20.11
N MET H 414 -24.58 38.96 20.55
CA MET H 414 -25.76 38.46 19.85
C MET H 414 -26.95 39.39 20.02
N ILE H 415 -27.07 40.06 21.17
CA ILE H 415 -28.17 40.99 21.39
C ILE H 415 -28.00 42.23 20.52
N VAL H 416 -26.78 42.76 20.45
CA VAL H 416 -26.52 43.96 19.64
C VAL H 416 -26.75 43.66 18.17
N ASP H 417 -26.51 42.42 17.74
CA ASP H 417 -26.71 42.05 16.35
C ASP H 417 -28.19 41.94 16.02
N GLU H 418 -28.90 41.03 16.69
CA GLU H 418 -30.31 40.80 16.38
C GLU H 418 -31.14 42.07 16.57
N ALA H 419 -30.78 42.93 17.53
CA ALA H 419 -31.56 44.15 17.75
C ALA H 419 -31.49 45.07 16.54
N GLU H 420 -30.40 45.03 15.78
CA GLU H 420 -30.32 45.79 14.53
C GLU H 420 -31.45 45.39 13.58
N ARG H 421 -31.45 44.13 13.14
CA ARG H 421 -32.48 43.66 12.22
C ARG H 421 -33.86 43.64 12.86
N ALA H 422 -33.94 43.60 14.20
CA ALA H 422 -35.23 43.70 14.86
C ALA H 422 -35.85 45.08 14.67
N LEU H 423 -35.04 46.13 14.84
CA LEU H 423 -35.51 47.48 14.56
C LEU H 423 -35.52 47.77 13.07
N HIS H 424 -34.66 47.10 12.31
CA HIS H 424 -34.67 47.26 10.86
C HIS H 424 -36.00 46.79 10.27
N ASP H 425 -36.47 45.62 10.70
CA ASP H 425 -37.77 45.14 10.25
C ASP H 425 -38.90 46.00 10.79
N SER H 426 -38.71 46.62 11.96
CA SER H 426 -39.72 47.52 12.48
C SER H 426 -39.81 48.79 11.65
N LEU H 427 -38.68 49.27 11.12
CA LEU H 427 -38.71 50.42 10.23
C LEU H 427 -39.31 50.07 8.87
N CYS H 428 -39.19 48.80 8.47
CA CYS H 428 -39.79 48.37 7.20
C CYS H 428 -41.31 48.38 7.28
N VAL H 429 -41.87 48.21 8.47
CA VAL H 429 -43.33 48.25 8.63
C VAL H 429 -43.84 49.68 8.59
N VAL H 430 -43.07 50.61 9.17
CA VAL H 430 -43.51 52.00 9.22
C VAL H 430 -43.43 52.65 7.85
N ARG H 431 -42.36 52.37 7.10
CA ARG H 431 -42.23 52.94 5.76
C ARG H 431 -43.29 52.41 4.81
N ASN H 432 -43.80 51.20 5.07
CA ASN H 432 -44.90 50.69 4.26
C ASN H 432 -46.21 51.37 4.58
N LEU H 433 -46.39 51.82 5.83
CA LEU H 433 -47.56 52.59 6.19
C LEU H 433 -47.53 54.00 5.60
N VAL H 434 -46.36 54.46 5.16
CA VAL H 434 -46.28 55.75 4.47
C VAL H 434 -47.05 55.69 3.16
N LYS H 435 -47.07 54.52 2.52
CA LYS H 435 -47.93 54.33 1.36
C LYS H 435 -49.40 54.48 1.75
N ASP H 436 -50.18 55.11 0.87
CA ASP H 436 -51.49 55.58 1.24
C ASP H 436 -52.54 54.47 1.16
N SER H 437 -53.43 54.45 2.16
CA SER H 437 -54.68 53.71 2.12
C SER H 437 -54.47 52.19 2.09
N ARG H 438 -53.46 51.70 2.81
CA ARG H 438 -53.30 50.25 3.01
C ARG H 438 -53.03 49.99 4.48
N VAL H 439 -54.00 49.37 5.16
CA VAL H 439 -53.87 48.94 6.55
C VAL H 439 -54.76 47.71 6.76
N VAL H 440 -54.30 46.78 7.58
CA VAL H 440 -55.10 45.65 8.05
C VAL H 440 -54.78 45.39 9.52
N TYR H 441 -55.60 44.57 10.15
CA TYR H 441 -55.39 44.15 11.53
C TYR H 441 -54.89 42.72 11.55
N GLY H 442 -53.83 42.47 12.29
CA GLY H 442 -53.18 41.18 12.35
C GLY H 442 -53.80 40.26 13.38
N GLY H 443 -52.97 39.35 13.90
CA GLY H 443 -53.42 38.40 14.89
C GLY H 443 -54.24 37.26 14.34
N GLY H 444 -54.03 36.90 13.07
CA GLY H 444 -54.77 35.83 12.45
C GLY H 444 -56.14 36.23 11.93
N ALA H 445 -56.55 37.49 12.08
CA ALA H 445 -57.86 37.92 11.62
C ALA H 445 -57.93 38.07 10.11
N ALA H 446 -56.81 38.28 9.44
CA ALA H 446 -56.82 38.45 7.99
C ALA H 446 -56.97 37.11 7.27
N GLU H 447 -56.29 36.07 7.75
CA GLU H 447 -56.35 34.77 7.08
C GLU H 447 -57.72 34.13 7.24
N VAL H 448 -58.38 34.34 8.38
CA VAL H 448 -59.70 33.74 8.59
C VAL H 448 -60.75 34.43 7.72
N THR H 449 -60.64 35.74 7.57
CA THR H 449 -61.61 36.47 6.74
C THR H 449 -61.50 36.05 5.27
N MET H 450 -60.28 35.90 4.77
CA MET H 450 -60.07 35.49 3.39
C MET H 450 -60.29 34.00 3.17
N SER H 451 -60.34 33.20 4.23
CA SER H 451 -60.55 31.77 4.07
C SER H 451 -61.99 31.44 3.76
N LEU H 452 -62.93 32.05 4.48
CA LEU H 452 -64.35 31.77 4.26
C LEU H 452 -64.85 32.34 2.95
N ALA H 453 -64.20 33.37 2.41
CA ALA H 453 -64.62 33.92 1.12
C ALA H 453 -64.28 32.97 -0.02
N VAL H 454 -63.18 32.21 0.11
CA VAL H 454 -62.80 31.27 -0.93
C VAL H 454 -63.65 30.01 -0.86
N SER H 455 -63.94 29.54 0.37
CA SER H 455 -64.77 28.34 0.53
C SER H 455 -66.20 28.58 0.08
N GLU H 456 -66.68 29.82 0.11
CA GLU H 456 -68.04 30.10 -0.36
C GLU H 456 -68.13 30.02 -1.87
N GLU H 457 -67.07 30.41 -2.59
CA GLU H 457 -67.09 30.35 -4.04
C GLU H 457 -67.00 28.92 -4.55
N ALA H 458 -66.44 28.01 -3.74
CA ALA H 458 -66.30 26.63 -4.17
C ALA H 458 -67.64 25.95 -4.37
N ASP H 459 -68.66 26.35 -3.60
CA ASP H 459 -69.98 25.76 -3.76
C ASP H 459 -70.69 26.26 -5.00
N LYS H 460 -70.41 27.50 -5.42
CA LYS H 460 -71.05 28.05 -6.60
C LYS H 460 -70.38 27.54 -7.88
N GLN H 461 -69.06 27.44 -7.89
CA GLN H 461 -68.35 27.02 -9.10
C GLN H 461 -68.51 25.52 -9.34
N ARG H 462 -68.30 24.71 -8.31
CA ARG H 462 -68.34 23.24 -8.39
C ARG H 462 -67.32 22.82 -9.46
N GLY H 463 -67.67 21.87 -10.33
CA GLY H 463 -66.76 21.44 -11.37
C GLY H 463 -65.54 20.72 -10.82
N ILE H 464 -64.49 20.69 -11.65
CA ILE H 464 -63.25 20.04 -11.25
C ILE H 464 -62.42 20.93 -10.32
N ASP H 465 -62.63 22.24 -10.35
CA ASP H 465 -61.89 23.17 -9.51
C ASP H 465 -62.50 23.35 -8.12
N GLN H 466 -63.59 22.63 -7.82
CA GLN H 466 -64.22 22.76 -6.51
C GLN H 466 -63.25 22.36 -5.39
N TYR H 467 -62.44 21.33 -5.63
CA TYR H 467 -61.45 20.91 -4.64
C TYR H 467 -60.24 21.82 -4.60
N ALA H 468 -60.05 22.67 -5.61
CA ALA H 468 -58.91 23.60 -5.58
C ALA H 468 -59.13 24.73 -4.60
N PHE H 469 -60.36 25.26 -4.53
CA PHE H 469 -60.65 26.31 -3.56
C PHE H 469 -60.66 25.78 -2.14
N ARG H 470 -60.96 24.49 -1.97
CA ARG H 470 -60.93 23.91 -0.63
C ARG H 470 -59.50 23.80 -0.10
N GLY H 471 -58.55 23.43 -0.97
CA GLY H 471 -57.17 23.36 -0.55
C GLY H 471 -56.57 24.71 -0.21
N PHE H 472 -57.00 25.76 -0.91
CA PHE H 472 -56.52 27.10 -0.60
C PHE H 472 -57.18 27.66 0.66
N ALA H 473 -58.41 27.26 0.94
CA ALA H 473 -59.08 27.72 2.16
C ALA H 473 -58.50 27.04 3.39
N GLN H 474 -58.20 25.75 3.30
CA GLN H 474 -57.59 25.04 4.42
C GLN H 474 -56.15 25.49 4.67
N ALA H 475 -55.47 26.02 3.65
CA ALA H 475 -54.11 26.49 3.83
C ALA H 475 -54.05 27.82 4.56
N LEU H 476 -55.05 28.69 4.35
CA LEU H 476 -55.07 29.97 5.05
C LEU H 476 -55.32 29.80 6.54
N ASP H 477 -56.07 28.76 6.92
CA ASP H 477 -56.37 28.51 8.32
C ASP H 477 -55.18 27.92 9.08
N THR H 478 -54.10 27.56 8.38
CA THR H 478 -52.94 26.99 9.07
C THR H 478 -52.21 28.03 9.91
N ILE H 479 -52.20 29.29 9.48
CA ILE H 479 -51.51 30.35 10.20
C ILE H 479 -52.20 30.61 11.54
N PRO H 480 -53.53 30.77 11.60
CA PRO H 480 -54.17 30.92 12.92
C PRO H 480 -54.01 29.68 13.80
N MET H 481 -54.04 28.49 13.20
CA MET H 481 -53.85 27.27 13.97
C MET H 481 -52.41 27.14 14.47
N THR H 482 -51.45 27.68 13.72
CA THR H 482 -50.06 27.66 14.18
C THR H 482 -49.88 28.60 15.37
N LEU H 483 -50.60 29.72 15.38
CA LEU H 483 -50.52 30.64 16.52
C LEU H 483 -51.03 29.99 17.79
N ALA H 484 -52.02 29.10 17.67
CA ALA H 484 -52.54 28.41 18.84
C ALA H 484 -51.60 27.32 19.35
N GLU H 485 -50.71 26.83 18.50
CA GLU H 485 -49.77 25.80 18.93
C GLU H 485 -48.69 26.37 19.83
N ASN H 486 -48.10 27.51 19.45
CA ASN H 486 -47.07 28.12 20.26
C ASN H 486 -47.61 28.72 21.56
N SER H 487 -48.89 29.07 21.59
CA SER H 487 -49.53 29.59 22.78
C SER H 487 -50.14 28.50 23.65
N GLY H 488 -50.02 27.24 23.24
CA GLY H 488 -50.57 26.15 24.04
C GLY H 488 -52.07 26.05 24.02
N LEU H 489 -52.71 26.41 22.90
CA LEU H 489 -54.16 26.39 22.79
C LEU H 489 -54.61 25.22 21.93
N ASP H 490 -55.92 25.12 21.74
CA ASP H 490 -56.52 24.10 20.89
C ASP H 490 -56.77 24.69 19.52
N PRO H 491 -56.03 24.28 18.48
CA PRO H 491 -56.27 24.85 17.15
C PRO H 491 -57.66 24.57 16.61
N ILE H 492 -58.31 23.50 17.08
CA ILE H 492 -59.66 23.19 16.61
C ILE H 492 -60.68 24.14 17.23
N GLY H 493 -60.60 24.33 18.55
CA GLY H 493 -61.53 25.21 19.22
C GLY H 493 -61.33 26.68 18.87
N THR H 494 -60.10 27.06 18.57
CA THR H 494 -59.82 28.46 18.22
C THR H 494 -60.29 28.77 16.80
N LEU H 495 -60.03 27.86 15.86
CA LEU H 495 -60.46 28.09 14.48
C LEU H 495 -61.97 28.04 14.34
N SER H 496 -62.63 27.15 15.10
CA SER H 496 -64.08 27.06 15.04
C SER H 496 -64.75 28.31 15.60
N THR H 497 -64.11 28.97 16.56
CA THR H 497 -64.68 30.21 17.11
C THR H 497 -64.54 31.35 16.13
N LEU H 498 -63.41 31.42 15.43
CA LEU H 498 -63.20 32.50 14.46
C LEU H 498 -64.12 32.35 13.25
N LYS H 499 -64.33 31.12 12.79
CA LYS H 499 -65.19 30.90 11.63
C LYS H 499 -66.66 31.14 11.97
N SER H 500 -67.07 30.77 13.18
CA SER H 500 -68.45 31.00 13.59
C SER H 500 -68.74 32.48 13.84
N LYS H 501 -67.71 33.26 14.17
CA LYS H 501 -67.90 34.68 14.41
C LYS H 501 -68.07 35.44 13.11
N GLN H 502 -67.34 35.05 12.06
CA GLN H 502 -67.45 35.74 10.78
C GLN H 502 -68.76 35.42 10.08
N LEU H 503 -69.36 34.27 10.37
CA LEU H 503 -70.65 33.93 9.77
C LEU H 503 -71.80 34.65 10.47
N LYS H 504 -71.71 34.82 11.79
CA LYS H 504 -72.77 35.49 12.53
C LYS H 504 -72.74 37.00 12.32
N GLU H 505 -71.57 37.61 12.41
CA GLU H 505 -71.41 39.04 12.23
C GLU H 505 -70.34 39.29 11.16
N LYS H 506 -70.44 40.46 10.53
CA LYS H 506 -69.54 40.84 9.45
C LYS H 506 -68.23 41.43 9.95
N ILE H 507 -68.03 41.55 11.25
CA ILE H 507 -66.81 42.13 11.78
C ILE H 507 -65.66 41.16 11.54
N SER H 508 -64.63 41.65 10.85
CA SER H 508 -63.45 40.85 10.53
C SER H 508 -62.32 41.04 11.54
N ASN H 509 -62.55 41.81 12.60
CA ASN H 509 -61.50 42.19 13.53
C ASN H 509 -61.24 41.17 14.63
N ILE H 510 -61.94 40.02 14.60
CA ILE H 510 -61.74 38.97 15.59
C ILE H 510 -60.60 38.07 15.13
N GLY H 511 -59.65 37.80 16.02
CA GLY H 511 -58.49 37.01 15.68
C GLY H 511 -57.92 36.29 16.88
N VAL H 512 -56.82 35.57 16.63
CA VAL H 512 -56.17 34.78 17.68
C VAL H 512 -55.38 35.70 18.60
N ASP H 513 -55.45 35.44 19.90
CA ASP H 513 -54.69 36.18 20.90
C ASP H 513 -53.67 35.23 21.53
N CYS H 514 -52.40 35.45 21.21
CA CYS H 514 -51.32 34.68 21.83
C CYS H 514 -50.83 35.28 23.13
N LEU H 515 -51.17 36.54 23.41
CA LEU H 515 -50.83 37.16 24.69
C LEU H 515 -51.90 36.94 25.75
N GLY H 516 -53.09 36.49 25.35
CA GLY H 516 -54.15 36.17 26.29
C GLY H 516 -54.61 37.30 27.18
N TYR H 517 -54.69 38.52 26.65
CA TYR H 517 -55.27 39.63 27.38
C TYR H 517 -56.78 39.70 27.24
N GLY H 518 -57.39 38.73 26.54
CA GLY H 518 -58.80 38.78 26.26
C GLY H 518 -59.09 39.71 25.10
N SER H 519 -60.38 39.89 24.83
CA SER H 519 -60.85 40.80 23.80
C SER H 519 -60.26 40.46 22.43
N ASN H 520 -60.78 39.37 21.87
CA ASN H 520 -60.31 38.89 20.56
C ASN H 520 -60.47 39.93 19.47
N ASP H 521 -61.23 41.00 19.71
CA ASP H 521 -61.29 42.12 18.79
C ASP H 521 -59.91 42.77 18.67
N MET H 522 -59.43 42.91 17.44
CA MET H 522 -58.13 43.55 17.22
C MET H 522 -58.18 45.06 17.40
N LYS H 523 -59.37 45.67 17.35
CA LYS H 523 -59.47 47.12 17.53
C LYS H 523 -59.10 47.52 18.94
N GLU H 524 -59.49 46.71 19.94
CA GLU H 524 -59.16 47.03 21.32
C GLU H 524 -57.72 46.66 21.67
N LEU H 525 -57.13 45.70 20.95
CA LEU H 525 -55.75 45.30 21.18
C LEU H 525 -54.74 46.10 20.37
N PHE H 526 -55.20 46.95 19.45
CA PHE H 526 -54.39 47.88 18.67
C PHE H 526 -53.47 47.20 17.66
N VAL H 527 -53.44 45.87 17.60
CA VAL H 527 -52.55 45.18 16.67
C VAL H 527 -52.91 45.58 15.25
N VAL H 528 -51.90 46.06 14.50
CA VAL H 528 -52.09 46.54 13.13
C VAL H 528 -50.93 46.01 12.29
N ASP H 529 -51.25 45.55 11.09
CA ASP H 529 -50.27 45.09 10.13
C ASP H 529 -50.47 45.78 8.79
N PRO H 530 -49.41 45.96 8.01
CA PRO H 530 -49.56 46.55 6.68
C PRO H 530 -50.25 45.59 5.73
N PHE H 531 -51.19 46.11 4.94
CA PHE H 531 -51.85 45.30 3.93
C PHE H 531 -50.90 44.91 2.81
N ILE H 532 -49.94 45.77 2.47
CA ILE H 532 -48.98 45.46 1.42
C ILE H 532 -48.11 44.28 1.82
N GLY H 533 -47.93 44.06 3.13
CA GLY H 533 -47.18 42.91 3.60
C GLY H 533 -47.98 41.64 3.54
N LYS H 534 -49.26 41.71 3.90
CA LYS H 534 -50.10 40.52 3.86
C LYS H 534 -50.48 40.15 2.44
N LYS H 535 -50.56 41.13 1.54
CA LYS H 535 -50.88 40.85 0.15
C LYS H 535 -49.75 40.09 -0.54
N GLN H 536 -48.50 40.40 -0.18
CA GLN H 536 -47.36 39.71 -0.78
C GLN H 536 -47.23 38.28 -0.26
N GLN H 537 -47.74 38.01 0.95
CA GLN H 537 -47.65 36.65 1.50
C GLN H 537 -48.44 35.67 0.65
N ILE H 538 -49.61 36.08 0.15
CA ILE H 538 -50.39 35.20 -0.70
C ILE H 538 -49.77 35.10 -2.09
N LEU H 539 -49.26 36.22 -2.61
CA LEU H 539 -48.68 36.21 -3.95
C LEU H 539 -47.39 35.39 -4.00
N LEU H 540 -46.53 35.54 -2.98
CA LEU H 540 -45.27 34.79 -2.99
C LEU H 540 -45.50 33.31 -2.73
N ALA H 541 -46.52 32.95 -1.96
CA ALA H 541 -46.79 31.55 -1.68
C ALA H 541 -47.49 30.86 -2.85
N THR H 542 -48.46 31.53 -3.47
CA THR H 542 -49.21 30.91 -4.56
C THR H 542 -48.36 30.78 -5.82
N GLN H 543 -47.61 31.84 -6.16
CA GLN H 543 -46.85 31.81 -7.39
C GLN H 543 -45.64 30.89 -7.30
N LEU H 544 -45.13 30.64 -6.08
CA LEU H 544 -44.01 29.71 -5.94
C LEU H 544 -44.47 28.27 -6.05
N CYS H 545 -45.63 27.95 -5.46
CA CYS H 545 -46.16 26.59 -5.57
C CYS H 545 -46.55 26.26 -7.00
N ARG H 546 -46.90 27.27 -7.80
CA ARG H 546 -47.23 27.03 -9.20
C ARG H 546 -46.02 26.52 -9.98
N MET H 547 -44.82 26.99 -9.64
CA MET H 547 -43.61 26.50 -10.28
C MET H 547 -43.18 25.14 -9.74
N ILE H 548 -43.39 24.89 -8.44
CA ILE H 548 -42.96 23.63 -7.85
C ILE H 548 -43.79 22.47 -8.37
N LEU H 549 -45.10 22.67 -8.51
CA LEU H 549 -45.97 21.60 -8.99
C LEU H 549 -45.70 21.24 -10.45
N LYS H 550 -45.03 22.12 -11.20
CA LYS H 550 -44.71 21.83 -12.59
C LYS H 550 -43.43 21.01 -12.74
N ILE H 551 -42.67 20.81 -11.66
CA ILE H 551 -41.41 20.09 -11.72
C ILE H 551 -41.70 18.59 -11.84
N ASP H 552 -41.15 17.96 -12.87
CA ASP H 552 -41.32 16.53 -13.07
C ASP H 552 -39.97 15.81 -12.99
N ASN H 553 -39.10 15.98 -13.98
CA ASN H 553 -37.79 15.34 -13.94
C ASN H 553 -36.82 16.19 -13.13
N VAL H 554 -36.19 15.56 -12.14
CA VAL H 554 -35.26 16.24 -11.25
C VAL H 554 -33.86 15.67 -11.52
N ILE H 555 -32.99 16.50 -12.06
CA ILE H 555 -31.61 16.12 -12.37
C ILE H 555 -30.70 16.87 -11.42
N ILE H 556 -30.05 16.15 -10.52
CA ILE H 556 -29.15 16.73 -9.53
C ILE H 556 -27.77 16.10 -9.71
N SER H 557 -26.79 16.93 -10.05
CA SER H 557 -25.44 16.44 -10.25
C SER H 557 -24.74 16.24 -8.91
N GLY H 558 -23.78 15.32 -8.90
CA GLY H 558 -23.02 15.07 -7.68
C GLY H 558 -22.01 16.18 -7.41
N LYS H 559 -21.87 16.52 -6.14
CA LYS H 559 -20.94 17.58 -5.74
C LYS H 559 -19.49 17.09 -5.82
N VAL I 5 -27.48 -5.06 -14.06
CA VAL I 5 -28.20 -6.05 -14.85
C VAL I 5 -27.24 -6.77 -15.79
N VAL I 6 -26.68 -6.03 -16.73
CA VAL I 6 -25.66 -6.50 -17.67
C VAL I 6 -26.28 -7.47 -18.67
N PHE I 7 -27.50 -7.94 -18.39
CA PHE I 7 -28.22 -8.89 -19.23
C PHE I 7 -27.34 -10.12 -19.42
N MET I 8 -26.92 -10.47 -20.64
CA MET I 8 -26.04 -11.60 -20.83
C MET I 8 -24.69 -11.34 -20.17
N ASN I 9 -24.25 -12.29 -19.33
CA ASN I 9 -22.93 -12.21 -18.73
C ASN I 9 -21.83 -12.66 -19.66
N ALA I 10 -22.17 -13.29 -20.78
CA ALA I 10 -21.20 -13.83 -21.73
C ALA I 10 -21.26 -13.02 -23.01
N SER I 11 -20.22 -12.23 -23.26
CA SER I 11 -20.05 -11.49 -24.51
C SER I 11 -21.31 -10.68 -24.87
N GLN I 12 -21.72 -9.82 -23.93
CA GLN I 12 -22.85 -8.93 -24.20
C GLN I 12 -22.60 -8.11 -25.46
N GLU I 13 -21.34 -7.73 -25.71
CA GLU I 13 -20.96 -7.15 -26.98
C GLU I 13 -20.72 -8.25 -28.00
N ARG I 14 -21.08 -7.96 -29.25
CA ARG I 14 -21.06 -8.98 -30.30
C ARG I 14 -20.33 -8.47 -31.53
N THR I 15 -19.64 -9.38 -32.20
CA THR I 15 -18.98 -9.13 -33.48
C THR I 15 -19.68 -9.98 -34.52
N THR I 16 -20.42 -9.33 -35.43
CA THR I 16 -21.21 -10.01 -36.44
C THR I 16 -20.99 -9.35 -37.79
N GLY I 17 -21.46 -10.03 -38.84
CA GLY I 17 -21.28 -9.54 -40.19
C GLY I 17 -19.98 -9.99 -40.82
N ARG I 18 -19.43 -9.17 -41.72
CA ARG I 18 -18.18 -9.52 -42.38
C ARG I 18 -17.00 -9.55 -41.41
N GLN I 19 -17.11 -8.89 -40.26
CA GLN I 19 -16.02 -8.91 -39.29
C GLN I 19 -15.80 -10.31 -38.72
N ALA I 20 -16.88 -11.07 -38.55
CA ALA I 20 -16.75 -12.43 -38.05
C ALA I 20 -16.29 -13.39 -39.13
N GLN I 21 -16.58 -13.09 -40.39
CA GLN I 21 -16.14 -13.95 -41.49
C GLN I 21 -14.65 -13.78 -41.77
N ILE I 22 -14.14 -12.55 -41.64
CA ILE I 22 -12.72 -12.30 -41.86
C ILE I 22 -11.89 -12.96 -40.77
N SER I 23 -12.35 -12.89 -39.52
CA SER I 23 -11.61 -13.50 -38.42
C SER I 23 -11.58 -15.03 -38.56
N ASN I 24 -12.60 -15.63 -39.16
CA ASN I 24 -12.61 -17.08 -39.34
C ASN I 24 -11.72 -17.49 -40.52
N ILE I 25 -11.67 -16.69 -41.57
CA ILE I 25 -10.86 -17.03 -42.73
C ILE I 25 -9.38 -16.74 -42.47
N THR I 26 -9.07 -15.61 -41.83
CA THR I 26 -7.68 -15.25 -41.58
C THR I 26 -7.03 -16.25 -40.62
N ALA I 27 -7.74 -16.65 -39.57
CA ALA I 27 -7.18 -17.61 -38.63
C ALA I 27 -7.02 -18.99 -39.26
N ALA I 28 -7.96 -19.37 -40.12
CA ALA I 28 -7.84 -20.65 -40.81
C ALA I 28 -6.67 -20.67 -41.78
N LYS I 29 -6.39 -19.54 -42.42
CA LYS I 29 -5.24 -19.47 -43.31
C LYS I 29 -3.92 -19.53 -42.54
N ALA I 30 -3.88 -18.96 -41.33
CA ALA I 30 -2.67 -19.00 -40.53
C ALA I 30 -2.32 -20.42 -40.10
N VAL I 31 -3.30 -21.31 -40.01
CA VAL I 31 -3.03 -22.68 -39.65
C VAL I 31 -2.28 -23.39 -40.77
N ALA I 32 -2.68 -23.14 -42.02
CA ALA I 32 -2.04 -23.77 -43.16
C ALA I 32 -0.73 -23.11 -43.55
N ASP I 33 -0.54 -21.84 -43.21
CA ASP I 33 0.66 -21.13 -43.63
C ASP I 33 1.91 -21.64 -42.92
N VAL I 34 1.77 -22.13 -41.68
CA VAL I 34 2.94 -22.59 -40.94
C VAL I 34 3.41 -23.94 -41.46
N ILE I 35 2.50 -24.76 -42.01
CA ILE I 35 2.86 -26.08 -42.51
C ILE I 35 3.18 -26.09 -44.00
N ARG I 36 3.17 -24.92 -44.66
CA ARG I 36 3.50 -24.89 -46.08
C ARG I 36 4.90 -25.42 -46.34
N THR I 37 5.84 -25.14 -45.44
CA THR I 37 7.20 -25.67 -45.56
C THR I 37 7.30 -27.14 -45.19
N CYS I 38 6.22 -27.74 -44.67
CA CYS I 38 6.21 -29.14 -44.26
C CYS I 38 5.76 -30.08 -45.38
N LEU I 39 5.52 -29.57 -46.58
CA LEU I 39 5.05 -30.37 -47.69
C LEU I 39 6.17 -30.56 -48.71
N GLY I 40 6.32 -31.79 -49.20
CA GLY I 40 7.32 -32.10 -50.21
C GLY I 40 8.49 -32.88 -49.65
N PRO I 41 9.27 -33.51 -50.53
CA PRO I 41 10.44 -34.26 -50.06
C PRO I 41 11.54 -33.38 -49.50
N LYS I 42 11.60 -32.12 -49.89
CA LYS I 42 12.58 -31.17 -49.37
C LYS I 42 12.06 -30.43 -48.13
N ALA I 43 10.90 -30.82 -47.62
CA ALA I 43 10.27 -30.11 -46.51
C ALA I 43 11.18 -30.04 -45.30
N MET I 44 11.04 -28.96 -44.55
CA MET I 44 11.86 -28.73 -43.37
C MET I 44 11.20 -29.41 -42.17
N LEU I 45 11.71 -29.14 -40.97
CA LEU I 45 11.17 -29.72 -39.74
C LEU I 45 10.73 -28.61 -38.80
N LYS I 46 9.84 -28.97 -37.88
CA LYS I 46 9.30 -28.03 -36.90
C LYS I 46 9.49 -28.62 -35.51
N MET I 47 9.99 -27.80 -34.58
CA MET I 47 10.19 -28.19 -33.21
C MET I 47 9.13 -27.56 -32.32
N LEU I 48 8.62 -28.33 -31.37
CA LEU I 48 7.53 -27.91 -30.50
C LEU I 48 7.96 -28.02 -29.04
N LEU I 49 7.57 -27.02 -28.24
CA LEU I 49 7.90 -26.98 -26.83
C LEU I 49 6.61 -27.07 -26.02
N ASP I 50 6.41 -28.17 -25.33
CA ASP I 50 5.28 -28.36 -24.44
C ASP I 50 5.58 -27.81 -23.06
N PRO I 51 4.56 -27.54 -22.24
CA PRO I 51 4.83 -27.08 -20.87
C PRO I 51 5.52 -28.13 -20.01
N MET I 52 5.49 -29.40 -20.41
CA MET I 52 6.17 -30.45 -19.67
C MET I 52 7.67 -30.47 -19.94
N GLY I 53 8.12 -29.96 -21.08
CA GLY I 53 9.52 -29.93 -21.43
C GLY I 53 9.92 -30.90 -22.51
N GLY I 54 9.05 -31.83 -22.89
CA GLY I 54 9.39 -32.78 -23.94
C GLY I 54 9.44 -32.12 -25.30
N LEU I 55 10.51 -32.37 -26.04
CA LEU I 55 10.71 -31.78 -27.36
C LEU I 55 10.23 -32.76 -28.43
N VAL I 56 9.43 -32.26 -29.36
CA VAL I 56 8.91 -33.05 -30.47
C VAL I 56 9.33 -32.35 -31.76
N LEU I 57 10.18 -33.00 -32.54
CA LEU I 57 10.67 -32.47 -33.81
C LEU I 57 10.21 -33.38 -34.93
N THR I 58 9.29 -32.89 -35.76
CA THR I 58 8.76 -33.69 -36.85
C THR I 58 8.17 -32.76 -37.91
N ASN I 59 8.05 -33.30 -39.12
CA ASN I 59 7.37 -32.62 -40.22
C ASN I 59 5.92 -33.06 -40.39
N ASP I 60 5.43 -33.95 -39.52
CA ASP I 60 4.07 -34.45 -39.65
C ASP I 60 3.06 -33.34 -39.38
N GLY I 61 1.97 -33.36 -40.12
CA GLY I 61 0.97 -32.31 -39.98
C GLY I 61 0.19 -32.39 -38.70
N HIS I 62 -0.26 -33.60 -38.34
CA HIS I 62 -1.08 -33.75 -37.14
C HIS I 62 -0.27 -33.53 -35.87
N ALA I 63 0.98 -34.01 -35.85
CA ALA I 63 1.79 -33.87 -34.64
C ALA I 63 2.09 -32.41 -34.32
N ILE I 64 2.11 -31.54 -35.34
CA ILE I 64 2.35 -30.12 -35.10
C ILE I 64 1.09 -29.44 -34.59
N LEU I 65 -0.08 -29.82 -35.13
CA LEU I 65 -1.31 -29.11 -34.80
C LEU I 65 -1.78 -29.41 -33.39
N ARG I 66 -1.77 -30.69 -32.98
CA ARG I 66 -2.35 -31.06 -31.70
C ARG I 66 -1.51 -30.59 -30.52
N GLU I 67 -0.23 -30.28 -30.72
CA GLU I 67 0.63 -29.83 -29.64
C GLU I 67 0.72 -28.31 -29.54
N ILE I 68 0.01 -27.58 -30.40
CA ILE I 68 -0.01 -26.12 -30.37
C ILE I 68 -1.35 -25.67 -29.83
N ASP I 69 -1.32 -24.77 -28.85
CA ASP I 69 -2.53 -24.22 -28.26
C ASP I 69 -2.93 -22.96 -29.02
N VAL I 70 -4.09 -23.01 -29.67
CA VAL I 70 -4.60 -21.91 -30.46
C VAL I 70 -5.74 -21.25 -29.69
N ALA I 71 -5.59 -19.95 -29.41
CA ALA I 71 -6.62 -19.20 -28.70
C ALA I 71 -7.81 -18.86 -29.58
N HIS I 72 -7.66 -18.89 -30.90
CA HIS I 72 -8.76 -18.58 -31.79
C HIS I 72 -9.73 -19.76 -31.85
N PRO I 73 -11.00 -19.58 -31.49
CA PRO I 73 -11.91 -20.74 -31.41
C PRO I 73 -12.14 -21.42 -32.74
N ALA I 74 -12.35 -20.66 -33.82
CA ALA I 74 -12.63 -21.28 -35.11
C ALA I 74 -11.39 -21.94 -35.70
N ALA I 75 -10.19 -21.42 -35.36
CA ALA I 75 -8.96 -22.05 -35.82
C ALA I 75 -8.69 -23.36 -35.11
N LYS I 76 -9.31 -23.60 -33.95
CA LYS I 76 -9.16 -24.89 -33.28
C LYS I 76 -9.82 -26.01 -34.05
N SER I 77 -10.88 -25.69 -34.80
CA SER I 77 -11.50 -26.69 -35.67
C SER I 77 -10.53 -27.18 -36.73
N MET I 78 -9.59 -26.32 -37.15
CA MET I 78 -8.55 -26.76 -38.08
C MET I 78 -7.60 -27.74 -37.42
N LEU I 79 -7.42 -27.64 -36.10
CA LEU I 79 -6.52 -28.53 -35.40
C LEU I 79 -7.05 -29.96 -35.35
N GLU I 80 -8.36 -30.12 -35.29
CA GLU I 80 -8.98 -31.44 -35.19
C GLU I 80 -9.18 -32.10 -36.55
N LEU I 81 -8.96 -31.38 -37.65
CA LEU I 81 -9.11 -31.99 -38.97
C LEU I 81 -8.03 -33.02 -39.23
N SER I 82 -6.79 -32.74 -38.78
CA SER I 82 -5.71 -33.71 -38.94
C SER I 82 -5.95 -34.96 -38.10
N ARG I 83 -6.71 -34.85 -37.01
CA ARG I 83 -7.05 -36.02 -36.23
C ARG I 83 -8.00 -36.94 -37.00
N THR I 84 -8.90 -36.36 -37.79
CA THR I 84 -9.78 -37.18 -38.63
C THR I 84 -8.98 -37.94 -39.67
N GLN I 85 -7.98 -37.29 -40.27
CA GLN I 85 -7.15 -37.96 -41.27
C GLN I 85 -6.20 -38.97 -40.62
N ASP I 86 -5.77 -38.71 -39.39
CA ASP I 86 -4.81 -39.59 -38.73
C ASP I 86 -5.49 -40.84 -38.18
N GLU I 87 -6.67 -40.70 -37.57
CA GLU I 87 -7.33 -41.85 -36.97
C GLU I 87 -7.92 -42.77 -38.03
N GLU I 88 -8.49 -42.20 -39.09
CA GLU I 88 -9.10 -43.03 -40.12
C GLU I 88 -8.06 -43.66 -41.05
N VAL I 89 -7.04 -42.89 -41.44
CA VAL I 89 -6.02 -43.37 -42.36
C VAL I 89 -4.65 -43.29 -41.70
N GLY I 90 -4.20 -42.07 -41.41
CA GLY I 90 -2.89 -41.83 -40.85
C GLY I 90 -1.92 -41.19 -41.81
N ASP I 91 -2.24 -41.13 -43.11
CA ASP I 91 -1.40 -40.50 -44.11
C ASP I 91 -2.20 -39.41 -44.81
N GLY I 92 -1.52 -38.31 -45.13
CA GLY I 92 -2.17 -37.20 -45.79
C GLY I 92 -2.70 -36.13 -44.87
N THR I 93 -2.23 -36.06 -43.62
CA THR I 93 -2.75 -35.09 -42.68
C THR I 93 -2.35 -33.66 -43.04
N THR I 94 -1.19 -33.49 -43.69
CA THR I 94 -0.72 -32.15 -44.02
C THR I 94 -1.49 -31.55 -45.19
N THR I 95 -1.79 -32.35 -46.21
CA THR I 95 -2.49 -31.85 -47.38
C THR I 95 -3.94 -31.49 -47.08
N VAL I 96 -4.52 -32.01 -45.99
CA VAL I 96 -5.89 -31.67 -45.63
C VAL I 96 -5.98 -30.21 -45.21
N ILE I 97 -5.05 -29.77 -44.36
CA ILE I 97 -5.10 -28.39 -43.86
C ILE I 97 -4.69 -27.42 -44.96
N ILE I 98 -3.72 -27.80 -45.79
CA ILE I 98 -3.32 -26.93 -46.90
C ILE I 98 -4.46 -26.75 -47.89
N LEU I 99 -5.21 -27.83 -48.15
CA LEU I 99 -6.35 -27.72 -49.06
C LEU I 99 -7.51 -26.97 -48.41
N ALA I 100 -7.86 -27.35 -47.18
CA ALA I 100 -8.95 -26.67 -46.49
C ALA I 100 -8.62 -25.22 -46.20
N GLY I 101 -7.36 -24.91 -45.90
CA GLY I 101 -6.97 -23.53 -45.69
C GLY I 101 -6.98 -22.71 -46.97
N GLU I 102 -6.74 -23.34 -48.11
CA GLU I 102 -6.77 -22.63 -49.39
C GLU I 102 -8.20 -22.40 -49.87
N ILE I 103 -9.13 -23.31 -49.55
CA ILE I 103 -10.52 -23.12 -49.93
C ILE I 103 -11.07 -21.84 -49.34
N LEU I 104 -10.95 -21.69 -48.02
CA LEU I 104 -11.42 -20.47 -47.36
C LEU I 104 -10.63 -19.25 -47.83
N ALA I 105 -9.36 -19.44 -48.18
CA ALA I 105 -8.58 -18.34 -48.75
C ALA I 105 -9.12 -17.94 -50.12
N GLN I 106 -9.53 -18.93 -50.93
CA GLN I 106 -10.10 -18.63 -52.23
C GLN I 106 -11.56 -18.21 -52.13
N CYS I 107 -12.29 -18.73 -51.14
CA CYS I 107 -13.69 -18.37 -50.96
C CYS I 107 -13.89 -17.03 -50.26
N ALA I 108 -12.81 -16.39 -49.81
CA ALA I 108 -12.96 -15.12 -49.10
C ALA I 108 -13.53 -14.01 -49.98
N PRO I 109 -13.03 -13.75 -51.24
CA PRO I 109 -13.59 -12.68 -52.06
C PRO I 109 -14.93 -13.03 -52.73
N TYR I 110 -15.88 -13.45 -51.90
CA TYR I 110 -17.24 -13.72 -52.37
C TYR I 110 -18.24 -13.02 -51.47
N LEU I 111 -18.31 -13.42 -50.19
CA LEU I 111 -19.19 -12.75 -49.25
C LEU I 111 -18.85 -11.27 -49.14
N ILE I 112 -17.57 -10.93 -49.22
CA ILE I 112 -17.15 -9.53 -49.16
C ILE I 112 -17.35 -8.85 -50.51
N GLU I 113 -17.02 -9.55 -51.60
CA GLU I 113 -17.07 -8.95 -52.93
C GLU I 113 -18.38 -9.26 -53.64
N LYS I 114 -18.55 -10.52 -54.05
CA LYS I 114 -19.73 -10.92 -54.81
C LYS I 114 -21.01 -10.93 -53.98
N ASN I 115 -20.90 -10.88 -52.65
CA ASN I 115 -22.06 -10.88 -51.75
C ASN I 115 -22.93 -12.11 -51.97
N ILE I 116 -22.29 -13.25 -52.20
CA ILE I 116 -23.00 -14.53 -52.38
C ILE I 116 -23.24 -15.16 -51.02
N HIS I 117 -24.47 -15.65 -50.82
CA HIS I 117 -24.82 -16.23 -49.53
C HIS I 117 -24.04 -17.53 -49.32
N PRO I 118 -23.63 -17.82 -48.08
CA PRO I 118 -22.82 -19.02 -47.84
C PRO I 118 -23.51 -20.32 -48.25
N VAL I 119 -24.81 -20.45 -47.99
CA VAL I 119 -25.52 -21.68 -48.36
C VAL I 119 -25.49 -21.89 -49.87
N ILE I 120 -25.55 -20.79 -50.63
CA ILE I 120 -25.41 -20.89 -52.08
C ILE I 120 -24.04 -21.45 -52.45
N ILE I 121 -23.00 -21.05 -51.70
CA ILE I 121 -21.67 -21.59 -51.93
C ILE I 121 -21.60 -23.03 -51.45
N ILE I 122 -22.25 -23.35 -50.33
CA ILE I 122 -22.24 -24.71 -49.81
C ILE I 122 -22.86 -25.67 -50.81
N GLN I 123 -23.96 -25.27 -51.45
CA GLN I 123 -24.58 -26.12 -52.47
C GLN I 123 -23.63 -26.33 -53.64
N ALA I 124 -22.77 -25.36 -53.93
CA ALA I 124 -21.77 -25.54 -54.97
C ALA I 124 -20.59 -26.38 -54.50
N LEU I 125 -20.24 -26.29 -53.21
CA LEU I 125 -19.16 -27.12 -52.69
C LEU I 125 -19.55 -28.59 -52.63
N LYS I 126 -20.82 -28.89 -52.38
CA LYS I 126 -21.27 -30.28 -52.35
C LYS I 126 -21.31 -30.87 -53.76
N LYS I 127 -21.74 -30.07 -54.74
CA LYS I 127 -21.73 -30.55 -56.13
C LYS I 127 -20.31 -30.69 -56.66
N ALA I 128 -19.40 -29.81 -56.24
CA ALA I 128 -18.01 -29.95 -56.64
C ALA I 128 -17.33 -31.11 -55.93
N LEU I 129 -17.82 -31.49 -54.74
CA LEU I 129 -17.26 -32.63 -54.04
C LEU I 129 -17.62 -33.94 -54.73
N THR I 130 -18.84 -34.05 -55.24
CA THR I 130 -19.26 -35.25 -55.95
C THR I 130 -18.49 -35.42 -57.25
N ASP I 131 -18.31 -34.33 -58.00
CA ASP I 131 -17.55 -34.40 -59.25
C ASP I 131 -16.07 -34.65 -59.00
N ALA I 132 -15.54 -34.19 -57.86
CA ALA I 132 -14.14 -34.43 -57.55
C ALA I 132 -13.88 -35.90 -57.25
N LEU I 133 -14.83 -36.57 -56.60
CA LEU I 133 -14.65 -37.99 -56.32
C LEU I 133 -14.70 -38.83 -57.57
N GLU I 134 -15.44 -38.38 -58.59
CA GLU I 134 -15.48 -39.13 -59.85
C GLU I 134 -14.19 -38.99 -60.62
N VAL I 135 -13.59 -37.79 -60.60
CA VAL I 135 -12.32 -37.59 -61.29
C VAL I 135 -11.21 -38.41 -60.63
N ILE I 136 -11.22 -38.48 -59.29
CA ILE I 136 -10.23 -39.28 -58.58
C ILE I 136 -10.45 -40.77 -58.87
N LYS I 137 -11.70 -41.19 -59.05
CA LYS I 137 -11.97 -42.59 -59.36
C LYS I 137 -11.54 -42.93 -60.78
N GLN I 138 -11.65 -41.98 -61.72
CA GLN I 138 -11.25 -42.26 -63.10
C GLN I 138 -9.73 -42.32 -63.23
N VAL I 139 -9.01 -41.46 -62.53
CA VAL I 139 -7.55 -41.46 -62.61
C VAL I 139 -6.92 -42.58 -61.81
N SER I 140 -7.70 -43.32 -61.03
CA SER I 140 -7.19 -44.42 -60.23
C SER I 140 -7.17 -45.70 -61.05
N LYS I 141 -6.10 -46.48 -60.89
CA LYS I 141 -5.93 -47.74 -61.59
C LYS I 141 -5.70 -48.86 -60.59
N PRO I 142 -6.30 -50.03 -60.82
CA PRO I 142 -6.06 -51.16 -59.91
C PRO I 142 -4.71 -51.81 -60.13
N VAL I 143 -4.17 -52.38 -59.06
CA VAL I 143 -2.90 -53.08 -59.09
C VAL I 143 -3.03 -54.36 -58.26
N ASP I 144 -2.05 -55.25 -58.42
CA ASP I 144 -2.05 -56.50 -57.69
C ASP I 144 -1.72 -56.26 -56.22
N VAL I 145 -2.61 -56.73 -55.33
CA VAL I 145 -2.40 -56.56 -53.90
C VAL I 145 -1.53 -57.64 -53.30
N GLU I 146 -1.31 -58.75 -54.02
CA GLU I 146 -0.49 -59.85 -53.54
C GLU I 146 0.96 -59.76 -53.99
N ASN I 147 1.33 -58.71 -54.73
CA ASN I 147 2.69 -58.54 -55.23
C ASN I 147 3.51 -57.85 -54.14
N ASP I 148 4.56 -58.51 -53.67
CA ASP I 148 5.41 -57.92 -52.65
C ASP I 148 6.29 -56.82 -53.20
N ALA I 149 6.75 -56.96 -54.45
CA ALA I 149 7.58 -55.93 -55.06
C ALA I 149 6.78 -54.66 -55.37
N ALA I 150 5.48 -54.81 -55.62
CA ALA I 150 4.66 -53.64 -55.91
C ALA I 150 4.30 -52.86 -54.66
N MET I 151 4.14 -53.55 -53.52
CA MET I 151 3.82 -52.87 -52.28
C MET I 151 5.01 -52.15 -51.65
N LYS I 152 6.23 -52.53 -52.02
CA LYS I 152 7.40 -51.84 -51.49
C LYS I 152 7.52 -50.43 -52.06
N LYS I 153 7.16 -50.25 -53.34
CA LYS I 153 7.19 -48.93 -53.95
C LYS I 153 6.05 -48.04 -53.46
N LEU I 154 4.96 -48.64 -52.98
CA LEU I 154 3.84 -47.85 -52.47
C LEU I 154 4.13 -47.30 -51.08
N ILE I 155 4.88 -48.03 -50.27
CA ILE I 155 5.23 -47.54 -48.93
C ILE I 155 6.22 -46.39 -49.03
N GLN I 156 7.04 -46.36 -50.07
CA GLN I 156 8.01 -45.29 -50.27
C GLN I 156 7.35 -43.94 -50.57
N ALA I 157 6.04 -43.91 -50.81
CA ALA I 157 5.37 -42.65 -51.09
C ALA I 157 5.43 -41.71 -49.89
N SER I 158 5.02 -42.18 -48.73
CA SER I 158 5.10 -41.38 -47.51
C SER I 158 6.50 -41.31 -46.94
N ILE I 159 7.38 -42.24 -47.33
CA ILE I 159 8.75 -42.23 -46.81
C ILE I 159 9.59 -41.18 -47.53
N GLY I 160 9.29 -40.88 -48.79
CA GLY I 160 10.08 -39.92 -49.54
C GLY I 160 10.17 -38.56 -48.89
N THR I 161 9.12 -38.15 -48.17
CA THR I 161 9.15 -36.90 -47.44
C THR I 161 9.92 -37.05 -46.12
N LYS I 162 9.74 -38.17 -45.44
CA LYS I 162 10.32 -38.36 -44.12
C LYS I 162 11.82 -38.59 -44.21
N TYR I 163 12.49 -38.36 -43.07
CA TYR I 163 13.94 -38.50 -42.96
C TYR I 163 14.42 -39.94 -43.11
N VAL I 164 13.50 -40.92 -43.12
CA VAL I 164 13.87 -42.33 -43.14
C VAL I 164 14.05 -42.79 -44.59
N ILE I 165 13.97 -41.86 -45.53
CA ILE I 165 14.15 -42.20 -46.95
C ILE I 165 15.53 -42.79 -47.20
N HIS I 166 16.52 -42.45 -46.37
CA HIS I 166 17.84 -43.07 -46.51
C HIS I 166 17.79 -44.56 -46.20
N TRP I 167 16.99 -44.95 -45.21
CA TRP I 167 16.77 -46.35 -44.86
C TRP I 167 15.55 -46.95 -45.53
N SER I 168 14.92 -46.21 -46.45
CA SER I 168 13.68 -46.66 -47.08
C SER I 168 13.77 -48.09 -47.61
N GLU I 169 14.92 -48.45 -48.19
CA GLU I 169 15.10 -49.82 -48.67
C GLU I 169 14.98 -50.81 -47.52
N LYS I 170 15.54 -50.47 -46.36
CA LYS I 170 15.41 -51.33 -45.18
C LYS I 170 14.07 -51.14 -44.49
N MET I 171 13.51 -49.93 -44.52
CA MET I 171 12.26 -49.67 -43.80
C MET I 171 11.07 -50.35 -44.46
N CYS I 172 11.09 -50.50 -45.79
CA CYS I 172 9.98 -51.17 -46.46
C CYS I 172 9.89 -52.64 -46.09
N GLU I 173 11.02 -53.30 -45.88
CA GLU I 173 11.01 -54.69 -45.46
C GLU I 173 10.49 -54.83 -44.04
N LEU I 174 10.61 -53.78 -43.22
CA LEU I 174 10.11 -53.83 -41.85
C LEU I 174 8.60 -53.63 -41.81
N ALA I 175 8.08 -52.70 -42.61
CA ALA I 175 6.64 -52.42 -42.61
C ALA I 175 5.85 -53.45 -43.41
N LEU I 176 6.47 -54.13 -44.37
CA LEU I 176 5.74 -55.10 -45.18
C LEU I 176 5.38 -56.34 -44.37
N ASP I 177 6.37 -56.92 -43.68
CA ASP I 177 6.12 -58.12 -42.90
C ASP I 177 5.29 -57.84 -41.65
N ALA I 178 5.22 -56.59 -41.20
CA ALA I 178 4.44 -56.27 -40.02
C ALA I 178 2.95 -56.27 -40.30
N VAL I 179 2.54 -55.73 -41.46
CA VAL I 179 1.13 -55.70 -41.81
C VAL I 179 0.66 -57.08 -42.23
N LYS I 180 1.52 -57.83 -42.93
CA LYS I 180 1.14 -59.17 -43.39
C LYS I 180 1.01 -60.16 -42.24
N THR I 181 1.67 -59.91 -41.11
CA THR I 181 1.60 -60.84 -39.98
C THR I 181 0.30 -60.69 -39.20
N VAL I 182 -0.14 -59.45 -38.95
CA VAL I 182 -1.32 -59.23 -38.14
C VAL I 182 -2.62 -59.39 -38.93
N ARG I 183 -2.56 -59.32 -40.26
CA ARG I 183 -3.77 -59.44 -41.05
C ARG I 183 -4.24 -60.89 -41.11
N LYS I 184 -5.54 -61.06 -41.32
CA LYS I 184 -6.13 -62.39 -41.39
C LYS I 184 -7.40 -62.33 -42.23
N ASP I 185 -7.85 -63.49 -42.67
CA ASP I 185 -9.07 -63.61 -43.45
C ASP I 185 -10.27 -63.72 -42.52
N LEU I 186 -11.37 -63.08 -42.90
CA LEU I 186 -12.59 -63.11 -42.10
C LEU I 186 -13.83 -63.17 -43.01
N ASN I 195 -14.32 -58.07 -42.44
CA ASN I 195 -14.17 -57.11 -43.53
C ASN I 195 -12.77 -57.16 -44.12
N PHE I 196 -12.50 -58.21 -44.90
CA PHE I 196 -11.22 -58.44 -45.57
C PHE I 196 -10.14 -58.60 -44.50
N GLU I 197 -9.06 -57.82 -44.52
CA GLU I 197 -7.92 -58.10 -43.67
C GLU I 197 -8.12 -57.61 -42.23
N ILE I 198 -8.97 -56.60 -42.04
CA ILE I 198 -9.33 -56.03 -40.74
C ILE I 198 -8.10 -55.84 -39.83
N ASP I 199 -7.00 -55.39 -40.42
CA ASP I 199 -5.79 -55.15 -39.64
C ASP I 199 -5.97 -53.94 -38.72
N ILE I 200 -5.33 -54.01 -37.56
CA ILE I 200 -5.46 -52.98 -36.53
C ILE I 200 -4.06 -52.66 -35.99
N LYS I 201 -3.81 -51.38 -35.73
CA LYS I 201 -2.51 -50.96 -35.20
C LYS I 201 -2.24 -51.54 -33.82
N ARG I 202 -3.30 -51.87 -33.06
CA ARG I 202 -3.12 -52.36 -31.71
C ARG I 202 -2.44 -53.73 -31.65
N TYR I 203 -2.52 -54.51 -32.73
CA TYR I 203 -1.83 -55.80 -32.77
C TYR I 203 -0.35 -55.63 -33.08
N VAL I 204 0.03 -54.57 -33.78
CA VAL I 204 1.43 -54.32 -34.11
C VAL I 204 2.09 -53.62 -32.93
N ARG I 205 3.20 -54.18 -32.47
CA ARG I 205 3.95 -53.63 -31.34
C ARG I 205 5.24 -52.99 -31.85
N VAL I 206 5.44 -51.73 -31.52
CA VAL I 206 6.66 -51.00 -31.87
C VAL I 206 7.37 -50.65 -30.57
N GLU I 207 8.51 -51.29 -30.32
CA GLU I 207 9.30 -51.03 -29.12
C GLU I 207 10.45 -50.11 -29.45
N LYS I 208 10.68 -49.13 -28.58
CA LYS I 208 11.71 -48.12 -28.77
C LYS I 208 12.88 -48.43 -27.82
N ILE I 209 14.01 -48.84 -28.40
CA ILE I 209 15.20 -49.19 -27.66
C ILE I 209 16.28 -48.16 -27.99
N PRO I 210 16.68 -47.31 -27.05
CA PRO I 210 17.73 -46.31 -27.34
C PRO I 210 19.05 -46.98 -27.71
N GLY I 211 19.82 -46.29 -28.54
CA GLY I 211 21.09 -46.80 -28.99
C GLY I 211 20.96 -47.78 -30.15
N GLY I 212 22.11 -48.15 -30.70
CA GLY I 212 22.16 -49.07 -31.82
C GLY I 212 22.27 -48.35 -33.17
N ASP I 213 21.97 -49.12 -34.21
CA ASP I 213 22.03 -48.62 -35.58
C ASP I 213 20.69 -48.84 -36.26
N VAL I 214 20.30 -47.88 -37.11
CA VAL I 214 19.04 -48.00 -37.85
C VAL I 214 19.18 -49.01 -38.97
N LEU I 215 20.38 -49.13 -39.55
CA LEU I 215 20.60 -50.07 -40.65
C LEU I 215 20.39 -51.51 -40.20
N ASP I 216 20.62 -51.81 -38.92
CA ASP I 216 20.46 -53.15 -38.38
C ASP I 216 19.13 -53.21 -37.63
N SER I 217 18.17 -53.92 -38.19
CA SER I 217 16.87 -54.09 -37.56
C SER I 217 16.22 -55.35 -38.12
N ARG I 218 15.25 -55.87 -37.37
CA ARG I 218 14.53 -57.07 -37.79
C ARG I 218 13.13 -57.04 -37.18
N VAL I 219 12.19 -57.65 -37.90
CA VAL I 219 10.82 -57.80 -37.42
C VAL I 219 10.75 -59.07 -36.60
N LEU I 220 10.42 -58.92 -35.31
CA LEU I 220 10.31 -60.04 -34.39
C LEU I 220 8.84 -60.34 -34.13
N LYS I 221 8.45 -61.59 -34.29
CA LYS I 221 7.07 -62.02 -34.04
C LYS I 221 7.00 -62.53 -32.61
N GLY I 222 6.30 -61.79 -31.77
CA GLY I 222 6.24 -62.09 -30.35
C GLY I 222 6.03 -60.82 -29.55
N VAL I 223 6.38 -60.89 -28.28
CA VAL I 223 6.25 -59.75 -27.36
C VAL I 223 7.61 -59.54 -26.68
N LEU I 224 8.14 -58.32 -26.79
CA LEU I 224 9.40 -57.96 -26.17
C LEU I 224 9.12 -57.32 -24.81
N LEU I 225 9.51 -58.00 -23.74
CA LEU I 225 9.28 -57.53 -22.38
C LEU I 225 10.58 -57.05 -21.77
N ASN I 226 10.51 -55.98 -20.98
CA ASN I 226 11.67 -55.41 -20.32
C ASN I 226 11.86 -55.93 -18.90
N LYS I 227 11.00 -56.84 -18.45
CA LYS I 227 11.11 -57.36 -17.08
C LYS I 227 12.16 -58.46 -17.00
N ASP I 228 12.87 -58.49 -15.88
CA ASP I 228 13.89 -59.50 -15.64
C ASP I 228 13.25 -60.75 -15.06
N VAL I 229 14.06 -61.79 -14.84
CA VAL I 229 13.58 -63.02 -14.24
C VAL I 229 13.45 -62.81 -12.73
N VAL I 230 12.52 -63.57 -12.13
CA VAL I 230 12.25 -63.40 -10.70
C VAL I 230 13.25 -64.17 -9.84
N HIS I 231 13.99 -65.12 -10.41
CA HIS I 231 14.93 -65.92 -9.64
C HIS I 231 16.17 -66.16 -10.50
N PRO I 232 17.36 -66.18 -9.89
CA PRO I 232 18.58 -66.38 -10.69
C PRO I 232 18.65 -67.74 -11.36
N LYS I 233 18.14 -68.79 -10.73
CA LYS I 233 18.22 -70.13 -11.32
C LYS I 233 17.35 -70.26 -12.57
N MET I 234 16.41 -69.35 -12.78
CA MET I 234 15.51 -69.44 -13.94
C MET I 234 16.31 -69.46 -15.23
N SER I 235 16.04 -70.46 -16.07
CA SER I 235 16.77 -70.60 -17.32
C SER I 235 16.37 -69.50 -18.29
N ARG I 236 17.36 -68.77 -18.80
CA ARG I 236 17.13 -67.68 -19.72
C ARG I 236 17.08 -68.13 -21.18
N HIS I 237 17.33 -69.40 -21.46
CA HIS I 237 17.28 -69.94 -22.81
C HIS I 237 16.55 -71.28 -22.77
N ILE I 238 15.47 -71.38 -23.54
CA ILE I 238 14.65 -72.59 -23.61
C ILE I 238 14.53 -73.00 -25.08
N GLU I 239 14.75 -74.29 -25.35
CA GLU I 239 14.66 -74.77 -26.72
C GLU I 239 13.21 -74.84 -27.18
N ASN I 240 12.33 -75.44 -26.39
CA ASN I 240 10.91 -75.57 -26.69
C ASN I 240 10.11 -74.92 -25.57
N PRO I 241 9.88 -73.61 -25.64
CA PRO I 241 9.15 -72.94 -24.55
C PRO I 241 7.66 -73.22 -24.59
N ARG I 242 7.06 -73.16 -23.40
CA ARG I 242 5.62 -73.33 -23.23
C ARG I 242 5.12 -72.20 -22.33
N VAL I 243 4.26 -71.34 -22.87
CA VAL I 243 3.80 -70.14 -22.19
C VAL I 243 2.39 -70.38 -21.65
N VAL I 244 2.20 -70.09 -20.37
CA VAL I 244 0.89 -70.17 -19.73
C VAL I 244 0.62 -68.83 -19.05
N LEU I 245 -0.40 -68.12 -19.51
CA LEU I 245 -0.73 -66.81 -18.97
C LEU I 245 -1.69 -66.96 -17.80
N LEU I 246 -1.41 -66.24 -16.72
CA LEU I 246 -2.22 -66.29 -15.50
C LEU I 246 -2.47 -64.86 -15.02
N ASP I 247 -3.75 -64.48 -14.92
CA ASP I 247 -4.09 -63.17 -14.40
C ASP I 247 -4.08 -63.13 -12.87
N CYS I 248 -4.16 -64.28 -12.22
CA CYS I 248 -4.16 -64.31 -10.76
C CYS I 248 -2.73 -64.19 -10.24
N PRO I 249 -2.48 -63.36 -9.23
CA PRO I 249 -1.13 -63.25 -8.68
C PRO I 249 -0.73 -64.49 -7.90
N LEU I 250 0.55 -64.84 -7.99
CA LEU I 250 1.07 -65.98 -7.25
C LEU I 250 1.18 -65.70 -5.75
N GLU I 251 1.02 -64.45 -5.34
CA GLU I 251 1.02 -64.13 -3.92
C GLU I 251 -0.22 -64.70 -3.24
N TYR I 252 -0.13 -64.82 -1.92
CA TYR I 252 -1.25 -65.34 -1.14
C TYR I 252 -2.45 -64.42 -1.27
N LYS I 253 -3.59 -64.98 -1.66
CA LYS I 253 -4.80 -64.21 -1.86
C LYS I 253 -5.49 -63.93 -0.53
N LYS I 254 -5.97 -62.69 -0.38
CA LYS I 254 -6.70 -62.28 0.81
C LYS I 254 -8.13 -61.93 0.42
N GLY I 255 -9.09 -62.42 1.21
CA GLY I 255 -10.49 -62.14 0.92
C GLY I 255 -10.84 -60.69 1.19
N GLU I 256 -11.69 -60.13 0.32
CA GLU I 256 -12.12 -58.75 0.47
C GLU I 256 -13.14 -58.57 1.59
N SER I 257 -13.62 -59.66 2.19
CA SER I 257 -14.60 -59.57 3.26
C SER I 257 -14.01 -59.07 4.57
N GLN I 258 -12.68 -58.88 4.63
CA GLN I 258 -11.99 -58.43 5.85
C GLN I 258 -12.23 -59.41 7.00
N THR I 259 -11.98 -60.69 6.73
CA THR I 259 -12.19 -61.73 7.74
C THR I 259 -11.23 -61.55 8.90
N ASN I 260 -11.78 -61.52 10.11
CA ASN I 260 -11.00 -61.43 11.34
C ASN I 260 -11.06 -62.76 12.07
N ILE I 261 -9.89 -63.35 12.34
CA ILE I 261 -9.79 -64.64 12.98
C ILE I 261 -9.51 -64.45 14.45
N GLU I 262 -10.32 -65.07 15.30
CA GLU I 262 -10.11 -65.03 16.75
C GLU I 262 -9.32 -66.28 17.15
N ILE I 263 -8.09 -66.07 17.61
CA ILE I 263 -7.19 -67.16 17.96
C ILE I 263 -7.28 -67.41 19.45
N GLU I 264 -7.59 -68.66 19.82
CA GLU I 264 -7.69 -69.06 21.22
C GLU I 264 -6.61 -70.08 21.59
N LYS I 265 -6.65 -71.26 20.98
CA LYS I 265 -5.63 -72.27 21.25
C LYS I 265 -4.28 -71.84 20.70
N GLU I 266 -3.22 -72.44 21.26
CA GLU I 266 -1.87 -72.08 20.87
C GLU I 266 -1.49 -72.62 19.49
N GLU I 267 -2.15 -73.67 19.03
CA GLU I 267 -1.86 -74.27 17.73
C GLU I 267 -2.65 -73.63 16.60
N ASP I 268 -3.49 -72.64 16.89
CA ASP I 268 -4.29 -72.01 15.83
C ASP I 268 -3.46 -71.00 15.03
N TRP I 269 -2.62 -70.22 15.70
CA TRP I 269 -1.83 -69.21 15.00
C TRP I 269 -0.74 -69.86 14.14
N ASN I 270 -0.12 -70.93 14.64
CA ASN I 270 0.91 -71.62 13.87
C ASN I 270 0.32 -72.33 12.66
N ARG I 271 -0.95 -72.74 12.74
CA ARG I 271 -1.58 -73.42 11.62
C ARG I 271 -1.97 -72.47 10.50
N ILE I 272 -2.28 -71.21 10.84
CA ILE I 272 -2.66 -70.24 9.81
C ILE I 272 -1.52 -70.01 8.84
N LEU I 273 -0.30 -69.84 9.37
CA LEU I 273 0.85 -69.63 8.49
C LEU I 273 1.18 -70.88 7.69
N GLN I 274 0.90 -72.07 8.23
CA GLN I 274 1.15 -73.29 7.49
C GLN I 274 0.16 -73.46 6.35
N ILE I 275 -1.12 -73.13 6.58
CA ILE I 275 -2.11 -73.23 5.53
C ILE I 275 -1.82 -72.25 4.41
N GLU I 276 -1.29 -71.07 4.76
CA GLU I 276 -0.86 -70.13 3.73
C GLU I 276 0.25 -70.70 2.88
N GLU I 277 1.14 -71.52 3.47
CA GLU I 277 2.19 -72.16 2.70
C GLU I 277 1.68 -73.37 1.93
N GLU I 278 0.61 -74.01 2.41
CA GLU I 278 0.09 -75.19 1.72
C GLU I 278 -0.69 -74.79 0.46
N GLN I 279 -1.43 -73.69 0.52
CA GLN I 279 -2.20 -73.26 -0.64
C GLN I 279 -1.28 -72.74 -1.75
N VAL I 280 -0.23 -72.01 -1.39
CA VAL I 280 0.74 -71.58 -2.38
C VAL I 280 1.41 -72.78 -3.03
N GLN I 281 1.73 -73.80 -2.23
CA GLN I 281 2.23 -75.05 -2.80
C GLN I 281 1.15 -75.76 -3.60
N LEU I 282 -0.11 -75.64 -3.20
CA LEU I 282 -1.19 -76.28 -3.93
C LEU I 282 -1.41 -75.60 -5.29
N MET I 283 -1.33 -74.27 -5.33
CA MET I 283 -1.49 -73.57 -6.60
C MET I 283 -0.34 -73.86 -7.55
N CYS I 284 0.85 -74.14 -7.02
CA CYS I 284 1.96 -74.54 -7.88
C CYS I 284 1.76 -75.94 -8.44
N GLU I 285 1.18 -76.84 -7.63
CA GLU I 285 0.90 -78.19 -8.13
C GLU I 285 -0.15 -78.18 -9.23
N GLN I 286 -1.10 -77.25 -9.16
CA GLN I 286 -2.08 -77.12 -10.25
C GLN I 286 -1.43 -76.61 -11.53
N ILE I 287 -0.39 -75.78 -11.40
CA ILE I 287 0.33 -75.31 -12.58
C ILE I 287 1.20 -76.42 -13.14
N LEU I 288 1.90 -77.16 -12.27
CA LEU I 288 2.78 -78.24 -12.70
C LEU I 288 2.03 -79.41 -13.31
N ALA I 289 0.70 -79.43 -13.25
CA ALA I 289 -0.07 -80.51 -13.86
C ALA I 289 0.19 -80.59 -15.36
N VAL I 290 0.26 -79.44 -16.04
CA VAL I 290 0.57 -79.40 -17.46
C VAL I 290 2.07 -79.26 -17.72
N ARG I 291 2.87 -79.03 -16.67
CA ARG I 291 4.32 -78.88 -16.75
C ARG I 291 4.73 -77.81 -17.76
N PRO I 292 4.40 -76.54 -17.52
CA PRO I 292 4.84 -75.47 -18.43
C PRO I 292 6.31 -75.12 -18.21
N THR I 293 6.97 -74.76 -19.31
CA THR I 293 8.35 -74.30 -19.22
C THR I 293 8.42 -72.83 -18.81
N LEU I 294 7.41 -72.03 -19.15
CA LEU I 294 7.40 -70.61 -18.84
C LEU I 294 6.12 -70.25 -18.12
N VAL I 295 6.20 -69.22 -17.27
CA VAL I 295 5.05 -68.67 -16.57
C VAL I 295 5.10 -67.16 -16.70
N ILE I 296 3.98 -66.56 -17.11
CA ILE I 296 3.88 -65.12 -17.29
C ILE I 296 2.61 -64.64 -16.62
N THR I 297 2.75 -63.69 -15.69
CA THR I 297 1.62 -63.11 -14.98
C THR I 297 1.73 -61.59 -15.00
N GLU I 298 0.59 -60.93 -14.84
CA GLU I 298 0.51 -59.48 -14.89
C GLU I 298 0.59 -58.84 -13.50
N LYS I 299 0.68 -59.62 -12.44
CA LYS I 299 0.74 -59.12 -11.08
C LYS I 299 2.02 -59.59 -10.40
N GLY I 300 2.15 -59.24 -9.12
CA GLY I 300 3.33 -59.61 -8.37
C GLY I 300 3.36 -61.09 -8.03
N VAL I 301 4.55 -61.58 -7.73
CA VAL I 301 4.79 -62.98 -7.41
C VAL I 301 5.48 -63.04 -6.05
N SER I 302 4.93 -63.86 -5.15
CA SER I 302 5.51 -64.01 -3.82
C SER I 302 6.80 -64.82 -3.90
N ASP I 303 7.64 -64.65 -2.88
CA ASP I 303 8.91 -65.37 -2.83
C ASP I 303 8.72 -66.83 -2.47
N LEU I 304 7.57 -67.20 -1.90
CA LEU I 304 7.32 -68.60 -1.55
C LEU I 304 6.97 -69.43 -2.79
N ALA I 305 6.19 -68.86 -3.72
CA ALA I 305 5.82 -69.56 -4.93
C ALA I 305 6.99 -69.73 -5.90
N GLN I 306 8.10 -69.03 -5.66
CA GLN I 306 9.24 -69.13 -6.57
C GLN I 306 9.99 -70.45 -6.38
N HIS I 307 10.13 -70.89 -5.12
CA HIS I 307 10.89 -72.10 -4.84
C HIS I 307 10.17 -73.34 -5.35
N TYR I 308 8.85 -73.40 -5.17
CA TYR I 308 8.09 -74.57 -5.61
C TYR I 308 8.11 -74.75 -7.12
N LEU I 309 8.34 -73.68 -7.88
CA LEU I 309 8.42 -73.77 -9.33
C LEU I 309 9.84 -73.99 -9.83
N LEU I 310 10.84 -73.96 -8.95
CA LEU I 310 12.21 -74.24 -9.38
C LEU I 310 12.42 -75.70 -9.71
N LYS I 311 11.70 -76.60 -9.03
CA LYS I 311 11.85 -78.02 -9.30
C LYS I 311 11.30 -78.39 -10.67
N GLY I 312 10.23 -77.74 -11.11
CA GLY I 312 9.64 -77.99 -12.41
C GLY I 312 10.24 -77.19 -13.54
N GLY I 313 11.14 -76.26 -13.25
CA GLY I 313 11.76 -75.45 -14.28
C GLY I 313 10.79 -74.47 -14.92
N CYS I 314 10.06 -73.72 -14.10
CA CYS I 314 9.07 -72.77 -14.57
C CYS I 314 9.64 -71.36 -14.39
N SER I 315 9.96 -70.71 -15.51
CA SER I 315 10.43 -69.33 -15.46
C SER I 315 9.25 -68.39 -15.34
N VAL I 316 9.28 -67.52 -14.33
CA VAL I 316 8.16 -66.66 -13.98
C VAL I 316 8.52 -65.21 -14.28
N LEU I 317 7.63 -64.52 -14.98
CA LEU I 317 7.73 -63.10 -15.23
C LEU I 317 6.55 -62.39 -14.58
N ARG I 318 6.82 -61.31 -13.85
CA ARG I 318 5.82 -60.63 -13.06
C ARG I 318 5.64 -59.19 -13.55
N ARG I 319 4.46 -58.64 -13.25
CA ARG I 319 4.12 -57.25 -13.57
C ARG I 319 4.22 -56.98 -15.07
N VAL I 320 3.58 -57.84 -15.85
CA VAL I 320 3.50 -57.68 -17.29
C VAL I 320 2.30 -56.79 -17.62
N LYS I 321 2.46 -55.92 -18.61
CA LYS I 321 1.40 -55.01 -19.00
C LYS I 321 0.15 -55.78 -19.43
N LYS I 322 -1.02 -55.21 -19.12
CA LYS I 322 -2.27 -55.90 -19.39
C LYS I 322 -2.48 -56.12 -20.88
N SER I 323 -2.16 -55.13 -21.70
CA SER I 323 -2.33 -55.27 -23.14
C SER I 323 -1.30 -56.21 -23.76
N ASP I 324 -0.16 -56.42 -23.08
CA ASP I 324 0.85 -57.32 -23.61
C ASP I 324 0.43 -58.78 -23.48
N ASN I 325 -0.40 -59.11 -22.48
CA ASN I 325 -0.86 -60.48 -22.32
C ASN I 325 -1.73 -60.91 -23.49
N ASN I 326 -2.56 -59.99 -24.01
CA ASN I 326 -3.36 -60.31 -25.19
C ASN I 326 -2.49 -60.51 -26.42
N ARG I 327 -1.34 -59.82 -26.48
CA ARG I 327 -0.42 -60.00 -27.60
C ARG I 327 0.41 -61.27 -27.44
N ILE I 328 0.61 -61.74 -26.21
CA ILE I 328 1.29 -63.02 -26.00
C ILE I 328 0.38 -64.16 -26.43
N ALA I 329 -0.92 -64.05 -26.14
CA ALA I 329 -1.86 -65.11 -26.49
C ALA I 329 -2.02 -65.28 -27.99
N ARG I 330 -1.73 -64.25 -28.78
CA ARG I 330 -1.85 -64.36 -30.23
C ARG I 330 -0.67 -65.12 -30.82
N VAL I 331 0.55 -64.78 -30.38
CA VAL I 331 1.75 -65.43 -30.93
C VAL I 331 1.90 -66.84 -30.37
N THR I 332 1.79 -66.98 -29.05
CA THR I 332 1.99 -68.28 -28.43
C THR I 332 0.77 -69.19 -28.52
N GLY I 333 -0.40 -68.64 -28.86
CA GLY I 333 -1.60 -69.44 -28.95
C GLY I 333 -2.19 -69.87 -27.63
N ALA I 334 -1.68 -69.37 -26.51
CA ALA I 334 -2.19 -69.74 -25.20
C ALA I 334 -3.51 -69.04 -24.92
N THR I 335 -4.30 -69.64 -24.02
CA THR I 335 -5.58 -69.10 -23.59
C THR I 335 -5.44 -68.56 -22.17
N ILE I 336 -5.89 -67.32 -21.96
CA ILE I 336 -5.78 -66.69 -20.66
C ILE I 336 -6.83 -67.28 -19.74
N VAL I 337 -6.40 -67.83 -18.60
CA VAL I 337 -7.28 -68.41 -17.60
C VAL I 337 -6.83 -67.89 -16.24
N ASN I 338 -7.78 -67.32 -15.49
CA ASN I 338 -7.44 -66.70 -14.21
C ASN I 338 -7.19 -67.75 -13.13
N ARG I 339 -8.07 -68.73 -13.01
CA ARG I 339 -7.93 -69.76 -11.98
C ARG I 339 -7.00 -70.86 -12.44
N VAL I 340 -6.20 -71.38 -11.50
CA VAL I 340 -5.26 -72.46 -11.83
C VAL I 340 -5.94 -73.82 -11.93
N GLU I 341 -7.20 -73.93 -11.53
CA GLU I 341 -7.90 -75.21 -11.60
C GLU I 341 -8.38 -75.55 -13.01
N ASP I 342 -8.57 -74.53 -13.86
CA ASP I 342 -9.03 -74.75 -15.23
C ASP I 342 -7.90 -74.90 -16.23
N LEU I 343 -6.65 -74.89 -15.77
CA LEU I 343 -5.51 -75.01 -16.68
C LEU I 343 -5.50 -76.39 -17.33
N LYS I 344 -5.41 -76.40 -18.66
CA LYS I 344 -5.38 -77.63 -19.44
C LYS I 344 -4.25 -77.55 -20.46
N GLU I 345 -3.96 -78.70 -21.08
CA GLU I 345 -2.90 -78.74 -22.09
C GLU I 345 -3.26 -77.90 -23.30
N SER I 346 -4.55 -77.72 -23.58
CA SER I 346 -4.95 -76.89 -24.70
C SER I 346 -4.70 -75.41 -24.43
N ASP I 347 -4.75 -75.00 -23.16
CA ASP I 347 -4.50 -73.61 -22.79
C ASP I 347 -3.02 -73.27 -22.75
N VAL I 348 -2.14 -74.25 -22.82
CA VAL I 348 -0.70 -74.02 -22.80
C VAL I 348 -0.25 -73.52 -24.16
N GLY I 349 0.62 -72.51 -24.16
CA GLY I 349 1.12 -71.97 -25.41
C GLY I 349 1.95 -73.00 -26.16
N THR I 350 1.75 -73.05 -27.48
CA THR I 350 2.43 -74.00 -28.35
C THR I 350 2.99 -73.26 -29.55
N ASN I 351 3.85 -73.95 -30.30
CA ASN I 351 4.51 -73.49 -31.52
C ASN I 351 5.51 -72.37 -31.28
N CYS I 352 5.61 -71.84 -30.05
CA CYS I 352 6.58 -70.79 -29.76
C CYS I 352 7.96 -71.40 -29.59
N GLY I 353 8.98 -70.63 -29.98
CA GLY I 353 10.35 -71.09 -29.89
C GLY I 353 11.31 -69.93 -29.80
N LEU I 354 12.60 -70.27 -29.66
CA LEU I 354 13.69 -69.30 -29.58
C LEU I 354 13.45 -68.30 -28.45
N PHE I 355 13.26 -68.84 -27.25
CA PHE I 355 13.14 -68.03 -26.04
C PHE I 355 14.54 -67.77 -25.50
N LYS I 356 14.94 -66.50 -25.47
CA LYS I 356 16.26 -66.13 -25.02
C LYS I 356 16.21 -64.73 -24.41
N VAL I 357 16.98 -64.53 -23.36
CA VAL I 357 17.10 -63.23 -22.70
C VAL I 357 18.48 -62.67 -23.05
N GLU I 358 18.52 -61.63 -23.88
CA GLU I 358 19.77 -60.99 -24.23
C GLU I 358 20.17 -60.00 -23.15
N MET I 359 21.48 -59.95 -22.86
CA MET I 359 21.98 -59.10 -21.79
C MET I 359 22.36 -57.73 -22.35
N ILE I 360 21.65 -56.70 -21.91
CA ILE I 360 21.94 -55.32 -22.26
C ILE I 360 22.01 -54.51 -20.97
N GLY I 361 22.98 -53.61 -20.88
CA GLY I 361 23.20 -52.87 -19.65
C GLY I 361 22.01 -52.09 -19.17
N ASP I 362 21.19 -51.58 -20.10
CA ASP I 362 20.05 -50.77 -19.70
C ASP I 362 18.96 -51.62 -19.06
N GLU I 363 18.50 -52.65 -19.76
CA GLU I 363 17.38 -53.47 -19.29
C GLU I 363 17.54 -54.89 -19.83
N TYR I 364 16.80 -55.80 -19.20
CA TYR I 364 16.76 -57.19 -19.64
C TYR I 364 15.63 -57.38 -20.66
N PHE I 365 15.98 -57.89 -21.83
CA PHE I 365 15.02 -58.08 -22.92
C PHE I 365 14.83 -59.55 -23.18
N SER I 366 13.57 -59.97 -23.36
CA SER I 366 13.21 -61.35 -23.63
C SER I 366 12.66 -61.48 -25.04
N PHE I 367 13.08 -62.52 -25.75
CA PHE I 367 12.73 -62.73 -27.15
C PHE I 367 11.79 -63.93 -27.30
N LEU I 368 10.93 -63.85 -28.31
CA LEU I 368 10.00 -64.92 -28.64
C LEU I 368 9.92 -65.05 -30.15
N ASP I 369 9.81 -66.29 -30.63
CA ASP I 369 9.72 -66.56 -32.06
C ASP I 369 8.64 -67.59 -32.30
N ASN I 370 7.64 -67.21 -33.09
CA ASN I 370 6.58 -68.15 -33.47
C ASN I 370 7.09 -69.14 -34.51
N CYS I 371 6.36 -70.25 -34.65
CA CYS I 371 6.71 -71.29 -35.60
C CYS I 371 6.83 -70.74 -37.03
N GLY I 432 -7.99 -68.48 -35.41
CA GLY I 432 -6.66 -68.45 -34.83
C GLY I 432 -5.60 -67.89 -35.76
N LEU I 433 -6.05 -67.25 -36.84
CA LEU I 433 -5.15 -66.66 -37.82
C LEU I 433 -4.57 -65.33 -37.37
N GLN I 434 -5.08 -64.74 -36.29
CA GLN I 434 -4.57 -63.47 -35.81
C GLN I 434 -3.23 -63.66 -35.12
N LYS I 435 -2.23 -62.90 -35.56
CA LYS I 435 -0.88 -62.97 -35.00
C LYS I 435 -0.45 -61.58 -34.56
N ALA I 436 0.77 -61.49 -34.04
CA ALA I 436 1.32 -60.23 -33.58
C ALA I 436 2.81 -60.21 -33.85
N CYS I 437 3.37 -59.00 -33.91
CA CYS I 437 4.81 -58.84 -34.17
C CYS I 437 5.31 -57.64 -33.39
N THR I 438 6.58 -57.71 -32.98
CA THR I 438 7.23 -56.64 -32.24
C THR I 438 8.43 -56.16 -33.03
N ILE I 439 8.39 -54.91 -33.48
CA ILE I 439 9.45 -54.32 -34.28
C ILE I 439 10.42 -53.62 -33.35
N MET I 440 11.68 -54.05 -33.37
CA MET I 440 12.72 -53.44 -32.55
C MET I 440 13.45 -52.38 -33.38
N LEU I 441 13.31 -51.12 -32.97
CA LEU I 441 13.92 -50.00 -33.66
C LEU I 441 15.09 -49.48 -32.83
N ARG I 442 16.27 -49.41 -33.45
CA ARG I 442 17.48 -48.93 -32.80
C ARG I 442 17.90 -47.63 -33.48
N GLY I 443 17.78 -46.53 -32.76
CA GLY I 443 18.16 -45.23 -33.26
C GLY I 443 19.45 -44.71 -32.67
N GLY I 444 19.78 -43.47 -33.03
CA GLY I 444 20.97 -42.81 -32.52
C GLY I 444 20.71 -42.04 -31.25
N SER I 445 19.45 -41.67 -31.02
CA SER I 445 19.05 -40.95 -29.82
C SER I 445 17.60 -41.22 -29.54
N LYS I 446 17.17 -40.92 -28.31
CA LYS I 446 15.81 -41.19 -27.90
C LYS I 446 14.79 -40.34 -28.68
N ASP I 447 15.16 -39.11 -29.03
CA ASP I 447 14.23 -38.25 -29.74
C ASP I 447 14.15 -38.60 -31.22
N ILE I 448 15.27 -38.98 -31.83
CA ILE I 448 15.23 -39.48 -33.21
C ILE I 448 14.48 -40.80 -33.26
N LEU I 449 14.66 -41.64 -32.23
CA LEU I 449 13.94 -42.90 -32.18
C LEU I 449 12.44 -42.69 -32.08
N ASN I 450 12.02 -41.58 -31.46
CA ASN I 450 10.60 -41.24 -31.45
C ASN I 450 10.10 -40.84 -32.83
N GLU I 451 11.00 -40.36 -33.69
CA GLU I 451 10.61 -39.98 -35.04
C GLU I 451 10.44 -41.20 -35.93
N ILE I 452 11.32 -42.18 -35.81
CA ILE I 452 11.20 -43.41 -36.60
C ILE I 452 9.94 -44.17 -36.21
N ASP I 453 9.56 -44.10 -34.92
CA ASP I 453 8.32 -44.72 -34.49
C ASP I 453 7.12 -44.09 -35.19
N ARG I 454 7.10 -42.76 -35.28
CA ARG I 454 6.02 -42.09 -36.00
C ARG I 454 6.09 -42.33 -37.49
N ASN I 455 7.31 -42.43 -38.04
CA ASN I 455 7.46 -42.68 -39.47
C ASN I 455 7.09 -44.12 -39.83
N LEU I 456 7.27 -45.06 -38.90
CA LEU I 456 6.91 -46.45 -39.15
C LEU I 456 5.40 -46.66 -39.13
N GLN I 457 4.68 -45.92 -38.26
CA GLN I 457 3.23 -46.05 -38.20
C GLN I 457 2.59 -45.49 -39.47
N ASP I 458 3.10 -44.38 -39.99
CA ASP I 458 2.57 -43.82 -41.22
C ASP I 458 2.95 -44.67 -42.43
N ALA I 459 4.07 -45.40 -42.34
CA ALA I 459 4.46 -46.27 -43.45
C ALA I 459 3.56 -47.49 -43.53
N MET I 460 3.20 -48.05 -42.36
CA MET I 460 2.30 -49.20 -42.34
C MET I 460 0.86 -48.81 -42.66
N ALA I 461 0.49 -47.55 -42.44
CA ALA I 461 -0.86 -47.11 -42.75
C ALA I 461 -1.11 -47.05 -44.25
N VAL I 462 -0.06 -46.86 -45.05
CA VAL I 462 -0.22 -46.84 -46.50
C VAL I 462 -0.57 -48.23 -47.02
N ALA I 463 0.05 -49.27 -46.44
CA ALA I 463 -0.23 -50.63 -46.88
C ALA I 463 -1.63 -51.09 -46.48
N ARG I 464 -2.28 -50.40 -45.54
CA ARG I 464 -3.63 -50.80 -45.14
C ARG I 464 -4.63 -50.56 -46.26
N ASN I 465 -4.68 -49.33 -46.77
CA ASN I 465 -5.64 -48.98 -47.83
C ASN I 465 -5.36 -49.74 -49.12
N VAL I 466 -4.11 -50.16 -49.35
CA VAL I 466 -3.81 -50.96 -50.53
C VAL I 466 -4.44 -52.34 -50.41
N MET I 467 -4.41 -52.93 -49.21
CA MET I 467 -5.01 -54.23 -49.00
C MET I 467 -6.53 -54.16 -48.89
N LEU I 468 -7.07 -53.02 -48.45
CA LEU I 468 -8.52 -52.89 -48.35
C LEU I 468 -9.16 -52.81 -49.73
N SER I 469 -8.64 -51.96 -50.60
CA SER I 469 -9.15 -51.82 -51.96
C SER I 469 -8.01 -51.86 -52.95
N PRO I 470 -8.20 -52.52 -54.10
CA PRO I 470 -7.14 -52.54 -55.12
C PRO I 470 -6.90 -51.19 -55.77
N SER I 471 -7.82 -50.23 -55.62
CA SER I 471 -7.69 -48.95 -56.31
C SER I 471 -6.43 -48.22 -55.88
N LEU I 472 -5.71 -47.66 -56.86
CA LEU I 472 -4.47 -46.94 -56.63
C LEU I 472 -4.46 -45.68 -57.49
N SER I 473 -4.19 -44.53 -56.86
CA SER I 473 -4.27 -43.26 -57.54
C SER I 473 -2.90 -42.60 -57.63
N PRO I 474 -2.67 -41.76 -58.63
CA PRO I 474 -1.39 -41.04 -58.71
C PRO I 474 -1.27 -39.97 -57.63
N GLY I 475 -0.04 -39.51 -57.43
CA GLY I 475 0.24 -38.51 -56.42
C GLY I 475 1.42 -37.65 -56.83
N GLY I 476 1.71 -36.65 -56.01
CA GLY I 476 2.78 -35.73 -56.30
C GLY I 476 2.40 -34.55 -57.17
N GLY I 477 1.13 -34.16 -57.16
CA GLY I 477 0.65 -33.05 -57.96
C GLY I 477 -0.18 -33.46 -59.15
N ALA I 478 -0.22 -34.75 -59.49
CA ALA I 478 -1.00 -35.19 -60.64
C ALA I 478 -2.48 -35.29 -60.30
N THR I 479 -2.82 -35.80 -59.12
CA THR I 479 -4.22 -35.96 -58.76
C THR I 479 -4.89 -34.62 -58.48
N GLU I 480 -4.17 -33.70 -57.84
CA GLU I 480 -4.76 -32.40 -57.51
C GLU I 480 -5.04 -31.59 -58.76
N MET I 481 -4.13 -31.64 -59.75
CA MET I 481 -4.34 -30.88 -60.98
C MET I 481 -5.33 -31.57 -61.92
N ALA I 482 -5.46 -32.90 -61.83
CA ALA I 482 -6.42 -33.60 -62.67
C ALA I 482 -7.85 -33.21 -62.35
N VAL I 483 -8.12 -32.87 -61.09
CA VAL I 483 -9.46 -32.44 -60.71
C VAL I 483 -9.70 -31.00 -61.13
N SER I 484 -8.70 -30.13 -61.00
CA SER I 484 -8.86 -28.72 -61.33
C SER I 484 -9.14 -28.51 -62.81
N VAL I 485 -8.61 -29.38 -63.68
CA VAL I 485 -8.85 -29.24 -65.11
C VAL I 485 -10.29 -29.62 -65.45
N LYS I 486 -10.79 -30.69 -64.81
CA LYS I 486 -12.18 -31.10 -65.07
C LYS I 486 -13.17 -30.09 -64.52
N LEU I 487 -12.82 -29.39 -63.44
CA LEU I 487 -13.71 -28.38 -62.89
C LEU I 487 -13.76 -27.13 -63.75
N ALA I 488 -12.74 -26.88 -64.58
CA ALA I 488 -12.73 -25.69 -65.42
C ALA I 488 -13.62 -25.85 -66.64
N GLU I 489 -13.80 -27.07 -67.13
CA GLU I 489 -14.64 -27.30 -68.31
C GLU I 489 -16.13 -27.21 -67.96
N LYS I 490 -16.52 -27.71 -66.79
CA LYS I 490 -17.91 -27.67 -66.38
C LYS I 490 -18.32 -26.30 -65.86
N ALA I 491 -17.36 -25.49 -65.40
CA ALA I 491 -17.69 -24.17 -64.84
C ALA I 491 -18.29 -23.26 -65.90
N LYS I 492 -17.70 -23.24 -67.10
CA LYS I 492 -18.19 -22.36 -68.16
C LYS I 492 -19.55 -22.81 -68.70
N GLN I 493 -19.92 -24.07 -68.47
CA GLN I 493 -21.20 -24.58 -68.95
C GLN I 493 -22.34 -24.39 -67.96
N LEU I 494 -22.05 -23.99 -66.73
CA LEU I 494 -23.12 -23.79 -65.75
C LEU I 494 -23.96 -22.57 -66.09
N GLU I 495 -23.31 -21.40 -66.24
CA GLU I 495 -23.97 -20.14 -66.56
C GLU I 495 -25.11 -19.85 -65.57
N GLY I 496 -24.71 -19.58 -64.33
CA GLY I 496 -25.66 -19.31 -63.29
C GLY I 496 -25.00 -18.66 -62.09
N ILE I 497 -25.78 -18.57 -61.00
CA ILE I 497 -25.28 -17.96 -59.78
C ILE I 497 -24.24 -18.83 -59.08
N GLN I 498 -24.28 -20.15 -59.32
CA GLN I 498 -23.35 -21.07 -58.69
C GLN I 498 -22.04 -21.21 -59.46
N GLN I 499 -21.88 -20.48 -60.55
CA GLN I 499 -20.65 -20.59 -61.35
C GLN I 499 -19.45 -20.04 -60.60
N TRP I 500 -19.64 -18.94 -59.87
CA TRP I 500 -18.51 -18.35 -59.14
C TRP I 500 -18.02 -19.24 -58.00
N PRO I 501 -18.88 -19.74 -57.09
CA PRO I 501 -18.36 -20.63 -56.04
C PRO I 501 -17.90 -21.98 -56.56
N TYR I 502 -18.35 -22.40 -57.74
CA TYR I 502 -17.89 -23.67 -58.31
C TYR I 502 -16.45 -23.57 -58.78
N GLN I 503 -16.00 -22.38 -59.16
CA GLN I 503 -14.62 -22.19 -59.60
C GLN I 503 -13.65 -22.06 -58.43
N ALA I 504 -14.14 -21.94 -57.20
CA ALA I 504 -13.25 -21.81 -56.05
C ALA I 504 -12.52 -23.12 -55.76
N VAL I 505 -13.17 -24.26 -55.98
CA VAL I 505 -12.53 -25.54 -55.74
C VAL I 505 -11.45 -25.82 -56.77
N ALA I 506 -11.64 -25.35 -58.01
CA ALA I 506 -10.64 -25.56 -59.05
C ALA I 506 -9.34 -24.84 -58.71
N ASP I 507 -9.43 -23.62 -58.20
CA ASP I 507 -8.24 -22.89 -57.78
C ASP I 507 -7.73 -23.34 -56.41
N ALA I 508 -8.57 -24.04 -55.63
CA ALA I 508 -8.14 -24.53 -54.33
C ALA I 508 -7.28 -25.78 -54.45
N MET I 509 -7.49 -26.59 -55.49
CA MET I 509 -6.68 -27.78 -55.69
C MET I 509 -5.27 -27.46 -56.17
N GLU I 510 -4.99 -26.20 -56.51
CA GLU I 510 -3.70 -25.81 -57.05
C GLU I 510 -2.66 -25.53 -55.97
N CYS I 511 -3.07 -25.41 -54.70
CA CYS I 511 -2.12 -25.04 -53.65
C CYS I 511 -1.11 -26.15 -53.41
N ILE I 512 -1.55 -27.41 -53.46
CA ILE I 512 -0.68 -28.54 -53.17
C ILE I 512 0.41 -28.67 -54.23
N PRO I 513 0.10 -28.68 -55.53
CA PRO I 513 1.19 -28.73 -56.52
C PRO I 513 2.03 -27.46 -56.55
N ARG I 514 1.45 -26.31 -56.21
CA ARG I 514 2.23 -25.07 -56.16
C ARG I 514 3.20 -25.07 -55.00
N THR I 515 2.79 -25.63 -53.86
CA THR I 515 3.67 -25.69 -52.69
C THR I 515 4.87 -26.61 -52.93
N LEU I 516 4.66 -27.69 -53.70
CA LEU I 516 5.77 -28.59 -54.00
C LEU I 516 6.88 -27.87 -54.78
N ILE I 517 6.52 -26.90 -55.61
CA ILE I 517 7.52 -26.18 -56.39
C ILE I 517 8.22 -25.14 -55.52
N GLN I 518 7.47 -24.44 -54.66
CA GLN I 518 8.06 -23.42 -53.81
C GLN I 518 9.07 -24.02 -52.83
N ASN I 519 8.81 -25.24 -52.34
CA ASN I 519 9.75 -25.91 -51.46
C ASN I 519 10.92 -26.54 -52.20
N ALA I 520 10.79 -26.73 -53.52
CA ALA I 520 11.86 -27.29 -54.32
C ALA I 520 12.79 -26.24 -54.91
N GLY I 521 12.47 -24.96 -54.77
CA GLY I 521 13.29 -23.90 -55.29
C GLY I 521 13.05 -23.54 -56.74
N GLY I 522 12.01 -24.11 -57.37
CA GLY I 522 11.72 -23.82 -58.75
C GLY I 522 10.78 -22.63 -58.91
N ASP I 523 10.45 -22.34 -60.16
CA ASP I 523 9.56 -21.23 -60.49
C ASP I 523 8.15 -21.77 -60.65
N PRO I 524 7.22 -21.50 -59.73
CA PRO I 524 5.85 -22.00 -59.89
C PRO I 524 5.10 -21.33 -61.02
N ILE I 525 5.56 -20.18 -61.51
CA ILE I 525 4.84 -19.46 -62.55
C ILE I 525 4.89 -20.21 -63.87
N ARG I 526 6.09 -20.55 -64.33
CA ARG I 526 6.25 -21.19 -65.63
C ARG I 526 5.94 -22.68 -65.59
N LEU I 527 6.15 -23.34 -64.45
CA LEU I 527 5.89 -24.77 -64.36
C LEU I 527 4.39 -25.06 -64.34
N LEU I 528 3.64 -24.33 -63.51
CA LEU I 528 2.20 -24.55 -63.45
C LEU I 528 1.50 -24.08 -64.72
N SER I 529 2.10 -23.11 -65.44
CA SER I 529 1.51 -22.67 -66.70
C SER I 529 1.58 -23.77 -67.74
N GLN I 530 2.72 -24.44 -67.86
CA GLN I 530 2.85 -25.56 -68.79
C GLN I 530 2.26 -26.85 -68.24
N LEU I 531 2.05 -26.93 -66.92
CA LEU I 531 1.47 -28.14 -66.34
C LEU I 531 0.01 -28.30 -66.74
N ARG I 532 -0.77 -27.21 -66.67
CA ARG I 532 -2.17 -27.28 -67.07
C ARG I 532 -2.31 -27.59 -68.55
N ALA I 533 -1.35 -27.17 -69.37
CA ALA I 533 -1.40 -27.47 -70.79
C ALA I 533 -1.17 -28.96 -71.06
N LYS I 534 -0.46 -29.65 -70.17
CA LYS I 534 -0.25 -31.09 -70.35
C LYS I 534 -1.50 -31.88 -70.04
N HIS I 535 -2.20 -31.53 -68.95
CA HIS I 535 -3.43 -32.24 -68.59
C HIS I 535 -4.51 -32.09 -69.65
N ALA I 536 -4.45 -31.04 -70.47
CA ALA I 536 -5.40 -30.88 -71.56
C ALA I 536 -5.12 -31.81 -72.73
N GLN I 537 -3.96 -32.46 -72.75
CA GLN I 537 -3.62 -33.39 -73.83
C GLN I 537 -4.22 -34.78 -73.63
N GLY I 538 -4.85 -35.03 -72.50
CA GLY I 538 -5.51 -36.30 -72.26
C GLY I 538 -4.78 -37.26 -71.35
N ASN I 539 -3.70 -36.85 -70.71
CA ASN I 539 -2.97 -37.70 -69.78
C ASN I 539 -3.05 -37.11 -68.37
N PHE I 540 -3.47 -37.94 -67.41
CA PHE I 540 -3.63 -37.54 -66.03
C PHE I 540 -2.41 -37.87 -65.16
N THR I 541 -1.38 -38.49 -65.74
CA THR I 541 -0.24 -38.98 -64.98
C THR I 541 0.87 -37.96 -64.84
N THR I 542 0.68 -36.73 -65.33
CA THR I 542 1.72 -35.72 -65.26
C THR I 542 1.74 -35.10 -63.87
N GLY I 543 2.86 -35.27 -63.15
CA GLY I 543 3.05 -34.72 -61.84
C GLY I 543 4.07 -33.60 -61.80
N ILE I 544 4.63 -33.39 -60.62
CA ILE I 544 5.70 -32.42 -60.41
C ILE I 544 6.79 -33.10 -59.59
N ASP I 545 8.02 -33.05 -60.11
CA ASP I 545 9.15 -33.64 -59.39
C ASP I 545 9.48 -32.82 -58.15
N GLY I 546 9.89 -33.51 -57.09
CA GLY I 546 10.22 -32.85 -55.84
C GLY I 546 11.65 -32.36 -55.78
N ASP I 547 12.53 -32.98 -56.56
CA ASP I 547 13.95 -32.60 -56.56
C ASP I 547 14.24 -31.61 -57.69
N LYS I 548 14.19 -32.09 -58.93
CA LYS I 548 14.49 -31.24 -60.08
C LYS I 548 13.31 -30.36 -60.49
N GLY I 549 12.10 -30.70 -60.06
CA GLY I 549 10.93 -29.92 -60.45
C GLY I 549 10.49 -30.14 -61.87
N LYS I 550 10.84 -31.28 -62.47
CA LYS I 550 10.48 -31.56 -63.85
C LYS I 550 9.00 -31.87 -63.98
N ILE I 551 8.49 -31.72 -65.20
CA ILE I 551 7.09 -31.97 -65.52
C ILE I 551 6.91 -33.42 -65.94
N VAL I 552 7.98 -34.21 -65.83
CA VAL I 552 7.93 -35.61 -66.24
C VAL I 552 6.83 -36.34 -65.48
N ASP I 553 6.21 -37.32 -66.15
CA ASP I 553 5.09 -38.04 -65.58
C ASP I 553 5.52 -38.85 -64.36
N MET I 554 4.55 -39.12 -63.49
CA MET I 554 4.81 -39.89 -62.28
C MET I 554 4.90 -41.40 -62.53
N VAL I 555 4.55 -41.86 -63.73
CA VAL I 555 4.68 -43.28 -64.04
C VAL I 555 6.14 -43.68 -64.11
N SER I 556 7.00 -42.78 -64.61
CA SER I 556 8.42 -43.09 -64.71
C SER I 556 9.07 -43.21 -63.33
N TYR I 557 8.82 -42.23 -62.45
CA TYR I 557 9.41 -42.27 -61.12
C TYR I 557 8.67 -43.23 -60.20
N GLY I 558 7.38 -43.41 -60.41
CA GLY I 558 6.62 -44.41 -59.68
C GLY I 558 5.86 -43.95 -58.45
N ILE I 559 5.59 -42.65 -58.31
CA ILE I 559 4.79 -42.19 -57.18
C ILE I 559 3.34 -42.65 -57.37
N TRP I 560 2.83 -43.38 -56.37
CA TRP I 560 1.45 -43.80 -56.36
C TRP I 560 0.97 -43.86 -54.91
N GLU I 561 -0.26 -43.44 -54.69
CA GLU I 561 -0.84 -43.41 -53.35
C GLU I 561 -2.26 -43.96 -53.39
N PRO I 562 -2.69 -44.59 -52.29
CA PRO I 562 -4.05 -45.15 -52.26
C PRO I 562 -5.10 -44.06 -52.48
N GLU I 563 -6.21 -44.46 -53.10
CA GLU I 563 -7.30 -43.52 -53.38
C GLU I 563 -7.95 -43.04 -52.09
N VAL I 564 -7.93 -43.86 -51.03
CA VAL I 564 -8.55 -43.45 -49.77
C VAL I 564 -7.87 -42.21 -49.22
N ILE I 565 -6.55 -42.11 -49.38
CA ILE I 565 -5.83 -40.92 -48.92
C ILE I 565 -6.28 -39.69 -49.70
N LYS I 566 -6.48 -39.84 -51.01
CA LYS I 566 -6.95 -38.71 -51.81
C LYS I 566 -8.41 -38.37 -51.52
N GLN I 567 -9.23 -39.38 -51.24
CA GLN I 567 -10.64 -39.12 -50.96
C GLN I 567 -10.84 -38.46 -49.60
N GLN I 568 -10.18 -39.00 -48.57
CA GLN I 568 -10.32 -38.44 -47.23
C GLN I 568 -9.77 -37.03 -47.14
N SER I 569 -8.82 -36.68 -48.01
CA SER I 569 -8.28 -35.34 -48.00
C SER I 569 -9.24 -34.33 -48.62
N VAL I 570 -9.96 -34.73 -49.67
CA VAL I 570 -10.90 -33.82 -50.31
C VAL I 570 -12.20 -33.74 -49.52
N LYS I 571 -12.68 -34.87 -49.00
CA LYS I 571 -13.94 -34.86 -48.27
C LYS I 571 -13.84 -34.03 -46.99
N THR I 572 -12.73 -34.13 -46.28
CA THR I 572 -12.57 -33.39 -45.02
C THR I 572 -12.47 -31.89 -45.28
N ALA I 573 -11.81 -31.50 -46.37
CA ALA I 573 -11.64 -30.07 -46.65
C ALA I 573 -12.97 -29.41 -47.02
N ILE I 574 -13.83 -30.14 -47.75
CA ILE I 574 -15.11 -29.57 -48.14
C ILE I 574 -16.06 -29.50 -46.95
N GLU I 575 -16.08 -30.53 -46.11
CA GLU I 575 -16.94 -30.51 -44.94
C GLU I 575 -16.50 -29.46 -43.92
N SER I 576 -15.20 -29.20 -43.84
CA SER I 576 -14.70 -28.20 -42.90
C SER I 576 -14.94 -26.77 -43.40
N ALA I 577 -14.86 -26.55 -44.71
CA ALA I 577 -15.08 -25.21 -45.25
C ALA I 577 -16.53 -24.78 -45.06
N CYS I 578 -17.48 -25.72 -45.17
CA CYS I 578 -18.88 -25.38 -44.97
C CYS I 578 -19.21 -25.07 -43.52
N LEU I 579 -18.37 -25.52 -42.58
CA LEU I 579 -18.64 -25.27 -41.17
C LEU I 579 -18.27 -23.84 -40.78
N LEU I 580 -17.10 -23.38 -41.21
CA LEU I 580 -16.62 -22.06 -40.82
C LEU I 580 -17.28 -20.92 -41.59
N LEU I 581 -17.78 -21.18 -42.80
CA LEU I 581 -18.50 -20.16 -43.55
C LEU I 581 -19.89 -19.89 -42.98
N ARG I 582 -20.40 -20.76 -42.12
CA ARG I 582 -21.72 -20.57 -41.52
C ARG I 582 -21.67 -19.86 -40.17
N VAL I 583 -20.50 -19.45 -39.71
CA VAL I 583 -20.37 -18.78 -38.42
C VAL I 583 -20.40 -17.27 -38.67
N ASP I 584 -21.50 -16.63 -38.26
CA ASP I 584 -21.65 -15.19 -38.39
C ASP I 584 -21.33 -14.43 -37.11
N ASP I 585 -21.05 -15.12 -36.01
CA ASP I 585 -20.82 -14.46 -34.73
C ASP I 585 -19.89 -15.30 -33.88
N ILE I 586 -19.08 -14.63 -33.07
CA ILE I 586 -18.16 -15.26 -32.14
C ILE I 586 -18.36 -14.63 -30.76
N VAL I 587 -18.80 -15.43 -29.80
CA VAL I 587 -19.05 -14.96 -28.44
C VAL I 587 -18.33 -15.86 -27.46
N SER I 588 -17.95 -15.29 -26.32
CA SER I 588 -17.21 -16.02 -25.29
C SER I 588 -17.79 -15.67 -23.93
N GLY I 589 -17.18 -16.22 -22.88
CA GLY I 589 -17.60 -15.97 -21.52
C GLY I 589 -18.68 -16.88 -20.98
N VAL I 590 -19.01 -17.96 -21.71
CA VAL I 590 -20.07 -18.85 -21.26
C VAL I 590 -19.66 -19.58 -20.00
N ARG I 591 -18.50 -20.24 -20.03
CA ARG I 591 -17.97 -21.02 -18.91
C ARG I 591 -18.97 -22.10 -18.47
N LYS I 592 -19.14 -23.08 -19.36
CA LYS I 592 -20.05 -24.19 -19.12
C LYS I 592 -19.49 -25.12 -18.04
N VAL J 6 24.04 5.03 18.90
CA VAL J 6 25.09 5.15 17.89
C VAL J 6 26.01 6.31 18.24
N PHE J 7 27.12 6.42 17.51
CA PHE J 7 28.09 7.48 17.72
C PHE J 7 28.56 8.01 16.38
N MET J 8 28.48 9.34 16.20
CA MET J 8 29.02 10.08 15.07
C MET J 8 28.63 9.45 13.73
N ASN J 9 29.56 9.45 12.78
CA ASN J 9 29.43 8.70 11.53
C ASN J 9 30.67 7.83 11.42
N ALA J 10 30.49 6.51 11.53
CA ALA J 10 31.60 5.60 11.82
C ALA J 10 31.10 4.17 11.91
N SER J 11 32.02 3.24 12.20
CA SER J 11 31.70 1.84 12.41
C SER J 11 31.16 1.18 11.16
N GLN J 12 29.94 0.65 11.23
CA GLN J 12 29.42 -0.35 10.29
C GLN J 12 30.34 -1.56 10.44
N GLU J 13 31.01 -2.04 9.40
CA GLU J 13 32.02 -3.08 9.53
C GLU J 13 33.38 -2.43 9.34
N ARG J 14 34.14 -2.32 10.44
CA ARG J 14 35.48 -1.74 10.40
C ARG J 14 36.49 -2.85 10.13
N THR J 15 37.25 -2.71 9.05
CA THR J 15 38.28 -3.67 8.70
C THR J 15 39.56 -3.28 9.41
N THR J 16 40.04 -4.16 10.30
CA THR J 16 41.21 -3.88 11.12
C THR J 16 42.17 -5.07 11.06
N GLY J 17 43.41 -4.82 11.48
CA GLY J 17 44.40 -5.88 11.52
C GLY J 17 45.10 -6.06 10.18
N ARG J 18 45.48 -7.31 9.90
CA ARG J 18 46.19 -7.63 8.67
C ARG J 18 45.26 -7.68 7.46
N GLN J 19 43.97 -7.94 7.67
CA GLN J 19 43.04 -8.05 6.56
C GLN J 19 42.78 -6.71 5.89
N ALA J 20 43.10 -5.60 6.56
CA ALA J 20 42.97 -4.29 5.92
C ALA J 20 44.07 -4.07 4.88
N GLN J 21 45.28 -4.55 5.17
CA GLN J 21 46.35 -4.47 4.20
C GLN J 21 46.20 -5.54 3.12
N ILE J 22 45.62 -6.69 3.45
CA ILE J 22 45.37 -7.71 2.44
C ILE J 22 44.36 -7.21 1.41
N SER J 23 43.32 -6.51 1.87
CA SER J 23 42.35 -5.95 0.93
C SER J 23 42.96 -4.86 0.07
N ASN J 24 43.98 -4.16 0.59
CA ASN J 24 44.66 -3.14 -0.20
C ASN J 24 45.56 -3.77 -1.26
N ILE J 25 46.15 -4.93 -0.95
CA ILE J 25 47.01 -5.61 -1.91
C ILE J 25 46.18 -6.30 -2.98
N THR J 26 45.08 -6.93 -2.59
CA THR J 26 44.26 -7.66 -3.55
C THR J 26 43.56 -6.71 -4.52
N ALA J 27 43.05 -5.58 -4.01
CA ALA J 27 42.35 -4.63 -4.88
C ALA J 27 43.32 -3.95 -5.84
N ALA J 28 44.51 -3.58 -5.36
CA ALA J 28 45.49 -2.95 -6.24
C ALA J 28 46.06 -3.92 -7.25
N LYS J 29 46.11 -5.22 -6.91
CA LYS J 29 46.60 -6.20 -7.86
C LYS J 29 45.62 -6.42 -9.00
N ALA J 30 44.32 -6.26 -8.74
CA ALA J 30 43.32 -6.42 -9.79
C ALA J 30 43.38 -5.30 -10.82
N VAL J 31 44.00 -4.17 -10.47
CA VAL J 31 44.12 -3.06 -11.43
C VAL J 31 45.09 -3.43 -12.54
N ALA J 32 46.22 -4.05 -12.20
CA ALA J 32 47.21 -4.43 -13.20
C ALA J 32 46.83 -5.70 -13.94
N ASP J 33 45.87 -6.48 -13.43
CA ASP J 33 45.48 -7.71 -14.11
C ASP J 33 44.63 -7.43 -15.35
N VAL J 34 43.95 -6.30 -15.38
CA VAL J 34 43.12 -5.97 -16.55
C VAL J 34 43.99 -5.55 -17.72
N ILE J 35 45.00 -4.72 -17.48
CA ILE J 35 45.87 -4.22 -18.53
C ILE J 35 47.09 -5.13 -18.66
N ARG J 36 47.10 -6.24 -17.92
CA ARG J 36 48.19 -7.19 -18.02
C ARG J 36 48.40 -7.67 -19.45
N THR J 37 47.33 -7.81 -20.22
CA THR J 37 47.43 -8.16 -21.62
C THR J 37 47.68 -6.96 -22.53
N CYS J 38 47.75 -5.76 -21.97
CA CYS J 38 47.99 -4.54 -22.74
C CYS J 38 49.46 -4.19 -22.87
N LEU J 39 50.36 -5.04 -22.37
CA LEU J 39 51.78 -4.80 -22.45
C LEU J 39 52.40 -5.67 -23.54
N GLY J 40 53.30 -5.08 -24.32
CA GLY J 40 54.01 -5.80 -25.36
C GLY J 40 53.54 -5.44 -26.75
N PRO J 41 54.33 -5.82 -27.76
CA PRO J 41 53.92 -5.54 -29.15
C PRO J 41 52.74 -6.35 -29.61
N LYS J 42 52.50 -7.52 -29.01
CA LYS J 42 51.36 -8.36 -29.32
C LYS J 42 50.14 -8.05 -28.47
N ALA J 43 50.21 -6.98 -27.66
CA ALA J 43 49.14 -6.63 -26.74
C ALA J 43 47.81 -6.49 -27.47
N MET J 44 46.74 -6.91 -26.80
CA MET J 44 45.39 -6.84 -27.34
C MET J 44 44.82 -5.44 -27.10
N LEU J 45 43.52 -5.28 -27.37
CA LEU J 45 42.85 -4.01 -27.16
C LEU J 45 41.72 -4.17 -26.14
N LYS J 46 41.33 -3.05 -25.55
CA LYS J 46 40.26 -3.03 -24.55
C LYS J 46 39.23 -1.99 -24.96
N MET J 47 37.98 -2.42 -25.12
CA MET J 47 36.89 -1.52 -25.48
C MET J 47 36.16 -1.07 -24.22
N LEU J 48 36.05 0.24 -24.05
CA LEU J 48 35.43 0.82 -22.87
C LEU J 48 34.10 1.46 -23.25
N LEU J 49 33.15 1.38 -22.31
CA LEU J 49 31.81 1.93 -22.49
C LEU J 49 31.61 3.03 -21.45
N ASP J 50 31.50 4.27 -21.92
CA ASP J 50 31.30 5.42 -21.05
C ASP J 50 29.82 5.68 -20.82
N PRO J 51 29.48 6.37 -19.72
CA PRO J 51 28.06 6.71 -19.52
C PRO J 51 27.53 7.73 -20.49
N MET J 52 28.40 8.47 -21.19
CA MET J 52 27.94 9.45 -22.16
C MET J 52 27.45 8.81 -23.45
N GLY J 53 27.78 7.55 -23.70
CA GLY J 53 27.35 6.85 -24.89
C GLY J 53 28.39 6.68 -25.97
N GLY J 54 29.62 7.15 -25.74
CA GLY J 54 30.68 7.01 -26.72
C GLY J 54 31.36 5.65 -26.63
N LEU J 55 32.53 5.57 -27.26
CA LEU J 55 33.33 4.36 -27.26
C LEU J 55 34.80 4.72 -27.19
N VAL J 56 35.55 4.01 -26.35
CA VAL J 56 36.99 4.19 -26.22
C VAL J 56 37.63 2.82 -26.37
N LEU J 57 38.39 2.63 -27.45
CA LEU J 57 39.09 1.38 -27.72
C LEU J 57 40.58 1.69 -27.85
N THR J 58 41.37 1.22 -26.90
CA THR J 58 42.80 1.46 -26.91
C THR J 58 43.51 0.41 -26.07
N ASN J 59 44.80 0.23 -26.33
CA ASN J 59 45.66 -0.63 -25.52
C ASN J 59 46.45 0.14 -24.47
N ASP J 60 46.32 1.46 -24.44
CA ASP J 60 47.07 2.27 -23.49
C ASP J 60 46.41 2.21 -22.12
N GLY J 61 47.19 1.81 -21.11
CA GLY J 61 46.66 1.71 -19.76
C GLY J 61 46.22 3.03 -19.16
N HIS J 62 46.70 4.15 -19.73
CA HIS J 62 46.29 5.46 -19.24
C HIS J 62 44.82 5.74 -19.55
N ALA J 63 44.44 5.60 -20.82
CA ALA J 63 43.07 5.87 -21.22
C ALA J 63 42.11 4.79 -20.72
N ILE J 64 42.60 3.57 -20.48
CA ILE J 64 41.74 2.52 -19.98
C ILE J 64 41.36 2.77 -18.52
N LEU J 65 42.36 3.05 -17.68
CA LEU J 65 42.11 3.28 -16.26
C LEU J 65 41.44 4.63 -15.99
N ARG J 66 41.45 5.55 -16.95
CA ARG J 66 40.87 6.86 -16.73
C ARG J 66 39.35 6.82 -16.79
N GLU J 67 38.79 6.17 -17.80
CA GLU J 67 37.34 6.14 -17.96
C GLU J 67 36.68 5.12 -17.04
N ILE J 68 37.38 4.05 -16.67
CA ILE J 68 36.81 3.04 -15.79
C ILE J 68 36.62 3.62 -14.40
N ASP J 69 35.41 3.45 -13.86
CA ASP J 69 35.09 3.93 -12.52
C ASP J 69 35.33 2.79 -11.53
N VAL J 70 36.32 2.97 -10.67
CA VAL J 70 36.69 1.99 -9.65
C VAL J 70 36.42 2.61 -8.28
N ALA J 71 35.51 1.98 -7.52
CA ALA J 71 35.17 2.45 -6.18
C ALA J 71 35.88 1.57 -5.17
N HIS J 72 36.90 2.12 -4.51
CA HIS J 72 37.71 1.46 -3.49
C HIS J 72 38.77 2.43 -3.00
N PRO J 73 39.02 2.49 -1.69
CA PRO J 73 40.01 3.46 -1.19
C PRO J 73 41.41 3.25 -1.73
N ALA J 74 41.90 2.00 -1.72
CA ALA J 74 43.26 1.73 -2.17
C ALA J 74 43.35 1.64 -3.69
N ALA J 75 42.34 1.04 -4.34
CA ALA J 75 42.41 0.83 -5.77
C ALA J 75 42.35 2.12 -6.57
N LYS J 76 41.80 3.20 -5.99
CA LYS J 76 41.76 4.47 -6.70
C LYS J 76 43.15 5.12 -6.75
N SER J 77 44.00 4.81 -5.77
CA SER J 77 45.36 5.33 -5.80
C SER J 77 46.14 4.82 -6.99
N MET J 78 45.83 3.61 -7.46
CA MET J 78 46.46 3.09 -8.67
C MET J 78 45.97 3.82 -9.91
N LEU J 79 44.73 4.33 -9.88
CA LEU J 79 44.21 5.08 -11.01
C LEU J 79 44.92 6.43 -11.16
N GLU J 80 45.34 7.03 -10.05
CA GLU J 80 46.05 8.30 -10.10
C GLU J 80 47.44 8.17 -10.68
N LEU J 81 48.03 6.98 -10.65
CA LEU J 81 49.37 6.78 -11.20
C LEU J 81 49.40 6.86 -12.71
N SER J 82 48.24 6.74 -13.37
CA SER J 82 48.20 6.82 -14.82
C SER J 82 48.52 8.23 -15.31
N ARG J 83 47.95 9.24 -14.66
CA ARG J 83 48.24 10.63 -15.02
C ARG J 83 49.62 11.08 -14.56
N THR J 84 50.26 10.35 -13.66
CA THR J 84 51.62 10.70 -13.25
C THR J 84 52.60 10.47 -14.38
N GLN J 85 52.46 9.35 -15.10
CA GLN J 85 53.34 9.06 -16.22
C GLN J 85 52.98 9.86 -17.46
N ASP J 86 51.69 10.15 -17.66
CA ASP J 86 51.26 10.87 -18.86
C ASP J 86 51.68 12.33 -18.80
N GLU J 87 51.36 13.01 -17.70
CA GLU J 87 51.60 14.46 -17.63
C GLU J 87 53.10 14.78 -17.54
N GLU J 88 53.87 13.93 -16.86
CA GLU J 88 55.31 14.18 -16.75
C GLU J 88 56.04 13.76 -18.02
N VAL J 89 55.67 12.62 -18.61
CA VAL J 89 56.36 12.10 -19.79
C VAL J 89 55.34 11.83 -20.89
N GLY J 90 54.43 10.89 -20.66
CA GLY J 90 53.46 10.48 -21.65
C GLY J 90 53.68 9.09 -22.21
N ASP J 91 54.79 8.44 -21.89
CA ASP J 91 55.07 7.08 -22.35
C ASP J 91 55.40 6.21 -21.16
N GLY J 92 54.91 4.97 -21.18
CA GLY J 92 55.13 4.04 -20.10
C GLY J 92 54.04 3.99 -19.06
N THR J 93 52.83 4.47 -19.38
CA THR J 93 51.75 4.47 -18.40
C THR J 93 51.32 3.05 -18.04
N THR J 94 51.33 2.13 -19.02
CA THR J 94 50.94 0.76 -18.74
C THR J 94 52.01 0.04 -17.91
N THR J 95 53.27 0.37 -18.14
CA THR J 95 54.36 -0.29 -17.41
C THR J 95 54.34 0.08 -15.93
N VAL J 96 54.01 1.34 -15.61
CA VAL J 96 54.02 1.78 -14.22
C VAL J 96 52.93 1.06 -13.43
N ILE J 97 51.73 0.93 -14.00
CA ILE J 97 50.63 0.30 -13.29
C ILE J 97 50.92 -1.19 -13.07
N ILE J 98 51.47 -1.86 -14.08
CA ILE J 98 51.81 -3.27 -13.93
C ILE J 98 52.94 -3.44 -12.92
N LEU J 99 53.94 -2.56 -12.97
CA LEU J 99 55.05 -2.67 -12.02
C LEU J 99 54.60 -2.35 -10.60
N ALA J 100 53.90 -1.24 -10.42
CA ALA J 100 53.43 -0.87 -9.08
C ALA J 100 52.45 -1.89 -8.53
N GLY J 101 51.66 -2.53 -9.39
CA GLY J 101 50.76 -3.56 -8.92
C GLY J 101 51.49 -4.80 -8.47
N GLU J 102 52.58 -5.15 -9.15
CA GLU J 102 53.36 -6.32 -8.77
C GLU J 102 54.26 -6.05 -7.57
N ILE J 103 54.77 -4.83 -7.44
CA ILE J 103 55.64 -4.50 -6.30
C ILE J 103 54.89 -4.69 -4.99
N LEU J 104 53.65 -4.17 -4.92
CA LEU J 104 52.87 -4.31 -3.69
C LEU J 104 52.62 -5.78 -3.35
N ALA J 105 52.42 -6.62 -4.36
CA ALA J 105 52.20 -8.04 -4.12
C ALA J 105 53.52 -8.79 -3.88
N GLN J 106 54.55 -8.50 -4.66
CA GLN J 106 55.81 -9.25 -4.57
C GLN J 106 56.67 -8.78 -3.41
N CYS J 107 56.69 -7.47 -3.13
CA CYS J 107 57.53 -6.97 -2.05
C CYS J 107 56.90 -7.13 -0.67
N ALA J 108 55.57 -7.29 -0.59
CA ALA J 108 54.89 -7.44 0.70
C ALA J 108 53.86 -8.58 0.66
N PRO J 109 54.30 -9.82 0.41
CA PRO J 109 53.49 -10.96 0.87
C PRO J 109 53.58 -11.14 2.37
N TYR J 110 54.67 -10.66 2.97
CA TYR J 110 54.91 -10.75 4.39
C TYR J 110 54.02 -9.76 5.14
N LEU J 111 53.97 -9.97 6.47
CA LEU J 111 52.99 -9.42 7.41
C LEU J 111 51.73 -10.27 7.36
N ILE J 112 51.60 -11.08 6.31
CA ILE J 112 50.73 -12.25 6.35
C ILE J 112 51.48 -13.45 6.95
N GLU J 113 52.81 -13.40 6.95
CA GLU J 113 53.63 -14.53 7.40
C GLU J 113 54.69 -14.07 8.40
N LYS J 114 55.65 -13.27 7.92
CA LYS J 114 56.75 -12.82 8.78
C LYS J 114 56.33 -11.80 9.82
N ASN J 115 55.21 -11.10 9.60
CA ASN J 115 54.75 -10.02 10.47
C ASN J 115 55.82 -8.92 10.59
N ILE J 116 56.36 -8.52 9.44
CA ILE J 116 57.34 -7.44 9.38
C ILE J 116 56.61 -6.11 9.31
N HIS J 117 57.10 -5.13 10.07
CA HIS J 117 56.46 -3.83 10.12
C HIS J 117 56.62 -3.11 8.77
N PRO J 118 55.60 -2.39 8.31
CA PRO J 118 55.69 -1.75 6.98
C PRO J 118 56.82 -0.75 6.84
N VAL J 119 57.07 0.06 7.86
CA VAL J 119 58.13 1.07 7.78
C VAL J 119 59.49 0.41 7.60
N ILE J 120 59.69 -0.76 8.22
CA ILE J 120 60.93 -1.51 8.00
C ILE J 120 61.07 -1.88 6.53
N ILE J 121 59.96 -2.23 5.89
CA ILE J 121 60.01 -2.51 4.45
C ILE J 121 60.22 -1.24 3.65
N ILE J 122 59.62 -0.14 4.10
CA ILE J 122 59.75 1.14 3.39
C ILE J 122 61.20 1.61 3.42
N GLN J 123 61.89 1.42 4.54
CA GLN J 123 63.30 1.80 4.62
C GLN J 123 64.15 1.03 3.62
N ALA J 124 63.76 -0.22 3.32
CA ALA J 124 64.47 -0.98 2.31
C ALA J 124 64.07 -0.56 0.89
N LEU J 125 62.84 -0.09 0.72
CA LEU J 125 62.41 0.38 -0.60
C LEU J 125 63.11 1.66 -1.01
N LYS J 126 63.44 2.53 -0.04
CA LYS J 126 64.16 3.75 -0.35
C LYS J 126 65.59 3.45 -0.78
N LYS J 127 66.23 2.48 -0.11
CA LYS J 127 67.59 2.10 -0.51
C LYS J 127 67.59 1.31 -1.81
N ALA J 128 66.51 0.57 -2.08
CA ALA J 128 66.41 -0.16 -3.35
C ALA J 128 66.16 0.77 -4.52
N LEU J 129 65.48 1.90 -4.28
CA LEU J 129 65.25 2.86 -5.35
C LEU J 129 66.53 3.60 -5.72
N THR J 130 67.37 3.90 -4.73
CA THR J 130 68.63 4.59 -5.01
C THR J 130 69.58 3.70 -5.81
N ASP J 131 69.68 2.41 -5.44
CA ASP J 131 70.55 1.50 -6.18
C ASP J 131 69.99 1.18 -7.55
N ALA J 132 68.66 1.21 -7.71
CA ALA J 132 68.06 0.93 -9.02
C ALA J 132 68.36 2.03 -10.02
N LEU J 133 68.51 3.28 -9.56
CA LEU J 133 68.81 4.37 -10.47
C LEU J 133 70.23 4.29 -10.98
N GLU J 134 71.17 3.85 -10.14
CA GLU J 134 72.55 3.73 -10.57
C GLU J 134 72.72 2.60 -11.58
N VAL J 135 71.96 1.52 -11.44
CA VAL J 135 72.04 0.42 -12.40
C VAL J 135 71.55 0.87 -13.77
N ILE J 136 70.48 1.68 -13.80
CA ILE J 136 69.96 2.17 -15.07
C ILE J 136 70.95 3.12 -15.73
N LYS J 137 71.64 3.94 -14.92
CA LYS J 137 72.62 4.87 -15.47
C LYS J 137 73.82 4.15 -16.07
N GLN J 138 74.19 2.98 -15.52
CA GLN J 138 75.33 2.25 -16.04
C GLN J 138 75.00 1.51 -17.32
N VAL J 139 73.76 1.02 -17.47
CA VAL J 139 73.36 0.29 -18.66
C VAL J 139 72.86 1.21 -19.77
N SER J 140 72.86 2.52 -19.54
CA SER J 140 72.39 3.48 -20.52
C SER J 140 73.55 4.02 -21.34
N LYS J 141 73.44 3.91 -22.66
CA LYS J 141 74.44 4.41 -23.59
C LYS J 141 73.94 5.66 -24.28
N PRO J 142 74.68 6.76 -24.22
CA PRO J 142 74.21 8.01 -24.83
C PRO J 142 74.12 7.90 -26.35
N VAL J 143 73.17 8.66 -26.92
CA VAL J 143 72.92 8.65 -28.35
C VAL J 143 72.89 10.09 -28.85
N ASP J 144 73.35 10.28 -30.08
CA ASP J 144 73.37 11.61 -30.67
C ASP J 144 71.95 12.05 -31.01
N VAL J 145 71.61 13.29 -30.63
CA VAL J 145 70.28 13.83 -30.90
C VAL J 145 70.18 14.49 -32.27
N GLU J 146 71.31 14.73 -32.94
CA GLU J 146 71.30 15.37 -34.25
C GLU J 146 71.22 14.37 -35.40
N ASN J 147 71.18 13.08 -35.11
CA ASN J 147 71.09 12.05 -36.13
C ASN J 147 69.62 11.78 -36.43
N ASP J 148 69.20 12.04 -37.67
CA ASP J 148 67.81 11.79 -38.05
C ASP J 148 67.50 10.29 -38.09
N ALA J 149 68.47 9.49 -38.54
CA ALA J 149 68.25 8.05 -38.61
C ALA J 149 68.15 7.43 -37.23
N ALA J 150 68.81 8.02 -36.22
CA ALA J 150 68.73 7.50 -34.87
C ALA J 150 67.42 7.88 -34.20
N MET J 151 66.85 9.03 -34.53
CA MET J 151 65.59 9.45 -33.93
C MET J 151 64.41 8.69 -34.51
N LYS J 152 64.51 8.21 -35.76
CA LYS J 152 63.42 7.46 -36.35
C LYS J 152 63.23 6.12 -35.68
N LYS J 153 64.33 5.40 -35.41
CA LYS J 153 64.24 4.12 -34.71
C LYS J 153 63.87 4.30 -33.24
N LEU J 154 64.09 5.48 -32.68
CA LEU J 154 63.72 5.73 -31.29
C LEU J 154 62.23 5.98 -31.14
N ILE J 155 61.62 6.68 -32.10
CA ILE J 155 60.18 6.93 -32.06
C ILE J 155 59.41 5.63 -32.26
N GLN J 156 59.95 4.71 -33.05
CA GLN J 156 59.29 3.44 -33.31
C GLN J 156 59.20 2.55 -32.08
N ALA J 157 59.87 2.91 -30.98
CA ALA J 157 59.80 2.11 -29.76
C ALA J 157 58.36 2.01 -29.24
N SER J 158 57.73 3.16 -29.02
CA SER J 158 56.34 3.17 -28.59
C SER J 158 55.39 2.78 -29.72
N ILE J 159 55.84 2.85 -30.97
CA ILE J 159 54.99 2.51 -32.10
C ILE J 159 54.86 1.00 -32.25
N GLY J 160 55.90 0.24 -31.89
CA GLY J 160 55.89 -1.20 -32.05
C GLY J 160 54.77 -1.91 -31.32
N THR J 161 54.26 -1.31 -30.25
CA THR J 161 53.18 -1.90 -29.47
C THR J 161 51.81 -1.39 -29.90
N LYS J 162 51.74 -0.47 -30.85
CA LYS J 162 50.49 0.13 -31.29
C LYS J 162 50.08 -0.43 -32.65
N TYR J 163 48.96 0.08 -33.17
CA TYR J 163 48.43 -0.33 -34.46
C TYR J 163 49.08 0.40 -35.62
N VAL J 164 49.83 1.47 -35.37
CA VAL J 164 50.40 2.29 -36.43
C VAL J 164 51.76 1.76 -36.85
N ILE J 165 52.14 0.59 -36.30
CA ILE J 165 53.43 0.00 -36.65
C ILE J 165 53.51 -0.31 -38.14
N HIS J 166 52.36 -0.55 -38.78
CA HIS J 166 52.37 -0.74 -40.24
C HIS J 166 52.77 0.54 -40.95
N TRP J 167 52.35 1.69 -40.43
CA TRP J 167 52.71 2.99 -40.97
C TRP J 167 53.93 3.59 -40.27
N SER J 168 54.59 2.84 -39.39
CA SER J 168 55.71 3.37 -38.60
C SER J 168 56.73 4.10 -39.46
N GLU J 169 56.99 3.60 -40.68
CA GLU J 169 57.89 4.30 -41.57
C GLU J 169 57.36 5.68 -41.93
N LYS J 170 56.04 5.81 -42.10
CA LYS J 170 55.43 7.11 -42.32
C LYS J 170 55.23 7.86 -41.02
N MET J 171 54.98 7.15 -39.91
CA MET J 171 54.68 7.81 -38.65
C MET J 171 55.89 8.54 -38.08
N CYS J 172 57.09 7.96 -38.24
CA CYS J 172 58.29 8.61 -37.74
C CYS J 172 58.60 9.90 -38.49
N GLU J 173 58.14 10.02 -39.74
CA GLU J 173 58.29 11.27 -40.47
C GLU J 173 57.42 12.37 -39.87
N LEU J 174 56.24 12.00 -39.37
CA LEU J 174 55.31 12.98 -38.82
C LEU J 174 55.71 13.41 -37.41
N ALA J 175 56.25 12.48 -36.61
CA ALA J 175 56.60 12.79 -35.23
C ALA J 175 57.91 13.56 -35.14
N LEU J 176 58.84 13.33 -36.07
CA LEU J 176 60.13 14.01 -36.00
C LEU J 176 60.01 15.47 -36.42
N ASP J 177 59.22 15.75 -37.46
CA ASP J 177 59.06 17.12 -37.92
C ASP J 177 58.18 17.95 -36.99
N ALA J 178 57.33 17.29 -36.19
CA ALA J 178 56.46 18.03 -35.28
C ALA J 178 57.23 18.49 -34.03
N VAL J 179 58.12 17.65 -33.53
CA VAL J 179 58.88 18.01 -32.33
C VAL J 179 59.99 19.00 -32.68
N LYS J 180 60.64 18.81 -33.82
CA LYS J 180 61.73 19.71 -34.21
C LYS J 180 61.23 21.13 -34.48
N THR J 181 60.00 21.26 -35.00
CA THR J 181 59.45 22.59 -35.27
C THR J 181 59.10 23.31 -33.98
N VAL J 182 58.46 22.61 -33.04
CA VAL J 182 58.07 23.25 -31.78
C VAL J 182 59.29 23.54 -30.92
N ARG J 183 60.36 22.77 -31.08
CA ARG J 183 61.57 22.98 -30.28
C ARG J 183 62.13 24.38 -30.51
N LYS J 184 62.38 25.08 -29.41
CA LYS J 184 62.88 26.45 -29.43
C LYS J 184 64.20 26.51 -28.68
N ASP J 185 65.21 27.10 -29.32
CA ASP J 185 66.52 27.24 -28.70
C ASP J 185 66.63 28.57 -27.97
N PHE J 196 67.00 24.40 -21.95
CA PHE J 196 67.33 24.49 -23.36
C PHE J 196 66.48 23.52 -24.18
N GLU J 197 66.10 23.96 -25.39
CA GLU J 197 65.29 23.15 -26.30
C GLU J 197 63.99 22.71 -25.64
N ILE J 198 63.29 23.66 -25.03
CA ILE J 198 62.05 23.39 -24.33
C ILE J 198 60.89 23.45 -25.31
N ASP J 199 60.09 22.38 -25.37
CA ASP J 199 58.92 22.31 -26.22
C ASP J 199 57.71 21.89 -25.39
N ILE J 200 56.52 22.14 -25.94
CA ILE J 200 55.27 21.84 -25.26
C ILE J 200 54.23 21.48 -26.31
N LYS J 201 53.31 20.59 -25.94
CA LYS J 201 52.29 20.10 -26.86
C LYS J 201 51.05 20.99 -26.90
N ARG J 202 51.02 22.09 -26.16
CA ARG J 202 49.88 23.00 -26.24
C ARG J 202 49.80 23.68 -27.61
N TYR J 203 50.93 23.83 -28.29
CA TYR J 203 50.96 24.40 -29.63
C TYR J 203 50.82 23.34 -30.73
N VAL J 204 50.87 22.07 -30.39
CA VAL J 204 50.67 20.99 -31.35
C VAL J 204 49.18 20.73 -31.49
N ARG J 205 48.68 20.76 -32.72
CA ARG J 205 47.26 20.65 -32.98
C ARG J 205 46.88 19.19 -33.21
N VAL J 206 45.82 18.74 -32.52
CA VAL J 206 45.35 17.36 -32.62
C VAL J 206 44.23 17.22 -33.65
N GLU J 207 43.90 18.29 -34.36
CA GLU J 207 42.75 18.30 -35.27
C GLU J 207 42.84 17.15 -36.27
N LYS J 208 41.69 16.51 -36.50
CA LYS J 208 41.61 15.29 -37.29
C LYS J 208 40.69 15.49 -38.50
N ILE J 209 40.99 14.79 -39.57
CA ILE J 209 40.20 14.80 -40.80
C ILE J 209 39.54 13.44 -40.94
N PRO J 210 38.21 13.35 -40.97
CA PRO J 210 37.57 12.05 -41.15
C PRO J 210 37.77 11.53 -42.57
N GLY J 211 38.02 10.22 -42.66
CA GLY J 211 38.25 9.59 -43.95
C GLY J 211 39.60 9.90 -44.55
N GLY J 212 39.92 9.26 -45.67
CA GLY J 212 41.19 9.47 -46.35
C GLY J 212 42.16 8.31 -46.13
N ASP J 213 43.34 8.46 -46.72
CA ASP J 213 44.40 7.47 -46.64
C ASP J 213 45.47 7.95 -45.68
N VAL J 214 45.93 7.03 -44.82
CA VAL J 214 46.94 7.39 -43.82
C VAL J 214 48.23 7.87 -44.49
N LEU J 215 48.59 7.28 -45.63
CA LEU J 215 49.80 7.70 -46.32
C LEU J 215 49.68 9.13 -46.86
N ASP J 216 48.47 9.58 -47.13
CA ASP J 216 48.26 10.95 -47.61
C ASP J 216 48.31 11.97 -46.49
N SER J 217 48.26 11.54 -45.23
CA SER J 217 48.33 12.48 -44.12
C SER J 217 49.75 13.01 -43.95
N ARG J 218 49.87 14.31 -43.72
CA ARG J 218 51.17 14.95 -43.57
C ARG J 218 51.06 16.12 -42.62
N VAL J 219 52.18 16.46 -41.99
CA VAL J 219 52.25 17.61 -41.10
C VAL J 219 52.41 18.87 -41.95
N LEU J 220 51.47 19.79 -41.83
CA LEU J 220 51.48 21.04 -42.58
C LEU J 220 51.67 22.20 -41.62
N LYS J 221 52.61 23.08 -41.94
CA LYS J 221 52.83 24.26 -41.13
C LYS J 221 51.64 25.22 -41.24
N GLY J 222 51.37 25.93 -40.17
CA GLY J 222 50.23 26.83 -40.12
C GLY J 222 49.08 26.26 -39.31
N VAL J 223 47.95 26.96 -39.41
CA VAL J 223 46.74 26.61 -38.67
C VAL J 223 45.64 26.27 -39.67
N LEU J 224 44.98 25.14 -39.45
CA LEU J 224 43.88 24.70 -40.31
C LEU J 224 42.56 25.16 -39.71
N LEU J 225 41.87 26.03 -40.44
CA LEU J 225 40.58 26.56 -40.01
C LEU J 225 39.45 25.85 -40.74
N ASN J 226 38.34 25.64 -40.03
CA ASN J 226 37.19 24.92 -40.56
C ASN J 226 36.18 25.84 -41.24
N LYS J 227 36.50 27.13 -41.38
CA LYS J 227 35.54 28.14 -41.81
C LYS J 227 35.86 28.61 -43.22
N ASP J 228 34.84 28.66 -44.07
CA ASP J 228 34.94 29.21 -45.40
C ASP J 228 34.98 30.74 -45.36
N VAL J 229 35.45 31.34 -46.46
CA VAL J 229 35.44 32.79 -46.57
C VAL J 229 34.01 33.31 -46.45
N VAL J 230 33.87 34.52 -45.90
CA VAL J 230 32.55 35.04 -45.58
C VAL J 230 31.84 35.53 -46.83
N HIS J 231 32.56 36.18 -47.74
CA HIS J 231 31.93 36.80 -48.89
C HIS J 231 32.41 36.15 -50.19
N PRO J 232 31.54 36.04 -51.20
CA PRO J 232 31.97 35.39 -52.45
C PRO J 232 33.12 36.09 -53.16
N LYS J 233 33.23 37.40 -53.01
CA LYS J 233 34.31 38.14 -53.66
C LYS J 233 35.63 38.09 -52.89
N MET J 234 35.64 37.44 -51.72
CA MET J 234 36.89 37.26 -51.00
C MET J 234 37.77 36.26 -51.74
N SER J 235 39.02 36.65 -51.98
CA SER J 235 39.93 35.81 -52.73
C SER J 235 40.31 34.58 -51.91
N ARG J 236 40.08 33.40 -52.46
CA ARG J 236 40.45 32.15 -51.81
C ARG J 236 41.85 31.69 -52.17
N HIS J 237 42.54 32.42 -53.05
CA HIS J 237 43.90 32.09 -53.45
C HIS J 237 44.74 33.37 -53.37
N ILE J 238 45.72 33.38 -52.49
CA ILE J 238 46.60 34.54 -52.28
C ILE J 238 48.04 34.05 -52.29
N GLU J 239 48.90 34.77 -53.03
CA GLU J 239 50.29 34.37 -53.13
C GLU J 239 51.04 34.64 -51.83
N ASN J 240 50.92 35.85 -51.30
CA ASN J 240 51.59 36.25 -50.06
C ASN J 240 50.56 36.84 -49.11
N PRO J 241 49.88 35.99 -48.35
CA PRO J 241 48.87 36.49 -47.39
C PRO J 241 49.52 37.30 -46.27
N ARG J 242 48.82 38.34 -45.84
CA ARG J 242 49.22 39.18 -44.73
C ARG J 242 48.12 39.12 -43.68
N VAL J 243 48.41 38.51 -42.53
CA VAL J 243 47.41 38.20 -41.52
C VAL J 243 47.54 39.18 -40.36
N VAL J 244 46.40 39.73 -39.93
CA VAL J 244 46.33 40.62 -38.78
C VAL J 244 45.23 40.12 -37.85
N LEU J 245 45.56 39.91 -36.59
CA LEU J 245 44.63 39.37 -35.61
C LEU J 245 43.96 40.50 -34.84
N LEU J 246 42.63 40.40 -34.69
CA LEU J 246 41.84 41.39 -33.96
C LEU J 246 41.00 40.67 -32.92
N ASP J 247 41.17 41.05 -31.65
CA ASP J 247 40.34 40.48 -30.59
C ASP J 247 38.97 41.16 -30.52
N CYS J 248 38.88 42.43 -30.93
CA CYS J 248 37.63 43.17 -30.81
C CYS J 248 36.69 42.79 -31.94
N PRO J 249 35.38 42.75 -31.69
CA PRO J 249 34.43 42.47 -32.77
C PRO J 249 34.29 43.68 -33.69
N LEU J 250 34.05 43.40 -34.97
CA LEU J 250 33.85 44.47 -35.95
C LEU J 250 32.47 45.11 -35.83
N GLU J 251 31.59 44.56 -35.00
CA GLU J 251 30.25 45.12 -34.83
C GLU J 251 30.33 46.41 -34.01
N TYR J 252 29.17 47.02 -33.79
CA TYR J 252 29.08 48.25 -33.01
C TYR J 252 29.07 47.91 -31.53
N LYS J 253 30.03 48.46 -30.79
CA LYS J 253 30.12 48.23 -29.35
C LYS J 253 29.08 49.06 -28.62
N LYS J 254 28.24 48.39 -27.83
CA LYS J 254 27.21 49.10 -27.07
C LYS J 254 27.82 49.92 -25.95
N GLY J 255 28.84 49.38 -25.29
CA GLY J 255 29.50 50.06 -24.19
C GLY J 255 29.15 49.44 -22.85
N GLU J 256 29.92 49.83 -21.83
CA GLU J 256 29.71 49.31 -20.49
C GLU J 256 28.46 49.91 -19.85
N SER J 257 28.20 51.19 -20.12
CA SER J 257 27.03 51.89 -19.59
C SER J 257 26.05 52.21 -20.71
N GLN J 258 24.77 52.28 -20.35
CA GLN J 258 23.74 52.56 -21.34
C GLN J 258 23.88 53.99 -21.86
N THR J 259 23.66 54.16 -23.16
CA THR J 259 23.78 55.48 -23.77
C THR J 259 22.57 56.35 -23.43
N ASN J 260 21.36 55.83 -23.64
CA ASN J 260 20.11 56.49 -23.26
C ASN J 260 20.01 57.89 -23.88
N ILE J 261 20.13 57.92 -25.21
CA ILE J 261 20.03 59.19 -25.93
C ILE J 261 18.60 59.70 -25.85
N GLU J 262 18.44 60.95 -25.43
CA GLU J 262 17.14 61.62 -25.44
C GLU J 262 17.05 62.44 -26.72
N ILE J 263 16.13 62.06 -27.60
CA ILE J 263 16.02 62.65 -28.93
C ILE J 263 14.88 63.66 -28.91
N GLU J 264 15.24 64.95 -28.97
CA GLU J 264 14.22 66.00 -28.99
C GLU J 264 13.70 66.23 -30.41
N LYS J 265 14.57 66.25 -31.40
CA LYS J 265 14.21 66.56 -32.78
C LYS J 265 14.34 65.32 -33.65
N GLU J 266 13.48 65.24 -34.67
CA GLU J 266 13.42 64.04 -35.52
C GLU J 266 14.71 63.80 -36.27
N GLU J 267 15.54 64.84 -36.48
CA GLU J 267 16.80 64.67 -37.20
C GLU J 267 17.88 64.01 -36.36
N ASP J 268 17.70 63.93 -35.04
CA ASP J 268 18.72 63.33 -34.19
C ASP J 268 18.68 61.80 -34.23
N TRP J 269 17.51 61.21 -34.47
CA TRP J 269 17.41 59.75 -34.47
C TRP J 269 18.09 59.15 -35.69
N ASN J 270 17.94 59.79 -36.86
CA ASN J 270 18.59 59.30 -38.06
C ASN J 270 20.11 59.42 -37.96
N ARG J 271 20.61 60.41 -37.21
CA ARG J 271 22.05 60.54 -37.02
C ARG J 271 22.61 59.42 -36.15
N ILE J 272 21.80 58.90 -35.22
CA ILE J 272 22.24 57.78 -34.39
C ILE J 272 22.54 56.56 -35.25
N LEU J 273 21.61 56.22 -36.15
CA LEU J 273 21.83 55.09 -37.04
C LEU J 273 22.86 55.40 -38.13
N GLN J 274 23.09 56.67 -38.42
CA GLN J 274 24.08 57.04 -39.42
C GLN J 274 25.50 56.93 -38.88
N ILE J 275 25.69 57.28 -37.59
CA ILE J 275 27.01 57.16 -36.99
C ILE J 275 27.40 55.70 -36.83
N GLU J 276 26.43 54.84 -36.51
CA GLU J 276 26.73 53.41 -36.38
C GLU J 276 27.30 52.83 -37.66
N GLU J 277 26.93 53.40 -38.81
CA GLU J 277 27.54 53.00 -40.07
C GLU J 277 28.92 53.65 -40.23
N GLU J 278 29.06 54.91 -39.81
CA GLU J 278 30.33 55.60 -39.94
C GLU J 278 31.32 55.21 -38.85
N GLN J 279 30.84 54.87 -37.65
CA GLN J 279 31.74 54.46 -36.59
C GLN J 279 32.43 53.14 -36.92
N VAL J 280 31.67 52.19 -37.46
CA VAL J 280 32.27 50.94 -37.92
C VAL J 280 33.16 51.20 -39.13
N GLN J 281 32.76 52.15 -39.99
CA GLN J 281 33.60 52.52 -41.13
C GLN J 281 34.91 53.14 -40.67
N LEU J 282 34.89 53.88 -39.56
CA LEU J 282 36.13 54.48 -39.04
C LEU J 282 37.11 53.40 -38.60
N MET J 283 36.61 52.31 -38.02
CA MET J 283 37.49 51.22 -37.62
C MET J 283 37.98 50.44 -38.83
N CYS J 284 37.23 50.45 -39.93
CA CYS J 284 37.67 49.76 -41.14
C CYS J 284 38.72 50.55 -41.89
N GLU J 285 38.66 51.89 -41.84
CA GLU J 285 39.66 52.70 -42.51
C GLU J 285 41.03 52.59 -41.84
N GLN J 286 41.05 52.44 -40.51
CA GLN J 286 42.32 52.27 -39.82
C GLN J 286 42.95 50.92 -40.14
N ILE J 287 42.13 49.91 -40.45
CA ILE J 287 42.66 48.61 -40.84
C ILE J 287 43.30 48.69 -42.22
N LEU J 288 42.68 49.45 -43.13
CA LEU J 288 43.18 49.57 -44.50
C LEU J 288 44.53 50.30 -44.57
N ALA J 289 45.00 50.89 -43.47
CA ALA J 289 46.30 51.56 -43.49
C ALA J 289 47.42 50.55 -43.72
N VAL J 290 47.32 49.36 -43.12
CA VAL J 290 48.32 48.32 -43.34
C VAL J 290 47.93 47.37 -44.47
N ARG J 291 46.82 47.63 -45.15
CA ARG J 291 46.27 46.82 -46.24
C ARG J 291 46.48 45.31 -46.04
N PRO J 292 45.90 44.73 -44.98
CA PRO J 292 46.04 43.29 -44.78
C PRO J 292 45.20 42.50 -45.76
N THR J 293 45.75 41.39 -46.24
CA THR J 293 45.02 40.53 -47.16
C THR J 293 44.02 39.64 -46.44
N LEU J 294 44.31 39.25 -45.19
CA LEU J 294 43.44 38.39 -44.40
C LEU J 294 43.29 38.98 -43.01
N VAL J 295 42.06 39.23 -42.61
CA VAL J 295 41.75 39.77 -41.29
C VAL J 295 41.01 38.71 -40.50
N ILE J 296 41.54 38.39 -39.32
CA ILE J 296 40.96 37.37 -38.44
C ILE J 296 40.44 38.06 -37.19
N THR J 297 39.17 37.84 -36.88
CA THR J 297 38.50 38.45 -35.74
C THR J 297 38.12 37.36 -34.74
N GLU J 298 38.40 37.60 -33.47
CA GLU J 298 38.09 36.60 -32.44
C GLU J 298 36.60 36.50 -32.19
N LYS J 299 35.88 37.63 -32.27
CA LYS J 299 34.45 37.66 -32.02
C LYS J 299 33.69 37.74 -33.34
N GLY J 300 32.37 37.87 -33.24
CA GLY J 300 31.54 37.95 -34.42
C GLY J 300 31.77 39.23 -35.20
N VAL J 301 31.36 39.20 -36.47
CA VAL J 301 31.55 40.31 -37.38
C VAL J 301 30.21 40.67 -38.01
N SER J 302 29.97 41.96 -38.17
CA SER J 302 28.76 42.43 -38.83
C SER J 302 28.91 42.36 -40.35
N ASP J 303 27.76 42.24 -41.03
CA ASP J 303 27.76 42.24 -42.49
C ASP J 303 28.03 43.62 -43.07
N LEU J 304 27.97 44.68 -42.26
CA LEU J 304 28.30 46.02 -42.75
C LEU J 304 29.80 46.26 -42.79
N ALA J 305 30.55 45.67 -41.86
CA ALA J 305 31.99 45.92 -41.79
C ALA J 305 32.74 45.21 -42.91
N GLN J 306 32.18 44.13 -43.44
CA GLN J 306 32.88 43.36 -44.46
C GLN J 306 32.93 44.07 -45.80
N HIS J 307 32.02 45.01 -46.06
CA HIS J 307 32.00 45.68 -47.35
C HIS J 307 33.18 46.62 -47.52
N TYR J 308 33.42 47.47 -46.53
CA TYR J 308 34.56 48.39 -46.61
C TYR J 308 35.89 47.66 -46.52
N LEU J 309 35.92 46.47 -45.91
CA LEU J 309 37.13 45.65 -45.94
C LEU J 309 37.31 44.95 -47.27
N LEU J 310 36.21 44.57 -47.93
CA LEU J 310 36.30 43.96 -49.25
C LEU J 310 36.74 44.97 -50.31
N LYS J 311 36.34 46.23 -50.16
CA LYS J 311 36.74 47.25 -51.11
C LYS J 311 38.25 47.46 -51.11
N GLY J 312 38.90 47.33 -49.95
CA GLY J 312 40.33 47.48 -49.85
C GLY J 312 41.13 46.22 -50.03
N GLY J 313 40.46 45.06 -50.09
CA GLY J 313 41.13 43.79 -50.27
C GLY J 313 41.24 42.92 -49.04
N CYS J 314 40.69 43.37 -47.91
CA CYS J 314 40.76 42.59 -46.69
C CYS J 314 39.78 41.42 -46.74
N SER J 315 40.14 40.33 -46.07
CA SER J 315 39.32 39.13 -46.01
C SER J 315 38.76 38.95 -44.61
N VAL J 316 37.49 38.59 -44.52
CA VAL J 316 36.80 38.42 -43.26
C VAL J 316 36.58 36.93 -43.01
N LEU J 317 36.63 36.54 -41.74
CA LEU J 317 36.44 35.16 -41.33
C LEU J 317 35.48 35.10 -40.14
N ARG J 318 35.01 33.89 -39.85
CA ARG J 318 34.15 33.65 -38.70
C ARG J 318 34.92 33.88 -37.40
N ARG J 319 34.17 34.05 -36.32
CA ARG J 319 34.77 34.20 -35.00
C ARG J 319 35.69 33.03 -34.68
N VAL J 320 36.81 33.33 -34.03
CA VAL J 320 37.86 32.34 -33.78
C VAL J 320 38.01 32.19 -32.27
N LYS J 321 38.22 30.95 -31.82
CA LYS J 321 38.48 30.69 -30.42
C LYS J 321 39.84 31.24 -30.01
N LYS J 322 40.01 31.46 -28.70
CA LYS J 322 41.26 32.01 -28.20
C LYS J 322 42.43 31.05 -28.39
N SER J 323 42.17 29.74 -28.40
CA SER J 323 43.24 28.77 -28.53
C SER J 323 43.89 28.85 -29.91
N ASP J 324 43.10 29.10 -30.95
CA ASP J 324 43.64 29.17 -32.30
C ASP J 324 44.35 30.49 -32.60
N ASN J 325 43.99 31.56 -31.88
CA ASN J 325 44.64 32.85 -32.12
C ASN J 325 46.10 32.83 -31.72
N ASN J 326 46.46 32.03 -30.71
CA ASN J 326 47.86 31.97 -30.28
C ASN J 326 48.72 31.21 -31.28
N ARG J 327 48.15 30.21 -31.95
CA ARG J 327 48.92 29.45 -32.93
C ARG J 327 49.10 30.21 -34.24
N ILE J 328 48.13 31.05 -34.60
CA ILE J 328 48.24 31.83 -35.83
C ILE J 328 49.33 32.89 -35.69
N ALA J 329 49.46 33.49 -34.51
CA ALA J 329 50.46 34.53 -34.29
C ALA J 329 51.88 33.97 -34.35
N ARG J 330 52.05 32.69 -34.04
CA ARG J 330 53.39 32.10 -34.05
C ARG J 330 53.84 31.76 -35.48
N VAL J 331 52.90 31.33 -36.32
CA VAL J 331 53.26 30.90 -37.67
C VAL J 331 53.69 32.09 -38.52
N THR J 332 52.83 33.12 -38.59
CA THR J 332 53.09 34.29 -39.42
C THR J 332 53.87 35.38 -38.70
N GLY J 333 54.22 35.17 -37.43
CA GLY J 333 54.92 36.19 -36.68
C GLY J 333 54.09 37.39 -36.31
N ALA J 334 52.77 37.33 -36.49
CA ALA J 334 51.91 38.46 -36.18
C ALA J 334 51.79 38.64 -34.68
N THR J 335 51.40 39.85 -34.29
CA THR J 335 51.12 40.19 -32.90
C THR J 335 49.65 40.53 -32.76
N ILE J 336 49.01 39.95 -31.74
CA ILE J 336 47.59 40.19 -31.52
C ILE J 336 47.37 41.66 -31.18
N VAL J 337 46.49 42.31 -31.94
CA VAL J 337 46.22 43.74 -31.77
C VAL J 337 44.74 43.89 -31.46
N ASN J 338 44.43 44.29 -30.23
CA ASN J 338 43.03 44.50 -29.85
C ASN J 338 42.54 45.87 -30.33
N ARG J 339 43.34 46.92 -30.11
CA ARG J 339 42.94 48.28 -30.45
C ARG J 339 43.25 48.55 -31.92
N VAL J 340 42.21 48.87 -32.68
CA VAL J 340 42.38 49.12 -34.11
C VAL J 340 43.20 50.40 -34.34
N GLU J 341 43.04 51.39 -33.45
CA GLU J 341 43.77 52.64 -33.62
C GLU J 341 45.26 52.46 -33.42
N ASP J 342 45.66 51.51 -32.58
CA ASP J 342 47.08 51.24 -32.32
C ASP J 342 47.69 50.27 -33.31
N LEU J 343 46.93 49.79 -34.30
CA LEU J 343 47.46 48.84 -35.27
C LEU J 343 48.55 49.50 -36.11
N LYS J 344 49.68 48.81 -36.23
CA LYS J 344 50.83 49.30 -36.98
C LYS J 344 51.34 48.20 -37.91
N GLU J 345 52.21 48.60 -38.84
CA GLU J 345 52.77 47.65 -39.79
C GLU J 345 53.71 46.65 -39.14
N SER J 346 54.23 46.96 -37.94
CA SER J 346 55.18 46.06 -37.30
C SER J 346 54.49 44.80 -36.76
N ASP J 347 53.21 44.91 -36.40
CA ASP J 347 52.46 43.78 -35.86
C ASP J 347 51.74 42.97 -36.93
N VAL J 348 51.90 43.33 -38.20
CA VAL J 348 51.24 42.61 -39.28
C VAL J 348 52.04 41.36 -39.60
N GLY J 349 51.34 40.22 -39.68
CA GLY J 349 52.01 38.97 -40.01
C GLY J 349 52.38 38.90 -41.47
N THR J 350 53.56 38.33 -41.74
CA THR J 350 54.07 38.18 -43.09
C THR J 350 54.66 36.79 -43.24
N ASN J 351 55.26 36.54 -44.41
CA ASN J 351 55.89 35.26 -44.73
C ASN J 351 54.88 34.11 -44.64
N CYS J 352 53.74 34.28 -45.29
CA CYS J 352 52.72 33.24 -45.39
C CYS J 352 52.80 32.63 -46.78
N GLY J 353 53.01 31.31 -46.83
CA GLY J 353 53.23 30.63 -48.08
C GLY J 353 52.04 30.60 -49.02
N LEU J 354 50.91 30.10 -48.56
CA LEU J 354 49.75 29.90 -49.42
C LEU J 354 48.47 29.98 -48.59
N PHE J 355 47.42 30.49 -49.22
CA PHE J 355 46.09 30.53 -48.62
C PHE J 355 45.11 29.89 -49.61
N LYS J 356 44.51 28.77 -49.21
CA LYS J 356 43.61 28.05 -50.09
C LYS J 356 42.50 27.43 -49.26
N VAL J 357 41.40 27.08 -49.93
CA VAL J 357 40.25 26.45 -49.31
C VAL J 357 39.87 25.23 -50.16
N GLU J 358 39.81 24.07 -49.51
CA GLU J 358 39.45 22.83 -50.18
C GLU J 358 38.07 22.38 -49.72
N MET J 359 37.34 21.72 -50.62
CA MET J 359 35.97 21.30 -50.35
C MET J 359 35.96 19.89 -49.80
N ILE J 360 35.36 19.71 -48.62
CA ILE J 360 35.08 18.41 -48.04
C ILE J 360 33.65 18.42 -47.55
N GLY J 361 32.94 17.30 -47.73
CA GLY J 361 31.50 17.27 -47.51
C GLY J 361 31.09 17.71 -46.11
N ASP J 362 31.88 17.35 -45.10
CA ASP J 362 31.52 17.69 -43.74
C ASP J 362 31.59 19.19 -43.51
N GLU J 363 32.76 19.79 -43.73
CA GLU J 363 32.98 21.20 -43.46
C GLU J 363 34.01 21.73 -44.44
N TYR J 364 34.06 23.07 -44.56
CA TYR J 364 35.13 23.71 -45.30
C TYR J 364 36.43 23.67 -44.50
N PHE J 365 37.54 23.84 -45.20
CA PHE J 365 38.85 23.86 -44.57
C PHE J 365 39.71 24.93 -45.21
N SER J 366 40.28 25.80 -44.38
CA SER J 366 41.14 26.90 -44.83
C SER J 366 42.58 26.60 -44.45
N PHE J 367 43.48 26.73 -45.42
CA PHE J 367 44.88 26.39 -45.24
C PHE J 367 45.73 27.65 -45.20
N LEU J 368 46.66 27.70 -44.25
CA LEU J 368 47.65 28.78 -44.16
C LEU J 368 49.03 28.13 -44.16
N ASP J 369 49.81 28.40 -45.21
CA ASP J 369 51.13 27.80 -45.36
C ASP J 369 52.20 28.79 -44.93
N ASN J 370 53.26 28.27 -44.32
CA ASN J 370 54.38 29.07 -43.85
C ASN J 370 55.48 29.08 -44.91
N CYS J 371 56.17 30.21 -45.03
CA CYS J 371 57.29 30.33 -45.95
C CYS J 371 58.59 29.76 -45.40
N LYS J 372 58.58 29.25 -44.17
CA LYS J 372 59.63 28.43 -43.55
C LYS J 372 60.96 29.19 -43.42
N GLU J 373 61.04 30.39 -43.97
CA GLU J 373 62.22 31.23 -43.85
C GLU J 373 61.90 32.70 -44.10
N SER J 431 66.71 32.19 -33.03
CA SER J 431 66.23 32.75 -34.28
C SER J 431 64.97 33.57 -34.07
N GLY J 432 64.23 33.25 -33.02
CA GLY J 432 63.00 33.94 -32.71
C GLY J 432 62.05 33.03 -31.96
N LEU J 433 60.77 33.39 -32.00
CA LEU J 433 59.76 32.59 -31.33
C LEU J 433 59.62 31.24 -32.01
N GLN J 434 59.14 30.25 -31.24
CA GLN J 434 58.97 28.91 -31.78
C GLN J 434 57.80 28.87 -32.75
N LYS J 435 57.98 28.11 -33.84
CA LYS J 435 56.95 28.00 -34.86
C LYS J 435 55.87 27.01 -34.41
N ALA J 436 54.67 27.21 -34.94
CA ALA J 436 53.53 26.34 -34.68
C ALA J 436 53.18 25.57 -35.94
N CYS J 437 52.67 24.35 -35.74
CA CYS J 437 52.32 23.48 -36.86
C CYS J 437 51.15 22.59 -36.45
N THR J 438 50.36 22.20 -37.43
CA THR J 438 49.23 21.32 -37.24
C THR J 438 49.51 19.98 -37.93
N ILE J 439 48.92 18.92 -37.38
CA ILE J 439 49.12 17.56 -37.87
C ILE J 439 47.81 17.09 -38.47
N MET J 440 47.80 16.93 -39.79
CA MET J 440 46.64 16.39 -40.49
C MET J 440 46.69 14.87 -40.49
N LEU J 441 45.56 14.24 -40.23
CA LEU J 441 45.47 12.80 -40.13
C LEU J 441 44.26 12.30 -40.91
N ARG J 442 44.49 11.33 -41.79
CA ARG J 442 43.43 10.72 -42.59
C ARG J 442 43.25 9.27 -42.14
N GLY J 443 42.12 8.99 -41.49
CA GLY J 443 41.82 7.67 -40.99
C GLY J 443 40.74 6.97 -41.78
N GLY J 444 40.27 5.87 -41.22
CA GLY J 444 39.19 5.11 -41.82
C GLY J 444 37.83 5.40 -41.22
N SER J 445 37.83 6.02 -40.04
CA SER J 445 36.60 6.37 -39.33
C SER J 445 36.93 7.42 -38.30
N LYS J 446 35.95 7.76 -37.46
CA LYS J 446 36.16 8.77 -36.42
C LYS J 446 36.90 8.21 -35.23
N ASP J 447 36.67 6.93 -34.88
CA ASP J 447 37.36 6.34 -33.73
C ASP J 447 38.79 5.96 -34.04
N ILE J 448 39.08 5.61 -35.30
CA ILE J 448 40.46 5.32 -35.69
C ILE J 448 41.33 6.57 -35.55
N LEU J 449 40.75 7.74 -35.84
CA LEU J 449 41.49 8.99 -35.68
C LEU J 449 41.89 9.22 -34.24
N ASN J 450 40.99 8.92 -33.30
CA ASN J 450 41.30 9.12 -31.89
C ASN J 450 42.37 8.15 -31.39
N GLU J 451 42.47 6.97 -32.02
CA GLU J 451 43.49 6.01 -31.63
C GLU J 451 44.87 6.43 -32.10
N ILE J 452 44.97 6.93 -33.34
CA ILE J 452 46.26 7.38 -33.85
C ILE J 452 46.70 8.66 -33.14
N ASP J 453 45.75 9.53 -32.78
CA ASP J 453 46.10 10.74 -32.04
C ASP J 453 46.73 10.39 -30.70
N ARG J 454 46.21 9.37 -30.01
CA ARG J 454 46.84 8.91 -28.78
C ARG J 454 48.17 8.23 -29.07
N ASN J 455 48.33 7.66 -30.27
CA ASN J 455 49.60 7.06 -30.65
C ASN J 455 50.65 8.12 -30.99
N LEU J 456 50.21 9.23 -31.59
CA LEU J 456 51.14 10.31 -31.90
C LEU J 456 51.61 11.01 -30.63
N GLN J 457 50.70 11.22 -29.67
CA GLN J 457 51.09 11.84 -28.41
C GLN J 457 52.08 10.97 -27.64
N ASP J 458 51.97 9.65 -27.77
CA ASP J 458 52.93 8.76 -27.13
C ASP J 458 54.24 8.67 -27.92
N ALA J 459 54.18 8.79 -29.24
CA ALA J 459 55.38 8.71 -30.06
C ALA J 459 56.16 10.02 -30.04
N MET J 460 55.46 11.16 -30.07
CA MET J 460 56.14 12.44 -30.05
C MET J 460 56.73 12.75 -28.69
N ALA J 461 56.15 12.18 -27.62
CA ALA J 461 56.70 12.39 -26.28
C ALA J 461 58.04 11.70 -26.09
N VAL J 462 58.36 10.70 -26.91
CA VAL J 462 59.65 10.03 -26.80
C VAL J 462 60.76 10.95 -27.27
N ALA J 463 60.51 11.75 -28.31
CA ALA J 463 61.52 12.67 -28.82
C ALA J 463 61.81 13.81 -27.86
N ARG J 464 60.90 14.09 -26.91
CA ARG J 464 61.15 15.15 -25.94
C ARG J 464 62.12 14.72 -24.85
N ASN J 465 62.19 13.43 -24.56
CA ASN J 465 63.08 12.94 -23.51
C ASN J 465 64.53 12.89 -23.98
N VAL J 466 64.75 12.49 -25.24
CA VAL J 466 66.12 12.36 -25.74
C VAL J 466 66.77 13.72 -25.91
N MET J 467 65.98 14.76 -26.21
CA MET J 467 66.56 16.09 -26.39
C MET J 467 66.98 16.69 -25.04
N LEU J 468 66.14 16.53 -24.02
CA LEU J 468 66.50 17.03 -22.69
C LEU J 468 67.47 16.08 -21.97
N SER J 469 67.34 14.77 -22.22
CA SER J 469 68.20 13.77 -21.60
C SER J 469 68.79 12.89 -22.70
N PRO J 470 69.97 13.24 -23.19
CA PRO J 470 70.59 12.44 -24.27
C PRO J 470 70.83 10.98 -23.90
N SER J 471 70.80 10.64 -22.62
CA SER J 471 71.00 9.26 -22.21
C SER J 471 69.89 8.37 -22.76
N LEU J 472 70.25 7.14 -23.10
CA LEU J 472 69.35 6.19 -23.76
C LEU J 472 69.41 4.86 -23.03
N SER J 473 68.28 4.44 -22.45
CA SER J 473 68.19 3.24 -21.64
C SER J 473 67.89 2.02 -22.50
N PRO J 474 68.20 0.82 -22.01
CA PRO J 474 67.84 -0.39 -22.76
C PRO J 474 66.35 -0.67 -22.69
N GLY J 475 65.80 -1.14 -23.81
CA GLY J 475 64.40 -1.49 -23.90
C GLY J 475 64.17 -2.98 -23.95
N GLY J 476 62.93 -3.34 -24.30
CA GLY J 476 62.56 -4.74 -24.42
C GLY J 476 62.64 -5.51 -23.14
N GLY J 477 62.38 -4.86 -22.01
CA GLY J 477 62.46 -5.52 -20.72
C GLY J 477 63.86 -5.71 -20.19
N ALA J 478 64.87 -5.15 -20.85
CA ALA J 478 66.25 -5.30 -20.39
C ALA J 478 66.56 -4.38 -19.21
N THR J 479 65.86 -3.25 -19.09
CA THR J 479 66.10 -2.34 -17.98
C THR J 479 65.64 -2.96 -16.67
N GLU J 480 64.43 -3.52 -16.65
CA GLU J 480 63.90 -4.09 -15.41
C GLU J 480 64.63 -5.36 -15.00
N MET J 481 65.07 -6.16 -15.97
CA MET J 481 65.80 -7.38 -15.63
C MET J 481 67.22 -7.09 -15.18
N ALA J 482 67.85 -6.04 -15.73
CA ALA J 482 69.19 -5.68 -15.30
C ALA J 482 69.20 -5.23 -13.84
N VAL J 483 68.14 -4.56 -13.40
CA VAL J 483 68.06 -4.14 -12.00
C VAL J 483 67.83 -5.34 -11.09
N SER J 484 67.00 -6.29 -11.54
CA SER J 484 66.71 -7.47 -10.73
C SER J 484 67.94 -8.32 -10.48
N VAL J 485 68.89 -8.34 -11.42
CA VAL J 485 70.11 -9.10 -11.23
C VAL J 485 71.02 -8.41 -10.21
N LYS J 486 71.12 -7.08 -10.28
CA LYS J 486 71.96 -6.36 -9.34
C LYS J 486 71.38 -6.36 -7.93
N LEU J 487 70.06 -6.35 -7.80
CA LEU J 487 69.45 -6.40 -6.48
C LEU J 487 69.64 -7.76 -5.82
N ALA J 488 69.67 -8.83 -6.61
CA ALA J 488 69.87 -10.17 -6.05
C ALA J 488 71.30 -10.36 -5.57
N GLU J 489 72.27 -9.70 -6.21
CA GLU J 489 73.65 -9.84 -5.79
C GLU J 489 73.92 -9.09 -4.49
N LYS J 490 73.33 -7.90 -4.34
CA LYS J 490 73.51 -7.11 -3.13
C LYS J 490 72.58 -7.55 -2.00
N ALA J 491 71.63 -8.44 -2.26
CA ALA J 491 70.75 -8.91 -1.20
C ALA J 491 71.48 -9.80 -0.21
N LYS J 492 72.39 -10.65 -0.70
CA LYS J 492 73.15 -11.52 0.18
C LYS J 492 74.26 -10.77 0.90
N GLN J 493 74.80 -9.71 0.29
CA GLN J 493 75.85 -8.93 0.93
C GLN J 493 75.30 -7.97 1.99
N LEU J 494 74.04 -7.57 1.87
CA LEU J 494 73.46 -6.65 2.86
C LEU J 494 73.14 -7.36 4.16
N GLU J 495 72.57 -8.55 4.09
CA GLU J 495 72.15 -9.35 5.26
C GLU J 495 71.18 -8.49 6.08
N GLY J 496 71.30 -8.49 7.41
CA GLY J 496 70.43 -7.68 8.24
C GLY J 496 68.97 -8.12 8.18
N ILE J 497 68.12 -7.27 8.76
CA ILE J 497 66.69 -7.54 8.77
C ILE J 497 66.02 -7.05 7.49
N GLN J 498 66.70 -6.22 6.71
CA GLN J 498 66.13 -5.65 5.49
C GLN J 498 66.41 -6.48 4.25
N GLN J 499 67.04 -7.65 4.40
CA GLN J 499 67.38 -8.46 3.23
C GLN J 499 66.14 -8.98 2.52
N TRP J 500 65.10 -9.34 3.28
CA TRP J 500 63.87 -9.84 2.64
C TRP J 500 63.14 -8.76 1.87
N PRO J 501 62.89 -7.56 2.41
CA PRO J 501 62.25 -6.52 1.58
C PRO J 501 63.10 -6.06 0.42
N TYR J 502 64.43 -6.11 0.57
CA TYR J 502 65.31 -5.67 -0.51
C TYR J 502 65.38 -6.69 -1.63
N GLN J 503 65.40 -7.99 -1.29
CA GLN J 503 65.45 -9.02 -2.33
C GLN J 503 64.11 -9.17 -3.02
N ALA J 504 63.01 -8.88 -2.33
CA ALA J 504 61.69 -9.00 -2.92
C ALA J 504 61.44 -7.97 -4.02
N VAL J 505 62.24 -6.91 -4.07
CA VAL J 505 62.10 -5.91 -5.13
C VAL J 505 62.54 -6.49 -6.46
N ALA J 506 63.60 -7.32 -6.45
CA ALA J 506 64.07 -7.93 -7.69
C ALA J 506 63.05 -8.89 -8.28
N ASP J 507 62.23 -9.53 -7.43
CA ASP J 507 61.20 -10.42 -7.94
C ASP J 507 60.09 -9.67 -8.65
N ALA J 508 59.82 -8.43 -8.24
CA ALA J 508 58.81 -7.61 -8.90
C ALA J 508 59.31 -6.97 -10.19
N MET J 509 60.63 -6.85 -10.35
CA MET J 509 61.17 -6.24 -11.56
C MET J 509 61.17 -7.20 -12.74
N GLU J 510 61.26 -8.50 -12.47
CA GLU J 510 61.28 -9.50 -13.54
C GLU J 510 59.89 -9.87 -14.03
N CYS J 511 58.84 -9.29 -13.45
CA CYS J 511 57.48 -9.59 -13.90
C CYS J 511 57.14 -8.87 -15.20
N ILE J 512 57.73 -7.71 -15.45
CA ILE J 512 57.48 -6.94 -16.67
C ILE J 512 58.03 -7.69 -17.88
N PRO J 513 59.27 -8.18 -17.89
CA PRO J 513 59.71 -9.00 -19.02
C PRO J 513 59.02 -10.36 -19.07
N ARG J 514 58.48 -10.83 -17.94
CA ARG J 514 57.71 -12.07 -17.95
C ARG J 514 56.38 -11.90 -18.68
N THR J 515 55.79 -10.72 -18.61
CA THR J 515 54.55 -10.46 -19.35
C THR J 515 54.78 -10.51 -20.85
N LEU J 516 55.95 -10.09 -21.31
CA LEU J 516 56.27 -10.16 -22.74
C LEU J 516 56.26 -11.59 -23.24
N ILE J 517 56.61 -12.56 -22.38
CA ILE J 517 56.61 -13.96 -22.78
C ILE J 517 55.20 -14.52 -22.79
N GLN J 518 54.38 -14.16 -21.79
CA GLN J 518 53.02 -14.68 -21.73
C GLN J 518 52.17 -14.20 -22.90
N ASN J 519 52.41 -12.97 -23.36
CA ASN J 519 51.68 -12.46 -24.51
C ASN J 519 52.20 -13.04 -25.82
N ALA J 520 53.48 -13.43 -25.87
CA ALA J 520 54.05 -14.01 -27.07
C ALA J 520 53.72 -15.49 -27.21
N GLY J 521 53.35 -16.16 -26.13
CA GLY J 521 53.01 -17.57 -26.18
C GLY J 521 54.15 -18.52 -25.91
N GLY J 522 55.23 -18.04 -25.28
CA GLY J 522 56.36 -18.88 -24.97
C GLY J 522 56.34 -19.39 -23.54
N ASP J 523 57.41 -20.10 -23.18
CA ASP J 523 57.55 -20.67 -21.85
C ASP J 523 58.36 -19.72 -20.99
N PRO J 524 57.76 -19.04 -20.01
CA PRO J 524 58.53 -18.10 -19.19
C PRO J 524 59.54 -18.77 -18.27
N ILE J 525 59.39 -20.08 -18.01
CA ILE J 525 60.33 -20.77 -17.12
C ILE J 525 61.69 -20.90 -17.78
N ARG J 526 61.72 -21.42 -19.02
CA ARG J 526 62.99 -21.67 -19.69
C ARG J 526 63.60 -20.40 -20.26
N LEU J 527 62.78 -19.43 -20.66
CA LEU J 527 63.33 -18.21 -21.25
C LEU J 527 63.93 -17.29 -20.20
N LEU J 528 63.23 -17.09 -19.08
CA LEU J 528 63.76 -16.23 -18.03
C LEU J 528 64.95 -16.86 -17.32
N SER J 529 65.04 -18.20 -17.33
CA SER J 529 66.19 -18.85 -16.73
C SER J 529 67.45 -18.60 -17.55
N GLN J 530 67.34 -18.68 -18.87
CA GLN J 530 68.48 -18.37 -19.74
C GLN J 530 68.73 -16.88 -19.88
N LEU J 531 67.71 -16.05 -19.64
CA LEU J 531 67.89 -14.60 -19.72
C LEU J 531 68.78 -14.10 -18.59
N ARG J 532 68.58 -14.64 -17.37
CA ARG J 532 69.40 -14.22 -16.25
C ARG J 532 70.83 -14.74 -16.36
N ALA J 533 71.01 -15.93 -16.94
CA ALA J 533 72.35 -16.49 -17.09
C ALA J 533 73.14 -15.75 -18.16
N LYS J 534 72.52 -15.44 -19.29
CA LYS J 534 73.19 -14.71 -20.36
C LYS J 534 73.31 -13.22 -20.08
N HIS J 535 72.68 -12.71 -19.02
CA HIS J 535 72.76 -11.28 -18.72
C HIS J 535 74.12 -10.93 -18.11
N ALA J 536 74.63 -11.76 -17.21
CA ALA J 536 75.92 -11.47 -16.60
C ALA J 536 77.06 -11.66 -17.57
N GLN J 537 77.12 -12.81 -18.24
CA GLN J 537 78.25 -13.11 -19.12
C GLN J 537 78.16 -12.33 -20.42
N GLY J 538 77.02 -12.42 -21.11
CA GLY J 538 76.93 -11.88 -22.45
C GLY J 538 77.01 -10.37 -22.56
N ASN J 539 76.10 -9.66 -21.91
CA ASN J 539 76.01 -8.19 -21.95
C ASN J 539 74.78 -7.77 -21.16
N PHE J 540 74.68 -6.46 -20.94
CA PHE J 540 73.54 -5.87 -20.26
C PHE J 540 72.40 -5.51 -21.21
N THR J 541 72.60 -5.68 -22.51
CA THR J 541 71.59 -5.35 -23.51
C THR J 541 70.71 -6.53 -23.89
N THR J 542 70.90 -7.69 -23.26
CA THR J 542 70.10 -8.85 -23.59
C THR J 542 68.67 -8.69 -23.07
N GLY J 543 67.70 -9.03 -23.92
CA GLY J 543 66.30 -8.87 -23.57
C GLY J 543 65.44 -9.86 -24.32
N ILE J 544 64.13 -9.75 -24.08
CA ILE J 544 63.15 -10.67 -24.66
C ILE J 544 62.67 -10.09 -25.99
N ASP J 545 62.63 -10.94 -27.02
CA ASP J 545 62.10 -10.55 -28.31
C ASP J 545 60.58 -10.61 -28.28
N GLY J 546 59.93 -9.56 -28.76
CA GLY J 546 58.48 -9.50 -28.69
C GLY J 546 57.81 -10.42 -29.70
N ASP J 547 58.25 -10.37 -30.96
CA ASP J 547 57.57 -11.13 -32.02
C ASP J 547 57.92 -12.62 -31.95
N LYS J 548 59.20 -12.94 -31.87
CA LYS J 548 59.65 -14.33 -31.91
C LYS J 548 59.70 -14.98 -30.54
N GLY J 549 59.61 -14.21 -29.46
CA GLY J 549 59.69 -14.78 -28.12
C GLY J 549 61.00 -15.47 -27.82
N LYS J 550 62.10 -14.98 -28.37
CA LYS J 550 63.41 -15.59 -28.20
C LYS J 550 64.32 -14.65 -27.40
N ILE J 551 65.56 -15.08 -27.23
CA ILE J 551 66.57 -14.32 -26.49
C ILE J 551 67.43 -13.59 -27.51
N VAL J 552 67.34 -12.26 -27.51
CA VAL J 552 68.10 -11.42 -28.43
C VAL J 552 68.70 -10.26 -27.63
N ASP J 553 69.64 -9.56 -28.26
CA ASP J 553 70.28 -8.40 -27.68
C ASP J 553 69.69 -7.12 -28.29
N MET J 554 69.56 -6.09 -27.47
CA MET J 554 69.00 -4.83 -27.96
C MET J 554 69.94 -4.11 -28.92
N VAL J 555 71.21 -4.50 -28.98
CA VAL J 555 72.12 -3.91 -29.94
C VAL J 555 71.72 -4.27 -31.36
N SER J 556 71.51 -5.57 -31.61
CA SER J 556 71.04 -6.03 -32.91
C SER J 556 69.53 -5.90 -33.09
N TYR J 557 68.79 -5.68 -32.00
CA TYR J 557 67.33 -5.54 -32.11
C TYR J 557 66.94 -4.18 -32.69
N GLY J 558 67.78 -3.17 -32.51
CA GLY J 558 67.61 -1.90 -33.18
C GLY J 558 66.62 -0.94 -32.58
N ILE J 559 66.02 -1.27 -31.44
CA ILE J 559 65.02 -0.42 -30.79
C ILE J 559 65.50 -0.11 -29.38
N TRP J 560 65.40 1.16 -28.99
CA TRP J 560 65.84 1.62 -27.69
C TRP J 560 64.79 2.58 -27.13
N GLU J 561 64.89 2.88 -25.84
CA GLU J 561 63.96 3.76 -25.17
C GLU J 561 64.72 4.71 -24.25
N PRO J 562 64.25 5.96 -24.12
CA PRO J 562 64.95 6.92 -23.26
C PRO J 562 64.97 6.49 -21.80
N GLU J 563 65.91 7.07 -21.06
CA GLU J 563 66.07 6.73 -19.64
C GLU J 563 64.98 7.37 -18.79
N VAL J 564 64.45 8.52 -19.21
CA VAL J 564 63.42 9.21 -18.43
C VAL J 564 62.20 8.33 -18.28
N ILE J 565 61.88 7.54 -19.31
CA ILE J 565 60.75 6.62 -19.22
C ILE J 565 60.99 5.54 -18.17
N LYS J 566 62.21 5.01 -18.13
CA LYS J 566 62.54 3.97 -17.15
C LYS J 566 62.67 4.54 -15.74
N GLN J 567 63.17 5.78 -15.62
CA GLN J 567 63.31 6.38 -14.29
C GLN J 567 61.95 6.69 -13.68
N GLN J 568 60.99 7.15 -14.50
CA GLN J 568 59.66 7.42 -13.99
C GLN J 568 58.92 6.13 -13.64
N SER J 569 59.26 5.02 -14.28
CA SER J 569 58.60 3.75 -13.97
C SER J 569 59.06 3.21 -12.61
N VAL J 570 60.34 3.39 -12.29
CA VAL J 570 60.87 2.87 -11.02
C VAL J 570 60.47 3.77 -9.86
N LYS J 571 60.54 5.09 -10.05
CA LYS J 571 60.27 6.01 -8.96
C LYS J 571 58.79 6.03 -8.61
N THR J 572 57.91 6.17 -9.60
CA THR J 572 56.49 6.28 -9.33
C THR J 572 55.92 5.00 -8.72
N ALA J 573 56.42 3.85 -9.15
CA ALA J 573 55.90 2.58 -8.65
C ALA J 573 56.32 2.35 -7.20
N ILE J 574 57.55 2.71 -6.85
CA ILE J 574 58.03 2.48 -5.48
C ILE J 574 57.45 3.50 -4.51
N GLU J 575 57.40 4.77 -4.92
CA GLU J 575 56.87 5.80 -4.03
C GLU J 575 55.38 5.60 -3.78
N SER J 576 54.66 5.01 -4.73
CA SER J 576 53.24 4.73 -4.51
C SER J 576 53.03 3.51 -3.63
N ALA J 577 53.92 2.53 -3.71
CA ALA J 577 53.80 1.34 -2.85
C ALA J 577 53.98 1.69 -1.38
N CYS J 578 54.83 2.67 -1.07
CA CYS J 578 55.04 3.07 0.30
C CYS J 578 53.80 3.73 0.91
N LEU J 579 52.92 4.28 0.08
CA LEU J 579 51.70 4.92 0.59
C LEU J 579 50.67 3.89 1.02
N LEU J 580 50.54 2.79 0.26
CA LEU J 580 49.57 1.77 0.59
C LEU J 580 50.00 0.87 1.74
N LEU J 581 51.31 0.78 2.01
CA LEU J 581 51.77 -0.04 3.12
C LEU J 581 51.51 0.61 4.47
N ARG J 582 51.32 1.94 4.51
CA ARG J 582 51.10 2.66 5.75
C ARG J 582 49.65 2.69 6.18
N VAL J 583 48.75 2.07 5.42
CA VAL J 583 47.32 2.11 5.74
C VAL J 583 47.04 1.13 6.87
N ASP J 584 46.37 1.60 7.91
CA ASP J 584 46.01 0.76 9.05
C ASP J 584 44.57 0.30 8.95
N ASP J 585 43.62 1.23 9.04
CA ASP J 585 42.21 0.93 8.98
C ASP J 585 41.56 1.74 7.87
N ILE J 586 40.37 1.30 7.46
CA ILE J 586 39.61 1.92 6.38
C ILE J 586 38.18 2.15 6.85
N VAL J 587 37.72 3.40 6.76
CA VAL J 587 36.36 3.77 7.11
C VAL J 587 35.74 4.46 5.89
N SER J 588 34.57 3.98 5.47
CA SER J 588 33.93 4.47 4.27
C SER J 588 32.66 5.25 4.61
N GLY J 589 32.38 6.27 3.80
CA GLY J 589 31.18 7.06 3.94
C GLY J 589 31.10 7.85 5.23
N VAL J 590 32.16 8.57 5.57
CA VAL J 590 32.18 9.36 6.80
C VAL J 590 31.26 10.56 6.67
N ARG J 591 31.49 11.38 5.64
CA ARG J 591 30.72 12.59 5.38
C ARG J 591 31.28 13.23 4.12
N LYS J 592 30.62 14.28 3.65
CA LYS J 592 31.06 15.01 2.47
C LYS J 592 31.54 16.41 2.85
N MET K 1 33.88 -18.62 -22.26
CA MET K 1 34.10 -19.65 -21.25
C MET K 1 33.14 -19.49 -20.07
N ASN K 2 32.86 -18.23 -19.72
CA ASN K 2 31.92 -17.96 -18.64
C ASN K 2 30.50 -18.31 -19.08
N PHE K 3 29.63 -18.55 -18.09
CA PHE K 3 28.26 -18.95 -18.40
C PHE K 3 27.48 -17.80 -19.03
N GLY K 4 27.43 -16.65 -18.37
CA GLY K 4 26.77 -15.49 -18.96
C GLY K 4 26.92 -14.28 -18.07
N SER K 5 26.78 -13.11 -18.69
CA SER K 5 26.80 -11.80 -18.03
C SER K 5 28.05 -11.73 -17.16
N GLN K 6 27.96 -11.27 -15.92
CA GLN K 6 29.08 -11.22 -14.99
C GLN K 6 28.80 -12.14 -13.81
N THR K 7 29.87 -12.65 -13.19
CA THR K 7 29.73 -13.55 -12.06
C THR K 7 30.20 -12.86 -10.79
N PRO K 8 29.34 -12.69 -9.79
CA PRO K 8 29.77 -12.06 -8.54
C PRO K 8 30.65 -12.99 -7.72
N THR K 9 31.44 -12.38 -6.85
CA THR K 9 32.34 -13.14 -5.99
C THR K 9 31.56 -13.89 -4.92
N ILE K 10 32.08 -15.04 -4.52
CA ILE K 10 31.46 -15.88 -3.51
C ILE K 10 32.11 -15.59 -2.17
N VAL K 11 31.30 -15.15 -1.20
CA VAL K 11 31.80 -14.93 0.15
C VAL K 11 32.05 -16.27 0.82
N VAL K 12 33.19 -16.37 1.51
CA VAL K 12 33.59 -17.60 2.20
C VAL K 12 32.51 -18.03 3.18
N LEU K 13 32.29 -17.22 4.22
CA LEU K 13 31.25 -17.52 5.19
C LEU K 13 29.87 -17.23 4.60
N LYS K 14 28.86 -17.85 5.20
CA LYS K 14 27.49 -17.62 4.77
C LYS K 14 27.09 -16.16 4.99
N GLU K 15 26.28 -15.62 4.09
CA GLU K 15 25.84 -14.24 4.19
C GLU K 15 25.03 -14.03 5.46
N GLY K 16 25.43 -13.04 6.25
CA GLY K 16 24.80 -12.76 7.52
C GLY K 16 25.56 -13.24 8.73
N THR K 17 26.71 -13.88 8.54
CA THR K 17 27.51 -14.39 9.64
C THR K 17 28.43 -13.29 10.16
N ASP K 18 28.36 -13.02 11.46
CA ASP K 18 29.18 -12.00 12.09
C ASP K 18 30.47 -12.64 12.58
N ALA K 19 31.60 -12.19 12.03
CA ALA K 19 32.91 -12.70 12.42
C ALA K 19 33.89 -11.55 12.52
N SER K 20 34.57 -11.45 13.67
CA SER K 20 35.57 -10.42 13.89
C SER K 20 36.69 -10.99 14.74
N GLN K 21 37.92 -10.63 14.40
CA GLN K 21 39.11 -11.15 15.07
C GLN K 21 40.03 -9.99 15.46
N GLY K 22 41.01 -10.31 16.29
CA GLY K 22 41.96 -9.32 16.78
C GLY K 22 41.68 -8.95 18.23
N LYS K 23 42.46 -7.99 18.72
CA LYS K 23 42.33 -7.54 20.10
C LYS K 23 41.00 -6.86 20.37
N GLY K 24 40.35 -6.32 19.33
CA GLY K 24 39.06 -5.69 19.52
C GLY K 24 37.94 -6.64 19.86
N GLN K 25 38.09 -7.93 19.52
CA GLN K 25 37.05 -8.91 19.85
C GLN K 25 37.10 -9.30 21.32
N ILE K 26 38.30 -9.37 21.90
CA ILE K 26 38.42 -9.73 23.30
C ILE K 26 37.90 -8.61 24.20
N ILE K 27 38.17 -7.36 23.82
CA ILE K 27 37.67 -6.23 24.59
C ILE K 27 36.14 -6.19 24.55
N SER K 28 35.56 -6.54 23.41
CA SER K 28 34.10 -6.63 23.33
C SER K 28 33.56 -7.78 24.16
N ASN K 29 34.34 -8.86 24.30
CA ASN K 29 33.92 -9.99 25.12
C ASN K 29 34.05 -9.67 26.61
N ILE K 30 35.05 -8.88 27.00
CA ILE K 30 35.21 -8.51 28.40
C ILE K 30 34.13 -7.51 28.81
N ASN K 31 33.83 -6.54 27.94
CA ASN K 31 32.79 -5.56 28.26
C ASN K 31 31.42 -6.23 28.39
N ALA K 32 31.23 -7.37 27.74
CA ALA K 32 29.97 -8.10 27.92
C ALA K 32 29.88 -8.71 29.31
N CYS K 33 31.00 -9.16 29.87
CA CYS K 33 31.00 -9.69 31.22
C CYS K 33 30.96 -8.61 32.28
N VAL K 34 31.57 -7.45 32.00
CA VAL K 34 31.54 -6.35 32.97
C VAL K 34 30.14 -5.75 33.06
N ALA K 35 29.45 -5.65 31.92
CA ALA K 35 28.10 -5.10 31.93
C ALA K 35 27.15 -5.96 32.75
N VAL K 36 27.33 -7.28 32.69
CA VAL K 36 26.53 -8.17 33.53
C VAL K 36 26.95 -8.03 34.99
N GLN K 37 28.23 -7.78 35.25
CA GLN K 37 28.70 -7.62 36.62
C GLN K 37 28.13 -6.36 37.26
N GLU K 38 27.87 -5.31 36.48
CA GLU K 38 27.37 -4.06 37.03
C GLU K 38 26.06 -4.25 37.77
N ALA K 39 25.24 -5.22 37.35
CA ALA K 39 23.97 -5.46 38.02
C ALA K 39 24.16 -6.21 39.34
N LEU K 40 25.20 -7.04 39.44
CA LEU K 40 25.43 -7.84 40.63
C LEU K 40 26.39 -7.18 41.62
N LYS K 41 26.93 -6.00 41.29
CA LYS K 41 27.79 -5.30 42.25
C LYS K 41 27.02 -4.83 43.49
N PRO K 42 25.89 -4.13 43.38
CA PRO K 42 25.20 -3.69 44.60
C PRO K 42 24.58 -4.83 45.39
N THR K 43 24.40 -6.01 44.79
CA THR K 43 23.79 -7.13 45.49
C THR K 43 24.74 -7.79 46.49
N LEU K 44 26.05 -7.57 46.35
CA LEU K 44 27.03 -8.22 47.22
C LEU K 44 27.02 -7.56 48.60
N GLY K 45 27.02 -8.38 49.64
CA GLY K 45 27.05 -7.89 51.00
C GLY K 45 25.72 -8.01 51.70
N PRO K 46 25.75 -8.07 53.04
CA PRO K 46 24.49 -8.15 53.80
C PRO K 46 23.56 -6.97 53.56
N LEU K 47 24.09 -5.82 53.19
CA LEU K 47 23.29 -4.64 52.87
C LEU K 47 22.92 -4.57 51.40
N GLY K 48 23.23 -5.62 50.62
CA GLY K 48 22.89 -5.60 49.21
C GLY K 48 21.40 -5.49 48.97
N SER K 49 21.07 -5.07 47.75
CA SER K 49 19.70 -4.80 47.36
C SER K 49 19.21 -5.84 46.35
N ASP K 50 17.91 -6.15 46.43
CA ASP K 50 17.30 -7.10 45.53
C ASP K 50 17.12 -6.48 44.14
N ILE K 51 16.97 -7.35 43.14
CA ILE K 51 16.74 -6.95 41.76
C ILE K 51 15.39 -7.48 41.31
N LEU K 52 14.55 -6.59 40.78
CA LEU K 52 13.25 -6.95 40.24
C LEU K 52 13.38 -7.19 38.74
N ILE K 53 12.95 -8.36 38.28
CA ILE K 53 13.06 -8.75 36.88
C ILE K 53 11.70 -9.27 36.41
N VAL K 54 11.24 -8.78 35.27
CA VAL K 54 10.01 -9.23 34.65
C VAL K 54 10.36 -9.81 33.29
N THR K 55 9.96 -11.05 33.06
CA THR K 55 10.27 -11.74 31.81
C THR K 55 9.23 -11.39 30.75
N SER K 56 9.32 -12.03 29.58
CA SER K 56 8.37 -11.76 28.51
C SER K 56 6.98 -12.29 28.82
N ASN K 57 6.85 -13.22 29.76
CA ASN K 57 5.57 -13.76 30.17
C ASN K 57 4.92 -12.98 31.31
N GLN K 58 5.54 -11.86 31.72
CA GLN K 58 5.03 -11.04 32.82
C GLN K 58 4.95 -11.83 34.12
N LYS K 59 5.94 -12.69 34.35
CA LYS K 59 6.03 -13.48 35.58
C LYS K 59 7.01 -12.79 36.51
N THR K 60 6.51 -12.28 37.63
CA THR K 60 7.35 -11.56 38.57
C THR K 60 8.21 -12.53 39.37
N THR K 61 9.51 -12.29 39.38
CA THR K 61 10.46 -13.09 40.17
C THR K 61 11.49 -12.16 40.79
N ILE K 62 11.66 -12.27 42.10
CA ILE K 62 12.62 -11.47 42.85
C ILE K 62 13.65 -12.42 43.46
N SER K 63 14.92 -12.21 43.13
CA SER K 63 16.00 -13.02 43.67
C SER K 63 17.21 -12.14 43.97
N ASN K 64 17.77 -12.29 45.17
CA ASN K 64 18.95 -11.53 45.54
C ASN K 64 20.22 -12.14 44.97
N ASP K 65 20.34 -13.47 45.00
CA ASP K 65 21.54 -14.12 44.53
C ASP K 65 21.65 -14.06 43.01
N GLY K 66 22.89 -14.10 42.52
CA GLY K 66 23.14 -14.00 41.09
C GLY K 66 22.88 -15.26 40.31
N ALA K 67 22.55 -16.37 40.97
CA ALA K 67 22.28 -17.61 40.26
C ALA K 67 20.93 -17.55 39.55
N THR K 68 19.89 -17.13 40.27
CA THR K 68 18.55 -17.05 39.68
C THR K 68 18.39 -15.82 38.80
N ILE K 69 19.08 -14.72 39.12
CA ILE K 69 19.00 -13.51 38.31
C ILE K 69 19.43 -13.80 36.88
N LEU K 70 20.52 -14.57 36.71
CA LEU K 70 20.97 -14.91 35.37
C LEU K 70 20.08 -15.93 34.69
N LYS K 71 19.28 -16.68 35.44
CA LYS K 71 18.35 -17.63 34.85
C LYS K 71 17.11 -16.93 34.29
N LEU K 72 16.71 -15.80 34.88
CA LEU K 72 15.51 -15.10 34.41
C LEU K 72 15.75 -14.48 33.04
N LEU K 73 16.81 -13.68 32.90
CA LEU K 73 17.13 -13.05 31.64
C LEU K 73 17.74 -14.07 30.68
N ASP K 74 17.41 -13.94 29.40
CA ASP K 74 17.95 -14.82 28.37
C ASP K 74 19.22 -14.19 27.81
N VAL K 75 20.35 -14.86 28.04
CA VAL K 75 21.65 -14.33 27.64
C VAL K 75 21.94 -14.72 26.20
N VAL K 76 22.40 -13.77 25.41
CA VAL K 76 22.71 -13.98 23.99
C VAL K 76 24.22 -14.06 23.77
N HIS K 77 24.94 -12.98 24.08
CA HIS K 77 26.37 -12.92 23.83
C HIS K 77 27.08 -14.10 24.48
N PRO K 78 27.99 -14.78 23.77
CA PRO K 78 28.59 -16.01 24.32
C PRO K 78 29.40 -15.79 25.59
N ALA K 79 30.20 -14.72 25.65
CA ALA K 79 31.04 -14.49 26.82
C ALA K 79 30.21 -14.23 28.07
N ALA K 80 29.04 -13.62 27.92
CA ALA K 80 28.17 -13.39 29.07
C ALA K 80 27.54 -14.68 29.58
N LYS K 81 27.47 -15.72 28.74
CA LYS K 81 26.97 -17.02 29.21
C LYS K 81 27.96 -17.70 30.14
N THR K 82 29.24 -17.31 30.10
CA THR K 82 30.22 -17.91 30.99
C THR K 82 29.93 -17.56 32.44
N LEU K 83 29.50 -16.33 32.71
CA LEU K 83 29.12 -15.94 34.06
C LEU K 83 27.86 -16.65 34.52
N VAL K 84 27.03 -17.15 33.59
CA VAL K 84 25.84 -17.89 33.96
C VAL K 84 26.20 -19.32 34.36
N ASP K 85 27.18 -19.91 33.69
CA ASP K 85 27.58 -21.27 34.01
C ASP K 85 28.23 -21.37 35.38
N ILE K 86 29.06 -20.40 35.73
CA ILE K 86 29.71 -20.42 37.04
C ILE K 86 28.71 -20.14 38.15
N SER K 87 27.62 -19.45 37.85
CA SER K 87 26.59 -19.21 38.85
C SER K 87 25.74 -20.46 39.09
N ARG K 88 25.46 -21.22 38.04
CA ARG K 88 24.71 -22.46 38.19
C ARG K 88 25.57 -23.60 38.73
N ALA K 89 26.87 -23.60 38.40
CA ALA K 89 27.76 -24.61 38.96
C ALA K 89 28.00 -24.36 40.45
N GLN K 90 28.12 -23.09 40.84
CA GLN K 90 28.26 -22.76 42.26
C GLN K 90 26.97 -23.05 43.02
N ASP K 91 25.83 -22.93 42.37
CA ASP K 91 24.55 -23.18 43.03
C ASP K 91 24.33 -24.67 43.26
N ALA K 92 24.60 -25.48 42.23
CA ALA K 92 24.35 -26.92 42.35
C ALA K 92 25.37 -27.59 43.28
N GLU K 93 26.64 -27.23 43.16
CA GLU K 93 27.67 -27.86 43.99
C GLU K 93 27.55 -27.41 45.44
N VAL K 94 27.53 -26.10 45.68
CA VAL K 94 27.46 -25.57 47.04
C VAL K 94 26.18 -24.78 47.22
N GLY K 95 26.05 -23.68 46.48
CA GLY K 95 24.89 -22.81 46.57
C GLY K 95 25.13 -21.49 47.25
N ASP K 96 26.29 -21.28 47.86
CA ASP K 96 26.63 -20.04 48.52
C ASP K 96 27.75 -19.33 47.74
N GLY K 97 27.69 -18.00 47.71
CA GLY K 97 28.68 -17.23 46.99
C GLY K 97 28.49 -17.19 45.49
N THR K 98 27.28 -17.52 45.00
CA THR K 98 27.03 -17.48 43.57
C THR K 98 27.20 -16.08 43.00
N THR K 99 26.94 -15.05 43.81
CA THR K 99 27.17 -13.69 43.36
C THR K 99 28.65 -13.32 43.40
N SER K 100 29.36 -13.75 44.46
CA SER K 100 30.77 -13.39 44.60
C SER K 100 31.63 -14.03 43.52
N VAL K 101 31.22 -15.20 43.01
CA VAL K 101 31.98 -15.84 41.94
C VAL K 101 31.93 -15.01 40.67
N THR K 102 30.76 -14.45 40.36
CA THR K 102 30.63 -13.60 39.18
C THR K 102 31.43 -12.31 39.35
N ILE K 103 31.46 -11.77 40.57
CA ILE K 103 32.23 -10.55 40.82
C ILE K 103 33.71 -10.80 40.63
N LEU K 104 34.20 -11.96 41.11
CA LEU K 104 35.62 -12.27 40.97
C LEU K 104 35.98 -12.60 39.53
N ALA K 105 35.10 -13.33 38.83
CA ALA K 105 35.39 -13.71 37.45
C ALA K 105 35.42 -12.49 36.54
N GLY K 106 34.53 -11.53 36.75
CA GLY K 106 34.54 -10.33 35.95
C GLY K 106 35.62 -9.35 36.32
N GLU K 107 36.07 -9.37 37.58
CA GLU K 107 37.14 -8.47 37.99
C GLU K 107 38.48 -8.90 37.42
N LEU K 108 38.71 -10.21 37.27
CA LEU K 108 39.94 -10.68 36.64
C LEU K 108 40.02 -10.22 35.19
N MET K 109 38.88 -10.19 34.49
CA MET K 109 38.85 -9.66 33.14
C MET K 109 39.04 -8.15 33.13
N LYS K 110 38.61 -7.47 34.20
CA LYS K 110 38.76 -6.02 34.27
C LYS K 110 40.21 -5.64 34.53
N GLU K 111 40.91 -6.40 35.38
CA GLU K 111 42.33 -6.13 35.62
C GLU K 111 43.20 -6.51 34.43
N ALA K 112 42.70 -7.36 33.54
CA ALA K 112 43.45 -7.73 32.33
C ALA K 112 43.26 -6.73 31.21
N LYS K 113 42.41 -5.71 31.39
CA LYS K 113 42.21 -4.71 30.34
C LYS K 113 43.47 -3.90 30.06
N PRO K 114 44.19 -3.34 31.04
CA PRO K 114 45.43 -2.62 30.72
C PRO K 114 46.54 -3.54 30.22
N PHE K 115 46.48 -4.83 30.52
CA PHE K 115 47.50 -5.75 30.02
C PHE K 115 47.29 -6.07 28.54
N LEU K 116 46.04 -6.16 28.11
CA LEU K 116 45.76 -6.42 26.70
C LEU K 116 46.05 -5.20 25.84
N GLU K 117 45.86 -4.00 26.37
CA GLU K 117 46.19 -2.79 25.64
C GLU K 117 47.70 -2.66 25.40
N GLU K 118 48.51 -3.35 26.20
CA GLU K 118 49.95 -3.37 26.01
C GLU K 118 50.30 -4.41 24.95
N GLY K 119 51.60 -4.69 24.79
CA GLY K 119 52.03 -5.71 23.86
C GLY K 119 51.97 -7.12 24.37
N ILE K 120 51.44 -7.33 25.57
CA ILE K 120 51.35 -8.67 26.15
C ILE K 120 50.14 -9.39 25.57
N SER K 121 50.38 -10.51 24.90
CA SER K 121 49.29 -11.32 24.38
C SER K 121 48.61 -12.10 25.52
N SER K 122 47.39 -12.54 25.26
CA SER K 122 46.56 -13.14 26.29
C SER K 122 47.07 -14.49 26.78
N HIS K 123 48.01 -15.12 26.06
CA HIS K 123 48.47 -16.44 26.49
C HIS K 123 49.36 -16.34 27.72
N LEU K 124 50.18 -15.30 27.80
CA LEU K 124 51.03 -15.09 28.98
C LEU K 124 50.24 -14.57 30.17
N ILE K 125 49.09 -13.94 29.93
CA ILE K 125 48.27 -13.44 31.04
C ILE K 125 47.61 -14.60 31.77
N MET K 126 47.16 -15.61 31.03
CA MET K 126 46.51 -16.77 31.65
C MET K 126 47.50 -17.58 32.49
N LYS K 127 48.79 -17.53 32.14
CA LYS K 127 49.80 -18.27 32.90
C LYS K 127 49.93 -17.73 34.32
N GLY K 128 49.79 -16.42 34.50
CA GLY K 128 49.88 -15.85 35.84
C GLY K 128 48.67 -16.21 36.70
N TYR K 129 47.49 -16.29 36.09
CA TYR K 129 46.30 -16.66 36.84
C TYR K 129 46.32 -18.13 37.21
N ARG K 130 46.78 -18.99 36.29
CA ARG K 130 46.85 -20.41 36.58
C ARG K 130 47.87 -20.73 37.66
N LYS K 131 48.94 -19.92 37.75
CA LYS K 131 49.94 -20.12 38.80
C LYS K 131 49.46 -19.56 40.13
N ALA K 132 48.73 -18.45 40.10
CA ALA K 132 48.28 -17.81 41.34
C ALA K 132 47.09 -18.52 41.95
N VAL K 133 46.28 -19.20 41.15
CA VAL K 133 45.11 -19.90 41.70
C VAL K 133 45.55 -21.15 42.46
N SER K 134 46.69 -21.74 42.10
CA SER K 134 47.16 -22.93 42.80
C SER K 134 47.68 -22.57 44.19
N LEU K 135 48.33 -21.42 44.32
CA LEU K 135 48.84 -21.00 45.62
C LEU K 135 47.74 -20.42 46.50
N ALA K 136 46.70 -19.83 45.90
CA ALA K 136 45.62 -19.26 46.68
C ALA K 136 44.77 -20.33 47.36
N VAL K 137 44.62 -21.50 46.72
CA VAL K 137 43.85 -22.57 47.32
C VAL K 137 44.62 -23.18 48.50
N GLU K 138 45.94 -23.31 48.37
CA GLU K 138 46.74 -23.85 49.45
C GLU K 138 46.76 -22.94 50.67
N LYS K 139 46.50 -21.64 50.49
CA LYS K 139 46.45 -20.73 51.63
C LYS K 139 45.17 -20.89 52.44
N ILE K 140 44.06 -21.22 51.78
CA ILE K 140 42.80 -21.40 52.49
C ILE K 140 42.86 -22.62 53.41
N ASN K 141 43.48 -23.71 52.93
CA ASN K 141 43.59 -24.91 53.75
C ASN K 141 44.48 -24.68 54.97
N GLU K 142 45.45 -23.78 54.86
CA GLU K 142 46.31 -23.47 56.00
C GLU K 142 45.64 -22.56 57.01
N LEU K 143 44.64 -21.79 56.59
CA LEU K 143 43.90 -20.90 57.49
C LEU K 143 42.70 -21.57 58.12
N ALA K 144 42.43 -22.83 57.80
CA ALA K 144 41.29 -23.56 58.35
C ALA K 144 41.70 -24.22 59.66
N VAL K 145 40.89 -24.03 60.70
CA VAL K 145 41.14 -24.59 62.01
C VAL K 145 40.08 -25.66 62.29
N ASP K 146 40.53 -26.82 62.76
CA ASP K 146 39.61 -27.90 63.07
C ASP K 146 38.76 -27.55 64.28
N ILE K 147 37.46 -27.85 64.19
CA ILE K 147 36.54 -27.51 65.28
C ILE K 147 36.67 -28.50 66.43
N THR K 148 37.12 -29.73 66.16
CA THR K 148 37.25 -30.73 67.22
C THR K 148 38.44 -30.48 68.13
N SER K 149 39.31 -29.54 67.79
CA SER K 149 40.45 -29.24 68.66
C SER K 149 40.00 -28.58 69.95
N GLU K 150 38.95 -27.77 69.91
CA GLU K 150 38.41 -27.13 71.10
C GLU K 150 37.38 -27.99 71.83
N LYS K 151 36.97 -29.10 71.24
CA LYS K 151 35.99 -30.02 71.84
C LYS K 151 34.68 -29.29 72.16
N SER K 152 34.17 -28.58 71.15
CA SER K 152 32.92 -27.85 71.30
C SER K 152 31.74 -28.74 70.91
N SER K 153 30.53 -28.18 71.01
CA SER K 153 29.32 -28.92 70.68
C SER K 153 29.08 -28.88 69.18
N GLY K 154 28.53 -29.98 68.66
CA GLY K 154 28.22 -30.06 67.24
C GLY K 154 26.97 -29.33 66.82
N ARG K 155 26.03 -29.09 67.76
CA ARG K 155 24.82 -28.37 67.41
C ARG K 155 25.08 -26.88 67.24
N GLU K 156 25.89 -26.29 68.12
CA GLU K 156 26.21 -24.87 68.02
C GLU K 156 27.13 -24.57 66.84
N LEU K 157 27.80 -25.59 66.29
CA LEU K 157 28.65 -25.37 65.12
C LEU K 157 27.82 -25.02 63.89
N LEU K 158 26.71 -25.72 63.69
CA LEU K 158 25.85 -25.48 62.53
C LEU K 158 25.02 -24.22 62.67
N GLU K 159 24.85 -23.71 63.89
CA GLU K 159 24.04 -22.51 64.09
C GLU K 159 24.78 -21.25 63.66
N ARG K 160 26.05 -21.14 64.01
CA ARG K 160 26.82 -19.95 63.64
C ARG K 160 27.08 -19.90 62.14
N CYS K 161 27.25 -21.06 61.49
CA CYS K 161 27.46 -21.08 60.05
C CYS K 161 26.19 -20.79 59.28
N ALA K 162 25.02 -21.13 59.84
CA ALA K 162 23.76 -20.89 59.16
C ALA K 162 23.37 -19.42 59.19
N ARG K 163 23.69 -18.70 60.27
CA ARG K 163 23.35 -17.29 60.37
C ARG K 163 24.13 -16.44 59.39
N THR K 164 25.26 -16.95 58.86
CA THR K 164 26.02 -16.18 57.89
C THR K 164 25.31 -16.10 56.55
N ALA K 165 24.74 -17.22 56.09
CA ALA K 165 24.01 -17.22 54.82
C ALA K 165 22.69 -16.48 54.91
N MET K 166 22.18 -16.24 56.11
CA MET K 166 20.93 -15.50 56.27
C MET K 166 21.07 -14.02 55.95
N SER K 167 22.30 -13.52 55.84
CA SER K 167 22.51 -12.11 55.52
C SER K 167 22.09 -11.81 54.09
N SER K 168 21.87 -10.53 53.82
CA SER K 168 21.48 -10.00 52.52
C SER K 168 20.08 -10.45 52.11
N LYS K 169 19.45 -11.28 52.92
CA LYS K 169 18.10 -11.76 52.68
C LYS K 169 17.13 -11.04 53.62
N LEU K 170 15.85 -11.40 53.50
CA LEU K 170 14.83 -10.88 54.40
C LEU K 170 14.87 -11.54 55.77
N ILE K 171 15.71 -12.57 55.95
CA ILE K 171 15.76 -13.30 57.21
C ILE K 171 16.65 -12.61 58.24
N HIS K 172 17.51 -11.68 57.82
CA HIS K 172 18.51 -11.09 58.70
C HIS K 172 17.90 -10.58 60.00
N ASN K 173 16.72 -9.96 59.92
CA ASN K 173 16.07 -9.49 61.15
C ASN K 173 15.38 -10.63 61.89
N ASN K 174 14.80 -11.57 61.16
CA ASN K 174 14.06 -12.70 61.73
C ASN K 174 14.91 -13.94 61.94
N ALA K 175 16.23 -13.84 61.70
CA ALA K 175 17.12 -14.99 61.76
C ALA K 175 17.07 -15.72 63.11
N ASP K 176 16.59 -15.07 64.16
CA ASP K 176 16.49 -15.73 65.46
C ASP K 176 15.61 -16.98 65.36
N PHE K 177 14.41 -16.83 64.79
CA PHE K 177 13.49 -17.96 64.70
C PHE K 177 13.82 -18.87 63.53
N PHE K 178 14.26 -18.32 62.40
CA PHE K 178 14.39 -19.10 61.18
C PHE K 178 15.62 -20.01 61.19
N VAL K 179 16.71 -19.60 61.84
CA VAL K 179 17.91 -20.43 61.87
C VAL K 179 17.65 -21.69 62.69
N LYS K 180 16.87 -21.58 63.76
CA LYS K 180 16.53 -22.75 64.57
C LYS K 180 15.74 -23.81 63.81
N MET K 181 15.24 -23.48 62.62
CA MET K 181 14.49 -24.43 61.79
C MET K 181 15.44 -25.25 60.90
N CYS K 182 16.16 -24.57 60.01
CA CYS K 182 17.02 -25.27 59.05
C CYS K 182 18.09 -26.10 59.75
N VAL K 183 18.57 -25.66 60.91
CA VAL K 183 19.56 -26.44 61.65
C VAL K 183 18.96 -27.76 62.11
N ASP K 184 17.71 -27.74 62.59
CA ASP K 184 17.03 -28.97 62.95
C ASP K 184 16.60 -29.78 61.74
N ALA K 185 16.60 -29.18 60.55
CA ALA K 185 16.19 -29.91 59.34
C ALA K 185 17.29 -30.82 58.84
N VAL K 186 18.55 -30.39 58.95
CA VAL K 186 19.65 -31.22 58.46
C VAL K 186 19.97 -32.35 59.43
N LEU K 187 19.69 -32.16 60.72
CA LEU K 187 19.97 -33.21 61.70
C LEU K 187 19.01 -34.39 61.57
N SER K 188 17.83 -34.17 61.00
CA SER K 188 16.92 -35.29 60.77
C SER K 188 17.42 -36.21 59.67
N LEU K 189 18.04 -35.63 58.64
CA LEU K 189 18.60 -36.43 57.56
C LEU K 189 19.79 -37.24 58.06
N ASP K 190 20.08 -38.32 57.34
CA ASP K 190 21.23 -39.16 57.67
C ASP K 190 22.52 -38.42 57.33
N ARG K 191 23.53 -38.57 58.21
CA ARG K 191 24.79 -37.90 57.97
C ARG K 191 25.51 -38.47 56.75
N ASN K 192 25.25 -39.74 56.41
CA ASN K 192 25.87 -40.34 55.24
C ASN K 192 25.18 -39.93 53.94
N ASP K 193 23.86 -39.74 53.97
CA ASP K 193 23.09 -39.41 52.78
C ASP K 193 22.27 -38.16 53.07
N LEU K 194 22.59 -37.07 52.38
CA LEU K 194 21.89 -35.80 52.51
C LEU K 194 21.19 -35.49 51.19
N ASP K 195 19.91 -35.14 51.26
CA ASP K 195 19.08 -34.98 50.08
C ASP K 195 18.38 -33.63 50.10
N ASP K 196 18.38 -32.96 48.95
CA ASP K 196 17.70 -31.67 48.80
C ASP K 196 16.24 -31.81 48.37
N LYS K 197 15.81 -33.00 47.95
CA LYS K 197 14.41 -33.19 47.58
C LYS K 197 13.53 -33.40 48.80
N LEU K 198 14.08 -33.96 49.88
CA LEU K 198 13.33 -34.19 51.10
C LEU K 198 13.07 -32.91 51.89
N ILE K 199 13.88 -31.86 51.67
CA ILE K 199 13.75 -30.61 52.40
C ILE K 199 12.86 -29.64 51.61
N GLY K 200 12.27 -30.12 50.52
CA GLY K 200 11.44 -29.31 49.66
C GLY K 200 10.37 -28.52 50.38
N ILE K 201 10.27 -27.23 50.08
CA ILE K 201 9.38 -26.31 50.78
C ILE K 201 8.15 -26.05 49.92
N LYS K 202 6.98 -26.17 50.53
CA LYS K 202 5.73 -25.85 49.85
C LYS K 202 5.46 -24.35 49.91
N LYS K 203 4.87 -23.82 48.83
CA LYS K 203 4.51 -22.42 48.75
C LYS K 203 3.05 -22.28 49.16
N ILE K 204 2.81 -21.61 50.28
CA ILE K 204 1.47 -21.39 50.80
C ILE K 204 1.20 -19.88 50.77
N PRO K 205 0.34 -19.41 49.87
CA PRO K 205 0.08 -17.96 49.81
C PRO K 205 -0.57 -17.46 51.09
N GLY K 206 -0.17 -16.26 51.50
CA GLY K 206 -0.70 -15.63 52.69
C GLY K 206 0.05 -16.01 53.94
N GLY K 207 -0.32 -15.34 55.03
CA GLY K 207 0.25 -15.63 56.33
C GLY K 207 1.46 -14.77 56.66
N ALA K 208 2.07 -15.09 57.80
CA ALA K 208 3.25 -14.39 58.29
C ALA K 208 4.43 -15.36 58.36
N MET K 209 5.62 -14.82 58.13
CA MET K 209 6.82 -15.66 58.09
C MET K 209 7.16 -16.22 59.46
N GLU K 210 6.99 -15.42 60.52
CA GLU K 210 7.30 -15.88 61.87
C GLU K 210 6.27 -16.89 62.39
N GLU K 211 5.17 -17.10 61.67
CA GLU K 211 4.17 -18.09 62.04
C GLU K 211 4.50 -19.48 61.51
N SER K 212 5.64 -19.64 60.83
CA SER K 212 6.02 -20.92 60.28
C SER K 212 6.33 -21.92 61.40
N LEU K 213 6.26 -23.21 61.06
CA LEU K 213 6.51 -24.29 62.00
C LEU K 213 7.44 -25.31 61.37
N PHE K 214 8.07 -26.11 62.24
CA PHE K 214 8.96 -27.18 61.81
C PHE K 214 8.57 -28.45 62.54
N ILE K 215 8.24 -29.50 61.78
CA ILE K 215 7.87 -30.80 62.33
C ILE K 215 8.60 -31.87 61.53
N ASN K 216 9.06 -32.91 62.23
CA ASN K 216 9.81 -33.99 61.58
C ASN K 216 8.97 -34.74 60.55
N GLY K 217 7.65 -34.57 60.56
CA GLY K 217 6.78 -35.21 59.60
C GLY K 217 6.81 -34.50 58.26
N VAL K 218 5.82 -34.82 57.42
CA VAL K 218 5.70 -34.28 56.08
C VAL K 218 4.23 -33.94 55.81
N ALA K 219 4.01 -33.18 54.74
CA ALA K 219 2.67 -32.78 54.33
C ALA K 219 2.51 -33.02 52.84
N PHE K 220 1.56 -33.88 52.47
CA PHE K 220 1.29 -34.20 51.08
C PHE K 220 0.17 -33.37 50.48
N LYS K 221 -0.36 -32.40 51.23
CA LYS K 221 -1.44 -31.49 50.79
C LYS K 221 -2.66 -32.36 50.42
N LYS K 222 -3.37 -32.03 49.35
CA LYS K 222 -4.53 -32.79 48.90
C LYS K 222 -4.79 -32.44 47.44
N THR K 223 -5.57 -33.29 46.77
CA THR K 223 -5.90 -33.08 45.37
C THR K 223 -7.39 -32.92 45.15
N PHE K 224 -8.19 -33.98 45.29
CA PHE K 224 -9.60 -33.93 44.99
C PHE K 224 -10.46 -34.01 46.24
N SER K 225 -10.28 -35.06 47.06
CA SER K 225 -11.15 -35.38 48.19
C SER K 225 -12.54 -35.77 47.72
N TYR K 226 -12.66 -37.00 47.22
CA TYR K 226 -13.87 -37.50 46.58
C TYR K 226 -15.01 -37.62 47.60
N ALA K 227 -16.15 -38.12 47.12
CA ALA K 227 -17.32 -38.29 47.97
C ALA K 227 -16.97 -39.17 49.17
N GLY K 228 -17.40 -38.72 50.36
CA GLY K 228 -17.00 -39.34 51.60
C GLY K 228 -16.00 -38.56 52.40
N PHE K 229 -15.55 -37.40 51.89
CA PHE K 229 -14.60 -36.57 52.62
C PHE K 229 -15.34 -35.84 53.74
N GLU K 230 -14.56 -35.15 54.59
CA GLU K 230 -14.98 -34.21 55.63
C GLU K 230 -15.84 -34.89 56.70
N GLN K 231 -16.30 -36.12 56.44
CA GLN K 231 -16.86 -36.95 57.48
C GLN K 231 -15.79 -37.68 58.27
N GLN K 232 -14.69 -38.04 57.61
CA GLN K 232 -13.62 -38.77 58.27
C GLN K 232 -12.91 -37.85 59.26
N PRO K 233 -12.58 -38.35 60.45
CA PRO K 233 -11.87 -37.51 61.43
C PRO K 233 -10.52 -37.07 60.89
N LYS K 234 -10.22 -35.79 61.07
CA LYS K 234 -8.95 -35.22 60.65
C LYS K 234 -7.92 -35.20 61.76
N LYS K 235 -8.25 -35.73 62.94
CA LYS K 235 -7.33 -35.79 64.07
C LYS K 235 -7.22 -37.24 64.52
N PHE K 236 -6.01 -37.80 64.41
CA PHE K 236 -5.74 -39.18 64.79
C PHE K 236 -4.77 -39.22 65.95
N ASN K 237 -4.84 -40.30 66.73
CA ASN K 237 -3.91 -40.50 67.86
C ASN K 237 -2.69 -41.28 67.38
N ASN K 238 -2.87 -42.57 67.11
CA ASN K 238 -1.80 -43.43 66.61
C ASN K 238 -2.28 -44.16 65.37
N PRO K 239 -2.36 -43.47 64.24
CA PRO K 239 -2.83 -44.11 63.00
C PRO K 239 -1.74 -44.98 62.38
N LYS K 240 -2.20 -45.92 61.55
CA LYS K 240 -1.32 -46.79 60.79
C LYS K 240 -1.33 -46.32 59.34
N ILE K 241 -0.20 -45.78 58.89
CA ILE K 241 -0.10 -45.20 57.55
C ILE K 241 0.17 -46.32 56.55
N LEU K 242 -0.67 -46.42 55.53
CA LEU K 242 -0.50 -47.38 54.45
C LEU K 242 -0.41 -46.65 53.12
N SER K 243 0.48 -47.12 52.25
CA SER K 243 0.69 -46.53 50.94
C SER K 243 0.52 -47.59 49.86
N LEU K 244 -0.11 -47.20 48.76
CA LEU K 244 -0.45 -48.14 47.69
C LEU K 244 -0.08 -47.52 46.35
N ASN K 245 0.69 -48.26 45.55
CA ASN K 245 0.94 -47.87 44.16
C ASN K 245 -0.14 -48.35 43.21
N VAL K 246 -1.00 -49.26 43.66
CA VAL K 246 -2.10 -49.74 42.83
C VAL K 246 -3.22 -48.71 42.82
N GLU K 247 -3.89 -48.58 41.68
CA GLU K 247 -5.00 -47.64 41.54
C GLU K 247 -6.29 -48.32 41.92
N LEU K 248 -7.11 -47.64 42.73
CA LEU K 248 -8.41 -48.15 43.12
C LEU K 248 -9.46 -47.43 42.28
N GLU K 249 -10.03 -48.15 41.31
CA GLU K 249 -11.03 -47.64 40.39
C GLU K 249 -11.85 -48.80 39.89
N LEU K 250 -13.00 -48.49 39.30
CA LEU K 250 -13.80 -49.48 38.60
C LEU K 250 -13.66 -49.23 37.10
N LYS K 251 -12.89 -50.10 36.44
CA LYS K 251 -12.64 -50.04 35.00
C LYS K 251 -12.39 -48.62 34.49
N ALA K 252 -11.29 -48.00 34.93
CA ALA K 252 -10.97 -46.64 34.54
C ALA K 252 -9.71 -46.60 33.68
N GLU K 253 -8.53 -46.80 34.28
CA GLU K 253 -7.28 -46.79 33.53
C GLU K 253 -6.90 -48.15 32.99
N LYS K 254 -7.64 -49.20 33.35
CA LYS K 254 -7.40 -50.52 32.80
C LYS K 254 -7.74 -50.55 31.32
N ASP K 255 -6.98 -51.34 30.56
CA ASP K 255 -7.22 -51.45 29.13
C ASP K 255 -8.57 -52.09 28.86
N ASN K 256 -9.11 -51.81 27.69
CA ASN K 256 -10.44 -52.29 27.34
C ASN K 256 -10.44 -53.80 27.17
N ALA K 257 -11.33 -54.47 27.90
CA ALA K 257 -11.45 -55.92 27.88
C ALA K 257 -12.82 -56.28 27.34
N GLU K 258 -12.86 -56.90 26.16
CA GLU K 258 -14.13 -57.28 25.55
C GLU K 258 -14.74 -58.46 26.31
N VAL K 259 -15.97 -58.28 26.76
CA VAL K 259 -16.69 -59.30 27.53
C VAL K 259 -17.87 -59.76 26.69
N ARG K 260 -17.90 -61.05 26.36
CA ARG K 260 -18.98 -61.65 25.58
C ARG K 260 -19.67 -62.70 26.43
N VAL K 261 -20.96 -62.49 26.68
CA VAL K 261 -21.76 -63.41 27.49
C VAL K 261 -22.95 -63.85 26.64
N GLU K 262 -23.11 -65.16 26.48
CA GLU K 262 -24.17 -65.72 25.65
C GLU K 262 -25.43 -66.09 26.43
N HIS K 263 -25.48 -65.79 27.73
CA HIS K 263 -26.63 -66.15 28.55
C HIS K 263 -27.09 -64.93 29.34
N VAL K 264 -28.38 -64.93 29.68
CA VAL K 264 -28.92 -63.84 30.49
C VAL K 264 -28.58 -64.04 31.96
N GLU K 265 -28.66 -65.27 32.46
CA GLU K 265 -28.35 -65.53 33.85
C GLU K 265 -26.88 -65.30 34.14
N ASP K 266 -26.00 -65.65 33.19
CA ASP K 266 -24.58 -65.40 33.38
C ASP K 266 -24.23 -63.92 33.33
N TYR K 267 -25.11 -63.08 32.78
CA TYR K 267 -24.84 -61.65 32.76
C TYR K 267 -25.01 -61.03 34.14
N GLN K 268 -25.86 -61.62 34.99
CA GLN K 268 -26.01 -61.11 36.34
C GLN K 268 -24.76 -61.38 37.18
N ALA K 269 -24.01 -62.43 36.85
CA ALA K 269 -22.83 -62.78 37.63
C ALA K 269 -21.69 -61.79 37.38
N ILE K 270 -21.48 -61.40 36.13
CA ILE K 270 -20.37 -60.51 35.81
C ILE K 270 -20.60 -59.11 36.36
N VAL K 271 -21.86 -58.71 36.57
CA VAL K 271 -22.13 -57.40 37.15
C VAL K 271 -21.72 -57.37 38.61
N ASP K 272 -22.15 -58.37 39.38
CA ASP K 272 -21.76 -58.47 40.78
C ASP K 272 -20.31 -58.90 40.96
N ALA K 273 -19.68 -59.41 39.91
CA ALA K 273 -18.27 -59.81 40.02
C ALA K 273 -17.37 -58.60 40.20
N GLU K 274 -17.65 -57.52 39.46
CA GLU K 274 -16.85 -56.30 39.62
C GLU K 274 -17.01 -55.69 41.00
N TRP K 275 -18.19 -55.83 41.60
CA TRP K 275 -18.39 -55.36 42.96
C TRP K 275 -17.58 -56.18 43.95
N GLN K 276 -17.39 -57.47 43.68
CA GLN K 276 -16.61 -58.32 44.57
C GLN K 276 -15.11 -58.11 44.40
N LEU K 277 -14.66 -57.78 43.17
CA LEU K 277 -13.25 -57.57 42.95
C LEU K 277 -12.76 -56.28 43.61
N ILE K 278 -13.59 -55.23 43.58
CA ILE K 278 -13.19 -53.97 44.18
C ILE K 278 -13.26 -54.04 45.71
N PHE K 279 -14.31 -54.67 46.24
CA PHE K 279 -14.45 -54.76 47.69
C PHE K 279 -13.50 -55.79 48.29
N GLU K 280 -12.91 -56.67 47.48
CA GLU K 280 -11.93 -57.61 47.99
C GLU K 280 -10.63 -56.90 48.36
N LYS K 281 -10.17 -55.98 47.50
CA LYS K 281 -8.98 -55.21 47.82
C LYS K 281 -9.22 -54.24 48.97
N LEU K 282 -10.46 -53.76 49.11
CA LEU K 282 -10.78 -52.86 50.21
C LEU K 282 -10.90 -53.60 51.54
N ARG K 283 -11.37 -54.85 51.51
CA ARG K 283 -11.49 -55.62 52.74
C ARG K 283 -10.11 -56.01 53.29
N GLN K 284 -9.16 -56.28 52.40
CA GLN K 284 -7.82 -56.64 52.83
C GLN K 284 -7.07 -55.47 53.46
N VAL K 285 -7.49 -54.24 53.19
CA VAL K 285 -6.88 -53.08 53.83
C VAL K 285 -7.37 -52.96 55.28
N GLU K 286 -8.66 -53.21 55.52
CA GLU K 286 -9.18 -53.14 56.87
C GLU K 286 -8.60 -54.22 57.77
N GLU K 287 -8.29 -55.39 57.22
CA GLU K 287 -7.74 -56.48 58.03
C GLU K 287 -6.37 -56.11 58.60
N THR K 288 -5.64 -55.22 57.93
CA THR K 288 -4.34 -54.79 58.43
C THR K 288 -4.46 -53.71 59.51
N GLY K 289 -5.60 -53.03 59.59
CA GLY K 289 -5.78 -51.99 60.58
C GLY K 289 -5.09 -50.69 60.27
N ALA K 290 -5.05 -50.31 58.99
CA ALA K 290 -4.40 -49.09 58.56
C ALA K 290 -5.39 -47.94 58.59
N ASN K 291 -5.09 -46.91 59.39
CA ASN K 291 -5.97 -45.76 59.53
C ASN K 291 -5.72 -44.67 58.50
N ILE K 292 -4.64 -44.76 57.73
CA ILE K 292 -4.31 -43.79 56.70
C ILE K 292 -3.90 -44.53 55.44
N VAL K 293 -4.56 -44.23 54.32
CA VAL K 293 -4.28 -44.87 53.04
C VAL K 293 -3.84 -43.79 52.06
N LEU K 294 -2.63 -43.92 51.54
CA LEU K 294 -2.09 -43.00 50.55
C LEU K 294 -1.83 -43.73 49.24
N SER K 295 -1.97 -43.01 48.14
CA SER K 295 -1.76 -43.59 46.82
C SER K 295 -1.28 -42.52 45.85
N LYS K 296 -0.47 -42.94 44.89
CA LYS K 296 -0.02 -42.04 43.83
C LYS K 296 -1.10 -41.86 42.77
N LEU K 297 -1.84 -42.91 42.46
CA LEU K 297 -2.89 -42.91 41.47
C LEU K 297 -4.23 -42.55 42.13
N PRO K 298 -5.19 -42.06 41.35
CA PRO K 298 -6.46 -41.62 41.94
C PRO K 298 -7.19 -42.73 42.68
N ILE K 299 -8.06 -42.32 43.59
CA ILE K 299 -8.85 -43.22 44.43
C ILE K 299 -10.29 -43.20 43.95
N GLY K 300 -10.87 -44.39 43.80
CA GLY K 300 -12.24 -44.49 43.33
C GLY K 300 -13.24 -44.03 44.36
N ASP K 301 -14.50 -43.92 43.92
CA ASP K 301 -15.57 -43.49 44.82
C ASP K 301 -15.91 -44.58 45.83
N LEU K 302 -16.05 -45.82 45.36
CA LEU K 302 -16.41 -46.93 46.24
C LEU K 302 -15.37 -47.12 47.34
N ALA K 303 -14.10 -46.87 47.04
CA ALA K 303 -13.06 -46.89 48.07
C ALA K 303 -13.39 -45.93 49.20
N THR K 304 -13.45 -44.62 48.88
CA THR K 304 -13.77 -43.61 49.89
C THR K 304 -15.10 -43.90 50.57
N GLN K 305 -16.05 -44.52 49.86
CA GLN K 305 -17.29 -44.91 50.49
C GLN K 305 -17.09 -46.03 51.50
N PHE K 306 -16.12 -46.92 51.25
CA PHE K 306 -15.85 -48.02 52.18
C PHE K 306 -15.15 -47.51 53.43
N PHE K 307 -14.15 -46.65 53.27
CA PHE K 307 -13.41 -46.13 54.41
C PHE K 307 -14.15 -45.03 55.15
N ALA K 308 -15.28 -44.55 54.62
CA ALA K 308 -16.03 -43.51 55.31
C ALA K 308 -16.67 -44.05 56.59
N ASP K 309 -17.19 -45.28 56.55
CA ASP K 309 -17.78 -45.87 57.74
C ASP K 309 -16.73 -46.29 58.75
N ARG K 310 -15.51 -46.57 58.29
CA ARG K 310 -14.43 -47.02 59.16
C ARG K 310 -13.53 -45.88 59.63
N ASN K 311 -13.84 -44.64 59.26
CA ASN K 311 -13.12 -43.42 59.65
C ASN K 311 -11.72 -43.36 59.05
N ILE K 312 -11.28 -44.38 58.32
CA ILE K 312 -9.93 -44.41 57.76
C ILE K 312 -9.79 -43.31 56.72
N PHE K 313 -8.76 -42.47 56.87
CA PHE K 313 -8.52 -41.38 55.94
C PHE K 313 -7.79 -41.90 54.70
N CYS K 314 -8.24 -41.44 53.54
CA CYS K 314 -7.65 -41.85 52.27
C CYS K 314 -7.52 -40.63 51.35
N ALA K 315 -6.32 -40.40 50.84
CA ALA K 315 -6.07 -39.31 49.90
C ALA K 315 -5.15 -39.82 48.80
N GLY K 316 -5.60 -39.69 47.55
CA GLY K 316 -4.85 -40.14 46.41
C GLY K 316 -4.25 -39.01 45.59
N ARG K 317 -3.78 -39.37 44.39
CA ARG K 317 -3.19 -38.43 43.44
C ARG K 317 -1.99 -37.70 44.02
N VAL K 318 -1.25 -38.34 44.91
CA VAL K 318 -0.07 -37.74 45.51
C VAL K 318 1.12 -37.93 44.58
N SER K 319 1.93 -36.88 44.44
CA SER K 319 3.08 -36.93 43.53
C SER K 319 4.11 -37.95 44.03
N ALA K 320 4.92 -38.44 43.08
CA ALA K 320 5.93 -39.44 43.42
C ALA K 320 7.03 -38.85 44.31
N ASP K 321 7.36 -37.57 44.13
CA ASP K 321 8.37 -36.95 44.98
C ASP K 321 7.90 -36.83 46.43
N ASP K 322 6.59 -36.66 46.64
CA ASP K 322 6.07 -36.58 48.00
C ASP K 322 5.98 -37.97 48.63
N MET K 323 5.56 -38.98 47.87
CA MET K 323 5.44 -40.33 48.41
C MET K 323 6.81 -40.88 48.80
N ASN K 324 7.83 -40.62 47.99
CA ASN K 324 9.18 -41.05 48.34
C ASN K 324 9.67 -40.35 49.60
N ARG K 325 9.13 -39.17 49.90
CA ARG K 325 9.46 -38.48 51.14
C ARG K 325 8.68 -39.05 52.32
N VAL K 326 7.50 -39.63 52.06
CA VAL K 326 6.70 -40.20 53.14
C VAL K 326 7.25 -41.55 53.57
N ILE K 327 7.67 -42.38 52.61
CA ILE K 327 8.07 -43.75 52.91
C ILE K 327 9.28 -43.83 53.82
N GLN K 328 10.06 -42.74 53.94
CA GLN K 328 11.23 -42.77 54.79
C GLN K 328 10.86 -42.62 56.27
N ALA K 329 9.92 -41.72 56.58
CA ALA K 329 9.54 -41.48 57.96
C ALA K 329 8.55 -42.50 58.51
N VAL K 330 7.86 -43.24 57.64
CA VAL K 330 6.81 -44.15 58.07
C VAL K 330 7.37 -45.55 58.27
N GLY K 331 8.69 -45.70 58.21
CA GLY K 331 9.26 -47.03 58.24
C GLY K 331 9.00 -47.79 56.95
N GLY K 332 8.29 -48.91 57.04
CA GLY K 332 8.09 -49.79 55.90
C GLY K 332 7.53 -49.11 54.68
N SER K 333 7.65 -49.76 53.52
CA SER K 333 7.55 -49.10 52.23
C SER K 333 6.38 -49.66 51.43
N ILE K 334 6.04 -48.92 50.36
CA ILE K 334 4.82 -49.15 49.61
C ILE K 334 4.71 -50.59 49.16
N GLN K 335 3.53 -51.18 49.37
CA GLN K 335 3.18 -52.50 48.87
C GLN K 335 1.97 -52.33 47.94
N SER K 336 2.18 -52.55 46.65
CA SER K 336 1.14 -52.30 45.65
C SER K 336 0.14 -53.45 45.52
N THR K 337 0.32 -54.54 46.27
CA THR K 337 -0.62 -55.66 46.27
C THR K 337 -1.33 -55.69 47.61
N THR K 338 -2.66 -55.61 47.57
CA THR K 338 -3.44 -55.58 48.82
C THR K 338 -3.33 -56.90 49.59
N SER K 339 -3.24 -58.03 48.88
CA SER K 339 -3.10 -59.31 49.54
C SER K 339 -1.70 -59.56 50.08
N ASP K 340 -0.70 -58.82 49.60
CA ASP K 340 0.67 -58.98 50.05
C ASP K 340 1.04 -58.00 51.16
N ILE K 341 0.10 -57.18 51.63
CA ILE K 341 0.40 -56.23 52.69
C ILE K 341 0.61 -56.98 54.00
N LYS K 342 1.70 -56.67 54.68
CA LYS K 342 2.07 -57.29 55.93
C LYS K 342 2.11 -56.24 57.04
N PRO K 343 1.96 -56.66 58.31
CA PRO K 343 1.89 -55.67 59.40
C PRO K 343 3.13 -54.79 59.52
N GLU K 344 4.31 -55.31 59.19
CA GLU K 344 5.52 -54.51 59.35
C GLU K 344 5.68 -53.42 58.31
N HIS K 345 4.86 -53.42 57.25
CA HIS K 345 4.93 -52.37 56.26
C HIS K 345 4.14 -51.12 56.65
N LEU K 346 3.31 -51.20 57.68
CA LEU K 346 2.51 -50.06 58.10
C LEU K 346 3.36 -49.07 58.90
N GLY K 347 2.94 -47.81 58.89
CA GLY K 347 3.60 -46.75 59.63
C GLY K 347 2.86 -46.39 60.90
N THR K 348 3.38 -45.36 61.57
CA THR K 348 2.78 -44.88 62.82
C THR K 348 3.30 -43.46 63.07
N CYS K 349 2.82 -42.88 64.17
CA CYS K 349 3.19 -41.53 64.60
C CYS K 349 2.49 -41.26 65.93
N ALA K 350 2.98 -40.25 66.64
CA ALA K 350 2.42 -39.92 67.95
C ALA K 350 1.14 -39.10 67.84
N LEU K 351 1.04 -38.22 66.85
CA LEU K 351 -0.13 -37.38 66.68
C LEU K 351 -0.31 -37.06 65.21
N PHE K 352 -1.58 -36.97 64.78
CA PHE K 352 -1.92 -36.60 63.41
C PHE K 352 -3.07 -35.61 63.44
N GLU K 353 -2.89 -34.47 62.77
CA GLU K 353 -3.92 -33.44 62.72
C GLU K 353 -3.86 -32.74 61.38
N GLU K 354 -5.04 -32.41 60.84
CA GLU K 354 -5.16 -31.70 59.57
C GLU K 354 -5.77 -30.33 59.85
N MET K 355 -4.99 -29.27 59.64
CA MET K 355 -5.44 -27.91 59.86
C MET K 355 -5.37 -27.14 58.55
N GLN K 356 -6.19 -26.10 58.45
CA GLN K 356 -6.33 -25.31 57.24
C GLN K 356 -5.64 -23.96 57.40
N ILE K 357 -4.77 -23.62 56.46
CA ILE K 357 -4.10 -22.33 56.43
C ILE K 357 -4.15 -21.79 55.00
N GLY K 358 -4.42 -20.49 54.88
CA GLY K 358 -4.52 -19.86 53.57
C GLY K 358 -5.58 -20.46 52.68
N SER K 359 -6.73 -20.82 53.25
CA SER K 359 -7.84 -21.46 52.53
C SER K 359 -7.40 -22.77 51.87
N GLU K 360 -6.41 -23.45 52.48
CA GLU K 360 -5.92 -24.71 51.97
C GLU K 360 -5.67 -25.64 53.15
N ARG K 361 -6.09 -26.90 53.02
CA ARG K 361 -5.96 -27.88 54.08
C ARG K 361 -4.74 -28.77 53.84
N TYR K 362 -4.00 -29.02 54.92
CA TYR K 362 -2.76 -29.79 54.85
C TYR K 362 -2.77 -30.87 55.91
N ASN K 363 -2.44 -32.10 55.53
CA ASN K 363 -2.30 -33.21 56.46
C ASN K 363 -0.88 -33.21 57.00
N LEU K 364 -0.74 -33.05 58.32
CA LEU K 364 0.55 -32.91 58.96
C LEU K 364 0.85 -34.15 59.80
N PHE K 365 1.94 -34.84 59.48
CA PHE K 365 2.42 -35.94 60.30
C PHE K 365 3.22 -35.35 61.47
N GLN K 366 2.86 -35.74 62.69
CA GLN K 366 3.49 -35.21 63.89
C GLN K 366 3.93 -36.34 64.79
N GLY K 367 4.88 -36.03 65.68
CA GLY K 367 5.36 -36.98 66.65
C GLY K 367 6.07 -38.19 66.04
N CYS K 368 7.10 -37.93 65.23
CA CYS K 368 7.89 -38.97 64.58
C CYS K 368 9.35 -38.80 64.99
N PRO K 369 9.77 -39.38 66.11
CA PRO K 369 11.17 -39.22 66.52
C PRO K 369 12.15 -39.95 65.61
N GLN K 370 11.72 -41.02 64.96
CA GLN K 370 12.58 -41.78 64.06
C GLN K 370 12.51 -41.28 62.62
N ALA K 371 11.78 -40.21 62.36
CA ALA K 371 11.66 -39.68 61.01
C ALA K 371 13.01 -39.13 60.53
N LYS K 372 13.44 -39.59 59.37
CA LYS K 372 14.67 -39.11 58.75
C LYS K 372 14.44 -37.98 57.76
N THR K 373 13.20 -37.52 57.60
CA THR K 373 12.86 -36.43 56.70
C THR K 373 12.35 -35.24 57.51
N CYS K 374 12.02 -34.17 56.79
CA CYS K 374 11.52 -32.95 57.42
C CYS K 374 10.71 -32.17 56.39
N THR K 375 9.89 -31.25 56.89
CA THR K 375 9.09 -30.38 56.05
C THR K 375 9.21 -28.94 56.54
N LEU K 376 8.99 -28.00 55.62
CA LEU K 376 9.04 -26.58 55.94
C LEU K 376 7.85 -25.90 55.28
N LEU K 377 7.01 -25.27 56.10
CA LEU K 377 5.83 -24.54 55.62
C LEU K 377 6.10 -23.05 55.82
N LEU K 378 6.28 -22.33 54.73
CA LEU K 378 6.58 -20.91 54.76
C LEU K 378 5.37 -20.09 54.36
N ARG K 379 5.24 -18.91 54.97
CA ARG K 379 4.14 -18.00 54.70
C ARG K 379 4.70 -16.63 54.35
N GLY K 380 3.81 -15.69 54.04
CA GLY K 380 4.19 -14.32 53.78
C GLY K 380 3.10 -13.52 53.12
N GLY K 381 3.22 -12.19 53.14
CA GLY K 381 2.24 -11.34 52.50
C GLY K 381 2.24 -11.44 51.00
N ALA K 382 3.39 -11.14 50.40
CA ALA K 382 3.56 -11.28 48.96
C ALA K 382 3.91 -12.73 48.61
N GLU K 383 3.56 -13.13 47.39
CA GLU K 383 3.97 -14.44 46.89
C GLU K 383 5.44 -14.44 46.46
N GLN K 384 6.03 -13.27 46.24
CA GLN K 384 7.45 -13.19 45.91
C GLN K 384 8.33 -13.35 47.15
N VAL K 385 7.83 -12.95 48.31
CA VAL K 385 8.58 -13.13 49.55
C VAL K 385 8.76 -14.60 49.85
N ILE K 386 7.73 -15.41 49.57
CA ILE K 386 7.80 -16.83 49.82
C ILE K 386 8.85 -17.49 48.93
N ALA K 387 8.89 -17.09 47.66
CA ALA K 387 9.91 -17.63 46.75
C ALA K 387 11.30 -17.16 47.13
N GLU K 388 11.41 -15.99 47.76
CA GLU K 388 12.72 -15.50 48.19
C GLU K 388 13.19 -16.21 49.45
N VAL K 389 12.30 -16.40 50.42
CA VAL K 389 12.68 -17.08 51.66
C VAL K 389 12.97 -18.56 51.39
N GLU K 390 12.23 -19.17 50.48
CA GLU K 390 12.48 -20.57 50.12
C GLU K 390 13.87 -20.73 49.51
N ARG K 391 14.23 -19.84 48.58
CA ARG K 391 15.58 -19.85 48.04
C ARG K 391 16.61 -19.38 49.06
N SER K 392 16.18 -18.57 50.05
CA SER K 392 17.09 -18.17 51.11
C SER K 392 17.40 -19.35 52.03
N LEU K 393 16.37 -20.12 52.41
CA LEU K 393 16.60 -21.29 53.23
C LEU K 393 17.25 -22.42 52.45
N HIS K 394 17.02 -22.47 51.13
CA HIS K 394 17.66 -23.50 50.31
C HIS K 394 19.17 -23.36 50.33
N ASP K 395 19.67 -22.12 50.13
CA ASP K 395 21.11 -21.89 50.22
C ASP K 395 21.60 -21.96 51.66
N ALA K 396 20.73 -21.76 52.64
CA ALA K 396 21.13 -21.85 54.04
C ALA K 396 21.28 -23.30 54.49
N ILE K 397 20.39 -24.18 54.05
CA ILE K 397 20.53 -25.59 54.38
C ILE K 397 21.77 -26.18 53.73
N MET K 398 22.15 -25.68 52.55
CA MET K 398 23.37 -26.15 51.90
C MET K 398 24.61 -25.80 52.69
N ILE K 399 24.55 -24.78 53.55
CA ILE K 399 25.69 -24.45 54.40
C ILE K 399 25.91 -25.56 55.44
N VAL K 400 24.85 -25.91 56.17
CA VAL K 400 24.95 -26.99 57.15
C VAL K 400 24.96 -28.36 56.50
N LYS K 401 24.60 -28.45 55.22
CA LYS K 401 24.71 -29.72 54.50
C LYS K 401 26.16 -30.06 54.19
N ARG K 402 26.91 -29.08 53.64
CA ARG K 402 28.31 -29.28 53.33
C ARG K 402 29.20 -29.21 54.56
N ALA K 403 28.71 -28.70 55.68
CA ALA K 403 29.52 -28.60 56.89
C ALA K 403 29.67 -29.94 57.59
N LEU K 404 28.65 -30.80 57.53
CA LEU K 404 28.73 -32.09 58.20
C LEU K 404 29.72 -33.01 57.51
N GLN K 405 29.85 -32.92 56.19
CA GLN K 405 30.81 -33.75 55.47
C GLN K 405 32.25 -33.37 55.85
N ASN K 406 32.59 -32.09 55.71
CA ASN K 406 33.91 -31.58 56.07
C ASN K 406 33.74 -30.35 56.95
N LYS K 407 34.37 -30.35 58.11
CA LYS K 407 34.29 -29.24 59.07
C LYS K 407 35.57 -28.43 58.96
N LEU K 408 35.46 -27.22 58.40
CA LEU K 408 36.59 -26.31 58.27
C LEU K 408 36.12 -24.89 58.52
N ILE K 409 36.86 -24.16 59.34
CA ILE K 409 36.52 -22.79 59.70
C ILE K 409 37.31 -21.85 58.81
N VAL K 410 36.60 -21.08 57.97
CA VAL K 410 37.20 -20.14 57.05
C VAL K 410 36.59 -18.77 57.30
N ALA K 411 37.43 -17.73 57.27
CA ALA K 411 36.98 -16.37 57.51
C ALA K 411 36.05 -15.90 56.39
N GLY K 412 35.26 -14.87 56.71
CA GLY K 412 34.31 -14.32 55.76
C GLY K 412 34.14 -12.84 55.99
N GLY K 413 33.46 -12.20 55.05
CA GLY K 413 33.28 -10.76 55.11
C GLY K 413 34.47 -9.96 54.64
N GLY K 414 35.23 -10.47 53.67
CA GLY K 414 36.41 -9.80 53.19
C GLY K 414 37.68 -10.10 53.95
N ALA K 415 37.61 -10.97 54.97
CA ALA K 415 38.79 -11.30 55.75
C ALA K 415 39.69 -12.29 55.01
N THR K 416 39.10 -13.23 54.28
CA THR K 416 39.89 -14.23 53.57
C THR K 416 40.54 -13.64 52.32
N GLU K 417 39.81 -12.80 51.58
CA GLU K 417 40.35 -12.25 50.34
C GLU K 417 41.52 -11.30 50.59
N MET K 418 41.50 -10.58 51.72
CA MET K 418 42.59 -9.66 52.02
C MET K 418 43.83 -10.40 52.53
N GLU K 419 43.64 -11.51 53.23
CA GLU K 419 44.79 -12.26 53.75
C GLU K 419 45.49 -13.03 52.63
N VAL K 420 44.74 -13.60 51.70
CA VAL K 420 45.36 -14.33 50.60
C VAL K 420 46.04 -13.37 49.63
N SER K 421 45.50 -12.16 49.47
CA SER K 421 46.08 -11.21 48.53
C SER K 421 47.46 -10.74 48.98
N LYS K 422 47.68 -10.61 50.29
CA LYS K 422 48.98 -10.16 50.77
C LYS K 422 50.03 -11.26 50.61
N CYS K 423 49.65 -12.52 50.82
CA CYS K 423 50.59 -13.61 50.63
C CYS K 423 51.02 -13.73 49.17
N LEU K 424 50.18 -13.29 48.24
CA LEU K 424 50.53 -13.31 46.83
C LEU K 424 51.47 -12.16 46.46
N ARG K 425 51.37 -11.03 47.17
CA ARG K 425 52.26 -9.91 46.88
C ARG K 425 53.68 -10.19 47.33
N ASP K 426 53.85 -10.88 48.46
CA ASP K 426 55.19 -11.25 48.91
C ASP K 426 55.81 -12.28 47.99
N TYR K 427 54.99 -13.15 47.38
CA TYR K 427 55.50 -14.13 46.44
C TYR K 427 55.80 -13.52 45.08
N SER K 428 55.08 -12.46 44.70
CA SER K 428 55.30 -11.81 43.42
C SER K 428 56.61 -11.03 43.37
N LYS K 429 57.11 -10.58 44.53
CA LYS K 429 58.34 -9.80 44.55
C LYS K 429 59.56 -10.62 44.12
N THR K 430 59.51 -11.94 44.27
CA THR K 430 60.61 -12.80 43.88
C THR K 430 60.49 -13.32 42.45
N ILE K 431 59.41 -12.98 41.74
CA ILE K 431 59.24 -13.47 40.38
C ILE K 431 60.17 -12.73 39.43
N ALA K 432 60.18 -11.40 39.50
CA ALA K 432 61.03 -10.56 38.65
C ALA K 432 60.78 -10.85 37.16
N GLY K 433 59.52 -10.77 36.76
CA GLY K 433 59.17 -11.06 35.39
C GLY K 433 57.78 -10.58 35.07
N LYS K 434 57.26 -11.06 33.93
CA LYS K 434 55.92 -10.66 33.50
C LYS K 434 54.85 -11.09 34.49
N GLN K 435 55.08 -12.19 35.22
CA GLN K 435 54.12 -12.66 36.20
C GLN K 435 54.06 -11.79 37.45
N GLN K 436 55.05 -10.91 37.65
CA GLN K 436 55.03 -10.04 38.82
C GLN K 436 53.85 -9.07 38.76
N MET K 437 53.61 -8.49 37.59
CA MET K 437 52.47 -7.57 37.43
C MET K 437 51.15 -8.31 37.36
N ILE K 438 51.14 -9.57 36.94
CA ILE K 438 49.90 -10.32 36.85
C ILE K 438 49.45 -10.81 38.23
N ILE K 439 50.39 -11.30 39.04
CA ILE K 439 50.05 -11.74 40.39
C ILE K 439 49.62 -10.55 41.24
N ASN K 440 50.29 -9.41 41.09
CA ASN K 440 49.87 -8.21 41.81
C ASN K 440 48.49 -7.75 41.33
N ALA K 441 48.18 -7.95 40.06
CA ALA K 441 46.83 -7.64 39.57
C ALA K 441 45.82 -8.68 40.03
N PHE K 442 46.25 -9.93 40.17
CA PHE K 442 45.35 -10.97 40.68
C PHE K 442 45.04 -10.74 42.16
N ALA K 443 46.05 -10.36 42.95
CA ALA K 443 45.82 -10.06 44.36
C ALA K 443 44.96 -8.81 44.52
N LYS K 444 45.15 -7.82 43.64
CA LYS K 444 44.32 -6.63 43.68
C LYS K 444 42.89 -6.95 43.22
N ALA K 445 42.73 -7.92 42.32
CA ALA K 445 41.40 -8.28 41.85
C ALA K 445 40.60 -9.00 42.93
N LEU K 446 41.28 -9.66 43.87
CA LEU K 446 40.59 -10.33 44.97
C LEU K 446 40.02 -9.35 45.98
N GLU K 447 40.45 -8.09 45.95
CA GLU K 447 39.95 -7.07 46.86
C GLU K 447 38.57 -6.55 46.48
N VAL K 448 38.00 -7.00 45.36
CA VAL K 448 36.74 -6.44 44.89
C VAL K 448 35.59 -6.82 45.81
N ILE K 449 35.70 -7.95 46.51
CA ILE K 449 34.63 -8.38 47.42
C ILE K 449 34.54 -7.43 48.61
N PRO K 450 35.63 -7.06 49.27
CA PRO K 450 35.53 -6.02 50.31
C PRO K 450 35.11 -4.66 49.78
N ARG K 451 35.23 -4.42 48.48
CA ARG K 451 34.83 -3.13 47.92
C ARG K 451 33.33 -2.92 48.03
N GLN K 452 32.54 -3.87 47.51
CA GLN K 452 31.09 -3.74 47.54
C GLN K 452 30.52 -3.82 48.96
N LEU K 453 31.29 -4.33 49.91
CA LEU K 453 30.84 -4.35 51.29
C LEU K 453 30.74 -2.93 51.85
N CYS K 454 31.78 -2.13 51.65
CA CYS K 454 31.78 -0.76 52.15
C CYS K 454 30.96 0.17 51.27
N GLU K 455 30.97 -0.06 49.95
CA GLU K 455 30.22 0.81 49.05
C GLU K 455 28.72 0.70 49.28
N ASN K 456 28.23 -0.53 49.50
CA ASN K 456 26.80 -0.70 49.78
C ASN K 456 26.43 -0.24 51.18
N ALA K 457 27.40 -0.11 52.07
CA ALA K 457 27.14 0.33 53.44
C ALA K 457 27.18 1.85 53.60
N GLY K 458 27.61 2.58 52.58
CA GLY K 458 27.71 4.02 52.63
C GLY K 458 29.07 4.55 53.03
N PHE K 459 29.89 3.74 53.69
CA PHE K 459 31.22 4.17 54.07
C PHE K 459 32.16 4.14 52.87
N ASP K 460 33.21 4.96 52.95
CA ASP K 460 34.19 5.00 51.88
C ASP K 460 35.05 3.74 51.88
N ALA K 461 35.37 3.25 50.69
CA ALA K 461 36.20 2.06 50.55
C ALA K 461 37.69 2.36 50.47
N ILE K 462 38.06 3.64 50.35
CA ILE K 462 39.47 4.01 50.28
C ILE K 462 40.11 3.95 51.67
N GLU K 463 39.43 4.50 52.68
CA GLU K 463 39.98 4.53 54.02
C GLU K 463 40.01 3.13 54.65
N ILE K 464 39.04 2.28 54.30
CA ILE K 464 38.99 0.94 54.88
C ILE K 464 40.15 0.10 54.38
N LEU K 465 40.39 0.10 53.06
CA LEU K 465 41.49 -0.67 52.50
C LEU K 465 42.84 -0.18 53.01
N ASN K 466 42.97 1.12 53.28
CA ASN K 466 44.21 1.63 53.85
C ASN K 466 44.42 1.11 55.26
N LYS K 467 43.35 1.01 56.05
CA LYS K 467 43.46 0.47 57.40
C LYS K 467 43.71 -1.04 57.37
N LEU K 468 43.23 -1.74 56.35
CA LEU K 468 43.47 -3.17 56.23
C LEU K 468 44.94 -3.46 55.98
N ARG K 469 45.52 -2.85 54.95
CA ARG K 469 46.90 -3.13 54.58
C ARG K 469 47.87 -2.76 55.69
N LEU K 470 47.56 -1.72 56.46
CA LEU K 470 48.39 -1.40 57.62
C LEU K 470 48.21 -2.41 58.74
N ALA K 471 46.99 -2.97 58.88
CA ALA K 471 46.75 -3.97 59.90
C ALA K 471 47.25 -5.34 59.46
N HIS K 472 47.03 -5.72 58.20
CA HIS K 472 47.51 -7.01 57.70
C HIS K 472 49.03 -7.07 57.60
N SER K 473 49.73 -5.96 57.77
CA SER K 473 51.19 -5.97 57.76
C SER K 473 51.73 -6.95 58.79
N LYS K 474 51.36 -6.75 60.05
CA LYS K 474 51.63 -7.75 61.08
C LYS K 474 50.74 -8.97 60.87
N GLY K 475 51.18 -10.10 61.41
CA GLY K 475 50.43 -11.33 61.22
C GLY K 475 49.04 -11.27 61.82
N GLU K 476 48.03 -11.48 60.99
CA GLU K 476 46.63 -11.44 61.42
C GLU K 476 45.81 -12.37 60.54
N LYS K 477 44.70 -12.85 61.08
CA LYS K 477 43.78 -13.69 60.34
C LYS K 477 42.39 -13.54 60.94
N TRP K 478 41.37 -13.78 60.10
CA TRP K 478 39.96 -13.49 60.34
C TRP K 478 39.67 -12.00 60.41
N TYR K 479 40.67 -11.14 60.32
CA TYR K 479 40.48 -9.70 60.44
C TYR K 479 39.73 -9.18 59.21
N GLY K 480 38.60 -8.51 59.44
CA GLY K 480 37.76 -8.07 58.35
C GLY K 480 36.86 -6.92 58.76
N VAL K 481 35.93 -6.60 57.88
CA VAL K 481 35.00 -5.49 58.09
C VAL K 481 33.81 -5.98 58.91
N VAL K 482 33.32 -5.13 59.81
CA VAL K 482 32.14 -5.41 60.63
C VAL K 482 31.14 -4.30 60.42
N PHE K 483 29.93 -4.65 59.99
CA PHE K 483 28.91 -3.66 59.68
C PHE K 483 28.23 -3.10 60.93
N GLU K 484 28.05 -3.93 61.96
CA GLU K 484 27.31 -3.50 63.14
C GLU K 484 28.07 -2.44 63.92
N THR K 485 29.33 -2.73 64.28
CA THR K 485 30.13 -1.79 65.05
C THR K 485 30.68 -0.64 64.23
N GLU K 486 30.50 -0.67 62.91
CA GLU K 486 30.98 0.32 61.95
C GLU K 486 32.50 0.37 61.83
N ASN K 487 33.23 -0.37 62.66
CA ASN K 487 34.68 -0.43 62.62
C ASN K 487 35.11 -1.82 62.20
N ILE K 488 36.23 -1.89 61.47
CA ILE K 488 36.75 -3.16 60.99
C ILE K 488 37.54 -3.83 62.11
N GLY K 489 37.40 -5.15 62.21
CA GLY K 489 38.06 -5.86 63.29
C GLY K 489 38.05 -7.36 63.05
N ASP K 490 38.38 -8.10 64.11
CA ASP K 490 38.47 -9.55 64.02
C ASP K 490 37.08 -10.15 63.90
N ASN K 491 36.88 -10.94 62.84
CA ASN K 491 35.60 -11.64 62.65
C ASN K 491 35.50 -12.91 63.48
N PHE K 492 36.63 -13.44 63.96
CA PHE K 492 36.59 -14.64 64.79
C PHE K 492 35.88 -14.36 66.11
N ALA K 493 36.07 -13.17 66.67
CA ALA K 493 35.33 -12.80 67.87
C ALA K 493 33.86 -12.55 67.57
N LYS K 494 33.54 -12.20 66.33
CA LYS K 494 32.16 -12.00 65.91
C LYS K 494 31.41 -13.30 65.67
N PHE K 495 32.11 -14.43 65.72
CA PHE K 495 31.57 -15.79 65.57
C PHE K 495 31.07 -16.10 64.17
N VAL K 496 31.10 -15.13 63.25
CA VAL K 496 30.65 -15.39 61.88
C VAL K 496 31.64 -16.32 61.20
N TRP K 497 31.16 -17.46 60.74
CA TRP K 497 31.99 -18.48 60.11
C TRP K 497 31.41 -18.86 58.76
N GLU K 498 32.26 -19.41 57.90
CA GLU K 498 31.86 -19.84 56.57
C GLU K 498 32.57 -21.14 56.21
N PRO K 499 31.89 -22.03 55.47
CA PRO K 499 32.53 -23.28 55.04
C PRO K 499 33.68 -23.02 54.07
N ALA K 500 34.53 -24.02 53.93
CA ALA K 500 35.68 -23.92 53.05
C ALA K 500 35.34 -24.14 51.58
N LEU K 501 34.22 -24.80 51.29
CA LEU K 501 33.86 -25.07 49.90
C LEU K 501 33.42 -23.81 49.16
N VAL K 502 33.09 -22.74 49.88
CA VAL K 502 32.66 -21.51 49.24
C VAL K 502 33.86 -20.76 48.67
N LYS K 503 34.93 -20.63 49.44
CA LYS K 503 36.10 -19.88 49.00
C LYS K 503 36.95 -20.66 48.02
N ILE K 504 37.03 -21.99 48.18
CA ILE K 504 37.85 -22.79 47.28
C ILE K 504 37.23 -22.81 45.88
N ASN K 505 35.92 -23.02 45.80
CA ASN K 505 35.24 -23.06 44.51
C ASN K 505 35.13 -21.68 43.88
N ALA K 506 35.15 -20.62 44.68
CA ALA K 506 35.07 -19.27 44.11
C ALA K 506 36.34 -18.89 43.37
N LEU K 507 37.49 -19.33 43.87
CA LEU K 507 38.76 -19.03 43.21
C LEU K 507 38.97 -19.90 41.98
N ASN K 508 38.52 -21.15 42.02
CA ASN K 508 38.70 -22.04 40.89
C ASN K 508 37.71 -21.74 39.76
N SER K 509 36.51 -21.27 40.11
CA SER K 509 35.52 -20.94 39.08
C SER K 509 35.84 -19.61 38.41
N ALA K 510 36.31 -18.63 39.19
CA ALA K 510 36.64 -17.33 38.62
C ALA K 510 37.84 -17.42 37.69
N THR K 511 38.84 -18.22 38.06
CA THR K 511 40.01 -18.40 37.20
C THR K 511 39.65 -19.20 35.94
N GLU K 512 38.81 -20.23 36.09
CA GLU K 512 38.40 -21.01 34.92
C GLU K 512 37.52 -20.19 33.99
N ALA K 513 36.66 -19.34 34.54
CA ALA K 513 35.81 -18.50 33.70
C ALA K 513 36.61 -17.40 33.01
N THR K 514 37.66 -16.89 33.66
CA THR K 514 38.45 -15.82 33.06
C THR K 514 39.36 -16.35 31.96
N ASN K 515 40.03 -17.47 32.19
CA ASN K 515 40.94 -18.03 31.19
C ASN K 515 40.21 -18.57 29.98
N LEU K 516 38.90 -18.81 30.08
CA LEU K 516 38.16 -19.32 28.93
C LEU K 516 37.90 -18.24 27.90
N ILE K 517 37.52 -17.04 28.34
CA ILE K 517 37.20 -15.97 27.41
C ILE K 517 38.47 -15.31 26.88
N LEU K 518 39.49 -15.16 27.73
CA LEU K 518 40.74 -14.56 27.29
C LEU K 518 41.45 -15.40 26.24
N SER K 519 41.15 -16.70 26.16
CA SER K 519 41.75 -17.58 25.18
C SER K 519 41.02 -17.55 23.84
N VAL K 520 39.96 -16.75 23.71
CA VAL K 520 39.18 -16.65 22.49
C VAL K 520 39.37 -15.23 21.94
N ASP K 521 40.10 -15.11 20.84
CA ASP K 521 40.32 -13.82 20.20
C ASP K 521 39.40 -13.57 19.02
N GLU K 522 38.53 -14.53 18.66
CA GLU K 522 37.63 -14.36 17.54
C GLU K 522 36.32 -15.06 17.84
N THR K 523 35.21 -14.40 17.49
CA THR K 523 33.88 -14.93 17.70
C THR K 523 33.13 -14.96 16.39
N ILE K 524 32.57 -16.12 16.05
CA ILE K 524 31.82 -16.31 14.81
C ILE K 524 30.41 -16.73 15.17
N THR K 525 29.43 -15.99 14.68
CA THR K 525 28.01 -16.28 14.92
C THR K 525 27.30 -16.38 13.59
N ASN K 526 26.78 -17.56 13.28
CA ASN K 526 26.07 -17.79 12.03
C ASN K 526 24.61 -17.36 12.17
N LYS K 527 23.86 -17.54 11.08
CA LYS K 527 22.43 -17.22 11.00
C LYS K 527 22.17 -15.71 11.13
N ASN L 2 11.39 -9.57 -37.10
CA ASN L 2 12.64 -10.30 -37.12
C ASN L 2 13.58 -9.83 -36.02
N PHE L 3 13.34 -8.61 -35.53
CA PHE L 3 14.13 -8.04 -34.44
C PHE L 3 13.80 -8.64 -33.09
N GLY L 4 12.75 -9.45 -32.99
CA GLY L 4 12.39 -10.06 -31.73
C GLY L 4 11.46 -11.23 -31.95
N SER L 5 11.41 -12.11 -30.94
CA SER L 5 10.54 -13.27 -31.01
C SER L 5 9.07 -12.92 -30.84
N GLN L 6 8.77 -11.73 -30.30
CA GLN L 6 7.39 -11.31 -30.12
C GLN L 6 6.68 -11.19 -31.46
N THR L 7 7.23 -10.34 -32.35
CA THR L 7 6.64 -10.01 -33.65
C THR L 7 5.18 -9.60 -33.46
N PRO L 8 4.93 -8.41 -32.91
CA PRO L 8 3.55 -8.00 -32.64
C PRO L 8 2.74 -7.86 -33.92
N THR L 9 1.42 -7.98 -33.75
CA THR L 9 0.48 -7.83 -34.85
C THR L 9 0.04 -6.37 -34.93
N ILE L 10 0.19 -5.77 -36.11
CA ILE L 10 -0.14 -4.36 -36.29
C ILE L 10 -1.65 -4.19 -36.29
N VAL L 11 -2.14 -3.26 -35.47
CA VAL L 11 -3.56 -2.91 -35.43
C VAL L 11 -3.75 -1.66 -36.28
N VAL L 12 -4.82 -1.66 -37.09
CA VAL L 12 -5.04 -0.57 -38.03
C VAL L 12 -5.31 0.75 -37.31
N LEU L 13 -6.08 0.70 -36.23
CA LEU L 13 -6.47 1.90 -35.50
C LEU L 13 -5.80 1.92 -34.13
N LYS L 14 -5.58 3.14 -33.63
CA LYS L 14 -4.95 3.31 -32.33
C LYS L 14 -5.82 2.70 -31.23
N GLU L 15 -5.17 2.19 -30.18
CA GLU L 15 -5.89 1.57 -29.08
C GLU L 15 -6.82 2.57 -28.41
N GLY L 16 -8.03 2.11 -28.10
CA GLY L 16 -9.06 2.96 -27.52
C GLY L 16 -10.17 3.33 -28.48
N THR L 17 -10.03 2.99 -29.76
CA THR L 17 -11.07 3.30 -30.74
C THR L 17 -12.21 2.30 -30.64
N ASP L 18 -13.44 2.81 -30.74
CA ASP L 18 -14.63 1.98 -30.64
C ASP L 18 -14.79 1.17 -31.92
N ALA L 19 -15.82 0.34 -31.96
CA ALA L 19 -16.12 -0.49 -33.13
C ALA L 19 -17.42 -0.01 -33.76
N SER L 20 -17.80 -0.65 -34.86
CA SER L 20 -18.95 -0.21 -35.64
C SER L 20 -19.37 -1.35 -36.57
N GLN L 21 -20.25 -1.02 -37.52
CA GLN L 21 -20.85 -1.97 -38.47
C GLN L 21 -21.57 -3.05 -37.66
N GLY L 22 -21.46 -4.32 -38.05
CA GLY L 22 -22.24 -5.34 -37.38
C GLY L 22 -23.72 -5.14 -37.60
N LYS L 23 -24.49 -5.26 -36.52
CA LYS L 23 -25.93 -5.01 -36.55
C LYS L 23 -26.32 -4.22 -35.31
N GLY L 24 -27.00 -3.10 -35.50
CA GLY L 24 -27.44 -2.26 -34.41
C GLY L 24 -26.64 -1.00 -34.19
N GLN L 25 -25.64 -0.73 -35.03
CA GLN L 25 -24.85 0.49 -34.88
C GLN L 25 -25.69 1.74 -35.15
N ILE L 26 -26.46 1.72 -36.26
CA ILE L 26 -27.36 2.82 -36.53
C ILE L 26 -28.56 2.80 -35.58
N ILE L 27 -28.91 1.64 -35.05
CA ILE L 27 -29.99 1.55 -34.08
C ILE L 27 -29.57 2.20 -32.76
N SER L 28 -28.28 2.12 -32.43
CA SER L 28 -27.79 2.78 -31.22
C SER L 28 -28.00 4.28 -31.27
N ASN L 29 -27.94 4.87 -32.46
CA ASN L 29 -28.16 6.31 -32.60
C ASN L 29 -29.63 6.67 -32.50
N ILE L 30 -30.52 5.73 -32.83
CA ILE L 30 -31.96 6.00 -32.72
C ILE L 30 -32.40 5.99 -31.27
N ASN L 31 -31.97 4.98 -30.51
CA ASN L 31 -32.33 4.90 -29.10
C ASN L 31 -31.74 6.04 -28.29
N ALA L 32 -30.65 6.65 -28.76
CA ALA L 32 -30.09 7.80 -28.06
C ALA L 32 -30.97 9.03 -28.22
N CYS L 33 -31.57 9.21 -29.41
CA CYS L 33 -32.44 10.35 -29.64
C CYS L 33 -33.82 10.15 -29.02
N VAL L 34 -34.31 8.92 -28.96
CA VAL L 34 -35.61 8.66 -28.35
C VAL L 34 -35.54 8.87 -26.84
N ALA L 35 -34.42 8.49 -26.22
CA ALA L 35 -34.27 8.69 -24.78
C ALA L 35 -34.23 10.18 -24.44
N VAL L 36 -33.57 10.98 -25.27
CA VAL L 36 -33.61 12.43 -25.08
C VAL L 36 -35.02 12.97 -25.32
N GLN L 37 -35.72 12.37 -26.29
CA GLN L 37 -37.10 12.77 -26.54
C GLN L 37 -38.01 12.45 -25.36
N GLU L 38 -37.67 11.41 -24.59
CA GLU L 38 -38.49 11.02 -23.45
C GLU L 38 -38.63 12.14 -22.43
N ALA L 39 -37.61 12.98 -22.29
CA ALA L 39 -37.67 14.08 -21.33
C ALA L 39 -38.49 15.25 -21.86
N LEU L 40 -38.45 15.51 -23.17
CA LEU L 40 -39.12 16.66 -23.76
C LEU L 40 -40.59 16.39 -24.09
N LYS L 41 -41.03 15.13 -24.08
CA LYS L 41 -42.43 14.85 -24.37
C LYS L 41 -43.37 15.38 -23.29
N PRO L 42 -43.14 15.17 -21.99
CA PRO L 42 -44.08 15.71 -21.00
C PRO L 42 -44.09 17.23 -20.92
N THR L 43 -43.09 17.91 -21.49
CA THR L 43 -43.04 19.36 -21.46
C THR L 43 -43.86 20.01 -22.56
N LEU L 44 -44.50 19.21 -23.43
CA LEU L 44 -45.28 19.75 -24.53
C LEU L 44 -46.71 20.03 -24.09
N GLY L 45 -47.22 21.19 -24.49
CA GLY L 45 -48.57 21.59 -24.17
C GLY L 45 -48.63 22.50 -22.95
N PRO L 46 -49.67 23.33 -22.87
CA PRO L 46 -49.78 24.25 -21.73
C PRO L 46 -49.98 23.54 -20.40
N LEU L 47 -50.52 22.32 -20.41
CA LEU L 47 -50.64 21.51 -19.20
C LEU L 47 -49.39 20.69 -18.93
N GLY L 48 -48.35 20.83 -19.75
CA GLY L 48 -47.13 20.07 -19.56
C GLY L 48 -46.39 20.48 -18.29
N SER L 49 -45.36 19.70 -17.99
CA SER L 49 -44.57 19.89 -16.77
C SER L 49 -43.23 20.53 -17.11
N ASP L 50 -42.40 20.70 -16.08
CA ASP L 50 -41.08 21.28 -16.21
C ASP L 50 -40.03 20.30 -15.68
N ILE L 51 -38.78 20.52 -16.08
CA ILE L 51 -37.68 19.64 -15.71
C ILE L 51 -36.70 20.43 -14.86
N LEU L 52 -36.34 19.87 -13.71
CA LEU L 52 -35.34 20.47 -12.82
C LEU L 52 -33.98 19.86 -13.12
N ILE L 53 -33.01 20.71 -13.49
CA ILE L 53 -31.68 20.27 -13.85
C ILE L 53 -30.67 21.04 -13.01
N VAL L 54 -29.74 20.30 -12.38
CA VAL L 54 -28.66 20.86 -11.60
C VAL L 54 -27.35 20.40 -12.22
N THR L 55 -26.50 21.37 -12.61
CA THR L 55 -25.24 21.06 -13.26
C THR L 55 -24.18 20.76 -12.20
N SER L 56 -22.93 20.58 -12.64
CA SER L 56 -21.85 20.29 -11.72
C SER L 56 -21.49 21.49 -10.84
N ASN L 57 -21.92 22.69 -11.24
CA ASN L 57 -21.68 23.90 -10.46
C ASN L 57 -22.79 24.19 -9.45
N GLN L 58 -23.77 23.28 -9.34
CA GLN L 58 -24.90 23.46 -8.42
C GLN L 58 -25.70 24.70 -8.76
N LYS L 59 -25.97 24.90 -10.05
CA LYS L 59 -26.76 26.01 -10.54
C LYS L 59 -28.16 25.50 -10.88
N THR L 60 -29.15 25.92 -10.09
CA THR L 60 -30.51 25.47 -10.29
C THR L 60 -31.13 26.17 -11.49
N THR L 61 -31.70 25.38 -12.40
CA THR L 61 -32.41 25.90 -13.56
C THR L 61 -33.62 25.02 -13.84
N ILE L 62 -34.77 25.66 -14.03
CA ILE L 62 -36.02 24.97 -14.33
C ILE L 62 -36.47 25.43 -15.70
N SER L 63 -36.46 24.51 -16.68
CA SER L 63 -36.82 24.84 -18.05
C SER L 63 -37.56 23.68 -18.69
N ASN L 64 -38.65 24.01 -19.39
CA ASN L 64 -39.32 23.08 -20.29
C ASN L 64 -38.90 23.29 -21.74
N ASP L 65 -38.07 24.29 -22.02
CA ASP L 65 -37.71 24.62 -23.39
C ASP L 65 -36.72 23.60 -23.92
N GLY L 66 -36.95 23.12 -25.14
CA GLY L 66 -36.06 22.15 -25.74
C GLY L 66 -34.65 22.66 -25.97
N ALA L 67 -34.51 23.98 -26.15
CA ALA L 67 -33.19 24.55 -26.36
C ALA L 67 -32.43 24.71 -25.06
N THR L 68 -33.10 25.16 -23.99
CA THR L 68 -32.41 25.42 -22.73
C THR L 68 -32.05 24.12 -22.02
N ILE L 69 -32.92 23.11 -22.10
CA ILE L 69 -32.63 21.83 -21.47
C ILE L 69 -31.37 21.21 -22.05
N LEU L 70 -31.22 21.27 -23.37
CA LEU L 70 -30.05 20.68 -24.02
C LEU L 70 -28.79 21.48 -23.81
N LYS L 71 -28.90 22.77 -23.48
CA LYS L 71 -27.72 23.57 -23.16
C LYS L 71 -27.18 23.26 -21.77
N LEU L 72 -28.06 22.93 -20.83
CA LEU L 72 -27.61 22.61 -19.47
C LEU L 72 -26.81 21.31 -19.46
N LEU L 73 -27.37 20.24 -20.01
CA LEU L 73 -26.67 18.97 -20.09
C LEU L 73 -25.59 19.02 -21.15
N ASP L 74 -24.49 18.32 -20.89
CA ASP L 74 -23.38 18.23 -21.83
C ASP L 74 -23.49 16.88 -22.53
N VAL L 75 -23.83 16.90 -23.81
CA VAL L 75 -24.09 15.69 -24.59
C VAL L 75 -22.79 15.27 -25.27
N VAL L 76 -22.25 14.12 -24.87
CA VAL L 76 -21.05 13.58 -25.51
C VAL L 76 -21.38 12.57 -26.59
N HIS L 77 -22.66 12.28 -26.82
CA HIS L 77 -23.02 11.32 -27.86
C HIS L 77 -23.07 12.03 -29.21
N PRO L 78 -22.38 11.51 -30.23
CA PRO L 78 -22.32 12.22 -31.51
C PRO L 78 -23.68 12.44 -32.17
N ALA L 79 -24.52 11.41 -32.20
CA ALA L 79 -25.82 11.54 -32.86
C ALA L 79 -26.82 12.32 -32.03
N ALA L 80 -26.72 12.25 -30.70
CA ALA L 80 -27.65 12.97 -29.85
C ALA L 80 -27.41 14.48 -29.87
N LYS L 81 -26.24 14.92 -30.33
CA LYS L 81 -25.97 16.35 -30.44
C LYS L 81 -26.70 17.01 -31.62
N THR L 82 -27.25 16.21 -32.54
CA THR L 82 -28.02 16.78 -33.63
C THR L 82 -29.32 17.39 -33.15
N LEU L 83 -29.91 16.82 -32.09
CA LEU L 83 -31.10 17.42 -31.49
C LEU L 83 -30.77 18.73 -30.79
N VAL L 84 -29.52 18.94 -30.39
CA VAL L 84 -29.14 20.19 -29.76
C VAL L 84 -28.99 21.29 -30.80
N ASP L 85 -28.50 20.95 -31.99
CA ASP L 85 -28.32 21.96 -33.04
C ASP L 85 -29.67 22.47 -33.54
N ILE L 86 -30.62 21.56 -33.77
CA ILE L 86 -31.93 21.97 -34.25
C ILE L 86 -32.71 22.71 -33.17
N SER L 87 -32.40 22.49 -31.89
CA SER L 87 -33.06 23.22 -30.83
C SER L 87 -32.51 24.64 -30.72
N ARG L 88 -31.20 24.82 -30.92
CA ARG L 88 -30.62 26.15 -30.89
C ARG L 88 -30.87 26.91 -32.18
N ALA L 89 -31.02 26.20 -33.31
CA ALA L 89 -31.32 26.87 -34.56
C ALA L 89 -32.77 27.35 -34.60
N GLN L 90 -33.68 26.57 -34.02
CA GLN L 90 -35.08 26.98 -33.95
C GLN L 90 -35.28 28.15 -32.99
N ASP L 91 -34.51 28.18 -31.90
CA ASP L 91 -34.60 29.26 -30.93
C ASP L 91 -33.97 30.55 -31.42
N ALA L 92 -33.00 30.46 -32.32
CA ALA L 92 -32.31 31.66 -32.79
C ALA L 92 -33.20 32.50 -33.69
N GLU L 93 -33.86 31.88 -34.66
CA GLU L 93 -34.68 32.61 -35.63
C GLU L 93 -36.08 32.87 -35.09
N VAL L 94 -36.90 31.82 -35.02
CA VAL L 94 -38.28 32.00 -34.58
C VAL L 94 -38.37 32.10 -33.06
N GLY L 95 -37.64 31.24 -32.35
CA GLY L 95 -37.65 31.22 -30.90
C GLY L 95 -38.65 30.28 -30.28
N ASP L 96 -39.67 29.84 -31.01
CA ASP L 96 -40.68 28.94 -30.49
C ASP L 96 -40.68 27.64 -31.31
N GLY L 97 -41.15 26.57 -30.67
CA GLY L 97 -41.21 25.27 -31.31
C GLY L 97 -39.99 24.40 -31.11
N THR L 98 -39.02 24.85 -30.30
CA THR L 98 -37.81 24.05 -30.09
C THR L 98 -38.12 22.70 -29.47
N THR L 99 -39.15 22.62 -28.63
CA THR L 99 -39.54 21.34 -28.06
C THR L 99 -40.23 20.47 -29.10
N SER L 100 -41.05 21.08 -29.97
CA SER L 100 -41.76 20.30 -30.98
C SER L 100 -40.83 19.78 -32.06
N VAL L 101 -39.74 20.50 -32.36
CA VAL L 101 -38.81 20.04 -33.38
C VAL L 101 -38.08 18.78 -32.92
N THR L 102 -37.62 18.77 -31.66
CA THR L 102 -36.92 17.60 -31.14
C THR L 102 -37.85 16.40 -31.03
N ILE L 103 -39.09 16.62 -30.61
CA ILE L 103 -40.06 15.53 -30.54
C ILE L 103 -40.36 14.99 -31.93
N LEU L 104 -40.46 15.88 -32.92
CA LEU L 104 -40.76 15.45 -34.28
C LEU L 104 -39.56 14.78 -34.93
N ALA L 105 -38.36 15.31 -34.69
CA ALA L 105 -37.16 14.73 -35.30
C ALA L 105 -36.87 13.35 -34.73
N GLY L 106 -37.12 13.15 -33.43
CA GLY L 106 -36.90 11.84 -32.84
C GLY L 106 -37.94 10.82 -33.26
N GLU L 107 -39.15 11.27 -33.60
CA GLU L 107 -40.18 10.35 -34.06
C GLU L 107 -39.90 9.85 -35.46
N LEU L 108 -39.33 10.72 -36.32
CA LEU L 108 -38.96 10.30 -37.66
C LEU L 108 -37.91 9.19 -37.61
N MET L 109 -37.03 9.21 -36.61
CA MET L 109 -36.05 8.14 -36.43
C MET L 109 -36.69 6.89 -35.82
N LYS L 110 -37.72 7.07 -34.99
CA LYS L 110 -38.39 5.91 -34.39
C LYS L 110 -39.23 5.16 -35.41
N GLU L 111 -39.90 5.89 -36.31
CA GLU L 111 -40.67 5.23 -37.36
C GLU L 111 -39.76 4.60 -38.41
N ALA L 112 -38.54 5.11 -38.57
CA ALA L 112 -37.57 4.51 -39.47
C ALA L 112 -36.81 3.36 -38.84
N LYS L 113 -37.01 3.11 -37.54
CA LYS L 113 -36.31 1.99 -36.89
C LYS L 113 -36.76 0.65 -37.43
N PRO L 114 -38.07 0.33 -37.56
CA PRO L 114 -38.44 -0.96 -38.15
C PRO L 114 -38.11 -1.07 -39.62
N PHE L 115 -37.89 0.05 -40.32
CA PHE L 115 -37.50 -0.01 -41.73
C PHE L 115 -36.04 -0.40 -41.89
N LEU L 116 -35.17 0.01 -40.95
CA LEU L 116 -33.77 -0.38 -41.02
C LEU L 116 -33.58 -1.87 -40.76
N GLU L 117 -34.39 -2.45 -39.87
CA GLU L 117 -34.31 -3.87 -39.61
C GLU L 117 -34.72 -4.70 -40.82
N GLU L 118 -35.50 -4.15 -41.74
CA GLU L 118 -35.90 -4.83 -42.94
C GLU L 118 -34.81 -4.64 -44.01
N GLY L 119 -35.10 -5.05 -45.24
CA GLY L 119 -34.19 -4.87 -46.35
C GLY L 119 -34.21 -3.51 -47.00
N ILE L 120 -34.84 -2.52 -46.36
CA ILE L 120 -34.91 -1.18 -46.94
C ILE L 120 -33.55 -0.51 -46.84
N SER L 121 -33.08 0.06 -47.94
CA SER L 121 -31.80 0.75 -47.95
C SER L 121 -31.89 2.07 -47.19
N SER L 122 -30.72 2.57 -46.78
CA SER L 122 -30.69 3.81 -46.01
C SER L 122 -31.14 5.00 -46.84
N HIS L 123 -30.75 5.05 -48.12
CA HIS L 123 -31.13 6.18 -48.96
C HIS L 123 -32.59 6.12 -49.38
N LEU L 124 -33.19 4.93 -49.40
CA LEU L 124 -34.60 4.81 -49.75
C LEU L 124 -35.49 5.45 -48.70
N ILE L 125 -35.06 5.43 -47.43
CA ILE L 125 -35.85 6.06 -46.38
C ILE L 125 -35.77 7.57 -46.49
N MET L 126 -34.59 8.11 -46.79
CA MET L 126 -34.44 9.56 -46.96
C MET L 126 -35.19 10.09 -48.16
N LYS L 127 -35.46 9.24 -49.17
CA LYS L 127 -36.26 9.68 -50.30
C LYS L 127 -37.69 9.99 -49.90
N GLY L 128 -38.22 9.30 -48.90
CA GLY L 128 -39.57 9.53 -48.44
C GLY L 128 -39.71 10.80 -47.63
N TYR L 129 -38.71 11.10 -46.79
CA TYR L 129 -38.77 12.30 -45.96
C TYR L 129 -38.50 13.56 -46.77
N ARG L 130 -37.55 13.50 -47.71
CA ARG L 130 -37.23 14.68 -48.53
C ARG L 130 -38.36 15.01 -49.49
N LYS L 131 -39.09 14.01 -49.98
CA LYS L 131 -40.21 14.29 -50.86
C LYS L 131 -41.45 14.74 -50.11
N ALA L 132 -41.68 14.19 -48.91
CA ALA L 132 -42.86 14.58 -48.14
C ALA L 132 -42.75 15.98 -47.57
N VAL L 133 -41.53 16.41 -47.21
CA VAL L 133 -41.36 17.75 -46.66
C VAL L 133 -41.53 18.80 -47.75
N SER L 134 -41.30 18.42 -49.01
CA SER L 134 -41.50 19.36 -50.10
C SER L 134 -42.98 19.70 -50.28
N LEU L 135 -43.85 18.70 -50.18
CA LEU L 135 -45.29 18.94 -50.24
C LEU L 135 -45.86 19.45 -48.92
N ALA L 136 -45.12 19.29 -47.82
CA ALA L 136 -45.58 19.77 -46.53
C ALA L 136 -45.42 21.28 -46.39
N VAL L 137 -44.32 21.83 -46.94
CA VAL L 137 -44.12 23.27 -46.89
C VAL L 137 -45.15 23.99 -47.75
N GLU L 138 -45.45 23.44 -48.93
CA GLU L 138 -46.47 24.04 -49.77
C GLU L 138 -47.86 23.91 -49.15
N LYS L 139 -48.07 22.91 -48.29
CA LYS L 139 -49.35 22.77 -47.61
C LYS L 139 -49.51 23.83 -46.53
N ILE L 140 -48.41 24.25 -45.89
CA ILE L 140 -48.50 25.28 -44.86
C ILE L 140 -48.95 26.61 -45.47
N ASN L 141 -48.49 26.90 -46.70
CA ASN L 141 -48.91 28.12 -47.37
C ASN L 141 -50.41 28.14 -47.62
N GLU L 142 -51.01 26.95 -47.83
CA GLU L 142 -52.46 26.88 -47.96
C GLU L 142 -53.15 27.05 -46.60
N LEU L 143 -52.50 26.62 -45.52
CA LEU L 143 -53.06 26.80 -44.19
C LEU L 143 -53.07 28.28 -43.80
N ALA L 144 -52.04 29.02 -44.17
CA ALA L 144 -51.91 30.41 -43.77
C ALA L 144 -52.88 31.29 -44.56
N VAL L 145 -53.19 32.45 -43.98
CA VAL L 145 -54.09 33.42 -44.59
C VAL L 145 -53.40 34.78 -44.62
N ASP L 146 -53.69 35.56 -45.67
CA ASP L 146 -53.05 36.86 -45.84
C ASP L 146 -53.31 37.78 -44.66
N ILE L 147 -54.54 37.72 -44.11
CA ILE L 147 -54.99 38.45 -42.93
C ILE L 147 -54.54 39.92 -42.93
N THR L 148 -54.60 40.56 -44.11
CA THR L 148 -54.35 42.00 -44.15
C THR L 148 -55.44 42.77 -43.41
N SER L 149 -56.63 42.19 -43.31
CA SER L 149 -57.71 42.71 -42.48
C SER L 149 -57.42 42.45 -41.01
N GLU L 150 -58.17 43.15 -40.15
CA GLU L 150 -58.17 43.06 -38.69
C GLU L 150 -56.95 43.73 -38.05
N LYS L 151 -56.01 44.24 -38.85
CA LYS L 151 -54.88 45.04 -38.35
C LYS L 151 -54.05 44.21 -37.38
N LEU L 158 -50.84 41.06 -32.98
CA LEU L 158 -49.93 40.86 -31.85
C LEU L 158 -50.64 40.28 -30.64
N GLU L 159 -51.92 40.59 -30.45
CA GLU L 159 -52.59 40.23 -29.20
C GLU L 159 -52.80 38.72 -29.08
N ARG L 160 -53.23 38.07 -30.17
CA ARG L 160 -53.55 36.65 -30.09
C ARG L 160 -52.30 35.78 -30.12
N CYS L 161 -51.31 36.13 -30.95
CA CYS L 161 -50.12 35.29 -31.07
C CYS L 161 -49.24 35.36 -29.83
N ALA L 162 -49.29 36.45 -29.08
CA ALA L 162 -48.47 36.56 -27.88
C ALA L 162 -49.02 35.71 -26.75
N ARG L 163 -50.32 35.43 -26.76
CA ARG L 163 -50.91 34.62 -25.70
C ARG L 163 -50.58 33.14 -25.86
N THR L 164 -50.49 32.65 -27.10
CA THR L 164 -50.19 31.25 -27.34
C THR L 164 -48.71 30.93 -27.18
N ALA L 165 -47.84 31.93 -27.30
CA ALA L 165 -46.40 31.69 -27.13
C ALA L 165 -46.05 31.44 -25.68
N MET L 166 -46.79 32.03 -24.74
CA MET L 166 -46.54 31.85 -23.32
C MET L 166 -46.99 30.49 -22.80
N SER L 167 -47.66 29.69 -23.63
CA SER L 167 -48.15 28.39 -23.19
C SER L 167 -46.99 27.46 -22.83
N SER L 168 -47.29 26.47 -21.99
CA SER L 168 -46.36 25.48 -21.45
C SER L 168 -45.36 26.08 -20.48
N LYS L 169 -45.37 27.40 -20.28
CA LYS L 169 -44.36 28.08 -19.49
C LYS L 169 -45.05 28.99 -18.49
N LEU L 170 -44.27 29.53 -17.55
CA LEU L 170 -44.80 30.32 -16.46
C LEU L 170 -45.49 31.59 -16.99
N ILE L 171 -46.36 32.15 -16.14
CA ILE L 171 -47.12 33.40 -16.31
C ILE L 171 -48.15 33.26 -17.42
N HIS L 172 -48.22 32.08 -18.05
CA HIS L 172 -49.23 31.84 -19.08
C HIS L 172 -50.64 32.15 -18.56
N ASN L 173 -50.91 31.83 -17.29
CA ASN L 173 -52.20 32.17 -16.69
C ASN L 173 -52.34 33.66 -16.44
N ASN L 174 -51.23 34.40 -16.43
CA ASN L 174 -51.23 35.84 -16.26
C ASN L 174 -51.31 36.60 -17.58
N ALA L 175 -51.54 35.89 -18.68
CA ALA L 175 -51.52 36.49 -20.02
C ALA L 175 -52.46 37.68 -20.16
N ASP L 176 -53.44 37.83 -19.26
CA ASP L 176 -54.27 39.02 -19.25
C ASP L 176 -53.48 40.27 -18.90
N PHE L 177 -52.22 40.14 -18.50
CA PHE L 177 -51.40 41.28 -18.08
C PHE L 177 -50.12 41.40 -18.91
N PHE L 178 -49.23 40.39 -18.85
CA PHE L 178 -47.93 40.50 -19.51
C PHE L 178 -48.05 40.64 -21.03
N VAL L 179 -49.12 40.11 -21.62
CA VAL L 179 -49.28 40.20 -23.07
C VAL L 179 -49.48 41.64 -23.50
N LYS L 180 -50.14 42.45 -22.67
CA LYS L 180 -50.34 43.86 -23.01
C LYS L 180 -49.02 44.60 -23.15
N MET L 181 -48.01 44.21 -22.37
CA MET L 181 -46.68 44.83 -22.50
C MET L 181 -45.92 44.29 -23.69
N CYS L 182 -46.20 43.04 -24.10
CA CYS L 182 -45.49 42.47 -25.25
C CYS L 182 -45.93 43.11 -26.55
N VAL L 183 -47.15 43.63 -26.61
CA VAL L 183 -47.64 44.26 -27.84
C VAL L 183 -46.89 45.56 -28.09
N ASP L 184 -46.87 46.46 -27.11
CA ASP L 184 -46.20 47.74 -27.26
C ASP L 184 -44.69 47.63 -27.24
N ALA L 185 -44.14 46.45 -26.94
CA ALA L 185 -42.69 46.29 -26.89
C ALA L 185 -42.07 46.38 -28.28
N VAL L 186 -42.58 45.56 -29.20
CA VAL L 186 -42.02 45.54 -30.55
C VAL L 186 -42.52 46.70 -31.41
N LEU L 187 -43.70 47.24 -31.10
CA LEU L 187 -44.23 48.35 -31.88
C LEU L 187 -43.35 49.60 -31.79
N SER L 188 -42.57 49.73 -30.72
CA SER L 188 -41.63 50.85 -30.62
C SER L 188 -40.47 50.71 -31.59
N LEU L 189 -40.27 49.52 -32.16
CA LEU L 189 -39.19 49.29 -33.10
C LEU L 189 -39.70 49.51 -34.52
N ASP L 190 -39.01 50.36 -35.27
CA ASP L 190 -39.40 50.63 -36.65
C ASP L 190 -39.05 49.46 -37.55
N ARG L 191 -39.72 49.43 -38.72
CA ARG L 191 -39.49 48.36 -39.67
C ARG L 191 -38.05 48.41 -40.19
N ASN L 192 -37.54 47.24 -40.59
CA ASN L 192 -36.20 47.00 -41.12
C ASN L 192 -35.12 47.11 -40.06
N ASP L 193 -35.46 47.51 -38.83
CA ASP L 193 -34.47 47.53 -37.76
C ASP L 193 -34.74 46.40 -36.78
N LEU L 194 -35.77 46.55 -35.95
CA LEU L 194 -36.22 45.54 -35.00
C LEU L 194 -35.04 45.00 -34.17
N ASP L 195 -34.51 45.89 -33.34
CA ASP L 195 -33.32 45.59 -32.57
C ASP L 195 -33.63 44.64 -31.43
N ASP L 196 -32.78 43.63 -31.25
CA ASP L 196 -32.97 42.64 -30.19
C ASP L 196 -32.49 43.13 -28.83
N LYS L 197 -31.61 44.14 -28.79
CA LYS L 197 -31.15 44.68 -27.51
C LYS L 197 -32.16 45.63 -26.90
N LEU L 198 -32.82 46.45 -27.73
CA LEU L 198 -33.75 47.46 -27.22
C LEU L 198 -34.96 46.86 -26.52
N ILE L 199 -35.20 45.56 -26.66
CA ILE L 199 -36.30 44.89 -25.96
C ILE L 199 -35.76 44.28 -24.67
N GLY L 200 -34.49 44.52 -24.37
CA GLY L 200 -33.82 43.95 -23.22
C GLY L 200 -34.55 44.15 -21.91
N ILE L 201 -34.50 43.13 -21.05
CA ILE L 201 -35.24 43.12 -19.79
C ILE L 201 -34.28 42.82 -18.65
N LYS L 202 -34.45 43.54 -17.53
CA LYS L 202 -33.61 43.36 -16.36
C LYS L 202 -34.34 42.53 -15.32
N LYS L 203 -33.58 41.70 -14.59
CA LYS L 203 -34.12 40.81 -13.58
C LYS L 203 -33.77 41.31 -12.19
N ILE L 204 -34.78 41.46 -11.34
CA ILE L 204 -34.62 41.91 -9.97
C ILE L 204 -35.02 40.77 -9.04
N PRO L 205 -34.13 40.23 -8.23
CA PRO L 205 -34.52 39.17 -7.29
C PRO L 205 -35.41 39.71 -6.19
N GLY L 206 -36.46 38.95 -5.89
CA GLY L 206 -37.42 39.35 -4.88
C GLY L 206 -38.68 39.97 -5.48
N GLY L 207 -39.73 40.01 -4.66
CA GLY L 207 -40.98 40.61 -5.08
C GLY L 207 -41.91 39.65 -5.78
N ALA L 208 -43.03 40.20 -6.25
CA ALA L 208 -44.04 39.44 -6.97
C ALA L 208 -44.07 39.87 -8.42
N MET L 209 -44.26 38.89 -9.32
CA MET L 209 -44.24 39.16 -10.75
C MET L 209 -45.42 40.02 -11.21
N GLU L 210 -46.49 40.09 -10.43
CA GLU L 210 -47.63 40.91 -10.80
C GLU L 210 -47.40 42.39 -10.57
N GLU L 211 -46.32 42.76 -9.88
CA GLU L 211 -46.00 44.15 -9.61
C GLU L 211 -45.18 44.81 -10.72
N SER L 212 -44.88 44.08 -11.79
CA SER L 212 -44.11 44.63 -12.89
C SER L 212 -44.92 45.68 -13.64
N LEU L 213 -44.22 46.59 -14.30
CA LEU L 213 -44.85 47.66 -15.06
C LEU L 213 -44.03 47.95 -16.31
N PHE L 214 -44.65 48.68 -17.24
CA PHE L 214 -44.04 48.99 -18.52
C PHE L 214 -43.32 50.33 -18.45
N ILE L 215 -42.16 50.39 -19.11
CA ILE L 215 -41.33 51.59 -19.12
C ILE L 215 -40.98 51.93 -20.57
N ASN L 216 -41.06 53.22 -20.91
CA ASN L 216 -40.79 53.69 -22.26
C ASN L 216 -39.30 53.71 -22.61
N GLY L 217 -38.42 53.42 -21.66
CA GLY L 217 -36.99 53.54 -21.90
C GLY L 217 -36.20 52.56 -21.05
N VAL L 218 -34.88 52.66 -21.17
CA VAL L 218 -33.97 51.73 -20.51
C VAL L 218 -33.82 52.10 -19.04
N ALA L 219 -33.64 51.08 -18.21
CA ALA L 219 -33.36 51.25 -16.78
C ALA L 219 -32.18 50.36 -16.43
N PHE L 220 -31.13 50.95 -15.86
CA PHE L 220 -29.90 50.24 -15.57
C PHE L 220 -29.57 50.33 -14.08
N LYS L 221 -28.72 49.41 -13.64
CA LYS L 221 -28.29 49.39 -12.25
C LYS L 221 -27.10 50.33 -12.04
N LYS L 222 -27.08 51.00 -10.89
CA LYS L 222 -25.99 51.93 -10.58
C LYS L 222 -24.67 51.19 -10.40
N THR L 223 -24.69 50.10 -9.63
CA THR L 223 -23.56 49.22 -9.32
C THR L 223 -22.48 49.91 -8.49
N PHE L 224 -22.59 51.22 -8.23
CA PHE L 224 -21.60 51.93 -7.46
C PHE L 224 -22.28 53.05 -6.68
N SER L 225 -21.78 53.31 -5.48
CA SER L 225 -22.32 54.34 -4.60
C SER L 225 -21.37 55.53 -4.59
N TYR L 226 -21.88 56.70 -4.97
CA TYR L 226 -21.08 57.91 -5.03
C TYR L 226 -21.24 58.71 -3.74
N ALA L 227 -20.15 59.34 -3.30
CA ALA L 227 -20.19 60.15 -2.09
C ALA L 227 -21.03 61.40 -2.28
N GLY L 228 -21.13 61.90 -3.50
CA GLY L 228 -21.94 63.07 -3.79
C GLY L 228 -23.24 62.72 -4.46
N PHE L 229 -23.65 61.45 -4.35
CA PHE L 229 -24.84 60.99 -5.06
C PHE L 229 -26.12 61.57 -4.45
N GLU L 230 -26.25 61.50 -3.12
CA GLU L 230 -27.47 61.95 -2.47
C GLU L 230 -27.66 63.45 -2.61
N GLN L 231 -26.57 64.22 -2.68
CA GLN L 231 -26.67 65.66 -2.89
C GLN L 231 -27.24 66.01 -4.25
N GLN L 232 -27.33 65.05 -5.18
CA GLN L 232 -27.92 65.26 -6.50
C GLN L 232 -29.41 64.97 -6.45
N PRO L 233 -30.25 65.85 -7.01
CA PRO L 233 -31.70 65.60 -6.99
C PRO L 233 -32.05 64.33 -7.77
N LYS L 234 -32.97 63.56 -7.21
CA LYS L 234 -33.44 62.33 -7.83
C LYS L 234 -34.71 62.53 -8.65
N LYS L 235 -35.27 63.74 -8.68
CA LYS L 235 -36.49 64.02 -9.42
C LYS L 235 -36.24 65.22 -10.32
N PHE L 236 -36.35 65.01 -11.63
CA PHE L 236 -36.12 66.06 -12.62
C PHE L 236 -37.42 66.33 -13.37
N ASN L 237 -37.76 67.62 -13.50
CA ASN L 237 -38.96 67.98 -14.24
C ASN L 237 -38.73 67.93 -15.74
N ASN L 238 -37.59 68.43 -16.21
CA ASN L 238 -37.22 68.39 -17.63
C ASN L 238 -35.74 68.08 -17.74
N PRO L 239 -35.35 66.82 -17.57
CA PRO L 239 -33.93 66.47 -17.62
C PRO L 239 -33.39 66.44 -19.04
N LYS L 240 -32.09 66.69 -19.16
CA LYS L 240 -31.36 66.60 -20.42
C LYS L 240 -30.27 65.56 -20.26
N ILE L 241 -30.39 64.46 -20.98
CA ILE L 241 -29.45 63.35 -20.88
C ILE L 241 -28.31 63.57 -21.87
N LEU L 242 -27.08 63.46 -21.39
CA LEU L 242 -25.89 63.64 -22.22
C LEU L 242 -25.01 62.41 -22.10
N SER L 243 -24.83 61.71 -23.21
CA SER L 243 -23.98 60.52 -23.26
C SER L 243 -22.55 60.95 -23.57
N LEU L 244 -21.61 60.56 -22.72
CA LEU L 244 -20.21 60.94 -22.88
C LEU L 244 -19.31 59.73 -22.67
N ASN L 245 -18.28 59.62 -23.50
CA ASN L 245 -17.25 58.60 -23.32
C ASN L 245 -16.05 59.12 -22.55
N VAL L 246 -16.07 60.38 -22.11
CA VAL L 246 -14.94 60.94 -21.38
C VAL L 246 -14.85 60.31 -19.99
N GLU L 247 -13.65 60.37 -19.42
CA GLU L 247 -13.38 59.85 -18.09
C GLU L 247 -13.05 61.04 -17.19
N LEU L 248 -13.95 61.35 -16.26
CA LEU L 248 -13.82 62.55 -15.43
C LEU L 248 -13.35 62.14 -14.04
N GLU L 249 -12.08 62.48 -13.74
CA GLU L 249 -11.44 62.24 -12.45
C GLU L 249 -9.99 62.71 -12.54
N LEU L 250 -9.25 62.65 -11.43
CA LEU L 250 -7.86 63.06 -11.43
C LEU L 250 -6.99 61.83 -11.70
N LYS L 251 -6.41 61.77 -12.89
CA LYS L 251 -5.60 60.63 -13.30
C LYS L 251 -4.73 61.06 -14.48
N ALA L 252 -3.72 60.24 -14.77
CA ALA L 252 -2.94 60.43 -15.99
C ALA L 252 -3.87 60.45 -17.20
N GLU L 253 -3.55 61.30 -18.18
CA GLU L 253 -4.49 61.55 -19.26
C GLU L 253 -4.44 60.50 -20.35
N LYS L 254 -3.40 60.51 -21.20
CA LYS L 254 -3.29 59.58 -22.31
C LYS L 254 -2.07 58.69 -22.12
N ASP L 255 -2.30 57.42 -21.77
CA ASP L 255 -1.46 56.25 -22.02
C ASP L 255 -0.06 56.33 -21.41
N ASN L 256 0.35 57.51 -20.93
CA ASN L 256 1.67 57.69 -20.36
C ASN L 256 1.63 58.80 -19.32
N ALA L 257 2.44 58.65 -18.27
CA ALA L 257 2.57 59.67 -17.24
C ALA L 257 4.04 59.87 -16.91
N GLU L 258 4.55 61.07 -17.21
CA GLU L 258 5.85 61.48 -16.69
C GLU L 258 5.89 63.01 -16.66
N VAL L 259 6.59 63.55 -15.67
CA VAL L 259 6.70 65.00 -15.49
C VAL L 259 8.14 65.34 -15.13
N ARG L 260 8.72 66.30 -15.86
CA ARG L 260 10.07 66.79 -15.60
C ARG L 260 9.98 68.28 -15.30
N VAL L 261 10.30 68.65 -14.06
CA VAL L 261 10.24 70.05 -13.61
C VAL L 261 11.53 70.36 -12.86
N GLU L 262 12.29 71.34 -13.37
CA GLU L 262 13.56 71.70 -12.75
C GLU L 262 13.39 72.61 -11.54
N HIS L 263 12.49 73.59 -11.62
CA HIS L 263 12.38 74.62 -10.61
C HIS L 263 11.15 74.40 -9.73
N VAL L 264 11.28 74.78 -8.46
CA VAL L 264 10.18 74.62 -7.52
C VAL L 264 9.03 75.57 -7.87
N GLU L 265 9.35 76.75 -8.40
CA GLU L 265 8.29 77.69 -8.77
C GLU L 265 7.38 77.13 -9.84
N ASP L 266 7.97 76.46 -10.84
CA ASP L 266 7.17 75.81 -11.89
C ASP L 266 6.52 74.52 -11.41
N TYR L 267 6.94 74.00 -10.25
CA TYR L 267 6.34 72.77 -9.74
C TYR L 267 4.92 73.01 -9.22
N GLN L 268 4.65 74.21 -8.70
CA GLN L 268 3.30 74.51 -8.25
C GLN L 268 2.33 74.65 -9.42
N ALA L 269 2.79 75.17 -10.56
CA ALA L 269 1.92 75.35 -11.71
C ALA L 269 1.52 74.03 -12.34
N ILE L 270 2.33 72.97 -12.17
CA ILE L 270 1.97 71.67 -12.74
C ILE L 270 0.75 71.09 -12.04
N VAL L 271 0.68 71.23 -10.72
CA VAL L 271 -0.47 70.73 -9.97
C VAL L 271 -1.72 71.51 -10.33
N ASP L 272 -1.62 72.84 -10.34
CA ASP L 272 -2.77 73.68 -10.67
C ASP L 272 -3.24 73.44 -12.09
N ALA L 273 -2.32 73.09 -13.00
CA ALA L 273 -2.72 72.81 -14.38
C ALA L 273 -3.56 71.54 -14.46
N GLU L 274 -3.26 70.54 -13.63
CA GLU L 274 -4.02 69.31 -13.66
C GLU L 274 -5.45 69.52 -13.16
N TRP L 275 -5.62 70.39 -12.17
CA TRP L 275 -6.97 70.68 -11.66
C TRP L 275 -7.77 71.49 -12.67
N GLN L 276 -7.11 72.39 -13.40
CA GLN L 276 -7.83 73.23 -14.35
C GLN L 276 -8.29 72.42 -15.57
N LEU L 277 -7.48 71.46 -16.01
CA LEU L 277 -7.86 70.65 -17.17
C LEU L 277 -9.04 69.74 -16.85
N ILE L 278 -9.07 69.17 -15.65
CA ILE L 278 -10.19 68.33 -15.26
C ILE L 278 -11.44 69.18 -15.05
N PHE L 279 -11.28 70.36 -14.47
CA PHE L 279 -12.43 71.25 -14.28
C PHE L 279 -12.89 71.87 -15.58
N GLU L 280 -11.98 72.02 -16.56
CA GLU L 280 -12.38 72.57 -17.86
C GLU L 280 -13.41 71.66 -18.54
N LYS L 281 -13.22 70.35 -18.46
CA LYS L 281 -14.21 69.42 -18.98
C LYS L 281 -15.49 69.44 -18.15
N LEU L 282 -15.40 69.82 -16.88
CA LEU L 282 -16.59 69.91 -16.04
C LEU L 282 -17.39 71.18 -16.31
N ARG L 283 -16.70 72.28 -16.64
CA ARG L 283 -17.41 73.53 -16.92
C ARG L 283 -18.15 73.47 -18.24
N GLN L 284 -17.58 72.79 -19.24
CA GLN L 284 -18.24 72.70 -20.54
C GLN L 284 -19.53 71.90 -20.48
N VAL L 285 -19.64 70.98 -19.52
CA VAL L 285 -20.88 70.23 -19.35
C VAL L 285 -21.94 71.10 -18.69
N GLU L 286 -21.54 71.95 -17.73
CA GLU L 286 -22.50 72.81 -17.06
C GLU L 286 -23.02 73.91 -17.97
N GLU L 287 -22.17 74.43 -18.86
CA GLU L 287 -22.60 75.50 -19.76
C GLU L 287 -23.64 75.04 -20.76
N THR L 288 -23.71 73.73 -21.04
CA THR L 288 -24.71 73.20 -21.96
C THR L 288 -26.01 72.81 -21.28
N GLY L 289 -26.05 72.84 -19.95
CA GLY L 289 -27.27 72.55 -19.23
C GLY L 289 -27.69 71.08 -19.25
N ALA L 290 -26.73 70.16 -19.19
CA ALA L 290 -27.02 68.74 -19.18
C ALA L 290 -27.26 68.29 -17.75
N ASN L 291 -28.48 67.81 -17.47
CA ASN L 291 -28.82 67.38 -16.12
C ASN L 291 -28.31 65.99 -15.79
N ILE L 292 -28.19 65.12 -16.80
CA ILE L 292 -27.77 63.73 -16.60
C ILE L 292 -26.56 63.47 -17.47
N VAL L 293 -25.53 62.88 -16.87
CA VAL L 293 -24.29 62.54 -17.56
C VAL L 293 -24.02 61.06 -17.39
N LEU L 294 -23.85 60.35 -18.50
CA LEU L 294 -23.57 58.92 -18.49
C LEU L 294 -22.19 58.68 -19.11
N SER L 295 -21.45 57.74 -18.54
CA SER L 295 -20.10 57.45 -19.03
C SER L 295 -19.78 55.98 -18.80
N LYS L 296 -19.04 55.40 -19.75
CA LYS L 296 -18.57 54.03 -19.61
C LYS L 296 -17.36 53.98 -18.67
N LEU L 297 -16.42 54.89 -18.84
CA LEU L 297 -15.21 54.91 -18.03
C LEU L 297 -15.54 55.40 -16.61
N PRO L 298 -14.73 55.01 -15.63
CA PRO L 298 -15.02 55.40 -14.24
C PRO L 298 -15.03 56.92 -14.06
N ILE L 299 -15.73 57.35 -13.02
CA ILE L 299 -15.83 58.75 -12.64
C ILE L 299 -15.56 58.85 -11.14
N GLY L 300 -14.51 59.57 -10.77
CA GLY L 300 -14.15 59.71 -9.38
C GLY L 300 -15.09 60.64 -8.63
N ASP L 301 -14.83 60.76 -7.33
CA ASP L 301 -15.65 61.61 -6.47
C ASP L 301 -15.41 63.09 -6.72
N LEU L 302 -14.35 63.46 -7.45
CA LEU L 302 -14.11 64.86 -7.75
C LEU L 302 -15.14 65.41 -8.72
N ALA L 303 -15.42 64.66 -9.79
CA ALA L 303 -16.42 65.11 -10.76
C ALA L 303 -17.83 64.93 -10.24
N THR L 304 -18.04 63.94 -9.35
CA THR L 304 -19.37 63.73 -8.80
C THR L 304 -19.76 64.86 -7.84
N GLN L 305 -18.82 65.32 -7.02
CA GLN L 305 -19.12 66.39 -6.07
C GLN L 305 -19.33 67.72 -6.80
N PHE L 306 -18.63 67.94 -7.91
CA PHE L 306 -18.83 69.17 -8.68
C PHE L 306 -20.24 69.23 -9.26
N PHE L 307 -20.76 68.08 -9.70
CA PHE L 307 -22.12 68.02 -10.22
C PHE L 307 -23.18 68.09 -9.13
N ALA L 308 -22.79 67.91 -7.86
CA ALA L 308 -23.76 67.95 -6.77
C ALA L 308 -24.19 69.37 -6.46
N ASP L 309 -23.25 70.33 -6.49
CA ASP L 309 -23.61 71.72 -6.21
C ASP L 309 -24.41 72.33 -7.34
N ARG L 310 -24.21 71.85 -8.57
CA ARG L 310 -24.95 72.34 -9.73
C ARG L 310 -26.27 71.61 -9.94
N ASN L 311 -26.62 70.67 -9.06
CA ASN L 311 -27.84 69.86 -9.18
C ASN L 311 -27.85 69.09 -10.49
N ILE L 312 -26.70 68.48 -10.81
CA ILE L 312 -26.53 67.69 -12.03
C ILE L 312 -26.30 66.25 -11.65
N PHE L 313 -27.06 65.34 -12.25
CA PHE L 313 -26.91 63.91 -11.97
C PHE L 313 -25.70 63.35 -12.69
N CYS L 314 -24.99 62.45 -12.01
CA CYS L 314 -23.79 61.82 -12.56
C CYS L 314 -23.90 60.31 -12.39
N ALA L 315 -23.37 59.57 -13.36
CA ALA L 315 -23.40 58.12 -13.31
C ALA L 315 -22.22 57.57 -14.09
N GLY L 316 -21.83 56.34 -13.75
CA GLY L 316 -20.73 55.68 -14.41
C GLY L 316 -20.88 54.18 -14.27
N ARG L 317 -19.87 53.46 -14.74
CA ARG L 317 -19.77 52.00 -14.71
C ARG L 317 -20.81 51.32 -15.61
N VAL L 318 -21.68 52.08 -16.27
CA VAL L 318 -22.74 51.49 -17.06
C VAL L 318 -22.15 50.66 -18.21
N SER L 319 -22.73 49.49 -18.44
CA SER L 319 -22.27 48.61 -19.50
C SER L 319 -22.53 49.22 -20.88
N ALA L 320 -21.78 48.73 -21.86
CA ALA L 320 -21.92 49.25 -23.22
C ALA L 320 -23.27 48.93 -23.84
N ASP L 321 -23.88 47.81 -23.43
CA ASP L 321 -25.18 47.45 -24.00
C ASP L 321 -26.30 48.34 -23.47
N ASP L 322 -26.15 48.89 -22.27
CA ASP L 322 -27.19 49.72 -21.69
C ASP L 322 -27.19 51.13 -22.29
N MET L 323 -26.00 51.71 -22.50
CA MET L 323 -25.93 53.04 -23.08
C MET L 323 -26.31 53.05 -24.55
N ASN L 324 -26.20 51.91 -25.24
CA ASN L 324 -26.70 51.83 -26.61
C ASN L 324 -28.22 51.97 -26.64
N ARG L 325 -28.90 51.56 -25.56
CA ARG L 325 -30.34 51.76 -25.45
C ARG L 325 -30.70 53.19 -25.07
N VAL L 326 -29.76 53.93 -24.47
CA VAL L 326 -30.03 55.31 -24.09
C VAL L 326 -30.15 56.21 -25.32
N ILE L 327 -29.27 55.99 -26.32
CA ILE L 327 -29.29 56.82 -27.51
C ILE L 327 -30.59 56.66 -28.27
N GLN L 328 -31.13 55.44 -28.30
CA GLN L 328 -32.40 55.21 -28.99
C GLN L 328 -33.59 55.67 -28.16
N ALA L 329 -33.46 55.69 -26.83
CA ALA L 329 -34.59 56.08 -25.99
C ALA L 329 -34.85 57.58 -26.06
N VAL L 330 -33.82 58.40 -25.83
CA VAL L 330 -33.98 59.84 -25.81
C VAL L 330 -33.63 60.49 -27.15
N GLY L 331 -33.19 59.72 -28.12
CA GLY L 331 -32.82 60.28 -29.41
C GLY L 331 -31.60 61.16 -29.39
N GLY L 332 -30.66 60.89 -28.48
CA GLY L 332 -29.44 61.68 -28.36
C GLY L 332 -28.32 61.16 -29.22
N SER L 333 -27.10 61.41 -28.78
CA SER L 333 -25.91 60.97 -29.51
C SER L 333 -24.76 60.80 -28.53
N ILE L 334 -23.74 60.08 -28.97
CA ILE L 334 -22.56 59.79 -28.15
C ILE L 334 -21.48 60.81 -28.47
N GLN L 335 -20.98 61.49 -27.44
CA GLN L 335 -19.92 62.49 -27.58
C GLN L 335 -18.70 62.00 -26.80
N SER L 336 -17.62 61.69 -27.51
CA SER L 336 -16.41 61.19 -26.87
C SER L 336 -15.51 62.30 -26.34
N THR L 337 -15.87 63.56 -26.55
CA THR L 337 -15.11 64.68 -26.02
C THR L 337 -16.06 65.76 -25.54
N THR L 338 -15.59 66.58 -24.61
CA THR L 338 -16.41 67.63 -24.02
C THR L 338 -16.37 68.93 -24.81
N SER L 339 -15.43 69.08 -25.75
CA SER L 339 -15.35 70.31 -26.53
C SER L 339 -16.34 70.35 -27.69
N ASP L 340 -16.82 69.19 -28.14
CA ASP L 340 -17.74 69.11 -29.27
C ASP L 340 -19.21 69.07 -28.85
N ILE L 341 -19.49 69.18 -27.55
CA ILE L 341 -20.87 69.10 -27.07
C ILE L 341 -21.66 70.29 -27.59
N LYS L 342 -22.79 70.02 -28.22
CA LYS L 342 -23.68 71.05 -28.76
C LYS L 342 -25.09 70.82 -28.23
N PRO L 343 -25.88 71.88 -28.12
CA PRO L 343 -27.23 71.73 -27.53
C PRO L 343 -28.14 70.77 -28.27
N GLU L 344 -28.02 70.67 -29.59
CA GLU L 344 -28.92 69.82 -30.36
C GLU L 344 -28.62 68.33 -30.23
N HIS L 345 -27.50 67.98 -29.61
CA HIS L 345 -27.12 66.58 -29.43
C HIS L 345 -27.57 66.00 -28.09
N LEU L 346 -28.27 66.78 -27.27
CA LEU L 346 -28.73 66.32 -25.97
C LEU L 346 -30.17 65.83 -26.07
N GLY L 347 -30.44 64.67 -25.47
CA GLY L 347 -31.78 64.14 -25.43
C GLY L 347 -32.53 64.58 -24.18
N THR L 348 -33.82 64.23 -24.13
CA THR L 348 -34.66 64.62 -23.01
C THR L 348 -35.83 63.64 -22.93
N CYS L 349 -36.69 63.85 -21.94
CA CYS L 349 -37.87 63.03 -21.73
C CYS L 349 -38.87 63.86 -20.93
N ALA L 350 -39.99 63.22 -20.53
CA ALA L 350 -41.02 63.94 -19.78
C ALA L 350 -40.61 64.15 -18.34
N LEU L 351 -40.08 63.12 -17.68
CA LEU L 351 -39.69 63.22 -16.29
C LEU L 351 -38.63 62.16 -15.98
N PHE L 352 -37.91 62.38 -14.90
CA PHE L 352 -36.89 61.45 -14.43
C PHE L 352 -37.05 61.26 -12.93
N GLU L 353 -37.29 60.03 -12.51
CA GLU L 353 -37.46 59.70 -11.10
C GLU L 353 -36.75 58.39 -10.79
N GLU L 354 -36.00 58.38 -9.70
CA GLU L 354 -35.25 57.20 -9.27
C GLU L 354 -36.07 56.45 -8.22
N MET L 355 -36.49 55.24 -8.57
CA MET L 355 -37.30 54.40 -7.69
C MET L 355 -36.49 53.16 -7.30
N GLN L 356 -36.62 52.76 -6.04
CA GLN L 356 -35.88 51.60 -5.52
C GLN L 356 -36.74 50.35 -5.66
N ILE L 357 -36.18 49.32 -6.29
CA ILE L 357 -36.87 48.08 -6.55
C ILE L 357 -36.02 46.94 -5.98
N GLY L 358 -36.54 46.26 -4.96
CA GLY L 358 -35.85 45.14 -4.36
C GLY L 358 -34.47 45.49 -3.83
N SER L 359 -34.38 46.54 -3.01
CA SER L 359 -33.12 47.02 -2.45
C SER L 359 -32.14 47.43 -3.55
N GLU L 360 -32.66 47.79 -4.72
CA GLU L 360 -31.85 48.22 -5.85
C GLU L 360 -32.49 49.44 -6.49
N ARG L 361 -31.73 50.52 -6.61
CA ARG L 361 -32.22 51.76 -7.19
C ARG L 361 -31.85 51.83 -8.67
N TYR L 362 -32.81 52.21 -9.50
CA TYR L 362 -32.61 52.30 -10.94
C TYR L 362 -33.01 53.69 -11.43
N ASN L 363 -32.47 54.04 -12.60
CA ASN L 363 -32.80 55.30 -13.26
C ASN L 363 -33.89 55.03 -14.29
N LEU L 364 -35.01 55.74 -14.17
CA LEU L 364 -36.17 55.52 -15.00
C LEU L 364 -36.22 56.54 -16.12
N PHE L 365 -36.18 56.06 -17.37
CA PHE L 365 -36.33 56.89 -18.55
C PHE L 365 -37.71 56.61 -19.14
N GLN L 366 -38.60 57.61 -19.10
CA GLN L 366 -39.95 57.43 -19.60
C GLN L 366 -40.52 58.78 -20.02
N GLY L 367 -41.53 58.73 -20.88
CA GLY L 367 -42.21 59.92 -21.33
C GLY L 367 -41.67 60.55 -22.59
N CYS L 368 -40.77 59.88 -23.29
CA CYS L 368 -40.22 60.43 -24.52
C CYS L 368 -41.26 60.30 -25.65
N PRO L 369 -41.39 61.32 -26.50
CA PRO L 369 -42.36 61.22 -27.60
C PRO L 369 -42.09 60.05 -28.54
N GLN L 370 -40.84 59.81 -28.91
CA GLN L 370 -40.46 58.69 -29.76
C GLN L 370 -39.29 57.97 -29.12
N ALA L 371 -39.52 56.72 -28.72
CA ALA L 371 -38.49 55.91 -28.09
C ALA L 371 -38.56 54.48 -28.61
N LYS L 372 -37.43 53.96 -29.06
CA LYS L 372 -37.34 52.60 -29.56
C LYS L 372 -36.89 51.60 -28.49
N THR L 373 -36.67 52.06 -27.26
CA THR L 373 -36.15 51.21 -26.20
C THR L 373 -37.30 50.71 -25.33
N CYS L 374 -37.27 49.41 -25.02
CA CYS L 374 -38.28 48.79 -24.14
C CYS L 374 -37.55 47.98 -23.08
N THR L 375 -37.70 48.37 -21.83
CA THR L 375 -37.07 47.68 -20.71
C THR L 375 -38.10 47.41 -19.62
N LEU L 376 -38.20 46.14 -19.23
CA LEU L 376 -39.14 45.72 -18.20
C LEU L 376 -38.39 45.32 -16.94
N LEU L 377 -39.03 45.54 -15.79
CA LEU L 377 -38.49 45.20 -14.49
C LEU L 377 -39.33 44.07 -13.91
N LEU L 378 -38.71 42.90 -13.74
CA LEU L 378 -39.42 41.69 -13.34
C LEU L 378 -39.09 41.35 -11.89
N ARG L 379 -40.07 40.77 -11.21
CA ARG L 379 -39.93 40.37 -9.81
C ARG L 379 -40.36 38.92 -9.65
N GLY L 380 -39.85 38.29 -8.60
CA GLY L 380 -40.24 36.92 -8.28
C GLY L 380 -39.49 36.43 -7.07
N GLY L 381 -40.06 35.42 -6.43
CA GLY L 381 -39.49 34.87 -5.22
C GLY L 381 -38.18 34.14 -5.43
N ALA L 382 -38.20 33.12 -6.27
CA ALA L 382 -36.98 32.38 -6.59
C ALA L 382 -36.17 33.11 -7.65
N GLU L 383 -34.87 32.84 -7.65
CA GLU L 383 -33.99 33.40 -8.68
C GLU L 383 -34.34 32.88 -10.07
N GLN L 384 -34.97 31.71 -10.16
CA GLN L 384 -35.42 31.20 -11.45
C GLN L 384 -36.73 31.82 -11.90
N VAL L 385 -37.55 32.28 -10.96
CA VAL L 385 -38.83 32.89 -11.32
C VAL L 385 -38.61 34.11 -12.18
N ILE L 386 -37.70 34.99 -11.76
CA ILE L 386 -37.37 36.16 -12.56
C ILE L 386 -36.70 35.78 -13.88
N ALA L 387 -36.05 34.60 -13.92
CA ALA L 387 -35.45 34.13 -15.16
C ALA L 387 -36.47 33.54 -16.10
N GLU L 388 -37.46 32.81 -15.57
CA GLU L 388 -38.46 32.18 -16.42
C GLU L 388 -39.39 33.20 -17.06
N VAL L 389 -39.67 34.31 -16.38
CA VAL L 389 -40.58 35.31 -16.94
C VAL L 389 -39.96 35.98 -18.16
N GLU L 390 -38.72 36.45 -18.02
CA GLU L 390 -38.01 37.02 -19.17
C GLU L 390 -37.82 35.98 -20.25
N ARG L 391 -37.58 34.73 -19.86
CA ARG L 391 -37.49 33.64 -20.82
C ARG L 391 -38.79 33.47 -21.58
N SER L 392 -39.92 33.72 -20.93
CA SER L 392 -41.21 33.72 -21.63
C SER L 392 -41.40 34.98 -22.44
N LEU L 393 -40.96 36.13 -21.91
CA LEU L 393 -41.13 37.39 -22.62
C LEU L 393 -40.20 37.46 -23.83
N HIS L 394 -38.97 36.95 -23.70
CA HIS L 394 -38.05 36.98 -24.82
C HIS L 394 -38.54 36.10 -25.97
N ASP L 395 -39.17 34.97 -25.64
CA ASP L 395 -39.72 34.11 -26.68
C ASP L 395 -41.03 34.64 -27.24
N ALA L 396 -41.79 35.41 -26.45
CA ALA L 396 -43.06 35.95 -26.92
C ALA L 396 -42.87 37.15 -27.83
N ILE L 397 -41.79 37.92 -27.64
CA ILE L 397 -41.54 39.08 -28.49
C ILE L 397 -41.11 38.63 -29.89
N MET L 398 -40.34 37.56 -29.97
CA MET L 398 -39.90 37.06 -31.28
C MET L 398 -41.07 36.51 -32.10
N ILE L 399 -42.18 36.15 -31.47
CA ILE L 399 -43.35 35.71 -32.21
C ILE L 399 -44.03 36.90 -32.88
N VAL L 400 -44.27 37.96 -32.11
CA VAL L 400 -44.85 39.19 -32.69
C VAL L 400 -43.84 39.98 -33.50
N LYS L 401 -42.55 39.67 -33.37
CA LYS L 401 -41.53 40.29 -34.22
C LYS L 401 -41.62 39.76 -35.64
N ARG L 402 -41.69 38.44 -35.80
CA ARG L 402 -41.80 37.84 -37.13
C ARG L 402 -43.17 38.07 -37.74
N ALA L 403 -44.18 38.42 -36.93
CA ALA L 403 -45.50 38.67 -37.47
C ALA L 403 -45.57 39.99 -38.23
N LEU L 404 -44.70 40.95 -37.88
CA LEU L 404 -44.71 42.23 -38.56
C LEU L 404 -44.18 42.11 -39.99
N GLN L 405 -43.20 41.23 -40.22
CA GLN L 405 -42.69 41.04 -41.57
C GLN L 405 -43.71 40.33 -42.45
N ASN L 406 -44.31 39.26 -41.93
CA ASN L 406 -45.35 38.52 -42.64
C ASN L 406 -46.44 38.16 -41.66
N LYS L 407 -47.69 38.47 -42.03
CA LYS L 407 -48.84 38.19 -41.18
C LYS L 407 -49.53 36.93 -41.70
N LEU L 408 -49.44 35.85 -40.92
CA LEU L 408 -50.01 34.57 -41.29
C LEU L 408 -50.54 33.89 -40.03
N ILE L 409 -51.62 33.13 -40.19
CA ILE L 409 -52.24 32.40 -39.08
C ILE L 409 -52.37 30.94 -39.48
N VAL L 410 -51.89 30.05 -38.62
CA VAL L 410 -52.04 28.61 -38.80
C VAL L 410 -52.60 28.03 -37.50
N ALA L 411 -53.66 27.23 -37.62
CA ALA L 411 -54.31 26.67 -36.44
C ALA L 411 -53.36 25.74 -35.70
N GLY L 412 -53.29 25.92 -34.38
CA GLY L 412 -52.43 25.12 -33.53
C GLY L 412 -53.19 24.05 -32.78
N GLY L 413 -52.54 23.50 -31.76
CA GLY L 413 -53.14 22.44 -30.98
C GLY L 413 -53.29 21.13 -31.72
N GLY L 414 -52.29 20.75 -32.50
CA GLY L 414 -52.35 19.54 -33.30
C GLY L 414 -53.13 19.66 -34.58
N ALA L 415 -53.70 20.83 -34.88
CA ALA L 415 -54.46 21.01 -36.11
C ALA L 415 -53.56 21.09 -37.34
N THR L 416 -52.30 21.45 -37.17
CA THR L 416 -51.40 21.58 -38.31
C THR L 416 -50.94 20.23 -38.82
N GLU L 417 -50.55 19.33 -37.90
CA GLU L 417 -50.01 18.04 -38.32
C GLU L 417 -51.09 17.13 -38.89
N MET L 418 -52.34 17.31 -38.47
CA MET L 418 -53.41 16.45 -38.97
C MET L 418 -53.84 16.84 -40.38
N GLU L 419 -53.78 18.13 -40.72
CA GLU L 419 -54.17 18.56 -42.05
C GLU L 419 -53.07 18.29 -43.08
N VAL L 420 -51.80 18.40 -42.68
CA VAL L 420 -50.71 18.10 -43.60
C VAL L 420 -50.64 16.61 -43.88
N SER L 421 -50.84 15.78 -42.84
CA SER L 421 -50.78 14.34 -43.01
C SER L 421 -51.93 13.79 -43.84
N LYS L 422 -53.03 14.56 -43.97
CA LYS L 422 -54.16 14.08 -44.75
C LYS L 422 -53.84 14.06 -46.24
N CYS L 423 -53.26 15.15 -46.76
CA CYS L 423 -52.90 15.20 -48.16
C CYS L 423 -51.73 14.29 -48.50
N LEU L 424 -50.93 13.91 -47.50
CA LEU L 424 -49.80 13.02 -47.75
C LEU L 424 -50.25 11.56 -47.90
N ARG L 425 -51.31 11.15 -47.19
CA ARG L 425 -51.82 9.80 -47.37
C ARG L 425 -52.46 9.63 -48.74
N ASP L 426 -53.03 10.70 -49.31
CA ASP L 426 -53.57 10.61 -50.65
C ASP L 426 -52.46 10.53 -51.70
N TYR L 427 -51.34 11.21 -51.45
CA TYR L 427 -50.21 11.12 -52.37
C TYR L 427 -49.60 9.72 -52.38
N SER L 428 -49.56 9.07 -51.21
CA SER L 428 -49.05 7.71 -51.15
C SER L 428 -50.01 6.71 -51.80
N LYS L 429 -51.30 7.05 -51.86
CA LYS L 429 -52.26 6.15 -52.47
C LYS L 429 -52.18 6.16 -54.00
N THR L 430 -51.80 7.30 -54.58
CA THR L 430 -51.83 7.45 -56.03
C THR L 430 -50.63 6.79 -56.69
N ILE L 431 -49.45 6.89 -56.09
CA ILE L 431 -48.19 6.52 -56.74
C ILE L 431 -47.42 5.56 -55.85
N ALA L 432 -46.40 4.94 -56.45
CA ALA L 432 -45.44 4.07 -55.78
C ALA L 432 -46.16 2.90 -55.14
N GLY L 433 -46.13 2.75 -53.82
CA GLY L 433 -46.38 1.50 -53.15
C GLY L 433 -45.12 0.84 -52.62
N LYS L 434 -43.97 1.18 -53.21
CA LYS L 434 -42.68 0.94 -52.58
C LYS L 434 -42.39 2.02 -51.54
N GLN L 435 -42.70 3.27 -51.88
CA GLN L 435 -42.54 4.41 -50.99
C GLN L 435 -43.78 4.66 -50.13
N GLN L 436 -44.91 4.03 -50.46
CA GLN L 436 -46.14 4.25 -49.70
C GLN L 436 -45.98 3.86 -48.24
N MET L 437 -45.20 2.81 -47.96
CA MET L 437 -44.96 2.43 -46.57
C MET L 437 -44.17 3.52 -45.83
N ILE L 438 -43.29 4.23 -46.52
CA ILE L 438 -42.52 5.29 -45.90
C ILE L 438 -43.36 6.56 -45.74
N ILE L 439 -44.14 6.90 -46.77
CA ILE L 439 -44.95 8.11 -46.71
C ILE L 439 -46.03 7.99 -45.65
N ASN L 440 -46.71 6.85 -45.59
CA ASN L 440 -47.71 6.63 -44.55
C ASN L 440 -47.09 6.61 -43.17
N ALA L 441 -45.83 6.18 -43.07
CA ALA L 441 -45.12 6.27 -41.80
C ALA L 441 -44.79 7.71 -41.45
N PHE L 442 -44.52 8.54 -42.45
CA PHE L 442 -44.27 9.96 -42.19
C PHE L 442 -45.54 10.67 -41.74
N ALA L 443 -46.69 10.27 -42.28
CA ALA L 443 -47.96 10.84 -41.85
C ALA L 443 -48.26 10.46 -40.40
N LYS L 444 -47.98 9.22 -40.03
CA LYS L 444 -48.14 8.82 -38.63
C LYS L 444 -47.04 9.38 -37.74
N ALA L 445 -45.87 9.71 -38.31
CA ALA L 445 -44.81 10.33 -37.52
C ALA L 445 -45.16 11.78 -37.18
N LEU L 446 -45.95 12.44 -38.01
CA LEU L 446 -46.41 13.79 -37.70
C LEU L 446 -47.48 13.79 -36.61
N GLU L 447 -48.10 12.64 -36.35
CA GLU L 447 -49.17 12.55 -35.36
C GLU L 447 -48.65 12.43 -33.93
N VAL L 448 -47.34 12.39 -33.72
CA VAL L 448 -46.81 12.31 -32.37
C VAL L 448 -47.02 13.63 -31.64
N ILE L 449 -47.04 14.75 -32.36
CA ILE L 449 -47.21 16.07 -31.74
C ILE L 449 -48.60 16.20 -31.15
N PRO L 450 -49.70 15.94 -31.89
CA PRO L 450 -51.03 16.02 -31.25
C PRO L 450 -51.28 14.90 -30.26
N ARG L 451 -50.68 13.73 -30.45
CA ARG L 451 -50.92 12.62 -29.54
C ARG L 451 -50.27 12.87 -28.18
N GLN L 452 -48.97 13.18 -28.17
CA GLN L 452 -48.27 13.41 -26.92
C GLN L 452 -48.77 14.67 -26.23
N LEU L 453 -49.17 15.68 -26.99
CA LEU L 453 -49.68 16.91 -26.39
C LEU L 453 -51.00 16.67 -25.65
N CYS L 454 -51.78 15.68 -26.08
CA CYS L 454 -53.02 15.32 -25.39
C CYS L 454 -52.81 14.30 -24.28
N GLU L 455 -51.63 13.69 -24.19
CA GLU L 455 -51.36 12.76 -23.10
C GLU L 455 -51.01 13.48 -21.81
N ASN L 456 -50.42 14.67 -21.89
CA ASN L 456 -50.10 15.44 -20.70
C ASN L 456 -51.35 15.95 -19.99
N ALA L 457 -52.46 16.09 -20.71
CA ALA L 457 -53.72 16.55 -20.13
C ALA L 457 -54.54 15.41 -19.52
N GLY L 458 -54.05 14.17 -19.62
CA GLY L 458 -54.77 13.03 -19.10
C GLY L 458 -55.92 12.54 -19.94
N PHE L 459 -56.15 13.14 -21.10
CA PHE L 459 -57.25 12.73 -21.98
C PHE L 459 -56.89 11.46 -22.73
N ASP L 460 -57.92 10.71 -23.12
CA ASP L 460 -57.70 9.48 -23.87
C ASP L 460 -57.24 9.81 -25.29
N ALA L 461 -56.10 9.24 -25.69
CA ALA L 461 -55.58 9.50 -27.03
C ALA L 461 -56.35 8.76 -28.10
N ILE L 462 -56.94 7.61 -27.77
CA ILE L 462 -57.69 6.85 -28.76
C ILE L 462 -58.95 7.59 -29.18
N GLU L 463 -59.70 8.12 -28.20
CA GLU L 463 -60.93 8.83 -28.52
C GLU L 463 -60.66 10.12 -29.29
N ILE L 464 -59.54 10.79 -29.00
CA ILE L 464 -59.22 12.04 -29.68
C ILE L 464 -58.80 11.76 -31.13
N LEU L 465 -57.83 10.85 -31.31
CA LEU L 465 -57.29 10.62 -32.65
C LEU L 465 -58.32 10.02 -33.59
N ASN L 466 -59.24 9.20 -33.07
CA ASN L 466 -60.27 8.62 -33.92
C ASN L 466 -61.26 9.68 -34.40
N LYS L 467 -61.52 10.71 -33.58
CA LYS L 467 -62.41 11.78 -33.97
C LYS L 467 -61.74 12.84 -34.83
N LEU L 468 -60.40 12.84 -34.90
CA LEU L 468 -59.71 13.84 -35.72
C LEU L 468 -59.73 13.46 -37.19
N ARG L 469 -59.53 12.17 -37.51
CA ARG L 469 -59.33 11.77 -38.90
C ARG L 469 -60.63 11.86 -39.70
N LEU L 470 -61.74 11.41 -39.13
CA LEU L 470 -63.02 11.40 -39.86
C LEU L 470 -63.68 12.77 -39.93
N ALA L 471 -63.21 13.74 -39.15
CA ALA L 471 -63.83 15.06 -39.06
C ALA L 471 -63.21 16.09 -39.99
N HIS L 472 -62.27 15.69 -40.86
CA HIS L 472 -61.61 16.65 -41.74
C HIS L 472 -62.47 17.04 -42.93
N SER L 473 -63.66 16.48 -43.08
CA SER L 473 -64.55 16.86 -44.17
C SER L 473 -65.17 18.22 -43.90
N LYS L 474 -66.01 18.31 -42.86
CA LYS L 474 -66.65 19.57 -42.51
C LYS L 474 -65.75 20.50 -41.72
N GLY L 475 -64.71 19.96 -41.07
CA GLY L 475 -63.80 20.80 -40.31
C GLY L 475 -62.78 21.54 -41.14
N GLU L 476 -62.46 21.01 -42.32
CA GLU L 476 -61.51 21.60 -43.27
C GLU L 476 -60.17 21.78 -42.56
N LYS L 477 -59.47 22.90 -42.80
CA LYS L 477 -58.12 23.08 -42.28
C LYS L 477 -58.08 23.54 -40.83
N TRP L 478 -59.13 24.18 -40.33
CA TRP L 478 -59.13 24.80 -39.02
C TRP L 478 -59.56 23.86 -37.91
N TYR L 479 -59.81 22.60 -38.20
CA TYR L 479 -60.28 21.64 -37.21
C TYR L 479 -59.13 21.26 -36.29
N GLY L 480 -59.31 21.46 -34.98
CA GLY L 480 -58.27 21.20 -34.01
C GLY L 480 -58.85 20.85 -32.65
N VAL L 481 -57.95 20.65 -31.69
CA VAL L 481 -58.30 20.18 -30.35
C VAL L 481 -58.63 21.36 -29.46
N VAL L 482 -59.65 21.21 -28.62
CA VAL L 482 -60.07 22.23 -27.66
C VAL L 482 -59.88 21.69 -26.25
N PHE L 483 -59.14 22.43 -25.42
CA PHE L 483 -58.83 21.97 -24.08
C PHE L 483 -59.96 22.24 -23.09
N GLU L 484 -60.59 23.42 -23.19
CA GLU L 484 -61.51 23.86 -22.14
C GLU L 484 -62.73 22.96 -22.02
N THR L 485 -63.41 22.73 -23.15
CA THR L 485 -64.65 21.95 -23.13
C THR L 485 -64.40 20.45 -23.20
N GLU L 486 -63.14 20.01 -23.27
CA GLU L 486 -62.75 18.61 -23.35
C GLU L 486 -63.20 17.98 -24.66
N ASN L 487 -63.95 18.71 -25.46
CA ASN L 487 -64.38 18.26 -26.78
C ASN L 487 -63.39 18.75 -27.82
N ILE L 488 -63.62 18.40 -29.08
CA ILE L 488 -62.77 18.77 -30.20
C ILE L 488 -63.58 19.65 -31.14
N GLY L 489 -63.15 20.89 -31.33
CA GLY L 489 -63.90 21.84 -32.13
C GLY L 489 -62.99 22.81 -32.83
N ASP L 490 -63.61 23.63 -33.70
CA ASP L 490 -62.86 24.58 -34.51
C ASP L 490 -62.08 25.54 -33.64
N ASN L 491 -60.78 25.67 -33.93
CA ASN L 491 -59.93 26.60 -33.19
C ASN L 491 -60.06 28.03 -33.68
N PHE L 492 -60.67 28.25 -34.85
CA PHE L 492 -60.87 29.60 -35.35
C PHE L 492 -61.83 30.37 -34.44
N ALA L 493 -62.89 29.71 -33.96
CA ALA L 493 -63.79 30.35 -33.01
C ALA L 493 -63.16 30.47 -31.64
N LYS L 494 -62.20 29.59 -31.32
CA LYS L 494 -61.50 29.65 -30.05
C LYS L 494 -60.42 30.73 -30.01
N PHE L 495 -60.17 31.40 -31.14
CA PHE L 495 -59.23 32.51 -31.29
C PHE L 495 -57.77 32.11 -31.15
N VAL L 496 -57.48 30.84 -30.86
CA VAL L 496 -56.09 30.41 -30.76
C VAL L 496 -55.44 30.53 -32.13
N TRP L 497 -54.33 31.27 -32.20
CA TRP L 497 -53.65 31.59 -33.44
C TRP L 497 -52.16 31.31 -33.28
N GLU L 498 -51.45 31.34 -34.41
CA GLU L 498 -50.03 31.01 -34.47
C GLU L 498 -49.50 31.27 -35.87
N PRO L 499 -48.30 31.85 -36.00
CA PRO L 499 -47.76 32.12 -37.34
C PRO L 499 -47.29 30.85 -38.03
N ALA L 500 -47.13 30.97 -39.35
CA ALA L 500 -46.71 29.83 -40.17
C ALA L 500 -45.21 29.57 -40.09
N LEU L 501 -44.41 30.55 -39.67
CA LEU L 501 -42.97 30.36 -39.61
C LEU L 501 -42.55 29.34 -38.56
N VAL L 502 -43.42 29.03 -37.61
CA VAL L 502 -43.09 28.02 -36.60
C VAL L 502 -43.12 26.63 -37.22
N LYS L 503 -44.15 26.32 -38.01
CA LYS L 503 -44.29 24.99 -38.58
C LYS L 503 -43.39 24.78 -39.78
N ILE L 504 -43.04 25.85 -40.50
CA ILE L 504 -42.17 25.71 -41.67
C ILE L 504 -40.78 25.27 -41.26
N ASN L 505 -40.18 25.99 -40.29
CA ASN L 505 -38.84 25.63 -39.82
C ASN L 505 -38.84 24.36 -38.99
N ALA L 506 -40.00 23.95 -38.48
CA ALA L 506 -40.05 22.71 -37.69
C ALA L 506 -39.95 21.48 -38.58
N LEU L 507 -40.61 21.51 -39.75
CA LEU L 507 -40.55 20.38 -40.66
C LEU L 507 -39.22 20.28 -41.38
N ASN L 508 -38.58 21.42 -41.65
CA ASN L 508 -37.29 21.39 -42.34
C ASN L 508 -36.15 21.01 -41.41
N SER L 509 -36.24 21.40 -40.13
CA SER L 509 -35.18 21.04 -39.18
C SER L 509 -35.27 19.58 -38.74
N ALA L 510 -36.50 19.07 -38.60
CA ALA L 510 -36.67 17.67 -38.21
C ALA L 510 -36.27 16.73 -39.33
N THR L 511 -36.52 17.11 -40.59
CA THR L 511 -36.16 16.25 -41.71
C THR L 511 -34.65 16.25 -41.93
N GLU L 512 -34.01 17.42 -41.82
CA GLU L 512 -32.57 17.49 -42.02
C GLU L 512 -31.81 16.77 -40.93
N ALA L 513 -32.31 16.84 -39.68
CA ALA L 513 -31.64 16.16 -38.58
C ALA L 513 -31.84 14.65 -38.66
N THR L 514 -33.00 14.20 -39.15
CA THR L 514 -33.25 12.77 -39.26
C THR L 514 -32.44 12.15 -40.39
N ASN L 515 -32.44 12.80 -41.56
CA ASN L 515 -31.69 12.27 -42.70
C ASN L 515 -30.18 12.30 -42.47
N LEU L 516 -29.70 13.13 -41.55
CA LEU L 516 -28.28 13.15 -41.25
C LEU L 516 -27.83 11.88 -40.55
N ILE L 517 -28.61 11.40 -39.58
CA ILE L 517 -28.22 10.22 -38.82
C ILE L 517 -28.50 8.94 -39.63
N LEU L 518 -29.61 8.92 -40.37
CA LEU L 518 -29.92 7.75 -41.18
C LEU L 518 -28.88 7.52 -42.27
N SER L 519 -28.17 8.56 -42.68
CA SER L 519 -27.11 8.43 -43.67
C SER L 519 -25.76 8.08 -43.06
N VAL L 520 -25.69 7.93 -41.73
CA VAL L 520 -24.45 7.60 -41.04
C VAL L 520 -24.63 6.22 -40.39
N ASP L 521 -23.93 5.22 -40.93
CA ASP L 521 -23.94 3.88 -40.37
C ASP L 521 -22.75 3.58 -39.47
N GLU L 522 -21.82 4.53 -39.32
CA GLU L 522 -20.59 4.29 -38.56
C GLU L 522 -20.22 5.52 -37.76
N THR L 523 -19.86 5.29 -36.49
CA THR L 523 -19.43 6.36 -35.59
C THR L 523 -18.10 5.96 -34.97
N ILE L 524 -17.07 6.78 -35.22
CA ILE L 524 -15.73 6.52 -34.72
C ILE L 524 -15.39 7.58 -33.67
N THR L 525 -14.89 7.12 -32.52
CA THR L 525 -14.50 8.02 -31.43
C THR L 525 -13.06 7.72 -31.07
N ASN L 526 -12.17 8.67 -31.30
CA ASN L 526 -10.76 8.51 -30.96
C ASN L 526 -10.52 8.83 -29.49
N LYS L 527 -9.57 8.10 -28.90
CA LYS L 527 -9.16 8.27 -27.51
C LYS L 527 -10.27 7.91 -26.52
N SER M 2 25.56 1.37 -27.73
CA SER M 2 26.76 1.28 -26.90
C SER M 2 26.39 1.36 -25.42
N LEU M 3 25.10 1.48 -25.13
CA LEU M 3 24.65 1.57 -23.75
C LEU M 3 24.57 0.20 -23.08
N ARG M 4 24.07 -0.81 -23.80
CA ARG M 4 23.84 -2.13 -23.25
C ARG M 4 24.81 -3.14 -23.86
N LEU M 5 25.23 -4.10 -23.04
CA LEU M 5 26.15 -5.13 -23.50
C LEU M 5 25.40 -6.22 -24.27
N PRO M 6 26.10 -6.96 -25.13
CA PRO M 6 25.44 -8.04 -25.89
C PRO M 6 24.88 -9.15 -25.01
N GLN M 7 25.26 -9.24 -23.74
CA GLN M 7 24.81 -10.22 -22.76
C GLN M 7 25.39 -11.61 -23.03
N ASN M 8 26.15 -11.77 -24.12
CA ASN M 8 26.82 -13.00 -24.56
C ASN M 8 25.78 -13.97 -25.08
N PRO M 9 26.10 -14.82 -26.06
CA PRO M 9 25.15 -15.84 -26.48
C PRO M 9 24.96 -16.96 -25.48
N ASN M 10 25.98 -17.25 -24.65
CA ASN M 10 25.89 -18.34 -23.69
C ASN M 10 24.97 -18.03 -22.52
N ALA M 11 24.46 -16.79 -22.41
CA ALA M 11 23.55 -16.46 -21.32
C ALA M 11 22.30 -17.31 -21.35
N GLY M 12 21.78 -17.60 -22.54
CA GLY M 12 20.64 -18.50 -22.67
C GLY M 12 20.99 -19.94 -22.39
N LEU M 13 22.27 -20.30 -22.47
CA LEU M 13 22.70 -21.66 -22.17
C LEU M 13 22.84 -21.85 -20.67
N PHE M 14 22.55 -23.07 -20.21
CA PHE M 14 22.45 -23.40 -18.78
C PHE M 14 21.41 -22.46 -18.17
N LYS M 15 21.65 -21.91 -16.98
CA LYS M 15 20.71 -21.02 -16.32
C LYS M 15 21.46 -19.86 -15.70
N GLN M 16 20.70 -18.83 -15.31
CA GLN M 16 21.30 -17.65 -14.69
C GLN M 16 21.85 -17.93 -13.30
N GLY M 17 21.36 -18.97 -12.63
CA GLY M 17 21.84 -19.31 -11.31
C GLY M 17 23.22 -19.95 -11.30
N TYR M 18 23.62 -20.55 -12.41
CA TYR M 18 24.92 -21.20 -12.50
C TYR M 18 26.03 -20.15 -12.66
N ASN M 19 27.09 -20.31 -11.87
CA ASN M 19 28.24 -19.42 -11.92
C ASN M 19 29.47 -20.21 -12.31
N SER M 20 30.37 -19.57 -13.07
CA SER M 20 31.53 -20.24 -13.64
C SER M 20 32.81 -19.54 -13.21
N TYR M 21 33.74 -20.33 -12.67
CA TYR M 21 35.10 -19.88 -12.37
C TYR M 21 36.06 -20.86 -13.02
N SER M 22 36.79 -20.39 -14.03
CA SER M 22 37.68 -21.23 -14.81
C SER M 22 39.03 -20.55 -14.96
N ASN M 23 40.00 -21.30 -15.49
CA ASN M 23 41.32 -20.75 -15.74
C ASN M 23 41.24 -19.47 -16.57
N ALA M 24 42.00 -18.46 -16.14
CA ALA M 24 42.04 -17.12 -16.74
C ALA M 24 40.75 -16.36 -16.51
N ASP M 25 39.72 -17.05 -16.02
CA ASP M 25 38.45 -16.45 -15.63
C ASP M 25 38.38 -16.13 -14.14
N GLY M 26 39.51 -16.21 -13.45
CA GLY M 26 39.52 -16.21 -12.00
C GLY M 26 39.92 -17.56 -11.44
N GLN M 27 39.74 -17.70 -10.14
CA GLN M 27 40.45 -18.70 -9.32
C GLN M 27 41.94 -18.40 -9.53
N ILE M 28 42.81 -19.41 -9.64
CA ILE M 28 44.24 -19.21 -9.90
C ILE M 28 44.81 -18.20 -8.91
N ILE M 29 45.01 -18.65 -7.66
CA ILE M 29 45.59 -17.96 -6.50
C ILE M 29 44.63 -16.89 -5.99
N LYS M 30 43.51 -16.70 -6.68
CA LYS M 30 42.42 -15.89 -6.14
C LYS M 30 41.67 -16.66 -5.07
N SER M 31 41.08 -17.80 -5.46
CA SER M 31 40.42 -18.67 -4.49
C SER M 31 41.38 -19.11 -3.40
N ILE M 32 42.67 -19.19 -3.70
CA ILE M 32 43.66 -19.51 -2.67
C ILE M 32 43.73 -18.38 -1.64
N ALA M 33 43.56 -17.13 -2.09
CA ALA M 33 43.51 -16.01 -1.16
C ALA M 33 42.19 -15.96 -0.39
N ALA M 34 41.17 -16.72 -0.82
CA ALA M 34 39.90 -16.73 -0.11
C ALA M 34 39.97 -17.60 1.14
N ILE M 35 40.67 -18.75 1.05
CA ILE M 35 40.79 -19.62 2.21
C ILE M 35 41.78 -19.10 3.25
N ARG M 36 42.50 -18.02 2.94
CA ARG M 36 43.45 -17.46 3.90
C ARG M 36 42.72 -16.89 5.12
N GLU M 37 41.46 -16.51 4.97
CA GLU M 37 40.69 -16.04 6.11
C GLU M 37 40.45 -17.17 7.11
N LEU M 38 40.06 -18.34 6.62
CA LEU M 38 39.89 -19.49 7.49
C LEU M 38 41.23 -20.14 7.84
N HIS M 39 42.24 -19.96 6.98
CA HIS M 39 43.57 -20.47 7.32
C HIS M 39 44.16 -19.71 8.50
N GLN M 40 44.00 -18.38 8.52
CA GLN M 40 44.46 -17.60 9.66
C GLN M 40 43.68 -17.95 10.92
N MET M 41 42.43 -18.41 10.76
CA MET M 41 41.65 -18.86 11.90
C MET M 41 42.31 -20.06 12.58
N CYS M 42 42.83 -20.99 11.78
CA CYS M 42 43.47 -22.18 12.34
C CYS M 42 44.88 -21.90 12.81
N LEU M 43 45.55 -20.91 12.24
CA LEU M 43 46.91 -20.58 12.68
C LEU M 43 46.93 -20.07 14.11
N THR M 44 45.89 -19.33 14.52
CA THR M 44 45.83 -18.83 15.90
C THR M 44 45.43 -19.90 16.89
N SER M 45 44.87 -21.02 16.43
CA SER M 45 44.45 -22.12 17.30
C SER M 45 45.49 -23.22 17.40
N MET M 46 46.63 -23.08 16.74
CA MET M 46 47.64 -24.13 16.69
C MET M 46 48.61 -24.01 17.87
N GLY M 47 48.92 -25.15 18.48
CA GLY M 47 49.88 -25.20 19.55
C GLY M 47 49.23 -25.11 20.93
N PRO M 48 50.04 -25.25 21.98
CA PRO M 48 49.50 -25.11 23.33
C PRO M 48 49.05 -23.70 23.66
N CYS M 49 49.62 -22.70 22.99
CA CYS M 49 49.20 -21.31 23.15
C CYS M 49 48.09 -20.92 22.18
N GLY M 50 47.58 -21.87 21.41
CA GLY M 50 46.55 -21.56 20.43
C GLY M 50 45.29 -20.99 21.07
N ARG M 51 44.53 -20.26 20.26
CA ARG M 51 43.34 -19.57 20.71
C ARG M 51 42.10 -20.36 20.32
N ASN M 52 41.21 -20.56 21.29
CA ASN M 52 39.92 -21.19 21.00
C ASN M 52 39.02 -20.21 20.25
N LYS M 53 38.02 -20.76 19.56
CA LYS M 53 37.11 -19.97 18.75
C LYS M 53 35.67 -20.30 19.11
N ILE M 54 34.86 -19.26 19.30
CA ILE M 54 33.45 -19.42 19.64
C ILE M 54 32.64 -19.48 18.34
N ILE M 55 31.80 -20.52 18.23
CA ILE M 55 30.94 -20.71 17.07
C ILE M 55 29.52 -20.91 17.55
N VAL M 56 28.59 -20.11 17.02
CA VAL M 56 27.18 -20.18 17.37
C VAL M 56 26.43 -20.71 16.16
N ASN M 57 25.94 -21.95 16.27
CA ASN M 57 25.14 -22.54 15.20
C ASN M 57 23.74 -21.92 15.17
N HIS M 58 23.06 -22.09 14.04
CA HIS M 58 21.70 -21.60 13.91
C HIS M 58 20.77 -22.15 15.00
N LEU M 59 21.09 -23.30 15.57
CA LEU M 59 20.30 -23.84 16.67
C LEU M 59 20.55 -23.12 17.99
N GLY M 60 21.71 -22.47 18.13
CA GLY M 60 22.04 -21.72 19.33
C GLY M 60 23.10 -22.36 20.21
N LYS M 61 23.51 -23.60 19.93
CA LYS M 61 24.52 -24.26 20.74
C LYS M 61 25.90 -23.69 20.44
N ILE M 62 26.66 -23.41 21.49
CA ILE M 62 27.99 -22.84 21.38
C ILE M 62 29.02 -23.93 21.62
N ILE M 63 29.95 -24.08 20.67
CA ILE M 63 31.03 -25.05 20.77
C ILE M 63 32.35 -24.28 20.74
N ILE M 64 33.08 -24.33 21.85
CA ILE M 64 34.35 -23.61 21.98
C ILE M 64 35.46 -24.65 21.97
N THR M 65 36.24 -24.66 20.89
CA THR M 65 37.37 -25.58 20.77
C THR M 65 38.36 -25.03 19.76
N ASN M 66 39.60 -25.50 19.86
CA ASN M 66 40.65 -25.17 18.91
C ASN M 66 40.82 -26.22 17.82
N ASP M 67 40.00 -27.27 17.83
CA ASP M 67 40.12 -28.35 16.84
C ASP M 67 39.55 -27.88 15.52
N ALA M 68 40.37 -27.97 14.46
CA ALA M 68 39.92 -27.52 13.14
C ALA M 68 38.80 -28.40 12.60
N ALA M 69 38.83 -29.70 12.91
CA ALA M 69 37.78 -30.60 12.42
C ALA M 69 36.44 -30.30 13.07
N THR M 70 36.43 -29.89 14.34
CA THR M 70 35.18 -29.57 15.01
C THR M 70 34.67 -28.19 14.63
N MET M 71 35.57 -27.22 14.46
CA MET M 71 35.14 -25.87 14.09
C MET M 71 34.54 -25.84 12.68
N LEU M 72 35.24 -26.45 11.71
CA LEU M 72 34.76 -26.44 10.34
C LEU M 72 33.51 -27.29 10.14
N ARG M 73 33.13 -28.11 11.13
CA ARG M 73 31.93 -28.93 11.00
C ARG M 73 30.67 -28.11 11.25
N GLU M 74 30.68 -27.24 12.26
CA GLU M 74 29.51 -26.45 12.61
C GLU M 74 29.38 -25.17 11.79
N LEU M 75 30.38 -24.82 10.99
CA LEU M 75 30.33 -23.62 10.17
C LEU M 75 29.74 -23.94 8.80
N ASP M 76 28.78 -23.12 8.37
CA ASP M 76 28.21 -23.24 7.04
C ASP M 76 29.02 -22.37 6.08
N ILE M 77 29.65 -23.01 5.11
CA ILE M 77 30.59 -22.35 4.21
C ILE M 77 30.06 -22.48 2.78
N VAL M 78 29.86 -21.35 2.12
CA VAL M 78 29.36 -21.37 0.75
C VAL M 78 30.48 -21.72 -0.23
N HIS M 79 31.71 -21.32 0.06
CA HIS M 79 32.82 -21.53 -0.85
C HIS M 79 33.10 -23.03 -1.00
N PRO M 80 32.94 -23.59 -2.20
CA PRO M 80 33.05 -25.06 -2.33
C PRO M 80 34.45 -25.60 -2.06
N ALA M 81 35.49 -24.92 -2.54
CA ALA M 81 36.84 -25.45 -2.40
C ALA M 81 37.29 -25.52 -0.94
N VAL M 82 36.62 -24.80 -0.05
CA VAL M 82 36.90 -24.94 1.38
C VAL M 82 36.45 -26.30 1.88
N LYS M 83 35.33 -26.80 1.36
CA LYS M 83 34.84 -28.11 1.76
C LYS M 83 35.85 -29.22 1.43
N VAL M 84 36.67 -29.01 0.41
CA VAL M 84 37.76 -29.95 0.13
C VAL M 84 38.72 -30.00 1.30
N LEU M 85 38.99 -28.84 1.91
CA LEU M 85 39.82 -28.79 3.11
C LEU M 85 39.05 -29.21 4.35
N VAL M 86 37.74 -28.92 4.39
CA VAL M 86 36.92 -29.33 5.53
C VAL M 86 36.79 -30.85 5.57
N MET M 87 36.44 -31.46 4.44
CA MET M 87 36.36 -32.91 4.39
C MET M 87 37.71 -33.58 4.57
N ALA M 88 38.81 -32.86 4.29
CA ALA M 88 40.13 -33.40 4.56
C ALA M 88 40.40 -33.49 6.05
N THR M 89 39.91 -32.51 6.82
CA THR M 89 40.06 -32.55 8.27
C THR M 89 39.10 -33.54 8.91
N GLU M 90 37.98 -33.83 8.25
CA GLU M 90 37.04 -34.82 8.79
C GLU M 90 37.61 -36.23 8.74
N GLN M 91 38.40 -36.54 7.71
CA GLN M 91 39.04 -37.86 7.64
C GLN M 91 40.04 -38.03 8.76
N GLN M 92 40.74 -36.95 9.14
CA GLN M 92 41.74 -37.04 10.19
C GLN M 92 41.12 -37.36 11.54
N LYS M 93 39.91 -36.84 11.80
CA LYS M 93 39.25 -37.08 13.08
C LYS M 93 38.60 -38.46 13.14
N ILE M 94 38.05 -38.93 12.02
CA ILE M 94 37.33 -40.20 12.03
C ILE M 94 38.31 -41.36 12.17
N ASP M 95 39.36 -41.38 11.35
CA ASP M 95 40.28 -42.52 11.34
C ASP M 95 41.30 -42.43 12.46
N MET M 96 42.25 -41.50 12.33
CA MET M 96 43.31 -41.38 13.33
C MET M 96 42.85 -40.63 14.57
N GLY M 97 42.09 -39.55 14.38
CA GLY M 97 41.64 -38.74 15.51
C GLY M 97 42.67 -37.79 16.05
N ASP M 98 43.84 -37.67 15.41
CA ASP M 98 44.90 -36.78 15.86
C ASP M 98 45.54 -36.13 14.65
N GLY M 99 45.87 -34.85 14.76
CA GLY M 99 46.49 -34.12 13.68
C GLY M 99 45.54 -33.33 12.80
N THR M 100 44.33 -33.03 13.27
CA THR M 100 43.38 -32.29 12.45
C THR M 100 43.87 -30.87 12.17
N ASN M 101 44.54 -30.26 13.14
CA ASN M 101 45.05 -28.90 12.93
C ASN M 101 46.22 -28.90 11.95
N LEU M 102 47.00 -29.98 11.90
CA LEU M 102 48.15 -30.02 11.00
C LEU M 102 47.71 -30.17 9.55
N VAL M 103 46.62 -30.89 9.30
CA VAL M 103 46.16 -31.10 7.92
C VAL M 103 45.67 -29.80 7.31
N MET M 104 44.91 -29.02 8.08
CA MET M 104 44.36 -27.77 7.54
C MET M 104 45.45 -26.73 7.31
N ILE M 105 46.45 -26.70 8.20
CA ILE M 105 47.51 -25.71 8.08
C ILE M 105 48.49 -26.08 6.97
N LEU M 106 48.87 -27.36 6.89
CA LEU M 106 49.83 -27.78 5.88
C LEU M 106 49.23 -27.68 4.49
N ALA M 107 47.98 -28.11 4.31
CA ALA M 107 47.34 -28.04 3.00
C ALA M 107 47.10 -26.59 2.58
N GLY M 108 46.89 -25.69 3.55
CA GLY M 108 46.70 -24.29 3.21
C GLY M 108 47.96 -23.60 2.77
N GLU M 109 49.11 -24.01 3.30
CA GLU M 109 50.38 -23.42 2.90
C GLU M 109 50.88 -23.97 1.58
N LEU M 110 50.52 -25.22 1.24
CA LEU M 110 50.90 -25.77 -0.06
C LEU M 110 50.24 -25.00 -1.19
N LEU M 111 49.05 -24.45 -0.96
CA LEU M 111 48.41 -23.60 -1.95
C LEU M 111 49.01 -22.19 -1.94
N ASN M 112 49.56 -21.76 -0.81
CA ASN M 112 50.18 -20.44 -0.72
C ASN M 112 51.55 -20.41 -1.39
N VAL M 113 52.33 -21.49 -1.22
CA VAL M 113 53.64 -21.55 -1.88
C VAL M 113 53.50 -21.76 -3.38
N SER M 114 52.36 -22.28 -3.84
CA SER M 114 52.11 -22.42 -5.27
C SER M 114 51.74 -21.10 -5.94
N GLU M 115 51.53 -20.04 -5.16
CA GLU M 115 51.25 -18.73 -5.74
C GLU M 115 52.42 -18.24 -6.57
N LYS M 116 53.65 -18.45 -6.09
CA LYS M 116 54.82 -18.04 -6.85
C LYS M 116 55.05 -18.96 -8.05
N LEU M 117 54.69 -20.24 -7.93
CA LEU M 117 54.90 -21.17 -9.03
C LEU M 117 54.02 -20.82 -10.23
N ILE M 118 52.73 -20.60 -9.97
CA ILE M 118 51.82 -20.25 -11.08
C ILE M 118 52.17 -18.88 -11.65
N SER M 119 52.63 -17.96 -10.81
CA SER M 119 53.00 -16.63 -11.30
C SER M 119 54.19 -16.69 -12.24
N MET M 120 55.03 -17.72 -12.12
CA MET M 120 56.18 -17.89 -13.00
C MET M 120 55.83 -18.63 -14.28
N GLY M 121 54.57 -19.01 -14.47
CA GLY M 121 54.15 -19.70 -15.67
C GLY M 121 54.18 -21.21 -15.58
N LEU M 122 54.31 -21.78 -14.39
CA LEU M 122 54.34 -23.23 -14.23
C LEU M 122 52.92 -23.78 -14.26
N SER M 123 52.66 -24.69 -15.20
CA SER M 123 51.33 -25.25 -15.36
C SER M 123 50.98 -26.15 -14.18
N ALA M 124 49.68 -26.26 -13.91
CA ALA M 124 49.21 -27.08 -12.79
C ALA M 124 49.43 -28.57 -13.02
N VAL M 125 49.72 -28.99 -14.25
CA VAL M 125 49.98 -30.39 -14.53
C VAL M 125 51.30 -30.82 -13.90
N GLU M 126 52.35 -30.02 -14.10
CA GLU M 126 53.65 -30.32 -13.52
C GLU M 126 53.71 -30.02 -12.03
N ILE M 127 52.77 -29.24 -11.50
CA ILE M 127 52.74 -28.97 -10.07
C ILE M 127 52.28 -30.20 -9.31
N ILE M 128 51.31 -30.93 -9.85
CA ILE M 128 50.83 -32.16 -9.20
C ILE M 128 51.94 -33.20 -9.13
N GLN M 129 52.71 -33.35 -10.21
CA GLN M 129 53.83 -34.28 -10.22
C GLN M 129 54.94 -33.85 -9.27
N GLY M 130 55.03 -32.57 -8.95
CA GLY M 130 56.06 -32.11 -8.03
C GLY M 130 55.76 -32.48 -6.59
N TYR M 131 54.50 -32.37 -6.18
CA TYR M 131 54.13 -32.73 -4.81
C TYR M 131 54.03 -34.24 -4.61
N ASN M 132 53.67 -34.98 -5.66
CA ASN M 132 53.56 -36.43 -5.54
C ASN M 132 54.92 -37.08 -5.34
N MET M 133 55.92 -36.65 -6.10
CA MET M 133 57.26 -37.20 -5.93
C MET M 133 57.91 -36.71 -4.65
N ALA M 134 57.55 -35.52 -4.18
CA ALA M 134 58.08 -35.02 -2.92
C ALA M 134 57.40 -35.67 -1.72
N ARG M 135 56.15 -36.11 -1.87
CA ARG M 135 55.45 -36.78 -0.77
C ARG M 135 56.00 -38.18 -0.55
N LYS M 136 56.40 -38.87 -1.63
CA LYS M 136 56.95 -40.21 -1.49
C LYS M 136 58.31 -40.16 -0.79
N PHE M 137 59.11 -39.13 -1.08
CA PHE M 137 60.41 -39.00 -0.41
C PHE M 137 60.25 -38.59 1.04
N THR M 138 59.17 -37.89 1.38
CA THR M 138 58.95 -37.48 2.76
C THR M 138 58.63 -38.66 3.65
N LEU M 139 57.78 -39.57 3.18
CA LEU M 139 57.37 -40.71 4.00
C LEU M 139 58.53 -41.69 4.21
N LYS M 140 59.47 -41.75 3.26
CA LYS M 140 60.60 -42.68 3.38
C LYS M 140 61.66 -42.19 4.37
N GLU M 141 61.74 -40.88 4.60
CA GLU M 141 62.75 -40.32 5.50
C GLU M 141 62.28 -40.23 6.95
N LEU M 142 61.00 -40.50 7.22
CA LEU M 142 60.47 -40.40 8.57
C LEU M 142 60.85 -41.58 9.44
N ASP M 143 61.28 -42.70 8.85
CA ASP M 143 61.60 -43.89 9.63
C ASP M 143 62.97 -43.78 10.29
N GLU M 144 63.93 -43.15 9.62
CA GLU M 144 65.28 -43.05 10.16
C GLU M 144 65.40 -42.04 11.30
N MET M 145 64.41 -41.16 11.48
CA MET M 145 64.46 -40.13 12.50
C MET M 145 63.79 -40.56 13.80
N VAL M 146 63.36 -41.81 13.92
CA VAL M 146 62.61 -42.27 15.08
C VAL M 146 63.60 -42.83 16.10
N VAL M 147 63.78 -42.12 17.22
CA VAL M 147 64.53 -42.64 18.36
C VAL M 147 63.61 -43.16 19.46
N GLY M 148 62.30 -43.07 19.29
CA GLY M 148 61.36 -43.38 20.34
C GLY M 148 60.67 -44.73 20.22
N GLU M 149 61.29 -45.66 19.49
CA GLU M 149 60.70 -46.98 19.32
C GLU M 149 60.58 -47.68 20.67
N ILE M 150 59.37 -48.14 21.00
CA ILE M 150 59.06 -48.74 22.28
C ILE M 150 58.21 -49.97 22.06
N THR M 151 58.60 -51.09 22.67
CA THR M 151 57.89 -52.35 22.56
C THR M 151 56.93 -52.60 23.73
N ASP M 152 56.82 -51.67 24.67
CA ASP M 152 56.05 -51.93 25.89
C ASP M 152 54.55 -51.73 25.66
N LYS M 153 54.13 -50.49 25.53
CA LYS M 153 52.70 -50.13 25.36
C LYS M 153 51.86 -50.65 26.52
N ASN M 154 52.48 -50.79 27.71
CA ASN M 154 51.79 -51.34 28.87
C ASN M 154 51.93 -50.42 30.07
N ASP M 155 53.17 -50.22 30.53
CA ASP M 155 53.41 -49.44 31.75
C ASP M 155 52.89 -48.01 31.59
N LYS M 156 52.45 -47.44 32.72
CA LYS M 156 51.83 -46.11 32.70
C LYS M 156 52.83 -45.03 32.34
N ASN M 157 54.08 -45.18 32.78
CA ASN M 157 55.10 -44.17 32.49
C ASN M 157 55.45 -44.12 31.01
N GLU M 158 55.23 -45.20 30.27
CA GLU M 158 55.49 -45.20 28.84
C GLU M 158 54.48 -44.36 28.07
N LEU M 159 53.31 -44.09 28.66
CA LEU M 159 52.30 -43.26 28.01
C LEU M 159 52.56 -41.77 28.20
N LEU M 160 53.56 -41.39 29.01
CA LEU M 160 53.86 -39.98 29.20
C LEU M 160 54.51 -39.35 27.96
N LYS M 161 55.03 -40.16 27.05
CA LYS M 161 55.61 -39.67 25.81
C LYS M 161 54.62 -39.70 24.65
N MET M 162 53.38 -40.11 24.90
CA MET M 162 52.38 -40.21 23.84
C MET M 162 51.12 -39.42 24.19
N ILE M 163 50.43 -39.83 25.25
CA ILE M 163 49.18 -39.19 25.62
C ILE M 163 49.43 -37.79 26.16
N LYS M 164 50.46 -37.61 26.98
CA LYS M 164 50.75 -36.34 27.61
C LYS M 164 51.12 -35.25 26.60
N PRO M 165 51.97 -35.52 25.59
CA PRO M 165 52.23 -34.48 24.59
C PRO M 165 50.99 -34.04 23.83
N VAL M 166 50.03 -34.94 23.61
CA VAL M 166 48.79 -34.56 22.96
C VAL M 166 47.97 -33.65 23.86
N ILE M 167 47.92 -33.96 25.16
CA ILE M 167 47.19 -33.14 26.11
C ILE M 167 47.89 -31.81 26.34
N SER M 168 49.19 -31.73 26.08
CA SER M 168 49.91 -30.47 26.28
C SER M 168 49.37 -29.36 25.38
N SER M 169 48.90 -29.70 24.18
CA SER M 169 48.41 -28.70 23.26
C SER M 169 47.02 -28.20 23.65
N LYS M 170 46.09 -29.11 23.91
CA LYS M 170 44.73 -28.76 24.26
C LYS M 170 44.59 -28.64 25.77
N LYS M 171 44.09 -27.48 26.23
CA LYS M 171 43.96 -27.19 27.66
C LYS M 171 45.32 -27.29 28.35
N TYR M 172 46.27 -26.50 27.83
CA TYR M 172 47.63 -26.49 28.35
C TYR M 172 47.69 -26.16 29.84
N GLY M 173 46.65 -25.52 30.39
CA GLY M 173 46.63 -25.20 31.80
C GLY M 173 46.67 -26.41 32.71
N SER M 174 46.35 -27.59 32.18
CA SER M 174 46.37 -28.82 32.96
C SER M 174 47.23 -29.84 32.22
N GLU M 175 48.21 -30.41 32.93
CA GLU M 175 49.12 -31.39 32.34
C GLU M 175 49.05 -32.72 33.10
N ASP M 176 49.52 -32.78 34.34
CA ASP M 176 49.51 -34.04 35.07
C ASP M 176 48.11 -34.44 35.52
N ILE M 177 47.18 -33.49 35.60
CA ILE M 177 45.82 -33.82 36.04
C ILE M 177 45.07 -34.55 34.93
N LEU M 178 45.12 -34.02 33.71
CA LEU M 178 44.42 -34.66 32.59
C LEU M 178 45.13 -35.90 32.09
N SER M 179 46.46 -35.94 32.17
CA SER M 179 47.20 -37.11 31.73
C SER M 179 46.97 -38.31 32.65
N GLU M 180 46.82 -38.06 33.95
CA GLU M 180 46.56 -39.16 34.88
C GLU M 180 45.17 -39.76 34.67
N LEU M 181 44.20 -38.94 34.24
CA LEU M 181 42.86 -39.46 34.01
C LEU M 181 42.83 -40.42 32.84
N VAL M 182 43.56 -40.10 31.76
CA VAL M 182 43.56 -40.96 30.58
C VAL M 182 44.47 -42.17 30.80
N SER M 183 45.65 -41.96 31.40
CA SER M 183 46.59 -43.06 31.59
C SER M 183 46.03 -44.11 32.54
N GLU M 184 45.27 -43.69 33.56
CA GLU M 184 44.67 -44.64 34.48
C GLU M 184 43.49 -45.36 33.83
N ALA M 185 42.76 -44.69 32.94
CA ALA M 185 41.65 -45.34 32.26
C ALA M 185 42.12 -46.38 31.26
N VAL M 186 43.28 -46.13 30.63
CA VAL M 186 43.83 -47.12 29.69
C VAL M 186 44.35 -48.34 30.43
N SER M 187 44.93 -48.12 31.62
CA SER M 187 45.44 -49.24 32.41
C SER M 187 44.31 -50.15 32.88
N HIS M 188 43.10 -49.61 33.05
CA HIS M 188 41.98 -50.43 33.49
C HIS M 188 41.39 -51.24 32.35
N VAL M 189 41.28 -50.66 31.16
CA VAL M 189 40.64 -51.35 30.04
C VAL M 189 41.54 -52.42 29.44
N LEU M 190 42.84 -52.35 29.66
CA LEU M 190 43.74 -53.37 29.13
C LEU M 190 43.78 -54.57 30.07
N PRO M 191 43.69 -55.79 29.55
CA PRO M 191 43.73 -56.97 30.43
C PRO M 191 45.12 -57.19 31.01
N VAL M 192 45.14 -57.73 32.22
CA VAL M 192 46.38 -58.01 32.93
C VAL M 192 46.88 -59.38 32.52
N ALA M 193 48.07 -59.42 31.92
CA ALA M 193 48.68 -60.66 31.48
C ALA M 193 50.18 -60.47 31.39
N GLN M 194 50.90 -61.60 31.40
CA GLN M 194 52.36 -61.55 31.29
C GLN M 194 52.80 -61.03 29.93
N GLN M 195 52.32 -61.67 28.87
CA GLN M 195 52.62 -61.24 27.50
C GLN M 195 51.35 -61.32 26.68
N ALA M 196 50.92 -60.18 26.14
CA ALA M 196 49.72 -60.09 25.32
C ALA M 196 50.14 -59.73 23.90
N GLY M 197 50.02 -60.70 22.98
CA GLY M 197 50.36 -60.51 21.60
C GLY M 197 49.14 -60.47 20.70
N GLU M 198 49.40 -60.65 19.40
CA GLU M 198 48.35 -60.73 18.38
C GLU M 198 47.50 -59.47 18.30
N ILE M 199 48.09 -58.33 18.70
CA ILE M 199 47.43 -57.03 18.65
C ILE M 199 46.08 -57.09 19.35
N PRO M 200 46.06 -57.11 20.69
CA PRO M 200 44.78 -57.16 21.40
C PRO M 200 43.86 -56.01 20.98
N TYR M 201 42.57 -56.32 20.89
CA TYR M 201 41.60 -55.36 20.38
C TYR M 201 41.44 -54.19 21.33
N PHE M 202 41.36 -52.99 20.76
CA PHE M 202 41.12 -51.78 21.52
C PHE M 202 40.22 -50.85 20.72
N ASN M 203 39.27 -50.22 21.40
CA ASN M 203 38.32 -49.32 20.76
C ASN M 203 38.18 -48.06 21.58
N VAL M 204 37.63 -47.02 20.93
CA VAL M 204 37.40 -45.74 21.62
C VAL M 204 36.22 -45.79 22.58
N ASP M 205 35.44 -46.88 22.56
CA ASP M 205 34.30 -47.03 23.45
C ASP M 205 34.68 -47.56 24.82
N SER M 206 35.95 -47.93 25.03
CA SER M 206 36.36 -48.44 26.34
C SER M 206 36.53 -47.32 27.36
N ILE M 207 36.92 -46.13 26.92
CA ILE M 207 37.03 -44.95 27.79
C ILE M 207 35.89 -44.01 27.47
N ARG M 208 35.19 -43.56 28.50
CA ARG M 208 34.07 -42.65 28.34
C ARG M 208 34.26 -41.42 29.22
N VAL M 209 33.48 -40.38 28.92
CA VAL M 209 33.56 -39.11 29.63
C VAL M 209 32.17 -38.72 30.08
N VAL M 210 31.98 -38.60 31.39
CA VAL M 210 30.73 -38.14 31.98
C VAL M 210 31.02 -36.80 32.64
N LYS M 211 30.46 -35.73 32.08
CA LYS M 211 30.75 -34.37 32.55
C LYS M 211 29.75 -33.96 33.62
N ILE M 212 30.27 -33.48 34.74
CA ILE M 212 29.46 -33.02 35.87
C ILE M 212 29.81 -31.58 36.16
N MET M 213 28.80 -30.72 36.27
CA MET M 213 29.03 -29.31 36.53
C MET M 213 29.52 -29.09 37.95
N GLY M 214 30.36 -28.07 38.12
CA GLY M 214 30.88 -27.71 39.42
C GLY M 214 32.11 -28.53 39.80
N GLY M 215 32.91 -27.96 40.69
CA GLY M 215 34.10 -28.62 41.18
C GLY M 215 35.33 -28.31 40.35
N SER M 216 36.48 -28.35 41.01
CA SER M 216 37.75 -28.11 40.34
C SER M 216 38.17 -29.34 39.53
N LEU M 217 38.99 -29.09 38.51
CA LEU M 217 39.47 -30.18 37.68
C LEU M 217 40.41 -31.10 38.44
N SER M 218 41.11 -30.59 39.44
CA SER M 218 42.01 -31.42 40.24
C SER M 218 41.24 -32.44 41.09
N ASN M 219 39.99 -32.16 41.42
CA ASN M 219 39.18 -33.09 42.20
C ASN M 219 38.69 -34.29 41.39
N SER M 220 38.91 -34.29 40.08
CA SER M 220 38.47 -35.39 39.24
C SER M 220 39.24 -36.67 39.57
N THR M 221 38.62 -37.81 39.29
CA THR M 221 39.21 -39.11 39.55
C THR M 221 38.84 -40.06 38.42
N VAL M 222 39.31 -41.30 38.52
CA VAL M 222 39.07 -42.33 37.52
C VAL M 222 38.19 -43.41 38.15
N ILE M 223 37.13 -43.79 37.46
CA ILE M 223 36.20 -44.81 37.92
C ILE M 223 36.21 -45.96 36.92
N LYS M 224 36.39 -47.18 37.43
CA LYS M 224 36.46 -48.35 36.55
C LYS M 224 35.12 -48.67 35.93
N GLY M 225 34.02 -48.30 36.59
CA GLY M 225 32.69 -48.55 36.09
C GLY M 225 32.18 -47.42 35.20
N MET M 226 30.86 -47.24 35.22
CA MET M 226 30.21 -46.17 34.47
C MET M 226 29.35 -45.36 35.43
N VAL M 227 29.18 -44.08 35.10
CA VAL M 227 28.37 -43.16 35.90
C VAL M 227 27.25 -42.65 35.01
N PHE M 228 26.02 -43.05 35.32
CA PHE M 228 24.83 -42.60 34.61
C PHE M 228 23.93 -41.84 35.56
N ASN M 229 23.11 -40.95 35.01
CA ASN M 229 22.18 -40.14 35.79
C ASN M 229 20.80 -40.76 35.65
N ARG M 230 20.32 -41.41 36.72
CA ARG M 230 19.02 -42.07 36.73
C ARG M 230 18.45 -41.94 38.14
N GLU M 231 17.25 -42.49 38.33
CA GLU M 231 16.60 -42.51 39.63
C GLU M 231 16.42 -43.95 40.10
N PRO M 232 17.17 -44.40 41.10
CA PRO M 232 16.93 -45.74 41.65
C PRO M 232 15.55 -45.83 42.28
N GLU M 233 15.03 -47.06 42.35
CA GLU M 233 13.68 -47.30 42.83
C GLU M 233 13.62 -48.55 43.69
N GLY M 234 12.87 -48.47 44.79
CA GLY M 234 12.45 -49.62 45.55
C GLY M 234 13.20 -49.87 46.85
N HIS M 235 14.44 -49.39 46.97
CA HIS M 235 15.22 -49.63 48.18
C HIS M 235 16.57 -48.92 48.06
N VAL M 236 17.23 -48.76 49.21
CA VAL M 236 18.59 -48.26 49.30
C VAL M 236 19.54 -49.44 49.14
N LYS M 237 20.70 -49.19 48.55
CA LYS M 237 21.68 -50.25 48.32
C LYS M 237 22.18 -50.82 49.65
N SER M 238 22.67 -52.06 49.58
CA SER M 238 23.16 -52.77 50.74
C SER M 238 24.65 -52.53 51.00
N LEU M 239 25.29 -51.67 50.20
CA LEU M 239 26.71 -51.32 50.35
C LEU M 239 27.52 -52.60 50.14
N SER M 240 28.46 -52.95 51.02
CA SER M 240 29.31 -54.11 50.85
C SER M 240 28.78 -55.35 51.57
N GLU M 241 27.60 -55.27 52.18
CA GLU M 241 27.08 -56.41 52.92
C GLU M 241 26.88 -57.63 52.03
N ASP M 242 26.50 -57.42 50.78
CA ASP M 242 26.34 -58.51 49.83
C ASP M 242 27.62 -58.85 49.07
N LYS M 243 28.65 -58.01 49.19
CA LYS M 243 29.95 -58.20 48.51
C LYS M 243 29.66 -58.31 47.01
N LYS M 244 30.26 -59.27 46.30
CA LYS M 244 29.98 -59.41 44.88
C LYS M 244 28.58 -59.99 44.67
N HIS M 245 27.78 -59.28 43.88
CA HIS M 245 26.40 -59.68 43.59
C HIS M 245 26.23 -59.92 42.10
N LYS M 246 25.47 -60.94 41.76
CA LYS M 246 25.24 -61.27 40.36
C LYS M 246 24.26 -60.27 39.75
N VAL M 247 24.62 -59.74 38.58
CA VAL M 247 23.82 -58.76 37.87
C VAL M 247 23.32 -59.38 36.57
N ALA M 248 22.01 -59.32 36.36
CA ALA M 248 21.38 -59.86 35.16
C ALA M 248 20.90 -58.71 34.29
N VAL M 249 21.38 -58.67 33.06
CA VAL M 249 20.97 -57.64 32.09
C VAL M 249 19.96 -58.25 31.14
N PHE M 250 18.74 -57.72 31.15
CA PHE M 250 17.65 -58.22 30.33
C PHE M 250 17.33 -57.18 29.25
N THR M 251 17.36 -57.61 27.99
CA THR M 251 17.04 -56.69 26.90
C THR M 251 15.56 -56.36 26.88
N CYS M 252 14.71 -57.38 26.94
CA CYS M 252 13.27 -57.17 26.97
C CYS M 252 12.82 -56.72 28.36
N PRO M 253 11.74 -55.94 28.44
CA PRO M 253 11.26 -55.50 29.75
C PRO M 253 10.70 -56.64 30.57
N LEU M 254 10.56 -56.39 31.87
CA LEU M 254 10.04 -57.39 32.79
C LEU M 254 8.53 -57.22 32.90
N ASP M 255 7.79 -58.21 32.43
CA ASP M 255 6.34 -58.20 32.37
C ASP M 255 5.90 -59.53 31.78
N ILE M 256 4.62 -59.85 31.95
CA ILE M 256 4.08 -61.08 31.37
C ILE M 256 4.18 -61.00 29.86
N ALA M 257 4.74 -62.04 29.24
CA ALA M 257 5.00 -62.03 27.81
C ALA M 257 3.71 -61.92 27.02
N ASN M 258 3.67 -60.96 26.10
CA ASN M 258 2.52 -60.73 25.24
C ASN M 258 2.94 -60.81 23.78
N THR M 259 1.98 -61.12 22.92
CA THR M 259 2.25 -61.24 21.50
C THR M 259 2.46 -59.86 20.87
N GLU M 260 3.13 -59.85 19.71
CA GLU M 260 3.37 -58.59 19.01
C GLU M 260 2.06 -57.95 18.56
N THR M 261 1.09 -58.75 18.14
CA THR M 261 -0.21 -58.23 17.78
C THR M 261 -0.96 -57.76 19.03
N LYS M 262 -1.94 -56.88 18.81
CA LYS M 262 -2.68 -56.29 19.91
C LYS M 262 -3.72 -57.27 20.42
N GLY M 263 -3.60 -57.66 21.69
CA GLY M 263 -4.53 -58.56 22.34
C GLY M 263 -5.44 -57.82 23.31
N THR M 264 -6.44 -58.55 23.80
CA THR M 264 -7.36 -58.04 24.80
C THR M 264 -7.91 -59.19 25.61
N VAL M 265 -8.46 -58.87 26.77
CA VAL M 265 -9.00 -59.89 27.68
C VAL M 265 -10.41 -60.26 27.24
N LEU M 266 -10.67 -61.56 27.12
CA LEU M 266 -11.98 -62.08 26.75
C LEU M 266 -12.48 -62.95 27.90
N LEU M 267 -13.55 -62.51 28.56
CA LEU M 267 -14.11 -63.19 29.72
C LEU M 267 -15.55 -63.59 29.40
N HIS M 268 -15.79 -64.91 29.30
CA HIS M 268 -17.13 -65.40 29.00
C HIS M 268 -18.02 -65.40 30.24
N ASN M 269 -17.47 -65.81 31.38
CA ASN M 269 -18.22 -65.92 32.62
C ASN M 269 -17.50 -65.19 33.74
N ALA M 270 -18.22 -64.95 34.84
CA ALA M 270 -17.65 -64.25 35.99
C ALA M 270 -16.72 -65.13 36.81
N GLN M 271 -16.71 -66.44 36.57
CA GLN M 271 -15.79 -67.31 37.30
C GLN M 271 -14.33 -66.99 36.98
N GLU M 272 -14.05 -66.60 35.74
CA GLU M 272 -12.71 -66.19 35.36
C GLU M 272 -12.37 -64.78 35.80
N MET M 273 -13.36 -63.99 36.22
CA MET M 273 -13.09 -62.63 36.67
C MET M 273 -12.45 -62.62 38.06
N LEU M 274 -12.84 -63.54 38.93
CA LEU M 274 -12.24 -63.61 40.26
C LEU M 274 -10.80 -64.07 40.19
N ASP M 275 -10.49 -64.97 39.26
CA ASP M 275 -9.13 -65.46 39.08
C ASP M 275 -8.28 -64.57 38.17
N PHE M 276 -8.89 -63.53 37.58
CA PHE M 276 -8.12 -62.63 36.74
C PHE M 276 -7.23 -61.70 37.56
N SER M 277 -7.66 -61.34 38.76
CA SER M 277 -6.85 -60.47 39.61
C SER M 277 -5.60 -61.20 40.11
N LYS M 278 -5.78 -62.40 40.69
CA LYS M 278 -4.66 -63.18 41.17
C LYS M 278 -3.95 -63.94 40.06
N GLY M 279 -4.52 -63.99 38.86
CA GLY M 279 -3.86 -64.69 37.76
C GLY M 279 -2.61 -63.97 37.29
N GLU M 280 -2.73 -62.66 37.04
CA GLU M 280 -1.57 -61.88 36.63
C GLU M 280 -0.55 -61.71 37.75
N GLU M 281 -0.97 -61.85 39.01
CA GLU M 281 -0.04 -61.71 40.11
C GLU M 281 0.87 -62.93 40.22
N LYS M 282 0.29 -64.13 40.15
CA LYS M 282 1.08 -65.35 40.27
C LYS M 282 1.80 -65.73 38.99
N GLN M 283 1.37 -65.21 37.85
CA GLN M 283 2.03 -65.53 36.59
C GLN M 283 3.40 -64.87 36.50
N ILE M 284 3.47 -63.57 36.77
CA ILE M 284 4.75 -62.87 36.74
C ILE M 284 5.60 -63.19 37.97
N ASP M 285 4.98 -63.60 39.07
CA ASP M 285 5.74 -63.95 40.27
C ASP M 285 6.55 -65.22 40.07
N ALA M 286 6.07 -66.13 39.22
CA ALA M 286 6.79 -67.38 38.99
C ALA M 286 8.13 -67.12 38.29
N MET M 287 8.16 -66.17 37.36
CA MET M 287 9.41 -65.84 36.69
C MET M 287 10.32 -64.98 37.55
N MET M 288 9.74 -64.18 38.45
CA MET M 288 10.55 -63.36 39.36
C MET M 288 11.07 -64.16 40.55
N LYS M 289 10.46 -65.30 40.85
CA LYS M 289 10.93 -66.11 41.98
C LYS M 289 12.19 -66.87 41.63
N GLU M 290 12.32 -67.32 40.38
CA GLU M 290 13.51 -68.05 39.96
C GLU M 290 14.74 -67.15 39.90
N ILE M 291 14.55 -65.84 39.76
CA ILE M 291 15.70 -64.93 39.71
C ILE M 291 16.29 -64.75 41.10
N ALA M 292 15.43 -64.63 42.12
CA ALA M 292 15.93 -64.46 43.48
C ALA M 292 16.61 -65.71 44.00
N ASP M 293 16.26 -66.88 43.47
CA ASP M 293 16.89 -68.12 43.89
C ASP M 293 18.32 -68.23 43.37
N MET M 294 18.66 -67.54 42.30
CA MET M 294 20.00 -67.56 41.74
C MET M 294 20.92 -66.52 42.37
N GLY M 295 20.42 -65.70 43.28
CA GLY M 295 21.25 -64.70 43.92
C GLY M 295 21.52 -63.47 43.07
N VAL M 296 20.55 -63.05 42.27
CA VAL M 296 20.71 -61.89 41.40
C VAL M 296 20.16 -60.67 42.14
N GLU M 297 21.06 -59.75 42.51
CA GLU M 297 20.67 -58.56 43.26
C GLU M 297 20.39 -57.36 42.37
N CYS M 298 20.65 -57.45 41.06
CA CYS M 298 20.44 -56.33 40.16
C CYS M 298 19.89 -56.83 38.84
N ILE M 299 18.83 -56.18 38.35
CA ILE M 299 18.22 -56.49 37.07
C ILE M 299 18.12 -55.21 36.27
N VAL M 300 18.60 -55.26 35.02
CA VAL M 300 18.60 -54.10 34.13
C VAL M 300 17.72 -54.46 32.92
N ALA M 301 16.62 -53.72 32.76
CA ALA M 301 15.71 -53.91 31.64
C ALA M 301 15.65 -52.62 30.83
N GLY M 302 16.07 -52.69 29.57
CA GLY M 302 16.17 -51.50 28.75
C GLY M 302 14.85 -50.77 28.59
N ALA M 303 13.78 -51.51 28.34
CA ALA M 303 12.47 -50.90 28.14
C ALA M 303 11.82 -50.60 29.49
N GLY M 304 10.62 -50.02 29.44
CA GLY M 304 9.92 -49.67 30.66
C GLY M 304 9.39 -50.91 31.38
N VAL M 305 9.57 -50.92 32.69
CA VAL M 305 9.14 -52.03 33.53
C VAL M 305 7.82 -51.66 34.19
N GLY M 306 6.84 -52.55 34.11
CA GLY M 306 5.56 -52.30 34.73
C GLY M 306 5.64 -52.32 36.24
N GLU M 307 4.59 -51.78 36.87
CA GLU M 307 4.54 -51.73 38.32
C GLU M 307 4.37 -53.11 38.94
N LEU M 308 3.71 -54.02 38.22
CA LEU M 308 3.53 -55.38 38.74
C LEU M 308 4.85 -56.11 38.89
N ALA M 309 5.80 -55.86 37.98
CA ALA M 309 7.12 -56.48 38.09
C ALA M 309 7.99 -55.78 39.13
N LEU M 310 7.82 -54.46 39.28
CA LEU M 310 8.59 -53.73 40.29
C LEU M 310 8.13 -54.05 41.71
N HIS M 311 6.90 -54.51 41.88
CA HIS M 311 6.39 -54.82 43.22
C HIS M 311 7.17 -55.97 43.86
N TYR M 312 7.43 -57.04 43.09
CA TYR M 312 8.08 -58.21 43.67
C TYR M 312 9.56 -57.96 43.89
N LEU M 313 10.22 -57.26 42.97
CA LEU M 313 11.66 -57.07 43.07
C LEU M 313 12.06 -56.13 44.20
N ASN M 314 11.11 -55.38 44.76
CA ASN M 314 11.46 -54.45 45.83
C ASN M 314 11.62 -55.16 47.17
N ARG M 315 10.84 -56.20 47.44
CA ARG M 315 10.92 -56.89 48.73
C ARG M 315 12.15 -57.80 48.80
N TYR M 316 12.55 -58.40 47.68
CA TYR M 316 13.75 -59.23 47.66
C TYR M 316 15.03 -58.40 47.65
N GLY M 317 14.93 -57.09 47.49
CA GLY M 317 16.12 -56.26 47.45
C GLY M 317 16.88 -56.32 46.14
N ILE M 318 16.17 -56.36 45.02
CA ILE M 318 16.80 -56.47 43.70
C ILE M 318 16.73 -55.11 43.02
N LEU M 319 17.88 -54.63 42.55
CA LEU M 319 17.95 -53.32 41.92
C LEU M 319 17.39 -53.36 40.49
N VAL M 320 16.68 -52.30 40.14
CA VAL M 320 16.12 -52.13 38.80
C VAL M 320 16.64 -50.81 38.23
N LEU M 321 17.17 -50.86 37.02
CA LEU M 321 17.71 -49.68 36.35
C LEU M 321 17.22 -49.67 34.90
N LYS M 322 16.67 -48.53 34.48
CA LYS M 322 16.03 -48.46 33.16
C LYS M 322 17.05 -48.60 32.03
N VAL M 323 18.05 -47.74 32.00
CA VAL M 323 19.00 -47.65 30.89
C VAL M 323 18.22 -47.54 29.59
N PRO M 324 17.60 -46.39 29.29
CA PRO M 324 16.79 -46.28 28.06
C PRO M 324 17.61 -46.46 26.79
N SER M 325 18.81 -45.90 26.73
CA SER M 325 19.63 -45.96 25.53
C SER M 325 20.23 -47.36 25.37
N LYS M 326 20.20 -47.85 24.13
CA LYS M 326 20.76 -49.16 23.84
C LYS M 326 22.29 -49.12 23.74
N PHE M 327 22.85 -47.98 23.34
CA PHE M 327 24.30 -47.88 23.18
C PHE M 327 25.00 -48.04 24.52
N GLU M 328 24.46 -47.42 25.58
CA GLU M 328 25.04 -47.55 26.91
C GLU M 328 24.67 -48.86 27.60
N LEU M 329 23.76 -49.64 27.01
CA LEU M 329 23.37 -50.91 27.62
C LEU M 329 24.49 -51.94 27.54
N ARG M 330 25.19 -52.00 26.40
CA ARG M 330 26.29 -52.94 26.25
C ARG M 330 27.51 -52.53 27.05
N ARG M 331 27.57 -51.29 27.54
CA ARG M 331 28.72 -50.83 28.30
C ARG M 331 28.68 -51.36 29.73
N LEU M 332 27.49 -51.39 30.35
CA LEU M 332 27.35 -51.97 31.67
C LEU M 332 27.60 -53.48 31.64
N CYS M 333 27.30 -54.13 30.52
CA CYS M 333 27.55 -55.56 30.41
C CYS M 333 29.04 -55.88 30.41
N ARG M 334 29.87 -54.99 29.87
CA ARG M 334 31.31 -55.21 29.88
C ARG M 334 31.92 -54.99 31.26
N VAL M 335 31.26 -54.23 32.13
CA VAL M 335 31.76 -54.03 33.48
C VAL M 335 31.68 -55.33 34.28
N CYS M 336 30.47 -55.91 34.35
CA CYS M 336 30.28 -57.17 35.05
C CYS M 336 30.71 -58.38 34.23
N GLY M 337 30.76 -58.25 32.91
CA GLY M 337 31.11 -59.38 32.05
C GLY M 337 29.99 -60.38 31.86
N ALA M 338 28.75 -59.92 31.72
CA ALA M 338 27.61 -60.79 31.55
C ALA M 338 27.15 -60.79 30.09
N THR M 339 26.13 -61.60 29.81
CA THR M 339 25.55 -61.72 28.48
C THR M 339 24.14 -61.14 28.48
N PRO M 340 23.84 -60.15 27.65
CA PRO M 340 22.47 -59.63 27.59
C PRO M 340 21.49 -60.73 27.20
N LEU M 341 20.43 -60.86 27.97
CA LEU M 341 19.42 -61.91 27.76
C LEU M 341 18.07 -61.30 27.41
N PRO M 342 17.60 -61.42 26.17
CA PRO M 342 16.24 -60.95 25.86
C PRO M 342 15.16 -61.79 26.53
N ARG M 343 15.38 -63.10 26.67
CA ARG M 343 14.44 -63.94 27.38
C ARG M 343 14.45 -63.62 28.87
N LEU M 344 13.37 -64.00 29.55
CA LEU M 344 13.31 -63.89 31.01
C LEU M 344 13.84 -65.18 31.64
N GLY M 345 13.04 -66.25 31.58
CA GLY M 345 13.48 -67.56 32.05
C GLY M 345 14.04 -67.50 33.45
N ALA M 346 15.21 -68.12 33.63
CA ALA M 346 15.95 -68.07 34.87
C ALA M 346 17.42 -67.77 34.56
N PRO M 347 18.08 -66.95 35.38
CA PRO M 347 19.48 -66.61 35.11
C PRO M 347 20.39 -67.83 35.25
N THR M 348 21.25 -68.04 34.24
CA THR M 348 22.25 -69.09 34.27
C THR M 348 23.56 -68.57 34.88
N PRO M 349 24.27 -69.42 35.63
CA PRO M 349 25.49 -68.94 36.30
C PRO M 349 26.56 -68.43 35.35
N GLU M 350 26.70 -69.04 34.17
CA GLU M 350 27.76 -68.64 33.25
C GLU M 350 27.48 -67.29 32.60
N GLU M 351 26.20 -66.93 32.47
CA GLU M 351 25.80 -65.71 31.78
C GLU M 351 25.61 -64.52 32.73
N LEU M 352 25.90 -64.69 34.01
CA LEU M 352 25.76 -63.61 34.98
C LEU M 352 27.12 -63.00 35.29
N GLY M 353 27.13 -61.68 35.52
CA GLY M 353 28.34 -60.97 35.85
C GLY M 353 28.50 -60.76 37.35
N LEU M 354 29.55 -60.01 37.70
CA LEU M 354 29.87 -59.72 39.09
C LEU M 354 30.21 -58.25 39.24
N VAL M 355 29.58 -57.59 40.21
CA VAL M 355 29.84 -56.19 40.52
C VAL M 355 30.17 -56.11 42.01
N GLU M 356 31.26 -55.43 42.35
CA GLU M 356 31.69 -55.35 43.75
C GLU M 356 30.69 -54.58 44.59
N THR M 357 30.38 -53.34 44.21
CA THR M 357 29.47 -52.51 44.98
C THR M 357 28.79 -51.51 44.06
N VAL M 358 27.61 -51.06 44.47
CA VAL M 358 26.84 -50.05 43.76
C VAL M 358 26.35 -49.04 44.79
N LYS M 359 26.49 -47.75 44.49
CA LYS M 359 26.07 -46.70 45.40
C LYS M 359 25.46 -45.55 44.60
N THR M 360 24.64 -44.75 45.28
CA THR M 360 23.99 -43.59 44.68
C THR M 360 24.43 -42.36 45.45
N MET M 361 25.16 -41.46 44.77
CA MET M 361 25.64 -40.23 45.38
C MET M 361 25.50 -39.10 44.37
N GLU M 362 25.64 -37.87 44.87
CA GLU M 362 25.55 -36.67 44.04
C GLU M 362 26.94 -36.05 43.93
N ILE M 363 27.51 -36.09 42.72
CA ILE M 363 28.81 -35.47 42.50
C ILE M 363 28.69 -33.97 42.38
N GLY M 364 27.75 -33.50 41.55
CA GLY M 364 27.49 -32.08 41.39
C GLY M 364 26.18 -31.59 41.96
N GLY M 365 25.50 -32.38 42.79
CA GLY M 365 24.20 -32.03 43.31
C GLY M 365 23.05 -32.83 42.73
N ASP M 366 23.31 -33.64 41.71
CA ASP M 366 22.31 -34.51 41.10
C ASP M 366 22.67 -35.96 41.37
N ARG M 367 21.67 -36.76 41.73
CA ARG M 367 21.93 -38.14 42.10
C ARG M 367 22.27 -38.98 40.87
N VAL M 368 23.39 -39.69 40.94
CA VAL M 368 23.83 -40.60 39.89
C VAL M 368 24.18 -41.94 40.52
N THR M 369 24.16 -42.98 39.71
CA THR M 369 24.46 -44.34 40.14
C THR M 369 25.90 -44.67 39.77
N VAL M 370 26.65 -45.19 40.74
CA VAL M 370 28.07 -45.48 40.57
C VAL M 370 28.25 -46.97 40.34
N PHE M 371 28.85 -47.32 39.21
CA PHE M 371 29.12 -48.71 38.84
C PHE M 371 30.52 -49.15 39.23
N LYS M 372 31.27 -48.32 39.95
CA LYS M 372 32.67 -48.61 40.27
C LYS M 372 32.82 -49.98 40.91
N GLN M 373 33.75 -50.77 40.38
CA GLN M 373 34.00 -52.13 40.84
C GLN M 373 35.47 -52.28 41.17
N GLU M 374 35.77 -52.54 42.43
CA GLU M 374 37.14 -52.76 42.88
C GLU M 374 37.38 -54.26 43.08
N GLN M 375 38.62 -54.67 42.78
CA GLN M 375 39.08 -56.06 42.90
C GLN M 375 38.40 -56.96 41.86
N GLY M 376 37.38 -56.45 41.19
CA GLY M 376 36.71 -57.21 40.15
C GLY M 376 37.45 -57.21 38.84
N GLU M 377 36.92 -57.97 37.89
CA GLU M 377 37.51 -58.11 36.56
C GLU M 377 36.67 -57.33 35.56
N ILE M 378 37.28 -56.31 34.95
CA ILE M 378 36.61 -55.50 33.94
C ILE M 378 37.36 -55.66 32.62
N SER M 379 36.61 -55.60 31.53
CA SER M 379 37.17 -55.75 30.19
C SER M 379 36.72 -54.59 29.32
N ARG M 380 37.68 -53.75 28.91
CA ARG M 380 37.45 -52.65 27.97
C ARG M 380 36.30 -51.75 28.43
N THR M 381 36.39 -51.28 29.67
CA THR M 381 35.42 -50.34 30.20
C THR M 381 36.08 -49.45 31.24
N SER M 382 35.62 -48.20 31.29
CA SER M 382 36.13 -47.17 32.20
C SER M 382 35.34 -45.89 31.93
N THR M 383 35.58 -44.89 32.78
CA THR M 383 34.96 -43.59 32.60
C THR M 383 35.83 -42.54 33.27
N ILE M 384 35.61 -41.29 32.89
CA ILE M 384 36.33 -40.15 33.44
C ILE M 384 35.32 -39.09 33.82
N ILE M 385 35.27 -38.75 35.11
CA ILE M 385 34.34 -37.75 35.63
C ILE M 385 35.04 -36.39 35.62
N LEU M 386 34.53 -35.47 34.82
CA LEU M 386 35.09 -34.12 34.73
C LEU M 386 34.34 -33.18 35.66
N ARG M 387 35.09 -32.28 36.30
CA ARG M 387 34.53 -31.27 37.18
C ARG M 387 34.98 -29.90 36.68
N GLY M 388 34.01 -29.05 36.34
CA GLY M 388 34.33 -27.73 35.82
C GLY M 388 33.23 -26.74 36.12
N ALA M 389 33.61 -25.46 36.11
CA ALA M 389 32.67 -24.39 36.41
C ALA M 389 31.74 -24.08 35.24
N THR M 390 32.24 -24.21 34.01
CA THR M 390 31.47 -23.88 32.82
C THR M 390 31.30 -25.12 31.94
N GLN M 391 30.20 -25.14 31.18
CA GLN M 391 29.93 -26.27 30.30
C GLN M 391 30.76 -26.21 29.02
N ASN M 392 31.02 -24.99 28.52
CA ASN M 392 31.77 -24.87 27.27
C ASN M 392 33.23 -25.24 27.43
N ASN M 393 33.82 -24.97 28.61
CA ASN M 393 35.21 -25.34 28.83
C ASN M 393 35.38 -26.85 28.89
N LEU M 394 34.42 -27.56 29.48
CA LEU M 394 34.48 -29.01 29.56
C LEU M 394 34.20 -29.68 28.22
N ASP M 395 33.67 -28.94 27.24
CA ASP M 395 33.40 -29.53 25.93
C ASP M 395 34.69 -29.88 25.21
N ASP M 396 35.65 -28.94 25.20
CA ASP M 396 36.92 -29.22 24.55
C ASP M 396 37.76 -30.20 25.36
N ILE M 397 37.56 -30.25 26.67
CA ILE M 397 38.28 -31.22 27.50
C ILE M 397 37.86 -32.64 27.15
N GLU M 398 36.56 -32.84 26.89
CA GLU M 398 36.10 -34.15 26.43
C GLU M 398 36.69 -34.50 25.08
N ARG M 399 36.80 -33.52 24.19
CA ARG M 399 37.45 -33.75 22.90
C ARG M 399 38.94 -33.97 23.06
N ALA M 400 39.56 -33.35 24.07
CA ALA M 400 40.97 -33.61 24.34
C ALA M 400 41.17 -35.02 24.87
N ILE M 401 40.23 -35.52 25.67
CA ILE M 401 40.29 -36.90 26.14
C ILE M 401 40.02 -37.86 24.98
N ASP M 402 39.04 -37.51 24.13
CA ASP M 402 38.77 -38.35 22.96
C ASP M 402 39.95 -38.38 22.01
N ASP M 403 40.70 -37.28 21.92
CA ASP M 403 41.93 -37.27 21.12
C ASP M 403 43.06 -38.00 21.83
N GLY M 404 43.02 -38.06 23.16
CA GLY M 404 44.04 -38.80 23.89
C GLY M 404 43.88 -40.30 23.74
N VAL M 405 42.64 -40.79 23.84
CA VAL M 405 42.38 -42.22 23.64
C VAL M 405 42.45 -42.60 22.17
N ALA M 406 42.28 -41.65 21.25
CA ALA M 406 42.43 -41.95 19.83
C ALA M 406 43.89 -42.26 19.48
N ALA M 407 44.84 -41.66 20.20
CA ALA M 407 46.24 -41.99 19.99
C ALA M 407 46.55 -43.42 20.44
N VAL M 408 45.86 -43.90 21.48
CA VAL M 408 46.06 -45.28 21.92
C VAL M 408 45.51 -46.25 20.88
N LYS M 409 44.38 -45.92 20.25
CA LYS M 409 43.84 -46.75 19.19
C LYS M 409 44.76 -46.78 17.98
N GLY M 410 45.31 -45.62 17.61
CA GLY M 410 46.27 -45.58 16.52
C GLY M 410 47.62 -46.17 16.88
N LEU M 411 47.93 -46.26 18.17
CA LEU M 411 49.17 -46.92 18.59
C LEU M 411 49.01 -48.44 18.64
N MET M 412 47.87 -48.93 19.13
CA MET M 412 47.70 -50.35 19.37
C MET M 412 47.37 -51.13 18.11
N LYS M 413 46.52 -50.59 17.24
CA LYS M 413 46.01 -51.37 16.11
C LYS M 413 47.10 -51.75 15.12
N PRO M 414 47.94 -50.84 14.61
CA PRO M 414 49.04 -51.28 13.73
C PRO M 414 50.19 -51.89 14.51
N SER M 415 51.30 -52.17 13.82
CA SER M 415 52.48 -52.67 14.51
C SER M 415 52.96 -51.70 15.58
N GLY M 416 52.89 -50.40 15.29
CA GLY M 416 53.21 -49.39 16.28
C GLY M 416 53.18 -47.99 15.72
N GLY M 417 53.09 -47.00 16.60
CA GLY M 417 53.10 -45.60 16.18
C GLY M 417 54.44 -44.94 16.44
N LYS M 418 55.28 -45.60 17.23
CA LYS M 418 56.60 -45.11 17.59
C LYS M 418 56.54 -43.70 18.16
N LEU M 419 57.51 -42.86 17.80
CA LEU M 419 57.60 -41.49 18.30
C LEU M 419 58.36 -40.64 17.29
N LEU M 420 58.14 -39.33 17.39
CA LEU M 420 58.86 -38.34 16.59
C LEU M 420 59.14 -37.11 17.44
N PRO M 421 60.29 -36.47 17.23
CA PRO M 421 60.58 -35.22 17.97
C PRO M 421 59.59 -34.12 17.60
N GLY M 422 59.09 -33.44 18.63
CA GLY M 422 58.11 -32.39 18.47
C GLY M 422 58.70 -31.00 18.67
N ALA M 423 57.78 -30.04 18.82
CA ALA M 423 58.13 -28.64 19.03
C ALA M 423 58.99 -28.09 17.88
N GLY M 424 58.53 -28.36 16.66
CA GLY M 424 59.22 -27.87 15.48
C GLY M 424 60.52 -28.57 15.15
N ALA M 425 60.81 -29.72 15.77
CA ALA M 425 62.05 -30.42 15.48
C ALA M 425 61.95 -31.22 14.19
N THR M 426 60.82 -31.88 13.95
CA THR M 426 60.67 -32.71 12.76
C THR M 426 60.47 -31.88 11.51
N GLU M 427 59.71 -30.78 11.61
CA GLU M 427 59.40 -29.97 10.43
C GLU M 427 60.64 -29.31 9.86
N ILE M 428 61.60 -28.93 10.69
CA ILE M 428 62.82 -28.31 10.19
C ILE M 428 63.71 -29.35 9.53
N GLU M 429 63.77 -30.56 10.09
CA GLU M 429 64.57 -31.62 9.50
C GLU M 429 64.05 -32.03 8.13
N LEU M 430 62.72 -31.96 7.93
CA LEU M 430 62.15 -32.26 6.62
C LEU M 430 62.49 -31.21 5.58
N ILE M 431 62.81 -29.97 6.01
CA ILE M 431 63.16 -28.93 5.06
C ILE M 431 64.49 -29.23 4.38
N SER M 432 65.49 -29.67 5.17
CA SER M 432 66.78 -29.98 4.59
C SER M 432 66.73 -31.22 3.71
N ARG M 433 65.79 -32.13 3.98
CA ARG M 433 65.67 -33.34 3.16
C ARG M 433 65.04 -33.04 1.81
N ILE M 434 63.98 -32.22 1.79
CA ILE M 434 63.30 -31.90 0.54
C ILE M 434 64.16 -30.96 -0.30
N THR M 435 64.88 -30.04 0.36
CA THR M 435 65.72 -29.10 -0.38
C THR M 435 66.84 -29.82 -1.11
N LYS M 436 67.53 -30.74 -0.43
CA LYS M 436 68.59 -31.51 -1.07
C LYS M 436 68.04 -32.51 -2.08
N TYR M 437 66.79 -32.93 -1.93
CA TYR M 437 66.20 -33.87 -2.88
C TYR M 437 65.97 -33.23 -4.24
N GLY M 438 65.68 -31.92 -4.27
CA GLY M 438 65.45 -31.25 -5.54
C GLY M 438 66.70 -31.11 -6.37
N GLU M 439 67.87 -30.95 -5.73
CA GLU M 439 69.12 -30.80 -6.44
C GLU M 439 69.66 -32.11 -6.97
N ARG M 440 69.15 -33.26 -6.50
CA ARG M 440 69.64 -34.55 -6.95
C ARG M 440 69.12 -34.89 -8.34
N THR M 441 67.87 -34.54 -8.63
CA THR M 441 67.28 -34.84 -9.93
C THR M 441 67.00 -33.53 -10.67
N PRO M 442 67.77 -33.21 -11.71
CA PRO M 442 67.49 -31.99 -12.48
C PRO M 442 66.19 -32.09 -13.24
N GLY M 443 65.60 -30.94 -13.52
CA GLY M 443 64.36 -30.88 -14.27
C GLY M 443 63.55 -29.66 -13.86
N LEU M 444 62.36 -29.57 -14.45
CA LEU M 444 61.44 -28.48 -14.16
C LEU M 444 60.71 -28.67 -12.83
N LEU M 445 60.77 -29.86 -12.24
CA LEU M 445 60.10 -30.14 -10.97
C LEU M 445 60.84 -29.53 -9.78
N GLN M 446 62.04 -28.98 -9.98
CA GLN M 446 62.79 -28.40 -8.87
C GLN M 446 62.05 -27.21 -8.26
N LEU M 447 61.29 -26.48 -9.08
CA LEU M 447 60.53 -25.33 -8.55
C LEU M 447 59.44 -25.78 -7.59
N ALA M 448 58.76 -26.89 -7.90
CA ALA M 448 57.73 -27.41 -7.02
C ALA M 448 58.31 -28.13 -5.80
N ILE M 449 59.53 -28.64 -5.89
CA ILE M 449 60.15 -29.32 -4.75
C ILE M 449 60.66 -28.31 -3.73
N LYS M 450 61.28 -27.22 -4.20
CA LYS M 450 61.77 -26.20 -3.29
C LYS M 450 60.63 -25.52 -2.54
N GLN M 451 59.54 -25.20 -3.23
CA GLN M 451 58.39 -24.60 -2.57
C GLN M 451 57.67 -25.58 -1.66
N PHE M 452 57.84 -26.89 -1.89
CA PHE M 452 57.21 -27.88 -1.01
C PHE M 452 57.85 -27.87 0.37
N ALA M 453 59.15 -27.58 0.45
CA ALA M 453 59.82 -27.50 1.75
C ALA M 453 59.56 -26.18 2.46
N VAL M 454 59.17 -25.13 1.72
CA VAL M 454 58.88 -23.84 2.34
C VAL M 454 57.63 -23.92 3.20
N ALA M 455 56.65 -24.71 2.79
CA ALA M 455 55.41 -24.84 3.53
C ALA M 455 55.59 -25.49 4.89
N PHE M 456 56.74 -26.13 5.14
CA PHE M 456 57.02 -26.72 6.44
C PHE M 456 57.45 -25.71 7.48
N GLU M 457 57.68 -24.46 7.09
CA GLU M 457 58.14 -23.44 8.03
C GLU M 457 57.00 -22.85 8.87
N VAL M 458 55.75 -23.17 8.56
CA VAL M 458 54.64 -22.55 9.27
C VAL M 458 54.43 -23.18 10.65
N VAL M 459 54.70 -24.48 10.78
CA VAL M 459 54.47 -25.18 12.04
C VAL M 459 55.43 -24.70 13.13
N PRO M 460 56.75 -24.67 12.90
CA PRO M 460 57.64 -24.24 14.00
C PRO M 460 57.50 -22.77 14.36
N ARG M 461 57.14 -21.91 13.41
CA ARG M 461 57.00 -20.50 13.71
C ARG M 461 55.66 -20.17 14.37
N THR M 462 54.64 -21.01 14.17
CA THR M 462 53.37 -20.79 14.84
C THR M 462 53.51 -20.90 16.35
N LEU M 463 54.34 -21.84 16.81
CA LEU M 463 54.65 -21.93 18.23
C LEU M 463 55.37 -20.68 18.73
N ALA M 464 56.22 -20.09 17.88
CA ALA M 464 56.89 -18.84 18.24
C ALA M 464 55.97 -17.63 18.07
N GLU M 465 55.10 -17.66 17.06
CA GLU M 465 54.19 -16.55 16.84
C GLU M 465 53.14 -16.46 17.95
N THR M 466 52.57 -17.59 18.35
CA THR M 466 51.61 -17.60 19.44
C THR M 466 52.27 -17.37 20.81
N ALA M 467 53.60 -17.43 20.87
CA ALA M 467 54.33 -17.15 22.10
C ALA M 467 54.80 -15.71 22.20
N GLY M 468 54.48 -14.87 21.22
CA GLY M 468 54.93 -13.49 21.22
C GLY M 468 56.41 -13.35 20.92
N LEU M 469 56.88 -14.07 19.91
CA LEU M 469 58.27 -14.05 19.52
C LEU M 469 58.41 -13.62 18.06
N ASP M 470 59.61 -13.18 17.71
CA ASP M 470 59.91 -12.75 16.35
C ASP M 470 60.34 -13.96 15.52
N VAL M 471 59.65 -14.17 14.38
CA VAL M 471 59.99 -15.28 13.50
C VAL M 471 61.22 -15.00 12.64
N ASN M 472 61.74 -13.77 12.67
CA ASN M 472 62.94 -13.41 11.94
C ASN M 472 64.21 -13.54 12.79
N GLU M 473 64.08 -14.01 14.03
CA GLU M 473 65.24 -14.16 14.91
C GLU M 473 65.33 -15.59 15.43
N VAL M 474 64.32 -16.02 16.19
CA VAL M 474 64.33 -17.35 16.78
C VAL M 474 64.34 -18.43 15.70
N LEU M 475 63.50 -18.26 14.67
CA LEU M 475 63.44 -19.26 13.60
C LEU M 475 64.73 -19.34 12.80
N PRO M 476 65.32 -18.24 12.31
CA PRO M 476 66.61 -18.38 11.62
C PRO M 476 67.72 -18.95 12.50
N ASN M 477 67.72 -18.64 13.79
CA ASN M 477 68.71 -19.21 14.69
C ASN M 477 68.49 -20.70 14.94
N LEU M 478 67.30 -21.22 14.61
CA LEU M 478 67.04 -22.63 14.80
C LEU M 478 67.71 -23.48 13.72
N TYR M 479 67.78 -22.96 12.49
CA TYR M 479 68.46 -23.69 11.41
C TYR M 479 69.95 -23.79 11.67
N ALA M 480 70.56 -22.77 12.28
CA ALA M 480 71.98 -22.83 12.60
C ALA M 480 72.28 -23.85 13.70
N ALA M 481 71.29 -24.21 14.51
CA ALA M 481 71.51 -25.20 15.57
C ALA M 481 71.59 -26.61 15.01
N HIS M 482 71.08 -26.85 13.82
CA HIS M 482 71.15 -28.17 13.18
C HIS M 482 72.44 -28.39 12.42
N ASN M 483 73.35 -27.42 12.42
CA ASN M 483 74.61 -27.57 11.70
C ASN M 483 75.46 -28.63 12.36
N VAL M 484 75.95 -29.58 11.56
CA VAL M 484 76.79 -30.65 12.06
C VAL M 484 77.76 -31.15 10.98
N THR M 492 72.12 -38.33 18.21
CA THR M 492 72.88 -37.09 18.02
C THR M 492 72.12 -35.90 18.59
N ASP M 493 72.83 -34.80 18.81
CA ASP M 493 72.25 -33.63 19.47
C ASP M 493 71.67 -32.61 18.50
N HIS M 494 71.89 -32.75 17.20
CA HIS M 494 71.38 -31.77 16.26
C HIS M 494 69.96 -32.07 15.79
N LEU M 495 69.45 -33.28 16.05
CA LEU M 495 68.08 -33.62 15.72
C LEU M 495 67.09 -33.26 16.82
N TYR M 496 67.58 -32.92 18.02
CA TYR M 496 66.72 -32.61 19.15
C TYR M 496 66.46 -31.12 19.31
N LYS M 497 66.97 -30.28 18.41
CA LYS M 497 66.71 -28.85 18.50
C LYS M 497 65.26 -28.56 18.12
N GLY M 498 64.63 -27.66 18.88
CA GLY M 498 63.23 -27.35 18.67
C GLY M 498 62.90 -25.94 19.12
N VAL M 499 61.63 -25.60 18.99
CA VAL M 499 61.13 -24.26 19.31
C VAL M 499 60.82 -24.20 20.80
N ASP M 500 61.19 -23.07 21.42
CA ASP M 500 60.99 -22.85 22.84
C ASP M 500 59.89 -21.80 23.05
N ILE M 501 58.93 -22.12 23.90
CA ILE M 501 57.89 -21.18 24.32
C ILE M 501 58.10 -20.91 25.81
N ASP M 502 58.58 -19.71 26.13
CA ASP M 502 58.90 -19.30 27.49
C ASP M 502 59.51 -17.90 27.41
N GLY M 503 59.61 -17.24 28.56
CA GLY M 503 60.40 -16.04 28.65
C GLY M 503 61.89 -16.29 28.50
N GLU M 504 62.32 -17.54 28.63
CA GLU M 504 63.70 -17.95 28.42
C GLU M 504 63.98 -18.35 26.98
N SER M 505 63.01 -18.17 26.08
CA SER M 505 63.17 -18.53 24.67
C SER M 505 64.14 -17.62 23.93
N ASP M 506 64.69 -16.58 24.57
CA ASP M 506 65.62 -15.68 23.90
C ASP M 506 66.81 -16.44 23.33
N GLU M 507 67.27 -17.48 24.03
CA GLU M 507 68.31 -18.34 23.46
C GLU M 507 67.78 -19.15 22.29
N GLY M 508 66.49 -19.47 22.27
CA GLY M 508 65.88 -20.17 21.17
C GLY M 508 66.16 -21.65 21.08
N VAL M 509 66.80 -22.23 22.09
CA VAL M 509 67.14 -23.64 22.09
C VAL M 509 66.74 -24.24 23.44
N LYS M 510 65.86 -25.24 23.40
CA LYS M 510 65.52 -26.03 24.57
C LYS M 510 65.49 -27.50 24.18
N ASP M 511 66.11 -28.34 25.01
CA ASP M 511 66.18 -29.77 24.71
C ASP M 511 64.79 -30.39 24.80
N ILE M 512 64.44 -31.19 23.78
CA ILE M 512 63.12 -31.81 23.76
C ILE M 512 63.06 -32.99 24.74
N ARG M 513 64.17 -33.69 24.94
CA ARG M 513 64.17 -34.83 25.85
C ARG M 513 63.95 -34.43 27.30
N GLU M 514 64.10 -33.15 27.63
CA GLU M 514 63.85 -32.71 29.00
C GLU M 514 62.37 -32.83 29.35
N GLU M 515 61.50 -32.23 28.55
CA GLU M 515 60.07 -32.31 28.77
C GLU M 515 59.42 -33.52 28.10
N ASN M 516 60.15 -34.21 27.23
CA ASN M 516 59.66 -35.40 26.53
C ASN M 516 58.36 -35.10 25.77
N ILE M 517 58.51 -34.23 24.76
CA ILE M 517 57.41 -33.87 23.88
C ILE M 517 57.62 -34.59 22.56
N TYR M 518 56.75 -35.57 22.29
CA TYR M 518 56.91 -36.44 21.13
C TYR M 518 55.59 -36.54 20.37
N ASP M 519 55.69 -36.85 19.08
CA ASP M 519 54.54 -37.03 18.21
C ASP M 519 54.58 -38.41 17.58
N MET M 520 53.40 -38.93 17.23
CA MET M 520 53.31 -40.25 16.66
C MET M 520 53.81 -40.26 15.22
N LEU M 521 54.51 -41.33 14.85
CA LEU M 521 54.99 -41.46 13.48
C LEU M 521 53.85 -41.74 12.51
N ALA M 522 52.90 -42.60 12.91
CA ALA M 522 51.78 -42.92 12.05
C ALA M 522 50.83 -41.74 11.87
N THR M 523 50.80 -40.80 12.82
CA THR M 523 49.94 -39.64 12.68
C THR M 523 50.46 -38.69 11.61
N LYS M 524 51.77 -38.45 11.59
CA LYS M 524 52.34 -37.54 10.59
C LYS M 524 52.28 -38.12 9.19
N LYS M 525 52.39 -39.44 9.05
CA LYS M 525 52.29 -40.06 7.73
C LYS M 525 50.89 -39.90 7.17
N PHE M 526 49.86 -40.06 8.01
CA PHE M 526 48.49 -39.92 7.54
C PHE M 526 48.09 -38.47 7.36
N ALA M 527 48.72 -37.55 8.09
CA ALA M 527 48.38 -36.14 7.97
C ALA M 527 48.95 -35.53 6.70
N ILE M 528 50.15 -35.95 6.29
CA ILE M 528 50.77 -35.40 5.09
C ILE M 528 50.05 -35.91 3.84
N ASN M 529 49.65 -37.18 3.84
CA ASN M 529 48.98 -37.75 2.67
C ASN M 529 47.64 -37.06 2.41
N VAL M 530 46.93 -36.69 3.48
CA VAL M 530 45.65 -36.02 3.32
C VAL M 530 45.85 -34.54 2.96
N ALA M 531 46.83 -33.89 3.58
CA ALA M 531 47.07 -32.48 3.30
C ALA M 531 47.59 -32.27 1.88
N THR M 532 48.45 -33.17 1.40
CA THR M 532 48.96 -33.04 0.04
C THR M 532 47.86 -33.30 -0.99
N GLU M 533 47.02 -34.30 -0.74
CA GLU M 533 45.92 -34.59 -1.67
C GLU M 533 44.88 -33.47 -1.66
N ALA M 534 44.66 -32.84 -0.51
CA ALA M 534 43.69 -31.75 -0.44
C ALA M 534 44.17 -30.54 -1.24
N ALA M 535 45.45 -30.19 -1.12
CA ALA M 535 45.99 -29.08 -1.90
C ALA M 535 46.14 -29.43 -3.37
N THR M 536 46.29 -30.73 -3.68
CA THR M 536 46.38 -31.15 -5.08
C THR M 536 45.05 -30.98 -5.80
N THR M 537 43.93 -31.21 -5.08
CA THR M 537 42.62 -31.08 -5.70
C THR M 537 42.32 -29.64 -6.10
N VAL M 538 42.66 -28.69 -5.24
CA VAL M 538 42.38 -27.28 -5.53
C VAL M 538 43.12 -26.85 -6.80
N LEU M 539 44.36 -27.33 -6.97
CA LEU M 539 45.14 -26.98 -8.15
C LEU M 539 44.76 -27.80 -9.38
N SER M 540 44.06 -28.93 -9.19
CA SER M 540 43.66 -29.77 -10.30
C SER M 540 42.27 -29.46 -10.82
N ILE M 541 41.55 -28.53 -10.19
CA ILE M 541 40.22 -28.12 -10.65
C ILE M 541 40.42 -26.89 -11.53
N ASP M 542 40.19 -27.06 -12.84
CA ASP M 542 40.36 -25.94 -13.76
C ASP M 542 39.14 -25.03 -13.78
N GLN M 543 37.94 -25.60 -13.78
CA GLN M 543 36.71 -24.82 -13.88
C GLN M 543 35.78 -25.15 -12.73
N ILE M 544 35.14 -24.12 -12.19
CA ILE M 544 34.18 -24.25 -11.09
C ILE M 544 32.78 -24.01 -11.65
N ILE M 545 31.83 -24.86 -11.25
CA ILE M 545 30.44 -24.74 -11.65
C ILE M 545 29.60 -24.59 -10.39
N MET M 546 28.90 -23.46 -10.26
CA MET M 546 28.05 -23.18 -9.13
C MET M 546 26.59 -23.41 -9.49
N ALA M 547 25.71 -23.15 -8.54
CA ALA M 547 24.27 -23.27 -8.75
C ALA M 547 23.56 -22.18 -7.96
N LYS M 548 22.30 -21.96 -8.29
CA LYS M 548 21.50 -20.96 -7.59
C LYS M 548 21.24 -21.41 -6.16
N LYS M 549 21.49 -20.52 -5.21
CA LYS M 549 21.30 -20.77 -3.78
C LYS M 549 22.12 -21.98 -3.30
N SER N 2 14.37 -25.88 -22.93
CA SER N 2 13.08 -26.50 -23.24
C SER N 2 11.93 -25.76 -22.57
N LEU N 3 12.21 -25.14 -21.43
CA LEU N 3 11.19 -24.38 -20.73
C LEU N 3 11.00 -23.00 -21.32
N ARG N 4 12.10 -22.33 -21.70
CA ARG N 4 12.05 -20.99 -22.25
C ARG N 4 12.83 -20.94 -23.56
N LEU N 5 12.33 -20.15 -24.50
CA LEU N 5 12.96 -20.04 -25.81
C LEU N 5 14.25 -19.24 -25.72
N PRO N 6 15.16 -19.43 -26.70
CA PRO N 6 16.32 -18.53 -26.82
C PRO N 6 15.93 -17.08 -27.06
N GLN N 7 14.67 -16.80 -27.39
CA GLN N 7 14.11 -15.46 -27.55
C GLN N 7 14.97 -14.60 -28.49
N ASN N 8 15.19 -15.14 -29.69
CA ASN N 8 15.85 -14.43 -30.78
C ASN N 8 17.19 -13.87 -30.35
N PRO N 9 18.24 -14.70 -30.27
CA PRO N 9 19.55 -14.20 -29.86
C PRO N 9 20.05 -13.10 -30.80
N ASN N 10 21.03 -12.34 -30.28
CA ASN N 10 21.57 -11.13 -30.91
C ASN N 10 20.47 -10.15 -31.35
N ALA N 11 19.39 -10.10 -30.59
CA ALA N 11 18.36 -9.09 -30.82
C ALA N 11 18.68 -7.77 -30.14
N GLY N 12 19.67 -7.74 -29.25
CA GLY N 12 20.10 -6.52 -28.60
C GLY N 12 20.79 -5.52 -29.50
N LEU N 13 20.93 -5.84 -30.80
CA LEU N 13 21.53 -4.90 -31.73
C LEU N 13 20.70 -3.62 -31.85
N PHE N 14 19.40 -3.72 -31.63
CA PHE N 14 18.50 -2.57 -31.69
C PHE N 14 17.69 -2.49 -30.41
N LYS N 15 17.04 -1.34 -30.21
CA LYS N 15 16.20 -1.15 -29.03
C LYS N 15 15.03 -2.13 -29.05
N GLN N 16 14.53 -2.43 -27.85
CA GLN N 16 13.42 -3.38 -27.73
C GLN N 16 12.15 -2.88 -28.43
N GLY N 17 12.01 -1.57 -28.61
CA GLY N 17 10.86 -1.02 -29.30
C GLY N 17 10.88 -1.19 -30.81
N TYR N 18 12.03 -1.51 -31.38
CA TYR N 18 12.14 -1.69 -32.82
C TYR N 18 11.64 -3.07 -33.23
N ASN N 19 10.82 -3.13 -34.27
CA ASN N 19 10.28 -4.38 -34.79
C ASN N 19 10.55 -4.44 -36.29
N SER N 20 10.80 -5.66 -36.77
CA SER N 20 11.11 -5.90 -38.18
C SER N 20 10.00 -6.73 -38.81
N TYR N 21 9.43 -6.21 -39.89
CA TYR N 21 8.38 -6.89 -40.64
C TYR N 21 8.79 -6.94 -42.10
N SER N 22 8.78 -8.13 -42.69
CA SER N 22 9.23 -8.36 -44.05
C SER N 22 8.12 -8.96 -44.88
N ASN N 23 8.29 -8.90 -46.21
CA ASN N 23 7.29 -9.46 -47.12
C ASN N 23 7.06 -10.94 -46.86
N ALA N 24 8.07 -11.65 -46.39
CA ALA N 24 7.92 -13.04 -46.00
C ALA N 24 7.12 -13.15 -44.70
N ASP N 25 6.62 -14.35 -44.44
CA ASP N 25 5.81 -14.65 -43.26
C ASP N 25 4.48 -13.90 -43.30
N GLY N 26 3.92 -13.78 -44.50
CA GLY N 26 2.58 -13.27 -44.68
C GLY N 26 2.33 -11.85 -44.21
N GLN N 27 3.38 -11.08 -43.93
CA GLN N 27 3.18 -9.71 -43.49
C GLN N 27 2.73 -8.81 -44.65
N ILE N 28 3.19 -9.09 -45.86
CA ILE N 28 2.68 -8.36 -47.02
C ILE N 28 1.22 -8.69 -47.24
N ILE N 29 0.77 -9.87 -46.82
CA ILE N 29 -0.66 -10.19 -46.87
C ILE N 29 -1.40 -9.51 -45.73
N LYS N 30 -0.77 -9.41 -44.56
CA LYS N 30 -1.37 -8.68 -43.45
C LYS N 30 -1.46 -7.19 -43.75
N SER N 31 -0.49 -6.65 -44.49
CA SER N 31 -0.55 -5.25 -44.87
C SER N 31 -1.71 -4.99 -45.83
N ILE N 32 -1.94 -5.90 -46.76
CA ILE N 32 -3.09 -5.78 -47.65
C ILE N 32 -4.38 -5.96 -46.87
N ALA N 33 -4.38 -6.91 -45.92
CA ALA N 33 -5.56 -7.09 -45.07
C ALA N 33 -5.80 -5.90 -44.16
N ALA N 34 -4.73 -5.18 -43.80
CA ALA N 34 -4.89 -3.97 -43.01
C ALA N 34 -5.53 -2.84 -43.83
N ILE N 35 -5.34 -2.86 -45.14
CA ILE N 35 -5.99 -1.86 -45.99
C ILE N 35 -7.50 -2.09 -46.02
N ARG N 36 -7.92 -3.36 -46.05
CA ARG N 36 -9.34 -3.67 -46.14
C ARG N 36 -10.12 -3.20 -44.92
N GLU N 37 -9.45 -2.95 -43.80
CA GLU N 37 -10.14 -2.45 -42.62
C GLU N 37 -10.67 -1.04 -42.86
N LEU N 38 -9.84 -0.15 -43.41
CA LEU N 38 -10.26 1.20 -43.75
C LEU N 38 -10.78 1.31 -45.18
N HIS N 39 -10.64 0.26 -45.98
CA HIS N 39 -11.16 0.30 -47.35
C HIS N 39 -12.69 0.20 -47.34
N GLN N 40 -13.23 -0.76 -46.59
CA GLN N 40 -14.68 -0.91 -46.50
C GLN N 40 -15.34 0.31 -45.86
N MET N 41 -14.58 1.09 -45.09
CA MET N 41 -15.13 2.32 -44.51
C MET N 41 -15.49 3.32 -45.61
N CYS N 42 -14.65 3.43 -46.64
CA CYS N 42 -14.89 4.36 -47.73
C CYS N 42 -15.72 3.78 -48.85
N LEU N 43 -15.97 2.47 -48.86
CA LEU N 43 -16.81 1.87 -49.89
C LEU N 43 -18.27 2.27 -49.71
N THR N 44 -18.77 2.24 -48.47
CA THR N 44 -20.14 2.65 -48.20
C THR N 44 -20.36 4.14 -48.37
N SER N 45 -19.29 4.93 -48.47
CA SER N 45 -19.38 6.38 -48.65
C SER N 45 -19.27 6.79 -50.12
N MET N 46 -19.14 5.84 -51.04
CA MET N 46 -18.93 6.14 -52.44
C MET N 46 -20.26 6.34 -53.17
N GLY N 47 -20.30 7.34 -54.05
CA GLY N 47 -21.44 7.59 -54.87
C GLY N 47 -22.44 8.54 -54.25
N PRO N 48 -23.52 8.85 -54.98
CA PRO N 48 -24.55 9.72 -54.42
C PRO N 48 -25.31 9.08 -53.27
N CYS N 49 -25.38 7.76 -53.23
CA CYS N 49 -25.99 7.04 -52.13
C CYS N 49 -25.00 6.71 -51.02
N GLY N 50 -23.77 7.19 -51.13
CA GLY N 50 -22.78 6.90 -50.12
C GLY N 50 -23.19 7.43 -48.75
N ARG N 51 -22.70 6.76 -47.71
CA ARG N 51 -23.08 7.05 -46.34
C ARG N 51 -21.97 7.86 -45.65
N ASN N 52 -22.35 8.96 -45.04
CA ASN N 52 -21.40 9.78 -44.30
C ASN N 52 -20.96 9.07 -43.02
N LYS N 53 -19.82 9.50 -42.48
CA LYS N 53 -19.24 8.87 -41.30
C LYS N 53 -18.99 9.93 -40.23
N ILE N 54 -19.09 9.50 -38.97
CA ILE N 54 -18.82 10.36 -37.82
C ILE N 54 -17.47 9.98 -37.23
N ILE N 55 -16.62 10.98 -37.03
CA ILE N 55 -15.29 10.79 -36.45
C ILE N 55 -15.11 11.83 -35.36
N VAL N 56 -14.88 11.37 -34.12
CA VAL N 56 -14.68 12.24 -32.98
C VAL N 56 -13.19 12.27 -32.66
N ASN N 57 -12.62 13.47 -32.66
CA ASN N 57 -11.20 13.65 -32.38
C ASN N 57 -10.99 13.69 -30.86
N HIS N 58 -9.75 14.00 -30.45
CA HIS N 58 -9.44 14.08 -29.03
C HIS N 58 -9.99 15.35 -28.38
N LEU N 59 -10.28 16.39 -29.16
CA LEU N 59 -10.81 17.63 -28.63
C LEU N 59 -12.33 17.66 -28.58
N GLY N 60 -13.00 16.66 -29.15
CA GLY N 60 -14.44 16.61 -29.15
C GLY N 60 -15.12 17.12 -30.40
N LYS N 61 -14.35 17.64 -31.36
CA LYS N 61 -14.95 18.16 -32.59
C LYS N 61 -15.43 17.00 -33.46
N ILE N 62 -16.63 17.12 -33.99
CA ILE N 62 -17.25 16.09 -34.82
C ILE N 62 -17.37 16.60 -36.24
N ILE N 63 -16.81 15.86 -37.19
CA ILE N 63 -16.87 16.19 -38.61
C ILE N 63 -17.58 15.04 -39.30
N ILE N 64 -18.76 15.32 -39.85
CA ILE N 64 -19.56 14.32 -40.55
C ILE N 64 -19.37 14.53 -42.04
N THR N 65 -18.66 13.61 -42.69
CA THR N 65 -18.44 13.69 -44.13
C THR N 65 -18.19 12.30 -44.68
N ASN N 66 -18.52 12.12 -45.96
CA ASN N 66 -18.21 10.90 -46.69
C ASN N 66 -16.93 11.01 -47.51
N ASP N 67 -16.25 12.15 -47.46
CA ASP N 67 -15.03 12.34 -48.23
C ASP N 67 -13.88 11.57 -47.60
N ALA N 68 -13.22 10.74 -48.41
CA ALA N 68 -12.13 9.92 -47.88
C ALA N 68 -10.94 10.76 -47.46
N ALA N 69 -10.69 11.89 -48.14
CA ALA N 69 -9.56 12.73 -47.78
C ALA N 69 -9.77 13.45 -46.45
N THR N 70 -11.01 13.83 -46.15
CA THR N 70 -11.29 14.53 -44.91
C THR N 70 -11.35 13.58 -43.72
N MET N 71 -11.91 12.38 -43.92
CA MET N 71 -12.06 11.44 -42.81
C MET N 71 -10.70 10.96 -42.31
N LEU N 72 -9.75 10.72 -43.21
CA LEU N 72 -8.45 10.20 -42.82
C LEU N 72 -7.58 11.24 -42.10
N ARG N 73 -8.01 12.50 -42.06
CA ARG N 73 -7.21 13.52 -41.38
C ARG N 73 -7.29 13.37 -39.86
N GLU N 74 -8.50 13.23 -39.33
CA GLU N 74 -8.68 13.13 -37.88
C GLU N 74 -8.35 11.75 -37.33
N LEU N 75 -8.35 10.72 -38.17
CA LEU N 75 -8.06 9.37 -37.70
C LEU N 75 -6.57 9.21 -37.45
N ASP N 76 -6.23 8.49 -36.38
CA ASP N 76 -4.86 8.19 -36.03
C ASP N 76 -4.46 6.86 -36.67
N ILE N 77 -3.50 6.91 -37.59
CA ILE N 77 -3.08 5.74 -38.35
C ILE N 77 -1.85 5.13 -37.71
N VAL N 78 -1.79 3.81 -37.68
CA VAL N 78 -0.69 3.06 -37.08
C VAL N 78 0.15 2.37 -38.15
N HIS N 79 -0.45 1.46 -38.91
CA HIS N 79 0.27 0.69 -39.92
C HIS N 79 0.95 1.63 -40.91
N PRO N 80 2.25 1.45 -41.17
CA PRO N 80 2.96 2.41 -42.04
C PRO N 80 2.42 2.47 -43.46
N ALA N 81 2.13 1.33 -44.08
CA ALA N 81 1.68 1.32 -45.46
C ALA N 81 0.29 1.94 -45.62
N VAL N 82 -0.48 2.03 -44.53
CA VAL N 82 -1.78 2.70 -44.62
C VAL N 82 -1.59 4.21 -44.76
N LYS N 83 -0.56 4.76 -44.11
CA LYS N 83 -0.26 6.18 -44.27
C LYS N 83 0.10 6.52 -45.70
N VAL N 84 0.64 5.55 -46.46
CA VAL N 84 0.86 5.74 -47.88
C VAL N 84 -0.47 5.97 -48.59
N LEU N 85 -1.50 5.22 -48.19
CA LEU N 85 -2.84 5.40 -48.76
C LEU N 85 -3.52 6.64 -48.20
N VAL N 86 -3.24 7.00 -46.95
CA VAL N 86 -3.84 8.19 -46.36
C VAL N 86 -3.31 9.45 -47.03
N MET N 87 -1.99 9.58 -47.13
CA MET N 87 -1.40 10.77 -47.73
C MET N 87 -1.61 10.83 -49.24
N ALA N 88 -1.99 9.71 -49.87
CA ALA N 88 -2.28 9.74 -51.30
C ALA N 88 -3.62 10.40 -51.58
N THR N 89 -4.61 10.21 -50.71
CA THR N 89 -5.91 10.83 -50.90
C THR N 89 -5.89 12.32 -50.58
N GLU N 90 -4.99 12.75 -49.71
CA GLU N 90 -4.89 14.17 -49.37
C GLU N 90 -4.32 14.98 -50.53
N GLN N 91 -3.41 14.40 -51.31
CA GLN N 91 -2.85 15.11 -52.45
C GLN N 91 -3.88 15.31 -53.54
N GLN N 92 -4.78 14.34 -53.74
CA GLN N 92 -5.81 14.47 -54.75
C GLN N 92 -6.79 15.59 -54.40
N LYS N 93 -7.07 15.80 -53.11
CA LYS N 93 -7.97 16.87 -52.71
C LYS N 93 -7.32 18.24 -52.88
N ILE N 94 -6.00 18.34 -52.65
CA ILE N 94 -5.34 19.63 -52.80
C ILE N 94 -5.18 19.98 -54.27
N ASP N 95 -4.60 19.08 -55.06
CA ASP N 95 -4.31 19.35 -56.47
C ASP N 95 -5.57 19.66 -57.28
N MET N 96 -6.38 18.65 -57.56
CA MET N 96 -7.55 18.82 -58.42
C MET N 96 -8.84 19.11 -57.66
N GLY N 97 -8.84 18.95 -56.34
CA GLY N 97 -10.06 19.15 -55.57
C GLY N 97 -11.22 18.26 -55.99
N ASP N 98 -10.94 17.14 -56.65
CA ASP N 98 -11.98 16.28 -57.18
C ASP N 98 -11.46 14.85 -57.24
N GLY N 99 -12.37 13.89 -57.16
CA GLY N 99 -12.01 12.49 -57.25
C GLY N 99 -11.22 11.98 -56.06
N THR N 100 -11.60 12.37 -54.84
CA THR N 100 -10.88 11.92 -53.66
C THR N 100 -11.25 10.50 -53.28
N ASN N 101 -12.54 10.15 -53.39
CA ASN N 101 -12.97 8.80 -53.04
C ASN N 101 -12.49 7.76 -54.05
N LEU N 102 -12.18 8.18 -55.28
CA LEU N 102 -11.71 7.22 -56.28
C LEU N 102 -10.29 6.76 -55.98
N VAL N 103 -9.42 7.68 -55.53
CA VAL N 103 -8.05 7.32 -55.21
C VAL N 103 -8.02 6.35 -54.02
N MET N 104 -8.89 6.58 -53.05
CA MET N 104 -8.95 5.70 -51.88
C MET N 104 -9.39 4.29 -52.27
N ILE N 105 -10.39 4.18 -53.15
CA ILE N 105 -10.92 2.88 -53.50
C ILE N 105 -10.03 2.17 -54.51
N LEU N 106 -9.54 2.90 -55.52
CA LEU N 106 -8.75 2.27 -56.56
C LEU N 106 -7.42 1.75 -56.03
N ALA N 107 -6.74 2.54 -55.19
CA ALA N 107 -5.47 2.10 -54.63
C ALA N 107 -5.65 0.91 -53.69
N GLY N 108 -6.82 0.80 -53.05
CA GLY N 108 -7.08 -0.33 -52.18
C GLY N 108 -7.40 -1.61 -52.92
N GLU N 109 -8.03 -1.50 -54.09
CA GLU N 109 -8.37 -2.68 -54.88
C GLU N 109 -7.16 -3.23 -55.62
N LEU N 110 -6.18 -2.39 -55.95
CA LEU N 110 -4.97 -2.88 -56.60
C LEU N 110 -4.18 -3.79 -55.67
N LEU N 111 -4.26 -3.56 -54.37
CA LEU N 111 -3.61 -4.46 -53.41
C LEU N 111 -4.42 -5.72 -53.18
N ASN N 112 -5.74 -5.65 -53.30
CA ASN N 112 -6.57 -6.83 -53.12
C ASN N 112 -6.35 -7.83 -54.25
N VAL N 113 -6.26 -7.35 -55.49
CA VAL N 113 -5.97 -8.24 -56.61
C VAL N 113 -4.51 -8.66 -56.63
N SER N 114 -3.65 -7.92 -55.93
CA SER N 114 -2.24 -8.29 -55.84
C SER N 114 -2.00 -9.46 -54.89
N GLU N 115 -2.94 -9.73 -53.99
CA GLU N 115 -2.80 -10.88 -53.09
C GLU N 115 -2.82 -12.18 -53.87
N LYS N 116 -3.66 -12.27 -54.90
CA LYS N 116 -3.66 -13.44 -55.76
C LYS N 116 -2.43 -13.47 -56.65
N LEU N 117 -1.91 -12.30 -57.03
CA LEU N 117 -0.71 -12.25 -57.87
C LEU N 117 0.52 -12.72 -57.11
N ILE N 118 0.63 -12.34 -55.84
CA ILE N 118 1.78 -12.76 -55.04
C ILE N 118 1.70 -14.26 -54.73
N SER N 119 0.48 -14.76 -54.51
CA SER N 119 0.32 -16.18 -54.19
C SER N 119 0.75 -17.07 -55.35
N MET N 120 0.57 -16.60 -56.59
CA MET N 120 0.99 -17.37 -57.76
C MET N 120 2.49 -17.36 -57.97
N GLY N 121 3.24 -16.56 -57.22
CA GLY N 121 4.68 -16.53 -57.33
C GLY N 121 5.26 -15.32 -58.03
N LEU N 122 4.43 -14.37 -58.45
CA LEU N 122 4.92 -13.18 -59.12
C LEU N 122 5.78 -12.35 -58.18
N SER N 123 6.99 -12.02 -58.61
CA SER N 123 7.89 -11.20 -57.81
C SER N 123 7.39 -9.76 -57.76
N ALA N 124 7.85 -9.04 -56.74
CA ALA N 124 7.44 -7.65 -56.56
C ALA N 124 7.90 -6.78 -57.74
N VAL N 125 8.98 -7.17 -58.42
CA VAL N 125 9.46 -6.39 -59.55
C VAL N 125 8.54 -6.56 -60.75
N GLU N 126 8.09 -7.80 -61.01
CA GLU N 126 7.23 -8.04 -62.16
C GLU N 126 5.83 -7.48 -61.95
N ILE N 127 5.39 -7.37 -60.69
CA ILE N 127 4.07 -6.81 -60.42
C ILE N 127 4.06 -5.30 -60.66
N ILE N 128 5.16 -4.62 -60.28
CA ILE N 128 5.25 -3.18 -60.51
C ILE N 128 5.29 -2.88 -62.00
N GLN N 129 6.05 -3.66 -62.77
CA GLN N 129 6.12 -3.46 -64.21
C GLN N 129 4.79 -3.75 -64.89
N GLY N 130 3.94 -4.58 -64.29
CA GLY N 130 2.64 -4.85 -64.88
C GLY N 130 1.68 -3.68 -64.75
N TYR N 131 1.73 -2.98 -63.61
CA TYR N 131 0.86 -1.83 -63.41
C TYR N 131 1.36 -0.60 -64.16
N ASN N 132 2.67 -0.44 -64.28
CA ASN N 132 3.21 0.73 -64.98
C ASN N 132 2.91 0.67 -66.48
N MET N 133 3.06 -0.51 -67.08
CA MET N 133 2.75 -0.65 -68.50
C MET N 133 1.25 -0.57 -68.77
N ALA N 134 0.43 -1.02 -67.82
CA ALA N 134 -1.02 -0.94 -68.00
C ALA N 134 -1.56 0.46 -67.73
N ARG N 135 -0.87 1.24 -66.89
CA ARG N 135 -1.33 2.60 -66.61
C ARG N 135 -1.04 3.52 -67.77
N LYS N 136 0.10 3.34 -68.46
CA LYS N 136 0.41 4.14 -69.63
C LYS N 136 -0.62 3.92 -70.74
N PHE N 137 -1.06 2.66 -70.90
CA PHE N 137 -2.12 2.39 -71.86
C PHE N 137 -3.47 2.92 -71.37
N THR N 138 -3.66 2.99 -70.06
CA THR N 138 -4.91 3.51 -69.52
C THR N 138 -5.04 5.01 -69.77
N LEU N 139 -3.96 5.76 -69.56
CA LEU N 139 -4.02 7.20 -69.76
C LEU N 139 -4.22 7.57 -71.23
N LYS N 140 -3.76 6.71 -72.15
CA LYS N 140 -3.94 6.99 -73.56
C LYS N 140 -5.36 6.71 -74.02
N GLU N 141 -6.04 5.75 -73.41
CA GLU N 141 -7.42 5.44 -73.77
C GLU N 141 -8.41 6.45 -73.21
N LEU N 142 -8.06 7.17 -72.15
CA LEU N 142 -8.96 8.18 -71.59
C LEU N 142 -9.13 9.34 -72.55
N ASP N 143 -8.07 9.72 -73.26
CA ASP N 143 -8.16 10.80 -74.24
C ASP N 143 -8.91 10.39 -75.49
N GLU N 144 -8.97 9.09 -75.80
CA GLU N 144 -9.70 8.63 -76.97
C GLU N 144 -11.21 8.53 -76.71
N MET N 145 -11.60 8.29 -75.47
CA MET N 145 -13.00 8.09 -75.11
C MET N 145 -13.70 9.36 -74.67
N VAL N 146 -13.02 10.51 -74.70
CA VAL N 146 -13.64 11.76 -74.27
C VAL N 146 -14.70 12.19 -75.27
N VAL N 147 -15.80 12.72 -74.77
CA VAL N 147 -16.91 13.18 -75.59
C VAL N 147 -17.34 14.56 -75.11
N GLY N 148 -17.66 15.44 -76.06
CA GLY N 148 -18.15 16.77 -75.75
C GLY N 148 -17.10 17.70 -75.17
N GLU N 149 -17.46 18.97 -75.00
CA GLU N 149 -16.56 19.95 -74.42
C GLU N 149 -17.39 21.10 -73.86
N ILE N 150 -16.77 21.86 -72.95
CA ILE N 150 -17.47 22.96 -72.31
C ILE N 150 -17.50 24.19 -73.23
N THR N 151 -16.53 24.32 -74.13
CA THR N 151 -16.44 25.45 -75.06
C THR N 151 -16.41 26.75 -74.26
N ASP N 152 -17.45 27.59 -74.38
CA ASP N 152 -17.47 28.89 -73.74
C ASP N 152 -17.32 28.75 -72.22
N LYS N 153 -16.69 29.76 -71.61
CA LYS N 153 -16.38 29.69 -70.19
C LYS N 153 -17.63 29.69 -69.33
N ASN N 154 -18.49 30.69 -69.50
CA ASN N 154 -19.68 30.85 -68.67
C ASN N 154 -20.95 30.61 -69.49
N ASP N 155 -21.84 29.78 -68.95
CA ASP N 155 -23.18 29.59 -69.50
C ASP N 155 -24.08 29.14 -68.38
N LYS N 156 -25.37 29.51 -68.48
CA LYS N 156 -26.33 29.09 -67.46
C LYS N 156 -26.57 27.58 -67.51
N ASN N 157 -26.69 27.03 -68.72
CA ASN N 157 -26.96 25.60 -68.86
C ASN N 157 -25.70 24.77 -68.73
N GLU N 158 -24.57 25.24 -69.26
CA GLU N 158 -23.35 24.43 -69.30
C GLU N 158 -22.77 24.21 -67.90
N LEU N 159 -22.96 25.15 -66.99
CA LEU N 159 -22.48 24.96 -65.63
C LEU N 159 -23.28 23.94 -64.85
N LEU N 160 -24.41 23.48 -65.39
CA LEU N 160 -25.19 22.41 -64.77
C LEU N 160 -24.70 21.03 -65.16
N LYS N 161 -23.81 20.92 -66.16
CA LYS N 161 -23.21 19.66 -66.55
C LYS N 161 -21.85 19.43 -65.92
N MET N 162 -21.38 20.36 -65.09
CA MET N 162 -20.07 20.25 -64.46
C MET N 162 -20.15 20.25 -62.94
N ILE N 163 -20.63 21.34 -62.33
CA ILE N 163 -20.68 21.42 -60.87
C ILE N 163 -21.74 20.48 -60.32
N LYS N 164 -22.87 20.36 -61.01
CA LYS N 164 -23.97 19.55 -60.50
C LYS N 164 -23.60 18.08 -60.32
N PRO N 165 -22.98 17.39 -61.28
CA PRO N 165 -22.60 15.98 -61.04
C PRO N 165 -21.52 15.83 -59.99
N VAL N 166 -20.72 16.87 -59.73
CA VAL N 166 -19.70 16.78 -58.69
C VAL N 166 -20.33 16.89 -57.31
N ILE N 167 -21.28 17.81 -57.13
CA ILE N 167 -21.94 17.99 -55.83
C ILE N 167 -23.08 17.00 -55.62
N SER N 168 -23.36 16.14 -56.59
CA SER N 168 -24.41 15.15 -56.41
C SER N 168 -24.00 14.06 -55.42
N SER N 169 -22.70 13.74 -55.36
CA SER N 169 -22.23 12.73 -54.42
C SER N 169 -22.09 13.28 -53.01
N LYS N 170 -21.74 14.55 -52.87
CA LYS N 170 -21.58 15.18 -51.56
C LYS N 170 -22.88 15.87 -51.19
N LYS N 171 -23.58 15.34 -50.18
CA LYS N 171 -24.87 15.85 -49.72
C LYS N 171 -25.83 16.01 -50.90
N TYR N 172 -26.28 14.87 -51.40
CA TYR N 172 -27.16 14.80 -52.56
C TYR N 172 -28.37 15.71 -52.38
N GLY N 173 -29.30 15.31 -51.51
CA GLY N 173 -30.46 16.14 -51.22
C GLY N 173 -31.22 16.50 -52.49
N SER N 174 -31.50 17.80 -52.63
CA SER N 174 -32.12 18.32 -53.84
C SER N 174 -31.05 18.71 -54.84
N GLU N 175 -31.33 18.47 -56.12
CA GLU N 175 -30.34 18.70 -57.17
C GLU N 175 -30.24 20.19 -57.53
N ASP N 176 -31.32 20.76 -58.07
CA ASP N 176 -31.27 22.12 -58.60
C ASP N 176 -31.06 23.17 -57.53
N ILE N 177 -31.32 22.85 -56.26
CA ILE N 177 -31.16 23.84 -55.20
C ILE N 177 -29.68 24.11 -54.93
N LEU N 178 -28.88 23.05 -54.82
CA LEU N 178 -27.46 23.22 -54.54
C LEU N 178 -26.67 23.63 -55.77
N SER N 179 -27.16 23.29 -56.96
CA SER N 179 -26.42 23.63 -58.18
C SER N 179 -26.54 25.10 -58.52
N GLU N 180 -27.69 25.72 -58.24
CA GLU N 180 -27.89 27.13 -58.57
C GLU N 180 -27.08 28.04 -57.65
N LEU N 181 -26.90 27.66 -56.39
CA LEU N 181 -26.16 28.49 -55.45
C LEU N 181 -24.68 28.57 -55.84
N VAL N 182 -24.09 27.46 -56.25
CA VAL N 182 -22.67 27.45 -56.61
C VAL N 182 -22.46 28.06 -57.99
N SER N 183 -23.33 27.73 -58.95
CA SER N 183 -23.18 28.23 -60.31
C SER N 183 -23.35 29.74 -60.39
N GLU N 184 -24.08 30.35 -59.45
CA GLU N 184 -24.26 31.80 -59.48
C GLU N 184 -22.99 32.52 -59.04
N ALA N 185 -22.33 32.02 -58.00
CA ALA N 185 -21.12 32.67 -57.51
C ALA N 185 -19.94 32.52 -58.47
N VAL N 186 -19.97 31.52 -59.34
CA VAL N 186 -18.86 31.34 -60.28
C VAL N 186 -18.92 32.40 -61.38
N SER N 187 -20.13 32.73 -61.85
CA SER N 187 -20.27 33.69 -62.93
C SER N 187 -19.82 35.10 -62.53
N HIS N 188 -19.82 35.41 -61.23
CA HIS N 188 -19.41 36.74 -60.79
C HIS N 188 -17.90 36.91 -60.77
N VAL N 189 -17.16 35.86 -60.42
CA VAL N 189 -15.70 35.96 -60.33
C VAL N 189 -15.01 35.77 -61.66
N LEU N 190 -15.75 35.51 -62.74
CA LEU N 190 -15.11 35.35 -64.04
C LEU N 190 -14.90 36.72 -64.70
N PRO N 191 -13.70 37.00 -65.20
CA PRO N 191 -13.48 38.31 -65.83
C PRO N 191 -14.23 38.50 -67.14
N VAL N 192 -14.72 37.43 -67.76
CA VAL N 192 -15.40 37.48 -69.05
C VAL N 192 -14.44 38.12 -70.05
N ALA N 193 -14.79 39.30 -70.57
CA ALA N 193 -13.97 40.03 -71.54
C ALA N 193 -13.66 39.18 -72.76
N GLN N 194 -14.72 38.66 -73.38
CA GLN N 194 -14.56 37.82 -74.55
C GLN N 194 -14.03 38.61 -75.74
N GLN N 195 -13.45 37.88 -76.70
CA GLN N 195 -12.89 38.44 -77.93
C GLN N 195 -11.66 39.30 -77.68
N ALA N 196 -11.30 39.51 -76.41
CA ALA N 196 -10.12 40.28 -76.08
C ALA N 196 -8.84 39.46 -76.16
N GLY N 197 -8.94 38.13 -76.13
CA GLY N 197 -7.78 37.28 -76.21
C GLY N 197 -6.95 37.20 -74.95
N GLU N 198 -7.46 37.69 -73.82
CA GLU N 198 -6.71 37.66 -72.57
C GLU N 198 -6.69 36.24 -72.01
N ILE N 199 -5.69 35.98 -71.17
CA ILE N 199 -5.53 34.67 -70.52
C ILE N 199 -6.54 34.56 -69.39
N PRO N 200 -7.40 33.54 -69.40
CA PRO N 200 -8.37 33.39 -68.30
C PRO N 200 -7.67 33.14 -66.97
N TYR N 201 -8.35 33.54 -65.89
CA TYR N 201 -7.82 33.39 -64.55
C TYR N 201 -8.95 33.06 -63.58
N PHE N 202 -8.65 32.23 -62.59
CA PHE N 202 -9.63 31.84 -61.59
C PHE N 202 -8.92 31.55 -60.27
N ASN N 203 -9.62 31.82 -59.18
CA ASN N 203 -9.10 31.59 -57.84
C ASN N 203 -10.07 30.68 -57.09
N VAL N 204 -9.53 29.60 -56.51
CA VAL N 204 -10.37 28.66 -55.76
C VAL N 204 -10.76 29.22 -54.40
N ASP N 205 -9.98 30.13 -53.83
CA ASP N 205 -10.29 30.75 -52.55
C ASP N 205 -11.18 31.97 -52.69
N SER N 206 -11.58 32.33 -53.91
CA SER N 206 -12.42 33.51 -54.10
C SER N 206 -13.80 33.32 -53.49
N ILE N 207 -14.45 32.21 -53.80
CA ILE N 207 -15.80 31.94 -53.28
C ILE N 207 -15.67 31.48 -51.83
N ARG N 208 -16.34 32.18 -50.92
CA ARG N 208 -16.33 31.87 -49.50
C ARG N 208 -17.72 31.44 -49.06
N VAL N 209 -17.80 30.42 -48.21
CA VAL N 209 -19.05 29.90 -47.71
C VAL N 209 -19.19 30.31 -46.25
N VAL N 210 -20.27 31.01 -45.94
CA VAL N 210 -20.55 31.48 -44.59
C VAL N 210 -21.59 30.54 -43.97
N LYS N 211 -21.23 29.91 -42.85
CA LYS N 211 -22.12 28.97 -42.17
C LYS N 211 -22.97 29.72 -41.16
N ILE N 212 -24.28 29.69 -41.36
CA ILE N 212 -25.25 30.36 -40.48
C ILE N 212 -26.31 29.34 -40.11
N MET N 213 -26.43 29.04 -38.82
CA MET N 213 -27.42 28.09 -38.36
C MET N 213 -28.83 28.67 -38.45
N GLY N 214 -29.81 27.79 -38.53
CA GLY N 214 -31.20 28.18 -38.62
C GLY N 214 -31.69 28.26 -40.05
N GLY N 215 -33.01 28.37 -40.18
CA GLY N 215 -33.62 28.47 -41.49
C GLY N 215 -33.67 27.13 -42.21
N SER N 216 -33.63 27.20 -43.53
CA SER N 216 -33.67 26.01 -44.38
C SER N 216 -32.77 26.22 -45.58
N LEU N 217 -32.47 25.12 -46.28
CA LEU N 217 -31.61 25.18 -47.45
C LEU N 217 -32.25 25.99 -48.57
N SER N 218 -33.58 25.97 -48.68
CA SER N 218 -34.26 26.71 -49.73
C SER N 218 -34.19 28.21 -49.52
N ASN N 219 -33.92 28.67 -48.30
CA ASN N 219 -33.82 30.09 -48.01
C ASN N 219 -32.43 30.65 -48.27
N SER N 220 -31.48 29.83 -48.71
CA SER N 220 -30.14 30.31 -49.00
C SER N 220 -30.14 31.16 -50.27
N THR N 221 -29.14 32.02 -50.38
CA THR N 221 -29.00 32.92 -51.52
C THR N 221 -27.53 33.14 -51.80
N VAL N 222 -27.25 33.94 -52.82
CA VAL N 222 -25.89 34.27 -53.24
C VAL N 222 -25.68 35.77 -53.05
N ILE N 223 -24.58 36.13 -52.39
CA ILE N 223 -24.24 37.52 -52.10
C ILE N 223 -22.98 37.88 -52.87
N LYS N 224 -23.05 38.96 -53.64
CA LYS N 224 -21.89 39.38 -54.42
C LYS N 224 -20.76 39.89 -53.53
N GLY N 225 -21.08 40.40 -52.35
CA GLY N 225 -20.09 40.88 -51.43
C GLY N 225 -19.82 39.88 -50.30
N MET N 226 -18.83 40.21 -49.48
CA MET N 226 -18.46 39.38 -48.34
C MET N 226 -19.35 39.68 -47.15
N VAL N 227 -19.62 38.65 -46.35
CA VAL N 227 -20.50 38.75 -45.21
C VAL N 227 -19.70 38.39 -43.95
N PHE N 228 -19.68 39.31 -42.99
CA PHE N 228 -19.05 39.10 -41.70
C PHE N 228 -20.05 39.36 -40.58
N ASN N 229 -19.75 38.82 -39.41
CA ASN N 229 -20.52 39.12 -38.21
C ASN N 229 -19.83 40.25 -37.47
N ARG N 230 -20.45 41.43 -37.49
CA ARG N 230 -19.85 42.64 -36.92
C ARG N 230 -20.94 43.53 -36.36
N GLU N 231 -20.58 44.32 -35.34
CA GLU N 231 -21.47 45.30 -34.76
C GLU N 231 -20.91 46.70 -35.01
N PRO N 232 -21.58 47.55 -35.78
CA PRO N 232 -21.09 48.92 -35.97
C PRO N 232 -20.98 49.66 -34.64
N GLU N 233 -19.94 50.47 -34.51
CA GLU N 233 -19.67 51.14 -33.24
C GLU N 233 -20.60 52.32 -33.01
N GLY N 234 -20.43 53.40 -33.78
CA GLY N 234 -21.21 54.60 -33.55
C GLY N 234 -22.69 54.46 -33.88
N HIS N 235 -23.01 54.09 -35.11
CA HIS N 235 -24.39 53.99 -35.55
C HIS N 235 -24.49 52.99 -36.70
N VAL N 236 -25.71 52.55 -36.95
CA VAL N 236 -26.02 51.71 -38.11
C VAL N 236 -26.71 52.58 -39.15
N LYS N 237 -26.38 52.35 -40.42
CA LYS N 237 -26.92 53.16 -41.52
C LYS N 237 -27.31 52.25 -42.66
N SER N 238 -28.56 52.35 -43.11
CA SER N 238 -29.01 51.62 -44.28
C SER N 238 -28.54 52.25 -45.58
N LEU N 239 -28.11 53.52 -45.54
CA LEU N 239 -27.56 54.22 -46.69
C LEU N 239 -28.54 54.24 -47.86
N SER N 240 -29.76 54.70 -47.57
CA SER N 240 -30.81 54.81 -48.58
C SER N 240 -30.64 56.01 -49.50
N GLU N 241 -29.69 56.91 -49.21
CA GLU N 241 -29.43 58.07 -50.05
C GLU N 241 -28.74 57.71 -51.37
N ASP N 242 -28.39 56.43 -51.56
CA ASP N 242 -27.82 55.85 -52.76
C ASP N 242 -26.72 56.69 -53.39
N LYS N 243 -26.75 56.85 -54.72
CA LYS N 243 -25.61 57.42 -55.47
C LYS N 243 -24.33 56.66 -55.17
N LYS N 244 -24.48 55.38 -54.83
CA LYS N 244 -23.42 54.50 -54.36
C LYS N 244 -22.62 55.13 -53.22
N HIS N 245 -21.31 54.87 -53.19
CA HIS N 245 -20.44 55.35 -52.12
C HIS N 245 -19.00 55.32 -52.59
N LYS N 246 -18.15 56.04 -51.87
CA LYS N 246 -16.70 55.92 -52.00
C LYS N 246 -16.16 55.34 -50.70
N VAL N 247 -15.43 54.22 -50.81
CA VAL N 247 -14.93 53.49 -49.65
C VAL N 247 -13.42 53.43 -49.71
N ALA N 248 -12.77 53.50 -48.54
CA ALA N 248 -11.33 53.39 -48.42
C ALA N 248 -10.98 52.31 -47.41
N VAL N 249 -9.86 51.64 -47.62
CA VAL N 249 -9.40 50.55 -46.77
C VAL N 249 -8.03 50.90 -46.24
N PHE N 250 -7.88 50.83 -44.91
CA PHE N 250 -6.61 51.09 -44.24
C PHE N 250 -6.20 49.84 -43.48
N THR N 251 -5.09 49.22 -43.89
CA THR N 251 -4.59 48.04 -43.19
C THR N 251 -4.03 48.38 -41.82
N CYS N 252 -3.62 49.64 -41.59
CA CYS N 252 -3.13 50.13 -40.32
C CYS N 252 -4.28 50.67 -39.47
N PRO N 253 -4.16 50.60 -38.15
CA PRO N 253 -5.22 51.13 -37.29
C PRO N 253 -5.28 52.66 -37.35
N LEU N 254 -6.42 53.19 -36.90
CA LEU N 254 -6.67 54.62 -36.88
C LEU N 254 -6.42 55.13 -35.46
N ASP N 255 -5.35 55.91 -35.29
CA ASP N 255 -4.91 56.42 -34.01
C ASP N 255 -3.70 57.30 -34.25
N ILE N 256 -3.36 58.11 -33.24
CA ILE N 256 -2.17 58.95 -33.33
C ILE N 256 -0.94 58.06 -33.47
N ALA N 257 -0.07 58.41 -34.42
CA ALA N 257 1.14 57.64 -34.65
C ALA N 257 2.01 57.64 -33.40
N ASN N 258 2.36 56.45 -32.94
CA ASN N 258 3.14 56.27 -31.72
C ASN N 258 4.56 55.85 -32.07
N THR N 259 5.52 56.40 -31.33
CA THR N 259 6.92 56.02 -31.53
C THR N 259 7.11 54.56 -31.08
N GLU N 260 7.79 53.78 -31.92
CA GLU N 260 7.99 52.36 -31.62
C GLU N 260 8.88 52.13 -30.42
N THR N 261 9.55 53.16 -29.90
CA THR N 261 10.46 53.03 -28.77
C THR N 261 10.14 54.10 -27.74
N LYS N 262 9.72 53.67 -26.55
CA LYS N 262 9.59 54.53 -25.38
C LYS N 262 8.70 55.74 -25.67
N GLY N 263 7.47 55.46 -26.10
CA GLY N 263 6.48 56.51 -26.25
C GLY N 263 6.13 57.07 -24.89
N THR N 264 6.33 58.38 -24.72
CA THR N 264 6.16 59.01 -23.41
C THR N 264 5.74 60.46 -23.60
N VAL N 265 4.88 60.94 -22.72
CA VAL N 265 4.43 62.32 -22.74
C VAL N 265 5.44 63.16 -21.96
N LEU N 266 6.00 64.17 -22.63
CA LEU N 266 6.96 65.08 -22.02
C LEU N 266 6.33 66.46 -21.87
N LEU N 267 6.20 66.92 -20.63
CA LEU N 267 5.68 68.24 -20.33
C LEU N 267 6.65 68.94 -19.40
N HIS N 268 7.30 70.00 -19.89
CA HIS N 268 8.26 70.72 -19.06
C HIS N 268 7.56 71.70 -18.11
N ASN N 269 6.56 72.41 -18.59
CA ASN N 269 5.87 73.43 -17.80
C ASN N 269 4.37 73.29 -17.99
N ALA N 270 3.61 74.00 -17.14
CA ALA N 270 2.16 73.94 -17.21
C ALA N 270 1.62 74.52 -18.50
N GLN N 271 2.41 75.32 -19.22
CA GLN N 271 1.94 75.89 -20.48
C GLN N 271 1.76 74.81 -21.54
N GLU N 272 2.66 73.82 -21.57
CA GLU N 272 2.53 72.72 -22.51
C GLU N 272 1.49 71.69 -22.07
N MET N 273 1.15 71.67 -20.78
CA MET N 273 0.15 70.73 -20.29
C MET N 273 -1.27 71.17 -20.64
N LEU N 274 -1.53 72.48 -20.64
CA LEU N 274 -2.86 72.97 -20.95
C LEU N 274 -3.24 72.71 -22.41
N ASP N 275 -2.27 72.78 -23.32
CA ASP N 275 -2.52 72.56 -24.73
C ASP N 275 -2.32 71.11 -25.16
N PHE N 276 -1.97 70.22 -24.22
CA PHE N 276 -1.78 68.82 -24.57
C PHE N 276 -3.10 68.09 -24.78
N SER N 277 -4.14 68.44 -24.01
CA SER N 277 -5.43 67.79 -24.17
C SER N 277 -6.10 68.20 -25.48
N LYS N 278 -6.06 69.48 -25.82
CA LYS N 278 -6.63 69.97 -27.06
C LYS N 278 -5.73 69.73 -28.28
N GLY N 279 -4.47 69.37 -28.06
CA GLY N 279 -3.58 69.13 -29.18
C GLY N 279 -3.88 67.83 -29.89
N GLU N 280 -4.15 66.76 -29.13
CA GLU N 280 -4.45 65.47 -29.75
C GLU N 280 -5.80 65.48 -30.45
N GLU N 281 -6.73 66.34 -30.00
CA GLU N 281 -8.03 66.43 -30.65
C GLU N 281 -7.92 67.07 -32.02
N LYS N 282 -7.00 68.02 -32.20
CA LYS N 282 -6.82 68.67 -33.49
C LYS N 282 -6.05 67.80 -34.48
N GLN N 283 -5.29 66.81 -34.00
CA GLN N 283 -4.54 65.95 -34.90
C GLN N 283 -5.48 65.01 -35.66
N ILE N 284 -6.36 64.31 -34.95
CA ILE N 284 -7.32 63.43 -35.60
C ILE N 284 -8.31 64.22 -36.43
N ASP N 285 -8.68 65.42 -35.95
CA ASP N 285 -9.60 66.27 -36.71
C ASP N 285 -9.00 66.67 -38.05
N ALA N 286 -7.71 67.02 -38.06
CA ALA N 286 -7.06 67.41 -39.31
C ALA N 286 -6.87 66.23 -40.25
N MET N 287 -6.63 65.04 -39.70
CA MET N 287 -6.43 63.87 -40.55
C MET N 287 -7.74 63.33 -41.10
N MET N 288 -8.79 63.27 -40.27
CA MET N 288 -10.07 62.75 -40.70
C MET N 288 -10.85 63.74 -41.57
N LYS N 289 -10.48 65.02 -41.54
CA LYS N 289 -11.19 66.00 -42.37
C LYS N 289 -10.86 65.79 -43.85
N GLU N 290 -9.61 65.43 -44.16
CA GLU N 290 -9.24 65.19 -45.54
C GLU N 290 -9.94 63.96 -46.12
N ILE N 291 -10.25 62.98 -45.27
CA ILE N 291 -10.96 61.80 -45.74
C ILE N 291 -12.43 62.11 -45.98
N ALA N 292 -13.04 62.91 -45.09
CA ALA N 292 -14.44 63.28 -45.28
C ALA N 292 -14.64 64.21 -46.46
N ASP N 293 -13.63 65.02 -46.79
CA ASP N 293 -13.74 65.91 -47.94
C ASP N 293 -13.71 65.15 -49.27
N MET N 294 -13.16 63.94 -49.28
CA MET N 294 -13.13 63.12 -50.49
C MET N 294 -14.41 62.34 -50.71
N GLY N 295 -15.38 62.45 -49.81
CA GLY N 295 -16.62 61.71 -49.95
C GLY N 295 -16.55 60.26 -49.55
N VAL N 296 -15.74 59.93 -48.55
CA VAL N 296 -15.57 58.55 -48.10
C VAL N 296 -16.54 58.30 -46.96
N GLU N 297 -17.54 57.47 -47.21
CA GLU N 297 -18.56 57.16 -46.21
C GLU N 297 -18.26 55.91 -45.40
N CYS N 298 -17.24 55.14 -45.76
CA CYS N 298 -16.90 53.92 -45.04
C CYS N 298 -15.39 53.74 -45.01
N ILE N 299 -14.87 53.33 -43.87
CA ILE N 299 -13.44 53.11 -43.67
C ILE N 299 -13.24 51.72 -43.08
N VAL N 300 -12.37 50.93 -43.71
CA VAL N 300 -12.06 49.58 -43.26
C VAL N 300 -10.76 49.62 -42.48
N ALA N 301 -10.81 49.19 -41.22
CA ALA N 301 -9.65 49.18 -40.34
C ALA N 301 -9.18 47.75 -40.12
N GLY N 302 -7.86 47.60 -39.99
CA GLY N 302 -7.24 46.30 -39.79
C GLY N 302 -6.85 45.97 -38.37
N ALA N 303 -7.03 46.90 -37.42
CA ALA N 303 -6.67 46.67 -36.03
C ALA N 303 -7.60 47.50 -35.15
N GLY N 304 -7.29 47.54 -33.87
CA GLY N 304 -8.12 48.30 -32.94
C GLY N 304 -7.97 49.79 -33.16
N VAL N 305 -9.11 50.50 -33.14
CA VAL N 305 -9.16 51.94 -33.35
C VAL N 305 -9.49 52.60 -32.02
N GLY N 306 -8.74 53.64 -31.68
CA GLY N 306 -8.98 54.35 -30.44
C GLY N 306 -10.31 55.08 -30.44
N GLU N 307 -10.76 55.44 -29.24
CA GLU N 307 -12.04 56.13 -29.10
C GLU N 307 -11.98 57.55 -29.62
N LEU N 308 -10.83 58.21 -29.49
CA LEU N 308 -10.70 59.58 -29.99
C LEU N 308 -10.82 59.63 -31.51
N ALA N 309 -10.39 58.57 -32.21
CA ALA N 309 -10.53 58.53 -33.65
C ALA N 309 -11.95 58.19 -34.08
N LEU N 310 -12.66 57.38 -33.29
CA LEU N 310 -14.04 57.03 -33.63
C LEU N 310 -15.01 58.18 -33.42
N HIS N 311 -14.59 59.23 -32.69
CA HIS N 311 -15.49 60.34 -32.42
C HIS N 311 -15.75 61.16 -33.67
N TYR N 312 -14.69 61.57 -34.36
CA TYR N 312 -14.85 62.39 -35.57
C TYR N 312 -15.40 61.59 -36.73
N LEU N 313 -15.25 60.26 -36.72
CA LEU N 313 -15.86 59.45 -37.77
C LEU N 313 -17.38 59.43 -37.66
N ASN N 314 -17.91 59.51 -36.43
CA ASN N 314 -19.35 59.62 -36.24
C ASN N 314 -19.87 61.01 -36.51
N ARG N 315 -18.99 62.02 -36.53
CA ARG N 315 -19.42 63.38 -36.81
C ARG N 315 -19.83 63.54 -38.27
N TYR N 316 -19.04 62.98 -39.19
CA TYR N 316 -19.33 63.04 -40.61
C TYR N 316 -20.16 61.87 -41.11
N GLY N 317 -20.56 60.96 -40.22
CA GLY N 317 -21.35 59.81 -40.61
C GLY N 317 -20.58 58.81 -41.45
N ILE N 318 -19.41 58.40 -40.97
CA ILE N 318 -18.55 57.44 -41.66
C ILE N 318 -18.59 56.12 -40.90
N LEU N 319 -18.88 55.04 -41.63
CA LEU N 319 -18.93 53.72 -41.02
C LEU N 319 -17.52 53.25 -40.64
N VAL N 320 -17.48 52.32 -39.68
CA VAL N 320 -16.23 51.77 -39.18
C VAL N 320 -16.31 50.25 -39.27
N LEU N 321 -15.28 49.65 -39.86
CA LEU N 321 -15.21 48.19 -40.01
C LEU N 321 -13.90 47.69 -39.43
N LYS N 322 -13.99 46.58 -38.68
CA LYS N 322 -12.82 45.93 -38.10
C LYS N 322 -12.53 44.67 -38.89
N VAL N 323 -11.31 44.57 -39.42
CA VAL N 323 -10.86 43.43 -40.22
C VAL N 323 -9.64 42.81 -39.57
N PRO N 324 -9.82 41.87 -38.65
CA PRO N 324 -8.67 41.27 -37.97
C PRO N 324 -7.87 40.37 -38.90
N SER N 325 -6.66 40.05 -38.44
CA SER N 325 -5.69 39.18 -39.14
C SER N 325 -5.39 39.81 -40.51
N LYS N 326 -5.29 39.01 -41.57
CA LYS N 326 -4.86 39.51 -42.87
C LYS N 326 -5.82 39.11 -43.98
N PHE N 327 -5.96 37.79 -44.20
CA PHE N 327 -6.72 37.29 -45.34
C PHE N 327 -8.14 37.83 -45.38
N GLU N 328 -8.71 38.16 -44.22
CA GLU N 328 -10.06 38.73 -44.21
C GLU N 328 -10.07 40.12 -44.84
N LEU N 329 -9.03 40.92 -44.58
CA LEU N 329 -8.95 42.26 -45.16
C LEU N 329 -8.49 42.23 -46.61
N ARG N 330 -7.71 41.21 -46.99
CA ARG N 330 -7.16 41.15 -48.34
C ARG N 330 -8.27 40.98 -49.38
N ARG N 331 -9.25 40.13 -49.09
CA ARG N 331 -10.33 39.88 -50.04
C ARG N 331 -11.38 40.98 -50.06
N LEU N 332 -11.31 41.95 -49.13
CA LEU N 332 -12.26 43.05 -49.15
C LEU N 332 -11.95 44.03 -50.28
N CYS N 333 -10.66 44.26 -50.55
CA CYS N 333 -10.29 45.21 -51.59
C CYS N 333 -10.54 44.66 -52.98
N ARG N 334 -10.53 43.34 -53.14
CA ARG N 334 -10.86 42.74 -54.43
C ARG N 334 -12.32 42.94 -54.80
N VAL N 335 -13.20 43.14 -53.81
CA VAL N 335 -14.61 43.39 -54.09
C VAL N 335 -14.78 44.79 -54.68
N CYS N 336 -14.26 45.80 -53.99
CA CYS N 336 -14.44 47.19 -54.40
C CYS N 336 -13.34 47.70 -55.32
N GLY N 337 -12.27 46.94 -55.52
CA GLY N 337 -11.18 47.39 -56.36
C GLY N 337 -10.40 48.55 -55.77
N ALA N 338 -9.94 48.38 -54.53
CA ALA N 338 -9.22 49.42 -53.81
C ALA N 338 -7.81 48.96 -53.49
N THR N 339 -6.92 49.93 -53.30
CA THR N 339 -5.52 49.66 -52.96
C THR N 339 -5.23 50.19 -51.57
N PRO N 340 -4.91 49.34 -50.59
CA PRO N 340 -4.62 49.83 -49.25
C PRO N 340 -3.36 50.66 -49.21
N LEU N 341 -3.34 51.64 -48.29
CA LEU N 341 -2.15 52.42 -48.03
C LEU N 341 -2.02 52.62 -46.52
N PRO N 342 -0.79 52.56 -45.99
CA PRO N 342 -0.64 52.59 -44.53
C PRO N 342 -0.96 53.93 -43.90
N ARG N 343 -0.67 55.03 -44.57
CA ARG N 343 -0.79 56.36 -43.96
C ARG N 343 -2.24 56.70 -43.67
N LEU N 344 -2.43 57.66 -42.77
CA LEU N 344 -3.76 58.16 -42.41
C LEU N 344 -4.16 59.38 -43.23
N GLY N 345 -3.34 59.80 -44.17
CA GLY N 345 -3.65 60.96 -44.99
C GLY N 345 -4.78 60.70 -45.96
N ALA N 346 -5.06 61.72 -46.77
CA ALA N 346 -6.13 61.63 -47.76
C ALA N 346 -5.81 60.57 -48.81
N PRO N 347 -6.65 59.56 -48.97
CA PRO N 347 -6.37 58.52 -49.97
C PRO N 347 -6.43 59.08 -51.38
N THR N 348 -5.83 58.33 -52.30
CA THR N 348 -5.87 58.70 -53.72
C THR N 348 -7.24 58.39 -54.29
N PRO N 349 -7.86 59.31 -55.03
CA PRO N 349 -9.19 59.04 -55.60
C PRO N 349 -9.20 57.82 -56.52
N GLU N 350 -8.07 57.51 -57.17
CA GLU N 350 -8.02 56.34 -58.04
C GLU N 350 -8.00 55.03 -57.26
N GLU N 351 -7.59 55.08 -55.99
CA GLU N 351 -7.51 53.89 -55.15
C GLU N 351 -8.78 53.66 -54.32
N LEU N 352 -9.80 54.50 -54.49
CA LEU N 352 -11.03 54.35 -53.72
C LEU N 352 -11.95 53.33 -54.39
N GLY N 353 -12.64 52.55 -53.56
CA GLY N 353 -13.56 51.55 -54.05
C GLY N 353 -14.97 52.07 -54.21
N LEU N 354 -15.84 51.22 -54.75
CA LEU N 354 -17.23 51.57 -55.02
C LEU N 354 -18.14 50.47 -54.48
N VAL N 355 -18.98 50.82 -53.51
CA VAL N 355 -19.99 49.91 -52.96
C VAL N 355 -21.28 50.70 -52.85
N GLU N 356 -22.35 50.21 -53.49
CA GLU N 356 -23.58 50.99 -53.56
C GLU N 356 -24.31 51.01 -52.23
N THR N 357 -24.49 49.84 -51.60
CA THR N 357 -25.26 49.74 -50.38
C THR N 357 -24.51 48.92 -49.34
N VAL N 358 -24.67 49.31 -48.08
CA VAL N 358 -24.17 48.57 -46.93
C VAL N 358 -25.33 48.41 -45.96
N LYS N 359 -25.76 47.17 -45.73
CA LYS N 359 -26.93 46.89 -44.92
C LYS N 359 -26.57 46.01 -43.74
N THR N 360 -27.33 46.17 -42.65
CA THR N 360 -27.18 45.35 -41.45
C THR N 360 -28.54 44.79 -41.09
N MET N 361 -28.68 43.47 -41.15
CA MET N 361 -29.95 42.81 -40.86
C MET N 361 -29.69 41.56 -40.04
N GLU N 362 -30.76 41.02 -39.48
CA GLU N 362 -30.69 39.82 -38.65
C GLU N 362 -30.94 38.59 -39.52
N ILE N 363 -29.98 37.68 -39.53
CA ILE N 363 -30.09 36.44 -40.30
C ILE N 363 -30.18 35.26 -39.35
N GLY N 364 -29.09 34.98 -38.64
CA GLY N 364 -29.05 33.88 -37.70
C GLY N 364 -29.17 34.33 -36.26
N GLY N 365 -29.65 35.55 -36.04
CA GLY N 365 -29.78 36.12 -34.72
C GLY N 365 -28.77 37.18 -34.37
N ASP N 366 -27.77 37.41 -35.22
CA ASP N 366 -26.74 38.40 -34.97
C ASP N 366 -26.68 39.37 -36.14
N ARG N 367 -26.06 40.52 -35.89
CA ARG N 367 -25.96 41.58 -36.89
C ARG N 367 -24.82 41.27 -37.87
N VAL N 368 -25.16 41.16 -39.16
CA VAL N 368 -24.18 40.93 -40.20
C VAL N 368 -24.19 42.12 -41.15
N THR N 369 -23.02 42.44 -41.70
CA THR N 369 -22.87 43.56 -42.62
C THR N 369 -22.89 43.06 -44.05
N VAL N 370 -23.64 43.74 -44.91
CA VAL N 370 -23.88 43.31 -46.28
C VAL N 370 -23.00 44.14 -47.21
N PHE N 371 -22.04 43.48 -47.84
CA PHE N 371 -21.17 44.09 -48.85
C PHE N 371 -21.68 43.85 -50.27
N LYS N 372 -22.87 43.28 -50.42
CA LYS N 372 -23.36 42.82 -51.72
C LYS N 372 -23.27 43.92 -52.78
N GLN N 373 -22.84 43.52 -53.97
CA GLN N 373 -22.71 44.41 -55.11
C GLN N 373 -23.97 44.30 -55.98
N GLU N 374 -24.02 45.07 -57.06
CA GLU N 374 -25.16 45.06 -57.95
C GLU N 374 -24.73 44.78 -59.39
N GLN N 375 -25.67 44.92 -60.33
CA GLN N 375 -25.41 44.55 -61.73
C GLN N 375 -24.19 45.29 -62.27
N GLY N 376 -24.19 46.62 -62.18
CA GLY N 376 -23.04 47.39 -62.61
C GLY N 376 -21.93 47.39 -61.58
N GLU N 377 -20.75 47.81 -62.03
CA GLU N 377 -19.56 47.86 -61.18
C GLU N 377 -19.31 46.52 -60.50
N ILE N 378 -19.18 45.48 -61.32
CA ILE N 378 -19.15 44.11 -60.82
C ILE N 378 -17.97 43.89 -59.88
N SER N 379 -18.13 42.92 -59.00
CA SER N 379 -17.16 42.60 -57.95
C SER N 379 -16.72 41.16 -58.06
N ARG N 380 -15.64 40.84 -57.36
CA ARG N 380 -15.05 39.51 -57.34
C ARG N 380 -14.99 38.99 -55.91
N THR N 381 -14.78 37.68 -55.78
CA THR N 381 -14.78 36.97 -54.51
C THR N 381 -16.14 37.12 -53.81
N SER N 382 -17.16 36.56 -54.45
CA SER N 382 -18.51 36.55 -53.89
C SER N 382 -18.64 35.45 -52.85
N THR N 383 -19.58 35.64 -51.93
CA THR N 383 -19.82 34.69 -50.85
C THR N 383 -21.22 34.09 -50.99
N ILE N 384 -21.38 32.89 -50.45
CA ILE N 384 -22.64 32.15 -50.51
C ILE N 384 -23.13 31.95 -49.08
N ILE N 385 -24.30 32.49 -48.78
CA ILE N 385 -24.93 32.29 -47.47
C ILE N 385 -25.52 30.89 -47.41
N LEU N 386 -25.10 30.11 -46.43
CA LEU N 386 -25.54 28.73 -46.28
C LEU N 386 -26.35 28.61 -44.99
N ARG N 387 -27.63 28.29 -45.13
CA ARG N 387 -28.52 28.13 -43.99
C ARG N 387 -28.78 26.65 -43.75
N GLY N 388 -28.77 26.26 -42.48
CA GLY N 388 -28.99 24.87 -42.12
C GLY N 388 -29.41 24.74 -40.67
N ALA N 389 -30.06 23.62 -40.37
CA ALA N 389 -30.52 23.36 -39.01
C ALA N 389 -29.39 22.90 -38.10
N THR N 390 -28.52 22.03 -38.60
CA THR N 390 -27.40 21.50 -37.84
C THR N 390 -26.09 22.03 -38.38
N GLN N 391 -25.14 22.26 -37.47
CA GLN N 391 -23.81 22.73 -37.87
C GLN N 391 -23.00 21.64 -38.55
N ASN N 392 -23.29 20.37 -38.26
CA ASN N 392 -22.55 19.28 -38.89
C ASN N 392 -22.79 19.23 -40.40
N ASN N 393 -24.02 19.48 -40.82
CA ASN N 393 -24.31 19.53 -42.25
C ASN N 393 -23.68 20.76 -42.90
N LEU N 394 -23.54 21.86 -42.15
CA LEU N 394 -22.94 23.07 -42.68
C LEU N 394 -21.46 22.90 -43.00
N ASP N 395 -20.79 21.96 -42.33
CA ASP N 395 -19.35 21.77 -42.54
C ASP N 395 -19.07 21.05 -43.86
N ASP N 396 -19.79 19.97 -44.14
CA ASP N 396 -19.51 19.19 -45.35
C ASP N 396 -20.06 19.86 -46.59
N ILE N 397 -21.18 20.58 -46.48
CA ILE N 397 -21.69 21.33 -47.63
C ILE N 397 -20.71 22.43 -48.02
N GLU N 398 -20.04 23.02 -47.03
CA GLU N 398 -18.97 23.97 -47.32
C GLU N 398 -17.85 23.31 -48.13
N ARG N 399 -17.50 22.07 -47.76
CA ARG N 399 -16.54 21.32 -48.55
C ARG N 399 -17.15 20.81 -49.85
N ALA N 400 -18.46 20.60 -49.88
CA ALA N 400 -19.12 20.21 -51.12
C ALA N 400 -19.12 21.36 -52.12
N ILE N 401 -19.31 22.59 -51.65
CA ILE N 401 -19.22 23.75 -52.54
C ILE N 401 -17.79 23.95 -53.01
N ASP N 402 -16.81 23.71 -52.13
CA ASP N 402 -15.41 23.82 -52.53
C ASP N 402 -15.05 22.80 -53.59
N ASP N 403 -15.72 21.65 -53.60
CA ASP N 403 -15.51 20.67 -54.67
C ASP N 403 -16.02 21.20 -56.00
N GLY N 404 -17.12 21.96 -55.97
CA GLY N 404 -17.60 22.59 -57.19
C GLY N 404 -16.75 23.76 -57.62
N VAL N 405 -16.17 24.49 -56.66
CA VAL N 405 -15.27 25.58 -57.00
C VAL N 405 -13.98 25.04 -57.59
N ALA N 406 -13.48 23.92 -57.05
CA ALA N 406 -12.28 23.30 -57.61
C ALA N 406 -12.53 22.74 -59.00
N ALA N 407 -13.78 22.37 -59.31
CA ALA N 407 -14.09 21.91 -60.65
C ALA N 407 -14.01 23.03 -61.67
N VAL N 408 -14.23 24.28 -61.23
CA VAL N 408 -14.09 25.42 -62.13
C VAL N 408 -12.62 25.64 -62.48
N LYS N 409 -11.70 25.34 -61.57
CA LYS N 409 -10.28 25.46 -61.86
C LYS N 409 -9.86 24.52 -62.98
N GLY N 410 -10.52 23.37 -63.09
CA GLY N 410 -10.23 22.44 -64.17
C GLY N 410 -10.64 22.91 -65.54
N LEU N 411 -11.33 24.06 -65.63
CA LEU N 411 -11.73 24.64 -66.90
C LEU N 411 -10.73 25.68 -67.41
N MET N 412 -9.62 25.89 -66.70
CA MET N 412 -8.67 26.95 -67.04
C MET N 412 -7.37 26.40 -67.61
N LYS N 413 -6.62 25.62 -66.81
CA LYS N 413 -5.31 25.16 -67.25
C LYS N 413 -5.35 24.31 -68.52
N PRO N 414 -6.19 23.26 -68.62
CA PRO N 414 -6.20 22.48 -69.87
C PRO N 414 -6.89 23.21 -71.01
N SER N 415 -6.98 22.57 -72.18
CA SER N 415 -7.59 23.20 -73.33
C SER N 415 -9.11 23.29 -73.20
N GLY N 416 -9.72 22.43 -72.39
CA GLY N 416 -11.16 22.47 -72.24
C GLY N 416 -11.60 21.64 -71.06
N GLY N 417 -12.92 21.43 -70.97
CA GLY N 417 -13.47 20.64 -69.89
C GLY N 417 -13.22 19.16 -70.07
N LYS N 418 -13.39 18.64 -71.28
CA LYS N 418 -13.16 17.24 -71.62
C LYS N 418 -14.00 16.31 -70.74
N LEU N 419 -15.30 16.36 -71.00
CA LEU N 419 -16.25 15.56 -70.23
C LEU N 419 -16.09 14.08 -70.55
N LEU N 420 -16.18 13.24 -69.51
CA LEU N 420 -16.14 11.80 -69.64
C LEU N 420 -17.46 11.19 -69.21
N PRO N 421 -17.82 10.03 -69.74
CA PRO N 421 -19.06 9.37 -69.29
C PRO N 421 -19.01 9.04 -67.81
N GLY N 422 -20.06 9.42 -67.10
CA GLY N 422 -20.16 9.20 -65.67
C GLY N 422 -20.85 7.89 -65.34
N ALA N 423 -21.36 7.82 -64.11
CA ALA N 423 -22.06 6.64 -63.60
C ALA N 423 -21.19 5.38 -63.68
N GLY N 424 -19.87 5.55 -63.56
CA GLY N 424 -18.96 4.43 -63.62
C GLY N 424 -18.64 3.92 -65.00
N ALA N 425 -19.16 4.56 -66.05
CA ALA N 425 -18.91 4.09 -67.41
C ALA N 425 -17.47 4.30 -67.85
N THR N 426 -16.72 5.14 -67.14
CA THR N 426 -15.33 5.38 -67.52
C THR N 426 -14.45 4.18 -67.16
N GLU N 427 -14.59 3.66 -65.94
CA GLU N 427 -13.77 2.53 -65.52
C GLU N 427 -14.22 1.21 -66.13
N ILE N 428 -15.47 1.13 -66.59
CA ILE N 428 -15.96 -0.12 -67.17
C ILE N 428 -15.44 -0.29 -68.60
N GLU N 429 -15.42 0.79 -69.38
CA GLU N 429 -14.92 0.70 -70.75
C GLU N 429 -13.42 0.37 -70.78
N LEU N 430 -12.67 0.80 -69.76
CA LEU N 430 -11.25 0.48 -69.69
C LEU N 430 -11.00 -0.99 -69.43
N ILE N 431 -12.00 -1.72 -68.93
CA ILE N 431 -11.82 -3.14 -68.64
C ILE N 431 -11.67 -3.93 -69.94
N SER N 432 -12.52 -3.65 -70.92
CA SER N 432 -12.46 -4.37 -72.19
C SER N 432 -11.25 -3.95 -73.01
N ARG N 433 -10.77 -2.72 -72.83
CA ARG N 433 -9.62 -2.26 -73.60
C ARG N 433 -8.32 -2.81 -73.04
N ILE N 434 -8.19 -2.87 -71.72
CA ILE N 434 -6.98 -3.44 -71.11
C ILE N 434 -6.95 -4.95 -71.30
N THR N 435 -8.12 -5.60 -71.31
CA THR N 435 -8.18 -7.03 -71.56
C THR N 435 -7.60 -7.38 -72.93
N LYS N 436 -7.94 -6.58 -73.95
CA LYS N 436 -7.32 -6.76 -75.26
C LYS N 436 -5.86 -6.38 -75.25
N TYR N 437 -5.47 -5.43 -74.39
CA TYR N 437 -4.07 -5.03 -74.30
C TYR N 437 -3.23 -6.10 -73.60
N GLY N 438 -3.83 -6.85 -72.67
CA GLY N 438 -3.09 -7.90 -71.99
C GLY N 438 -2.74 -9.06 -72.89
N GLU N 439 -3.58 -9.34 -73.89
CA GLU N 439 -3.30 -10.43 -74.82
C GLU N 439 -2.24 -10.03 -75.85
N ARG N 440 -2.17 -8.74 -76.20
CA ARG N 440 -1.20 -8.27 -77.18
C ARG N 440 0.22 -8.26 -76.64
N THR N 441 0.42 -8.47 -75.34
CA THR N 441 1.75 -8.46 -74.76
C THR N 441 2.16 -9.88 -74.40
N PRO N 442 3.09 -10.49 -75.13
CA PRO N 442 3.56 -11.83 -74.76
C PRO N 442 4.37 -11.79 -73.46
N GLY N 443 4.53 -12.97 -72.88
CA GLY N 443 5.30 -13.13 -71.67
C GLY N 443 4.43 -13.30 -70.44
N LEU N 444 5.10 -13.24 -69.28
CA LEU N 444 4.44 -13.43 -68.00
C LEU N 444 3.88 -12.13 -67.41
N LEU N 445 4.09 -11.00 -68.08
CA LEU N 445 3.58 -9.71 -67.60
C LEU N 445 2.09 -9.54 -67.85
N GLN N 446 1.46 -10.45 -68.60
CA GLN N 446 0.03 -10.33 -68.87
C GLN N 446 -0.82 -10.65 -67.65
N LEU N 447 -0.26 -11.31 -66.64
CA LEU N 447 -1.03 -11.64 -65.45
C LEU N 447 -1.38 -10.39 -64.65
N ALA N 448 -0.42 -9.48 -64.48
CA ALA N 448 -0.67 -8.23 -63.77
C ALA N 448 -1.48 -7.24 -64.60
N ILE N 449 -1.43 -7.34 -65.92
CA ILE N 449 -2.18 -6.41 -66.76
C ILE N 449 -3.66 -6.78 -66.77
N LYS N 450 -3.97 -8.07 -66.88
CA LYS N 450 -5.37 -8.51 -66.87
C LYS N 450 -6.02 -8.25 -65.52
N GLN N 451 -5.28 -8.47 -64.43
CA GLN N 451 -5.81 -8.19 -63.10
C GLN N 451 -5.90 -6.69 -62.82
N PHE N 452 -5.15 -5.87 -63.58
CA PHE N 452 -5.25 -4.43 -63.41
C PHE N 452 -6.61 -3.91 -63.86
N ALA N 453 -7.20 -4.54 -64.88
CA ALA N 453 -8.54 -4.17 -65.32
C ALA N 453 -9.62 -4.74 -64.41
N VAL N 454 -9.33 -5.83 -63.69
CA VAL N 454 -10.30 -6.38 -62.76
C VAL N 454 -10.52 -5.42 -61.59
N ALA N 455 -9.49 -4.66 -61.21
CA ALA N 455 -9.63 -3.71 -60.12
C ALA N 455 -10.60 -2.58 -60.46
N PHE N 456 -10.87 -2.34 -61.75
CA PHE N 456 -11.84 -1.33 -62.15
C PHE N 456 -13.28 -1.78 -61.95
N GLU N 457 -13.51 -3.06 -61.65
CA GLU N 457 -14.86 -3.55 -61.42
C GLU N 457 -15.45 -3.10 -60.09
N VAL N 458 -14.66 -2.43 -59.24
CA VAL N 458 -15.17 -2.02 -57.94
C VAL N 458 -16.12 -0.84 -58.08
N VAL N 459 -15.95 -0.01 -59.10
CA VAL N 459 -16.79 1.16 -59.30
C VAL N 459 -18.23 0.75 -59.61
N PRO N 460 -18.48 -0.15 -60.57
CA PRO N 460 -19.87 -0.58 -60.78
C PRO N 460 -20.42 -1.41 -59.62
N ARG N 461 -19.59 -2.20 -58.95
CA ARG N 461 -20.08 -3.01 -57.83
C ARG N 461 -20.41 -2.15 -56.62
N THR N 462 -19.64 -1.09 -56.37
CA THR N 462 -19.92 -0.23 -55.22
C THR N 462 -21.18 0.59 -55.44
N LEU N 463 -21.36 1.15 -56.63
CA LEU N 463 -22.56 1.92 -56.92
C LEU N 463 -23.81 1.05 -56.90
N ALA N 464 -23.68 -0.22 -57.27
CA ALA N 464 -24.82 -1.14 -57.23
C ALA N 464 -25.11 -1.64 -55.82
N GLU N 465 -24.06 -1.85 -55.01
CA GLU N 465 -24.27 -2.34 -53.66
C GLU N 465 -24.84 -1.26 -52.75
N THR N 466 -24.33 -0.03 -52.86
CA THR N 466 -24.84 1.06 -52.03
C THR N 466 -26.24 1.50 -52.45
N ALA N 467 -26.69 1.10 -53.64
CA ALA N 467 -28.02 1.43 -54.12
C ALA N 467 -29.07 0.40 -53.73
N GLY N 468 -28.69 -0.64 -52.98
CA GLY N 468 -29.64 -1.66 -52.58
C GLY N 468 -29.97 -2.66 -53.67
N LEU N 469 -29.04 -2.92 -54.59
CA LEU N 469 -29.26 -3.85 -55.69
C LEU N 469 -28.25 -4.98 -55.61
N ASP N 470 -28.62 -6.11 -56.19
CA ASP N 470 -27.75 -7.28 -56.21
C ASP N 470 -26.67 -7.09 -57.26
N VAL N 471 -25.40 -7.19 -56.83
CA VAL N 471 -24.29 -7.03 -57.76
C VAL N 471 -24.16 -8.22 -58.69
N ASN N 472 -24.77 -9.36 -58.34
CA ASN N 472 -24.70 -10.54 -59.21
C ASN N 472 -25.66 -10.45 -60.38
N GLU N 473 -26.84 -9.84 -60.18
CA GLU N 473 -27.79 -9.69 -61.27
C GLU N 473 -27.47 -8.47 -62.14
N VAL N 474 -27.10 -7.35 -61.52
CA VAL N 474 -27.00 -6.09 -62.25
C VAL N 474 -25.69 -6.00 -63.04
N LEU N 475 -24.58 -6.42 -62.44
CA LEU N 475 -23.28 -6.20 -63.08
C LEU N 475 -23.13 -6.98 -64.39
N PRO N 476 -23.39 -8.29 -64.44
CA PRO N 476 -23.25 -9.00 -65.73
C PRO N 476 -24.19 -8.48 -66.80
N ASN N 477 -25.36 -7.94 -66.43
CA ASN N 477 -26.28 -7.39 -67.40
C ASN N 477 -25.73 -6.13 -68.05
N LEU N 478 -24.78 -5.45 -67.41
CA LEU N 478 -24.18 -4.25 -68.00
C LEU N 478 -23.15 -4.60 -69.07
N TYR N 479 -22.46 -5.73 -68.93
CA TYR N 479 -21.49 -6.14 -69.93
C TYR N 479 -22.14 -6.52 -71.26
N ALA N 480 -23.45 -6.77 -71.26
CA ALA N 480 -24.13 -7.11 -72.51
C ALA N 480 -24.03 -5.98 -73.53
N ALA N 481 -23.94 -4.74 -73.08
CA ALA N 481 -23.78 -3.62 -73.99
C ALA N 481 -22.34 -3.54 -74.52
N HIS N 482 -21.36 -3.92 -73.71
CA HIS N 482 -19.97 -3.89 -74.14
C HIS N 482 -19.50 -5.21 -74.75
N ASN N 483 -20.30 -6.27 -74.67
CA ASN N 483 -19.93 -7.55 -75.25
C ASN N 483 -20.25 -7.61 -76.75
N VAL N 484 -21.10 -6.72 -77.25
CA VAL N 484 -21.45 -6.69 -78.66
C VAL N 484 -20.47 -5.87 -79.49
N THR N 485 -19.39 -5.38 -78.88
CA THR N 485 -18.35 -4.54 -79.49
C THR N 485 -18.97 -3.46 -80.37
N GLU N 486 -18.46 -3.26 -81.59
CA GLU N 486 -18.98 -2.19 -82.42
C GLU N 486 -19.48 -2.75 -83.75
N PRO N 487 -20.62 -2.27 -84.23
CA PRO N 487 -21.24 -2.88 -85.42
C PRO N 487 -20.57 -2.50 -86.73
N GLY N 488 -21.19 -2.88 -87.85
CA GLY N 488 -20.69 -2.47 -89.15
C GLY N 488 -20.96 -1.02 -89.50
N ALA N 489 -21.69 -0.30 -88.66
CA ALA N 489 -22.01 1.10 -88.89
C ALA N 489 -21.52 1.94 -87.71
N VAL N 490 -21.27 3.22 -88.00
CA VAL N 490 -20.74 4.15 -87.00
C VAL N 490 -21.87 4.68 -86.14
N LYS N 491 -21.57 5.71 -85.33
CA LYS N 491 -22.53 6.35 -84.42
C LYS N 491 -23.09 5.32 -83.43
N THR N 492 -22.20 4.90 -82.53
CA THR N 492 -22.52 3.91 -81.50
C THR N 492 -22.69 4.63 -80.16
N ASP N 493 -23.90 4.58 -79.62
CA ASP N 493 -24.23 5.25 -78.36
C ASP N 493 -24.12 4.32 -77.16
N HIS N 494 -23.67 3.09 -77.34
CA HIS N 494 -23.61 2.14 -76.23
C HIS N 494 -22.57 2.51 -75.18
N LEU N 495 -21.71 3.50 -75.46
CA LEU N 495 -20.72 3.92 -74.48
C LEU N 495 -21.31 4.71 -73.33
N TYR N 496 -22.59 5.07 -73.40
CA TYR N 496 -23.25 5.86 -72.36
C TYR N 496 -23.95 5.00 -71.31
N LYS N 497 -23.82 3.68 -71.39
CA LYS N 497 -24.45 2.82 -70.40
C LYS N 497 -23.70 2.91 -69.07
N GLY N 498 -24.46 2.93 -67.97
CA GLY N 498 -23.89 3.09 -66.65
C GLY N 498 -24.75 2.44 -65.60
N VAL N 499 -24.30 2.57 -64.35
CA VAL N 499 -24.98 1.97 -63.20
C VAL N 499 -26.04 2.93 -62.69
N ASP N 500 -27.20 2.37 -62.34
CA ASP N 500 -28.32 3.15 -61.84
C ASP N 500 -28.49 2.92 -60.34
N ILE N 501 -28.95 3.95 -59.65
CA ILE N 501 -29.31 3.85 -58.23
C ILE N 501 -30.81 3.59 -58.14
N ASP N 502 -31.17 2.58 -57.35
CA ASP N 502 -32.53 2.16 -57.02
C ASP N 502 -33.47 2.23 -58.23
N GLY N 503 -34.66 2.79 -58.06
CA GLY N 503 -35.57 2.93 -59.18
C GLY N 503 -36.05 1.59 -59.68
N GLU N 504 -35.99 1.40 -61.00
CA GLU N 504 -36.41 0.15 -61.64
C GLU N 504 -35.26 -0.83 -61.84
N SER N 505 -34.04 -0.44 -61.47
CA SER N 505 -32.83 -1.25 -61.66
C SER N 505 -32.70 -1.72 -63.10
N ASP N 506 -32.28 -2.96 -63.29
CA ASP N 506 -32.07 -3.56 -64.61
C ASP N 506 -31.32 -2.60 -65.54
N GLU N 507 -30.06 -2.35 -65.18
CA GLU N 507 -29.23 -1.33 -65.82
C GLU N 507 -29.99 -0.01 -65.71
N GLY N 508 -30.38 0.63 -66.80
CA GLY N 508 -31.28 1.77 -66.74
C GLY N 508 -30.58 3.10 -66.98
N VAL N 509 -31.38 4.15 -66.84
CA VAL N 509 -31.01 5.54 -67.10
C VAL N 509 -30.65 5.66 -68.58
N LYS N 510 -31.11 4.70 -69.38
CA LYS N 510 -30.92 4.71 -70.83
C LYS N 510 -29.48 5.05 -71.19
N ASP N 511 -29.30 6.11 -71.97
CA ASP N 511 -28.00 6.71 -72.20
C ASP N 511 -27.84 7.90 -71.26
N ILE N 512 -26.68 7.97 -70.58
CA ILE N 512 -26.44 9.03 -69.60
C ILE N 512 -26.34 10.41 -70.22
N ARG N 513 -26.33 10.51 -71.56
CA ARG N 513 -26.29 11.81 -72.21
C ARG N 513 -27.51 12.66 -71.82
N GLU N 514 -28.67 12.02 -71.64
CA GLU N 514 -29.85 12.75 -71.20
C GLU N 514 -29.79 13.09 -69.71
N GLU N 515 -29.13 12.25 -68.91
CA GLU N 515 -29.01 12.52 -67.48
C GLU N 515 -28.10 13.70 -67.19
N ASN N 516 -27.21 14.06 -68.13
CA ASN N 516 -26.30 15.19 -68.07
C ASN N 516 -25.16 14.99 -67.07
N ILE N 517 -25.14 13.89 -66.33
CA ILE N 517 -24.05 13.63 -65.39
C ILE N 517 -22.85 13.12 -66.17
N TYR N 518 -21.71 13.81 -66.03
CA TYR N 518 -20.47 13.45 -66.67
C TYR N 518 -19.34 13.49 -65.65
N ASP N 519 -18.13 13.17 -66.11
CA ASP N 519 -16.94 13.21 -65.29
C ASP N 519 -15.89 14.08 -65.95
N MET N 520 -14.91 14.52 -65.15
CA MET N 520 -13.84 15.37 -65.64
C MET N 520 -12.65 14.52 -66.04
N LEU N 521 -12.06 14.83 -67.20
CA LEU N 521 -10.90 14.08 -67.66
C LEU N 521 -9.65 14.44 -66.86
N ALA N 522 -9.50 15.73 -66.53
CA ALA N 522 -8.33 16.15 -65.76
C ALA N 522 -8.32 15.52 -64.37
N THR N 523 -9.50 15.18 -63.84
CA THR N 523 -9.56 14.52 -62.54
C THR N 523 -9.15 13.06 -62.64
N LYS N 524 -9.63 12.35 -63.67
CA LYS N 524 -9.32 10.94 -63.82
C LYS N 524 -7.86 10.69 -64.17
N LYS N 525 -7.16 11.69 -64.74
CA LYS N 525 -5.75 11.53 -65.05
C LYS N 525 -4.92 11.36 -63.78
N PHE N 526 -5.06 12.29 -62.84
CA PHE N 526 -4.29 12.23 -61.60
C PHE N 526 -4.87 11.25 -60.59
N ALA N 527 -6.15 10.90 -60.72
CA ALA N 527 -6.74 9.94 -59.80
C ALA N 527 -6.17 8.54 -60.00
N ILE N 528 -5.87 8.18 -61.26
CA ILE N 528 -5.30 6.88 -61.54
C ILE N 528 -3.81 6.86 -61.22
N ASN N 529 -3.11 7.97 -61.50
CA ASN N 529 -1.67 8.03 -61.27
C ASN N 529 -1.34 7.96 -59.78
N VAL N 530 -2.08 8.70 -58.95
CA VAL N 530 -1.81 8.70 -57.51
C VAL N 530 -2.21 7.35 -56.90
N ALA N 531 -3.34 6.80 -57.33
CA ALA N 531 -3.78 5.52 -56.78
C ALA N 531 -2.85 4.38 -57.18
N THR N 532 -2.28 4.45 -58.39
CA THR N 532 -1.35 3.42 -58.82
C THR N 532 -0.03 3.49 -58.05
N GLU N 533 0.50 4.71 -57.90
CA GLU N 533 1.74 4.88 -57.14
C GLU N 533 1.54 4.58 -55.66
N ALA N 534 0.33 4.75 -55.15
CA ALA N 534 0.06 4.41 -53.76
C ALA N 534 0.13 2.91 -53.53
N ALA N 535 -0.45 2.12 -54.44
CA ALA N 535 -0.37 0.67 -54.34
C ALA N 535 1.00 0.16 -54.76
N THR N 536 1.67 0.86 -55.68
CA THR N 536 3.02 0.45 -56.08
C THR N 536 4.01 0.64 -54.94
N THR N 537 3.87 1.72 -54.17
CA THR N 537 4.76 1.95 -53.05
C THR N 537 4.64 0.85 -52.00
N VAL N 538 3.42 0.39 -51.74
CA VAL N 538 3.23 -0.68 -50.76
C VAL N 538 3.84 -1.98 -51.26
N LEU N 539 3.67 -2.27 -52.55
CA LEU N 539 4.21 -3.50 -53.12
C LEU N 539 5.72 -3.44 -53.34
N SER N 540 6.29 -2.24 -53.40
CA SER N 540 7.73 -2.07 -53.59
C SER N 540 8.52 -2.15 -52.29
N ILE N 541 7.85 -2.27 -51.15
CA ILE N 541 8.52 -2.32 -49.85
C ILE N 541 8.54 -3.78 -49.41
N ASP N 542 9.73 -4.38 -49.40
CA ASP N 542 9.86 -5.77 -48.97
C ASP N 542 9.90 -5.90 -47.46
N GLN N 543 10.44 -4.90 -46.77
CA GLN N 543 10.60 -4.97 -45.31
C GLN N 543 10.16 -3.66 -44.68
N ILE N 544 9.38 -3.76 -43.60
CA ILE N 544 8.85 -2.62 -42.88
C ILE N 544 9.40 -2.66 -41.45
N ILE N 545 9.90 -1.52 -40.97
CA ILE N 545 10.46 -1.40 -39.64
C ILE N 545 9.71 -0.30 -38.89
N MET N 546 9.31 -0.59 -37.66
CA MET N 546 8.60 0.35 -36.82
C MET N 546 9.38 0.60 -35.53
N ALA N 547 9.06 1.71 -34.86
CA ALA N 547 9.76 2.12 -33.65
C ALA N 547 8.76 2.32 -32.52
N LYS N 548 9.15 1.95 -31.31
CA LYS N 548 8.42 2.19 -30.07
C LYS N 548 7.14 1.36 -29.99
N LYS N 549 6.72 0.77 -31.11
CA LYS N 549 5.52 -0.05 -31.15
C LYS N 549 5.44 -0.85 -32.45
N SER O 2 2.40 -15.05 -38.55
CA SER O 2 1.00 -15.45 -38.58
C SER O 2 0.65 -16.34 -37.39
N LEU O 3 1.64 -16.56 -36.52
CA LEU O 3 1.43 -17.42 -35.37
C LEU O 3 0.68 -16.70 -34.25
N GLN O 4 0.94 -15.40 -34.09
CA GLN O 4 0.27 -14.65 -33.01
C GLN O 4 -1.23 -14.57 -33.22
N LEU O 5 -1.69 -14.65 -34.47
CA LEU O 5 -3.12 -14.68 -34.72
C LEU O 5 -3.77 -15.91 -34.11
N LEU O 6 -3.03 -17.02 -34.02
CA LEU O 6 -3.56 -18.22 -33.39
C LEU O 6 -3.60 -18.07 -31.87
N ASN O 7 -2.48 -17.67 -31.27
CA ASN O 7 -2.40 -17.46 -29.83
C ASN O 7 -1.60 -16.19 -29.58
N PRO O 8 -2.02 -15.36 -28.63
CA PRO O 8 -1.25 -14.14 -28.34
C PRO O 8 0.11 -14.43 -27.72
N LYS O 9 0.23 -15.45 -26.89
CA LYS O 9 1.47 -15.73 -26.17
C LYS O 9 2.41 -16.64 -26.94
N ALA O 10 2.07 -17.04 -28.16
CA ALA O 10 2.91 -17.94 -28.95
C ALA O 10 4.03 -17.16 -29.64
N GLU O 11 5.24 -17.72 -29.60
CA GLU O 11 6.40 -17.12 -30.23
C GLU O 11 7.07 -18.15 -31.14
N SER O 12 7.77 -17.64 -32.16
CA SER O 12 8.45 -18.51 -33.10
C SER O 12 9.58 -17.76 -33.76
N LEU O 13 10.52 -18.52 -34.31
CA LEU O 13 11.65 -17.99 -35.09
C LEU O 13 11.78 -18.86 -36.34
N ARG O 14 11.64 -18.22 -37.50
CA ARG O 14 11.56 -18.97 -38.76
C ARG O 14 12.80 -18.74 -39.62
N ARG O 15 13.12 -19.77 -40.41
CA ARG O 15 14.21 -19.75 -41.40
C ARG O 15 15.52 -19.49 -40.65
N ASP O 16 16.30 -18.47 -41.03
CA ASP O 16 17.60 -18.26 -40.41
C ASP O 16 17.51 -17.84 -38.95
N ALA O 17 16.34 -17.38 -38.51
CA ALA O 17 16.18 -17.01 -37.10
C ALA O 17 16.37 -18.23 -36.19
N ALA O 18 15.79 -19.37 -36.58
CA ALA O 18 16.01 -20.60 -35.84
C ALA O 18 17.32 -21.29 -36.24
N LEU O 19 17.87 -20.95 -37.40
CA LEU O 19 19.12 -21.58 -37.84
C LEU O 19 20.31 -21.07 -37.02
N LYS O 20 20.33 -19.77 -36.73
CA LYS O 20 21.38 -19.23 -35.89
C LYS O 20 21.35 -19.80 -34.47
N VAL O 21 20.18 -20.26 -34.02
CA VAL O 21 20.08 -20.84 -32.68
C VAL O 21 20.77 -22.19 -32.63
N ASN O 22 20.50 -23.05 -33.62
CA ASN O 22 21.07 -24.39 -33.62
C ASN O 22 22.59 -24.35 -33.75
N VAL O 23 23.13 -23.35 -34.46
CA VAL O 23 24.58 -23.24 -34.61
C VAL O 23 25.20 -22.66 -33.34
N THR O 24 24.54 -21.67 -32.73
CA THR O 24 25.10 -21.01 -31.54
C THR O 24 24.97 -21.89 -30.30
N SER O 25 23.79 -22.49 -30.09
CA SER O 25 23.58 -23.29 -28.89
C SER O 25 24.47 -24.53 -28.88
N ALA O 26 24.72 -25.12 -30.05
CA ALA O 26 25.61 -26.28 -30.11
C ALA O 26 27.06 -25.86 -29.94
N GLU O 27 27.43 -24.69 -30.47
CA GLU O 27 28.80 -24.21 -30.30
C GLU O 27 29.06 -23.79 -28.85
N GLY O 28 28.05 -23.21 -28.19
CA GLY O 28 28.22 -22.84 -26.80
C GLY O 28 28.32 -24.05 -25.88
N LEU O 29 27.55 -25.10 -26.19
CA LEU O 29 27.63 -26.32 -25.38
C LEU O 29 28.93 -27.06 -25.64
N GLN O 30 29.39 -27.05 -26.90
CA GLN O 30 30.67 -27.70 -27.22
C GLN O 30 31.83 -26.97 -26.57
N SER O 31 31.78 -25.65 -26.52
CA SER O 31 32.89 -24.87 -25.96
C SER O 31 33.11 -25.20 -24.49
N VAL O 32 32.06 -25.59 -23.77
CA VAL O 32 32.20 -25.96 -22.37
C VAL O 32 32.78 -27.37 -22.23
N LEU O 33 32.31 -28.29 -23.07
CA LEU O 33 32.71 -29.69 -22.97
C LEU O 33 33.93 -30.04 -23.81
N GLU O 34 34.41 -29.14 -24.66
CA GLU O 34 35.59 -29.45 -25.45
C GLU O 34 36.86 -29.47 -24.59
N THR O 35 36.86 -28.74 -23.48
CA THR O 35 38.02 -28.70 -22.61
C THR O 35 38.19 -29.97 -21.79
N ASN O 36 37.22 -30.87 -21.82
CA ASN O 36 37.28 -32.12 -21.08
C ASN O 36 37.77 -33.30 -21.93
N LEU O 37 38.09 -33.06 -23.20
CA LEU O 37 38.48 -34.13 -24.11
C LEU O 37 39.98 -34.36 -24.02
N GLY O 38 40.37 -35.61 -23.71
CA GLY O 38 41.77 -35.96 -23.63
C GLY O 38 42.26 -36.15 -22.21
N PRO O 39 43.45 -36.74 -22.06
CA PRO O 39 44.01 -36.92 -20.72
C PRO O 39 44.42 -35.62 -20.03
N LYS O 40 44.71 -34.57 -20.80
CA LYS O 40 45.06 -33.27 -20.26
C LYS O 40 43.85 -32.38 -20.05
N GLY O 41 42.64 -32.91 -20.28
CA GLY O 41 41.45 -32.09 -20.21
C GLY O 41 41.21 -31.52 -18.83
N THR O 42 40.33 -30.52 -18.80
CA THR O 42 40.00 -29.81 -17.57
C THR O 42 39.12 -30.68 -16.66
N LEU O 43 39.10 -30.32 -15.38
CA LEU O 43 38.27 -31.00 -14.37
C LEU O 43 37.20 -30.03 -13.90
N LYS O 44 35.94 -30.45 -14.03
CA LYS O 44 34.80 -29.64 -13.62
C LYS O 44 34.36 -30.03 -12.21
N MET O 45 33.94 -29.03 -11.43
CA MET O 45 33.43 -29.23 -10.08
C MET O 45 31.97 -28.83 -10.06
N LEU O 46 31.09 -29.83 -9.90
CA LEU O 46 29.65 -29.60 -9.85
C LEU O 46 29.23 -29.32 -8.41
N VAL O 47 28.64 -28.14 -8.18
CA VAL O 47 28.17 -27.73 -6.87
C VAL O 47 26.72 -27.33 -7.01
N ASP O 48 25.83 -28.07 -6.35
CA ASP O 48 24.40 -27.79 -6.39
C ASP O 48 24.02 -26.87 -5.22
N GLY O 49 22.72 -26.66 -5.03
CA GLY O 49 22.26 -25.83 -3.93
C GLY O 49 22.42 -26.47 -2.56
N ALA O 50 22.56 -27.79 -2.51
CA ALA O 50 22.72 -28.50 -1.25
C ALA O 50 24.17 -28.55 -0.77
N GLY O 51 25.12 -28.20 -1.62
CA GLY O 51 26.52 -28.21 -1.26
C GLY O 51 27.30 -29.44 -1.65
N ASN O 52 26.75 -30.30 -2.50
CA ASN O 52 27.46 -31.50 -2.92
C ASN O 52 28.48 -31.16 -3.99
N ILE O 53 29.66 -31.76 -3.87
CA ILE O 53 30.77 -31.54 -4.79
C ILE O 53 31.03 -32.82 -5.57
N LYS O 54 31.07 -32.70 -6.90
CA LYS O 54 31.30 -33.84 -7.78
C LYS O 54 32.35 -33.46 -8.81
N LEU O 55 33.46 -34.20 -8.83
CA LEU O 55 34.54 -33.98 -9.79
C LEU O 55 34.51 -35.11 -10.82
N THR O 56 34.17 -34.76 -12.06
CA THR O 56 34.20 -35.74 -13.14
C THR O 56 34.48 -35.02 -14.46
N LYS O 57 35.19 -35.71 -15.34
CA LYS O 57 35.46 -35.21 -16.68
C LYS O 57 34.50 -35.76 -17.73
N ASP O 58 33.57 -36.62 -17.32
CA ASP O 58 32.63 -37.21 -18.25
C ASP O 58 31.44 -36.28 -18.45
N GLY O 59 30.96 -36.21 -19.70
CA GLY O 59 29.82 -35.38 -20.03
C GLY O 59 28.48 -35.92 -19.61
N LYS O 60 28.41 -37.21 -19.24
CA LYS O 60 27.13 -37.79 -18.82
C LYS O 60 26.69 -37.23 -17.47
N VAL O 61 27.62 -37.08 -16.53
CA VAL O 61 27.26 -36.55 -15.22
C VAL O 61 27.09 -35.03 -15.28
N LEU O 62 27.87 -34.34 -16.11
CA LEU O 62 27.76 -32.89 -16.19
C LEU O 62 26.41 -32.46 -16.76
N LEU O 63 25.98 -33.09 -17.85
CA LEU O 63 24.70 -32.74 -18.45
C LEU O 63 23.51 -33.20 -17.62
N THR O 64 23.70 -34.19 -16.75
CA THR O 64 22.61 -34.67 -15.92
C THR O 64 22.37 -33.74 -14.73
N GLU O 65 23.44 -33.28 -14.08
CA GLU O 65 23.30 -32.41 -12.92
C GLU O 65 22.91 -30.99 -13.32
N MET O 66 23.35 -30.53 -14.49
CA MET O 66 23.06 -29.18 -14.97
C MET O 66 21.89 -29.23 -15.95
N GLN O 67 20.77 -28.62 -15.58
CA GLN O 67 19.62 -28.56 -16.46
C GLN O 67 19.86 -27.56 -17.58
N ILE O 68 19.53 -27.95 -18.80
CA ILE O 68 19.78 -27.15 -19.99
C ILE O 68 18.50 -26.41 -20.36
N GLN O 69 18.58 -25.08 -20.39
CA GLN O 69 17.43 -24.26 -20.77
C GLN O 69 17.23 -24.22 -22.29
N SER O 70 18.33 -24.20 -23.04
CA SER O 70 18.24 -24.09 -24.50
C SER O 70 17.70 -25.39 -25.09
N PRO O 71 16.60 -25.34 -25.85
CA PRO O 71 16.06 -26.58 -26.43
C PRO O 71 17.00 -27.27 -27.40
N THR O 72 17.86 -26.53 -28.08
CA THR O 72 18.76 -27.13 -29.05
C THR O 72 19.76 -28.06 -28.36
N ALA O 73 20.35 -27.62 -27.25
CA ALA O 73 21.31 -28.44 -26.54
C ALA O 73 20.68 -29.62 -25.81
N VAL O 74 19.35 -29.67 -25.72
CA VAL O 74 18.69 -30.80 -25.09
C VAL O 74 18.81 -32.04 -25.97
N LEU O 75 18.73 -31.85 -27.29
CA LEU O 75 18.91 -32.98 -28.21
C LEU O 75 20.32 -33.56 -28.09
N ILE O 76 21.32 -32.69 -27.90
CA ILE O 76 22.69 -33.17 -27.75
C ILE O 76 22.86 -33.89 -26.41
N ALA O 77 22.20 -33.39 -25.37
CA ALA O 77 22.29 -34.04 -24.06
C ALA O 77 21.63 -35.41 -24.08
N ARG O 78 20.46 -35.53 -24.72
CA ARG O 78 19.80 -36.82 -24.81
C ARG O 78 20.54 -37.76 -25.75
N ALA O 79 21.26 -37.23 -26.73
CA ALA O 79 22.07 -38.07 -27.60
C ALA O 79 23.33 -38.56 -26.89
N ALA O 80 23.97 -37.68 -26.11
CA ALA O 80 25.14 -38.10 -25.34
C ALA O 80 24.74 -39.04 -24.21
N ALA O 81 23.52 -38.90 -23.69
CA ALA O 81 23.06 -39.82 -22.65
C ALA O 81 22.82 -41.21 -23.21
N ALA O 82 22.23 -41.30 -24.40
CA ALA O 82 22.02 -42.59 -25.04
C ALA O 82 23.33 -43.22 -25.46
N GLN O 83 24.35 -42.41 -25.75
CA GLN O 83 25.66 -42.95 -26.07
C GLN O 83 26.32 -43.59 -24.86
N ASP O 84 26.07 -43.05 -23.67
CA ASP O 84 26.65 -43.62 -22.45
C ASP O 84 25.90 -44.86 -21.98
N GLU O 85 24.65 -45.06 -22.41
CA GLU O 85 23.88 -46.21 -21.94
C GLU O 85 24.43 -47.51 -22.51
N ILE O 86 24.53 -47.61 -23.85
CA ILE O 86 24.95 -48.86 -24.46
C ILE O 86 26.47 -49.01 -24.41
N THR O 87 27.21 -47.97 -24.80
CA THR O 87 28.65 -48.08 -24.94
C THR O 87 29.43 -47.65 -23.70
N GLY O 88 28.77 -47.01 -22.73
CA GLY O 88 29.44 -46.55 -21.53
C GLY O 88 30.53 -45.53 -21.77
N ASP O 89 30.63 -45.02 -23.00
CA ASP O 89 31.69 -44.08 -23.37
C ASP O 89 31.24 -43.30 -24.59
N GLY O 90 31.90 -42.18 -24.82
CA GLY O 90 31.62 -41.35 -25.97
C GLY O 90 30.72 -40.16 -25.74
N THR O 91 30.51 -39.76 -24.48
CA THR O 91 29.65 -38.61 -24.21
C THR O 91 30.26 -37.32 -24.76
N THR O 92 31.53 -37.05 -24.40
CA THR O 92 32.18 -35.83 -24.87
C THR O 92 32.42 -35.87 -26.37
N THR O 93 32.68 -37.05 -26.92
CA THR O 93 32.98 -37.16 -28.35
C THR O 93 31.77 -36.76 -29.21
N VAL O 94 30.59 -37.26 -28.85
CA VAL O 94 29.39 -36.96 -29.64
C VAL O 94 29.06 -35.47 -29.56
N VAL O 95 29.24 -34.86 -28.39
CA VAL O 95 28.94 -33.44 -28.24
C VAL O 95 29.84 -32.60 -29.13
N CYS O 96 31.13 -32.97 -29.21
CA CYS O 96 32.07 -32.21 -30.03
C CYS O 96 31.79 -32.39 -31.52
N LEU O 97 31.23 -33.54 -31.91
CA LEU O 97 30.95 -33.78 -33.32
C LEU O 97 29.69 -33.05 -33.78
N VAL O 98 28.64 -33.04 -32.96
CA VAL O 98 27.38 -32.41 -33.36
C VAL O 98 27.58 -30.91 -33.60
N GLY O 99 28.24 -30.24 -32.65
CA GLY O 99 28.48 -28.81 -32.81
C GLY O 99 29.40 -28.48 -33.98
N GLU O 100 30.30 -29.40 -34.32
CA GLU O 100 31.21 -29.16 -35.43
C GLU O 100 30.52 -29.42 -36.77
N LEU O 101 29.66 -30.43 -36.85
CA LEU O 101 28.93 -30.68 -38.08
C LEU O 101 28.01 -29.52 -38.44
N LEU O 102 27.48 -28.82 -37.44
CA LEU O 102 26.60 -27.69 -37.70
C LEU O 102 27.39 -26.46 -38.16
N ARG O 103 28.52 -26.18 -37.51
CA ARG O 103 29.30 -25.01 -37.89
C ARG O 103 29.89 -25.16 -39.28
N GLN O 104 30.37 -26.35 -39.63
CA GLN O 104 30.92 -26.56 -40.96
C GLN O 104 29.84 -26.48 -42.03
N ALA O 105 28.64 -26.97 -41.72
CA ALA O 105 27.54 -26.89 -42.69
C ALA O 105 26.91 -25.50 -42.72
N HIS O 106 27.00 -24.75 -41.62
CA HIS O 106 26.43 -23.40 -41.60
C HIS O 106 27.21 -22.46 -42.52
N ARG O 107 28.49 -22.74 -42.75
CA ARG O 107 29.28 -21.90 -43.64
C ARG O 107 28.81 -22.03 -45.09
N PHE O 108 28.33 -23.20 -45.49
CA PHE O 108 27.82 -23.38 -46.84
C PHE O 108 26.41 -22.83 -47.00
N ILE O 109 25.63 -22.78 -45.92
CA ILE O 109 24.28 -22.25 -46.01
C ILE O 109 24.31 -20.76 -46.34
N GLN O 110 25.26 -20.02 -45.76
CA GLN O 110 25.40 -18.61 -46.09
C GLN O 110 25.84 -18.40 -47.53
N GLU O 111 26.38 -19.43 -48.18
CA GLU O 111 26.79 -19.35 -49.57
C GLU O 111 25.64 -19.65 -50.54
N GLY O 112 24.45 -19.93 -50.04
CA GLY O 112 23.31 -20.24 -50.87
C GLY O 112 23.00 -21.72 -51.03
N VAL O 113 23.58 -22.58 -50.20
CA VAL O 113 23.37 -24.02 -50.31
C VAL O 113 22.17 -24.40 -49.45
N HIS O 114 21.24 -25.17 -50.03
CA HIS O 114 20.05 -25.58 -49.32
C HIS O 114 20.38 -26.72 -48.36
N PRO O 115 19.78 -26.72 -47.16
CA PRO O 115 20.12 -27.75 -46.17
C PRO O 115 19.77 -29.18 -46.59
N ARG O 116 18.90 -29.36 -47.58
CA ARG O 116 18.51 -30.71 -47.97
C ARG O 116 19.67 -31.48 -48.59
N ILE O 117 20.39 -30.86 -49.53
CA ILE O 117 21.52 -31.52 -50.14
C ILE O 117 22.70 -31.64 -49.18
N ILE O 118 22.73 -30.82 -48.12
CA ILE O 118 23.76 -30.96 -47.11
C ILE O 118 23.56 -32.24 -46.31
N THR O 119 22.31 -32.58 -46.00
CA THR O 119 22.02 -33.82 -45.30
C THR O 119 22.31 -35.04 -46.17
N ASP O 120 22.25 -34.87 -47.50
CA ASP O 120 22.61 -35.96 -48.40
C ASP O 120 24.09 -36.30 -48.30
N GLY O 121 24.95 -35.28 -48.27
CA GLY O 121 26.38 -35.49 -48.14
C GLY O 121 26.79 -36.14 -46.84
N PHE O 122 25.97 -36.01 -45.80
CA PHE O 122 26.28 -36.65 -44.52
C PHE O 122 26.01 -38.15 -44.57
N GLU O 123 24.90 -38.56 -45.17
CA GLU O 123 24.55 -39.98 -45.20
C GLU O 123 25.44 -40.75 -46.17
N ILE O 124 25.80 -40.12 -47.29
CA ILE O 124 26.65 -40.80 -48.28
C ILE O 124 28.07 -40.96 -47.73
N ALA O 125 28.58 -39.95 -47.04
CA ALA O 125 29.92 -40.03 -46.49
C ALA O 125 29.98 -40.90 -45.24
N ARG O 126 28.88 -41.02 -44.50
CA ARG O 126 28.87 -41.86 -43.31
C ARG O 126 28.88 -43.33 -43.69
N LYS O 127 28.15 -43.71 -44.74
CA LYS O 127 28.16 -45.10 -45.20
C LYS O 127 29.54 -45.49 -45.72
N GLU O 128 30.26 -44.55 -46.33
CA GLU O 128 31.63 -44.84 -46.77
C GLU O 128 32.58 -44.97 -45.58
N SER O 129 32.29 -44.27 -44.48
CA SER O 129 33.11 -44.40 -43.29
C SER O 129 32.90 -45.74 -42.61
N MET O 130 31.70 -46.31 -42.71
CA MET O 130 31.45 -47.63 -42.14
C MET O 130 32.19 -48.71 -42.92
N LYS O 131 32.30 -48.54 -44.24
CA LYS O 131 33.08 -49.49 -45.03
C LYS O 131 34.57 -49.37 -44.74
N PHE O 132 35.05 -48.15 -44.52
CA PHE O 132 36.45 -47.96 -44.14
C PHE O 132 36.70 -48.43 -42.71
N LEU O 133 35.67 -48.40 -41.86
CA LEU O 133 35.83 -48.88 -40.49
C LEU O 133 36.13 -50.37 -40.44
N ASP O 134 35.60 -51.13 -41.41
CA ASP O 134 35.85 -52.56 -41.42
C ASP O 134 37.28 -52.87 -41.85
N GLU O 135 37.83 -52.09 -42.79
CA GLU O 135 39.20 -52.31 -43.23
C GLU O 135 40.22 -51.72 -42.25
N PHE O 136 39.85 -50.66 -41.53
CA PHE O 136 40.78 -50.02 -40.62
C PHE O 136 40.91 -50.78 -39.30
N LYS O 137 39.87 -51.48 -38.88
CA LYS O 137 39.92 -52.21 -37.62
C LYS O 137 40.79 -53.46 -37.76
N ILE O 138 41.38 -53.88 -36.63
CA ILE O 138 42.26 -55.03 -36.59
C ILE O 138 41.66 -56.07 -35.65
N SER O 139 41.50 -57.29 -36.14
CA SER O 139 40.96 -58.37 -35.33
C SER O 139 42.02 -58.93 -34.39
N LYS O 140 41.60 -59.23 -33.16
CA LYS O 140 42.50 -59.75 -32.14
C LYS O 140 42.01 -61.12 -31.67
N THR O 141 42.93 -61.88 -31.11
CA THR O 141 42.64 -63.22 -30.58
C THR O 141 42.54 -63.12 -29.06
N ASN O 142 41.33 -63.31 -28.53
CA ASN O 142 41.10 -63.25 -27.10
C ASN O 142 41.17 -64.60 -26.42
N LEU O 143 41.48 -65.67 -27.16
CA LEU O 143 41.57 -67.00 -26.57
C LEU O 143 42.81 -67.15 -25.68
N SER O 144 43.85 -66.33 -25.90
CA SER O 144 45.05 -66.43 -25.09
C SER O 144 44.87 -65.79 -23.72
N ASN O 145 43.99 -64.80 -23.61
CA ASN O 145 43.73 -64.10 -22.35
C ASN O 145 45.01 -63.48 -21.79
N ASP O 146 45.73 -62.76 -22.66
CA ASP O 146 46.97 -62.10 -22.25
C ASP O 146 46.67 -60.85 -21.45
N ARG O 147 47.51 -60.57 -20.45
CA ARG O 147 47.31 -59.40 -19.61
C ARG O 147 47.81 -58.13 -20.27
N GLU O 148 48.93 -58.20 -20.99
CA GLU O 148 49.54 -56.99 -21.56
C GLU O 148 48.61 -56.29 -22.54
N PHE O 149 47.82 -57.05 -23.28
CA PHE O 149 46.88 -56.45 -24.21
C PHE O 149 45.74 -55.76 -23.48
N LEU O 150 45.27 -56.34 -22.38
CA LEU O 150 44.16 -55.75 -21.64
C LEU O 150 44.62 -54.59 -20.76
N LEU O 151 45.88 -54.57 -20.35
CA LEU O 151 46.37 -53.46 -19.52
C LEU O 151 46.44 -52.16 -20.32
N GLN O 152 46.88 -52.24 -21.58
CA GLN O 152 47.01 -51.03 -22.38
C GLN O 152 45.65 -50.48 -22.81
N VAL O 153 44.70 -51.37 -23.10
CA VAL O 153 43.37 -50.91 -23.48
C VAL O 153 42.65 -50.31 -22.29
N ALA O 154 42.78 -50.93 -21.11
CA ALA O 154 42.12 -50.41 -19.92
C ALA O 154 42.77 -49.13 -19.43
N ARG O 155 44.09 -48.98 -19.63
CA ARG O 155 44.77 -47.77 -19.20
C ARG O 155 44.36 -46.56 -20.03
N SER O 156 44.08 -46.77 -21.33
CA SER O 156 43.72 -45.66 -22.20
C SER O 156 42.45 -44.97 -21.73
N SER O 157 41.51 -45.71 -21.15
CA SER O 157 40.29 -45.10 -20.64
C SER O 157 40.52 -44.41 -19.30
N LEU O 158 41.44 -44.90 -18.49
CA LEU O 158 41.69 -44.31 -17.18
C LEU O 158 42.54 -43.05 -17.28
N LEU O 159 43.35 -42.91 -18.32
CA LEU O 159 44.16 -41.70 -18.50
C LEU O 159 43.29 -40.48 -18.75
N THR O 160 42.04 -40.66 -19.19
CA THR O 160 41.12 -39.56 -19.42
C THR O 160 40.31 -39.21 -18.19
N LYS O 161 40.57 -39.86 -17.05
CA LYS O 161 39.85 -39.60 -15.81
C LYS O 161 40.76 -38.99 -14.76
N VAL O 162 41.77 -39.73 -14.30
CA VAL O 162 42.66 -39.25 -13.25
C VAL O 162 44.08 -39.19 -13.77
N ASP O 163 45.03 -38.83 -12.91
CA ASP O 163 46.42 -38.71 -13.30
C ASP O 163 47.05 -40.09 -13.49
N ALA O 164 48.33 -40.10 -13.86
CA ALA O 164 49.03 -41.35 -14.12
C ALA O 164 49.34 -42.13 -12.86
N ASP O 165 49.38 -41.46 -11.70
CA ASP O 165 49.68 -42.16 -10.45
C ASP O 165 48.55 -43.10 -10.06
N LEU O 166 47.31 -42.58 -10.02
CA LEU O 166 46.16 -43.42 -9.70
C LEU O 166 45.79 -44.33 -10.86
N THR O 167 46.14 -43.97 -12.09
CA THR O 167 45.84 -44.81 -13.24
C THR O 167 46.58 -46.14 -13.14
N GLU O 168 47.88 -46.10 -12.82
CA GLU O 168 48.66 -47.33 -12.70
C GLU O 168 48.15 -48.22 -11.58
N VAL O 169 47.50 -47.65 -10.57
CA VAL O 169 46.90 -48.46 -9.52
C VAL O 169 45.59 -49.09 -9.99
N LEU O 170 44.75 -48.31 -10.67
CA LEU O 170 43.45 -48.80 -11.12
C LEU O 170 43.53 -49.60 -12.40
N THR O 171 44.63 -49.52 -13.14
CA THR O 171 44.74 -50.26 -14.40
C THR O 171 44.66 -51.77 -14.21
N PRO O 172 45.40 -52.39 -13.29
CA PRO O 172 45.20 -53.84 -13.07
C PRO O 172 43.86 -54.18 -12.45
N ILE O 173 43.23 -53.22 -11.74
CA ILE O 173 41.94 -53.49 -11.12
C ILE O 173 40.85 -53.64 -12.19
N VAL O 174 40.76 -52.65 -13.09
CA VAL O 174 39.78 -52.73 -14.17
C VAL O 174 40.15 -53.83 -15.16
N THR O 175 41.43 -54.20 -15.26
CA THR O 175 41.80 -55.36 -16.05
C THR O 175 41.35 -56.64 -15.35
N ASP O 176 41.51 -56.70 -14.01
CA ASP O 176 41.01 -57.81 -13.22
C ASP O 176 39.51 -57.76 -13.02
N ALA O 177 38.83 -56.70 -13.47
CA ALA O 177 37.40 -56.58 -13.26
C ALA O 177 36.63 -57.70 -13.94
N VAL O 178 37.21 -58.33 -14.96
CA VAL O 178 36.54 -59.42 -15.66
C VAL O 178 37.08 -60.77 -15.21
N LEU O 179 38.30 -61.13 -15.63
CA LEU O 179 38.95 -62.37 -15.21
C LEU O 179 38.06 -63.60 -15.38
N SER O 180 37.72 -64.23 -14.25
CA SER O 180 37.03 -65.51 -14.24
C SER O 180 35.63 -65.44 -14.84
N VAL O 181 35.12 -64.27 -15.18
CA VAL O 181 33.82 -64.16 -15.82
C VAL O 181 34.04 -64.22 -17.32
N TYR O 182 33.69 -65.36 -17.92
CA TYR O 182 33.83 -65.54 -19.36
C TYR O 182 32.96 -66.71 -19.80
N ASP O 183 32.61 -66.71 -21.08
CA ASP O 183 32.02 -67.89 -21.71
C ASP O 183 32.52 -67.99 -23.14
N ALA O 184 32.99 -69.17 -23.52
CA ALA O 184 33.46 -69.37 -24.89
C ALA O 184 32.30 -69.50 -25.86
N GLN O 185 31.37 -70.42 -25.58
CA GLN O 185 30.29 -70.71 -26.52
C GLN O 185 29.13 -69.72 -26.41
N ALA O 186 28.74 -69.37 -25.19
CA ALA O 186 27.50 -68.63 -24.97
C ALA O 186 27.63 -67.14 -25.27
N ASP O 187 28.85 -66.59 -25.20
CA ASP O 187 29.14 -65.21 -25.60
C ASP O 187 28.51 -64.20 -24.64
N ASN O 188 27.74 -64.70 -23.67
CA ASN O 188 27.07 -63.80 -22.73
C ASN O 188 28.09 -63.22 -21.76
N LEU O 189 28.16 -61.89 -21.69
CA LEU O 189 29.07 -61.20 -20.79
C LEU O 189 28.31 -60.08 -20.09
N ASP O 190 28.26 -60.14 -18.77
CA ASP O 190 27.53 -59.17 -17.96
C ASP O 190 28.48 -58.51 -16.97
N LEU O 191 28.49 -57.18 -16.97
CA LEU O 191 29.33 -56.41 -16.06
C LEU O 191 28.58 -55.98 -14.80
N HIS O 192 27.32 -56.37 -14.64
CA HIS O 192 26.58 -56.05 -13.43
C HIS O 192 26.85 -57.01 -12.29
N MET O 193 27.69 -58.04 -12.51
CA MET O 193 28.03 -58.96 -11.43
C MET O 193 29.10 -58.40 -10.50
N VAL O 194 29.91 -57.45 -10.96
CA VAL O 194 30.89 -56.81 -10.09
C VAL O 194 30.19 -55.75 -9.26
N GLU O 195 30.59 -55.64 -7.99
CA GLU O 195 29.95 -54.74 -7.04
C GLU O 195 30.82 -53.52 -6.82
N ILE O 196 30.17 -52.35 -6.74
CA ILE O 196 30.85 -51.09 -6.49
C ILE O 196 30.56 -50.70 -5.05
N MET O 197 31.60 -50.73 -4.21
CA MET O 197 31.49 -50.38 -2.80
C MET O 197 32.02 -48.97 -2.58
N GLN O 198 31.25 -48.17 -1.85
CA GLN O 198 31.62 -46.79 -1.52
C GLN O 198 31.91 -46.71 -0.03
N MET O 199 33.19 -46.53 0.30
CA MET O 199 33.61 -46.39 1.69
C MET O 199 34.85 -45.53 1.75
N GLN O 200 35.03 -44.82 2.86
CA GLN O 200 36.21 -44.00 3.09
C GLN O 200 37.19 -44.82 3.95
N HIS O 201 38.27 -45.26 3.34
CA HIS O 201 39.32 -45.99 4.06
C HIS O 201 40.62 -45.83 3.30
N LEU O 202 41.73 -45.88 4.04
CA LEU O 202 43.06 -45.67 3.47
C LEU O 202 43.10 -44.42 2.61
N SER O 203 43.48 -44.57 1.35
CA SER O 203 43.57 -43.49 0.39
C SER O 203 43.00 -43.97 -0.93
N PRO O 204 42.57 -43.05 -1.80
CA PRO O 204 42.04 -43.48 -3.11
C PRO O 204 43.04 -44.28 -3.94
N LYS O 205 44.34 -44.07 -3.74
CA LYS O 205 45.35 -44.82 -4.47
C LYS O 205 45.74 -46.12 -3.78
N ASP O 206 45.21 -46.39 -2.59
CA ASP O 206 45.51 -47.61 -1.85
C ASP O 206 44.49 -48.72 -2.08
N THR O 207 43.50 -48.50 -2.95
CA THR O 207 42.48 -49.52 -3.20
C THR O 207 43.09 -50.74 -3.88
N THR O 208 42.43 -51.88 -3.71
CA THR O 208 42.89 -53.14 -4.25
C THR O 208 41.69 -53.93 -4.78
N PHE O 209 42.00 -54.98 -5.54
CA PHE O 209 40.99 -55.85 -6.11
C PHE O 209 40.82 -57.11 -5.26
N ILE O 210 39.58 -57.58 -5.15
CA ILE O 210 39.25 -58.76 -4.37
C ILE O 210 38.68 -59.81 -5.30
N LYS O 211 39.06 -61.07 -5.08
CA LYS O 211 38.63 -62.18 -5.91
C LYS O 211 37.29 -62.76 -5.47
N GLY O 212 36.65 -62.19 -4.46
CA GLY O 212 35.39 -62.72 -3.97
C GLY O 212 34.49 -61.60 -3.49
N LEU O 213 33.24 -61.99 -3.19
CA LEU O 213 32.20 -61.02 -2.86
C LEU O 213 32.50 -60.33 -1.54
N VAL O 214 32.15 -59.04 -1.47
CA VAL O 214 32.28 -58.24 -0.26
C VAL O 214 30.94 -57.59 0.02
N LEU O 215 30.48 -57.68 1.27
CA LEU O 215 29.20 -57.14 1.68
C LEU O 215 29.38 -56.05 2.72
N ASP O 216 28.41 -55.15 2.80
CA ASP O 216 28.45 -54.03 3.72
C ASP O 216 27.83 -54.33 5.08
N HIS O 217 27.21 -55.50 5.24
CA HIS O 217 26.58 -55.86 6.50
C HIS O 217 27.57 -56.61 7.38
N GLY O 218 27.60 -56.24 8.67
CA GLY O 218 28.49 -56.85 9.63
C GLY O 218 27.77 -57.82 10.55
N GLY O 219 28.55 -58.40 11.46
CA GLY O 219 28.01 -59.34 12.43
C GLY O 219 27.09 -58.64 13.40
N ARG O 220 25.87 -59.16 13.54
CA ARG O 220 24.89 -58.56 14.44
C ARG O 220 25.11 -58.92 15.90
N HIS O 221 25.77 -60.05 16.18
CA HIS O 221 25.98 -60.47 17.55
C HIS O 221 27.48 -60.59 17.83
N PRO O 222 27.92 -60.24 19.04
CA PRO O 222 29.37 -60.30 19.32
C PRO O 222 29.96 -61.69 19.26
N ASP O 223 29.24 -62.71 19.76
CA ASP O 223 29.76 -64.06 19.80
C ASP O 223 29.90 -64.69 18.42
N MET O 224 29.32 -64.08 17.39
CA MET O 224 29.48 -64.60 16.03
C MET O 224 30.94 -64.46 15.61
N PRO O 225 31.61 -65.54 15.21
CA PRO O 225 33.02 -65.44 14.83
C PRO O 225 33.21 -64.54 13.62
N THR O 226 34.16 -63.62 13.73
CA THR O 226 34.44 -62.71 12.62
C THR O 226 35.20 -63.43 11.51
N ARG O 227 36.16 -64.27 11.86
CA ARG O 227 36.97 -65.01 10.89
C ARG O 227 36.54 -66.46 10.89
N VAL O 228 36.23 -66.99 9.70
CA VAL O 228 35.81 -68.37 9.52
C VAL O 228 36.67 -68.99 8.43
N LYS O 229 37.30 -70.13 8.75
CA LYS O 229 38.17 -70.78 7.78
C LYS O 229 37.38 -71.56 6.74
N ASN O 230 36.35 -72.29 7.17
CA ASN O 230 35.49 -73.05 6.26
C ASN O 230 34.04 -72.69 6.56
N ALA O 231 33.37 -72.07 5.59
CA ALA O 231 32.00 -71.62 5.76
C ALA O 231 31.12 -72.15 4.63
N TYR O 232 29.92 -72.58 4.98
CA TYR O 232 28.92 -73.03 4.03
C TYR O 232 27.83 -71.97 3.97
N VAL O 233 27.74 -71.26 2.85
CA VAL O 233 26.79 -70.16 2.70
C VAL O 233 25.41 -70.75 2.44
N LEU O 234 24.45 -70.40 3.28
CA LEU O 234 23.06 -70.82 3.13
C LEU O 234 22.23 -69.60 2.73
N ILE O 235 21.72 -69.62 1.50
CA ILE O 235 20.91 -68.52 0.99
C ILE O 235 19.48 -68.71 1.49
N LEU O 236 18.97 -67.71 2.23
CA LEU O 236 17.61 -67.75 2.75
C LEU O 236 16.92 -66.46 2.36
N ASN O 237 15.90 -66.56 1.51
CA ASN O 237 15.11 -65.42 1.09
C ASN O 237 13.90 -65.17 1.98
N VAL O 238 13.58 -66.10 2.88
CA VAL O 238 12.44 -65.94 3.77
C VAL O 238 12.85 -65.09 4.96
N SER O 239 11.91 -64.28 5.46
CA SER O 239 12.15 -63.43 6.62
C SER O 239 11.89 -64.22 7.89
N LEU O 240 12.91 -64.33 8.75
CA LEU O 240 12.73 -65.04 10.01
C LEU O 240 11.82 -64.29 10.96
N GLU O 241 11.82 -62.96 10.89
CA GLU O 241 10.96 -62.13 11.72
C GLU O 241 9.73 -61.71 10.91
N TYR O 242 8.55 -62.10 11.37
CA TYR O 242 7.33 -61.74 10.67
C TYR O 242 7.03 -60.26 10.86
N GLU O 243 6.82 -59.55 9.75
CA GLU O 243 6.47 -58.14 9.85
C GLU O 243 4.99 -57.95 10.15
N LYS O 244 4.13 -58.71 9.47
CA LYS O 244 2.69 -58.62 9.69
C LYS O 244 2.05 -59.91 9.20
N THR O 245 0.83 -60.16 9.66
CA THR O 245 0.03 -61.28 9.20
C THR O 245 -0.96 -60.79 8.15
N GLU O 246 -1.09 -61.55 7.06
CA GLU O 246 -1.96 -61.14 5.97
C GLU O 246 -3.40 -61.00 6.42
N VAL O 247 -3.96 -62.08 6.97
CA VAL O 247 -5.32 -62.03 7.49
C VAL O 247 -5.30 -61.43 8.90
N ASN O 248 -6.12 -60.41 9.11
CA ASN O 248 -6.16 -59.75 10.41
C ASN O 248 -6.66 -60.72 11.48
N SER O 249 -5.90 -60.83 12.56
CA SER O 249 -6.22 -61.75 13.64
C SER O 249 -5.69 -61.21 14.95
N GLY O 250 -6.20 -61.78 16.05
CA GLY O 250 -5.79 -61.37 17.37
C GLY O 250 -5.86 -62.53 18.33
N PHE O 251 -5.28 -62.32 19.52
CA PHE O 251 -5.21 -63.33 20.56
C PHE O 251 -6.14 -62.94 21.70
N PHE O 252 -7.15 -63.77 21.97
CA PHE O 252 -8.09 -63.57 23.06
C PHE O 252 -7.86 -64.67 24.08
N TYR O 253 -7.34 -64.30 25.25
CA TYR O 253 -7.05 -65.25 26.31
C TYR O 253 -8.06 -65.12 27.44
N SER O 254 -8.52 -66.26 27.96
CA SER O 254 -9.48 -66.24 29.06
C SER O 254 -8.82 -65.96 30.40
N SER O 255 -7.66 -66.57 30.65
CA SER O 255 -6.94 -66.41 31.90
C SER O 255 -5.52 -65.94 31.63
N ALA O 256 -4.89 -65.41 32.68
CA ALA O 256 -3.53 -64.91 32.55
C ALA O 256 -2.51 -66.02 32.28
N ASP O 257 -2.87 -67.27 32.56
CA ASP O 257 -1.96 -68.38 32.27
C ASP O 257 -1.75 -68.59 30.79
N GLN O 258 -2.70 -68.15 29.96
CA GLN O 258 -2.56 -68.29 28.51
C GLN O 258 -1.77 -67.16 27.87
N ARG O 259 -1.44 -66.11 28.62
CA ARG O 259 -0.67 -65.01 28.06
C ARG O 259 0.73 -65.46 27.65
N ASP O 260 1.42 -66.16 28.55
CA ASP O 260 2.72 -66.72 28.21
C ASP O 260 2.60 -67.89 27.23
N LYS O 261 1.43 -68.55 27.17
CA LYS O 261 1.23 -69.63 26.22
C LYS O 261 0.98 -69.10 24.82
N LEU O 262 0.17 -68.04 24.69
CA LEU O 262 -0.04 -67.43 23.38
C LEU O 262 1.22 -66.74 22.89
N ALA O 263 2.03 -66.21 23.80
CA ALA O 263 3.34 -65.69 23.42
C ALA O 263 4.27 -66.81 22.97
N ALA O 264 4.15 -67.98 23.59
CA ALA O 264 4.91 -69.15 23.15
C ALA O 264 4.34 -69.76 21.88
N SER O 265 3.09 -69.44 21.53
CA SER O 265 2.52 -69.92 20.27
C SER O 265 3.27 -69.32 19.08
N GLU O 266 3.64 -68.04 19.18
CA GLU O 266 4.45 -67.41 18.13
C GLU O 266 5.89 -67.88 18.17
N ARG O 267 6.31 -68.56 19.24
CA ARG O 267 7.66 -69.10 19.33
C ARG O 267 7.82 -70.41 18.58
N LYS O 268 6.72 -71.07 18.22
CA LYS O 268 6.82 -72.34 17.52
C LYS O 268 7.13 -72.14 16.04
N PHE O 269 6.53 -71.12 15.42
CA PHE O 269 6.79 -70.87 13.99
C PHE O 269 8.22 -70.40 13.78
N VAL O 270 8.76 -69.62 14.71
CA VAL O 270 10.15 -69.17 14.59
C VAL O 270 11.10 -70.34 14.77
N ASP O 271 10.86 -71.17 15.79
CA ASP O 271 11.71 -72.33 16.03
C ASP O 271 11.54 -73.41 14.97
N ALA O 272 10.41 -73.42 14.26
CA ALA O 272 10.23 -74.40 13.19
C ALA O 272 11.17 -74.13 12.04
N LYS O 273 11.39 -72.86 11.70
CA LYS O 273 12.34 -72.53 10.65
C LYS O 273 13.78 -72.70 11.13
N LEU O 274 14.02 -72.50 12.42
CA LEU O 274 15.37 -72.63 12.97
C LEU O 274 15.75 -74.08 13.25
N LYS O 275 14.76 -74.99 13.32
CA LYS O 275 15.07 -76.38 13.63
C LYS O 275 15.82 -77.05 12.48
N LYS O 276 15.39 -76.82 11.25
CA LYS O 276 16.04 -77.42 10.09
C LYS O 276 17.37 -76.75 9.76
N ILE O 277 17.59 -75.52 10.21
CA ILE O 277 18.86 -74.84 9.94
C ILE O 277 19.97 -75.41 10.82
N ILE O 278 19.68 -75.65 12.09
CA ILE O 278 20.68 -76.19 13.00
C ILE O 278 21.06 -77.62 12.59
N ASP O 279 20.08 -78.40 12.16
CA ASP O 279 20.36 -79.76 11.72
C ASP O 279 21.19 -79.80 10.45
N LEU O 280 21.18 -78.73 9.65
CA LEU O 280 21.99 -78.70 8.43
C LEU O 280 23.46 -78.50 8.73
N LYS O 281 23.78 -77.77 9.79
CA LYS O 281 25.18 -77.51 10.14
C LYS O 281 25.87 -78.79 10.61
N ASN O 282 25.25 -79.50 11.56
CA ASN O 282 25.82 -80.72 12.11
C ASN O 282 25.67 -81.92 11.20
N GLU O 283 24.93 -81.78 10.09
CA GLU O 283 24.72 -82.92 9.19
C GLU O 283 26.02 -83.35 8.53
N VAL O 284 26.83 -82.40 8.06
CA VAL O 284 28.09 -82.69 7.42
C VAL O 284 28.98 -83.46 8.38
N CYS O 285 29.47 -82.79 9.43
CA CYS O 285 30.26 -83.43 10.46
C CYS O 285 30.04 -82.71 11.78
N GLY O 286 29.99 -83.48 12.86
CA GLY O 286 29.85 -82.91 14.19
C GLY O 286 31.20 -82.70 14.88
N MET O 287 31.23 -81.73 15.79
CA MET O 287 32.43 -81.41 16.57
C MET O 287 33.64 -81.19 15.68
N ASP O 288 33.45 -80.43 14.60
CA ASP O 288 34.52 -80.18 13.64
C ASP O 288 34.99 -78.74 13.77
N PRO O 289 36.21 -78.51 14.26
CA PRO O 289 36.70 -77.13 14.38
C PRO O 289 37.08 -76.55 13.02
N ASP O 290 37.22 -75.23 13.00
CA ASP O 290 37.68 -74.47 11.84
C ASP O 290 36.67 -74.46 10.70
N LYS O 291 35.57 -75.20 10.85
CA LYS O 291 34.49 -75.21 9.87
C LYS O 291 33.28 -74.50 10.46
N GLY O 292 32.96 -73.33 9.91
CA GLY O 292 31.83 -72.55 10.36
C GLY O 292 30.65 -72.62 9.39
N PHE O 293 29.61 -71.88 9.75
CA PHE O 293 28.37 -71.85 8.97
C PHE O 293 27.87 -70.42 8.93
N VAL O 294 27.58 -69.93 7.72
CA VAL O 294 27.22 -68.53 7.51
C VAL O 294 25.92 -68.47 6.72
N ILE O 295 25.02 -67.57 7.13
CA ILE O 295 23.76 -67.34 6.45
C ILE O 295 23.72 -65.89 5.97
N ILE O 296 23.33 -65.71 4.70
CA ILE O 296 23.13 -64.38 4.13
C ILE O 296 21.66 -64.29 3.73
N ASN O 297 20.92 -63.42 4.41
CA ASN O 297 19.49 -63.27 4.20
C ASN O 297 19.20 -61.94 3.50
N GLN O 298 18.27 -61.98 2.54
CA GLN O 298 17.88 -60.76 1.85
C GLN O 298 16.93 -59.91 2.68
N LYS O 299 16.07 -60.54 3.48
CA LYS O 299 15.12 -59.84 4.32
C LYS O 299 15.68 -59.70 5.73
N GLY O 300 14.86 -59.15 6.63
CA GLY O 300 15.30 -58.93 7.99
C GLY O 300 15.38 -60.21 8.79
N ILE O 301 16.19 -60.17 9.84
CA ILE O 301 16.39 -61.29 10.74
C ILE O 301 15.99 -60.84 12.15
N ASP O 302 15.25 -61.70 12.84
CA ASP O 302 14.77 -61.39 14.18
C ASP O 302 15.94 -61.22 15.14
N PRO O 303 16.06 -60.05 15.80
CA PRO O 303 17.11 -59.92 16.82
C PRO O 303 17.00 -60.94 17.94
N MET O 304 15.79 -61.45 18.19
CA MET O 304 15.63 -62.50 19.19
C MET O 304 16.31 -63.79 18.75
N SER O 305 16.30 -64.09 17.45
CA SER O 305 16.91 -65.31 16.93
C SER O 305 18.43 -65.21 16.81
N LEU O 306 19.01 -64.04 17.04
CA LEU O 306 20.46 -63.90 16.93
C LEU O 306 21.19 -64.74 17.98
N ASP O 307 20.60 -64.90 19.17
CA ASP O 307 21.21 -65.73 20.20
C ASP O 307 21.14 -67.21 19.87
N VAL O 308 20.21 -67.61 19.00
CA VAL O 308 20.14 -69.02 18.60
C VAL O 308 21.36 -69.38 17.76
N PHE O 309 21.76 -68.51 16.83
CA PHE O 309 22.95 -68.76 16.03
C PHE O 309 24.24 -68.39 16.77
N ALA O 310 24.15 -67.59 17.83
CA ALA O 310 25.35 -67.22 18.58
C ALA O 310 25.90 -68.41 19.36
N LYS O 311 25.04 -69.28 19.86
CA LYS O 311 25.51 -70.47 20.58
C LYS O 311 26.21 -71.45 19.65
N HIS O 312 25.76 -71.53 18.39
CA HIS O 312 26.36 -72.41 17.40
C HIS O 312 27.46 -71.72 16.60
N ASN O 313 27.79 -70.47 16.92
CA ASN O 313 28.84 -69.72 16.23
C ASN O 313 28.54 -69.59 14.74
N ILE O 314 27.32 -69.15 14.42
CA ILE O 314 26.86 -68.98 13.06
C ILE O 314 26.75 -67.50 12.76
N LEU O 315 27.35 -67.06 11.66
CA LEU O 315 27.28 -65.67 11.22
C LEU O 315 26.02 -65.47 10.38
N ALA O 316 25.29 -64.39 10.67
CA ALA O 316 24.04 -64.08 9.98
C ALA O 316 24.09 -62.66 9.44
N LEU O 317 23.54 -62.48 8.24
CA LEU O 317 23.49 -61.17 7.59
C LEU O 317 22.08 -60.93 7.09
N ARG O 318 21.57 -59.72 7.29
CA ARG O 318 20.21 -59.36 6.91
C ARG O 318 20.21 -58.14 6.01
N ARG O 319 19.07 -57.93 5.35
CA ARG O 319 18.85 -56.78 4.48
C ARG O 319 19.86 -56.74 3.33
N ALA O 320 20.01 -57.87 2.66
CA ALA O 320 20.87 -57.95 1.50
C ALA O 320 20.18 -57.35 0.28
N LYS O 321 20.99 -56.91 -0.68
CA LYS O 321 20.47 -56.31 -1.90
C LYS O 321 19.85 -57.37 -2.81
N ARG O 322 18.98 -56.90 -3.71
CA ARG O 322 18.33 -57.82 -4.65
C ARG O 322 19.34 -58.41 -5.62
N ARG O 323 20.29 -57.61 -6.09
CA ARG O 323 21.32 -58.11 -7.00
C ARG O 323 22.33 -59.01 -6.31
N ASN O 324 22.28 -59.12 -4.98
CA ASN O 324 23.24 -59.93 -4.25
C ASN O 324 22.93 -61.42 -4.34
N MET O 325 21.65 -61.77 -4.57
CA MET O 325 21.28 -63.18 -4.60
C MET O 325 21.89 -63.91 -5.79
N GLU O 326 21.85 -63.29 -6.97
CA GLU O 326 22.45 -63.92 -8.15
C GLU O 326 23.97 -64.03 -8.02
N ARG O 327 24.59 -63.08 -7.31
CA ARG O 327 26.03 -63.10 -7.14
C ARG O 327 26.50 -64.15 -6.16
N LEU O 328 25.63 -64.59 -5.23
CA LEU O 328 26.00 -65.64 -4.29
C LEU O 328 26.17 -66.98 -5.00
N GLN O 329 25.40 -67.23 -6.04
CA GLN O 329 25.53 -68.49 -6.78
C GLN O 329 26.84 -68.52 -7.57
N LEU O 330 27.26 -67.37 -8.11
CA LEU O 330 28.45 -67.34 -8.96
C LEU O 330 29.74 -67.32 -8.14
N VAL O 331 29.74 -66.66 -6.99
CA VAL O 331 30.94 -66.54 -6.17
C VAL O 331 31.11 -67.78 -5.31
N THR O 332 30.18 -67.98 -4.37
CA THR O 332 30.29 -69.08 -3.43
C THR O 332 29.98 -70.43 -4.07
N GLY O 333 29.38 -70.46 -5.24
CA GLY O 333 29.04 -71.70 -5.91
C GLY O 333 27.82 -72.40 -5.36
N GLY O 334 27.04 -71.75 -4.51
CA GLY O 334 25.85 -72.33 -3.93
C GLY O 334 24.63 -72.18 -4.83
N GLU O 335 23.46 -72.33 -4.20
CA GLU O 335 22.19 -72.23 -4.90
C GLU O 335 21.22 -71.41 -4.06
N ALA O 336 20.47 -70.54 -4.71
CA ALA O 336 19.52 -69.69 -4.01
C ALA O 336 18.35 -70.52 -3.48
N GLN O 337 18.05 -70.37 -2.19
CA GLN O 337 16.97 -71.08 -1.53
C GLN O 337 16.03 -70.08 -0.87
N ASN O 338 14.73 -70.35 -0.96
CA ASN O 338 13.73 -69.45 -0.36
C ASN O 338 13.41 -69.88 1.07
N SER O 339 12.79 -71.05 1.22
CA SER O 339 12.43 -71.57 2.53
C SER O 339 13.45 -72.60 3.00
N VAL O 340 13.25 -73.09 4.22
CA VAL O 340 14.13 -74.10 4.82
C VAL O 340 13.58 -75.51 4.67
N GLU O 341 12.46 -75.68 3.98
CA GLU O 341 11.82 -76.99 3.91
C GLU O 341 12.72 -78.03 3.25
N ASP O 342 13.56 -77.61 2.29
CA ASP O 342 14.45 -78.51 1.58
C ASP O 342 15.88 -78.02 1.73
N LEU O 343 16.72 -78.81 2.39
CA LEU O 343 18.11 -78.48 2.59
C LEU O 343 18.97 -79.70 2.27
N SER O 344 20.26 -79.45 2.06
CA SER O 344 21.22 -80.49 1.65
C SER O 344 22.62 -79.90 1.57
N PRO O 345 23.67 -80.70 1.75
CA PRO O 345 25.03 -80.16 1.61
C PRO O 345 25.39 -79.82 0.18
N GLN O 346 24.65 -80.32 -0.81
CA GLN O 346 24.99 -80.04 -2.21
C GLN O 346 24.64 -78.60 -2.59
N ILE O 347 23.56 -78.05 -2.02
CA ILE O 347 23.14 -76.68 -2.35
C ILE O 347 23.90 -75.63 -1.55
N LEU O 348 24.79 -76.03 -0.65
CA LEU O 348 25.54 -75.09 0.16
C LEU O 348 26.82 -74.67 -0.56
N GLY O 349 27.16 -73.39 -0.45
CA GLY O 349 28.36 -72.86 -1.07
C GLY O 349 29.61 -73.19 -0.26
N PHE O 350 30.74 -72.71 -0.76
CA PHE O 350 32.03 -72.94 -0.13
C PHE O 350 32.89 -71.69 -0.25
N SER O 351 33.60 -71.36 0.83
CA SER O 351 34.49 -70.22 0.85
C SER O 351 35.73 -70.57 1.66
N GLY O 352 36.91 -70.20 1.14
CA GLY O 352 38.14 -70.51 1.83
C GLY O 352 38.51 -69.53 2.92
N LEU O 353 38.09 -68.28 2.79
CA LEU O 353 38.34 -67.27 3.81
C LEU O 353 37.13 -66.35 3.93
N VAL O 354 36.66 -66.16 5.16
CA VAL O 354 35.57 -65.24 5.47
C VAL O 354 35.97 -64.44 6.69
N TYR O 355 36.06 -63.12 6.55
CA TYR O 355 36.44 -62.25 7.66
C TYR O 355 35.67 -60.94 7.56
N GLN O 356 35.61 -60.24 8.68
CA GLN O 356 34.92 -58.96 8.77
C GLN O 356 35.84 -57.91 9.38
N GLU O 357 35.75 -56.69 8.86
CA GLU O 357 36.54 -55.57 9.35
C GLU O 357 35.61 -54.45 9.79
N THR O 358 36.02 -53.74 10.84
CA THR O 358 35.24 -52.65 11.41
C THR O 358 35.84 -51.32 10.94
N ILE O 359 35.11 -50.62 10.09
CA ILE O 359 35.51 -49.31 9.58
C ILE O 359 34.52 -48.28 10.10
N GLY O 360 34.97 -47.42 11.01
CA GLY O 360 34.07 -46.43 11.58
C GLY O 360 33.06 -47.09 12.50
N GLU O 361 31.79 -46.72 12.31
CA GLU O 361 30.71 -47.27 13.11
C GLU O 361 30.02 -48.46 12.43
N GLU O 362 30.47 -48.86 11.25
CA GLU O 362 29.87 -49.96 10.51
C GLU O 362 30.90 -51.07 10.30
N LYS O 363 30.40 -52.28 10.10
CA LYS O 363 31.22 -53.46 9.87
C LYS O 363 30.91 -54.03 8.51
N PHE O 364 31.95 -54.37 7.75
CA PHE O 364 31.81 -54.92 6.40
C PHE O 364 32.24 -56.37 6.40
N THR O 365 31.53 -57.19 5.63
CA THR O 365 31.81 -58.62 5.52
C THR O 365 32.61 -58.88 4.25
N TYR O 366 33.71 -59.63 4.38
CA TYR O 366 34.59 -59.96 3.27
C TYR O 366 34.57 -61.46 3.04
N VAL O 367 34.40 -61.86 1.78
CA VAL O 367 34.41 -63.26 1.38
C VAL O 367 35.38 -63.40 0.21
N THR O 368 36.29 -64.37 0.31
CA THR O 368 37.30 -64.57 -0.73
C THR O 368 37.76 -66.02 -0.67
N GLU O 369 38.82 -66.33 -1.42
CA GLU O 369 39.42 -67.67 -1.48
C GLU O 369 38.40 -68.71 -1.93
N ASN O 370 38.06 -68.62 -3.22
CA ASN O 370 37.12 -69.53 -3.86
C ASN O 370 37.86 -70.37 -4.91
N THR O 371 37.30 -71.55 -5.18
CA THR O 371 37.93 -72.47 -6.13
C THR O 371 37.75 -71.98 -7.56
N ASP O 372 36.51 -71.95 -8.04
CA ASP O 372 36.20 -71.44 -9.38
C ASP O 372 35.09 -70.40 -9.24
N PRO O 373 35.42 -69.21 -8.72
CA PRO O 373 34.40 -68.16 -8.60
C PRO O 373 34.00 -67.62 -9.96
N LYS O 374 32.69 -67.49 -10.18
CA LYS O 374 32.16 -66.95 -11.42
C LYS O 374 31.86 -65.46 -11.36
N SER O 375 32.18 -64.80 -10.25
CA SER O 375 31.98 -63.37 -10.12
C SER O 375 32.97 -62.82 -9.09
N CYS O 376 33.22 -61.51 -9.18
CA CYS O 376 34.16 -60.84 -8.29
C CYS O 376 33.58 -59.47 -7.95
N THR O 377 34.35 -58.67 -7.21
CA THR O 377 33.94 -57.32 -6.83
C THR O 377 35.14 -56.40 -6.91
N ILE O 378 34.86 -55.10 -6.84
CA ILE O 378 35.89 -54.06 -6.82
C ILE O 378 35.59 -53.14 -5.64
N LEU O 379 36.55 -53.01 -4.73
CA LEU O 379 36.41 -52.12 -3.59
C LEU O 379 36.96 -50.75 -3.95
N ILE O 380 36.09 -49.74 -3.96
CA ILE O 380 36.47 -48.38 -4.28
C ILE O 380 36.54 -47.60 -2.98
N LYS O 381 37.75 -47.18 -2.61
CA LYS O 381 37.99 -46.41 -1.40
C LYS O 381 38.40 -44.99 -1.78
N GLY O 382 38.07 -44.04 -0.91
CA GLY O 382 38.36 -42.65 -1.17
C GLY O 382 38.60 -41.88 0.09
N SER O 383 39.25 -40.73 -0.06
CA SER O 383 39.59 -39.86 1.06
C SER O 383 38.55 -38.79 1.34
N THR O 384 37.47 -38.75 0.56
CA THR O 384 36.48 -37.68 0.67
C THR O 384 35.20 -38.14 -0.01
N HIS O 385 34.24 -37.21 -0.13
CA HIS O 385 32.96 -37.55 -0.74
C HIS O 385 33.08 -37.71 -2.24
N TYR O 386 33.72 -36.75 -2.91
CA TYR O 386 33.84 -36.83 -4.36
C TYR O 386 34.81 -37.91 -4.82
N ALA O 387 35.71 -38.37 -3.94
CA ALA O 387 36.64 -39.43 -4.33
C ALA O 387 35.91 -40.72 -4.65
N LEU O 388 34.78 -40.98 -3.99
CA LEU O 388 33.99 -42.17 -4.30
C LEU O 388 33.23 -42.01 -5.61
N ALA O 389 32.76 -40.80 -5.90
CA ALA O 389 32.03 -40.55 -7.14
C ALA O 389 32.96 -40.41 -8.33
N GLN O 390 34.16 -39.85 -8.13
CA GLN O 390 35.09 -39.68 -9.23
C GLN O 390 35.69 -41.02 -9.66
N THR O 391 36.04 -41.87 -8.70
CA THR O 391 36.62 -43.17 -9.03
C THR O 391 35.56 -44.11 -9.61
N LYS O 392 34.34 -44.04 -9.10
CA LYS O 392 33.27 -44.89 -9.63
C LYS O 392 32.98 -44.57 -11.09
N ASP O 393 32.91 -43.28 -11.43
CA ASP O 393 32.70 -42.89 -12.82
C ASP O 393 33.87 -43.31 -13.70
N ALA O 394 35.06 -43.41 -13.13
CA ALA O 394 36.22 -43.88 -13.89
C ALA O 394 36.20 -45.39 -14.09
N VAL O 395 35.68 -46.13 -13.12
CA VAL O 395 35.61 -47.58 -13.26
C VAL O 395 34.48 -47.99 -14.19
N ARG O 396 33.30 -47.39 -14.00
CA ARG O 396 32.15 -47.74 -14.84
C ARG O 396 32.42 -47.43 -16.31
N ASP O 397 33.15 -46.35 -16.58
CA ASP O 397 33.56 -46.06 -17.94
C ASP O 397 34.70 -46.95 -18.41
N GLY O 398 35.41 -47.59 -17.48
CA GLY O 398 36.46 -48.53 -17.83
C GLY O 398 35.97 -49.95 -17.98
N LEU O 399 34.80 -50.23 -17.39
CA LEU O 399 34.21 -51.57 -17.52
C LEU O 399 33.74 -51.81 -18.95
N ARG O 400 32.98 -50.87 -19.50
CA ARG O 400 32.46 -51.02 -20.87
C ARG O 400 33.57 -51.03 -21.90
N ALA O 401 34.76 -50.49 -21.58
CA ALA O 401 35.85 -50.46 -22.54
C ALA O 401 36.44 -51.86 -22.74
N VAL O 402 36.72 -52.56 -21.64
CA VAL O 402 37.31 -53.89 -21.74
C VAL O 402 36.28 -54.95 -22.13
N ALA O 403 34.98 -54.65 -21.99
CA ALA O 403 33.96 -55.61 -22.36
C ALA O 403 33.79 -55.70 -23.88
N ASN O 404 33.86 -54.56 -24.57
CA ASN O 404 33.74 -54.56 -26.02
C ASN O 404 34.89 -55.30 -26.69
N VAL O 405 36.02 -55.44 -25.99
CA VAL O 405 37.12 -56.23 -26.54
C VAL O 405 36.73 -57.71 -26.62
N LEU O 406 36.04 -58.22 -25.60
CA LEU O 406 35.55 -59.58 -25.63
C LEU O 406 34.30 -59.73 -26.47
N LYS O 407 33.46 -58.70 -26.52
CA LYS O 407 32.26 -58.76 -27.35
C LYS O 407 32.61 -58.69 -28.83
N ASP O 408 33.57 -57.85 -29.19
CA ASP O 408 34.04 -57.72 -30.56
C ASP O 408 35.55 -57.85 -30.57
N LYS O 409 36.06 -58.87 -31.26
CA LYS O 409 37.49 -59.12 -31.31
C LYS O 409 38.25 -58.05 -32.09
N ASN O 410 37.55 -57.20 -32.84
CA ASN O 410 38.20 -56.14 -33.60
C ASN O 410 38.47 -54.93 -32.71
N ILE O 411 39.68 -54.40 -32.80
CA ILE O 411 40.11 -53.26 -32.00
C ILE O 411 40.57 -52.14 -32.93
N ILE O 412 40.07 -50.95 -32.72
CA ILE O 412 40.38 -49.78 -33.54
C ILE O 412 41.39 -48.92 -32.79
N PRO O 413 42.52 -48.56 -33.39
CA PRO O 413 43.47 -47.68 -32.71
C PRO O 413 42.87 -46.32 -32.40
N GLY O 414 43.31 -45.74 -31.29
CA GLY O 414 42.82 -44.46 -30.81
C GLY O 414 43.75 -43.32 -31.16
N ALA O 415 43.79 -42.32 -30.27
CA ALA O 415 44.64 -41.14 -30.43
C ALA O 415 44.32 -40.37 -31.70
N GLY O 416 43.04 -40.35 -32.09
CA GLY O 416 42.64 -39.60 -33.27
C GLY O 416 43.15 -40.16 -34.58
N ALA O 417 43.63 -41.40 -34.60
CA ALA O 417 44.13 -41.98 -35.84
C ALA O 417 42.99 -42.34 -36.79
N PHE O 418 41.81 -42.64 -36.24
CA PHE O 418 40.68 -43.00 -37.09
C PHE O 418 40.00 -41.79 -37.70
N TYR O 419 40.01 -40.65 -37.00
CA TYR O 419 39.38 -39.45 -37.54
C TYR O 419 40.23 -38.81 -38.63
N ILE O 420 41.56 -38.89 -38.50
CA ILE O 420 42.44 -38.32 -39.53
C ILE O 420 42.39 -39.16 -40.79
N ALA O 421 42.27 -40.48 -40.65
CA ALA O 421 42.21 -41.35 -41.83
C ALA O 421 40.95 -41.10 -42.65
N LEU O 422 39.86 -40.70 -42.01
CA LEU O 422 38.64 -40.40 -42.75
C LEU O 422 38.73 -39.09 -43.51
N SER O 423 39.67 -38.22 -43.16
CA SER O 423 39.80 -36.93 -43.84
C SER O 423 40.22 -37.12 -45.29
N ARG O 424 41.31 -37.83 -45.53
CA ARG O 424 41.81 -38.03 -46.88
C ARG O 424 40.91 -38.93 -47.71
N TYR O 425 40.14 -39.82 -47.06
CA TYR O 425 39.28 -40.74 -47.80
C TYR O 425 38.02 -40.07 -48.33
N LEU O 426 37.51 -39.06 -47.63
CA LEU O 426 36.27 -38.40 -48.00
C LEU O 426 36.47 -37.16 -48.87
N ARG O 427 37.70 -36.85 -49.26
CA ARG O 427 37.94 -35.69 -50.10
C ARG O 427 37.39 -35.89 -51.50
N SER O 428 37.73 -37.01 -52.14
CA SER O 428 37.27 -37.32 -53.49
C SER O 428 36.67 -38.71 -53.50
N ALA O 429 35.37 -38.78 -53.78
CA ALA O 429 34.66 -40.05 -53.90
C ALA O 429 34.58 -40.54 -55.34
N ASN O 430 35.06 -39.76 -56.30
CA ASN O 430 35.07 -40.11 -57.73
C ASN O 430 33.62 -40.40 -58.15
N MET O 431 33.39 -41.43 -58.96
CA MET O 431 32.06 -41.76 -59.46
C MET O 431 31.37 -42.84 -58.63
N ASN O 432 31.99 -43.28 -57.53
CA ASN O 432 31.43 -44.36 -56.70
C ASN O 432 30.01 -44.06 -56.24
N LYS O 433 29.86 -43.08 -55.34
CA LYS O 433 28.56 -42.69 -54.82
C LYS O 433 28.44 -41.18 -54.91
N LEU O 434 27.51 -40.69 -55.73
CA LEU O 434 27.26 -39.27 -55.85
C LEU O 434 25.77 -38.96 -55.72
N GLY O 435 25.00 -39.36 -56.74
CA GLY O 435 23.57 -39.11 -56.77
C GLY O 435 23.16 -37.80 -57.39
N ALA O 436 24.07 -36.82 -57.41
CA ALA O 436 23.77 -35.51 -58.00
C ALA O 436 25.09 -34.85 -58.38
N LYS O 437 25.00 -33.85 -59.25
CA LYS O 437 26.17 -33.09 -59.70
C LYS O 437 26.27 -31.82 -58.87
N GLY O 438 27.31 -31.75 -58.02
CA GLY O 438 27.56 -30.60 -57.19
C GLY O 438 26.69 -30.46 -55.97
N LYS O 439 25.57 -31.20 -55.89
CA LYS O 439 24.71 -31.12 -54.72
C LYS O 439 25.23 -31.95 -53.56
N THR O 440 25.71 -33.17 -53.86
CA THR O 440 26.17 -34.07 -52.81
C THR O 440 27.57 -33.71 -52.33
N LYS O 441 28.43 -33.26 -53.23
CA LYS O 441 29.81 -32.96 -52.86
C LYS O 441 29.91 -31.82 -51.86
N THR O 442 28.89 -30.99 -51.74
CA THR O 442 28.91 -29.91 -50.76
C THR O 442 28.79 -30.46 -49.34
N GLY O 443 27.89 -31.42 -49.13
CA GLY O 443 27.72 -31.99 -47.81
C GLY O 443 28.85 -32.91 -47.40
N ILE O 444 29.52 -33.54 -48.37
CA ILE O 444 30.63 -34.44 -48.06
C ILE O 444 31.83 -33.63 -47.58
N GLU O 445 32.10 -32.50 -48.23
CA GLU O 445 33.22 -31.66 -47.80
C GLU O 445 33.00 -31.09 -46.41
N ALA O 446 31.75 -30.77 -46.06
CA ALA O 446 31.46 -30.29 -44.71
C ALA O 446 31.63 -31.39 -43.68
N PHE O 447 31.30 -32.63 -44.04
CA PHE O 447 31.46 -33.75 -43.10
C PHE O 447 32.90 -34.20 -42.99
N ALA O 448 33.69 -34.04 -44.05
CA ALA O 448 35.08 -34.48 -44.01
C ALA O 448 35.92 -33.57 -43.13
N GLU O 449 35.78 -32.24 -43.30
CA GLU O 449 36.55 -31.30 -42.50
C GLU O 449 36.06 -31.23 -41.07
N ALA O 450 34.84 -31.69 -40.78
CA ALA O 450 34.31 -31.65 -39.43
C ALA O 450 34.83 -32.80 -38.57
N LEU O 451 35.38 -33.85 -39.18
CA LEU O 451 35.93 -34.97 -38.42
C LEU O 451 37.31 -34.67 -37.86
N LEU O 452 37.93 -33.55 -38.25
CA LEU O 452 39.24 -33.17 -37.75
C LEU O 452 39.19 -32.39 -36.45
N VAL O 453 38.00 -32.18 -35.89
CA VAL O 453 37.89 -31.42 -34.64
C VAL O 453 38.39 -32.25 -33.47
N ILE O 454 38.30 -33.57 -33.56
CA ILE O 454 38.72 -34.46 -32.46
C ILE O 454 40.22 -34.38 -32.25
N PRO O 455 41.07 -34.56 -33.27
CA PRO O 455 42.52 -34.44 -33.02
C PRO O 455 42.95 -33.02 -32.68
N LYS O 456 42.26 -32.00 -33.20
CA LYS O 456 42.64 -30.62 -32.90
C LYS O 456 42.25 -30.25 -31.48
N THR O 457 41.11 -30.75 -30.98
CA THR O 457 40.70 -30.46 -29.62
C THR O 457 41.65 -31.08 -28.60
N LEU O 458 42.20 -32.26 -28.90
CA LEU O 458 43.17 -32.88 -28.02
C LEU O 458 44.40 -32.00 -27.84
N VAL O 459 44.86 -31.38 -28.92
CA VAL O 459 46.06 -30.56 -28.86
C VAL O 459 45.80 -29.25 -28.12
N LYS O 460 44.60 -28.69 -28.29
CA LYS O 460 44.26 -27.44 -27.62
C LYS O 460 44.25 -27.59 -26.10
N ASN O 461 43.86 -28.77 -25.61
CA ASN O 461 43.87 -29.01 -24.16
C ASN O 461 45.28 -29.19 -23.63
N SER O 462 46.24 -29.54 -24.49
CA SER O 462 47.62 -29.70 -24.07
C SER O 462 48.42 -28.40 -24.15
N GLY O 463 47.86 -27.35 -24.75
CA GLY O 463 48.55 -26.08 -24.86
C GLY O 463 49.47 -25.92 -26.04
N PHE O 464 49.28 -26.71 -27.09
CA PHE O 464 50.10 -26.66 -28.29
C PHE O 464 49.27 -26.16 -29.47
N ASP O 465 49.91 -26.09 -30.64
CA ASP O 465 49.25 -25.62 -31.85
C ASP O 465 48.67 -26.81 -32.60
N PRO O 466 47.36 -26.92 -32.74
CA PRO O 466 46.80 -28.08 -33.47
C PRO O 466 47.11 -28.05 -34.96
N LEU O 467 47.33 -26.88 -35.55
CA LEU O 467 47.65 -26.82 -36.97
C LEU O 467 49.05 -27.33 -37.26
N ASP O 468 49.98 -27.14 -36.32
CA ASP O 468 51.35 -27.63 -36.51
C ASP O 468 51.45 -29.13 -36.24
N VAL O 469 50.61 -29.66 -35.37
CA VAL O 469 50.64 -31.09 -35.08
C VAL O 469 50.07 -31.89 -36.25
N LEU O 470 48.92 -31.47 -36.76
CA LEU O 470 48.30 -32.14 -37.90
C LEU O 470 49.05 -31.90 -39.21
N ALA O 471 49.94 -30.91 -39.26
CA ALA O 471 50.73 -30.67 -40.47
C ALA O 471 51.73 -31.79 -40.69
N MET O 472 52.38 -32.26 -39.62
CA MET O 472 53.31 -33.38 -39.76
C MET O 472 52.59 -34.71 -39.94
N VAL O 473 51.31 -34.78 -39.61
CA VAL O 473 50.55 -36.01 -39.82
C VAL O 473 50.30 -36.25 -41.30
N GLU O 474 49.93 -35.20 -42.03
CA GLU O 474 49.67 -35.34 -43.46
C GLU O 474 50.96 -35.62 -44.24
N ASP O 475 52.10 -35.14 -43.74
CA ASP O 475 53.36 -35.38 -44.43
C ASP O 475 53.80 -36.83 -44.29
N GLU O 476 53.45 -37.49 -43.18
CA GLU O 476 53.83 -38.89 -43.00
C GLU O 476 52.93 -39.82 -43.80
N LEU O 477 51.64 -39.49 -43.92
CA LEU O 477 50.71 -40.32 -44.68
C LEU O 477 50.99 -40.28 -46.17
N ASP O 478 51.61 -39.21 -46.67
CA ASP O 478 51.90 -39.13 -48.10
C ASP O 478 53.06 -40.06 -48.49
N ASP O 479 54.09 -40.13 -47.65
CA ASP O 479 55.23 -40.99 -47.94
C ASP O 479 54.95 -42.45 -47.60
N ALA O 480 53.95 -42.72 -46.75
CA ALA O 480 53.64 -44.09 -46.38
C ALA O 480 52.86 -44.84 -47.47
N GLN O 481 52.19 -44.12 -48.36
CA GLN O 481 51.43 -44.79 -49.41
C GLN O 481 52.33 -45.28 -50.54
N ASP O 482 53.38 -44.52 -50.85
CA ASP O 482 54.31 -44.90 -51.92
C ASP O 482 55.44 -45.81 -51.45
N SER O 483 55.58 -46.01 -50.14
CA SER O 483 56.62 -46.86 -49.60
C SER O 483 56.16 -48.30 -49.37
N ASP O 484 54.91 -48.61 -49.70
CA ASP O 484 54.36 -49.96 -49.53
C ASP O 484 54.46 -50.40 -48.07
N GLU O 485 54.08 -49.51 -47.16
CA GLU O 485 54.10 -49.79 -45.73
C GLU O 485 52.86 -49.18 -45.08
N THR O 486 52.13 -49.99 -44.33
CA THR O 486 50.92 -49.53 -43.64
C THR O 486 51.31 -48.99 -42.27
N ARG O 487 51.00 -47.72 -42.03
CA ARG O 487 51.33 -47.05 -40.78
C ARG O 487 50.09 -46.34 -40.24
N TYR O 488 49.91 -46.40 -38.92
CA TYR O 488 48.83 -45.71 -38.22
C TYR O 488 49.44 -44.54 -37.46
N VAL O 489 49.13 -43.32 -37.89
CA VAL O 489 49.70 -42.11 -37.31
C VAL O 489 48.73 -41.56 -36.27
N GLY O 490 49.21 -41.41 -35.04
CA GLY O 490 48.43 -40.87 -33.95
C GLY O 490 48.82 -39.45 -33.60
N VAL O 491 48.39 -39.01 -32.42
CA VAL O 491 48.67 -37.68 -31.91
C VAL O 491 49.23 -37.80 -30.50
N ASP O 492 50.46 -37.35 -30.31
CA ASP O 492 51.11 -37.36 -29.01
C ASP O 492 51.00 -35.97 -28.39
N LEU O 493 50.49 -35.90 -27.17
CA LEU O 493 50.27 -34.63 -26.48
C LEU O 493 51.44 -34.23 -25.59
N ASN O 494 52.51 -35.02 -25.56
CA ASN O 494 53.66 -34.71 -24.70
C ASN O 494 54.62 -33.77 -25.42
N ILE O 495 55.26 -34.24 -26.49
CA ILE O 495 56.23 -33.43 -27.22
C ILE O 495 55.61 -32.68 -28.40
N GLY O 496 54.31 -32.85 -28.63
CA GLY O 496 53.67 -32.18 -29.74
C GLY O 496 54.08 -32.73 -31.09
N ASP O 497 54.07 -34.06 -31.22
CA ASP O 497 54.46 -34.74 -32.44
C ASP O 497 53.49 -35.89 -32.67
N SER O 498 53.67 -36.61 -33.77
CA SER O 498 52.84 -37.77 -34.06
C SER O 498 53.35 -38.98 -33.29
N CYS O 499 52.65 -40.10 -33.43
CA CYS O 499 53.01 -41.35 -32.74
C CYS O 499 52.22 -42.48 -33.39
N ASP O 500 52.41 -43.69 -32.86
CA ASP O 500 51.70 -44.86 -33.34
C ASP O 500 50.78 -45.36 -32.22
N PRO O 501 49.47 -45.35 -32.41
CA PRO O 501 48.57 -45.80 -31.33
C PRO O 501 48.80 -47.24 -30.92
N THR O 502 49.27 -48.10 -31.83
CA THR O 502 49.52 -49.49 -31.48
C THR O 502 50.76 -49.62 -30.61
N ILE O 503 51.78 -48.82 -30.87
CA ILE O 503 53.00 -48.87 -30.07
C ILE O 503 52.81 -48.13 -28.74
N GLU O 504 52.15 -46.96 -28.79
CA GLU O 504 51.94 -46.19 -27.57
C GLU O 504 50.93 -46.82 -26.64
N GLY O 505 50.13 -47.77 -27.12
CA GLY O 505 49.17 -48.45 -26.28
C GLY O 505 47.81 -47.81 -26.19
N ILE O 506 47.42 -47.02 -27.19
CA ILE O 506 46.14 -46.31 -27.19
C ILE O 506 45.23 -46.96 -28.23
N TRP O 507 44.03 -47.36 -27.80
CA TRP O 507 43.02 -47.91 -28.69
C TRP O 507 41.65 -47.40 -28.28
N ASP O 508 40.70 -47.55 -29.21
CA ASP O 508 39.32 -47.14 -28.98
C ASP O 508 38.39 -48.32 -29.24
N SER O 509 37.21 -48.26 -28.63
CA SER O 509 36.23 -49.32 -28.77
C SER O 509 35.52 -49.23 -30.12
N TYR O 510 34.97 -50.37 -30.55
CA TYR O 510 34.26 -50.43 -31.82
C TYR O 510 32.87 -49.80 -31.71
N ARG O 511 32.13 -50.14 -30.67
CA ARG O 511 30.77 -49.62 -30.52
C ARG O 511 30.75 -48.14 -30.17
N VAL O 512 31.81 -47.62 -29.57
CA VAL O 512 31.84 -46.21 -29.20
C VAL O 512 31.99 -45.34 -30.45
N LEU O 513 32.93 -45.70 -31.33
CA LEU O 513 33.15 -44.90 -32.53
C LEU O 513 32.05 -45.10 -33.56
N ARG O 514 31.46 -46.29 -33.63
CA ARG O 514 30.40 -46.55 -34.60
C ARG O 514 29.13 -45.80 -34.24
N ASN O 515 28.77 -45.79 -32.95
CA ASN O 515 27.58 -45.09 -32.51
C ASN O 515 27.78 -43.58 -32.42
N ALA O 516 29.03 -43.12 -32.34
CA ALA O 516 29.29 -41.68 -32.28
C ALA O 516 29.09 -41.03 -33.65
N ILE O 517 29.58 -41.67 -34.71
CA ILE O 517 29.41 -41.11 -36.05
C ILE O 517 27.95 -41.17 -36.47
N THR O 518 27.28 -42.29 -36.21
CA THR O 518 25.87 -42.41 -36.57
C THR O 518 25.00 -41.53 -35.68
N GLY O 519 25.32 -41.45 -34.39
CA GLY O 519 24.51 -40.65 -33.49
C GLY O 519 24.65 -39.16 -33.72
N ALA O 520 25.87 -38.70 -33.99
CA ALA O 520 26.08 -37.27 -34.23
C ALA O 520 25.55 -36.84 -35.58
N THR O 521 25.48 -37.76 -36.55
CA THR O 521 24.96 -37.41 -37.86
C THR O 521 23.46 -37.13 -37.82
N GLY O 522 22.71 -37.94 -37.06
CA GLY O 522 21.28 -37.73 -36.98
C GLY O 522 20.90 -36.46 -36.25
N ILE O 523 21.64 -36.13 -35.19
CA ILE O 523 21.34 -34.91 -34.43
C ILE O 523 21.63 -33.68 -35.27
N ALA O 524 22.78 -33.65 -35.95
CA ALA O 524 23.13 -32.50 -36.75
C ALA O 524 22.25 -32.38 -37.99
N SER O 525 21.77 -33.50 -38.52
CA SER O 525 20.93 -33.45 -39.70
C SER O 525 19.55 -32.87 -39.39
N ASN O 526 18.96 -33.29 -38.26
CA ASN O 526 17.63 -32.80 -37.92
C ASN O 526 17.66 -31.32 -37.54
N LEU O 527 18.77 -30.84 -36.99
CA LEU O 527 18.87 -29.41 -36.66
C LEU O 527 19.03 -28.56 -37.91
N LEU O 528 19.69 -29.10 -38.94
CA LEU O 528 19.79 -28.37 -40.20
C LEU O 528 18.47 -28.39 -40.96
N LEU O 529 17.64 -29.41 -40.72
CA LEU O 529 16.34 -29.53 -41.37
C LEU O 529 15.22 -28.85 -40.60
N CYS O 530 15.53 -28.21 -39.47
CA CYS O 530 14.53 -27.50 -38.68
C CYS O 530 14.72 -26.00 -38.91
N ASP O 531 13.77 -25.39 -39.62
CA ASP O 531 13.83 -23.97 -39.93
C ASP O 531 13.00 -23.11 -38.98
N GLU O 532 12.26 -23.72 -38.05
CA GLU O 532 11.39 -22.96 -37.16
C GLU O 532 11.42 -23.57 -35.77
N LEU O 533 11.54 -22.71 -34.77
CA LEU O 533 11.48 -23.11 -33.36
C LEU O 533 10.23 -22.46 -32.75
N LEU O 534 9.25 -23.30 -32.42
CA LEU O 534 7.94 -22.82 -31.95
C LEU O 534 7.71 -23.30 -30.53
N ARG O 535 7.05 -22.46 -29.74
CA ARG O 535 6.67 -22.80 -28.36
C ARG O 535 5.22 -22.41 -28.15
N ALA O 536 4.39 -23.39 -27.79
CA ALA O 536 2.97 -23.15 -27.56
C ALA O 536 2.46 -24.14 -26.52
N GLY O 537 1.41 -23.75 -25.83
CA GLY O 537 0.81 -24.60 -24.82
C GLY O 537 0.00 -23.79 -23.84
N ARG O 538 -0.68 -24.50 -22.95
CA ARG O 538 -1.51 -23.90 -21.93
C ARG O 538 -0.79 -23.95 -20.59
N SER O 539 -0.61 -22.77 -19.98
CA SER O 539 0.09 -22.68 -18.70
C SER O 539 -0.80 -23.18 -17.56
N SER P 2 38.32 -10.31 -11.90
CA SER P 2 38.89 -9.48 -10.85
C SER P 2 38.25 -8.10 -10.85
N LEU P 3 37.28 -7.89 -11.73
CA LEU P 3 36.61 -6.60 -11.82
C LEU P 3 35.59 -6.41 -10.70
N GLN P 4 35.01 -7.51 -10.20
CA GLN P 4 34.04 -7.43 -9.12
C GLN P 4 34.64 -6.86 -7.84
N LEU P 5 35.95 -7.00 -7.66
CA LEU P 5 36.60 -6.40 -6.49
C LEU P 5 36.83 -4.91 -6.68
N LEU P 6 36.99 -4.45 -7.92
CA LEU P 6 37.21 -3.03 -8.18
C LEU P 6 35.92 -2.24 -8.10
N ASN P 7 34.83 -2.78 -8.66
CA ASN P 7 33.55 -2.10 -8.67
C ASN P 7 32.48 -3.00 -8.06
N PRO P 8 31.58 -2.45 -7.25
CA PRO P 8 30.50 -3.28 -6.70
C PRO P 8 29.62 -3.91 -7.77
N LYS P 9 29.23 -3.15 -8.78
CA LYS P 9 28.40 -3.65 -9.87
C LYS P 9 29.02 -3.25 -11.20
N ALA P 10 29.45 -4.23 -11.97
CA ALA P 10 30.05 -3.98 -13.28
C ALA P 10 29.83 -5.19 -14.17
N GLU P 11 29.83 -4.95 -15.47
CA GLU P 11 29.64 -6.00 -16.47
C GLU P 11 30.83 -6.02 -17.42
N SER P 12 31.37 -7.21 -17.67
CA SER P 12 32.52 -7.35 -18.55
C SER P 12 32.49 -8.72 -19.21
N LEU P 13 32.99 -8.77 -20.44
CA LEU P 13 33.13 -10.01 -21.19
C LEU P 13 34.49 -10.00 -21.89
N ARG P 14 35.26 -11.07 -21.72
CA ARG P 14 36.61 -11.14 -22.26
C ARG P 14 36.84 -12.49 -22.92
N ARG P 15 37.95 -12.56 -23.66
CA ARG P 15 38.40 -13.72 -24.45
C ARG P 15 37.23 -14.27 -25.25
N ASP P 16 36.90 -15.56 -25.15
CA ASP P 16 35.85 -16.14 -25.99
C ASP P 16 34.51 -15.44 -25.82
N ALA P 17 34.26 -14.86 -24.64
CA ALA P 17 33.03 -14.09 -24.46
C ALA P 17 33.06 -12.81 -25.29
N ALA P 18 34.23 -12.14 -25.34
CA ALA P 18 34.36 -10.93 -26.14
C ALA P 18 34.55 -11.25 -27.62
N LEU P 19 35.09 -12.42 -27.95
CA LEU P 19 35.24 -12.78 -29.36
C LEU P 19 33.90 -12.98 -30.04
N LYS P 20 32.90 -13.47 -29.31
CA LYS P 20 31.55 -13.60 -29.88
C LYS P 20 30.84 -12.27 -29.98
N VAL P 21 31.35 -11.22 -29.30
CA VAL P 21 30.71 -9.92 -29.37
C VAL P 21 30.90 -9.30 -30.76
N ASN P 22 32.14 -9.25 -31.23
CA ASN P 22 32.41 -8.59 -32.51
C ASN P 22 31.91 -9.42 -33.70
N VAL P 23 31.92 -10.74 -33.58
CA VAL P 23 31.51 -11.58 -34.70
C VAL P 23 30.00 -11.61 -34.85
N THR P 24 29.28 -11.77 -33.74
CA THR P 24 27.82 -11.93 -33.81
C THR P 24 27.13 -10.59 -34.05
N SER P 25 27.58 -9.52 -33.39
CA SER P 25 26.95 -8.22 -33.56
C SER P 25 27.12 -7.70 -34.98
N ALA P 26 28.30 -7.91 -35.58
CA ALA P 26 28.51 -7.52 -36.96
C ALA P 26 27.76 -8.43 -37.94
N GLU P 27 27.41 -9.64 -37.51
CA GLU P 27 26.64 -10.54 -38.36
C GLU P 27 25.18 -10.11 -38.45
N GLY P 28 24.61 -9.65 -37.34
CA GLY P 28 23.24 -9.17 -37.36
C GLY P 28 23.09 -7.84 -38.07
N LEU P 29 24.13 -6.99 -38.02
CA LEU P 29 24.07 -5.71 -38.71
C LEU P 29 24.22 -5.89 -40.21
N GLN P 30 25.10 -6.79 -40.63
CA GLN P 30 25.26 -7.06 -42.06
C GLN P 30 24.01 -7.72 -42.65
N SER P 31 23.32 -8.55 -41.86
CA SER P 31 22.12 -9.20 -42.36
C SER P 31 21.02 -8.20 -42.67
N VAL P 32 20.99 -7.07 -41.94
CA VAL P 32 20.00 -6.04 -42.23
C VAL P 32 20.31 -5.38 -43.56
N LEU P 33 21.58 -5.11 -43.84
CA LEU P 33 22.00 -4.50 -45.09
C LEU P 33 22.38 -5.53 -46.16
N GLU P 34 22.25 -6.83 -45.86
CA GLU P 34 22.53 -7.85 -46.85
C GLU P 34 21.51 -7.80 -47.99
N THR P 35 20.22 -7.70 -47.64
CA THR P 35 19.18 -7.55 -48.64
C THR P 35 19.12 -6.15 -49.24
N ASN P 36 19.88 -5.21 -48.70
CA ASN P 36 19.89 -3.85 -49.23
C ASN P 36 20.78 -3.74 -50.46
N LEU P 37 21.94 -4.40 -50.44
CA LEU P 37 22.92 -4.26 -51.50
C LEU P 37 22.36 -4.73 -52.84
N GLY P 38 22.58 -3.93 -53.88
CA GLY P 38 22.16 -4.27 -55.21
C GLY P 38 20.97 -3.46 -55.68
N PRO P 39 20.82 -3.32 -57.01
CA PRO P 39 19.66 -2.62 -57.55
C PRO P 39 18.35 -3.35 -57.33
N LYS P 40 18.38 -4.67 -57.18
CA LYS P 40 17.20 -5.46 -56.87
C LYS P 40 16.97 -5.59 -55.37
N GLY P 41 17.77 -4.93 -54.55
CA GLY P 41 17.67 -5.06 -53.11
C GLY P 41 16.33 -4.60 -52.57
N THR P 42 16.10 -4.97 -51.31
CA THR P 42 14.84 -4.67 -50.65
C THR P 42 14.73 -3.18 -50.31
N LEU P 43 13.50 -2.73 -50.12
CA LEU P 43 13.19 -1.35 -49.75
C LEU P 43 12.62 -1.31 -48.35
N LYS P 44 13.23 -0.51 -47.47
CA LYS P 44 12.85 -0.44 -46.08
C LYS P 44 12.23 0.91 -45.76
N MET P 45 11.22 0.89 -44.89
CA MET P 45 10.57 2.11 -44.40
C MET P 45 10.74 2.21 -42.89
N LEU P 46 11.08 3.41 -42.42
CA LEU P 46 11.29 3.67 -41.01
C LEU P 46 10.19 4.60 -40.49
N VAL P 47 9.53 4.18 -39.42
CA VAL P 47 8.48 4.98 -38.79
C VAL P 47 8.81 5.09 -37.31
N ASP P 48 9.08 6.32 -36.85
CA ASP P 48 9.41 6.56 -35.46
C ASP P 48 8.15 6.77 -34.64
N GLY P 49 8.33 7.08 -33.35
CA GLY P 49 7.19 7.33 -32.48
C GLY P 49 6.52 8.67 -32.70
N ALA P 50 7.20 9.59 -33.38
CA ALA P 50 6.63 10.91 -33.64
C ALA P 50 5.70 10.92 -34.85
N GLY P 51 5.71 9.88 -35.67
CA GLY P 51 4.87 9.79 -36.85
C GLY P 51 5.58 10.01 -38.16
N ASN P 52 6.85 10.41 -38.14
CA ASN P 52 7.59 10.64 -39.37
C ASN P 52 7.83 9.33 -40.11
N ILE P 53 7.98 9.43 -41.43
CA ILE P 53 8.19 8.28 -42.30
C ILE P 53 9.43 8.53 -43.13
N LYS P 54 10.39 7.61 -43.06
CA LYS P 54 11.61 7.66 -43.86
C LYS P 54 11.66 6.41 -44.72
N LEU P 55 11.50 6.58 -46.03
CA LEU P 55 11.53 5.47 -46.98
C LEU P 55 12.72 5.67 -47.91
N THR P 56 13.74 4.83 -47.74
CA THR P 56 14.93 4.90 -48.60
C THR P 56 15.66 3.57 -48.54
N LYS P 57 16.51 3.35 -49.55
CA LYS P 57 17.40 2.20 -49.59
C LYS P 57 18.79 2.51 -49.06
N ASP P 58 19.03 3.74 -48.61
CA ASP P 58 20.35 4.11 -48.12
C ASP P 58 20.58 3.49 -46.75
N GLY P 59 21.75 2.87 -46.57
CA GLY P 59 22.09 2.28 -45.29
C GLY P 59 22.46 3.28 -44.21
N LYS P 60 22.75 4.53 -44.59
CA LYS P 60 23.10 5.54 -43.60
C LYS P 60 21.88 6.00 -42.82
N VAL P 61 20.73 6.10 -43.49
CA VAL P 61 19.51 6.52 -42.81
C VAL P 61 19.08 5.46 -41.80
N LEU P 62 19.29 4.18 -42.13
CA LEU P 62 18.94 3.11 -41.20
C LEU P 62 19.77 3.17 -39.93
N LEU P 63 21.03 3.57 -40.04
CA LEU P 63 21.91 3.63 -38.87
C LEU P 63 21.65 4.86 -38.01
N THR P 64 21.34 6.00 -38.64
CA THR P 64 21.13 7.23 -37.89
C THR P 64 19.77 7.27 -37.21
N GLU P 65 18.73 6.76 -37.89
CA GLU P 65 17.38 6.83 -37.32
C GLU P 65 17.19 5.79 -36.23
N MET P 66 17.71 4.57 -36.43
CA MET P 66 17.54 3.50 -35.45
C MET P 66 18.75 3.47 -34.52
N GLN P 67 18.49 3.47 -33.22
CA GLN P 67 19.56 3.40 -32.23
C GLN P 67 20.11 1.98 -32.15
N ILE P 68 21.37 1.88 -31.75
CA ILE P 68 22.08 0.60 -31.66
C ILE P 68 22.62 0.45 -30.25
N GLN P 69 22.17 -0.58 -29.53
CA GLN P 69 22.66 -0.83 -28.19
C GLN P 69 24.03 -1.52 -28.20
N SER P 70 24.31 -2.32 -29.21
CA SER P 70 25.59 -3.03 -29.26
C SER P 70 26.73 -2.07 -29.58
N PRO P 71 27.77 -2.00 -28.73
CA PRO P 71 28.87 -1.08 -29.01
C PRO P 71 29.70 -1.47 -30.23
N THR P 72 29.66 -2.74 -30.64
CA THR P 72 30.44 -3.16 -31.81
C THR P 72 29.92 -2.50 -33.09
N ALA P 73 28.61 -2.48 -33.27
CA ALA P 73 28.03 -1.85 -34.46
C ALA P 73 28.15 -0.33 -34.43
N VAL P 74 28.33 0.26 -33.24
CA VAL P 74 28.53 1.70 -33.17
C VAL P 74 29.82 2.10 -33.89
N LEU P 75 30.87 1.29 -33.73
CA LEU P 75 32.09 1.54 -34.48
C LEU P 75 31.89 1.35 -35.97
N ILE P 76 31.03 0.41 -36.37
CA ILE P 76 30.75 0.20 -37.78
C ILE P 76 29.82 1.30 -38.31
N ALA P 77 28.85 1.72 -37.50
CA ALA P 77 27.93 2.77 -37.93
C ALA P 77 28.66 4.10 -38.13
N ARG P 78 29.59 4.43 -37.23
CA ARG P 78 30.37 5.64 -37.42
C ARG P 78 31.32 5.53 -38.59
N ALA P 79 31.75 4.31 -38.94
CA ALA P 79 32.61 4.12 -40.10
C ALA P 79 31.80 4.17 -41.40
N ALA P 80 30.60 3.58 -41.39
CA ALA P 80 29.76 3.62 -42.58
C ALA P 80 29.19 5.01 -42.83
N ALA P 81 28.97 5.78 -41.75
CA ALA P 81 28.47 7.14 -41.92
C ALA P 81 29.54 8.05 -42.49
N ALA P 82 30.77 7.94 -42.00
CA ALA P 82 31.86 8.77 -42.51
C ALA P 82 32.25 8.41 -43.94
N GLN P 83 31.92 7.20 -44.39
CA GLN P 83 32.21 6.83 -45.78
C GLN P 83 31.30 7.57 -46.75
N ASP P 84 30.03 7.76 -46.38
CA ASP P 84 29.10 8.51 -47.21
C ASP P 84 29.34 10.01 -47.14
N GLU P 85 30.01 10.49 -46.09
CA GLU P 85 30.25 11.92 -45.96
C GLU P 85 31.21 12.42 -47.04
N ILE P 86 32.40 11.83 -47.12
CA ILE P 86 33.40 12.31 -48.06
C ILE P 86 33.13 11.80 -49.48
N THR P 87 32.86 10.50 -49.63
CA THR P 87 32.74 9.90 -50.94
C THR P 87 31.30 9.77 -51.45
N GLY P 88 30.31 10.10 -50.63
CA GLY P 88 28.93 10.02 -51.05
C GLY P 88 28.44 8.62 -51.35
N ASP P 89 29.27 7.62 -51.09
CA ASP P 89 28.92 6.23 -51.39
C ASP P 89 29.78 5.33 -50.52
N GLY P 90 29.34 4.08 -50.39
CA GLY P 90 30.07 3.09 -49.62
C GLY P 90 29.55 2.79 -48.24
N THR P 91 28.33 3.24 -47.91
CA THR P 91 27.77 2.98 -46.58
C THR P 91 27.53 1.50 -46.37
N THR P 92 26.77 0.88 -47.27
CA THR P 92 26.46 -0.55 -47.14
C THR P 92 27.63 -1.44 -47.55
N THR P 93 28.61 -0.89 -48.28
CA THR P 93 29.75 -1.69 -48.70
C THR P 93 30.69 -1.96 -47.53
N VAL P 94 30.98 -0.94 -46.72
CA VAL P 94 31.88 -1.11 -45.59
C VAL P 94 31.26 -2.05 -44.56
N VAL P 95 29.94 -1.97 -44.37
CA VAL P 95 29.28 -2.85 -43.41
C VAL P 95 29.41 -4.30 -43.84
N CYS P 96 29.28 -4.57 -45.15
CA CYS P 96 29.45 -5.93 -45.63
C CYS P 96 30.90 -6.38 -45.57
N LEU P 97 31.85 -5.45 -45.69
CA LEU P 97 33.26 -5.81 -45.60
C LEU P 97 33.66 -6.10 -44.16
N VAL P 98 33.28 -5.23 -43.23
CA VAL P 98 33.66 -5.41 -41.83
C VAL P 98 33.00 -6.65 -41.25
N GLY P 99 31.70 -6.80 -41.48
CA GLY P 99 30.98 -7.92 -40.89
C GLY P 99 31.46 -9.26 -41.40
N GLU P 100 31.81 -9.34 -42.69
CA GLU P 100 32.26 -10.60 -43.26
C GLU P 100 33.71 -10.90 -42.91
N LEU P 101 34.57 -9.87 -42.92
CA LEU P 101 35.98 -10.10 -42.61
C LEU P 101 36.18 -10.58 -41.18
N LEU P 102 35.28 -10.18 -40.27
CA LEU P 102 35.35 -10.70 -38.91
C LEU P 102 34.98 -12.18 -38.87
N ARG P 103 34.00 -12.59 -39.67
CA ARG P 103 33.59 -13.99 -39.67
C ARG P 103 34.60 -14.86 -40.41
N GLN P 104 35.17 -14.34 -41.49
CA GLN P 104 36.18 -15.11 -42.23
C GLN P 104 37.44 -15.32 -41.40
N ALA P 105 37.80 -14.35 -40.56
CA ALA P 105 38.93 -14.49 -39.66
C ALA P 105 38.57 -15.17 -38.35
N HIS P 106 37.27 -15.33 -38.05
CA HIS P 106 36.88 -15.97 -36.80
C HIS P 106 37.08 -17.47 -36.84
N ARG P 107 37.02 -18.07 -38.04
CA ARG P 107 37.19 -19.52 -38.14
C ARG P 107 38.61 -19.95 -37.78
N PHE P 108 39.61 -19.13 -38.11
CA PHE P 108 40.99 -19.47 -37.77
C PHE P 108 41.32 -19.12 -36.33
N ILE P 109 40.62 -18.15 -35.74
CA ILE P 109 40.80 -17.86 -34.32
C ILE P 109 40.41 -19.07 -33.48
N GLN P 110 39.33 -19.75 -33.87
CA GLN P 110 38.94 -20.98 -33.20
C GLN P 110 39.96 -22.09 -33.43
N GLU P 111 40.74 -22.01 -34.50
CA GLU P 111 41.78 -23.01 -34.77
C GLU P 111 43.04 -22.79 -33.95
N GLY P 112 43.12 -21.69 -33.20
CA GLY P 112 44.28 -21.40 -32.39
C GLY P 112 45.23 -20.37 -32.95
N VAL P 113 44.86 -19.68 -34.03
CA VAL P 113 45.73 -18.68 -34.63
C VAL P 113 45.55 -17.36 -33.89
N HIS P 114 46.65 -16.68 -33.61
CA HIS P 114 46.60 -15.45 -32.83
C HIS P 114 45.99 -14.33 -33.65
N PRO P 115 45.21 -13.44 -33.03
CA PRO P 115 44.55 -12.37 -33.80
C PRO P 115 45.51 -11.39 -34.44
N ARG P 116 46.67 -11.12 -33.81
CA ARG P 116 47.59 -10.12 -34.34
C ARG P 116 48.16 -10.55 -35.69
N ILE P 117 48.64 -11.79 -35.77
CA ILE P 117 49.18 -12.29 -37.03
C ILE P 117 48.11 -12.44 -38.09
N ILE P 118 46.84 -12.47 -37.70
CA ILE P 118 45.76 -12.43 -38.68
C ILE P 118 45.56 -11.01 -39.21
N THR P 119 45.54 -10.03 -38.30
CA THR P 119 45.38 -8.64 -38.72
C THR P 119 46.61 -8.13 -39.45
N ASP P 120 47.79 -8.69 -39.17
CA ASP P 120 48.99 -8.30 -39.90
C ASP P 120 48.91 -8.71 -41.37
N GLY P 121 48.22 -9.81 -41.67
CA GLY P 121 48.03 -10.21 -43.05
C GLY P 121 47.02 -9.36 -43.79
N PHE P 122 46.15 -8.65 -43.08
CA PHE P 122 45.19 -7.77 -43.74
C PHE P 122 45.89 -6.57 -44.37
N GLU P 123 46.89 -6.01 -43.68
CA GLU P 123 47.62 -4.88 -44.23
C GLU P 123 48.46 -5.29 -45.43
N ILE P 124 49.05 -6.50 -45.38
CA ILE P 124 49.84 -6.97 -46.50
C ILE P 124 48.96 -7.21 -47.72
N ALA P 125 47.76 -7.74 -47.51
CA ALA P 125 46.84 -7.99 -48.61
C ALA P 125 46.20 -6.71 -49.14
N ARG P 126 46.04 -5.71 -48.27
CA ARG P 126 45.40 -4.46 -48.71
C ARG P 126 46.37 -3.60 -49.52
N LYS P 127 47.66 -3.61 -49.15
CA LYS P 127 48.64 -2.82 -49.91
C LYS P 127 48.78 -3.35 -51.33
N GLU P 128 48.52 -4.64 -51.56
CA GLU P 128 48.54 -5.17 -52.91
C GLU P 128 47.32 -4.74 -53.70
N SER P 129 46.18 -4.53 -53.03
CA SER P 129 45.01 -4.00 -53.72
C SER P 129 45.24 -2.58 -54.21
N MET P 130 46.13 -1.84 -53.56
CA MET P 130 46.46 -0.49 -54.01
C MET P 130 47.42 -0.53 -55.21
N LYS P 131 48.41 -1.42 -55.17
CA LYS P 131 49.31 -1.58 -56.30
C LYS P 131 48.58 -2.13 -57.52
N PHE P 132 47.63 -3.04 -57.30
CA PHE P 132 46.80 -3.55 -58.38
C PHE P 132 45.79 -2.51 -58.85
N LEU P 133 45.44 -1.55 -57.98
CA LEU P 133 44.46 -0.53 -58.34
C LEU P 133 44.97 0.38 -59.45
N ASP P 134 46.29 0.60 -59.51
CA ASP P 134 46.85 1.46 -60.54
C ASP P 134 46.70 0.83 -61.93
N GLU P 135 46.93 -0.47 -62.05
CA GLU P 135 46.73 -1.16 -63.31
C GLU P 135 45.28 -1.52 -63.56
N PHE P 136 44.45 -1.55 -62.51
CA PHE P 136 43.03 -1.89 -62.68
C PHE P 136 42.23 -0.70 -63.19
N LYS P 137 42.58 0.52 -62.78
CA LYS P 137 41.83 1.69 -63.19
C LYS P 137 42.07 2.02 -64.65
N ILE P 138 41.06 2.64 -65.27
CA ILE P 138 41.10 3.03 -66.68
C ILE P 138 41.09 4.54 -66.77
N SER P 139 42.04 5.10 -67.51
CA SER P 139 42.17 6.55 -67.62
C SER P 139 41.13 7.11 -68.57
N LYS P 140 40.56 8.25 -68.20
CA LYS P 140 39.58 8.97 -69.01
C LYS P 140 40.02 10.42 -69.13
N THR P 141 40.08 10.91 -70.37
CA THR P 141 40.50 12.27 -70.64
C THR P 141 39.29 13.19 -70.69
N ASN P 142 39.33 14.27 -69.92
CA ASN P 142 38.23 15.23 -69.88
C ASN P 142 38.19 16.16 -71.09
N LEU P 143 39.21 16.13 -71.94
CA LEU P 143 39.22 16.98 -73.12
C LEU P 143 38.22 16.54 -74.18
N SER P 144 37.74 15.30 -74.10
CA SER P 144 36.77 14.82 -75.07
C SER P 144 35.37 15.35 -74.81
N ASN P 145 35.04 15.63 -73.55
CA ASN P 145 33.72 16.15 -73.16
C ASN P 145 32.61 15.22 -73.63
N ASP P 146 32.79 13.92 -73.37
CA ASP P 146 31.81 12.92 -73.77
C ASP P 146 30.63 12.97 -72.81
N ARG P 147 29.43 13.19 -73.36
CA ARG P 147 28.23 13.21 -72.52
C ARG P 147 27.73 11.79 -72.21
N GLU P 148 27.92 10.84 -73.14
CA GLU P 148 27.47 9.48 -72.91
C GLU P 148 28.19 8.83 -71.74
N PHE P 149 29.45 9.20 -71.52
CA PHE P 149 30.21 8.63 -70.39
C PHE P 149 29.62 9.06 -69.06
N LEU P 150 29.20 10.32 -68.95
CA LEU P 150 28.59 10.80 -67.71
C LEU P 150 27.19 10.22 -67.50
N LEU P 151 26.54 9.75 -68.56
CA LEU P 151 25.22 9.15 -68.42
C LEU P 151 25.30 7.77 -67.79
N GLN P 152 26.24 6.95 -68.26
CA GLN P 152 26.34 5.58 -67.75
C GLN P 152 26.84 5.56 -66.30
N VAL P 153 27.72 6.49 -65.93
CA VAL P 153 28.22 6.53 -64.56
C VAL P 153 27.14 6.98 -63.60
N ALA P 154 26.30 7.94 -64.01
CA ALA P 154 25.25 8.44 -63.14
C ALA P 154 24.17 7.38 -62.90
N ARG P 155 23.95 6.50 -63.86
CA ARG P 155 22.92 5.46 -63.71
C ARG P 155 23.33 4.36 -62.73
N SER P 156 24.60 4.32 -62.30
CA SER P 156 25.02 3.30 -61.35
C SER P 156 24.34 3.49 -60.01
N SER P 157 24.34 4.71 -59.49
CA SER P 157 23.68 5.00 -58.22
C SER P 157 22.17 5.14 -58.34
N LEU P 158 21.67 5.49 -59.53
CA LEU P 158 20.24 5.70 -59.71
C LEU P 158 19.48 4.37 -59.76
N LEU P 159 20.00 3.40 -60.51
CA LEU P 159 19.33 2.11 -60.60
C LEU P 159 19.30 1.36 -59.27
N THR P 160 20.19 1.70 -58.34
CA THR P 160 20.20 1.05 -57.04
C THR P 160 19.08 1.58 -56.14
N LYS P 161 18.91 2.90 -56.10
CA LYS P 161 17.94 3.50 -55.19
C LYS P 161 16.52 3.39 -55.73
N VAL P 162 16.33 3.65 -57.02
CA VAL P 162 15.01 3.65 -57.64
C VAL P 162 15.03 2.71 -58.85
N ASP P 163 13.88 2.60 -59.50
CA ASP P 163 13.73 1.74 -60.66
C ASP P 163 14.10 2.51 -61.94
N ALA P 164 13.84 1.90 -63.10
CA ALA P 164 14.17 2.54 -64.36
C ALA P 164 13.24 3.69 -64.69
N ASP P 165 12.10 3.80 -64.01
CA ASP P 165 11.18 4.91 -64.28
C ASP P 165 11.76 6.24 -63.82
N LEU P 166 12.21 6.30 -62.56
CA LEU P 166 12.83 7.52 -62.06
C LEU P 166 14.28 7.67 -62.51
N THR P 167 14.90 6.59 -63.00
CA THR P 167 16.28 6.69 -63.46
C THR P 167 16.37 7.43 -64.79
N GLU P 168 15.47 7.11 -65.73
CA GLU P 168 15.49 7.80 -67.02
C GLU P 168 15.18 9.28 -66.89
N VAL P 169 14.41 9.66 -65.87
CA VAL P 169 14.08 11.07 -65.67
C VAL P 169 15.24 11.81 -65.04
N LEU P 170 15.85 11.22 -64.02
CA LEU P 170 16.92 11.88 -63.27
C LEU P 170 18.29 11.76 -63.93
N THR P 171 18.43 10.92 -64.96
CA THR P 171 19.74 10.78 -65.61
C THR P 171 20.16 12.07 -66.33
N PRO P 172 19.34 12.67 -67.21
CA PRO P 172 19.77 13.94 -67.83
C PRO P 172 19.81 15.09 -66.86
N ILE P 173 19.09 15.02 -65.74
CA ILE P 173 19.08 16.13 -64.78
C ILE P 173 20.42 16.22 -64.07
N VAL P 174 20.94 15.07 -63.61
CA VAL P 174 22.23 15.07 -62.93
C VAL P 174 23.35 15.40 -63.91
N THR P 175 23.24 14.92 -65.15
CA THR P 175 24.27 15.20 -66.15
C THR P 175 24.30 16.68 -66.50
N ASP P 176 23.12 17.30 -66.67
CA ASP P 176 23.06 18.73 -66.94
C ASP P 176 23.51 19.55 -65.74
N ALA P 177 23.42 19.00 -64.52
CA ALA P 177 23.87 19.72 -63.34
C ALA P 177 25.38 19.73 -63.25
N VAL P 178 26.02 18.58 -63.49
CA VAL P 178 27.48 18.50 -63.43
C VAL P 178 28.15 19.06 -64.67
N LEU P 179 27.39 19.31 -65.74
CA LEU P 179 27.97 19.90 -66.94
C LEU P 179 28.44 21.33 -66.68
N SER P 180 27.65 22.10 -65.94
CA SER P 180 28.05 23.47 -65.59
C SER P 180 29.11 23.48 -64.49
N VAL P 181 29.29 22.37 -63.78
CA VAL P 181 30.31 22.32 -62.74
C VAL P 181 31.71 22.36 -63.36
N TYR P 182 31.90 21.64 -64.47
CA TYR P 182 33.19 21.62 -65.13
C TYR P 182 33.47 22.97 -65.79
N ASP P 183 34.62 23.56 -65.44
CA ASP P 183 35.01 24.86 -65.97
C ASP P 183 36.49 24.79 -66.36
N ALA P 184 36.94 25.83 -67.06
CA ALA P 184 38.34 25.93 -67.45
C ALA P 184 39.25 25.94 -66.23
N GLN P 185 38.75 26.43 -65.09
CA GLN P 185 39.52 26.40 -63.85
C GLN P 185 39.67 24.98 -63.31
N ALA P 186 38.82 24.05 -63.74
CA ALA P 186 38.78 22.65 -63.35
C ALA P 186 38.36 22.44 -61.91
N ASP P 187 38.15 23.51 -61.13
CA ASP P 187 37.69 23.36 -59.76
C ASP P 187 36.22 22.96 -59.73
N ASN P 188 35.91 21.95 -58.92
CA ASN P 188 34.54 21.45 -58.78
C ASN P 188 34.06 21.74 -57.37
N LEU P 189 33.01 22.56 -57.26
CA LEU P 189 32.40 22.90 -55.98
C LEU P 189 31.00 22.30 -55.96
N ASP P 190 30.81 21.27 -55.13
CA ASP P 190 29.57 20.49 -55.20
C ASP P 190 28.41 21.16 -54.49
N LEU P 191 28.66 21.93 -53.44
CA LEU P 191 27.55 22.45 -52.64
C LEU P 191 26.87 23.64 -53.31
N HIS P 192 27.64 24.58 -53.85
CA HIS P 192 27.04 25.77 -54.44
C HIS P 192 26.47 25.52 -55.83
N MET P 193 26.99 24.51 -56.55
CA MET P 193 26.53 24.28 -57.92
C MET P 193 25.18 23.56 -57.95
N VAL P 194 24.97 22.60 -57.05
CA VAL P 194 23.75 21.78 -57.06
C VAL P 194 23.11 21.85 -55.68
N GLU P 195 21.78 21.98 -55.66
CA GLU P 195 21.00 21.99 -54.44
C GLU P 195 19.82 21.05 -54.59
N ILE P 196 19.17 20.76 -53.46
CA ILE P 196 17.97 19.93 -53.42
C ILE P 196 16.87 20.72 -52.74
N MET P 197 15.81 21.04 -53.49
CA MET P 197 14.69 21.82 -52.99
C MET P 197 13.45 20.95 -53.02
N GLN P 198 12.87 20.69 -51.85
CA GLN P 198 11.71 19.82 -51.73
C GLN P 198 10.44 20.63 -51.93
N MET P 199 9.63 20.23 -52.92
CA MET P 199 8.33 20.82 -53.17
C MET P 199 7.39 19.73 -53.65
N GLN P 200 6.16 19.73 -53.14
CA GLN P 200 5.17 18.72 -53.51
C GLN P 200 4.32 19.28 -54.65
N HIS P 201 4.50 18.73 -55.85
CA HIS P 201 3.71 19.12 -57.00
C HIS P 201 3.60 17.93 -57.94
N LEU P 202 2.41 17.74 -58.51
CA LEU P 202 2.14 16.67 -59.45
C LEU P 202 2.60 15.31 -58.92
N SER P 203 3.48 14.65 -59.67
CA SER P 203 4.01 13.35 -59.34
C SER P 203 5.53 13.40 -59.27
N PRO P 204 6.16 12.49 -58.54
CA PRO P 204 7.64 12.48 -58.47
C PRO P 204 8.30 12.28 -59.83
N LYS P 205 7.63 11.61 -60.76
CA LYS P 205 8.21 11.36 -62.08
C LYS P 205 8.22 12.59 -62.97
N ASP P 206 7.60 13.70 -62.53
CA ASP P 206 7.56 14.93 -63.30
C ASP P 206 8.72 15.87 -62.99
N THR P 207 9.68 15.42 -62.18
CA THR P 207 10.85 16.22 -61.85
C THR P 207 11.57 16.70 -63.10
N THR P 208 11.85 18.00 -63.16
CA THR P 208 12.48 18.62 -64.31
C THR P 208 13.69 19.42 -63.86
N PHE P 209 14.53 19.78 -64.83
CA PHE P 209 15.76 20.51 -64.58
C PHE P 209 15.57 21.99 -64.90
N ILE P 210 16.17 22.85 -64.08
CA ILE P 210 16.09 24.30 -64.25
C ILE P 210 17.51 24.85 -64.29
N LYS P 211 17.75 25.79 -65.21
CA LYS P 211 19.08 26.33 -65.45
C LYS P 211 19.41 27.55 -64.59
N GLY P 212 18.53 27.94 -63.68
CA GLY P 212 18.78 29.11 -62.85
C GLY P 212 18.19 28.94 -61.47
N LEU P 213 18.65 29.81 -60.56
CA LEU P 213 18.31 29.66 -59.15
C LEU P 213 16.81 29.84 -58.91
N VAL P 214 16.27 29.01 -58.02
CA VAL P 214 14.86 29.08 -57.61
C VAL P 214 14.82 29.38 -56.12
N LEU P 215 13.90 30.25 -55.71
CA LEU P 215 13.79 30.68 -54.32
C LEU P 215 12.43 30.30 -53.76
N ASP P 216 12.37 30.22 -52.43
CA ASP P 216 11.15 29.85 -51.71
C ASP P 216 10.26 31.04 -51.41
N HIS P 217 10.62 32.24 -51.85
CA HIS P 217 9.90 33.46 -51.54
C HIS P 217 9.35 34.10 -52.81
N GLY P 218 8.35 34.95 -52.63
CA GLY P 218 7.69 35.61 -53.74
C GLY P 218 7.18 36.97 -53.33
N GLY P 219 6.65 37.70 -54.31
CA GLY P 219 6.18 39.05 -54.06
C GLY P 219 4.97 39.06 -53.16
N ARG P 220 5.03 39.84 -52.08
CA ARG P 220 3.91 39.96 -51.15
C ARG P 220 2.83 40.89 -51.68
N HIS P 221 3.23 41.97 -52.39
CA HIS P 221 2.23 42.93 -52.86
C HIS P 221 1.66 42.49 -54.21
N PRO P 222 0.35 42.63 -54.39
CA PRO P 222 -0.27 42.14 -55.65
C PRO P 222 0.25 42.84 -56.89
N ASP P 223 0.47 44.15 -56.84
CA ASP P 223 0.89 44.90 -58.02
C ASP P 223 2.31 44.57 -58.46
N MET P 224 3.06 43.83 -57.66
CA MET P 224 4.40 43.43 -58.09
C MET P 224 4.31 42.52 -59.30
N PRO P 225 5.01 42.82 -60.39
CA PRO P 225 4.91 41.98 -61.60
C PRO P 225 5.35 40.55 -61.32
N THR P 226 4.52 39.60 -61.74
CA THR P 226 4.85 38.19 -61.57
C THR P 226 5.87 37.74 -62.60
N ARG P 227 5.68 38.11 -63.85
CA ARG P 227 6.59 37.74 -64.95
C ARG P 227 7.29 39.00 -65.44
N VAL P 228 8.62 39.00 -65.39
CA VAL P 228 9.44 40.12 -65.85
C VAL P 228 10.38 39.59 -66.92
N LYS P 229 10.29 40.15 -68.13
CA LYS P 229 11.13 39.73 -69.24
C LYS P 229 12.61 39.89 -68.91
N ASN P 230 13.08 41.13 -68.81
CA ASN P 230 14.48 41.42 -68.49
C ASN P 230 14.53 42.08 -67.13
N ALA P 231 15.09 41.38 -66.15
CA ALA P 231 15.18 41.86 -64.78
C ALA P 231 16.64 41.99 -64.38
N TYR P 232 16.96 43.08 -63.69
CA TYR P 232 18.31 43.30 -63.15
C TYR P 232 18.29 42.98 -61.66
N VAL P 233 18.97 41.90 -61.29
CA VAL P 233 18.97 41.44 -59.91
C VAL P 233 19.98 42.26 -59.11
N LEU P 234 19.51 42.93 -58.06
CA LEU P 234 20.35 43.71 -57.17
C LEU P 234 20.50 42.94 -55.86
N ILE P 235 21.74 42.63 -55.50
CA ILE P 235 22.04 41.89 -54.27
C ILE P 235 22.12 42.89 -53.13
N LEU P 236 21.26 42.73 -52.13
CA LEU P 236 21.24 43.58 -50.95
C LEU P 236 21.25 42.71 -49.70
N ASN P 237 22.32 42.80 -48.92
CA ASN P 237 22.43 42.09 -47.65
C ASN P 237 21.99 42.94 -46.47
N VAL P 238 21.58 44.18 -46.70
CA VAL P 238 21.10 45.05 -45.64
C VAL P 238 19.59 44.92 -45.53
N SER P 239 19.08 44.96 -44.31
CA SER P 239 17.66 44.76 -44.04
C SER P 239 17.00 46.10 -43.69
N LEU P 240 15.86 46.37 -44.30
CA LEU P 240 15.04 47.53 -43.98
C LEU P 240 13.87 47.05 -43.12
N GLU P 241 13.91 47.38 -41.83
CA GLU P 241 12.94 46.87 -40.86
C GLU P 241 13.23 47.44 -39.47
N TYR P 242 12.40 47.10 -38.50
CA TYR P 242 12.63 47.51 -37.12
C TYR P 242 13.93 46.91 -36.61
N GLU P 243 14.81 47.77 -36.10
CA GLU P 243 16.13 47.35 -35.66
C GLU P 243 16.08 47.05 -34.16
N LYS P 244 17.21 46.59 -33.61
CA LYS P 244 17.31 46.34 -32.18
C LYS P 244 17.12 47.62 -31.36
N THR P 245 17.37 48.78 -31.97
CA THR P 245 17.15 50.13 -31.42
C THR P 245 18.09 50.47 -30.26
N GLU P 246 18.98 49.55 -29.85
CA GLU P 246 19.97 49.84 -28.82
C GLU P 246 19.33 50.24 -27.50
N VAL P 247 18.78 49.25 -26.78
CA VAL P 247 18.25 49.33 -25.41
C VAL P 247 16.97 50.17 -25.36
N ASN P 248 16.54 50.67 -26.52
CA ASN P 248 15.28 51.40 -26.65
C ASN P 248 15.27 52.67 -25.79
N SER P 249 16.03 53.65 -26.26
CA SER P 249 16.07 54.94 -25.59
C SER P 249 14.75 55.68 -25.79
N GLY P 250 14.43 56.04 -27.03
CA GLY P 250 13.10 56.50 -27.39
C GLY P 250 13.05 58.01 -27.59
N PHE P 251 11.82 58.46 -27.84
CA PHE P 251 11.52 59.86 -28.14
C PHE P 251 10.72 60.48 -27.00
N PHE P 252 10.88 61.79 -26.83
CA PHE P 252 10.10 62.57 -25.89
C PHE P 252 9.60 63.83 -26.59
N TYR P 253 8.29 63.97 -26.71
CA TYR P 253 7.68 65.08 -27.42
C TYR P 253 7.05 66.05 -26.42
N SER P 254 7.22 67.35 -26.68
CA SER P 254 6.67 68.36 -25.79
C SER P 254 5.19 68.60 -26.05
N SER P 255 4.78 68.63 -27.31
CA SER P 255 3.40 68.90 -27.69
C SER P 255 2.91 67.81 -28.64
N ALA P 256 1.59 67.76 -28.81
CA ALA P 256 0.99 66.77 -29.70
C ALA P 256 1.46 66.94 -31.14
N ASP P 257 1.79 68.17 -31.54
CA ASP P 257 2.33 68.38 -32.88
C ASP P 257 3.70 67.75 -33.04
N GLN P 258 4.48 67.69 -31.96
CA GLN P 258 5.78 67.03 -31.99
C GLN P 258 5.67 65.51 -31.96
N ARG P 259 4.58 64.98 -31.41
CA ARG P 259 4.40 63.54 -31.34
C ARG P 259 4.37 62.92 -32.74
N ASP P 260 3.57 63.50 -33.64
CA ASP P 260 3.58 63.06 -35.03
C ASP P 260 4.79 63.56 -35.80
N LYS P 261 5.42 64.64 -35.34
CA LYS P 261 6.62 65.14 -36.00
C LYS P 261 7.81 64.21 -35.76
N LEU P 262 7.89 63.63 -34.56
CA LEU P 262 8.94 62.66 -34.27
C LEU P 262 8.65 61.28 -34.84
N ALA P 263 7.38 60.97 -35.11
CA ALA P 263 7.03 59.68 -35.67
C ALA P 263 7.52 59.54 -37.11
N ALA P 264 7.67 60.66 -37.83
CA ALA P 264 8.16 60.63 -39.19
C ALA P 264 9.65 60.33 -39.27
N SER P 265 10.37 60.37 -38.14
CA SER P 265 11.79 60.07 -38.15
C SER P 265 12.07 58.59 -38.37
N GLU P 266 11.09 57.72 -38.10
CA GLU P 266 11.29 56.29 -38.34
C GLU P 266 11.43 56.00 -39.83
N ARG P 267 10.71 56.74 -40.66
CA ARG P 267 10.81 56.57 -42.11
C ARG P 267 11.97 57.36 -42.71
N LYS P 268 12.66 58.17 -41.92
CA LYS P 268 13.79 58.93 -42.44
C LYS P 268 14.96 58.01 -42.79
N PHE P 269 15.23 57.01 -41.94
CA PHE P 269 16.31 56.07 -42.22
C PHE P 269 15.93 55.06 -43.28
N VAL P 270 14.64 54.70 -43.35
CA VAL P 270 14.20 53.73 -44.36
C VAL P 270 14.22 54.35 -45.74
N ASP P 271 13.66 55.56 -45.87
CA ASP P 271 13.64 56.23 -47.17
C ASP P 271 15.01 56.71 -47.60
N ALA P 272 15.98 56.78 -46.68
CA ALA P 272 17.33 57.20 -47.05
C ALA P 272 17.99 56.18 -47.97
N LYS P 273 17.81 54.88 -47.67
CA LYS P 273 18.37 53.84 -48.52
C LYS P 273 17.50 53.57 -49.75
N LEU P 274 16.23 53.97 -49.72
CA LEU P 274 15.37 53.77 -50.89
C LEU P 274 15.68 54.76 -52.00
N LYS P 275 16.18 55.95 -51.66
CA LYS P 275 16.54 56.93 -52.69
C LYS P 275 17.74 56.48 -53.51
N LYS P 276 18.63 55.68 -52.91
CA LYS P 276 19.77 55.16 -53.65
C LYS P 276 19.33 54.13 -54.69
N ILE P 277 18.32 53.31 -54.34
CA ILE P 277 17.80 52.35 -55.30
C ILE P 277 17.09 53.06 -56.45
N ILE P 278 16.38 54.15 -56.15
CA ILE P 278 15.72 54.92 -57.20
C ILE P 278 16.76 55.56 -58.12
N ASP P 279 17.86 56.06 -57.55
CA ASP P 279 18.92 56.62 -58.37
C ASP P 279 19.59 55.56 -59.24
N LEU P 280 19.69 54.33 -58.73
CA LEU P 280 20.22 53.24 -59.53
C LEU P 280 19.26 52.86 -60.65
N LYS P 281 17.95 52.97 -60.41
CA LYS P 281 16.97 52.67 -61.44
C LYS P 281 16.99 53.71 -62.55
N ASN P 282 17.43 54.94 -62.24
CA ASN P 282 17.47 55.99 -63.25
C ASN P 282 18.49 55.72 -64.35
N GLU P 283 19.47 54.85 -64.10
CA GLU P 283 20.41 54.48 -65.14
C GLU P 283 19.84 53.42 -66.07
N VAL P 284 19.05 52.49 -65.52
CA VAL P 284 18.52 51.36 -66.27
C VAL P 284 17.13 51.68 -66.81
N CYS P 285 16.68 52.93 -66.65
CA CYS P 285 15.32 53.29 -67.02
C CYS P 285 15.04 53.08 -68.50
N GLY P 286 16.07 52.95 -69.33
CA GLY P 286 15.87 52.70 -70.74
C GLY P 286 15.12 51.42 -71.01
N MET P 287 14.10 51.49 -71.87
CA MET P 287 13.23 50.36 -72.19
C MET P 287 12.58 49.81 -70.91
N ASP P 288 12.01 50.72 -70.12
CA ASP P 288 11.42 50.33 -68.84
C ASP P 288 10.23 49.40 -68.98
N PRO P 289 9.27 49.60 -69.91
CA PRO P 289 8.15 48.64 -69.99
C PRO P 289 8.57 47.22 -70.31
N ASP P 290 9.53 47.04 -71.23
CA ASP P 290 9.94 45.69 -71.59
C ASP P 290 10.90 45.10 -70.56
N LYS P 291 11.75 45.91 -69.95
CA LYS P 291 12.70 45.43 -68.96
C LYS P 291 12.08 45.53 -67.56
N GLY P 292 12.89 45.29 -66.54
CA GLY P 292 12.41 45.35 -65.17
C GLY P 292 13.57 45.39 -64.20
N PHE P 293 13.22 45.64 -62.94
CA PHE P 293 14.21 45.73 -61.87
C PHE P 293 13.68 44.98 -60.66
N VAL P 294 14.46 44.02 -60.16
CA VAL P 294 14.07 43.20 -59.02
C VAL P 294 15.09 43.36 -57.91
N ILE P 295 14.66 43.06 -56.69
CA ILE P 295 15.50 43.16 -55.50
C ILE P 295 15.36 41.87 -54.70
N ILE P 296 16.50 41.28 -54.34
CA ILE P 296 16.53 40.07 -53.52
C ILE P 296 17.30 40.40 -52.25
N ASN P 297 16.61 40.34 -51.11
CA ASN P 297 17.19 40.67 -49.82
C ASN P 297 17.41 39.39 -49.01
N GLN P 298 18.50 39.39 -48.23
CA GLN P 298 18.82 38.23 -47.41
C GLN P 298 17.97 38.18 -46.15
N LYS P 299 17.47 39.32 -45.68
CA LYS P 299 16.70 39.40 -44.46
C LYS P 299 15.33 40.00 -44.73
N GLY P 300 14.43 39.84 -43.77
CA GLY P 300 13.07 40.32 -43.94
C GLY P 300 13.01 41.81 -44.18
N ILE P 301 12.03 42.22 -44.98
CA ILE P 301 11.82 43.61 -45.35
C ILE P 301 10.56 44.12 -44.65
N ASP P 302 10.65 45.34 -44.13
CA ASP P 302 9.51 45.97 -43.47
C ASP P 302 8.34 46.09 -44.43
N PRO P 303 7.16 45.56 -44.09
CA PRO P 303 5.99 45.73 -44.97
C PRO P 303 5.63 47.19 -45.23
N MET P 304 6.10 48.11 -44.39
CA MET P 304 5.84 49.53 -44.63
C MET P 304 6.50 50.02 -45.92
N SER P 305 7.64 49.41 -46.29
CA SER P 305 8.38 49.81 -47.48
C SER P 305 8.04 48.99 -48.71
N LEU P 306 7.16 48.00 -48.60
CA LEU P 306 6.80 47.20 -49.76
C LEU P 306 5.94 47.98 -50.75
N ASP P 307 5.19 48.97 -50.26
CA ASP P 307 4.38 49.78 -51.16
C ASP P 307 5.21 50.71 -52.02
N VAL P 308 6.45 51.00 -51.62
CA VAL P 308 7.33 51.83 -52.42
C VAL P 308 7.77 51.08 -53.67
N PHE P 309 8.13 49.80 -53.52
CA PHE P 309 8.53 49.00 -54.67
C PHE P 309 7.35 48.62 -55.55
N ALA P 310 6.13 48.69 -55.03
CA ALA P 310 4.96 48.33 -55.83
C ALA P 310 4.63 49.40 -56.86
N LYS P 311 4.81 50.67 -56.50
CA LYS P 311 4.53 51.76 -57.45
C LYS P 311 5.54 51.78 -58.59
N HIS P 312 6.78 51.33 -58.34
CA HIS P 312 7.81 51.28 -59.36
C HIS P 312 7.88 49.92 -60.05
N ASN P 313 6.99 49.00 -59.71
CA ASN P 313 6.96 47.66 -60.31
C ASN P 313 8.29 46.93 -60.08
N ILE P 314 8.74 46.93 -58.82
CA ILE P 314 9.98 46.29 -58.42
C ILE P 314 9.63 45.09 -57.56
N LEU P 315 10.10 43.91 -57.95
CA LEU P 315 9.85 42.69 -57.20
C LEU P 315 10.83 42.60 -56.03
N ALA P 316 10.30 42.42 -54.83
CA ALA P 316 11.10 42.34 -53.61
C ALA P 316 11.02 40.94 -53.03
N LEU P 317 12.15 40.42 -52.58
CA LEU P 317 12.25 39.10 -51.97
C LEU P 317 12.99 39.23 -50.64
N ARG P 318 12.37 38.72 -49.58
CA ARG P 318 12.90 38.85 -48.23
C ARG P 318 13.05 37.48 -47.59
N ARG P 319 13.85 37.45 -46.51
CA ARG P 319 14.08 36.24 -45.72
C ARG P 319 14.68 35.13 -46.57
N ALA P 320 15.57 35.49 -47.49
CA ALA P 320 16.25 34.51 -48.31
C ALA P 320 17.36 33.83 -47.52
N LYS P 321 17.73 32.63 -47.97
CA LYS P 321 18.77 31.86 -47.31
C LYS P 321 20.13 32.52 -47.49
N ARG P 322 21.05 32.19 -46.59
CA ARG P 322 22.39 32.78 -46.64
C ARG P 322 23.19 32.20 -47.80
N ARG P 323 23.03 30.90 -48.09
CA ARG P 323 23.76 30.29 -49.19
C ARG P 323 23.27 30.80 -50.54
N ASN P 324 22.00 31.18 -50.63
CA ASN P 324 21.46 31.70 -51.89
C ASN P 324 22.06 33.04 -52.27
N MET P 325 22.59 33.79 -51.30
CA MET P 325 23.25 35.06 -51.62
C MET P 325 24.55 34.85 -52.37
N GLU P 326 25.26 33.76 -52.08
CA GLU P 326 26.53 33.48 -52.74
C GLU P 326 26.35 33.01 -54.17
N ARG P 327 25.18 32.48 -54.52
CA ARG P 327 24.93 31.95 -55.85
C ARG P 327 24.35 32.97 -56.81
N LEU P 328 23.97 34.15 -56.33
CA LEU P 328 23.41 35.17 -57.22
C LEU P 328 24.45 35.72 -58.18
N GLN P 329 25.74 35.62 -57.84
CA GLN P 329 26.79 36.02 -58.77
C GLN P 329 27.02 34.97 -59.85
N LEU P 330 26.77 33.70 -59.53
CA LEU P 330 26.97 32.63 -60.52
C LEU P 330 25.79 32.55 -61.49
N VAL P 331 24.58 32.77 -61.01
CA VAL P 331 23.39 32.67 -61.86
C VAL P 331 23.27 33.90 -62.75
N THR P 332 23.06 35.07 -62.14
CA THR P 332 22.82 36.27 -62.91
C THR P 332 24.09 36.80 -63.54
N GLY P 333 25.21 36.75 -62.81
CA GLY P 333 26.48 37.24 -63.29
C GLY P 333 26.92 38.56 -62.70
N GLY P 334 26.15 39.14 -61.77
CA GLY P 334 26.50 40.40 -61.15
C GLY P 334 27.41 40.23 -59.95
N GLU P 335 27.35 41.21 -59.05
CA GLU P 335 28.15 41.20 -57.84
C GLU P 335 27.28 41.56 -56.65
N ALA P 336 27.78 41.25 -55.45
CA ALA P 336 27.05 41.49 -54.22
C ALA P 336 27.29 42.91 -53.73
N GLN P 337 26.25 43.51 -53.16
CA GLN P 337 26.30 44.89 -52.69
C GLN P 337 25.74 44.94 -51.26
N ASN P 338 26.56 45.36 -50.31
CA ASN P 338 26.13 45.48 -48.91
C ASN P 338 25.60 46.89 -48.65
N SER P 339 26.47 47.89 -48.72
CA SER P 339 26.07 49.26 -48.52
C SER P 339 25.48 49.84 -49.81
N VAL P 340 24.37 50.58 -49.67
CA VAL P 340 23.69 51.15 -50.82
C VAL P 340 24.26 52.50 -51.23
N GLU P 341 25.30 52.99 -50.54
CA GLU P 341 25.88 54.28 -50.88
C GLU P 341 26.58 54.23 -52.23
N ASP P 342 27.34 53.17 -52.50
CA ASP P 342 28.05 52.99 -53.76
C ASP P 342 27.29 51.99 -54.62
N LEU P 343 26.73 52.47 -55.72
CA LEU P 343 25.97 51.63 -56.63
C LEU P 343 26.47 51.88 -58.06
N SER P 344 26.54 50.80 -58.84
CA SER P 344 27.01 50.85 -60.21
C SER P 344 26.22 49.87 -61.06
N PRO P 345 26.06 50.15 -62.35
CA PRO P 345 25.35 49.19 -63.22
C PRO P 345 26.10 47.89 -63.44
N GLN P 346 27.40 47.85 -63.15
CA GLN P 346 28.18 46.64 -63.40
C GLN P 346 27.79 45.50 -62.47
N ILE P 347 27.47 45.82 -61.21
CA ILE P 347 27.13 44.79 -60.24
C ILE P 347 25.74 44.22 -60.45
N LEU P 348 24.94 44.82 -61.32
CA LEU P 348 23.59 44.33 -61.59
C LEU P 348 23.64 43.08 -62.46
N GLY P 349 22.82 42.10 -62.10
CA GLY P 349 22.76 40.86 -62.84
C GLY P 349 21.88 40.96 -64.08
N PHE P 350 21.73 39.83 -64.76
CA PHE P 350 20.95 39.75 -65.98
C PHE P 350 20.21 38.42 -66.01
N SER P 351 18.93 38.48 -66.39
CA SER P 351 18.10 37.29 -66.51
C SER P 351 17.16 37.45 -67.71
N GLY P 352 17.04 36.38 -68.49
CA GLY P 352 16.19 36.42 -69.67
C GLY P 352 14.74 36.11 -69.39
N LEU P 353 14.47 35.34 -68.34
CA LEU P 353 13.10 35.04 -67.94
C LEU P 353 13.03 35.00 -66.42
N VAL P 354 12.04 35.71 -65.86
CA VAL P 354 11.77 35.71 -64.43
C VAL P 354 10.27 35.58 -64.25
N TYR P 355 9.84 34.52 -63.56
CA TYR P 355 8.42 34.30 -63.34
C TYR P 355 8.22 33.62 -62.00
N GLN P 356 6.99 33.69 -61.48
CA GLN P 356 6.63 33.09 -60.21
C GLN P 356 5.40 32.21 -60.40
N GLU P 357 5.43 31.03 -59.79
CA GLU P 357 4.33 30.08 -59.84
C GLU P 357 3.78 29.90 -58.42
N THR P 358 2.54 30.33 -58.21
CA THR P 358 1.91 30.26 -56.89
C THR P 358 1.13 28.96 -56.78
N ILE P 359 1.54 28.10 -55.85
CA ILE P 359 0.87 26.83 -55.58
C ILE P 359 0.54 26.81 -54.10
N GLY P 360 -0.74 26.81 -53.78
CA GLY P 360 -1.15 26.83 -52.39
C GLY P 360 -0.84 28.18 -51.74
N GLU P 361 -0.51 28.13 -50.46
CA GLU P 361 -0.17 29.35 -49.73
C GLU P 361 1.25 29.82 -50.03
N GLU P 362 2.15 28.89 -50.35
CA GLU P 362 3.54 29.24 -50.63
C GLU P 362 3.68 29.72 -52.07
N LYS P 363 4.60 30.67 -52.27
CA LYS P 363 4.90 31.22 -53.57
C LYS P 363 6.39 31.05 -53.86
N PHE P 364 6.72 30.59 -55.06
CA PHE P 364 8.10 30.33 -55.46
C PHE P 364 8.46 31.21 -56.66
N THR P 365 9.70 31.68 -56.68
CA THR P 365 10.21 32.52 -57.75
C THR P 365 11.18 31.73 -58.60
N TYR P 366 10.96 31.74 -59.92
CA TYR P 366 11.79 31.00 -60.86
C TYR P 366 12.60 31.96 -61.72
N VAL P 367 13.88 31.66 -61.89
CA VAL P 367 14.78 32.43 -62.73
C VAL P 367 15.48 31.48 -63.69
N THR P 368 15.55 31.84 -64.96
CA THR P 368 16.17 31.01 -65.98
C THR P 368 16.55 31.87 -67.17
N GLU P 369 17.06 31.22 -68.22
CA GLU P 369 17.48 31.86 -69.47
C GLU P 369 18.56 32.92 -69.20
N ASN P 370 19.73 32.42 -68.83
CA ASN P 370 20.90 33.25 -68.59
C ASN P 370 21.88 33.12 -69.74
N THR P 371 22.57 34.23 -70.04
CA THR P 371 23.56 34.26 -71.11
C THR P 371 24.65 33.21 -70.88
N ASP P 372 25.44 33.37 -69.83
CA ASP P 372 26.48 32.43 -69.45
C ASP P 372 26.28 32.07 -67.98
N PRO P 373 25.31 31.23 -67.66
CA PRO P 373 25.08 30.86 -66.26
C PRO P 373 26.23 30.03 -65.72
N LYS P 374 26.71 30.40 -64.53
CA LYS P 374 27.80 29.69 -63.87
C LYS P 374 27.30 28.66 -62.86
N SER P 375 25.98 28.54 -62.67
CA SER P 375 25.43 27.55 -61.76
C SER P 375 23.99 27.27 -62.17
N CYS P 376 23.46 26.16 -61.68
CA CYS P 376 22.10 25.73 -61.99
C CYS P 376 21.47 25.17 -60.72
N THR P 377 20.27 24.61 -60.85
CA THR P 377 19.55 24.03 -59.72
C THR P 377 18.85 22.76 -60.18
N ILE P 378 18.37 22.00 -59.21
CA ILE P 378 17.54 20.81 -59.46
C ILE P 378 16.32 20.91 -58.56
N LEU P 379 15.14 20.98 -59.18
CA LEU P 379 13.89 21.11 -58.44
C LEU P 379 13.31 19.72 -58.20
N ILE P 380 13.27 19.32 -56.94
CA ILE P 380 12.79 17.99 -56.56
C ILE P 380 11.30 18.06 -56.30
N LYS P 381 10.53 17.27 -57.04
CA LYS P 381 9.08 17.16 -56.86
C LYS P 381 8.75 15.77 -56.34
N GLY P 382 7.78 15.69 -55.45
CA GLY P 382 7.39 14.42 -54.87
C GLY P 382 5.95 14.42 -54.43
N SER P 383 5.38 13.22 -54.34
CA SER P 383 3.98 13.07 -53.96
C SER P 383 3.79 13.18 -52.45
N THR P 384 4.73 12.62 -51.67
CA THR P 384 4.60 12.54 -50.23
C THR P 384 5.88 13.05 -49.57
N HIS P 385 5.80 13.23 -48.25
CA HIS P 385 6.95 13.72 -47.50
C HIS P 385 8.14 12.77 -47.60
N TYR P 386 7.89 11.46 -47.50
CA TYR P 386 8.98 10.50 -47.62
C TYR P 386 9.46 10.39 -49.07
N ALA P 387 8.59 10.69 -50.03
CA ALA P 387 9.01 10.69 -51.43
C ALA P 387 10.00 11.80 -51.72
N LEU P 388 9.89 12.93 -51.01
CA LEU P 388 10.87 14.00 -51.16
C LEU P 388 12.22 13.60 -50.58
N ALA P 389 12.21 12.82 -49.49
CA ALA P 389 13.45 12.36 -48.89
C ALA P 389 14.07 11.20 -49.67
N GLN P 390 13.25 10.35 -50.28
CA GLN P 390 13.78 9.25 -51.07
C GLN P 390 14.52 9.76 -52.31
N THR P 391 13.95 10.77 -52.98
CA THR P 391 14.64 11.38 -54.11
C THR P 391 15.84 12.21 -53.66
N LYS P 392 15.73 12.86 -52.50
CA LYS P 392 16.85 13.64 -51.97
C LYS P 392 18.07 12.76 -51.73
N ASP P 393 17.86 11.58 -51.12
CA ASP P 393 18.98 10.68 -50.87
C ASP P 393 19.46 10.00 -52.14
N ALA P 394 18.58 9.86 -53.14
CA ALA P 394 18.98 9.23 -54.39
C ALA P 394 19.78 10.17 -55.28
N VAL P 395 19.39 11.45 -55.32
CA VAL P 395 20.10 12.41 -56.15
C VAL P 395 21.42 12.83 -55.50
N ARG P 396 21.41 13.07 -54.19
CA ARG P 396 22.62 13.52 -53.50
C ARG P 396 23.72 12.46 -53.57
N ASP P 397 23.34 11.19 -53.42
CA ASP P 397 24.34 10.12 -53.55
C ASP P 397 24.87 10.01 -54.97
N GLY P 398 24.05 10.39 -55.96
CA GLY P 398 24.51 10.43 -57.34
C GLY P 398 25.36 11.64 -57.67
N LEU P 399 25.31 12.69 -56.83
CA LEU P 399 26.14 13.86 -57.07
C LEU P 399 27.61 13.56 -56.81
N ARG P 400 27.91 13.00 -55.64
CA ARG P 400 29.31 12.67 -55.31
C ARG P 400 29.87 11.60 -56.23
N ALA P 401 29.02 10.73 -56.75
CA ALA P 401 29.49 9.69 -57.66
C ALA P 401 29.99 10.29 -58.97
N VAL P 402 29.24 11.24 -59.53
CA VAL P 402 29.65 11.87 -60.79
C VAL P 402 30.72 12.92 -60.55
N ALA P 403 30.64 13.64 -59.43
CA ALA P 403 31.60 14.70 -59.16
C ALA P 403 33.00 14.13 -58.95
N ASN P 404 33.11 12.96 -58.31
CA ASN P 404 34.41 12.34 -58.12
C ASN P 404 35.02 11.85 -59.42
N VAL P 405 34.22 11.68 -60.46
CA VAL P 405 34.75 11.25 -61.76
C VAL P 405 35.54 12.39 -62.39
N LEU P 406 35.03 13.61 -62.32
CA LEU P 406 35.71 14.76 -62.90
C LEU P 406 36.91 15.22 -62.08
N LYS P 407 37.04 14.77 -60.83
CA LYS P 407 38.18 15.16 -60.01
C LYS P 407 39.47 14.53 -60.52
N ASP P 408 39.47 13.21 -60.71
CA ASP P 408 40.63 12.50 -61.22
C ASP P 408 40.42 12.14 -62.69
N LYS P 409 41.44 11.53 -63.27
CA LYS P 409 41.41 11.10 -64.67
C LYS P 409 41.02 9.64 -64.84
N ASN P 410 40.72 8.93 -63.76
CA ASN P 410 40.49 7.50 -63.81
C ASN P 410 39.10 7.16 -63.30
N ILE P 411 38.63 5.97 -63.68
CA ILE P 411 37.32 5.47 -63.29
C ILE P 411 37.42 3.97 -63.06
N ILE P 412 36.63 3.48 -62.11
CA ILE P 412 36.68 2.08 -61.68
C ILE P 412 35.44 1.37 -62.21
N PRO P 413 35.59 0.26 -62.92
CA PRO P 413 34.40 -0.49 -63.35
C PRO P 413 33.74 -1.21 -62.19
N GLY P 414 32.42 -1.25 -62.22
CA GLY P 414 31.61 -1.87 -61.19
C GLY P 414 31.23 -3.30 -61.52
N ALA P 415 30.04 -3.70 -61.05
CA ALA P 415 29.49 -5.04 -61.28
C ALA P 415 30.38 -6.13 -60.69
N GLY P 416 31.05 -5.82 -59.57
CA GLY P 416 31.87 -6.82 -58.91
C GLY P 416 33.13 -7.21 -59.64
N ALA P 417 33.54 -6.43 -60.65
CA ALA P 417 34.75 -6.76 -61.38
C ALA P 417 36.00 -6.49 -60.55
N PHE P 418 35.93 -5.54 -59.62
CA PHE P 418 37.08 -5.23 -58.78
C PHE P 418 37.27 -6.25 -57.67
N TYR P 419 36.19 -6.80 -57.14
CA TYR P 419 36.30 -7.78 -56.05
C TYR P 419 36.71 -9.16 -56.56
N ILE P 420 36.25 -9.54 -57.75
CA ILE P 420 36.64 -10.84 -58.30
C ILE P 420 38.09 -10.83 -58.75
N ALA P 421 38.57 -9.70 -59.27
CA ALA P 421 39.96 -9.62 -59.72
C ALA P 421 40.95 -9.74 -58.57
N LEU P 422 40.58 -9.25 -57.39
CA LEU P 422 41.48 -9.36 -56.24
C LEU P 422 41.54 -10.78 -55.71
N SER P 423 40.49 -11.58 -55.92
CA SER P 423 40.49 -12.96 -55.44
C SER P 423 41.54 -13.78 -56.19
N ARG P 424 41.56 -13.68 -57.52
CA ARG P 424 42.56 -14.41 -58.29
C ARG P 424 43.95 -13.84 -58.11
N TYR P 425 44.06 -12.56 -57.76
CA TYR P 425 45.36 -11.93 -57.58
C TYR P 425 46.00 -12.33 -56.26
N LEU P 426 45.23 -12.29 -55.17
CA LEU P 426 45.80 -12.59 -53.86
C LEU P 426 46.08 -14.07 -53.67
N ARG P 427 45.26 -14.94 -54.27
CA ARG P 427 45.45 -16.38 -54.11
C ARG P 427 46.59 -16.91 -54.97
N SER P 428 46.82 -16.32 -56.14
CA SER P 428 47.86 -16.79 -57.04
C SER P 428 49.19 -16.04 -56.87
N ALA P 429 49.25 -15.07 -55.97
CA ALA P 429 50.48 -14.32 -55.77
C ALA P 429 51.47 -15.12 -54.92
N ASN P 430 52.73 -15.07 -55.30
CA ASN P 430 53.76 -15.75 -54.54
C ASN P 430 53.99 -15.06 -53.20
N MET P 431 54.08 -15.87 -52.13
CA MET P 431 54.24 -15.32 -50.80
C MET P 431 55.65 -14.82 -50.53
N ASN P 432 56.64 -15.27 -51.30
CA ASN P 432 58.00 -14.76 -51.12
C ASN P 432 58.09 -13.29 -51.50
N LYS P 433 57.29 -12.85 -52.47
CA LYS P 433 57.24 -11.43 -52.81
C LYS P 433 56.58 -10.62 -51.70
N LEU P 434 55.60 -11.20 -51.02
CA LEU P 434 54.91 -10.53 -49.93
C LEU P 434 55.74 -10.57 -48.65
N GLY P 435 55.50 -9.59 -47.78
CA GLY P 435 56.18 -9.56 -46.50
C GLY P 435 55.61 -10.49 -45.46
N ALA P 436 54.51 -11.17 -45.76
CA ALA P 436 53.88 -12.09 -44.82
C ALA P 436 54.38 -13.50 -45.05
N LYS P 437 54.74 -14.19 -43.97
CA LYS P 437 55.24 -15.55 -44.03
C LYS P 437 54.64 -16.36 -42.89
N GLY P 438 54.66 -17.68 -43.04
CA GLY P 438 54.17 -18.57 -42.01
C GLY P 438 52.68 -18.46 -41.77
N LYS P 439 52.29 -18.23 -40.51
CA LYS P 439 50.87 -18.12 -40.18
C LYS P 439 50.25 -16.85 -40.74
N THR P 440 51.06 -15.83 -41.03
CA THR P 440 50.54 -14.61 -41.63
C THR P 440 50.06 -14.83 -43.05
N LYS P 441 50.45 -15.94 -43.69
CA LYS P 441 49.91 -16.29 -45.00
C LYS P 441 48.42 -16.59 -44.91
N THR P 442 47.96 -17.11 -43.76
CA THR P 442 46.56 -17.45 -43.60
C THR P 442 45.68 -16.21 -43.56
N GLY P 443 46.16 -15.14 -42.92
CA GLY P 443 45.36 -13.92 -42.80
C GLY P 443 45.05 -13.28 -44.13
N ILE P 444 45.90 -13.49 -45.14
CA ILE P 444 45.63 -12.93 -46.46
C ILE P 444 44.49 -13.68 -47.15
N GLU P 445 44.42 -15.01 -46.95
CA GLU P 445 43.34 -15.79 -47.54
C GLU P 445 41.98 -15.39 -46.97
N ALA P 446 41.93 -15.00 -45.69
CA ALA P 446 40.67 -14.57 -45.11
C ALA P 446 40.21 -13.24 -45.69
N PHE P 447 41.14 -12.39 -46.14
CA PHE P 447 40.77 -11.13 -46.76
C PHE P 447 40.31 -11.31 -48.20
N ALA P 448 40.89 -12.28 -48.92
CA ALA P 448 40.50 -12.50 -50.31
C ALA P 448 39.14 -13.18 -50.40
N GLU P 449 38.85 -14.10 -49.48
CA GLU P 449 37.56 -14.78 -49.50
C GLU P 449 36.43 -13.86 -49.06
N ALA P 450 36.70 -12.91 -48.18
CA ALA P 450 35.67 -11.99 -47.72
C ALA P 450 35.24 -11.01 -48.82
N LEU P 451 36.06 -10.81 -49.85
CA LEU P 451 35.71 -9.90 -50.93
C LEU P 451 34.76 -10.53 -51.94
N LEU P 452 34.63 -11.86 -51.94
CA LEU P 452 33.75 -12.54 -52.89
C LEU P 452 32.30 -12.60 -52.41
N VAL P 453 32.02 -12.10 -51.20
CA VAL P 453 30.64 -12.14 -50.72
C VAL P 453 29.79 -11.04 -51.35
N ILE P 454 30.40 -9.88 -51.63
CA ILE P 454 29.64 -8.79 -52.26
C ILE P 454 29.10 -9.17 -53.63
N PRO P 455 29.88 -9.77 -54.54
CA PRO P 455 29.28 -10.24 -55.79
C PRO P 455 28.29 -11.37 -55.58
N LYS P 456 28.44 -12.15 -54.50
CA LYS P 456 27.45 -13.16 -54.16
C LYS P 456 26.22 -12.54 -53.49
N THR P 457 26.41 -11.47 -52.73
CA THR P 457 25.27 -10.79 -52.12
C THR P 457 24.37 -10.17 -53.18
N LEU P 458 24.95 -9.68 -54.28
CA LEU P 458 24.15 -9.15 -55.38
C LEU P 458 23.24 -10.23 -55.95
N VAL P 459 23.71 -11.47 -55.98
CA VAL P 459 22.94 -12.56 -56.57
C VAL P 459 21.85 -13.03 -55.62
N LYS P 460 22.06 -12.90 -54.31
CA LYS P 460 21.07 -13.35 -53.34
C LYS P 460 19.75 -12.59 -53.49
N ASN P 461 19.82 -11.33 -53.92
CA ASN P 461 18.61 -10.55 -54.13
C ASN P 461 17.90 -10.90 -55.42
N SER P 462 18.61 -11.49 -56.38
CA SER P 462 18.02 -11.89 -57.66
C SER P 462 17.39 -13.28 -57.62
N GLY P 463 17.64 -14.06 -56.56
CA GLY P 463 17.09 -15.38 -56.43
C GLY P 463 17.96 -16.50 -56.94
N PHE P 464 18.93 -16.20 -57.80
CA PHE P 464 19.81 -17.23 -58.33
C PHE P 464 20.79 -17.70 -57.26
N ASP P 465 21.34 -18.89 -57.49
CA ASP P 465 22.33 -19.46 -56.57
C ASP P 465 23.65 -18.72 -56.70
N PRO P 466 24.15 -18.08 -55.65
CA PRO P 466 25.42 -17.34 -55.78
C PRO P 466 26.60 -18.24 -56.10
N LEU P 467 26.55 -19.52 -55.75
CA LEU P 467 27.67 -20.41 -56.00
C LEU P 467 27.76 -20.83 -57.46
N ASP P 468 26.61 -21.05 -58.11
CA ASP P 468 26.60 -21.51 -59.49
C ASP P 468 26.87 -20.39 -60.48
N VAL P 469 26.51 -19.15 -60.14
CA VAL P 469 26.69 -18.06 -61.08
C VAL P 469 28.16 -17.60 -61.14
N LEU P 470 28.91 -17.78 -60.05
CA LEU P 470 30.34 -17.44 -60.07
C LEU P 470 31.20 -18.56 -60.65
N ALA P 471 30.62 -19.73 -60.93
CA ALA P 471 31.39 -20.80 -61.55
C ALA P 471 31.74 -20.46 -62.99
N MET P 472 30.84 -19.78 -63.70
CA MET P 472 31.11 -19.36 -65.07
C MET P 472 32.02 -18.13 -65.13
N VAL P 473 32.10 -17.36 -64.05
CA VAL P 473 32.96 -16.18 -64.05
C VAL P 473 34.43 -16.59 -63.95
N GLU P 474 34.73 -17.56 -63.07
CA GLU P 474 36.10 -18.01 -62.92
C GLU P 474 36.57 -18.79 -64.16
N ASP P 475 35.65 -19.45 -64.85
CA ASP P 475 36.03 -20.20 -66.04
C ASP P 475 36.32 -19.27 -67.23
N GLU P 476 35.72 -18.08 -67.24
CA GLU P 476 35.98 -17.14 -68.32
C GLU P 476 37.32 -16.45 -68.15
N LEU P 477 37.71 -16.14 -66.92
CA LEU P 477 38.99 -15.49 -66.65
C LEU P 477 40.18 -16.42 -66.82
N ASP P 478 39.96 -17.73 -66.92
CA ASP P 478 41.06 -18.67 -67.11
C ASP P 478 41.56 -18.63 -68.55
N ASP P 479 40.63 -18.65 -69.52
CA ASP P 479 41.01 -18.62 -70.93
C ASP P 479 41.26 -17.22 -71.46
N ALA P 480 40.93 -16.18 -70.68
CA ALA P 480 41.14 -14.81 -71.13
C ALA P 480 42.61 -14.40 -71.05
N GLN P 481 43.38 -15.03 -70.16
CA GLN P 481 44.79 -14.67 -70.02
C GLN P 481 45.65 -15.25 -71.14
N ASP P 482 45.31 -16.45 -71.61
CA ASP P 482 46.07 -17.09 -72.68
C ASP P 482 45.60 -16.71 -74.07
N SER P 483 44.48 -16.01 -74.18
CA SER P 483 43.94 -15.60 -75.48
C SER P 483 44.40 -14.22 -75.91
N ASP P 484 45.27 -13.57 -75.12
CA ASP P 484 45.76 -12.23 -75.42
C ASP P 484 44.61 -11.23 -75.57
N GLU P 485 43.68 -11.30 -74.61
CA GLU P 485 42.53 -10.40 -74.59
C GLU P 485 42.29 -9.94 -73.16
N THR P 486 42.26 -8.63 -72.96
CA THR P 486 42.02 -8.04 -71.64
C THR P 486 40.58 -7.56 -71.58
N ARG P 487 39.77 -8.23 -70.78
CA ARG P 487 38.36 -7.90 -70.63
C ARG P 487 37.94 -8.11 -69.19
N TYR P 488 37.17 -7.16 -68.65
CA TYR P 488 36.67 -7.25 -67.28
C TYR P 488 35.32 -7.94 -67.28
N VAL P 489 35.15 -8.90 -66.37
CA VAL P 489 33.94 -9.71 -66.27
C VAL P 489 33.12 -9.23 -65.09
N GLY P 490 31.85 -8.88 -65.35
CA GLY P 490 30.95 -8.44 -64.32
C GLY P 490 29.91 -9.49 -63.97
N VAL P 491 28.83 -9.04 -63.34
CA VAL P 491 27.74 -9.90 -62.92
C VAL P 491 26.42 -9.27 -63.36
N ASP P 492 25.68 -9.96 -64.23
CA ASP P 492 24.39 -9.51 -64.70
C ASP P 492 23.30 -10.26 -63.93
N LEU P 493 22.51 -9.52 -63.15
CA LEU P 493 21.50 -10.15 -62.31
C LEU P 493 20.21 -10.44 -63.07
N ASN P 494 20.01 -9.85 -64.24
CA ASN P 494 18.78 -10.08 -64.98
C ASN P 494 18.74 -11.50 -65.55
N ILE P 495 19.79 -11.89 -66.29
CA ILE P 495 19.83 -13.20 -66.92
C ILE P 495 20.58 -14.22 -66.08
N GLY P 496 21.11 -13.82 -64.92
CA GLY P 496 21.86 -14.75 -64.09
C GLY P 496 23.18 -15.19 -64.68
N ASP P 497 23.78 -14.38 -65.53
CA ASP P 497 25.05 -14.69 -66.18
C ASP P 497 26.00 -13.51 -65.97
N SER P 498 27.22 -13.65 -66.47
CA SER P 498 28.21 -12.58 -66.37
C SER P 498 27.95 -11.52 -67.43
N CYS P 499 28.76 -10.47 -67.41
CA CYS P 499 28.62 -9.37 -68.37
C CYS P 499 29.92 -8.57 -68.34
N ASP P 500 29.95 -7.50 -69.15
CA ASP P 500 31.10 -6.61 -69.21
C ASP P 500 30.69 -5.24 -68.70
N PRO P 501 31.26 -4.77 -67.59
CA PRO P 501 30.89 -3.45 -67.07
C PRO P 501 31.17 -2.31 -68.02
N THR P 502 32.18 -2.45 -68.89
CA THR P 502 32.50 -1.37 -69.82
C THR P 502 31.46 -1.26 -70.92
N ILE P 503 30.96 -2.39 -71.41
CA ILE P 503 29.95 -2.37 -72.46
C ILE P 503 28.57 -2.01 -71.88
N GLU P 504 28.23 -2.59 -70.73
CA GLU P 504 26.94 -2.31 -70.12
C GLU P 504 26.87 -0.91 -69.53
N GLY P 505 28.01 -0.30 -69.23
CA GLY P 505 28.02 1.04 -68.68
C GLY P 505 28.05 1.12 -67.17
N ILE P 506 28.42 0.06 -66.48
CA ILE P 506 28.47 0.04 -65.02
C ILE P 506 29.86 0.49 -64.58
N TRP P 507 29.91 1.60 -63.85
CA TRP P 507 31.16 2.16 -63.38
C TRP P 507 31.00 2.60 -61.93
N ASP P 508 32.11 2.59 -61.19
CA ASP P 508 32.12 2.98 -59.79
C ASP P 508 33.20 4.03 -59.57
N SER P 509 32.97 4.90 -58.58
CA SER P 509 33.90 5.98 -58.31
C SER P 509 35.23 5.45 -57.79
N TYR P 510 36.28 6.23 -58.01
CA TYR P 510 37.62 5.83 -57.60
C TYR P 510 37.85 6.04 -56.11
N ARG P 511 37.33 7.13 -55.55
CA ARG P 511 37.56 7.43 -54.15
C ARG P 511 36.72 6.57 -53.22
N VAL P 512 35.64 5.95 -53.72
CA VAL P 512 34.76 5.17 -52.87
C VAL P 512 35.42 3.87 -52.45
N LEU P 513 35.94 3.11 -53.43
CA LEU P 513 36.50 1.80 -53.11
C LEU P 513 37.85 1.92 -52.42
N ARG P 514 38.61 2.98 -52.69
CA ARG P 514 39.90 3.15 -52.03
C ARG P 514 39.71 3.45 -50.54
N ASN P 515 38.75 4.32 -50.21
CA ASN P 515 38.49 4.64 -48.81
C ASN P 515 37.67 3.58 -48.10
N ALA P 516 36.92 2.76 -48.84
CA ALA P 516 36.12 1.72 -48.20
C ALA P 516 37.00 0.59 -47.68
N ILE P 517 37.91 0.08 -48.51
CA ILE P 517 38.79 -1.00 -48.08
C ILE P 517 39.73 -0.52 -46.98
N THR P 518 40.26 0.70 -47.11
CA THR P 518 41.10 1.26 -46.06
C THR P 518 40.31 1.47 -44.78
N GLY P 519 39.07 1.93 -44.90
CA GLY P 519 38.25 2.14 -43.71
C GLY P 519 37.77 0.84 -43.09
N ALA P 520 37.36 -0.12 -43.92
CA ALA P 520 36.85 -1.39 -43.40
C ALA P 520 37.95 -2.22 -42.77
N THR P 521 39.19 -2.08 -43.24
CA THR P 521 40.30 -2.85 -42.67
C THR P 521 40.62 -2.38 -41.27
N GLY P 522 40.63 -1.07 -41.03
CA GLY P 522 40.94 -0.55 -39.71
C GLY P 522 39.88 -0.89 -38.68
N ILE P 523 38.62 -0.98 -39.10
CA ILE P 523 37.54 -1.33 -38.17
C ILE P 523 37.65 -2.79 -37.75
N ALA P 524 37.76 -3.70 -38.72
CA ALA P 524 37.80 -5.12 -38.40
C ALA P 524 39.10 -5.50 -37.68
N SER P 525 40.19 -4.79 -37.98
CA SER P 525 41.45 -5.09 -37.30
C SER P 525 41.38 -4.72 -35.83
N ASN P 526 40.78 -3.58 -35.50
CA ASN P 526 40.68 -3.17 -34.11
C ASN P 526 39.70 -4.04 -33.33
N LEU P 527 38.72 -4.64 -34.02
CA LEU P 527 37.77 -5.51 -33.34
C LEU P 527 38.36 -6.88 -33.06
N LEU P 528 39.18 -7.40 -33.99
CA LEU P 528 39.83 -8.68 -33.75
C LEU P 528 40.91 -8.58 -32.67
N LEU P 529 41.50 -7.40 -32.51
CA LEU P 529 42.53 -7.18 -31.50
C LEU P 529 41.96 -6.81 -30.14
N CYS P 530 40.63 -6.76 -30.01
CA CYS P 530 39.98 -6.43 -28.74
C CYS P 530 39.50 -7.72 -28.09
N ASP P 531 40.17 -8.12 -27.00
CA ASP P 531 39.86 -9.36 -26.31
C ASP P 531 38.93 -9.18 -25.11
N GLU P 532 38.56 -7.95 -24.78
CA GLU P 532 37.73 -7.71 -23.61
C GLU P 532 36.83 -6.52 -23.85
N LEU P 533 35.58 -6.62 -23.38
CA LEU P 533 34.60 -5.54 -23.46
C LEU P 533 33.97 -5.36 -22.10
N LEU P 534 34.12 -4.17 -21.52
CA LEU P 534 33.59 -3.86 -20.21
C LEU P 534 32.87 -2.52 -20.25
N ARG P 535 32.08 -2.27 -19.20
CA ARG P 535 31.33 -1.03 -19.07
C ARG P 535 31.54 -0.48 -17.66
N ALA P 536 32.09 0.72 -17.57
CA ALA P 536 32.32 1.36 -16.28
C ALA P 536 32.22 2.87 -16.45
N GLY P 537 31.69 3.54 -15.44
CA GLY P 537 31.55 4.98 -15.48
C GLY P 537 30.75 5.47 -14.30
N ARG P 538 30.80 6.79 -14.11
CA ARG P 538 30.10 7.45 -13.02
C ARG P 538 28.83 8.10 -13.58
N SER P 539 27.68 7.61 -13.14
CA SER P 539 26.40 8.15 -13.60
C SER P 539 25.48 8.45 -12.42
#